data_8I9P
#
_entry.id   8I9P
#
loop_
_entity.id
_entity.type
_entity.pdbx_description
1 polymer 'RNA (3341-MER)'
2 polymer 'RNA (306-MER)'
3 polymer 'Brix domain-containing protein'
4 polymer 'Ribosome biogenesis protein C8F11.04'
5 polymer 'Ribosome biogenesis protein ERB1'
6 polymer 'RNA helicase'
7 polymer 'Putative RNA-binding protein'
8 polymer 'Pescadillo homolog'
9 polymer '60S ribosomal protein l7-like protein'
10 polymer 'Nucleolar protein 16'
11 polymer 'rRNA-processing protein EBP2'
12 polymer '60S ribosomal protein L4-like protein'
13 polymer '60S ribosomal protein L6'
14 polymer '60S ribosomal protein L8'
15 polymer '60S ribosomal protein L13'
16 polymer '60S ribosomal protein L14-like protein'
17 polymer 'Ribosomal protein L15'
18 polymer '60S ribosomal protein L16-like protein'
19 polymer '60S ribosomal protein l17-like protein'
20 polymer 'Ribosomal protein L18-like protein'
21 polymer '60S ribosomal protein L20'
22 polymer '60S ribosomal protein l21-like protein'
23 polymer '60S ribosomal protein L25-like protein'
24 polymer '60S ribosomal protein L26-like protein'
25 polymer '60S ribosomal protein L32-like protein'
26 polymer '60S ribosomal protein l33-like protein'
27 polymer 'dolichyl-diphosphooligosaccharide--protein glycotransferase'
28 polymer '60S ribosomal protein L36'
29 polymer 'Ribosomal protein L37'
30 polymer 'Ribosomal RNA-processing protein 1'
31 polymer 'Brix domain-containing protein'
32 polymer 'Protein MAK16'
33 non-polymer 'ZINC ION'
#
loop_
_entity_poly.entity_id
_entity_poly.type
_entity_poly.pdbx_seq_one_letter_code
_entity_poly.pdbx_strand_id
1 'polyribonucleotide'
;GGUUGACCUCGGAUCAGGUAGGAGGACCCGCUGAACUUAAGCAUAUCAAUAAGCGGAGGAAAAGAAACCAACAGGGAUUG
CCCUAGUAACGGCGAGUGAAGCGGCAACAGCUCAAAUUUGAAAGCUGGCUUCGGCCCGCGUUGUAAUUUGGAGAGGAUGC
UUUGGGCGAGGCUCCUUCUGAGUUCCCUGGAACGGGACGCCACAGAGGGUGAGAGCCCCGUAUAGUUGGAAGCCAAGCCU
GUGUAAAGCUCCUUCGACGAGUCGAGUAGUUUGGGAAUGCUGCUCAAAAUGGGAGGUAAAUUUCUUCUAAAGCUAAAUAC
CGGCCAGAGACCGAUAGCGCACAAGUAGAGUGAUCGAAAGAUGAAAAGCACUUUGAAAAGAGGGUUAAAUAGCACGUGAA
AUUGUUGAAAGGGAAGCGCUUGUGACCAGACUUGCGCCCGGCGGAUCAUCCGGUGUUCUCACCGGUGCACUCCGCCGGGC
UCAGGCCAGCAUCGGUUCUGGCGGGGGGAUAAAGGCCCAGGGAAUGUGGCUCCUCCGGGAGUGUUAUAGCCCUGGGUGUA
AUACCCUCGCCGGGACCGAGGACCGCGCUCUGCAAGGAUGCUGGCGUAAUGGUCACCAGCGACCCGUCUUGAAACACGGA
CCAAGGAGUCAAGGUUUUGCGCGAGUGUUUGGGUGUAAAACCCGCACGCGUAAUGAAAGUGAACGUAGGUGAGAGCUUCG
GCGCAUCAUCGACCGAUCCUGAUGUAUUCGGAUGGAUUUGAGUAGGAGCGUUAAGCCUUGGACCCGAAAGAUGGUGAACU
AUGCUUGGAUAGGGUGAAGCCAGAGGAAACUCUGGUGGAGGCUCGCAGCGGUUCUGACGUGCAAAUCGAUCGUCAAAUCU
GAGCAUGGGGGCGAAAGACUAAUCGAACCAUCUAGUAGCUGGUUACCGCCGAAGUUUCCCUCAGGAUAGCAGUGUCGACC
UUCAGUUUUAUGAGGUAAAGCGAAUGAUUAGGGACUCGGGGGCGAUUUUUAGCCUUCAUCCAUUCUCAAACUUUAAAUAU
GUAAGAAGCCCUUGUUACUUAACUGAACGUGGGCAUUCGAAUGUAUCGACACUAGUGGGCCAUUUUUGGUAAGCAGAACU
GGCGAUGCGGGAUGAACCGAACGCGGGGUUAAGGUGCCGGAGUGGACGCUCAUCAGACACCACAAAAGGCGUUAGUACAU
CUUGACAGCAGGACGGUGGCCAUGGAAGUCGGAAUCCGCUAAGGACUGUGUAACAACUCACCUGCCGAAUGUACUAGCCC
UGAAAAUGGAUGGCGCUCAAGCGUCCCACCCAUACCCCGCCCUCAGGGUAGAAACGAUGCCCUGAGGAGUAGGCGGCCGU
GGAGGUCAGUGACGAAGCCUAGGGCGUGAGCCCGGGUCGAACGGCCUCUAGUGCAGAUCUUGGUGGUAGUAGCAAAUACU
UCAAUGAGAACUUGAAGGACCGAAGUGGGGAAAGGUUCCAUGUGAACAGCGGUUGGACAUGGGUUAGUCGAUCCUAAGCC
AUAGGGAAGUUCCGUUUCAAAGGGGCACUCGUGCCCCGUGUGGCGAAAGGGAAGCCGGUUAAUAUUCCGGCACCUGGAUG
UGGGUUUUGCGCGGCAACGCAACUGAACGCGGAGACGACGGCGGGGGCCCCGGGCAGAGUUCUCUUUUCUUCUUAACGGU
CUAUCACCCUGGAAACAGUUUGUCUGGAGAUAGGGUUUAAUGGCCGGAAGAGCCCGACACUUCUGUCGGGUCCGGUGCGC
UCUCGACGUCCCUUGAAAAUCCGCGGGAGGGAAUAAUUCUCACGCCAGGUCGUACUCAUAACCGCAGCAGGUCCCCAAGG
UGAACAGCCUCUGGUUGAUAGAACAAUGUAGAUAAGGGAAGUCGGCAAAAUAGAUCCGUAACUUCGGGAAAAGGAUUGGC
UCUAAGGGUUGGGCACGUUGGGCUUUGGGCGGACGCCCUGGGAGCAGAGGGCCUCUAGCCGGGCAACCGGCCGGCGGCCC
UCAGCACCCGGGGUUGAAGCCCUUAGCAGGCUUCGGCCGUCCGGCGUGCGGUUAACAACCAACUUAGAACUGGUACGGAC
AGGGGGAAUCUGACUGUCUAAUUAAAACAUAGCAUUGCGAUGGCCAGAAAGUGGUGUUGACGCAAUGUGAUUUCUGCCCA
GUGCUCUGAAUGUCAAAGUGAAGAAAUUCAACCAAGCGCGGGUAAACGGCGGGAGUAACUAUGACUCUCUUAAGGUAGCC
AAAUGCCUCGUCAUCUAAUUAGUGACGCGCAUGAAUGGAUUAACGAGAUUCCCACUGUCCCUAUCUACUAUCUAGCGAAA
CCACAGCCAAGGGAACGGGCUUGGCAAAAUCAGCGGGGAAAGAAGACCCUGUUGAGCUUGACUCUAGUUUGACAUUGUGA
AAAGACAUAGGAGGUGUAGAAUAGGUGGGAGCUUCGGCGCCAGUGAAAUACCACUACUCCUAUUGUUUUUUUACUUAUUC
AAUGAAGCGGGGCUGGACUUGCGUCCAACUUCUGGAGUUAAGGUCCUUCGCGGGCCGACCCGGGUUGAAGACAUUGUCAG
GUGGGGAGUUUGGCUGGGGCGGCACAUCUGUUAAACCAUAACGCAGGUGUCCUAAGGGGGGCUCAUGGAGAACAGAAAUC
UCCAGUAGAACAAAAGGGUAAAAGUCCCCUUGAUUUUGAUUUUCAGUGUGAAUACAAACCAUGAAAGUGUGGCCUAUCGA
UCCUUUAGUCCCUCGAAAUUUGAGGCUAGAGGUGCCAGAAAAGUUACCACAGGGAUAACUGGCUUGUGGCGGCCAAGCGU
UCAUAGCGACGUCGCUUUUUGAUCCUUCGAUGUCGGCUCUUCCUAUCAUACCGAAGCAGAAUUCGGUAAGCGUUGGAUUG
UUCACCCACUAAUAGGGAACGUGAGCUGGGUUUAGACCGUCGUGAGACAGGUUAGUUUUACCCUACUGAUGAACUCGUCG
CAAUGGUAAUUCAGCUUAGUACGAGAGGAACCGCUGAUUCAGAUAAUUGGUUUUUGCGGUUGUCCGACCGGGCAGUGCCG
CGAAGCUACCAUCUGCUGGAUAAUGGCUGAACGCCUCUAAGUCAGAAUCCAUGCCAGAACGCGACGAUACUACCCGCACG
UUGUAGACGUAUAAGAAUAGGCUCCGGCCUCGUAUCCUAGCAGGCGAUUCCUCCGCCGGCCUCGAAGUGGCCGUCGGUAA
UUCGCGUAUUGCAAUUUAGACACGCGCGGGAUCAAAUCCUUUGCAGACGACUUAGAUGUGCGAAAGGGUCCUGUAAGCAG
UAGAGUAGCCUUGUUGUUACGAUCUGCUGAGGGUAAGCCCUCCUUCGCCUAGAUUUCCCAG
;
C1
2 'polyribonucleotide'
;AAACUUUCAACAACGGAUCUCUUGGUUCUGGCAUCGAUGAAGAACGCAGCGAAAUGCGAUAAGUAAUGUGAAUUGCAGAA
UUCCGUGAAUCAUCGAAUCUUUGAACGCACAUUGCGCCCGCCGGUAUUCCGGCGGGCAUGCCUGUUCGAGCGUCAUUUCA
ACCAUCAAGCCCUGGGCUUGUGUUGGGGACCCGCGGCUGCUCGCGGGCCCUGAAAAGCAGUGGCGGGCUCGCUAGUCACA
CCGAGCGUAGUAGAACUUCUAUUCGAUCUCGCUCAGGGCGUGCGGCGGGUGCCAGCCGUAAAACCC
;
C2
3 'polypeptide(L)'
;MAAVYKTIAKVTGSKEDKDKEDRSNIIAERKNKQRVLVLSSRGVTYRHRHLLNDLASMLPHGRKDAKFDTKSRLYELCEL
AELYNCNNVLFFEARKGKDLYMWFSKVPNGPTVKFYAQNLHTMEELHFQGNCLKGSRPILSFDAAFEQEPYLKVIKELFL
HTFGVPQGHKKSKPFIDHVLSFSVADGKIWVRNYEIREVEKVKGEADKREEGETEKPKAAKPGSKDTDINLIEIGPRFVL
TPIIIQEGSFGGPILYENKRFISPNKIRAELRKAKAARHHARMEQQRDLLARKRQLGLDESTPKKKDDLDTRELFA
;
CA
4 'polypeptide(L)'
;MAPSTAVAKKETDAVIPVDPDQTLKACKALLAHIKKAAAAPRPDGKQNLLADEESTVAETPIWLTLTTKKHIHDSHRLQP
GKIILPHPLNTSEEISVCLITADPQRFYKNAVADEFPEDLRAKIGRVIDISHLKAKFKAYEAQRKLFSEHDVFLADTRII
NRLPKALGKTFYKTTTKRPIPVVLMAQREKVNGKRVPAPKGKKEKRDPLENANARPIPEIVAEIRKAIGAALVHLSPSTN
TAIKVGYANWEPEKLAANIETVIRELVERFVPQKWQNVRNFYVKGPETAALPIYQTDELWLDESKVVPDGQEPARALPGK
REKANIGKKRKPLEDASQPALEETGKDERPKKKAKKTLPESNDDKLDKAIAERKEQLKKQKAAAKKVAADI
;
CB
5 'polypeptide(L)'
;MGSKIVEKKRKSRDSDSESDNELGDGLFDGVLSQSEDEEDYIPSSEVDEDDDDDADESASEDSDDSNDSEDDEVEEDDEA
LLSDEIPSEGESEKDQDLAESKESKQDQDKEPSEPEILEPFVDPPRKEDEELEDRNYRIEKDANGGIRYVYDEIDPVYDS
DDTDYNVPVNTIGNIPLSFYDSYPHIGYDINGKKIMRPATGDALQNLLDSIEVPEGWTGLTDPNTGKPLNLSRDELELIR
KVQQGLIPDDVEDPYPDTVEWFTSVEEKMPLSAAPEPKRRFIPSKNEAKQIMKLVRAIREGRILPYKPPEEREREELEKE
EEFYDLWQNEEPQPPNPMHIPAPKLPPPGYDLSYNPPPEYLPTKEEREEWEKMDPEDREKDYLPTKYDSLRKVPAWGNFV
KERFERCMDLYLAPRVRKNRLNIDPNSLLPKLPSPDELKPFPTVQQTIFRGHEGRVRSVAIDPTGVALATGGDDGTVRVW
ELLTGRQVWSVKLNGDEAVNTVRWRPTKDTFILAAAAGEDIFLMIPTHPSVTPALDQASRDILNAGFGHATNGKQQANLP
PGKEPPGKWARPGTRLEDEGVLLRITVRSTIKAISWHRRGDHFATVSPSGQRSSVAIHTLSKHLTQIPFRKLNGLAQTAS
FHPLRPLFFVATQRSIRCYDLQKLELVKIVQPGAKWISSFDVHPGGDNLVVGSYDKRLLWHDLDLSNRPYKTMRFHTEAI
RAVRFHKGGLPLFADASDDGSLQIFHGKVPNDQLENPTIVPVKMLKGHKVVNKLGVLDIDWHPREPWCVSAGADGTARLW
M
;
CC
6 'polypeptide(L)'
;MASESSKKRKFKDSKGPKPDEAVAKPSKFKKLKRDPTPEERETSDSESGNSDGQHEPDQVDSDGEDAVSDDGSFDEKVAH
QDEDGSRPENGTDLEDVPKNDNLLPPPTNAQEFSELNLSEKTTKAIAEMGFTKMTEIQRRAIPPALAGKDVLGAAKTGSG
KTLAFLIPAVEMLSSLRFKPRNGTGAIVVTPTRELALQIFGVARELMKYHSQTYGVVIGGANRRAEAEKLGKGVNLLIAT
PGRLLDHLQNTPFVFKNLKSLIIDEADRILEIGFEDEMRQIVKILPKEDRQTMLFSATQTTKVEDLARISLRPGPLYINV
DEEKKYSTVEGLEQGYVVVEADKRFLLLFSFLKKMAKKKIIVFFSSCNSVKYYSELLQYIDLPVLDLHGKQKQQKRTNTF
FEFCNAKSGTLICTDVAARGLDIPQVDWIVQFDPPDDPRDYIHRVGRTARGNNGKGRSLLFLQPCELGFLAHLKAAKVPV
VEYDFPKNKILNVQSQLEKLISTNYYLNQSAKEGYRSYIHAYASHSLRSVFDVHKLDLVKVAKSFGFSTPPRVDITLSAS
LSRDKKPQGRRAYGSQPRQGGRYKKVGDIPDPQPNTFG
;
CE
7 'polypeptide(L)'
;MAAELRKKKSKSAVADADAAISKKEKATKVTKATPKAEKRKAPEEASPVAIKKQKADKDAVVKKAAVAAEDKIAEKPVKS
VLKKETSAKAKEAAKPKKKQEKVEEEEEEALENADAAFGSDEESELDEQTKALMDTLDDGEESDEDESKQVSTFKKGQDV
GKIPTPKKAPQKQTNGDSKPAGDSQPGVMYIARLPHGFYEHELRGYFSQFGEITRLRVVRNKKTGASRHRAFIEFADAEV
ADIAARTMDKYLLFGHILTCKIVPPAQVHPDLFKGANRRFKVVPWNKMAGRQLERPLSESQWQVKVAKEEQRRAARAEKL
KEMGYEFEAPALKVPKAKPVLENGEEEKKAIETAPAPAVEEKESKEVAKRQAEEEVEEKAPAPKTKKVKEDKPAKEAATI
SAPKKGKKSKKTKS
;
CI
8 'polypeptide(L)'
;MGKAKKKGKSGAARNYMTRTQAVKKLQLSLPDFRKLCIWKGIYPREPRDRRKVNKSATASTTFYYTKDIQYLLHEPLLQK
FREQKALEKKISRALGRGDVSNAARLERNANLPEKTGKPRYTLNHIIRERYPTFQDALRDLDDCLSMLFLFANLPSTTAV
PAKMIARCERLCHEFQHYLIVTHSLRKSFLSIKGIYYQANIQGEDILWLVPYKFNQRIVGDVDFRIMGTFVEFYMTLLGF
VNYRLYTSIGLKYPPKFDQVKDDQGAELAAFSLEGLNLASQNGEQKAITNGEEHGPDPKVQAEVDKLVAKLREEEQQANG
DKTDEKGEENEGDDKPSDAIDKFEPVAPGGDVLPQPSYSSSDPSQLFANFTFFLSRETPRQPLEFILRAFGCKRIGWDAV
LGEGAFTTDESDPRITHQIIDRPVIRAAVSEDGDGEDNQTSQKLAPNGRYPGRIYVQPQWVWDSINDEELKPPELYAPGA
QLPPHLSPFVKPTQGQYDPTKPLEEQQTEAEALEAELEDAQAQQEGSDEESGSEVENDMSVASDEEDEQEDDFGGFSDED
EEQSDEGSEEGDEEEDDDEEEEATLERQRELEAELAGKAVSKGKPLDPKVKAKLEAKKALERKKKQEAEELERAKGMLSK
KKRKLFEQMQYSNAKKNAEDAKLRAKRRRIEKEMAAKKA
;
CJ
9 'polypeptide(L)'
;MSSTTVPTQNDILVPETLLKKRKSQEKARAERAAALEKRKQANKEKRQVIFKRAEKYVKEYREQEREKIRLARIAKQQGS
FHIPAEAKLVFVIRIKGINKIPPKPRKILQLLRLRQINNGVFVKVTKATAEMIKIVEPWVAYGYPNLKSVRELIYKRGYG
KVNGQRIPLTDNAIIEENLGKYGIICIEDLIHEIFTVGPNFKQAANFLWPFKLSNPNGGFRPRKFKHFIEGGDLGNREEH
INALIRAMN
;
CM,LF
10 'polypeptide(L)'
;MGRELQKRKRRSSRPTIRMPNRRKKALNPAGNNIIAKSWNKKETLSQNYTRFGLVAKLGKATGGTAPGNKALLKDLNDPL
AIKSGDQGLIKVSEVKVERDEQGRIKRVVRDNNPLNDPLNDLDSDSESDAVPQQQQQEQPVLNNHIRQHDLELENVAADV
DDESKPEVLRALEREATRPVEKTVRHQSEREREWLQRLVDKHGDDVAAMARDRKLNPYQQTASDIKRRLKKAGLLSA
;
CR
11 'polypeptide(L)'
;MAKKGATQSPKAGSKPNSQTGDAQSKNQKADRRKSNEPVVEKVAEKEEQREEETEESEEDESEDEQLQIRANGNNESDSE
EDSDENSEDEDESDDDSGDEHPTHHIDFEAIDDSDSESELDSDEENDKKQDSNKAQNGMSEDKMDVDKDGEDKSGDEEDE
EEEIDVEELEPEDEEDEEQIAAGTRTRQTINNKEGLLTALRRIQLDINPKTTPFSFHQSVVASKRTEDSIPQIEDDLQRE
LAFMNQALEAARLGRSLLRKEGVPFTRPTDYFAEMVRTDATMEKVKQKLIEEATAKKAAAEARKQRDLKKFGKAVQVQKQ
LERAKQKREALDKINQLKRKRAEGGSAALGATEADDPFDVAVDNELSRDSKPKKRRADGDHPVPNPKRQKKNAKYGFGGK
KRGSKSGDAISSGDLSGFSVKRMKYGGGAGGGKKKANRPGKARRKAAAAKR
;
CU
12 'polypeptide(L)'
;MASRPTVTVFGADGKPTGATEVLPKVFSAPIRPDIVKHVHTGMAKNKRQPYAVSEKAGHQTSAESWGTGRAVARIPRVSG
GGTHRAGQGAFGNMCRSGRMFAPTKIWRKWHVKINQGQKRFATASALAASAVAPLLMARGHQVSTVPEVPLVVDSAAVAG
DAVAKTAAAYKLLKAIGAGPDVEKVKKSKKLRAGKGKMRGRRHRQRRGPLIVYSPEHDGKELVKGFRNIPGVETCPVDAL
NLLQLAPGGHLGRFIVWTSAAIKQLDAVYESKKGFFLPANIVSQADLSRLINSTEIQSVLRAPKGEARTKRACVQKKNPL
RNKQIMLRLNPYASTFAKEKLGEVKAEEGKPPKVPASFKELLHEA
;
LC
13 'polypeptide(L)'
;MSAAPTTKTFGKGTRTVPAPSEKAQKWYPAEDEAQPKKVRKAVRPWTPRKSLQPGTVLILLAGRFRGKRVVLLKCLDQGV
LLVTGPFKINGVPLRRVNARYVIATSVKVDLTGVDQAKIDEVAQPKYFTAEKAKEKASEEAFFKQGEKPQKKPVSSTRAA
DQKAIDKALIANIKKVDMLASYLASSFSLRKGDKPHLMKF
;
LE
14 'polypeptide(L)'
;MPPKSGKKVAPAPFPQGKAGAKKAPKNPLLEKRPRNFGIGQDIQPKRNLSRMVKWPEYIRLQRQKKILRMRLKVPPAIAQ
FQYTLDKNLAAQAFKLLNKYRPETKQEKKERLLREATAIKEGKKKEDVSKKPYTVKYGLNHVVGLIENKKASLVLIANDV
DPIELVVFLPALCRKMGIPYAIIKGKARLGTLVHKKTAAVVAITEVRSEDKNELAKLISAVKEGYLEKVEDTRKRWGGGI
MGFKAQKREEKRKKSLETAIKV
;
LG
15 'polypeptide(L)'
;MAIKHNQQIPNNHFRKHWQRRVRCHFDQPGKKVTRRLARRAKAAALAPRPVDKLRPIVRCPTVKYNRRTRLGRGFTLEEL
KAAGIPRLLAPTIGIAVDHRRKNLSEESLAANVQRLKDYKARLILFPRKSNKPKKADTPKDQQTAETTTSLRTSFGVEQP
LAPGFTEISKSEIPAGIEGGAYRALRKARSDARLVGVREKRAKEKAEAEANKK
;
LL
16 'polypeptide(L)'
;MAEINVEATSWRRVEVGRVLKLENGSLAAIVEIIDHKRVLADGPSSDPKLATPRGIVPLSRALLTPIVIPKLPRGARTGA
VKKAWEAYGVDAKWKETNWAKKQLQQERRQSLTDFDRFKVMRLKKQRRFEERKALAKIKAAA
;
LM
17 'polypeptide(L)'
;MGALKYLEELSKKKQSDVVRFLLRVRCWEYRQLNVIHRASRPSRPDKARRLGYKAKQGYVIYRVRVRRGGRKRPVPKGAT
YGKPTNQGVNQLKYQRSLRATAEERVGRRCSNLRVLNSYWVNQDSTYKYYEVILVDPNHKAIRRDPRINWICNPVHKHRE
CRGLTSTGKKSRGLNKGHRFNKTRAGRRKTWKRHNTLSLWRYR
;
LN
18 'polypeptide(L)'
;MSSFESVVVIDGKGHLLGRLASIVAKQLLSGQKIVVVRCEALNISGEFFRAKLKYHAYLRKMTRYNPTRGGPFHFRAPSR
IFYKAVRGMIPHKTARGAAALERLKVFEGVPPPYDKKKKMVVPQALRVLRLQPGRKYCTVGRLSHEVGWKYQDVVARLEE
RRKAKGAAYYERKKLAARQLSEAKKAAAAKVDPKVSEALAAYGY
;
LO
19 'polypeptide(L)'
;MVRYAATEIAPTKSARARGSYLRVSFKNTRETAQAINGWKLQRALTFLQNVIDKKEAVPMRRYAGSTGRTAQGKQWGVSR
ARWPVKSAQFLIGLLKNAEANADAKGLDTGNLIIKHIQVNQAPKQRRRTYRAHGRINPYMSNPCHIELILTEAEETVQKS
EAVVRDVESHLSSRQRGVRIRRALTAA
;
LP
20 'polypeptide(L)'
;MDLVCAFIGPLFAPGARRLNLEEIAAESSSGIDLRWKHVRSSHRKAPKSDNVYLKLLVKLYRFLARRTEAPFNKVVLRRL
FMSRINRPPVSLSRIARNLKNGNEKKTVVVVATVTDDNRLLQVPKMEVAALRFTAKARARIEAAGGRTLTLDQLALEKPT
GANTLLLRGPKNAREAVKHFGFGPHKHKKPYVRSKGRKFERARGRRRSRGFKV
;
LQ
21 'polypeptide(L)'
;MGRLQEYQVIGRHLPTEANPNPALYRMRIFAPNEVVAKSRFWYFLRGLKKVKKATGEIVSVNVISEKHPLKVKNFGIWLR
YDSRSGTHNMYKEYRETSRVAAVEAMYADMAARHRARFRSIHILKVVELEKTEDVKRPYIKQLVAKNLSFPLPHRVPKIS
TKKIFSAKRPSTFS
;
LS
22 'polypeptide(L)'
;MGHAAGLRSGTRYAFSRGFRKHGQIPLSTYLRTYRVGDIVDIKVNGAVQKGMPHKFYHGKTGVVYNVTKSAVGVIVYKRV
KHRYIEKRINVRIEHVKPSRSREDFLRRVKENAELKKKAKAEGVPVQLKRQPAMPREAHTVSIADNKPVTLAPVAYETTI
;
LT
23 'polypeptide(L)'
;MAPKDVKKGGASKAAKGAQAKKAAQAALKGVHSHKKTKVRKSTTFHRPKTLVLSRAPKYPRKSIPHEPRLDEHKIIIHPL
NTEGALKKIEEQNTLVFIVDVKANKAQIKQALKKLYDIDTVKINTLIRPDGTKKAFARLTPDVDALDIAATKLGLV
;
LX
24 'polypeptide(L)'
;MKVRPTVSSSRRKARKAHFSAPSSVRRVIMSAPLSKELREKYNVRSIPIRKGDEVQIVRGAHKDKEGKVTSVYRLKYVIH
VERVTREKATGQTVPIGIHPSNVVITKLHLDKDRENILARIKAGREQVAKAKGKKTAA
;
LY
25 'polypeptide(L)'
;MVAAKKHVPIVKKRTKRFMRHQSDRFKCLDSAWRKPKGIDNRVRRRFKGNLAMPSIGYGSNKKTKHMMPSGHKAFLVHNV
KDVELLLMHNRTYAAEIAHNVSSRKRIDIITRAKQLGVKVTNAKAKVTTEV
;
Le
26 'polypeptide(L)'
;MPSEAGHRLYVKGRHLSYQRGRRNTHPKTSLIKIEGVDDTAAANFYLGKRVAYVYRAQKEVRGTKIRVIWGKITRPHGNS
GVVRAKFTHPLPARSFGASVRIMLYPSSI
;
Lf
27 'polypeptide(L)'
;MSSNGKVKAGQLWSKNKEELTKILGELKTELSQLRIQKISSSGAKLNKIHDLRKSIARVLTVINAKQRAQLRLFYKNKKY
LPLDLRPKLTRALRRRLSKEDASRVLEKTKKRLTHFPQRKYAVKAATYSEGPALSIYHSHQREARCSLVQCCTFEPELRE
SLLLLPVAASLKGPNFTRRERQHRNPSEATMSAAEPLKLLASAGKGKSTRSVLRVAILVLIAGAAVASRLFSVIRFESII
HEFDPWFNFRATKYLVANGFYKFWDWFDDRTWHPLGRVTGGTLYPGLMVTSGVIYHLLRFLTVPVDIRNICVLLAPGFSG
LTAIAAYLLTNEMTTSPSAGLLAAAFMGIAPGYISRSVAGSYDNEAIAIFLLVFTFFLWIKALKQGSMLWGALCALFYGY
MVASWGGYAFITCLLPLHSFVLICMGRYSTRLYVAYTTWYALGTLASMQIPFVGFLPVKTSEHMPALGIFGFLQLLAFLD
YVRSTISSRQFQTFLWLFAGGIFGLGLLGLVIATSAGLIAPWSGRFYSLWDTGYAKIHIPIIASVSEHQPTAWPAFFFDL
NMLVWLFPVGVYLCFQQLGDEHVFIIVYALFGSYFAGVMVRLMLTLTPVVCVAAAIAFSSLLDTYLNLKTPNPGQAQATE
DAGKKKSGLKAASKPAVGVYALWGKTMMISGLTIYLLLFVLHCTWVTSNAYSSPSVVLASRLPDGSQHIIDDYREAYQWL
RQNTREDAKIMSWWDYGYQIGGMADRPTLVDNNTWNNTHIATVGKAMASREEVSYPIMRQHEVDYVLVVFGGLLGYSGDD
INKFLWMVRIAEGIWPDEVSERAFFTPRGEYRVDAEATDTMKNSLMYKMCYYNYNNLFPPGQAVDRMRGVRLPEVGPTLN
TLEEAFTSENWIIRIYKVKDLDNLGRDHASAAAFERGHKKKKATKKRGPRVLRVE
;
Lh
28 'polypeptide(L)'
;MSEDATPKAPVERTGLIRGLNKGHKTTRRVLKERPSRRKGAQSKRTQFVRSLIREVAGLAPYERRVIELLRNGKDKRARK
FSKKKLGTFGRAKRKCEELQRIIAESRRAH
;
Li
29 'polypeptide(L)'
;MTKGTSSFGKRHNKTHGLCRRCGRRSLHNQKKVCASCGYPAAKTRKYNWSEKAKRRKVTGTGRMRYLSTVPRRFKNGFRT
GVPKGARGPAVSTSS
;
Lj
30 'polypeptide(L)'
;MTSQEKSMPFIKHLASSDRKVRTAALNSLHAFLSARQVASALTTLDVLKLWKGLFYALWMCDRAIPQQNLCNELADLIWQ
LPRESVATWLRGFWATMAREWTGIDVLRMEKFLLLVRRVLGASFKWMKKDGSLGKRTHDGQEKAVKTGAWDQSKVDEVLG
LLAEWPFSLAEEVRITQSSEKGGEIVQKIPVGMRLHVLDIWVDEVERVGLLNEDEEEARMIVQRISDMVDALEQTTKSPA
VRTRSKDSLGDDRLPANRRPNSSQDHDTKDMGDSDSWEGFDD
;
Cc
31 'polypeptide(L)'
;MAASKSKDLSRVSLARTIGNKLKRQQLYIQAKKANSRAKHEERHRRRKEEAKNPELKQKRLEKNQPASIDKKRIWDDLDD
DSLGAVVDVAELKRRRLEVAEAAAAAEADAAAREDQEVDDKNDENEKRDDDIDSMLGSDDEDEEDEGAKKEKEEEMQRQR
AQRQPSIAPSTTSTNLDLTPDSLTSQFPNLFADEPPPVPKILVTTGINGTIHKEAEEIASIFPNATYIRRTAHRYAYKYS
VREIAKFAKNRGYTALLVVQEDQKRPSRLVVVHLNGEGVPPGPTLTYTIRNYAPGKAIPGHGRATNHYPELLLNNFKTPL
GLLAAKSMHILFPSKPELAGRQVVTLHNQRDYIFFRRHRYVFREARPTEKNVVGADGKEMEGVKGIRAGLQEIGPRMTLK
LRRVDKGVGRAGSEGPDAVKWEWKAKMEKKRTRFNL
;
Cd
32 'polypeptide(L)'
;MSDEIVWQIINQQFCAFKLKTTKGQNFCRNEYSVSGLCNRQSCPLANSRYATVRQSPKGTIYLYIKTIERSHMPSKWWEK
IKLSQNYQKALEQIDQRLQFFPKFLIHKCKQRLTRLVQVAIRMRRIAAEEARLGEKLVPKMAPKIKKREEARERKALAAA
KLERTIERELLDRLRQGAYGDQPLNCNPQIWKKVLNALEAEGEGVRDKDHDKGIEADEEGLESAEESEVEYEREEENEED
NVVEYVSDFEESEDELGDLEDWLGSDDEEFDDEDDDDEDDDDEDDDESEEDDEEELKKKKAGDKRKRGKAVKPKARKRKE
LEIEREEADRAKLLAF
;
Ce
#
# COMPACT_ATOMS: atom_id res chain seq x y z
N ASP C 22 -34.94 -74.51 5.69
CA ASP C 22 -33.53 -74.34 5.34
C ASP C 22 -33.31 -73.01 4.63
N ARG C 23 -32.80 -72.04 5.38
CA ARG C 23 -32.62 -70.67 4.89
C ARG C 23 -31.15 -70.35 4.60
N SER C 24 -30.35 -71.38 4.36
CA SER C 24 -28.90 -71.24 4.18
C SER C 24 -28.52 -70.50 2.91
N ASN C 25 -29.43 -70.37 1.94
CA ASN C 25 -29.19 -69.73 0.64
C ASN C 25 -28.06 -70.40 -0.14
N ILE C 26 -27.83 -71.69 0.09
CA ILE C 26 -26.87 -72.48 -0.67
C ILE C 26 -27.52 -73.81 -1.02
N ILE C 27 -27.58 -74.11 -2.32
CA ILE C 27 -28.13 -75.38 -2.81
C ILE C 27 -26.99 -76.19 -3.40
N ALA C 28 -26.54 -77.19 -2.66
CA ALA C 28 -25.44 -78.06 -3.06
C ALA C 28 -25.52 -79.32 -2.20
N GLU C 29 -24.57 -80.23 -2.43
CA GLU C 29 -24.47 -81.44 -1.62
C GLU C 29 -23.98 -81.11 -0.21
N ARG C 30 -22.76 -80.56 -0.12
CA ARG C 30 -22.23 -80.05 1.13
C ARG C 30 -22.06 -78.54 0.99
N LYS C 31 -22.62 -77.79 1.93
CA LYS C 31 -22.69 -76.34 1.83
C LYS C 31 -21.44 -75.69 2.40
N ASN C 32 -20.92 -74.71 1.67
CA ASN C 32 -19.80 -73.89 2.15
C ASN C 32 -20.37 -72.56 2.62
N LYS C 33 -20.86 -72.55 3.85
CA LYS C 33 -21.55 -71.40 4.44
C LYS C 33 -20.52 -70.33 4.75
N GLN C 34 -20.33 -69.39 3.82
CA GLN C 34 -19.35 -68.33 3.98
C GLN C 34 -20.03 -66.98 3.76
N ARG C 35 -19.85 -66.05 4.70
CA ARG C 35 -20.40 -64.71 4.58
C ARG C 35 -19.33 -63.69 4.95
N VAL C 36 -19.25 -62.62 4.17
CA VAL C 36 -18.23 -61.60 4.30
C VAL C 36 -18.91 -60.27 4.65
N LEU C 37 -18.27 -59.51 5.55
CA LEU C 37 -18.76 -58.15 5.89
C LEU C 37 -17.70 -57.16 5.45
N VAL C 38 -17.97 -56.40 4.40
CA VAL C 38 -17.02 -55.45 3.83
C VAL C 38 -17.21 -54.10 4.52
N LEU C 39 -16.14 -53.63 5.17
CA LEU C 39 -16.28 -52.39 5.98
C LEU C 39 -15.11 -51.45 5.75
N SER C 40 -15.36 -50.15 5.84
CA SER C 40 -14.36 -49.10 5.71
C SER C 40 -14.36 -48.20 6.94
N SER C 41 -13.21 -47.60 7.21
CA SER C 41 -13.12 -46.71 8.40
C SER C 41 -13.72 -45.34 8.08
N ARG C 42 -13.37 -44.34 8.88
CA ARG C 42 -13.95 -43.01 8.74
C ARG C 42 -13.17 -42.12 7.78
N GLY C 43 -11.85 -42.18 7.79
CA GLY C 43 -11.06 -41.27 6.98
C GLY C 43 -10.57 -41.85 5.67
N VAL C 44 -11.40 -42.64 5.00
CA VAL C 44 -11.01 -43.27 3.74
C VAL C 44 -11.08 -42.25 2.62
N THR C 45 -10.34 -42.50 1.55
CA THR C 45 -10.27 -41.60 0.42
C THR C 45 -11.23 -42.02 -0.69
N TYR C 46 -11.19 -41.27 -1.79
CA TYR C 46 -11.93 -41.69 -2.98
C TYR C 46 -11.36 -42.97 -3.55
N ARG C 47 -10.04 -43.13 -3.50
CA ARG C 47 -9.40 -44.34 -4.02
C ARG C 47 -9.75 -45.55 -3.17
N HIS C 48 -9.72 -45.41 -1.84
CA HIS C 48 -10.06 -46.51 -0.96
C HIS C 48 -11.53 -46.88 -1.09
N ARG C 49 -12.41 -45.88 -1.20
CA ARG C 49 -13.83 -46.14 -1.39
C ARG C 49 -14.11 -46.81 -2.72
N HIS C 50 -13.42 -46.38 -3.78
CA HIS C 50 -13.58 -47.02 -5.08
C HIS C 50 -13.09 -48.46 -5.07
N LEU C 51 -11.96 -48.72 -4.38
CA LEU C 51 -11.47 -50.09 -4.25
C LEU C 51 -12.46 -50.93 -3.44
N LEU C 52 -13.07 -50.34 -2.42
CA LEU C 52 -14.10 -51.03 -1.65
C LEU C 52 -15.29 -51.41 -2.50
N ASN C 53 -15.79 -50.46 -3.31
CA ASN C 53 -16.93 -50.73 -4.18
C ASN C 53 -16.59 -51.77 -5.24
N ASP C 54 -15.36 -51.73 -5.76
CA ASP C 54 -14.98 -52.64 -6.83
C ASP C 54 -14.74 -54.05 -6.30
N LEU C 55 -14.17 -54.16 -5.10
CA LEU C 55 -13.93 -55.47 -4.51
C LEU C 55 -15.19 -56.11 -3.95
N ALA C 56 -16.10 -55.31 -3.38
CA ALA C 56 -17.33 -55.87 -2.84
C ALA C 56 -18.32 -56.25 -3.94
N SER C 57 -18.15 -55.70 -5.15
CA SER C 57 -18.97 -56.10 -6.28
C SER C 57 -18.68 -57.54 -6.72
N MET C 58 -17.47 -58.03 -6.47
CA MET C 58 -17.06 -59.37 -6.86
C MET C 58 -17.59 -60.44 -5.92
N LEU C 59 -18.13 -60.07 -4.77
CA LEU C 59 -18.56 -61.04 -3.76
C LEU C 59 -20.07 -60.96 -3.58
N PRO C 60 -20.83 -61.98 -3.99
CA PRO C 60 -22.28 -61.97 -3.70
C PRO C 60 -22.61 -62.18 -2.23
N HIS C 61 -21.85 -63.03 -1.53
CA HIS C 61 -22.02 -63.30 -0.12
C HIS C 61 -21.39 -62.23 0.78
N GLY C 62 -21.12 -61.06 0.23
CA GLY C 62 -20.55 -59.96 0.99
C GLY C 62 -21.56 -58.83 1.14
N ARG C 63 -21.57 -58.20 2.30
CA ARG C 63 -22.41 -57.04 2.56
C ARG C 63 -21.52 -55.81 2.73
N LYS C 64 -21.99 -54.68 2.23
CA LYS C 64 -21.23 -53.44 2.26
C LYS C 64 -21.82 -52.49 3.29
N ASP C 65 -20.98 -52.02 4.20
CA ASP C 65 -21.28 -50.92 5.10
C ASP C 65 -20.00 -50.08 5.26
N ALA C 66 -20.16 -48.87 5.77
CA ALA C 66 -19.03 -47.96 5.80
C ALA C 66 -19.04 -47.14 7.09
N LYS C 67 -17.97 -46.36 7.26
CA LYS C 67 -17.76 -45.43 8.38
C LYS C 67 -17.83 -46.12 9.73
N PHE C 68 -16.88 -47.03 9.96
CA PHE C 68 -16.76 -47.65 11.30
C PHE C 68 -16.05 -46.63 12.17
N ASP C 69 -16.38 -46.62 13.46
CA ASP C 69 -15.83 -45.62 14.38
C ASP C 69 -14.43 -46.02 14.85
N THR C 70 -13.47 -45.13 14.63
CA THR C 70 -12.07 -45.42 14.97
C THR C 70 -11.86 -45.58 16.47
N LYS C 71 -12.44 -44.69 17.29
CA LYS C 71 -12.24 -44.71 18.74
C LYS C 71 -12.84 -45.96 19.38
N SER C 72 -13.74 -46.63 18.67
CA SER C 72 -14.37 -47.87 19.17
C SER C 72 -13.34 -49.00 19.20
N ARG C 73 -13.57 -50.00 20.04
CA ARG C 73 -12.64 -51.11 20.19
C ARG C 73 -12.64 -51.98 18.94
N LEU C 74 -11.55 -52.74 18.77
CA LEU C 74 -11.37 -53.52 17.55
C LEU C 74 -12.28 -54.74 17.53
N TYR C 75 -12.58 -55.33 18.69
CA TYR C 75 -13.38 -56.54 18.72
C TYR C 75 -14.87 -56.27 18.48
N GLU C 76 -15.25 -54.99 18.55
CA GLU C 76 -16.66 -54.59 18.27
C GLU C 76 -16.97 -54.90 16.80
N LEU C 77 -15.95 -55.09 15.97
CA LEU C 77 -16.16 -55.48 14.55
C LEU C 77 -16.83 -56.86 14.50
N CYS C 78 -16.47 -57.74 15.44
CA CYS C 78 -17.09 -59.10 15.53
C CYS C 78 -18.58 -58.94 15.87
N GLU C 79 -18.91 -57.99 16.75
CA GLU C 79 -20.34 -57.74 17.12
C GLU C 79 -21.10 -57.22 15.90
N LEU C 80 -20.47 -56.33 15.13
CA LEU C 80 -21.10 -55.80 13.89
C LEU C 80 -21.34 -56.95 12.92
N ALA C 81 -20.39 -57.90 12.82
CA ALA C 81 -20.54 -59.05 11.91
C ALA C 81 -21.63 -60.00 12.43
N GLU C 82 -21.71 -60.19 13.75
CA GLU C 82 -22.76 -61.05 14.35
C GLU C 82 -24.14 -60.54 13.93
N LEU C 83 -24.30 -59.22 13.86
CA LEU C 83 -25.60 -58.62 13.46
C LEU C 83 -25.98 -59.12 12.06
N TYR C 84 -25.01 -59.18 11.13
CA TYR C 84 -25.31 -59.57 9.73
C TYR C 84 -24.96 -61.05 9.50
N ASN C 85 -24.88 -61.86 10.56
CA ASN C 85 -24.60 -63.29 10.46
C ASN C 85 -23.40 -63.58 9.57
N CYS C 86 -22.36 -62.77 9.70
CA CYS C 86 -21.15 -62.91 8.90
C CYS C 86 -20.04 -63.56 9.72
N ASN C 87 -19.25 -64.40 9.06
CA ASN C 87 -18.08 -65.02 9.67
C ASN C 87 -16.77 -64.57 9.02
N ASN C 88 -16.82 -63.58 8.14
CA ASN C 88 -15.61 -62.98 7.57
C ASN C 88 -15.77 -61.48 7.58
N VAL C 89 -14.71 -60.76 7.95
CA VAL C 89 -14.69 -59.31 7.87
C VAL C 89 -13.47 -58.87 7.08
N LEU C 90 -13.71 -57.92 6.18
CA LEU C 90 -12.70 -57.30 5.32
C LEU C 90 -12.73 -55.81 5.63
N PHE C 91 -11.81 -55.37 6.49
CA PHE C 91 -11.83 -54.01 7.02
C PHE C 91 -10.81 -53.13 6.32
N PHE C 92 -11.25 -51.92 5.97
CA PHE C 92 -10.46 -50.90 5.27
C PHE C 92 -10.13 -49.80 6.26
N GLU C 93 -9.02 -49.97 7.00
CA GLU C 93 -8.62 -48.95 7.96
C GLU C 93 -7.81 -47.88 7.27
N ALA C 94 -8.13 -46.61 7.55
CA ALA C 94 -7.44 -45.49 6.91
C ALA C 94 -6.75 -44.66 7.98
N ARG C 95 -5.48 -44.32 7.71
CA ARG C 95 -4.69 -43.49 8.61
C ARG C 95 -4.18 -42.27 7.85
N LYS C 96 -4.29 -41.10 8.48
CA LYS C 96 -3.87 -39.79 7.99
C LYS C 96 -4.61 -39.37 6.71
N GLY C 97 -5.63 -40.10 6.30
CA GLY C 97 -6.23 -39.86 5.00
C GLY C 97 -5.38 -40.25 3.82
N LYS C 98 -4.31 -41.00 4.04
CA LYS C 98 -3.42 -41.43 2.96
C LYS C 98 -3.13 -42.92 2.97
N ASP C 99 -2.98 -43.53 4.15
CA ASP C 99 -2.52 -44.91 4.27
C ASP C 99 -3.69 -45.85 4.45
N LEU C 100 -3.66 -46.97 3.72
CA LEU C 100 -4.71 -47.98 3.76
C LEU C 100 -4.16 -49.27 4.34
N TYR C 101 -4.81 -49.76 5.39
CA TYR C 101 -4.49 -51.03 6.02
C TYR C 101 -5.67 -51.97 5.85
N MET C 102 -5.39 -53.24 5.54
CA MET C 102 -6.50 -54.19 5.27
C MET C 102 -6.54 -55.29 6.34
N TRP C 103 -7.70 -55.50 6.95
CA TRP C 103 -7.84 -56.55 7.99
C TRP C 103 -8.69 -57.71 7.45
N PHE C 104 -8.11 -58.90 7.37
CA PHE C 104 -8.89 -60.10 6.95
C PHE C 104 -9.09 -60.97 8.19
N SER C 105 -10.33 -61.13 8.66
CA SER C 105 -10.51 -61.87 9.89
C SER C 105 -11.72 -62.79 9.84
N LYS C 106 -11.52 -64.00 10.36
CA LYS C 106 -12.62 -64.87 10.73
C LYS C 106 -13.22 -64.35 12.02
N VAL C 107 -14.55 -64.21 12.05
CA VAL C 107 -15.22 -63.41 13.07
C VAL C 107 -15.27 -64.05 14.45
N PRO C 108 -15.81 -65.27 14.65
CA PRO C 108 -16.00 -65.73 16.04
C PRO C 108 -14.70 -66.02 16.78
N ASN C 109 -13.86 -66.92 16.25
CA ASN C 109 -12.64 -67.28 16.97
C ASN C 109 -11.43 -67.50 16.05
N GLY C 110 -11.49 -67.13 14.79
CA GLY C 110 -10.43 -67.45 13.86
C GLY C 110 -9.28 -66.48 13.90
N PRO C 111 -8.22 -66.66 13.06
CA PRO C 111 -7.06 -65.76 13.08
C PRO C 111 -7.32 -64.43 12.35
N THR C 112 -6.45 -63.43 12.60
CA THR C 112 -6.58 -62.11 11.93
C THR C 112 -5.31 -61.81 11.14
N VAL C 113 -5.43 -61.35 9.89
CA VAL C 113 -4.23 -60.95 9.12
C VAL C 113 -4.31 -59.45 8.80
N LYS C 114 -3.40 -58.65 9.36
CA LYS C 114 -3.35 -57.20 9.03
C LYS C 114 -2.40 -56.99 7.85
N PHE C 115 -2.81 -56.18 6.88
CA PHE C 115 -1.97 -55.93 5.67
C PHE C 115 -1.87 -54.44 5.40
N TYR C 116 -0.86 -54.01 4.65
CA TYR C 116 -0.79 -52.63 4.21
C TYR C 116 -0.91 -52.60 2.68
N ALA C 117 -1.83 -51.80 2.16
CA ALA C 117 -2.00 -51.67 0.72
C ALA C 117 -1.15 -50.53 0.18
N GLN C 118 -0.33 -50.81 -0.82
CA GLN C 118 0.68 -49.87 -1.28
C GLN C 118 0.25 -49.10 -2.53
N ASN C 119 -0.02 -49.80 -3.63
CA ASN C 119 -0.31 -49.17 -4.92
C ASN C 119 -1.70 -49.60 -5.35
N LEU C 120 -2.57 -48.64 -5.59
CA LEU C 120 -3.97 -48.90 -5.90
C LEU C 120 -4.30 -48.51 -7.32
N HIS C 121 -5.02 -49.38 -8.02
CA HIS C 121 -5.50 -49.09 -9.38
C HIS C 121 -6.88 -49.72 -9.50
N THR C 122 -7.92 -48.91 -9.34
CA THR C 122 -9.28 -49.41 -9.25
C THR C 122 -9.85 -49.74 -10.63
N MET C 123 -11.12 -50.16 -10.63
CA MET C 123 -11.77 -50.59 -11.87
C MET C 123 -12.17 -49.40 -12.73
N GLU C 124 -12.30 -48.22 -12.13
CA GLU C 124 -12.66 -47.01 -12.86
C GLU C 124 -11.52 -46.55 -13.76
N GLU C 125 -10.29 -46.99 -13.48
CA GLU C 125 -9.17 -46.68 -14.36
C GLU C 125 -9.38 -47.27 -15.74
N LEU C 126 -9.12 -46.44 -16.74
CA LEU C 126 -9.75 -46.52 -18.05
C LEU C 126 -8.86 -47.20 -19.08
N HIS C 127 -7.78 -47.84 -18.65
CA HIS C 127 -6.79 -48.43 -19.54
C HIS C 127 -6.78 -49.96 -19.52
N PHE C 128 -7.70 -50.59 -18.78
CA PHE C 128 -7.63 -52.03 -18.55
C PHE C 128 -8.21 -52.87 -19.68
N GLN C 129 -9.33 -52.42 -20.28
CA GLN C 129 -9.93 -53.00 -21.48
C GLN C 129 -10.45 -54.43 -21.29
N GLY C 130 -10.73 -54.85 -20.06
CA GLY C 130 -11.30 -56.16 -19.84
C GLY C 130 -12.30 -56.14 -18.70
N ASN C 131 -13.19 -57.16 -18.69
CA ASN C 131 -14.26 -57.18 -17.71
C ASN C 131 -14.85 -58.58 -17.63
N CYS C 132 -15.47 -58.90 -16.48
CA CYS C 132 -15.93 -60.24 -16.14
C CYS C 132 -17.29 -60.19 -15.46
N LEU C 133 -17.87 -61.37 -15.27
CA LEU C 133 -19.25 -61.40 -14.71
C LEU C 133 -19.24 -61.10 -13.22
N LYS C 134 -20.39 -61.24 -12.57
CA LYS C 134 -20.56 -60.80 -11.17
C LYS C 134 -21.03 -61.95 -10.31
N GLY C 135 -20.09 -62.61 -9.67
CA GLY C 135 -20.46 -63.76 -8.90
C GLY C 135 -20.08 -65.04 -9.61
N SER C 136 -19.37 -64.86 -10.73
CA SER C 136 -18.79 -66.03 -11.40
C SER C 136 -17.75 -66.57 -10.44
N ARG C 137 -17.78 -67.88 -10.18
CA ARG C 137 -16.91 -68.46 -9.20
C ARG C 137 -15.49 -68.40 -9.72
N PRO C 138 -14.63 -67.57 -9.13
CA PRO C 138 -13.34 -67.30 -9.77
C PRO C 138 -12.36 -68.43 -9.52
N ILE C 139 -11.42 -68.60 -10.42
CA ILE C 139 -10.32 -69.53 -10.17
C ILE C 139 -9.30 -68.78 -9.31
N LEU C 140 -9.09 -69.26 -8.10
CA LEU C 140 -8.19 -68.59 -7.17
C LEU C 140 -6.79 -69.13 -7.43
N SER C 141 -5.96 -68.30 -8.06
CA SER C 141 -4.61 -68.71 -8.48
C SER C 141 -3.65 -68.33 -7.37
N PHE C 142 -3.14 -69.34 -6.69
CA PHE C 142 -2.16 -69.10 -5.63
C PHE C 142 -0.76 -69.22 -6.22
N ASP C 143 0.24 -68.91 -5.40
CA ASP C 143 1.66 -68.98 -5.70
C ASP C 143 2.20 -70.23 -4.99
N ALA C 144 3.33 -70.76 -5.46
CA ALA C 144 3.95 -71.90 -4.81
C ALA C 144 4.54 -71.59 -3.44
N ALA C 145 4.65 -70.31 -3.07
CA ALA C 145 5.05 -69.97 -1.71
C ALA C 145 3.87 -70.04 -0.74
N PHE C 146 2.66 -70.25 -1.25
CA PHE C 146 1.49 -70.29 -0.38
C PHE C 146 1.32 -71.63 0.32
N GLU C 147 2.20 -72.60 0.07
CA GLU C 147 2.25 -73.83 0.84
C GLU C 147 3.58 -74.07 1.54
N GLN C 148 4.66 -73.42 1.11
CA GLN C 148 5.99 -73.64 1.65
C GLN C 148 6.30 -72.74 2.84
N GLU C 149 5.27 -72.13 3.41
CA GLU C 149 5.41 -71.28 4.60
C GLU C 149 4.08 -71.26 5.34
N PRO C 150 4.09 -71.53 6.66
CA PRO C 150 2.81 -71.58 7.40
C PRO C 150 2.02 -70.27 7.41
N TYR C 151 2.71 -69.13 7.46
CA TYR C 151 2.01 -67.85 7.48
C TYR C 151 1.34 -67.58 6.14
N LEU C 152 2.03 -67.89 5.04
CA LEU C 152 1.38 -67.80 3.75
C LEU C 152 0.29 -68.84 3.58
N LYS C 153 0.37 -69.99 4.25
CA LYS C 153 -0.73 -70.94 4.26
C LYS C 153 -1.98 -70.40 4.93
N VAL C 154 -1.82 -69.74 6.09
CA VAL C 154 -2.97 -69.13 6.75
C VAL C 154 -3.55 -68.00 5.91
N ILE C 155 -2.68 -67.17 5.33
CA ILE C 155 -3.17 -66.09 4.42
C ILE C 155 -3.91 -66.74 3.26
N LYS C 156 -3.33 -67.80 2.66
CA LYS C 156 -3.95 -68.48 1.53
C LYS C 156 -5.35 -68.95 1.86
N GLU C 157 -5.52 -69.56 3.03
CA GLU C 157 -6.84 -70.12 3.35
C GLU C 157 -7.83 -69.01 3.70
N LEU C 158 -7.34 -67.92 4.29
CA LEU C 158 -8.26 -66.77 4.55
C LEU C 158 -8.65 -66.14 3.21
N PHE C 159 -7.72 -66.07 2.25
CA PHE C 159 -8.05 -65.56 0.93
C PHE C 159 -9.05 -66.47 0.22
N LEU C 160 -8.93 -67.78 0.42
CA LEU C 160 -9.91 -68.72 -0.13
C LEU C 160 -11.28 -68.52 0.49
N HIS C 161 -11.33 -68.31 1.80
CA HIS C 161 -12.61 -68.18 2.50
C HIS C 161 -13.25 -66.81 2.31
N THR C 162 -12.46 -65.84 1.86
CA THR C 162 -12.99 -64.50 1.63
C THR C 162 -13.37 -64.30 0.17
N PHE C 163 -12.42 -64.55 -0.74
CA PHE C 163 -12.62 -64.24 -2.15
C PHE C 163 -13.39 -65.33 -2.89
N GLY C 164 -13.59 -66.50 -2.29
CA GLY C 164 -14.21 -67.61 -2.97
C GLY C 164 -15.72 -67.71 -2.80
N VAL C 165 -16.45 -67.59 -3.90
CA VAL C 165 -17.91 -67.70 -3.89
C VAL C 165 -18.32 -69.16 -3.74
N PRO C 166 -19.26 -69.47 -2.84
CA PRO C 166 -19.70 -70.86 -2.68
C PRO C 166 -20.59 -71.32 -3.83
N GLN C 167 -20.96 -72.60 -3.77
CA GLN C 167 -21.69 -73.30 -4.83
C GLN C 167 -23.08 -72.76 -5.11
N GLY C 168 -23.99 -72.93 -4.15
CA GLY C 168 -25.40 -72.75 -4.41
C GLY C 168 -25.95 -71.38 -4.04
N HIS C 169 -25.07 -70.41 -3.90
CA HIS C 169 -25.49 -69.06 -3.59
C HIS C 169 -26.12 -68.44 -4.83
N LYS C 170 -27.46 -68.31 -4.80
CA LYS C 170 -28.23 -67.88 -6.01
C LYS C 170 -27.74 -66.58 -6.66
N LYS C 171 -27.20 -65.64 -5.89
CA LYS C 171 -26.84 -64.36 -6.51
C LYS C 171 -25.62 -64.49 -7.39
N SER C 172 -25.07 -65.69 -7.54
CA SER C 172 -23.87 -65.92 -8.33
C SER C 172 -24.19 -66.13 -9.80
N LYS C 173 -23.27 -65.71 -10.66
CA LYS C 173 -23.40 -66.01 -12.07
C LYS C 173 -22.98 -67.45 -12.35
N PRO C 174 -23.63 -68.12 -13.30
CA PRO C 174 -23.33 -69.54 -13.56
C PRO C 174 -22.16 -69.82 -14.49
N PHE C 175 -21.71 -68.84 -15.27
CA PHE C 175 -20.62 -69.05 -16.21
C PHE C 175 -19.41 -68.27 -15.74
N ILE C 176 -18.32 -68.97 -15.47
CA ILE C 176 -17.11 -68.35 -14.95
C ILE C 176 -16.32 -67.77 -16.12
N ASP C 177 -15.73 -66.58 -15.89
CA ASP C 177 -14.95 -65.94 -16.94
C ASP C 177 -13.73 -65.19 -16.39
N HIS C 178 -13.29 -65.48 -15.17
CA HIS C 178 -12.19 -64.72 -14.60
C HIS C 178 -11.40 -65.55 -13.60
N VAL C 179 -10.10 -65.27 -13.55
CA VAL C 179 -9.17 -65.87 -12.60
C VAL C 179 -8.52 -64.75 -11.80
N LEU C 180 -8.53 -64.88 -10.48
CA LEU C 180 -7.99 -63.85 -9.61
C LEU C 180 -6.60 -64.27 -9.13
N SER C 181 -5.61 -63.43 -9.38
CA SER C 181 -4.22 -63.80 -9.28
C SER C 181 -3.57 -63.28 -8.00
N PHE C 182 -2.97 -64.21 -7.27
CA PHE C 182 -2.21 -63.95 -6.04
C PHE C 182 -0.77 -64.35 -6.35
N SER C 183 0.18 -63.42 -6.21
CA SER C 183 1.58 -63.73 -6.49
C SER C 183 2.50 -63.06 -5.48
N VAL C 184 3.45 -63.82 -4.95
CA VAL C 184 4.42 -63.30 -3.99
C VAL C 184 5.73 -63.08 -4.72
N ALA C 185 6.24 -61.85 -4.70
CA ALA C 185 7.43 -61.49 -5.45
C ALA C 185 8.62 -61.14 -4.56
N ASP C 186 8.50 -60.10 -3.72
CA ASP C 186 9.61 -59.78 -2.84
C ASP C 186 9.34 -60.24 -1.41
N GLY C 187 8.32 -59.68 -0.78
CA GLY C 187 7.79 -60.18 0.46
C GLY C 187 6.31 -59.89 0.53
N LYS C 188 5.77 -59.35 -0.56
CA LYS C 188 4.41 -58.84 -0.61
C LYS C 188 3.57 -59.69 -1.56
N ILE C 189 2.25 -59.56 -1.41
CA ILE C 189 1.29 -60.30 -2.21
C ILE C 189 0.67 -59.33 -3.20
N TRP C 190 1.01 -59.49 -4.47
CA TRP C 190 0.44 -58.69 -5.55
C TRP C 190 -0.80 -59.41 -6.06
N VAL C 191 -1.93 -58.72 -6.08
CA VAL C 191 -3.19 -59.31 -6.50
C VAL C 191 -3.69 -58.59 -7.74
N ARG C 192 -4.19 -59.39 -8.69
CA ARG C 192 -4.65 -59.01 -10.01
C ARG C 192 -5.94 -59.76 -10.32
N ASN C 193 -6.57 -59.42 -11.45
CA ASN C 193 -7.71 -60.18 -11.95
C ASN C 193 -7.66 -60.22 -13.46
N TYR C 194 -7.97 -61.37 -14.05
CA TYR C 194 -7.81 -61.59 -15.47
C TYR C 194 -9.07 -62.26 -16.03
N GLU C 195 -9.44 -61.84 -17.24
CA GLU C 195 -10.66 -62.28 -17.90
C GLU C 195 -10.32 -63.29 -18.98
N ILE C 196 -11.01 -64.44 -18.93
CA ILE C 196 -10.90 -65.47 -19.96
C ILE C 196 -11.48 -64.94 -21.26
N ARG C 197 -10.75 -65.08 -22.36
CA ARG C 197 -11.25 -64.83 -23.70
C ARG C 197 -10.89 -66.02 -24.57
N GLU C 198 -11.87 -66.56 -25.28
CA GLU C 198 -11.68 -67.83 -25.99
C GLU C 198 -11.43 -67.56 -27.47
N VAL C 199 -10.34 -68.12 -27.99
CA VAL C 199 -9.99 -68.03 -29.40
C VAL C 199 -9.75 -69.44 -29.92
N GLU C 200 -10.21 -69.69 -31.15
CA GLU C 200 -10.05 -71.01 -31.74
C GLU C 200 -8.59 -71.24 -32.16
N LYS C 201 -8.13 -72.47 -31.97
CA LYS C 201 -6.76 -72.82 -32.34
C LYS C 201 -6.64 -72.98 -33.84
N VAL C 202 -5.52 -72.53 -34.39
CA VAL C 202 -5.28 -72.60 -35.83
C VAL C 202 -4.80 -74.01 -36.17
N LYS C 203 -5.44 -74.61 -37.18
CA LYS C 203 -5.08 -75.95 -37.62
C LYS C 203 -3.75 -75.93 -38.38
N THR C 227 -9.71 -75.01 -28.88
CA THR C 227 -9.62 -73.58 -28.62
C THR C 227 -8.82 -73.29 -27.36
N ASP C 228 -8.02 -72.23 -27.39
CA ASP C 228 -7.29 -71.79 -26.22
C ASP C 228 -7.88 -70.48 -25.71
N ILE C 229 -7.34 -69.98 -24.61
CA ILE C 229 -7.84 -68.79 -23.94
C ILE C 229 -6.67 -67.84 -23.66
N ASN C 230 -6.94 -66.55 -23.79
CA ASN C 230 -6.00 -65.52 -23.35
C ASN C 230 -6.66 -64.67 -22.28
N LEU C 231 -5.85 -63.92 -21.55
CA LEU C 231 -6.30 -63.16 -20.39
C LEU C 231 -6.29 -61.68 -20.76
N ILE C 232 -7.35 -60.96 -20.41
CA ILE C 232 -7.34 -59.50 -20.48
C ILE C 232 -7.64 -58.96 -19.09
N GLU C 233 -6.79 -58.06 -18.60
CA GLU C 233 -6.92 -57.58 -17.23
C GLU C 233 -8.13 -56.69 -17.05
N ILE C 234 -8.81 -56.83 -15.92
CA ILE C 234 -10.06 -56.12 -15.63
C ILE C 234 -9.83 -54.95 -14.71
N GLY C 235 -9.38 -55.21 -13.49
CA GLY C 235 -9.57 -54.28 -12.41
C GLY C 235 -8.41 -54.14 -11.45
N PRO C 236 -8.70 -54.40 -10.18
CA PRO C 236 -7.82 -53.98 -9.08
C PRO C 236 -6.41 -54.55 -9.09
N ARG C 237 -5.45 -53.65 -9.27
CA ARG C 237 -4.02 -53.94 -9.28
C ARG C 237 -3.45 -53.51 -7.94
N PHE C 238 -3.41 -54.41 -6.95
CA PHE C 238 -2.93 -53.85 -5.68
C PHE C 238 -2.10 -54.84 -4.88
N VAL C 239 -1.22 -54.27 -4.06
CA VAL C 239 -0.11 -54.97 -3.41
C VAL C 239 -0.35 -54.96 -1.91
N LEU C 240 -0.07 -56.08 -1.25
CA LEU C 240 -0.37 -56.31 0.16
C LEU C 240 0.93 -56.68 0.87
N THR C 241 1.48 -55.72 1.62
CA THR C 241 2.65 -56.00 2.45
C THR C 241 2.17 -56.60 3.75
N PRO C 242 2.58 -57.83 4.10
CA PRO C 242 2.14 -58.41 5.37
C PRO C 242 2.72 -57.66 6.55
N ILE C 243 1.84 -57.40 7.53
CA ILE C 243 2.31 -56.76 8.76
C ILE C 243 2.25 -57.78 9.89
N ILE C 244 1.04 -58.17 10.31
CA ILE C 244 0.95 -59.09 11.48
C ILE C 244 -0.14 -60.14 11.29
N ILE C 245 0.03 -61.32 11.91
CA ILE C 245 -1.03 -62.37 11.88
C ILE C 245 -1.31 -62.75 13.33
N GLN C 246 -2.52 -62.49 13.81
CA GLN C 246 -2.91 -62.79 15.19
C GLN C 246 -3.71 -64.08 15.25
N GLU C 247 -3.82 -64.62 16.47
CA GLU C 247 -4.57 -65.84 16.74
C GLU C 247 -6.04 -65.58 17.05
N GLY C 248 -6.34 -64.50 17.76
CA GLY C 248 -7.70 -64.18 18.13
C GLY C 248 -8.48 -63.54 17.00
N SER C 249 -9.75 -63.23 17.29
CA SER C 249 -10.66 -62.68 16.29
C SER C 249 -10.17 -61.31 15.80
N PHE C 250 -9.91 -60.40 16.73
CA PHE C 250 -9.18 -59.17 16.40
C PHE C 250 -8.13 -58.86 17.46
N GLY C 251 -7.98 -59.71 18.47
CA GLY C 251 -6.91 -59.58 19.44
C GLY C 251 -6.13 -60.88 19.54
N GLY C 252 -5.87 -61.33 20.75
CA GLY C 252 -5.15 -62.57 20.95
C GLY C 252 -3.66 -62.40 20.76
N PRO C 253 -2.91 -63.48 20.98
CA PRO C 253 -1.45 -63.38 20.85
C PRO C 253 -1.01 -63.21 19.40
N ILE C 254 0.14 -62.58 19.24
CA ILE C 254 0.72 -62.40 17.91
C ILE C 254 1.36 -63.71 17.48
N LEU C 255 0.96 -64.19 16.30
CA LEU C 255 1.55 -65.39 15.73
C LEU C 255 2.63 -65.09 14.71
N TYR C 256 2.38 -64.14 13.82
CA TYR C 256 3.36 -63.71 12.84
C TYR C 256 3.55 -62.20 12.92
N GLU C 257 4.81 -61.77 12.98
CA GLU C 257 5.16 -60.35 12.95
C GLU C 257 6.22 -60.15 11.88
N ASN C 258 5.96 -59.21 10.97
CA ASN C 258 6.89 -58.93 9.87
C ASN C 258 7.87 -57.85 10.32
N LYS C 259 9.10 -58.26 10.64
CA LYS C 259 10.14 -57.30 11.02
C LYS C 259 10.93 -56.81 9.80
N ARG C 260 10.19 -56.34 8.80
CA ARG C 260 10.81 -55.69 7.65
C ARG C 260 10.07 -54.39 7.33
N PHE C 261 8.76 -54.38 7.64
CA PHE C 261 7.85 -53.26 7.26
C PHE C 261 8.42 -51.87 7.55
N ILE C 262 8.44 -51.02 6.53
CA ILE C 262 8.84 -49.59 6.72
C ILE C 262 7.56 -48.79 6.50
N SER C 263 6.96 -48.25 7.56
CA SER C 263 5.66 -47.55 7.46
C SER C 263 5.76 -46.32 6.55
N PRO C 264 4.67 -45.86 5.91
CA PRO C 264 4.70 -44.63 5.12
C PRO C 264 5.03 -43.45 6.05
N ASN C 265 4.51 -43.48 7.28
CA ASN C 265 4.78 -42.41 8.27
C ASN C 265 6.26 -42.43 8.67
N LYS C 266 6.90 -43.61 8.64
CA LYS C 266 8.34 -43.72 8.96
C LYS C 266 9.15 -42.90 7.95
N ILE C 267 8.81 -42.99 6.66
CA ILE C 267 9.50 -42.18 5.61
C ILE C 267 9.36 -40.71 5.97
N ARG C 268 8.14 -40.26 6.28
CA ARG C 268 7.89 -38.85 6.59
C ARG C 268 8.71 -38.40 7.80
N ALA C 269 8.85 -39.27 8.80
CA ALA C 269 9.60 -38.93 10.01
C ALA C 269 11.09 -38.74 9.71
N GLU C 270 11.68 -39.64 8.93
CA GLU C 270 13.08 -39.44 8.53
C GLU C 270 13.30 -38.28 7.58
N LEU C 271 12.35 -37.93 6.70
CA LEU C 271 12.51 -36.66 5.98
C LEU C 271 12.49 -35.44 6.91
N ARG C 272 11.59 -35.42 7.89
CA ARG C 272 11.57 -34.33 8.85
C ARG C 272 12.86 -34.27 9.68
N LYS C 273 13.37 -35.43 10.11
CA LYS C 273 14.63 -35.47 10.83
C LYS C 273 15.81 -35.04 9.97
N ALA C 274 15.79 -35.37 8.67
CA ALA C 274 16.83 -34.89 7.78
C ALA C 274 16.82 -33.37 7.65
N LYS C 275 15.64 -32.77 7.53
CA LYS C 275 15.54 -31.31 7.50
C LYS C 275 16.04 -30.66 8.79
N ALA C 276 15.65 -31.21 9.94
CA ALA C 276 16.11 -30.68 11.21
C ALA C 276 17.62 -30.83 11.37
N ALA C 277 18.17 -31.96 10.91
CA ALA C 277 19.60 -32.18 10.99
C ALA C 277 20.38 -31.20 10.12
N ARG C 278 19.85 -30.91 8.93
CA ARG C 278 20.46 -29.89 8.08
C ARG C 278 20.48 -28.53 8.76
N HIS C 279 19.37 -28.15 9.40
CA HIS C 279 19.31 -26.87 10.10
C HIS C 279 20.33 -26.81 11.25
N HIS C 280 20.41 -27.89 12.03
CA HIS C 280 21.35 -27.93 13.15
C HIS C 280 22.80 -27.88 12.67
N ALA C 281 23.09 -28.54 11.55
CA ALA C 281 24.42 -28.47 10.95
C ALA C 281 24.76 -27.05 10.52
N ARG C 282 23.77 -26.32 9.98
CA ARG C 282 24.02 -24.93 9.60
C ARG C 282 24.35 -24.06 10.81
N MET C 283 23.61 -24.22 11.91
CA MET C 283 23.95 -23.44 13.11
C MET C 283 25.30 -23.82 13.69
N GLU C 284 25.65 -25.11 13.66
CA GLU C 284 26.98 -25.52 14.13
C GLU C 284 28.08 -24.93 13.24
N GLN C 285 27.82 -24.83 11.93
CA GLN C 285 28.78 -24.21 11.03
C GLN C 285 28.97 -22.73 11.32
N GLN C 286 27.88 -22.02 11.64
CA GLN C 286 28.00 -20.62 12.04
C GLN C 286 28.82 -20.48 13.32
N ARG C 287 28.58 -21.36 14.30
CA ARG C 287 29.35 -21.33 15.54
C ARG C 287 30.84 -21.60 15.29
N ASP C 288 31.14 -22.52 14.38
CA ASP C 288 32.56 -22.84 14.06
C ASP C 288 33.27 -21.62 13.46
N LEU C 289 32.60 -20.89 12.57
CA LEU C 289 33.23 -19.71 11.91
C LEU C 289 33.63 -18.68 12.97
N LEU C 290 32.73 -18.36 13.91
CA LEU C 290 33.02 -17.32 14.92
C LEU C 290 34.28 -17.72 15.70
N ALA C 291 34.39 -19.00 16.09
CA ALA C 291 35.55 -19.48 16.84
C ALA C 291 36.83 -19.31 16.02
N ARG C 292 36.81 -19.71 14.74
CA ARG C 292 37.99 -19.58 13.85
C ARG C 292 38.40 -18.11 13.76
N LYS C 293 37.44 -17.20 13.58
CA LYS C 293 37.75 -15.75 13.45
C LYS C 293 38.40 -15.24 14.74
N ARG C 294 37.93 -15.73 15.90
CA ARG C 294 38.48 -15.28 17.21
C ARG C 294 39.93 -15.77 17.36
N GLN C 295 40.24 -16.97 16.87
CA GLN C 295 41.63 -17.49 16.93
C GLN C 295 42.55 -16.57 16.13
N ASP C 308 54.72 -1.23 20.17
CA ASP C 308 55.33 0.02 20.61
C ASP C 308 56.02 0.73 19.46
N LEU C 309 56.58 -0.07 18.54
CA LEU C 309 57.15 0.46 17.30
C LEU C 309 56.05 0.61 16.25
N ASP C 310 55.14 1.53 16.54
CA ASP C 310 53.98 1.79 15.70
C ASP C 310 53.77 3.28 15.60
N THR C 311 53.16 3.72 14.49
CA THR C 311 52.97 5.15 14.24
C THR C 311 52.03 5.76 15.28
N ARG C 312 50.95 5.07 15.61
CA ARG C 312 49.92 5.63 16.47
C ARG C 312 50.18 5.33 17.95
N GLU C 313 51.39 4.90 18.26
CA GLU C 313 51.79 4.60 19.63
C GLU C 313 53.06 5.36 19.98
N LEU C 314 53.81 5.76 18.95
CA LEU C 314 55.04 6.52 19.10
C LEU C 314 54.88 8.00 18.82
N PHE C 315 54.04 8.36 17.86
CA PHE C 315 53.81 9.75 17.50
C PHE C 315 52.54 10.31 18.12
N ALA C 316 51.92 9.59 19.05
CA ALA C 316 50.72 10.06 19.72
C ALA C 316 51.04 11.18 20.68
N VAL D 18 -63.34 -38.53 113.98
CA VAL D 18 -62.17 -39.11 113.35
C VAL D 18 -61.09 -39.36 114.38
N ASP D 19 -60.62 -40.62 114.46
CA ASP D 19 -59.63 -41.01 115.45
C ASP D 19 -58.25 -40.98 114.81
N PRO D 20 -57.33 -40.16 115.29
CA PRO D 20 -56.10 -39.87 114.52
C PRO D 20 -55.11 -41.02 114.41
N ASP D 21 -54.87 -41.77 115.50
CA ASP D 21 -53.90 -42.85 115.41
C ASP D 21 -54.42 -44.01 114.58
N GLN D 22 -55.74 -44.12 114.41
CA GLN D 22 -56.29 -45.09 113.47
C GLN D 22 -55.94 -44.72 112.03
N THR D 23 -56.02 -43.42 111.70
CA THR D 23 -55.53 -42.95 110.41
C THR D 23 -54.03 -43.16 110.28
N LEU D 24 -53.31 -43.02 111.40
CA LEU D 24 -51.86 -43.23 111.40
C LEU D 24 -51.52 -44.68 111.05
N LYS D 25 -52.16 -45.64 111.71
CA LYS D 25 -51.89 -47.05 111.41
C LYS D 25 -52.40 -47.43 110.02
N ALA D 26 -53.45 -46.75 109.53
CA ALA D 26 -53.84 -46.91 108.13
C ALA D 26 -52.73 -46.43 107.19
N CYS D 27 -52.05 -45.34 107.54
CA CYS D 27 -50.93 -44.86 106.73
C CYS D 27 -49.78 -45.85 106.73
N LYS D 28 -49.46 -46.44 107.89
CA LYS D 28 -48.46 -47.52 107.91
C LYS D 28 -48.87 -48.71 107.04
N ALA D 29 -50.13 -49.13 107.12
CA ALA D 29 -50.58 -50.27 106.32
C ALA D 29 -50.49 -49.98 104.83
N LEU D 30 -50.93 -48.78 104.42
CA LEU D 30 -50.90 -48.42 103.00
C LEU D 30 -49.47 -48.28 102.49
N LEU D 31 -48.59 -47.65 103.27
CA LEU D 31 -47.21 -47.49 102.83
C LEU D 31 -46.49 -48.83 102.77
N ALA D 32 -46.78 -49.73 103.72
CA ALA D 32 -46.18 -51.07 103.68
C ALA D 32 -46.65 -51.84 102.46
N HIS D 33 -47.95 -51.78 102.14
CA HIS D 33 -48.45 -52.47 100.95
C HIS D 33 -47.86 -51.89 99.67
N ILE D 34 -47.72 -50.56 99.62
CA ILE D 34 -47.14 -49.93 98.43
C ILE D 34 -45.67 -50.32 98.27
N LYS D 35 -44.91 -50.32 99.37
CA LYS D 35 -43.51 -50.71 99.32
C LYS D 35 -43.34 -52.16 98.93
N LYS D 36 -44.22 -53.03 99.41
CA LYS D 36 -44.13 -54.45 99.06
C LYS D 36 -44.52 -54.69 97.61
N ALA D 37 -45.51 -53.95 97.11
CA ALA D 37 -45.96 -54.14 95.73
C ALA D 37 -44.95 -53.59 94.74
N ALA D 38 -44.31 -52.46 95.07
CA ALA D 38 -43.33 -51.87 94.16
C ALA D 38 -42.06 -52.69 94.09
N ALA D 39 -41.69 -53.36 95.19
CA ALA D 39 -40.46 -54.16 95.23
C ALA D 39 -40.61 -55.52 94.57
N ALA D 40 -41.84 -55.93 94.23
CA ALA D 40 -42.03 -57.22 93.60
C ALA D 40 -41.50 -57.20 92.16
N PRO D 41 -40.76 -58.22 91.75
CA PRO D 41 -40.24 -58.25 90.38
C PRO D 41 -41.33 -58.59 89.38
N ARG D 42 -41.15 -58.10 88.15
CA ARG D 42 -42.09 -58.33 87.08
C ARG D 42 -41.74 -59.60 86.31
N PRO D 43 -42.72 -60.44 85.99
CA PRO D 43 -42.44 -61.79 85.51
C PRO D 43 -42.31 -61.96 83.99
N ASP D 44 -42.23 -60.88 83.22
CA ASP D 44 -42.11 -60.99 81.78
C ASP D 44 -40.66 -61.10 81.31
N GLY D 45 -39.71 -61.15 82.25
CA GLY D 45 -38.31 -61.27 81.90
C GLY D 45 -37.62 -59.98 81.55
N LYS D 46 -38.31 -58.85 81.65
CA LYS D 46 -37.74 -57.54 81.34
C LYS D 46 -37.68 -56.70 82.61
N GLN D 47 -36.91 -55.62 82.53
CA GLN D 47 -36.82 -54.64 83.62
C GLN D 47 -37.08 -53.25 83.05
N ASN D 48 -37.72 -52.41 83.85
CA ASN D 48 -38.00 -51.05 83.43
C ASN D 48 -36.71 -50.22 83.39
N LEU D 49 -36.54 -49.47 82.31
CA LEU D 49 -35.29 -48.73 82.10
C LEU D 49 -35.33 -47.35 82.75
N LEU D 50 -36.38 -46.57 82.48
CA LEU D 50 -36.47 -45.22 83.02
C LEU D 50 -37.20 -45.20 84.36
N ALA D 51 -37.26 -46.35 85.05
CA ALA D 51 -37.93 -46.44 86.33
C ALA D 51 -37.03 -47.13 87.34
N ASP D 52 -37.11 -46.69 88.58
CA ASP D 52 -36.37 -47.26 89.70
C ASP D 52 -37.37 -47.48 90.83
N GLU D 53 -36.97 -48.34 91.79
CA GLU D 53 -37.86 -48.66 92.90
C GLU D 53 -38.19 -47.43 93.74
N GLU D 54 -37.17 -46.60 94.04
CA GLU D 54 -37.43 -45.37 94.77
C GLU D 54 -38.23 -44.37 93.94
N SER D 55 -38.04 -44.39 92.61
CA SER D 55 -38.79 -43.50 91.75
C SER D 55 -40.23 -43.99 91.56
N THR D 56 -40.41 -45.31 91.45
CA THR D 56 -41.76 -45.86 91.34
C THR D 56 -42.55 -45.65 92.62
N VAL D 57 -41.90 -45.74 93.78
CA VAL D 57 -42.56 -45.39 95.03
C VAL D 57 -42.82 -43.89 95.09
N ALA D 58 -41.85 -43.09 94.64
CA ALA D 58 -41.95 -41.64 94.78
C ALA D 58 -43.03 -41.05 93.89
N GLU D 59 -43.28 -41.63 92.71
CA GLU D 59 -44.31 -41.11 91.83
C GLU D 59 -45.70 -41.60 92.20
N THR D 60 -45.82 -42.51 93.16
CA THR D 60 -47.12 -43.04 93.54
C THR D 60 -47.84 -42.07 94.47
N PRO D 61 -49.03 -41.61 94.13
CA PRO D 61 -49.77 -40.71 95.02
C PRO D 61 -50.58 -41.49 96.05
N ILE D 62 -51.09 -40.76 97.03
CA ILE D 62 -52.03 -41.30 98.02
C ILE D 62 -53.31 -40.47 97.92
N TRP D 63 -54.45 -41.16 97.82
CA TRP D 63 -55.74 -40.53 97.59
C TRP D 63 -56.60 -40.61 98.84
N LEU D 64 -57.51 -39.65 98.99
CA LEU D 64 -58.50 -39.66 100.06
C LEU D 64 -59.87 -39.51 99.42
N THR D 65 -60.72 -40.52 99.57
CA THR D 65 -62.01 -40.57 98.90
C THR D 65 -63.14 -40.40 99.91
N LEU D 66 -64.15 -39.61 99.54
CA LEU D 66 -65.32 -39.36 100.43
C LEU D 66 -66.58 -39.87 99.74
N THR D 67 -67.49 -40.50 100.50
CA THR D 67 -68.72 -41.09 99.88
C THR D 67 -69.98 -40.47 100.50
N THR D 68 -70.21 -39.18 100.27
CA THR D 68 -71.38 -38.48 100.87
C THR D 68 -72.67 -39.23 100.54
N LYS D 69 -73.63 -39.25 101.48
CA LYS D 69 -74.90 -39.99 101.29
C LYS D 69 -75.62 -39.46 100.04
N LYS D 70 -75.63 -38.15 99.84
CA LYS D 70 -76.32 -37.53 98.67
C LYS D 70 -75.29 -36.87 97.74
N HIS D 71 -75.77 -36.11 96.75
CA HIS D 71 -74.86 -35.41 95.85
C HIS D 71 -74.35 -34.12 96.48
N ILE D 72 -73.03 -33.92 96.40
CA ILE D 72 -72.41 -32.68 96.95
C ILE D 72 -72.79 -31.48 96.09
N HIS D 73 -72.75 -31.62 94.76
CA HIS D 73 -73.10 -30.52 93.88
C HIS D 73 -74.17 -30.99 92.91
N ASP D 74 -74.99 -30.06 92.46
CA ASP D 74 -76.07 -30.36 91.53
C ASP D 74 -75.60 -30.43 90.08
N SER D 75 -74.34 -30.10 89.82
CA SER D 75 -73.79 -30.14 88.47
C SER D 75 -72.29 -30.36 88.55
N HIS D 76 -71.62 -30.21 87.41
CA HIS D 76 -70.17 -30.37 87.33
C HIS D 76 -69.52 -29.00 87.49
N ARG D 77 -68.98 -28.73 88.68
CA ARG D 77 -68.20 -27.52 88.89
C ARG D 77 -66.78 -27.77 88.41
N LEU D 78 -66.34 -26.98 87.44
CA LEU D 78 -65.06 -27.25 86.77
C LEU D 78 -63.91 -26.48 87.37
N GLN D 79 -64.19 -25.51 88.24
CA GLN D 79 -63.10 -24.76 88.93
C GLN D 79 -62.82 -25.44 90.27
N PRO D 80 -61.60 -25.93 90.55
CA PRO D 80 -61.31 -26.66 91.79
C PRO D 80 -61.32 -25.72 92.99
N GLY D 81 -61.40 -26.34 94.17
CA GLY D 81 -61.30 -25.62 95.43
C GLY D 81 -59.98 -25.94 96.11
N LYS D 82 -59.34 -24.91 96.67
CA LYS D 82 -57.99 -25.01 97.21
C LYS D 82 -58.03 -25.15 98.72
N ILE D 83 -57.36 -26.18 99.24
CA ILE D 83 -57.22 -26.40 100.67
C ILE D 83 -55.73 -26.23 100.99
N ILE D 84 -55.44 -25.39 101.98
CA ILE D 84 -54.06 -25.17 102.40
C ILE D 84 -53.63 -26.31 103.33
N LEU D 85 -52.43 -26.81 103.10
CA LEU D 85 -51.89 -27.95 103.83
C LEU D 85 -50.77 -27.50 104.74
N PRO D 86 -50.61 -28.14 105.91
CA PRO D 86 -49.40 -27.88 106.72
C PRO D 86 -48.13 -28.30 106.01
N HIS D 87 -48.18 -29.43 105.31
CA HIS D 87 -47.05 -29.90 104.50
C HIS D 87 -47.46 -29.89 103.04
N PRO D 88 -46.90 -29.01 102.23
CA PRO D 88 -47.46 -28.77 100.89
C PRO D 88 -47.13 -29.90 99.92
N LEU D 89 -47.85 -29.88 98.80
CA LEU D 89 -47.72 -30.85 97.73
C LEU D 89 -46.94 -30.23 96.57
N ASN D 90 -46.57 -31.08 95.61
CA ASN D 90 -45.85 -30.71 94.39
C ASN D 90 -44.53 -29.98 94.72
N THR D 91 -43.69 -30.71 95.46
CA THR D 91 -42.44 -30.16 95.97
C THR D 91 -41.21 -30.57 95.18
N SER D 92 -41.32 -31.58 94.33
CA SER D 92 -40.16 -32.02 93.56
C SER D 92 -39.81 -31.00 92.47
N GLU D 93 -38.54 -31.02 92.04
CA GLU D 93 -38.12 -30.17 90.95
C GLU D 93 -38.39 -30.80 89.58
N GLU D 94 -38.92 -32.02 89.55
CA GLU D 94 -39.26 -32.70 88.31
C GLU D 94 -40.60 -32.20 87.81
N ILE D 95 -41.38 -31.60 88.70
CA ILE D 95 -42.71 -31.08 88.40
C ILE D 95 -42.53 -29.76 87.63
N SER D 96 -43.23 -29.64 86.51
CA SER D 96 -43.21 -28.42 85.70
C SER D 96 -44.59 -27.78 85.68
N VAL D 97 -44.61 -26.45 85.79
CA VAL D 97 -45.84 -25.71 86.03
C VAL D 97 -46.13 -24.80 84.84
N CYS D 98 -47.38 -24.84 84.35
CA CYS D 98 -47.79 -23.93 83.25
C CYS D 98 -48.71 -22.85 83.81
N LEU D 99 -48.40 -21.57 83.55
CA LEU D 99 -49.26 -20.46 84.04
C LEU D 99 -50.04 -19.88 82.85
N ILE D 100 -51.37 -19.88 82.95
CA ILE D 100 -52.24 -19.33 81.86
C ILE D 100 -52.78 -17.96 82.31
N THR D 101 -52.21 -16.88 81.79
CA THR D 101 -52.64 -15.51 82.19
C THR D 101 -53.71 -14.99 81.24
N ALA D 102 -54.09 -13.72 81.38
CA ALA D 102 -55.19 -13.16 80.57
C ALA D 102 -54.69 -11.98 79.74
N ASP D 103 -54.12 -10.98 80.41
CA ASP D 103 -53.66 -9.77 79.73
C ASP D 103 -52.16 -9.89 79.47
N PRO D 104 -51.54 -9.20 78.48
CA PRO D 104 -50.14 -9.41 78.06
C PRO D 104 -49.29 -10.52 78.70
N GLN D 105 -49.12 -11.63 77.98
CA GLN D 105 -48.24 -12.72 78.49
C GLN D 105 -46.81 -12.20 78.59
N ARG D 106 -46.44 -11.23 77.74
CA ARG D 106 -45.08 -10.63 77.77
C ARG D 106 -44.86 -9.97 79.13
N PHE D 107 -45.86 -9.28 79.66
CA PHE D 107 -45.74 -8.63 81.00
C PHE D 107 -45.40 -9.69 82.03
N TYR D 108 -46.12 -10.81 82.02
CA TYR D 108 -45.89 -11.90 83.01
C TYR D 108 -44.58 -12.64 82.69
N LYS D 109 -44.18 -12.69 81.42
CA LYS D 109 -42.87 -13.30 81.07
C LYS D 109 -41.76 -12.49 81.71
N ASN D 110 -41.85 -11.16 81.64
CA ASN D 110 -40.83 -10.27 82.26
C ASN D 110 -40.97 -10.35 83.78
N ALA D 111 -42.20 -10.49 84.29
CA ALA D 111 -42.42 -10.64 85.72
C ALA D 111 -41.77 -11.90 86.26
N VAL D 112 -41.87 -13.01 85.50
CA VAL D 112 -41.14 -14.22 85.84
C VAL D 112 -39.64 -13.99 85.71
N ALA D 113 -39.22 -13.20 84.70
CA ALA D 113 -37.80 -12.89 84.50
C ALA D 113 -37.20 -12.05 85.64
N ASP D 114 -38.05 -11.49 86.50
CA ASP D 114 -37.55 -10.75 87.69
C ASP D 114 -38.32 -11.23 88.94
N GLU D 115 -38.69 -12.52 88.99
CA GLU D 115 -39.46 -13.09 90.13
C GLU D 115 -38.49 -13.78 91.10
N PHE D 116 -38.84 -15.00 91.54
CA PHE D 116 -37.96 -15.78 92.44
C PHE D 116 -37.22 -16.81 91.59
N PRO D 117 -35.95 -16.57 91.18
CA PRO D 117 -35.24 -17.48 90.28
C PRO D 117 -34.85 -18.81 90.93
N GLU D 118 -34.80 -18.87 92.25
CA GLU D 118 -34.35 -20.10 92.95
C GLU D 118 -35.35 -21.24 92.74
N ASP D 119 -36.66 -20.97 92.88
CA ASP D 119 -37.64 -22.08 92.79
C ASP D 119 -38.79 -21.75 91.82
N LEU D 120 -39.49 -20.64 92.04
CA LEU D 120 -40.69 -20.34 91.19
C LEU D 120 -40.29 -20.29 89.72
N ARG D 121 -39.25 -19.52 89.37
CA ARG D 121 -38.84 -19.37 87.94
C ARG D 121 -38.49 -20.74 87.36
N ALA D 122 -37.80 -21.59 88.14
CA ALA D 122 -37.41 -22.93 87.66
C ALA D 122 -38.65 -23.78 87.40
N LYS D 123 -39.60 -23.79 88.34
CA LYS D 123 -40.82 -24.64 88.20
C LYS D 123 -41.66 -24.17 87.01
N ILE D 124 -41.85 -22.86 86.85
CA ILE D 124 -42.71 -22.32 85.77
C ILE D 124 -42.03 -22.58 84.41
N GLY D 125 -42.65 -23.42 83.58
CA GLY D 125 -42.06 -23.78 82.28
C GLY D 125 -42.56 -22.88 81.16
N ARG D 126 -43.87 -22.64 81.09
CA ARG D 126 -44.40 -21.69 80.07
C ARG D 126 -45.46 -20.78 80.67
N VAL D 127 -45.56 -19.54 80.15
CA VAL D 127 -46.63 -18.60 80.59
C VAL D 127 -47.36 -18.16 79.32
N ILE D 128 -48.66 -18.49 79.20
CA ILE D 128 -49.36 -18.19 77.92
C ILE D 128 -50.64 -17.37 78.19
N ASP D 129 -51.07 -16.58 77.21
CA ASP D 129 -52.32 -15.80 77.34
C ASP D 129 -53.51 -16.62 76.84
N ILE D 130 -54.73 -16.09 76.96
CA ILE D 130 -55.92 -16.77 76.49
C ILE D 130 -56.02 -16.63 74.97
N SER D 131 -55.56 -15.49 74.44
CA SER D 131 -55.57 -15.30 73.00
C SER D 131 -54.64 -16.28 72.30
N HIS D 132 -53.42 -16.42 72.80
CA HIS D 132 -52.50 -17.39 72.23
C HIS D 132 -52.91 -18.82 72.55
N LEU D 133 -53.71 -19.01 73.61
CA LEU D 133 -54.24 -20.34 73.90
C LEU D 133 -55.29 -20.75 72.87
N LYS D 134 -56.24 -19.88 72.56
CA LYS D 134 -57.20 -20.16 71.50
C LYS D 134 -56.59 -20.10 70.11
N ALA D 135 -55.42 -19.49 69.95
CA ALA D 135 -54.74 -19.49 68.66
C ALA D 135 -53.92 -20.73 68.41
N LYS D 136 -52.98 -21.07 69.31
CA LYS D 136 -52.01 -22.12 69.05
C LYS D 136 -52.40 -23.48 69.61
N PHE D 137 -53.39 -23.55 70.50
CA PHE D 137 -53.78 -24.80 71.14
C PHE D 137 -55.27 -25.04 70.99
N LYS D 138 -55.76 -24.85 69.76
CA LYS D 138 -57.17 -25.03 69.46
C LYS D 138 -57.49 -26.47 69.05
N ALA D 139 -56.59 -27.10 68.30
CA ALA D 139 -56.78 -28.49 67.91
C ALA D 139 -56.54 -29.42 69.11
N TYR D 140 -57.01 -30.66 68.98
CA TYR D 140 -56.91 -31.62 70.07
C TYR D 140 -55.50 -32.16 70.28
N GLU D 141 -54.68 -32.27 69.22
CA GLU D 141 -53.30 -32.72 69.39
C GLU D 141 -52.50 -31.72 70.20
N ALA D 142 -52.74 -30.42 69.96
CA ALA D 142 -51.97 -29.39 70.65
C ALA D 142 -52.30 -29.37 72.15
N GLN D 143 -53.58 -29.47 72.51
CA GLN D 143 -53.91 -29.48 73.92
C GLN D 143 -53.57 -30.82 74.58
N ARG D 144 -53.55 -31.91 73.80
CA ARG D 144 -53.05 -33.17 74.34
C ARG D 144 -51.55 -33.09 74.62
N LYS D 145 -50.80 -32.43 73.75
CA LYS D 145 -49.37 -32.20 74.00
C LYS D 145 -49.15 -31.31 75.20
N LEU D 146 -49.99 -30.27 75.35
CA LEU D 146 -49.92 -29.41 76.53
C LEU D 146 -50.23 -30.19 77.80
N PHE D 147 -51.22 -31.10 77.74
CA PHE D 147 -51.52 -31.98 78.86
C PHE D 147 -50.34 -32.88 79.19
N SER D 148 -49.70 -33.45 78.17
CA SER D 148 -48.58 -34.35 78.40
C SER D 148 -47.31 -33.65 78.88
N GLU D 149 -47.13 -32.37 78.55
CA GLU D 149 -45.89 -31.70 78.88
C GLU D 149 -45.81 -31.33 80.37
N HIS D 150 -46.76 -30.53 80.84
CA HIS D 150 -46.77 -30.08 82.22
C HIS D 150 -47.67 -30.96 83.06
N ASP D 151 -47.65 -30.74 84.38
CA ASP D 151 -48.50 -31.48 85.29
C ASP D 151 -49.24 -30.63 86.30
N VAL D 152 -48.89 -29.35 86.45
CA VAL D 152 -49.63 -28.43 87.32
C VAL D 152 -49.95 -27.20 86.49
N PHE D 153 -51.24 -26.93 86.29
CA PHE D 153 -51.70 -25.81 85.49
C PHE D 153 -52.33 -24.77 86.41
N LEU D 154 -51.90 -23.52 86.27
CA LEU D 154 -52.50 -22.40 86.97
C LEU D 154 -53.10 -21.44 85.95
N ALA D 155 -54.27 -20.87 86.30
CA ALA D 155 -54.97 -19.96 85.37
C ALA D 155 -55.52 -18.74 86.09
N ASP D 156 -55.40 -17.56 85.47
CA ASP D 156 -55.96 -16.32 86.07
C ASP D 156 -57.48 -16.45 86.19
N THR D 157 -58.04 -15.99 87.31
CA THR D 157 -59.51 -16.11 87.54
C THR D 157 -60.29 -15.32 86.49
N ARG D 158 -59.66 -14.29 85.89
CA ARG D 158 -60.34 -13.44 84.88
C ARG D 158 -60.75 -14.28 83.67
N ILE D 159 -59.93 -15.27 83.27
CA ILE D 159 -60.22 -16.04 82.02
C ILE D 159 -60.45 -17.52 82.33
N ILE D 160 -60.59 -17.91 83.60
CA ILE D 160 -60.72 -19.37 83.93
C ILE D 160 -62.06 -19.87 83.39
N ASN D 161 -63.05 -18.98 83.22
CA ASN D 161 -64.38 -19.39 82.66
C ASN D 161 -64.24 -19.76 81.18
N ARG D 162 -63.30 -19.13 80.46
CA ARG D 162 -63.17 -19.37 79.00
C ARG D 162 -62.31 -20.61 78.73
N LEU D 163 -61.67 -21.17 79.77
CA LEU D 163 -60.74 -22.32 79.57
C LEU D 163 -61.51 -23.61 79.19
N PRO D 164 -62.64 -24.01 79.80
CA PRO D 164 -63.38 -25.20 79.34
C PRO D 164 -63.56 -25.24 77.82
N LYS D 165 -63.74 -24.09 77.16
CA LYS D 165 -63.87 -24.04 75.71
C LYS D 165 -62.52 -24.15 75.01
N ALA D 166 -61.50 -23.45 75.54
CA ALA D 166 -60.19 -23.49 74.91
C ALA D 166 -59.49 -24.82 75.15
N LEU D 167 -59.53 -25.31 76.38
CA LEU D 167 -59.00 -26.62 76.74
C LEU D 167 -60.21 -27.52 76.98
N GLY D 168 -60.53 -28.35 76.00
CA GLY D 168 -61.78 -29.09 76.02
C GLY D 168 -61.77 -30.35 76.85
N LYS D 169 -62.22 -31.45 76.27
CA LYS D 169 -62.31 -32.72 76.98
C LYS D 169 -60.95 -33.30 77.35
N THR D 170 -59.87 -32.82 76.73
CA THR D 170 -58.55 -33.29 77.08
C THR D 170 -58.18 -32.90 78.51
N PHE D 171 -58.56 -31.70 78.93
CA PHE D 171 -58.23 -31.20 80.26
C PHE D 171 -59.34 -31.41 81.29
N TYR D 172 -60.58 -31.60 80.86
CA TYR D 172 -61.71 -31.53 81.79
C TYR D 172 -62.51 -32.83 81.86
N LYS D 173 -62.12 -33.87 81.14
CA LYS D 173 -62.75 -35.17 81.38
C LYS D 173 -62.27 -35.77 82.69
N THR D 174 -60.98 -35.68 82.97
CA THR D 174 -60.42 -36.04 84.25
C THR D 174 -60.34 -34.82 85.14
N THR D 175 -59.81 -34.99 86.36
CA THR D 175 -59.70 -33.90 87.32
C THR D 175 -58.28 -33.63 87.78
N THR D 176 -57.31 -34.51 87.46
CA THR D 176 -55.98 -34.43 88.07
C THR D 176 -55.24 -33.17 87.66
N LYS D 177 -55.36 -32.75 86.41
CA LYS D 177 -54.61 -31.61 85.91
C LYS D 177 -55.56 -30.53 85.41
N ARG D 178 -56.64 -30.30 86.14
CA ARG D 178 -57.50 -29.17 85.87
C ARG D 178 -56.80 -27.87 86.26
N PRO D 179 -56.98 -26.74 85.53
CA PRO D 179 -56.38 -25.46 85.93
C PRO D 179 -56.75 -24.99 87.33
N ILE D 180 -55.75 -24.59 88.12
CA ILE D 180 -55.99 -24.11 89.53
C ILE D 180 -56.16 -22.59 89.50
N PRO D 181 -57.27 -22.03 90.03
CA PRO D 181 -57.52 -20.59 89.96
C PRO D 181 -56.56 -19.74 90.78
N VAL D 182 -55.91 -18.74 90.16
CA VAL D 182 -55.05 -17.83 90.91
C VAL D 182 -55.53 -16.42 90.65
N VAL D 183 -55.49 -15.58 91.69
CA VAL D 183 -55.93 -14.19 91.56
C VAL D 183 -54.74 -13.33 91.15
N LEU D 184 -54.84 -12.73 89.97
CA LEU D 184 -53.79 -11.84 89.48
C LEU D 184 -54.35 -10.47 89.09
N MET D 185 -55.39 -10.00 89.79
CA MET D 185 -56.08 -8.77 89.45
C MET D 185 -55.53 -7.64 90.34
N ALA D 186 -56.00 -6.42 90.13
CA ALA D 186 -55.77 -5.35 91.09
C ALA D 186 -56.94 -5.32 92.08
N GLN D 187 -56.88 -4.38 93.03
CA GLN D 187 -57.88 -4.11 94.10
C GLN D 187 -58.76 -5.27 94.56
N ARG D 206 -60.38 -2.62 77.82
CA ARG D 206 -59.05 -2.24 78.25
C ARG D 206 -58.00 -2.65 77.23
N ASP D 207 -57.19 -1.68 76.80
CA ASP D 207 -56.12 -1.97 75.86
C ASP D 207 -55.03 -2.78 76.54
N PRO D 208 -54.61 -3.92 75.97
CA PRO D 208 -53.68 -4.83 76.66
C PRO D 208 -52.29 -4.24 76.93
N LEU D 209 -51.72 -3.58 75.92
CA LEU D 209 -50.30 -3.21 75.98
C LEU D 209 -50.00 -2.08 76.96
N GLU D 210 -50.94 -1.14 77.17
CA GLU D 210 -50.58 0.09 77.86
C GLU D 210 -50.67 -0.06 79.37
N ASN D 211 -51.53 -0.95 79.86
CA ASN D 211 -51.52 -1.27 81.29
C ASN D 211 -52.03 -2.68 81.50
N ALA D 212 -51.70 -3.24 82.67
CA ALA D 212 -52.19 -4.55 83.09
C ALA D 212 -52.71 -4.43 84.52
N ASN D 213 -54.01 -4.62 84.70
CA ASN D 213 -54.62 -4.53 86.02
C ASN D 213 -54.24 -5.77 86.82
N ALA D 214 -53.15 -5.67 87.57
CA ALA D 214 -52.62 -6.80 88.31
C ALA D 214 -52.07 -6.35 89.66
N ARG D 215 -52.15 -7.26 90.63
CA ARG D 215 -51.48 -7.05 91.90
C ARG D 215 -49.96 -7.12 91.70
N PRO D 216 -49.19 -6.41 92.53
CA PRO D 216 -47.73 -6.37 92.34
C PRO D 216 -47.06 -7.72 92.56
N ILE D 217 -45.78 -7.75 92.21
CA ILE D 217 -44.98 -8.96 92.01
C ILE D 217 -44.81 -9.85 93.26
N PRO D 218 -44.38 -9.35 94.44
CA PRO D 218 -44.13 -10.29 95.55
C PRO D 218 -45.37 -11.01 96.05
N GLU D 219 -46.53 -10.36 96.07
CA GLU D 219 -47.75 -11.10 96.43
C GLU D 219 -48.23 -11.98 95.28
N ILE D 220 -47.82 -11.68 94.04
CA ILE D 220 -48.15 -12.59 92.91
C ILE D 220 -47.37 -13.88 93.17
N VAL D 221 -46.09 -13.75 93.56
CA VAL D 221 -45.25 -14.94 93.89
C VAL D 221 -45.94 -15.73 94.98
N ALA D 222 -46.37 -15.05 96.05
CA ALA D 222 -47.04 -15.74 97.19
C ALA D 222 -48.32 -16.43 96.70
N GLU D 223 -49.12 -15.75 95.88
CA GLU D 223 -50.40 -16.33 95.38
C GLU D 223 -50.09 -17.64 94.64
N ILE D 224 -49.12 -17.62 93.73
CA ILE D 224 -48.77 -18.84 92.93
C ILE D 224 -48.18 -19.89 93.88
N ARG D 225 -47.27 -19.49 94.76
CA ARG D 225 -46.60 -20.44 95.70
C ARG D 225 -47.67 -21.11 96.55
N LYS D 226 -48.53 -20.32 97.20
CA LYS D 226 -49.62 -20.89 97.97
C LYS D 226 -50.43 -21.88 97.14
N ALA D 227 -50.65 -21.56 95.87
CA ALA D 227 -51.51 -22.38 95.01
C ALA D 227 -50.85 -23.67 94.56
N ILE D 228 -49.51 -23.73 94.49
CA ILE D 228 -48.85 -24.95 94.03
C ILE D 228 -49.05 -26.09 95.02
N GLY D 229 -48.76 -25.83 96.30
CA GLY D 229 -49.01 -26.83 97.31
C GLY D 229 -50.37 -26.62 97.96
N ALA D 230 -51.37 -27.34 97.46
CA ALA D 230 -52.73 -27.19 97.94
C ALA D 230 -53.54 -28.41 97.50
N ALA D 231 -54.33 -28.95 98.42
CA ALA D 231 -55.25 -30.01 98.07
C ALA D 231 -56.36 -29.46 97.19
N LEU D 232 -56.74 -30.24 96.17
CA LEU D 232 -57.74 -29.82 95.21
C LEU D 232 -59.01 -30.63 95.43
N VAL D 233 -60.12 -29.93 95.67
CA VAL D 233 -61.42 -30.58 95.76
C VAL D 233 -62.22 -30.25 94.51
N HIS D 234 -62.84 -31.28 93.94
CA HIS D 234 -63.52 -31.19 92.65
C HIS D 234 -64.98 -31.56 92.86
N LEU D 235 -65.87 -30.59 92.69
CA LEU D 235 -67.28 -30.76 93.02
C LEU D 235 -67.99 -31.48 91.87
N SER D 236 -67.75 -32.79 91.81
CA SER D 236 -68.50 -33.65 90.91
C SER D 236 -69.91 -33.85 91.44
N PRO D 237 -70.87 -34.17 90.56
CA PRO D 237 -72.24 -34.46 91.03
C PRO D 237 -72.32 -35.61 92.02
N SER D 238 -71.91 -36.82 91.63
CA SER D 238 -72.18 -38.00 92.44
C SER D 238 -71.27 -38.10 93.66
N THR D 239 -71.48 -39.14 94.46
CA THR D 239 -70.86 -39.25 95.80
C THR D 239 -69.33 -39.24 95.89
N ASN D 240 -68.63 -39.98 95.03
CA ASN D 240 -67.20 -40.13 95.24
C ASN D 240 -66.43 -38.87 94.90
N THR D 241 -65.54 -38.47 95.81
CA THR D 241 -64.72 -37.28 95.67
C THR D 241 -63.32 -37.63 96.18
N ALA D 242 -62.41 -37.93 95.25
CA ALA D 242 -61.05 -38.30 95.61
C ALA D 242 -60.15 -37.06 95.62
N ILE D 243 -59.38 -36.90 96.69
CA ILE D 243 -58.50 -35.74 96.85
C ILE D 243 -57.08 -36.26 96.99
N LYS D 244 -56.17 -35.78 96.13
CA LYS D 244 -54.77 -36.10 96.26
C LYS D 244 -54.17 -35.35 97.44
N VAL D 245 -53.53 -36.09 98.35
CA VAL D 245 -53.10 -35.52 99.63
C VAL D 245 -51.61 -35.74 99.85
N GLY D 246 -51.02 -36.74 99.20
CA GLY D 246 -49.62 -37.02 99.43
C GLY D 246 -49.02 -38.10 98.55
N TYR D 247 -47.76 -38.44 98.80
CA TYR D 247 -47.03 -39.43 98.01
C TYR D 247 -46.57 -40.55 98.94
N ALA D 248 -45.85 -41.51 98.38
CA ALA D 248 -45.39 -42.68 99.12
C ALA D 248 -43.94 -42.56 99.58
N ASN D 249 -43.27 -41.43 99.32
CA ASN D 249 -41.95 -41.19 99.88
C ASN D 249 -42.02 -40.39 101.17
N TRP D 250 -43.23 -40.12 101.65
CA TRP D 250 -43.48 -39.22 102.76
C TRP D 250 -43.39 -39.97 104.08
N GLU D 251 -43.13 -39.21 105.14
CA GLU D 251 -43.28 -39.76 106.48
C GLU D 251 -44.77 -40.01 106.77
N PRO D 252 -45.12 -41.14 107.35
CA PRO D 252 -46.55 -41.44 107.61
C PRO D 252 -47.25 -40.45 108.53
N GLU D 253 -46.51 -39.83 109.45
CA GLU D 253 -47.11 -38.81 110.30
C GLU D 253 -47.47 -37.57 109.49
N LYS D 254 -46.65 -37.22 108.48
CA LYS D 254 -47.00 -36.13 107.58
C LYS D 254 -48.25 -36.45 106.79
N LEU D 255 -48.38 -37.71 106.33
CA LEU D 255 -49.58 -38.14 105.64
C LEU D 255 -50.80 -38.06 106.54
N ALA D 256 -50.66 -38.47 107.80
CA ALA D 256 -51.79 -38.45 108.74
C ALA D 256 -52.24 -37.02 109.04
N ALA D 257 -51.28 -36.11 109.21
CA ALA D 257 -51.62 -34.69 109.39
C ALA D 257 -52.32 -34.15 108.16
N ASN D 258 -51.86 -34.54 106.98
CA ASN D 258 -52.52 -34.15 105.74
C ASN D 258 -53.95 -34.68 105.67
N ILE D 259 -54.17 -35.93 106.09
CA ILE D 259 -55.51 -36.51 106.10
C ILE D 259 -56.43 -35.71 107.01
N GLU D 260 -56.01 -35.46 108.25
CA GLU D 260 -56.92 -34.81 109.19
C GLU D 260 -57.21 -33.37 108.80
N THR D 261 -56.20 -32.66 108.28
CA THR D 261 -56.45 -31.31 107.79
C THR D 261 -57.35 -31.29 106.57
N VAL D 262 -57.20 -32.21 105.62
CA VAL D 262 -58.09 -32.31 104.48
C VAL D 262 -59.53 -32.64 104.90
N ILE D 263 -59.69 -33.54 105.88
CA ILE D 263 -61.01 -33.84 106.44
C ILE D 263 -61.68 -32.60 106.98
N ARG D 264 -60.97 -31.87 107.85
CA ARG D 264 -61.58 -30.73 108.52
C ARG D 264 -61.85 -29.57 107.58
N GLU D 265 -60.93 -29.26 106.64
CA GLU D 265 -61.25 -28.20 105.69
C GLU D 265 -62.18 -28.66 104.58
N LEU D 266 -62.43 -29.97 104.45
CA LEU D 266 -63.33 -30.45 103.42
C LEU D 266 -64.78 -30.42 103.90
N VAL D 267 -65.03 -30.84 105.14
CA VAL D 267 -66.41 -31.09 105.55
C VAL D 267 -67.19 -29.79 105.71
N GLU D 268 -66.67 -28.83 106.47
CA GLU D 268 -67.48 -27.64 106.75
C GLU D 268 -67.42 -26.57 105.66
N ARG D 269 -66.75 -26.82 104.54
CA ARG D 269 -66.66 -25.80 103.51
C ARG D 269 -67.38 -26.22 102.23
N PHE D 270 -67.31 -27.49 101.87
CA PHE D 270 -67.83 -27.96 100.60
C PHE D 270 -68.95 -28.99 100.71
N VAL D 271 -68.96 -29.81 101.76
CA VAL D 271 -70.03 -30.78 101.95
C VAL D 271 -71.27 -30.05 102.44
N PRO D 272 -72.40 -30.16 101.75
CA PRO D 272 -73.63 -29.54 102.25
C PRO D 272 -74.15 -30.25 103.49
N GLN D 273 -74.83 -29.46 104.34
CA GLN D 273 -75.37 -29.86 105.65
C GLN D 273 -74.33 -30.56 106.53
N LYS D 274 -73.09 -30.04 106.45
CA LYS D 274 -71.94 -30.31 107.30
C LYS D 274 -71.71 -31.75 107.77
N TRP D 275 -71.43 -31.91 109.07
CA TRP D 275 -70.85 -33.15 109.61
C TRP D 275 -71.89 -34.22 109.89
N GLN D 276 -72.72 -34.53 108.91
CA GLN D 276 -73.60 -35.67 108.90
C GLN D 276 -73.52 -36.46 107.61
N ASN D 277 -73.54 -35.76 106.46
CA ASN D 277 -73.55 -36.44 105.14
C ASN D 277 -72.37 -37.41 105.01
N VAL D 278 -71.26 -37.12 105.67
CA VAL D 278 -70.07 -37.97 105.58
C VAL D 278 -70.44 -39.41 105.86
N ARG D 279 -69.99 -40.32 104.98
CA ARG D 279 -70.15 -41.74 105.17
C ARG D 279 -68.81 -42.46 105.32
N ASN D 280 -67.92 -42.33 104.35
CA ASN D 280 -66.61 -42.98 104.37
C ASN D 280 -65.54 -41.95 104.06
N PHE D 281 -64.37 -42.07 104.70
CA PHE D 281 -63.14 -41.49 104.15
C PHE D 281 -62.17 -42.62 103.86
N TYR D 282 -62.08 -43.00 102.59
CA TYR D 282 -61.16 -44.04 102.17
C TYR D 282 -59.83 -43.44 101.76
N VAL D 283 -58.77 -43.88 102.44
CA VAL D 283 -57.41 -43.61 102.00
C VAL D 283 -57.05 -44.71 101.02
N LYS D 284 -56.24 -44.39 100.04
CA LYS D 284 -56.17 -45.27 98.88
C LYS D 284 -54.85 -45.12 98.14
N GLY D 285 -54.34 -46.23 97.62
CA GLY D 285 -53.30 -46.21 96.64
C GLY D 285 -53.91 -46.49 95.28
N PRO D 286 -53.26 -46.01 94.21
CA PRO D 286 -53.88 -46.11 92.87
C PRO D 286 -54.17 -47.53 92.40
N GLU D 287 -53.36 -48.51 92.81
CA GLU D 287 -53.52 -49.88 92.37
C GLU D 287 -53.78 -50.83 93.55
N THR D 288 -54.13 -50.28 94.71
CA THR D 288 -54.38 -51.08 95.90
C THR D 288 -55.83 -50.92 96.32
N ALA D 289 -56.18 -51.58 97.43
CA ALA D 289 -57.52 -51.48 97.98
C ALA D 289 -57.68 -50.18 98.76
N ALA D 290 -58.91 -49.90 99.16
CA ALA D 290 -59.25 -48.66 99.87
C ALA D 290 -59.33 -48.97 101.35
N LEU D 291 -58.41 -48.40 102.12
CA LEU D 291 -58.44 -48.57 103.58
C LEU D 291 -59.45 -47.58 104.17
N PRO D 292 -60.37 -48.03 105.00
CA PRO D 292 -61.45 -47.14 105.46
C PRO D 292 -61.09 -46.29 106.68
N ILE D 293 -61.74 -45.12 106.76
CA ILE D 293 -61.99 -44.42 108.01
C ILE D 293 -63.50 -44.24 108.04
N TYR D 294 -64.19 -45.10 108.79
CA TYR D 294 -65.63 -45.20 108.69
C TYR D 294 -66.28 -44.32 109.76
N GLN D 295 -67.28 -43.53 109.35
CA GLN D 295 -67.79 -42.48 110.21
C GLN D 295 -69.29 -42.59 110.44
N THR D 296 -69.86 -43.79 110.35
CA THR D 296 -71.32 -43.93 110.39
C THR D 296 -71.77 -44.72 111.61
N ASP D 297 -72.77 -44.18 112.29
CA ASP D 297 -73.74 -45.00 113.03
C ASP D 297 -75.11 -44.99 112.37
N GLU D 298 -75.39 -44.03 111.48
CA GLU D 298 -76.69 -43.78 110.91
C GLU D 298 -76.53 -43.37 109.45
N LEU D 299 -77.47 -43.80 108.60
CA LEU D 299 -77.37 -43.61 107.16
C LEU D 299 -78.53 -42.79 106.59
N TRP D 300 -79.21 -41.99 107.43
CA TRP D 300 -80.33 -41.17 106.96
C TRP D 300 -80.24 -39.78 107.59
N LEU D 301 -81.29 -38.97 107.50
CA LEU D 301 -81.24 -37.64 108.12
C LEU D 301 -82.29 -37.49 109.23
N ASP D 302 -83.57 -37.45 108.90
CA ASP D 302 -84.64 -37.65 109.87
C ASP D 302 -85.74 -38.40 109.15
N GLU D 303 -85.74 -38.25 107.83
CA GLU D 303 -86.75 -38.86 106.96
C GLU D 303 -86.32 -40.29 106.67
N SER D 304 -87.27 -41.20 106.88
CA SER D 304 -87.08 -42.63 106.70
C SER D 304 -88.45 -43.30 106.73
N GLU E 116 -27.98 -70.32 61.20
CA GLU E 116 -26.81 -71.16 61.37
C GLU E 116 -25.52 -70.38 61.14
N ILE E 117 -25.09 -69.65 62.18
CA ILE E 117 -23.82 -68.91 62.14
C ILE E 117 -22.85 -69.66 63.05
N LEU E 118 -21.60 -69.80 62.60
CA LEU E 118 -20.62 -70.64 63.28
C LEU E 118 -19.68 -69.85 64.19
N GLU E 119 -19.15 -68.73 63.69
CA GLU E 119 -18.29 -67.83 64.46
C GLU E 119 -19.15 -66.70 65.02
N PRO E 120 -19.18 -66.53 66.36
CA PRO E 120 -20.19 -65.66 67.00
C PRO E 120 -20.20 -64.19 66.60
N PHE E 121 -19.08 -63.60 66.19
CA PHE E 121 -19.05 -62.18 65.89
C PHE E 121 -18.30 -61.86 64.59
N VAL E 122 -18.56 -62.63 63.53
CA VAL E 122 -18.07 -62.31 62.20
C VAL E 122 -19.23 -62.38 61.21
N ASP E 123 -18.99 -61.82 60.02
CA ASP E 123 -20.02 -61.86 58.94
C ASP E 123 -20.02 -63.25 58.32
N PRO E 124 -21.19 -63.88 58.10
CA PRO E 124 -21.27 -65.20 57.45
C PRO E 124 -20.60 -65.16 56.08
N PRO E 125 -19.75 -66.14 55.78
CA PRO E 125 -19.06 -66.15 54.47
C PRO E 125 -20.04 -66.31 53.32
N ARG E 126 -19.71 -65.70 52.19
CA ARG E 126 -20.51 -65.79 50.99
C ARG E 126 -19.63 -65.61 49.75
N ASP E 134 -25.03 -68.44 32.37
CA ASP E 134 -25.10 -67.46 31.31
C ASP E 134 -23.72 -67.09 30.80
N ARG E 135 -22.83 -68.08 30.71
CA ARG E 135 -21.46 -67.89 30.27
C ARG E 135 -21.41 -68.17 28.77
N ASN E 136 -20.77 -67.27 28.02
CA ASN E 136 -20.74 -67.36 26.57
C ASN E 136 -19.38 -67.74 26.00
N TYR E 137 -18.38 -68.00 26.84
CA TYR E 137 -17.05 -68.33 26.37
C TYR E 137 -16.63 -69.70 26.86
N ARG E 138 -15.50 -70.19 26.31
CA ARG E 138 -14.89 -71.45 26.71
C ARG E 138 -13.45 -71.19 27.10
N ILE E 139 -13.00 -71.85 28.16
CA ILE E 139 -11.64 -71.69 28.66
C ILE E 139 -10.74 -72.62 27.84
N GLU E 140 -9.85 -72.03 27.05
CA GLU E 140 -8.91 -72.78 26.22
C GLU E 140 -7.52 -72.15 26.35
N LYS E 141 -6.50 -73.00 26.36
CA LYS E 141 -5.11 -72.56 26.40
C LYS E 141 -4.69 -72.07 25.02
N ASP E 142 -4.09 -70.88 24.97
CA ASP E 142 -3.69 -70.28 23.70
C ASP E 142 -2.33 -70.83 23.28
N ALA E 143 -1.79 -70.29 22.18
CA ALA E 143 -0.50 -70.75 21.67
C ALA E 143 0.65 -70.39 22.62
N ASN E 144 0.62 -69.18 23.19
CA ASN E 144 1.69 -68.77 24.08
C ASN E 144 1.60 -69.45 25.44
N GLY E 145 0.40 -69.69 25.94
CA GLY E 145 0.23 -70.36 27.21
C GLY E 145 -0.51 -69.56 28.25
N GLY E 146 -1.28 -68.56 27.80
CA GLY E 146 -2.08 -67.76 28.71
C GLY E 146 -3.53 -68.21 28.74
N ILE E 147 -4.45 -67.30 28.42
CA ILE E 147 -5.88 -67.59 28.43
C ILE E 147 -6.46 -67.21 27.07
N ARG E 148 -7.19 -68.15 26.46
CA ARG E 148 -7.91 -67.90 25.22
C ARG E 148 -9.38 -68.20 25.42
N TYR E 149 -10.23 -67.37 24.82
CA TYR E 149 -11.67 -67.47 24.95
C TYR E 149 -12.25 -67.95 23.63
N VAL E 150 -13.08 -68.98 23.69
CA VAL E 150 -13.75 -69.53 22.51
C VAL E 150 -15.24 -69.25 22.64
N TYR E 151 -15.78 -68.52 21.67
CA TYR E 151 -17.17 -68.11 21.68
C TYR E 151 -17.99 -69.01 20.76
N ASP E 152 -19.31 -68.81 20.80
CA ASP E 152 -20.20 -69.55 19.92
C ASP E 152 -19.99 -69.16 18.47
N GLU E 153 -19.86 -70.16 17.60
CA GLU E 153 -19.60 -69.90 16.20
C GLU E 153 -20.82 -69.29 15.52
N ILE E 154 -20.55 -68.48 14.49
CA ILE E 154 -21.60 -67.77 13.76
C ILE E 154 -21.97 -68.60 12.54
N ASP E 155 -23.24 -68.97 12.44
CA ASP E 155 -23.74 -69.60 11.23
C ASP E 155 -24.19 -68.57 10.20
N PRO E 156 -23.77 -68.68 8.95
CA PRO E 156 -24.16 -67.68 7.95
C PRO E 156 -25.53 -67.94 7.34
N VAL E 157 -26.57 -67.95 8.17
CA VAL E 157 -27.95 -68.08 7.69
C VAL E 157 -28.54 -66.68 7.57
N TYR E 158 -29.18 -66.43 6.45
CA TYR E 158 -29.70 -65.10 6.13
C TYR E 158 -30.93 -64.81 6.98
N ASP E 159 -30.99 -63.60 7.52
CA ASP E 159 -32.09 -63.24 8.40
C ASP E 159 -33.34 -62.88 7.58
N SER E 160 -34.49 -62.93 8.24
CA SER E 160 -35.76 -62.62 7.61
C SER E 160 -35.93 -61.14 7.31
N ASP E 161 -35.17 -60.26 7.97
CA ASP E 161 -35.23 -58.83 7.73
C ASP E 161 -34.16 -58.37 6.74
N ASP E 162 -33.33 -59.28 6.23
CA ASP E 162 -32.25 -58.91 5.33
C ASP E 162 -32.81 -58.50 3.97
N THR E 163 -32.01 -57.74 3.22
CA THR E 163 -32.32 -57.38 1.84
C THR E 163 -31.97 -58.48 0.86
N ASP E 164 -31.64 -59.68 1.37
CA ASP E 164 -31.31 -60.81 0.51
C ASP E 164 -32.08 -62.06 0.93
N TYR E 165 -33.15 -61.91 1.71
CA TYR E 165 -33.95 -63.04 2.15
C TYR E 165 -34.68 -63.69 0.99
N ASN E 166 -35.18 -62.90 0.05
CA ASN E 166 -35.88 -63.38 -1.14
C ASN E 166 -35.09 -62.98 -2.40
N VAL E 167 -34.07 -63.77 -2.72
CA VAL E 167 -33.22 -63.53 -3.87
C VAL E 167 -33.83 -64.25 -5.07
N PRO E 168 -34.00 -63.58 -6.21
CA PRO E 168 -34.68 -64.20 -7.34
C PRO E 168 -33.87 -65.32 -7.98
N VAL E 169 -34.55 -66.10 -8.82
CA VAL E 169 -33.99 -67.28 -9.45
C VAL E 169 -33.76 -67.05 -10.95
N ASN E 170 -33.64 -65.80 -11.37
CA ASN E 170 -33.42 -65.44 -12.76
C ASN E 170 -31.99 -64.92 -13.00
N THR E 171 -31.22 -64.77 -11.90
CA THR E 171 -29.81 -64.33 -11.84
C THR E 171 -29.47 -63.14 -12.74
N ILE E 172 -30.27 -62.08 -12.66
CA ILE E 172 -29.84 -60.78 -13.18
C ILE E 172 -30.06 -59.70 -12.13
N GLY E 173 -29.62 -58.49 -12.45
CA GLY E 173 -29.65 -57.33 -11.58
C GLY E 173 -30.57 -56.29 -12.19
N ASN E 174 -29.98 -55.23 -12.73
CA ASN E 174 -30.73 -54.08 -13.21
C ASN E 174 -30.70 -53.80 -14.72
N ILE E 175 -30.48 -54.76 -15.60
CA ILE E 175 -30.75 -54.42 -17.01
C ILE E 175 -32.26 -54.42 -17.23
N PRO E 176 -32.80 -53.59 -18.12
CA PRO E 176 -34.26 -53.60 -18.35
C PRO E 176 -34.70 -54.84 -19.13
N LEU E 177 -36.00 -54.91 -19.45
CA LEU E 177 -36.51 -56.02 -20.25
C LEU E 177 -36.31 -55.76 -21.74
N SER E 178 -35.66 -54.66 -22.10
CA SER E 178 -35.28 -54.42 -23.49
C SER E 178 -34.28 -55.47 -23.98
N PHE E 179 -33.49 -56.02 -23.07
CA PHE E 179 -32.76 -57.24 -23.38
C PHE E 179 -33.68 -58.44 -23.16
N TYR E 180 -33.44 -59.49 -23.95
CA TYR E 180 -34.16 -60.77 -23.98
C TYR E 180 -35.61 -60.66 -24.45
N ASP E 181 -36.00 -59.56 -25.12
CA ASP E 181 -37.37 -59.51 -25.64
C ASP E 181 -37.52 -60.41 -26.86
N SER E 182 -36.56 -60.34 -27.79
CA SER E 182 -36.64 -61.15 -29.01
C SER E 182 -36.40 -62.63 -28.69
N TYR E 183 -35.46 -62.92 -27.80
CA TYR E 183 -35.24 -64.29 -27.37
C TYR E 183 -36.42 -64.77 -26.52
N PRO E 184 -36.79 -66.05 -26.63
CA PRO E 184 -37.95 -66.54 -25.87
C PRO E 184 -37.73 -66.61 -24.37
N HIS E 185 -36.49 -66.51 -23.90
CA HIS E 185 -36.18 -66.66 -22.49
C HIS E 185 -35.90 -65.31 -21.84
N ILE E 186 -35.64 -65.34 -20.54
CA ILE E 186 -35.35 -64.14 -19.77
C ILE E 186 -34.11 -64.33 -18.92
N GLY E 187 -33.27 -65.29 -19.28
CA GLY E 187 -32.01 -65.53 -18.60
C GLY E 187 -31.82 -66.99 -18.23
N TYR E 188 -30.66 -67.26 -17.64
CA TYR E 188 -30.28 -68.59 -17.17
C TYR E 188 -30.61 -68.71 -15.68
N ASP E 189 -30.11 -69.77 -15.04
CA ASP E 189 -30.25 -69.98 -13.61
C ASP E 189 -28.88 -70.42 -13.07
N ILE E 190 -28.87 -70.90 -11.82
CA ILE E 190 -27.62 -71.26 -11.16
C ILE E 190 -26.93 -72.44 -11.87
N ASN E 191 -27.69 -73.49 -12.16
CA ASN E 191 -27.11 -74.67 -12.78
C ASN E 191 -26.77 -74.42 -14.24
N GLY E 192 -27.57 -73.62 -14.95
CA GLY E 192 -27.28 -73.28 -16.33
C GLY E 192 -28.37 -73.67 -17.30
N LYS E 193 -29.57 -73.91 -16.80
CA LYS E 193 -30.71 -74.25 -17.64
C LYS E 193 -31.46 -73.00 -18.06
N LYS E 194 -32.18 -73.10 -19.17
CA LYS E 194 -32.81 -71.94 -19.78
C LYS E 194 -34.14 -71.65 -19.09
N ILE E 195 -34.33 -70.40 -18.69
CA ILE E 195 -35.54 -69.99 -17.96
C ILE E 195 -36.49 -69.33 -18.94
N MET E 196 -37.58 -70.01 -19.26
CA MET E 196 -38.51 -69.56 -20.28
C MET E 196 -39.37 -68.41 -19.78
N ARG E 197 -39.87 -67.62 -20.73
CA ARG E 197 -40.87 -66.61 -20.41
C ARG E 197 -42.19 -67.30 -20.05
N PRO E 198 -42.83 -66.94 -18.93
CA PRO E 198 -44.05 -67.66 -18.55
C PRO E 198 -45.29 -67.26 -19.34
N ALA E 199 -45.38 -66.01 -19.78
CA ALA E 199 -46.54 -65.57 -20.55
C ALA E 199 -46.14 -64.45 -21.52
N LEU E 231 -68.88 -32.14 15.94
CA LEU E 231 -70.20 -31.57 15.69
C LEU E 231 -70.34 -31.15 14.23
N SER E 232 -69.93 -29.93 13.91
CA SER E 232 -70.02 -29.42 12.55
C SER E 232 -68.93 -30.05 11.67
N ARG E 233 -69.12 -29.88 10.35
CA ARG E 233 -68.22 -30.52 9.40
C ARG E 233 -66.88 -29.81 9.31
N ASP E 234 -66.86 -28.48 9.41
CA ASP E 234 -65.61 -27.73 9.27
C ASP E 234 -64.67 -27.99 10.44
N GLU E 235 -65.20 -28.00 11.66
CA GLU E 235 -64.38 -28.27 12.84
C GLU E 235 -63.83 -29.69 12.79
N LEU E 236 -64.65 -30.66 12.37
CA LEU E 236 -64.18 -32.03 12.25
C LEU E 236 -63.15 -32.17 11.14
N GLU E 237 -63.29 -31.40 10.06
CA GLU E 237 -62.28 -31.41 9.01
C GLU E 237 -60.94 -30.87 9.53
N LEU E 238 -60.99 -29.80 10.33
CA LEU E 238 -59.78 -29.27 10.95
C LEU E 238 -59.15 -30.29 11.90
N ILE E 239 -59.99 -30.97 12.70
CA ILE E 239 -59.51 -31.98 13.63
C ILE E 239 -58.87 -33.13 12.88
N ARG E 240 -59.47 -33.58 11.78
CA ARG E 240 -58.92 -34.69 11.01
C ARG E 240 -57.62 -34.28 10.32
N LYS E 241 -57.52 -33.02 9.90
CA LYS E 241 -56.26 -32.53 9.34
C LYS E 241 -55.12 -32.58 10.36
N VAL E 242 -55.34 -31.99 11.54
CA VAL E 242 -54.26 -31.97 12.53
C VAL E 242 -54.06 -33.34 13.15
N GLN E 243 -55.07 -34.22 13.09
CA GLN E 243 -54.89 -35.58 13.57
C GLN E 243 -54.07 -36.41 12.58
N GLN E 244 -54.34 -36.28 11.28
CA GLN E 244 -53.53 -36.92 10.26
C GLN E 244 -52.10 -36.40 10.27
N GLY E 245 -51.90 -35.17 10.77
CA GLY E 245 -50.55 -34.72 11.06
C GLY E 245 -49.90 -35.42 12.26
N LEU E 246 -50.66 -36.21 13.01
CA LEU E 246 -50.17 -36.85 14.24
C LEU E 246 -50.60 -38.30 14.34
N ILE E 247 -50.64 -39.02 13.22
CA ILE E 247 -50.97 -40.45 13.23
C ILE E 247 -49.69 -41.22 12.91
N PRO E 248 -49.06 -41.86 13.89
CA PRO E 248 -48.00 -42.84 13.60
C PRO E 248 -48.62 -44.20 13.30
N ASP E 249 -48.60 -44.59 12.02
CA ASP E 249 -49.22 -45.82 11.58
C ASP E 249 -48.25 -47.00 11.53
N ASP E 250 -47.00 -46.78 11.93
CA ASP E 250 -45.99 -47.84 11.89
C ASP E 250 -45.93 -48.62 13.20
N VAL E 251 -46.71 -48.24 14.21
CA VAL E 251 -46.71 -48.89 15.51
C VAL E 251 -48.11 -49.44 15.77
N GLU E 252 -48.15 -50.63 16.39
CA GLU E 252 -49.42 -51.29 16.72
C GLU E 252 -50.25 -50.45 17.68
N ASP E 253 -49.62 -49.95 18.75
CA ASP E 253 -50.32 -49.10 19.70
C ASP E 253 -49.70 -47.71 19.69
N PRO E 254 -50.27 -46.74 18.97
CA PRO E 254 -49.70 -45.40 18.95
C PRO E 254 -49.99 -44.58 20.20
N TYR E 255 -50.96 -44.98 21.00
CA TYR E 255 -51.39 -44.23 22.19
C TYR E 255 -51.46 -45.17 23.39
N PRO E 256 -50.31 -45.52 23.96
CA PRO E 256 -50.29 -46.44 25.10
C PRO E 256 -50.45 -45.67 26.41
N ASP E 257 -50.73 -46.43 27.46
CA ASP E 257 -50.85 -45.88 28.81
C ASP E 257 -49.46 -45.57 29.35
N THR E 258 -49.35 -44.48 30.10
CA THR E 258 -48.06 -44.09 30.66
C THR E 258 -47.71 -44.98 31.83
N VAL E 259 -46.51 -45.56 31.80
CA VAL E 259 -45.97 -46.35 32.90
C VAL E 259 -44.95 -45.50 33.63
N GLU E 260 -45.15 -45.30 34.92
CA GLU E 260 -44.29 -44.44 35.74
C GLU E 260 -43.10 -45.25 36.24
N TRP E 261 -42.15 -45.49 35.34
CA TRP E 261 -40.97 -46.25 35.71
C TRP E 261 -39.98 -45.48 36.56
N PHE E 262 -40.05 -44.15 36.55
CA PHE E 262 -39.16 -43.30 37.32
C PHE E 262 -39.83 -42.66 38.53
N THR E 263 -41.04 -42.14 38.37
CA THR E 263 -41.69 -41.40 39.44
C THR E 263 -42.41 -42.29 40.44
N SER E 264 -42.42 -43.61 40.23
CA SER E 264 -43.03 -44.50 41.20
C SER E 264 -42.18 -44.61 42.46
N VAL E 265 -40.86 -44.55 42.32
CA VAL E 265 -39.98 -44.56 43.47
C VAL E 265 -39.83 -43.13 43.98
N GLU E 266 -39.79 -42.97 45.30
CA GLU E 266 -39.80 -41.65 45.91
C GLU E 266 -38.39 -41.24 46.32
N GLU E 267 -38.07 -39.98 46.08
CA GLU E 267 -36.81 -39.42 46.54
C GLU E 267 -36.99 -38.84 47.94
N LYS E 268 -36.29 -39.43 48.90
CA LYS E 268 -36.47 -39.09 50.31
C LYS E 268 -35.61 -37.92 50.75
N MET E 269 -34.51 -37.68 50.09
CA MET E 269 -33.54 -36.63 50.39
C MET E 269 -33.53 -35.58 49.28
N PRO E 270 -33.07 -34.36 49.59
CA PRO E 270 -32.93 -33.34 48.54
C PRO E 270 -31.90 -33.74 47.51
N LEU E 271 -32.06 -33.17 46.31
CA LEU E 271 -31.13 -33.42 45.22
C LEU E 271 -29.81 -32.70 45.43
N SER E 272 -29.86 -31.52 46.03
CA SER E 272 -28.65 -30.74 46.25
C SER E 272 -28.03 -31.11 47.59
N ALA E 273 -26.75 -31.44 47.58
CA ALA E 273 -25.97 -31.63 48.78
C ALA E 273 -25.15 -30.40 49.14
N ALA E 274 -25.38 -29.30 48.43
CA ALA E 274 -24.68 -28.06 48.70
C ALA E 274 -25.07 -27.51 50.07
N PRO E 275 -24.16 -26.79 50.74
CA PRO E 275 -24.51 -26.22 52.04
C PRO E 275 -25.53 -25.11 51.92
N GLU E 276 -26.31 -24.92 52.99
CA GLU E 276 -27.26 -23.79 53.02
C GLU E 276 -26.47 -22.53 53.40
N PRO E 277 -26.57 -21.41 52.66
CA PRO E 277 -25.88 -20.18 53.05
C PRO E 277 -26.38 -19.67 54.41
N LYS E 278 -25.50 -19.04 55.18
CA LYS E 278 -25.85 -18.52 56.54
C LYS E 278 -26.93 -17.45 56.43
N ARG E 279 -27.10 -16.83 55.25
CA ARG E 279 -28.08 -15.72 55.05
C ARG E 279 -29.50 -16.20 55.33
N ARG E 280 -29.77 -17.50 55.22
CA ARG E 280 -31.15 -18.04 55.38
C ARG E 280 -31.48 -18.22 56.87
N PHE E 281 -30.53 -17.97 57.76
CA PHE E 281 -30.74 -18.17 59.23
C PHE E 281 -30.62 -16.84 59.97
N ILE E 282 -30.00 -15.84 59.34
CA ILE E 282 -29.76 -14.52 60.01
C ILE E 282 -30.69 -13.47 59.37
N PRO E 283 -31.03 -12.34 60.05
CA PRO E 283 -31.84 -11.30 59.42
C PRO E 283 -31.23 -10.76 58.14
N SER E 284 -32.08 -10.11 57.34
CA SER E 284 -31.72 -9.70 55.99
C SER E 284 -30.70 -8.57 56.01
N LYS E 285 -29.73 -8.65 55.09
CA LYS E 285 -28.69 -7.64 54.99
C LYS E 285 -29.06 -6.55 53.98
N ASN E 286 -29.79 -6.92 52.92
CA ASN E 286 -30.29 -5.93 51.98
C ASN E 286 -31.26 -4.97 52.66
N GLU E 287 -32.15 -5.50 53.51
CA GLU E 287 -33.05 -4.63 54.26
C GLU E 287 -32.30 -3.80 55.28
N ALA E 288 -31.20 -4.32 55.83
CA ALA E 288 -30.38 -3.51 56.73
C ALA E 288 -29.76 -2.33 56.00
N LYS E 289 -29.25 -2.57 54.78
CA LYS E 289 -28.70 -1.47 53.99
C LYS E 289 -29.78 -0.47 53.60
N GLN E 290 -30.96 -0.96 53.23
CA GLN E 290 -32.08 -0.07 52.88
C GLN E 290 -32.51 0.78 54.07
N ILE E 291 -32.56 0.16 55.26
CA ILE E 291 -32.97 0.88 56.46
C ILE E 291 -31.92 1.91 56.85
N MET E 292 -30.64 1.59 56.70
CA MET E 292 -29.61 2.57 56.99
C MET E 292 -29.63 3.73 55.98
N LYS E 293 -29.94 3.44 54.72
CA LYS E 293 -30.11 4.49 53.73
C LYS E 293 -31.29 5.38 54.09
N LEU E 294 -32.38 4.79 54.58
CA LEU E 294 -33.53 5.58 55.04
C LEU E 294 -33.17 6.41 56.26
N VAL E 295 -32.37 5.87 57.16
CA VAL E 295 -31.94 6.61 58.35
C VAL E 295 -31.10 7.82 57.95
N ARG E 296 -30.18 7.63 57.00
CA ARG E 296 -29.39 8.75 56.47
C ARG E 296 -30.29 9.79 55.80
N ALA E 297 -31.35 9.33 55.13
CA ALA E 297 -32.28 10.27 54.45
C ALA E 297 -33.08 11.07 55.49
N ILE E 298 -33.53 10.42 56.56
CA ILE E 298 -34.29 11.14 57.64
C ILE E 298 -33.33 12.13 58.31
N ARG E 299 -32.06 11.75 58.51
CA ARG E 299 -31.15 12.65 59.21
C ARG E 299 -30.83 13.89 58.38
N GLU E 300 -30.85 13.77 57.06
CA GLU E 300 -30.70 14.93 56.19
C GLU E 300 -32.00 15.68 55.98
N GLY E 301 -33.09 15.16 56.55
CA GLY E 301 -34.41 15.82 56.43
C GLY E 301 -34.99 15.67 55.04
N ARG E 302 -34.34 14.88 54.18
CA ARG E 302 -34.80 14.69 52.78
C ARG E 302 -36.19 14.05 52.78
N ILE E 303 -36.42 13.04 53.63
CA ILE E 303 -37.74 12.33 53.66
C ILE E 303 -38.42 12.57 55.02
N LEU E 304 -39.74 12.39 55.07
CA LEU E 304 -40.52 12.61 56.32
C LEU E 304 -40.45 11.34 57.18
N PRO E 305 -40.36 11.44 58.53
CA PRO E 305 -40.34 10.26 59.41
C PRO E 305 -41.65 9.47 59.52
N TYR E 306 -41.71 8.50 60.44
CA TYR E 306 -42.88 7.64 60.60
C TYR E 306 -43.92 8.29 61.50
N LYS E 307 -45.17 8.29 61.03
CA LYS E 307 -46.33 8.66 61.83
C LYS E 307 -47.33 7.51 61.74
N PRO E 308 -47.85 7.03 62.86
CA PRO E 308 -48.84 5.93 62.82
C PRO E 308 -50.12 6.39 62.14
N PRO E 309 -50.87 5.46 61.52
CA PRO E 309 -51.97 5.87 60.63
C PRO E 309 -53.11 6.63 61.30
N GLU E 310 -53.34 6.44 62.60
CA GLU E 310 -54.39 7.20 63.27
C GLU E 310 -54.03 8.68 63.36
N GLU E 311 -52.74 9.00 63.50
CA GLU E 311 -52.30 10.39 63.47
C GLU E 311 -52.55 11.02 62.09
N ARG E 312 -52.28 10.27 61.02
CA ARG E 312 -52.57 10.76 59.68
C ARG E 312 -54.06 10.89 59.44
N GLU E 313 -54.87 10.05 60.09
CA GLU E 313 -56.32 10.17 59.94
C GLU E 313 -56.86 11.39 60.67
N ARG E 314 -56.41 11.63 61.91
CA ARG E 314 -56.91 12.79 62.64
C ARG E 314 -56.32 14.10 62.12
N GLU E 315 -55.14 14.06 61.51
CA GLU E 315 -54.60 15.27 60.89
C GLU E 315 -55.40 15.64 59.63
N GLU E 316 -55.85 14.65 58.89
CA GLU E 316 -56.63 14.88 57.68
C GLU E 316 -58.05 14.36 57.83
N PHE E 323 -57.07 29.28 53.27
CA PHE E 323 -57.83 30.01 52.25
C PHE E 323 -57.06 31.21 51.73
N TYR E 324 -57.03 31.35 50.40
CA TYR E 324 -56.43 32.49 49.73
C TYR E 324 -57.52 33.28 49.02
N ASP E 325 -57.30 34.60 48.92
CA ASP E 325 -58.32 35.49 48.38
C ASP E 325 -58.52 35.23 46.88
N LEU E 326 -59.79 35.22 46.47
CA LEU E 326 -60.09 34.99 45.06
C LEU E 326 -59.81 36.23 44.23
N TRP E 327 -60.08 37.41 44.78
CA TRP E 327 -59.78 38.67 44.11
C TRP E 327 -58.44 39.23 44.62
N GLN E 328 -57.38 38.49 44.34
CA GLN E 328 -56.04 38.98 44.68
C GLN E 328 -55.62 40.12 43.75
N ASN E 329 -55.84 39.96 42.45
CA ASN E 329 -55.53 40.99 41.46
C ASN E 329 -56.81 41.24 40.66
N GLU E 330 -57.63 42.19 41.13
CA GLU E 330 -58.93 42.46 40.55
C GLU E 330 -58.84 43.65 39.61
N GLU E 331 -59.32 43.46 38.38
CA GLU E 331 -59.45 44.53 37.40
C GLU E 331 -60.84 44.47 36.79
N PRO E 332 -61.41 45.61 36.40
CA PRO E 332 -62.72 45.59 35.74
C PRO E 332 -62.65 44.91 34.39
N GLN E 333 -63.72 44.18 34.06
CA GLN E 333 -63.82 43.46 32.80
C GLN E 333 -65.13 43.82 32.12
N PRO E 334 -65.09 44.24 30.85
CA PRO E 334 -66.33 44.60 30.15
C PRO E 334 -67.16 43.37 29.84
N PRO E 335 -68.47 43.43 30.09
CA PRO E 335 -69.34 42.28 29.77
C PRO E 335 -69.59 42.21 28.27
N ASN E 336 -69.25 41.07 27.68
CA ASN E 336 -69.51 40.87 26.27
C ASN E 336 -71.01 40.71 26.03
N PRO E 337 -71.53 41.16 24.88
CA PRO E 337 -72.99 41.21 24.70
C PRO E 337 -73.67 39.85 24.57
N MET E 338 -72.93 38.76 24.30
CA MET E 338 -73.60 37.49 24.05
C MET E 338 -74.08 36.82 25.33
N HIS E 339 -73.34 36.95 26.43
CA HIS E 339 -73.78 36.40 27.71
C HIS E 339 -75.00 37.16 28.21
N ILE E 340 -76.14 36.47 28.27
CA ILE E 340 -77.40 37.03 28.75
C ILE E 340 -77.61 36.49 30.16
N PRO E 341 -77.54 37.34 31.19
CA PRO E 341 -77.76 36.85 32.56
C PRO E 341 -79.21 36.45 32.79
N ALA E 342 -79.39 35.50 33.70
CA ALA E 342 -80.73 35.06 34.05
C ALA E 342 -81.46 36.17 34.82
N PRO E 343 -82.72 36.42 34.49
CA PRO E 343 -83.47 37.47 35.22
C PRO E 343 -83.70 37.07 36.67
N LYS E 344 -83.70 38.07 37.54
CA LYS E 344 -83.91 37.82 38.96
C LYS E 344 -85.38 37.49 39.24
N LEU E 345 -85.61 36.89 40.41
CA LEU E 345 -86.97 36.55 40.80
C LEU E 345 -87.76 37.83 41.11
N PRO E 346 -89.07 37.83 40.84
CA PRO E 346 -89.86 39.02 41.12
C PRO E 346 -89.97 39.27 42.60
N PRO E 347 -90.14 40.53 43.02
CA PRO E 347 -90.31 40.82 44.44
C PRO E 347 -91.63 40.28 44.94
N PRO E 348 -91.72 39.97 46.24
CA PRO E 348 -92.98 39.42 46.79
C PRO E 348 -94.09 40.46 46.77
N GLY E 349 -95.24 40.07 46.23
CA GLY E 349 -96.39 40.95 46.18
C GLY E 349 -97.14 40.98 47.50
N TYR E 350 -98.18 41.83 47.53
CA TYR E 350 -99.00 41.98 48.73
C TYR E 350 -99.92 40.80 48.96
N ASP E 351 -100.14 39.96 47.95
CA ASP E 351 -101.09 38.86 48.01
C ASP E 351 -100.54 37.63 48.74
N LEU E 352 -99.26 37.66 49.13
CA LEU E 352 -98.59 36.48 49.66
C LEU E 352 -98.28 36.60 51.15
N SER E 353 -98.96 37.48 51.87
CA SER E 353 -98.86 37.49 53.32
C SER E 353 -99.91 36.58 53.93
N TYR E 354 -99.54 35.91 55.03
CA TYR E 354 -100.46 35.02 55.74
C TYR E 354 -101.39 35.75 56.69
N ASN E 355 -101.25 37.06 56.83
CA ASN E 355 -102.26 37.90 57.48
C ASN E 355 -102.56 39.08 56.56
N PRO E 356 -103.30 38.85 55.48
CA PRO E 356 -103.52 39.90 54.49
C PRO E 356 -104.74 40.74 54.84
N PRO E 357 -104.88 41.91 54.22
CA PRO E 357 -106.08 42.73 54.46
C PRO E 357 -107.32 42.01 53.98
N PRO E 358 -108.49 42.36 54.53
CA PRO E 358 -109.73 41.66 54.14
C PRO E 358 -110.12 41.84 52.68
N GLU E 359 -109.59 42.85 51.99
CA GLU E 359 -109.79 42.94 50.55
C GLU E 359 -109.08 41.81 49.82
N TYR E 360 -107.96 41.34 50.36
CA TYR E 360 -107.17 40.30 49.69
C TYR E 360 -107.68 38.90 49.94
N LEU E 361 -108.58 38.70 50.91
CA LEU E 361 -109.09 37.36 51.19
C LEU E 361 -110.01 36.88 50.08
N PRO E 362 -109.72 35.75 49.44
CA PRO E 362 -110.67 35.17 48.49
C PRO E 362 -111.82 34.49 49.21
N THR E 363 -112.93 34.33 48.49
CA THR E 363 -114.08 33.65 49.05
C THR E 363 -113.82 32.15 49.15
N LYS E 364 -114.66 31.47 49.93
CA LYS E 364 -114.51 30.03 50.11
C LYS E 364 -114.83 29.26 48.84
N GLU E 365 -115.74 29.78 48.00
CA GLU E 365 -116.01 29.16 46.71
C GLU E 365 -114.79 29.23 45.80
N GLU E 366 -114.08 30.36 45.83
CA GLU E 366 -112.84 30.47 45.06
C GLU E 366 -111.78 29.52 45.59
N ARG E 367 -111.71 29.33 46.91
CA ARG E 367 -110.78 28.36 47.48
C ARG E 367 -111.11 26.93 47.06
N GLU E 368 -112.40 26.59 47.01
CA GLU E 368 -112.79 25.27 46.54
C GLU E 368 -112.48 25.07 45.06
N GLU E 369 -112.73 26.10 44.24
CA GLU E 369 -112.40 26.02 42.82
C GLU E 369 -110.89 25.93 42.61
N TRP E 370 -110.12 26.55 43.50
CA TRP E 370 -108.67 26.42 43.45
C TRP E 370 -108.22 25.02 43.87
N GLU E 371 -108.92 24.43 44.84
CA GLU E 371 -108.60 23.06 45.23
C GLU E 371 -109.09 22.05 44.20
N LYS E 372 -109.94 22.48 43.25
CA LYS E 372 -110.50 21.52 42.31
C LYS E 372 -109.59 21.23 41.11
N MET E 373 -109.26 22.23 40.30
CA MET E 373 -108.65 21.91 39.02
C MET E 373 -107.15 21.62 39.17
N ASP E 374 -106.54 21.21 38.07
CA ASP E 374 -105.22 20.57 38.11
C ASP E 374 -104.11 21.57 38.40
N PRO E 375 -103.02 21.12 39.01
CA PRO E 375 -101.85 21.99 39.18
C PRO E 375 -101.18 22.30 37.86
N GLU E 376 -100.40 23.39 37.84
CA GLU E 376 -99.72 23.95 36.69
C GLU E 376 -100.68 24.41 35.58
N ASP E 377 -101.97 24.50 35.88
CA ASP E 377 -102.96 25.11 35.00
C ASP E 377 -103.34 26.51 35.47
N ARG E 378 -102.56 27.10 36.36
CA ARG E 378 -102.92 28.32 37.05
C ARG E 378 -102.04 29.48 36.59
N GLU E 379 -102.67 30.65 36.43
CA GLU E 379 -101.90 31.87 36.22
C GLU E 379 -101.09 32.22 37.46
N LYS E 380 -101.66 32.00 38.64
CA LYS E 380 -101.02 32.32 39.91
C LYS E 380 -101.04 31.07 40.78
N ASP E 381 -99.94 30.77 41.44
CA ASP E 381 -99.83 29.52 42.18
C ASP E 381 -100.21 29.63 43.66
N TYR E 382 -100.56 30.82 44.15
CA TYR E 382 -100.84 30.96 45.57
C TYR E 382 -102.13 31.73 45.83
N LEU E 383 -102.82 31.35 46.90
CA LEU E 383 -103.93 32.09 47.45
C LEU E 383 -103.63 32.45 48.91
N PRO E 384 -103.99 33.66 49.34
CA PRO E 384 -103.69 34.05 50.72
C PRO E 384 -104.63 33.36 51.71
N THR E 385 -104.05 32.91 52.82
CA THR E 385 -104.79 32.27 53.90
C THR E 385 -104.45 32.95 55.22
N LYS E 386 -105.49 33.39 55.92
CA LYS E 386 -105.36 34.13 57.17
C LYS E 386 -105.03 33.19 58.31
N TYR E 387 -104.04 33.57 59.12
CA TYR E 387 -103.64 32.81 60.29
C TYR E 387 -103.54 33.73 61.49
N ASP E 388 -103.85 33.18 62.67
CA ASP E 388 -103.84 33.94 63.90
C ASP E 388 -102.51 33.89 64.65
N SER E 389 -101.66 32.91 64.34
CA SER E 389 -100.38 32.77 65.03
C SER E 389 -99.41 32.07 64.11
N LEU E 390 -98.11 32.17 64.46
CA LEU E 390 -97.08 31.52 63.65
C LEU E 390 -97.09 30.02 63.83
N ARG E 391 -97.55 29.53 64.99
CA ARG E 391 -97.67 28.09 65.18
C ARG E 391 -98.76 27.49 64.30
N LYS E 392 -99.76 28.30 63.93
CA LYS E 392 -100.82 27.83 63.04
C LYS E 392 -100.36 27.73 61.59
N VAL E 393 -99.23 28.34 61.24
CA VAL E 393 -98.74 28.33 59.86
C VAL E 393 -98.02 27.02 59.59
N PRO E 394 -98.47 26.21 58.63
CA PRO E 394 -97.75 25.00 58.26
C PRO E 394 -96.73 25.27 57.16
N ALA E 395 -96.02 24.22 56.78
CA ALA E 395 -95.02 24.31 55.72
C ALA E 395 -95.49 23.57 54.48
N TRP E 396 -95.42 24.26 53.35
CA TRP E 396 -95.83 23.67 52.09
C TRP E 396 -94.62 22.97 51.47
N GLY E 397 -94.79 21.69 51.12
CA GLY E 397 -93.63 20.83 50.86
C GLY E 397 -93.17 20.84 49.41
N ASN E 398 -94.12 21.03 48.49
CA ASN E 398 -93.90 21.20 47.06
C ASN E 398 -92.98 22.41 46.78
N PHE E 399 -92.76 23.25 47.81
CA PHE E 399 -91.63 24.17 47.89
C PHE E 399 -90.39 23.59 47.22
N VAL E 400 -89.93 22.43 47.71
CA VAL E 400 -88.70 21.83 47.18
C VAL E 400 -88.83 21.63 45.68
N LYS E 401 -89.92 21.01 45.25
CA LYS E 401 -90.11 20.73 43.83
C LYS E 401 -90.21 22.02 43.03
N GLU E 402 -90.97 23.01 43.52
CA GLU E 402 -91.08 24.23 42.71
C GLU E 402 -89.75 24.96 42.73
N ARG E 403 -89.05 24.88 43.87
CA ARG E 403 -87.70 25.40 43.92
C ARG E 403 -86.85 24.62 42.93
N PHE E 404 -86.96 23.28 42.98
CA PHE E 404 -86.31 22.42 42.00
C PHE E 404 -86.70 22.81 40.59
N GLU E 405 -88.00 23.15 40.41
CA GLU E 405 -88.50 23.55 39.10
C GLU E 405 -87.70 24.73 38.55
N ARG E 406 -87.52 25.78 39.37
CA ARG E 406 -86.89 26.96 38.83
C ARG E 406 -85.42 26.71 38.51
N CYS E 407 -84.79 25.72 39.20
CA CYS E 407 -83.40 25.43 38.88
C CYS E 407 -83.23 25.00 37.44
N MET E 408 -84.05 24.06 36.95
CA MET E 408 -83.81 23.70 35.56
C MET E 408 -84.32 24.78 34.62
N ASP E 409 -85.20 25.68 35.12
CA ASP E 409 -85.45 26.93 34.42
C ASP E 409 -84.13 27.61 34.05
N LEU E 410 -83.31 27.96 35.06
CA LEU E 410 -82.11 28.73 34.78
C LEU E 410 -81.08 27.93 33.98
N TYR E 411 -81.37 26.67 33.67
CA TYR E 411 -80.40 25.90 32.90
C TYR E 411 -81.05 25.06 31.81
N LEU E 412 -82.39 25.14 31.65
CA LEU E 412 -83.00 24.48 30.50
C LEU E 412 -84.10 25.29 29.85
N ALA E 413 -84.59 26.36 30.48
CA ALA E 413 -85.38 27.34 29.76
C ALA E 413 -84.46 28.41 29.22
N PRO E 414 -84.26 28.46 27.90
CA PRO E 414 -83.30 29.41 27.33
C PRO E 414 -83.73 30.85 27.51
N ARG E 415 -82.73 31.73 27.59
CA ARG E 415 -82.92 33.14 27.89
C ARG E 415 -82.89 33.94 26.60
N VAL E 416 -83.93 34.73 26.36
CA VAL E 416 -84.05 35.57 25.17
C VAL E 416 -83.97 37.01 25.60
N ARG E 417 -83.04 37.75 25.00
CA ARG E 417 -82.86 39.17 25.31
C ARG E 417 -83.99 40.00 24.72
N GLN F 111 12.56 -43.08 80.98
CA GLN F 111 13.09 -42.05 80.10
C GLN F 111 12.00 -41.07 79.70
N GLU F 112 12.33 -39.77 79.74
CA GLU F 112 11.38 -38.71 79.42
C GLU F 112 11.64 -38.17 78.02
N PHE F 113 10.68 -37.38 77.53
CA PHE F 113 10.71 -36.90 76.15
C PHE F 113 11.85 -35.92 75.88
N SER F 114 12.40 -35.29 76.93
CA SER F 114 13.49 -34.35 76.74
C SER F 114 14.83 -35.03 76.53
N GLU F 115 14.91 -36.35 76.72
CA GLU F 115 16.19 -37.06 76.61
C GLU F 115 16.68 -37.14 75.17
N LEU F 116 15.79 -37.49 74.24
CA LEU F 116 16.19 -37.56 72.84
C LEU F 116 16.37 -36.16 72.29
N ASN F 117 17.27 -36.02 71.32
CA ASN F 117 17.56 -34.72 70.70
C ASN F 117 16.55 -34.49 69.58
N LEU F 118 15.31 -34.23 69.98
CA LEU F 118 14.28 -33.84 69.04
C LEU F 118 14.45 -32.36 68.68
N SER F 119 13.75 -31.94 67.63
CA SER F 119 13.73 -30.52 67.30
C SER F 119 12.96 -29.76 68.36
N GLU F 120 13.27 -28.46 68.48
CA GLU F 120 12.64 -27.64 69.52
C GLU F 120 11.15 -27.46 69.26
N LYS F 121 10.75 -27.50 67.98
CA LYS F 121 9.32 -27.43 67.65
C LYS F 121 8.57 -28.66 68.14
N THR F 122 9.16 -29.84 67.95
CA THR F 122 8.53 -31.07 68.39
C THR F 122 8.48 -31.17 69.92
N THR F 123 9.56 -30.75 70.59
CA THR F 123 9.57 -30.77 72.08
C THR F 123 8.46 -29.85 72.61
N LYS F 124 8.33 -28.65 72.04
CA LYS F 124 7.32 -27.67 72.51
C LYS F 124 5.91 -28.24 72.31
N ALA F 125 5.66 -28.89 71.16
CA ALA F 125 4.32 -29.44 70.86
C ALA F 125 3.96 -30.54 71.87
N ILE F 126 4.91 -31.45 72.15
CA ILE F 126 4.65 -32.56 73.13
C ILE F 126 4.43 -31.95 74.52
N ALA F 127 5.19 -30.90 74.86
CA ALA F 127 5.03 -30.22 76.17
C ALA F 127 3.60 -29.66 76.29
N GLU F 128 3.08 -29.08 75.21
CA GLU F 128 1.71 -28.52 75.22
C GLU F 128 0.69 -29.65 75.37
N MET F 129 0.92 -30.80 74.72
CA MET F 129 0.02 -31.97 74.89
C MET F 129 -0.03 -32.35 76.38
N GLY F 130 1.10 -32.21 77.08
CA GLY F 130 1.16 -32.55 78.51
C GLY F 130 1.88 -33.87 78.74
N PHE F 131 2.45 -34.45 77.68
CA PHE F 131 3.14 -35.75 77.81
C PHE F 131 4.59 -35.54 78.22
N THR F 132 4.97 -36.03 79.40
CA THR F 132 6.36 -35.95 79.84
C THR F 132 7.00 -37.30 80.07
N LYS F 133 6.20 -38.36 80.18
CA LYS F 133 6.71 -39.71 80.31
C LYS F 133 6.12 -40.59 79.22
N MET F 134 6.91 -41.55 78.76
CA MET F 134 6.51 -42.44 77.69
C MET F 134 5.98 -43.76 78.24
N THR F 135 5.32 -44.51 77.37
CA THR F 135 5.00 -45.90 77.62
C THR F 135 6.19 -46.75 77.14
N GLU F 136 6.01 -48.06 77.10
CA GLU F 136 7.09 -48.93 76.65
C GLU F 136 7.25 -48.86 75.13
N ILE F 137 6.13 -48.79 74.39
CA ILE F 137 6.20 -48.85 72.93
C ILE F 137 6.84 -47.59 72.36
N GLN F 138 6.57 -46.42 72.95
CA GLN F 138 7.21 -45.20 72.47
C GLN F 138 8.70 -45.22 72.76
N ARG F 139 9.07 -45.55 74.00
CA ARG F 139 10.48 -45.61 74.42
C ARG F 139 11.27 -46.65 73.66
N ARG F 140 10.63 -47.71 73.17
CA ARG F 140 11.31 -48.77 72.46
C ARG F 140 11.18 -48.67 70.95
N ALA F 141 10.32 -47.80 70.42
CA ALA F 141 10.16 -47.65 68.98
C ALA F 141 10.71 -46.36 68.42
N ILE F 142 10.57 -45.24 69.14
CA ILE F 142 11.01 -43.94 68.63
C ILE F 142 12.53 -43.86 68.43
N PRO F 143 13.40 -44.28 69.37
CA PRO F 143 14.86 -44.22 69.08
C PRO F 143 15.31 -45.12 67.94
N PRO F 144 14.82 -46.37 67.79
CA PRO F 144 15.23 -47.12 66.58
C PRO F 144 14.65 -46.57 65.30
N ALA F 145 13.43 -46.01 65.33
CA ALA F 145 12.83 -45.50 64.11
C ALA F 145 13.45 -44.18 63.67
N LEU F 146 13.96 -43.39 64.61
CA LEU F 146 14.72 -42.21 64.23
C LEU F 146 16.06 -42.56 63.60
N ALA F 147 16.56 -43.78 63.84
CA ALA F 147 17.80 -44.23 63.24
C ALA F 147 17.62 -44.78 61.82
N GLY F 148 16.39 -44.89 61.35
CA GLY F 148 16.12 -45.36 60.01
C GLY F 148 15.82 -46.84 59.86
N LYS F 149 15.57 -47.54 60.95
CA LYS F 149 15.29 -48.97 60.91
C LYS F 149 13.78 -49.21 60.82
N ASP F 150 13.40 -50.17 59.98
CA ASP F 150 12.00 -50.57 59.89
C ASP F 150 11.57 -51.27 61.17
N VAL F 151 10.30 -51.07 61.53
CA VAL F 151 9.80 -51.48 62.84
C VAL F 151 8.61 -52.40 62.67
N LEU F 152 8.63 -53.54 63.34
CA LEU F 152 7.51 -54.47 63.43
C LEU F 152 7.03 -54.46 64.87
N GLY F 153 5.76 -54.13 65.07
CA GLY F 153 5.26 -53.96 66.42
C GLY F 153 4.17 -54.91 66.81
N ALA F 154 3.93 -55.03 68.12
CA ALA F 154 2.90 -55.90 68.67
C ALA F 154 2.13 -55.19 69.77
N ALA F 155 1.99 -53.87 69.65
CA ALA F 155 1.26 -53.09 70.63
C ALA F 155 -0.20 -52.97 70.24
N LYS F 156 -1.05 -52.78 71.24
CA LYS F 156 -2.48 -52.66 71.03
C LYS F 156 -2.90 -51.18 71.01
N THR F 157 -4.19 -50.97 70.81
CA THR F 157 -4.72 -49.62 70.71
C THR F 157 -4.83 -48.98 72.09
N GLY F 158 -4.10 -47.89 72.29
CA GLY F 158 -4.20 -47.16 73.54
C GLY F 158 -2.92 -47.11 74.34
N SER F 159 -1.91 -47.87 73.91
CA SER F 159 -0.60 -47.76 74.53
C SER F 159 0.01 -46.38 74.31
N GLY F 160 -0.16 -45.83 73.11
CA GLY F 160 0.49 -44.59 72.73
C GLY F 160 1.29 -44.77 71.45
N LYS F 161 0.88 -45.74 70.64
CA LYS F 161 1.56 -46.03 69.37
C LYS F 161 1.44 -44.88 68.38
N THR F 162 0.41 -44.02 68.53
CA THR F 162 0.21 -42.92 67.60
C THR F 162 1.40 -41.96 67.61
N LEU F 163 1.82 -41.53 68.79
CA LEU F 163 3.04 -40.73 68.89
C LEU F 163 4.26 -41.53 68.48
N ALA F 164 4.24 -42.85 68.72
CA ALA F 164 5.40 -43.69 68.40
C ALA F 164 5.65 -43.76 66.90
N PHE F 165 4.62 -43.67 66.06
CA PHE F 165 4.88 -43.56 64.64
C PHE F 165 4.79 -42.14 64.09
N LEU F 166 4.29 -41.18 64.86
CA LEU F 166 4.20 -39.83 64.36
C LEU F 166 5.43 -38.98 64.66
N ILE F 167 6.16 -39.27 65.73
CA ILE F 167 7.40 -38.54 66.01
C ILE F 167 8.46 -38.74 64.93
N PRO F 168 8.80 -39.98 64.50
CA PRO F 168 9.79 -40.10 63.42
C PRO F 168 9.34 -39.50 62.09
N ALA F 169 8.05 -39.56 61.77
CA ALA F 169 7.56 -38.98 60.52
C ALA F 169 7.67 -37.46 60.54
N VAL F 170 7.30 -36.84 61.66
CA VAL F 170 7.40 -35.39 61.80
C VAL F 170 8.87 -34.96 61.77
N GLU F 171 9.73 -35.72 62.44
CA GLU F 171 11.16 -35.41 62.44
C GLU F 171 11.76 -35.54 61.05
N MET F 172 11.38 -36.56 60.28
CA MET F 172 11.86 -36.72 58.92
C MET F 172 11.37 -35.59 58.03
N LEU F 173 10.09 -35.22 58.16
CA LEU F 173 9.52 -34.16 57.33
C LEU F 173 10.15 -32.81 57.63
N SER F 174 10.43 -32.53 58.91
CA SER F 174 11.09 -31.28 59.28
C SER F 174 12.57 -31.27 58.92
N SER F 175 13.27 -32.41 59.04
CA SER F 175 14.70 -32.46 58.80
C SER F 175 15.04 -32.33 57.32
N LEU F 176 14.20 -32.89 56.46
CA LEU F 176 14.42 -32.82 54.98
C LEU F 176 13.78 -31.53 54.45
N ARG F 177 13.20 -30.71 55.34
CA ARG F 177 12.57 -29.41 54.93
C ARG F 177 11.55 -29.66 53.81
N PHE F 178 10.48 -30.41 54.09
CA PHE F 178 9.45 -30.65 53.10
C PHE F 178 8.59 -29.42 52.91
N LYS F 179 8.10 -29.24 51.68
CA LYS F 179 7.25 -28.14 51.28
C LYS F 179 5.99 -28.69 50.63
N PRO F 180 4.92 -27.89 50.54
CA PRO F 180 3.69 -28.37 49.88
C PRO F 180 3.88 -28.76 48.41
N ARG F 181 4.90 -28.23 47.73
CA ARG F 181 5.16 -28.64 46.35
C ARG F 181 5.87 -29.99 46.26
N ASN F 182 6.25 -30.59 47.39
CA ASN F 182 6.95 -31.86 47.41
C ASN F 182 6.05 -33.07 47.58
N GLY F 183 4.74 -32.87 47.75
CA GLY F 183 3.83 -33.99 47.88
C GLY F 183 3.97 -34.71 49.22
N THR F 184 3.57 -35.98 49.20
CA THR F 184 3.56 -36.79 50.41
C THR F 184 4.96 -37.26 50.77
N GLY F 185 5.29 -37.13 52.05
CA GLY F 185 6.54 -37.66 52.56
C GLY F 185 6.31 -38.89 53.41
N ALA F 186 5.22 -38.91 54.17
CA ALA F 186 4.87 -40.02 55.04
C ALA F 186 3.39 -40.34 54.88
N ILE F 187 3.08 -41.65 54.85
CA ILE F 187 1.71 -42.13 54.66
C ILE F 187 1.38 -43.08 55.80
N VAL F 188 0.31 -42.77 56.52
CA VAL F 188 -0.17 -43.59 57.63
C VAL F 188 -1.50 -44.23 57.21
N VAL F 189 -1.51 -45.55 57.08
CA VAL F 189 -2.69 -46.28 56.63
C VAL F 189 -3.43 -46.83 57.86
N THR F 190 -4.71 -46.49 57.98
CA THR F 190 -5.53 -46.88 59.11
C THR F 190 -6.75 -47.68 58.64
N PRO F 191 -7.28 -48.60 59.46
CA PRO F 191 -8.42 -49.40 59.00
C PRO F 191 -9.71 -48.61 58.80
N THR F 192 -10.11 -47.81 59.78
CA THR F 192 -11.40 -47.13 59.75
C THR F 192 -11.19 -45.62 59.67
N ARG F 193 -12.27 -44.91 59.37
CA ARG F 193 -12.23 -43.46 59.22
C ARG F 193 -12.09 -42.72 60.55
N GLU F 194 -12.69 -43.23 61.62
CA GLU F 194 -12.59 -42.57 62.92
C GLU F 194 -11.21 -42.70 63.55
N LEU F 195 -10.55 -43.84 63.35
CA LEU F 195 -9.15 -43.97 63.76
C LEU F 195 -8.27 -43.01 62.99
N ALA F 196 -8.54 -42.86 61.68
CA ALA F 196 -7.80 -41.90 60.87
C ALA F 196 -8.02 -40.48 61.34
N LEU F 197 -9.23 -40.15 61.75
CA LEU F 197 -9.51 -38.82 62.28
C LEU F 197 -8.85 -38.59 63.64
N GLN F 198 -8.77 -39.62 64.49
CA GLN F 198 -8.05 -39.49 65.75
C GLN F 198 -6.56 -39.24 65.51
N ILE F 199 -5.97 -40.02 64.59
CA ILE F 199 -4.56 -39.81 64.24
C ILE F 199 -4.36 -38.44 63.59
N PHE F 200 -5.35 -37.97 62.81
CA PHE F 200 -5.27 -36.63 62.23
C PHE F 200 -5.30 -35.55 63.31
N GLY F 201 -6.12 -35.72 64.34
CA GLY F 201 -6.10 -34.77 65.46
C GLY F 201 -4.78 -34.77 66.20
N VAL F 202 -4.20 -35.96 66.42
CA VAL F 202 -2.90 -36.06 67.06
C VAL F 202 -1.82 -35.39 66.22
N ALA F 203 -1.85 -35.60 64.90
CA ALA F 203 -0.88 -34.99 64.01
C ALA F 203 -1.06 -33.47 63.91
N ARG F 204 -2.30 -33.00 64.01
CA ARG F 204 -2.55 -31.57 64.07
C ARG F 204 -1.97 -30.96 65.34
N GLU F 205 -2.09 -31.69 66.46
CA GLU F 205 -1.46 -31.23 67.69
C GLU F 205 0.06 -31.28 67.62
N LEU F 206 0.61 -32.24 66.88
CA LEU F 206 2.05 -32.44 66.84
C LEU F 206 2.75 -31.42 65.95
N MET F 207 2.11 -31.01 64.85
CA MET F 207 2.68 -30.04 63.93
C MET F 207 2.17 -28.63 64.16
N LYS F 208 2.03 -28.25 65.43
CA LYS F 208 1.52 -26.89 65.77
C LYS F 208 2.56 -25.85 65.33
N TYR F 209 3.85 -26.19 65.43
CA TYR F 209 4.93 -25.22 65.09
C TYR F 209 5.61 -25.61 63.77
N HIS F 210 5.24 -26.77 63.20
CA HIS F 210 5.90 -27.25 61.96
C HIS F 210 5.20 -26.69 60.72
N SER F 211 5.96 -26.15 59.78
CA SER F 211 5.43 -25.59 58.54
C SER F 211 4.94 -26.67 57.59
N GLN F 212 5.14 -27.94 57.90
CA GLN F 212 4.70 -29.03 57.04
C GLN F 212 3.18 -29.18 57.10
N THR F 213 2.62 -29.69 56.03
CA THR F 213 1.17 -29.88 55.91
C THR F 213 0.78 -31.29 56.31
N TYR F 214 -0.48 -31.45 56.68
CA TYR F 214 -1.01 -32.74 57.10
C TYR F 214 -2.45 -32.83 56.65
N GLY F 215 -2.89 -34.04 56.28
CA GLY F 215 -4.23 -34.19 55.77
C GLY F 215 -4.73 -35.61 55.92
N VAL F 216 -6.04 -35.74 55.78
CA VAL F 216 -6.72 -37.03 55.94
C VAL F 216 -7.45 -37.35 54.63
N VAL F 217 -7.40 -38.62 54.24
CA VAL F 217 -8.08 -39.13 53.07
C VAL F 217 -8.81 -40.39 53.51
N ILE F 218 -10.14 -40.32 53.56
CA ILE F 218 -10.97 -41.38 54.12
C ILE F 218 -12.12 -41.66 53.16
N GLY F 219 -12.49 -42.93 53.04
CA GLY F 219 -13.64 -43.31 52.26
C GLY F 219 -14.94 -42.80 52.85
N GLY F 220 -15.76 -42.14 52.03
CA GLY F 220 -17.00 -41.55 52.48
C GLY F 220 -17.01 -40.04 52.45
N ALA F 221 -15.91 -39.41 52.08
CA ALA F 221 -15.83 -37.95 52.00
C ALA F 221 -15.89 -37.52 50.53
N ASN F 222 -15.75 -36.21 50.31
CA ASN F 222 -15.75 -35.67 48.96
C ASN F 222 -14.50 -36.11 48.21
N ARG F 223 -14.71 -36.77 47.07
CA ARG F 223 -13.57 -37.21 46.26
C ARG F 223 -12.88 -36.04 45.57
N ARG F 224 -13.65 -35.06 45.10
CA ARG F 224 -13.06 -33.94 44.36
C ARG F 224 -12.33 -32.99 45.30
N ALA F 225 -12.88 -32.75 46.49
CA ALA F 225 -12.19 -31.92 47.48
C ALA F 225 -10.92 -32.59 47.97
N GLU F 226 -10.94 -33.90 48.16
CA GLU F 226 -9.72 -34.64 48.51
C GLU F 226 -8.72 -34.63 47.37
N ALA F 227 -9.20 -34.67 46.12
CA ALA F 227 -8.30 -34.59 44.98
C ALA F 227 -7.61 -33.22 44.92
N GLU F 228 -8.36 -32.16 45.18
CA GLU F 228 -7.76 -30.82 45.22
C GLU F 228 -6.78 -30.69 46.37
N LYS F 229 -7.13 -31.26 47.53
CA LYS F 229 -6.24 -31.24 48.69
C LYS F 229 -4.94 -31.98 48.42
N LEU F 230 -5.03 -33.12 47.74
CA LEU F 230 -3.82 -33.88 47.41
C LEU F 230 -3.01 -33.18 46.32
N GLY F 231 -3.69 -32.52 45.38
CA GLY F 231 -2.98 -31.79 44.34
C GLY F 231 -2.23 -30.59 44.88
N LYS F 232 -2.80 -29.89 45.86
CA LYS F 232 -2.10 -28.76 46.46
C LYS F 232 -0.88 -29.20 47.28
N GLY F 233 -0.90 -30.42 47.82
CA GLY F 233 0.25 -30.94 48.53
C GLY F 233 0.02 -31.21 50.00
N VAL F 234 0.02 -32.49 50.37
CA VAL F 234 -0.18 -32.92 51.76
C VAL F 234 1.06 -33.72 52.15
N ASN F 235 1.83 -33.21 53.11
CA ASN F 235 3.11 -33.83 53.45
C ASN F 235 2.92 -35.11 54.25
N LEU F 236 2.03 -35.09 55.24
CA LEU F 236 1.70 -36.28 56.03
C LEU F 236 0.27 -36.68 55.72
N LEU F 237 0.10 -37.85 55.12
CA LEU F 237 -1.20 -38.29 54.62
C LEU F 237 -1.70 -39.45 55.47
N ILE F 238 -2.77 -39.22 56.23
CA ILE F 238 -3.42 -40.26 57.01
C ILE F 238 -4.63 -40.74 56.22
N ALA F 239 -4.59 -42.00 55.78
CA ALA F 239 -5.53 -42.45 54.76
C ALA F 239 -6.14 -43.81 55.14
N THR F 240 -7.24 -44.10 54.46
CA THR F 240 -8.01 -45.33 54.43
C THR F 240 -7.70 -46.09 53.14
N PRO F 241 -7.45 -47.44 53.21
CA PRO F 241 -6.86 -48.17 52.07
C PRO F 241 -7.58 -48.07 50.73
N GLY F 242 -8.91 -48.16 50.73
CA GLY F 242 -9.63 -48.08 49.47
C GLY F 242 -9.54 -46.70 48.83
N ARG F 243 -9.76 -45.65 49.62
CA ARG F 243 -9.65 -44.30 49.11
C ARG F 243 -8.21 -43.93 48.79
N LEU F 244 -7.25 -44.44 49.57
CA LEU F 244 -5.84 -44.22 49.28
C LEU F 244 -5.45 -44.85 47.95
N LEU F 245 -5.92 -46.08 47.70
CA LEU F 245 -5.64 -46.73 46.42
C LEU F 245 -6.32 -45.99 45.27
N ASP F 246 -7.55 -45.52 45.47
CA ASP F 246 -8.25 -44.77 44.44
C ASP F 246 -7.51 -43.47 44.10
N HIS F 247 -7.02 -42.76 45.12
CA HIS F 247 -6.29 -41.53 44.87
C HIS F 247 -4.91 -41.80 44.29
N LEU F 248 -4.28 -42.92 44.66
CA LEU F 248 -2.99 -43.28 44.09
C LEU F 248 -3.11 -43.69 42.63
N GLN F 249 -4.25 -44.23 42.22
CA GLN F 249 -4.42 -44.70 40.85
C GLN F 249 -5.01 -43.67 39.91
N ASN F 250 -5.99 -42.87 40.33
CA ASN F 250 -6.72 -42.03 39.39
C ASN F 250 -6.51 -40.54 39.59
N THR F 251 -5.82 -40.11 40.64
CA THR F 251 -5.67 -38.67 40.86
C THR F 251 -4.21 -38.27 40.69
N PRO F 252 -3.93 -37.15 40.03
CA PRO F 252 -2.56 -36.66 39.89
C PRO F 252 -2.10 -35.91 41.13
N PHE F 253 -1.20 -36.53 41.88
CA PHE F 253 -0.56 -35.89 43.02
C PHE F 253 0.80 -36.53 43.23
N VAL F 254 1.69 -35.79 43.87
CA VAL F 254 3.09 -36.21 44.00
C VAL F 254 3.24 -37.13 45.20
N PHE F 255 3.73 -38.33 44.97
CA PHE F 255 4.08 -39.27 46.03
C PHE F 255 5.42 -39.93 45.75
N LYS F 256 6.26 -39.27 44.95
CA LYS F 256 7.56 -39.81 44.57
C LYS F 256 8.63 -39.60 45.63
N ASN F 257 8.40 -38.74 46.61
CA ASN F 257 9.37 -38.44 47.66
C ASN F 257 8.98 -39.12 48.97
N LEU F 258 8.34 -40.28 48.87
CA LEU F 258 7.89 -41.02 50.05
C LEU F 258 9.09 -41.60 50.79
N LYS F 259 9.18 -41.29 52.08
CA LYS F 259 10.26 -41.81 52.92
C LYS F 259 9.75 -42.61 54.12
N SER F 260 8.45 -42.60 54.39
CA SER F 260 7.92 -43.30 55.56
C SER F 260 6.53 -43.86 55.24
N LEU F 261 6.37 -45.16 55.43
CA LEU F 261 5.08 -45.82 55.32
C LEU F 261 4.78 -46.47 56.67
N ILE F 262 3.77 -45.97 57.36
CA ILE F 262 3.28 -46.56 58.59
C ILE F 262 1.98 -47.29 58.27
N ILE F 263 1.93 -48.57 58.62
CA ILE F 263 0.71 -49.35 58.55
C ILE F 263 0.27 -49.61 59.99
N ASP F 264 -0.91 -49.13 60.33
CA ASP F 264 -1.41 -49.17 61.71
C ASP F 264 -2.58 -50.13 61.79
N GLU F 265 -2.56 -50.99 62.81
CA GLU F 265 -3.65 -51.91 63.14
C GLU F 265 -3.94 -52.86 61.97
N ALA F 266 -2.87 -53.54 61.53
CA ALA F 266 -2.95 -54.33 60.30
C ALA F 266 -3.88 -55.52 60.43
N ASP F 267 -4.08 -56.04 61.65
CA ASP F 267 -4.97 -57.17 61.84
C ASP F 267 -6.41 -56.81 61.46
N ARG F 268 -6.86 -55.62 61.86
CA ARG F 268 -8.20 -55.18 61.49
C ARG F 268 -8.32 -54.92 59.99
N ILE F 269 -7.27 -54.40 59.35
CA ILE F 269 -7.36 -54.11 57.93
C ILE F 269 -7.43 -55.41 57.13
N LEU F 270 -6.63 -56.40 57.51
CA LEU F 270 -6.73 -57.72 56.91
C LEU F 270 -8.04 -58.43 57.26
N GLU F 271 -8.66 -58.09 58.39
CA GLU F 271 -9.96 -58.63 58.77
C GLU F 271 -11.10 -58.08 57.93
N ILE F 272 -11.07 -56.77 57.63
CA ILE F 272 -12.13 -56.16 56.82
C ILE F 272 -12.11 -56.68 55.40
N GLY F 273 -10.92 -56.88 54.83
CA GLY F 273 -10.82 -57.39 53.48
C GLY F 273 -10.08 -56.46 52.54
N PHE F 274 -9.13 -55.70 53.07
CA PHE F 274 -8.29 -54.81 52.27
C PHE F 274 -6.94 -55.45 51.96
N GLU F 275 -6.91 -56.78 51.80
CA GLU F 275 -5.67 -57.48 51.52
C GLU F 275 -5.12 -57.13 50.14
N ASP F 276 -5.97 -57.29 49.12
CA ASP F 276 -5.54 -56.99 47.75
C ASP F 276 -5.29 -55.50 47.56
N GLU F 277 -6.07 -54.67 48.27
CA GLU F 277 -5.85 -53.23 48.21
C GLU F 277 -4.48 -52.85 48.76
N MET F 278 -4.07 -53.45 49.88
CA MET F 278 -2.73 -53.17 50.39
C MET F 278 -1.65 -53.79 49.52
N ARG F 279 -1.93 -54.92 48.87
CA ARG F 279 -0.96 -55.46 47.93
C ARG F 279 -0.70 -54.50 46.77
N GLN F 280 -1.77 -53.93 46.20
CA GLN F 280 -1.57 -52.94 45.14
C GLN F 280 -0.98 -51.65 45.67
N ILE F 281 -1.27 -51.29 46.93
CA ILE F 281 -0.71 -50.09 47.52
C ILE F 281 0.81 -50.22 47.68
N VAL F 282 1.26 -51.36 48.21
CA VAL F 282 2.70 -51.58 48.37
C VAL F 282 3.38 -51.71 47.02
N LYS F 283 2.69 -52.31 46.03
CA LYS F 283 3.25 -52.39 44.69
C LYS F 283 3.41 -51.01 44.05
N ILE F 284 2.43 -50.13 44.24
CA ILE F 284 2.46 -48.81 43.60
C ILE F 284 3.51 -47.92 44.26
N LEU F 285 3.57 -47.91 45.60
CA LEU F 285 4.39 -46.96 46.33
C LEU F 285 5.88 -47.21 46.09
N PRO F 286 6.70 -46.15 46.08
CA PRO F 286 8.14 -46.33 45.93
C PRO F 286 8.74 -47.06 47.11
N LYS F 287 9.79 -47.85 46.83
CA LYS F 287 10.40 -48.71 47.83
C LYS F 287 11.78 -48.27 48.27
N GLU F 288 12.51 -47.54 47.43
CA GLU F 288 13.90 -47.22 47.72
C GLU F 288 13.94 -46.09 48.73
N ASP F 289 14.72 -46.27 49.80
CA ASP F 289 14.85 -45.34 50.93
C ASP F 289 13.49 -45.03 51.55
N ARG F 290 12.69 -46.07 51.75
CA ARG F 290 11.42 -45.95 52.46
C ARG F 290 11.50 -46.75 53.75
N GLN F 291 11.19 -46.10 54.87
CA GLN F 291 11.17 -46.74 56.17
C GLN F 291 9.74 -47.19 56.48
N THR F 292 9.58 -48.46 56.80
CA THR F 292 8.27 -49.06 57.03
C THR F 292 8.09 -49.39 58.50
N MET F 293 6.93 -49.03 59.04
CA MET F 293 6.61 -49.33 60.43
C MET F 293 5.21 -49.94 60.47
N LEU F 294 5.12 -51.23 60.73
CA LEU F 294 3.84 -51.93 60.72
C LEU F 294 3.48 -52.39 62.14
N PHE F 295 2.22 -52.16 62.51
CA PHE F 295 1.73 -52.44 63.85
C PHE F 295 0.51 -53.33 63.77
N SER F 296 0.43 -54.29 64.68
CA SER F 296 -0.73 -55.17 64.77
C SER F 296 -0.80 -55.75 66.18
N ALA F 297 -2.00 -55.78 66.75
CA ALA F 297 -2.17 -56.33 68.09
C ALA F 297 -2.09 -57.85 68.12
N THR F 298 -2.28 -58.52 66.98
CA THR F 298 -2.16 -59.96 66.90
C THR F 298 -1.03 -60.29 65.93
N GLN F 299 -0.87 -61.58 65.61
CA GLN F 299 0.13 -62.01 64.65
C GLN F 299 -0.42 -63.18 63.87
N THR F 300 -0.98 -62.91 62.70
CA THR F 300 -1.54 -63.96 61.86
C THR F 300 -0.64 -64.25 60.67
N THR F 301 -1.09 -65.14 59.78
CA THR F 301 -0.37 -65.42 58.54
C THR F 301 -0.47 -64.29 57.53
N LYS F 302 -1.62 -63.62 57.45
CA LYS F 302 -1.77 -62.49 56.55
C LYS F 302 -0.94 -61.30 57.02
N VAL F 303 -0.83 -61.11 58.34
CA VAL F 303 0.03 -60.06 58.88
C VAL F 303 1.49 -60.35 58.55
N GLU F 304 1.89 -61.62 58.66
CA GLU F 304 3.25 -62.01 58.29
C GLU F 304 3.50 -61.78 56.80
N ASP F 305 2.52 -62.09 55.96
CA ASP F 305 2.65 -61.86 54.53
C ASP F 305 2.78 -60.37 54.22
N LEU F 306 1.99 -59.54 54.89
CA LEU F 306 2.07 -58.09 54.70
C LEU F 306 3.42 -57.54 55.17
N ALA F 307 3.92 -58.04 56.29
CA ALA F 307 5.23 -57.61 56.76
C ALA F 307 6.34 -58.07 55.83
N ARG F 308 6.14 -59.21 55.16
CA ARG F 308 7.13 -59.69 54.22
C ARG F 308 7.14 -58.87 52.93
N ILE F 309 5.97 -58.51 52.39
CA ILE F 309 5.98 -57.75 51.15
C ILE F 309 6.39 -56.30 51.44
N SER F 310 5.94 -55.73 52.56
CA SER F 310 6.16 -54.30 52.81
C SER F 310 7.54 -54.01 53.39
N LEU F 311 7.86 -54.61 54.54
CA LEU F 311 9.10 -54.30 55.24
C LEU F 311 10.30 -54.92 54.54
N ARG F 312 11.48 -54.41 54.87
CA ARG F 312 12.74 -54.92 54.34
C ARG F 312 13.09 -56.24 55.01
N PRO F 313 14.02 -57.00 54.42
CA PRO F 313 14.48 -58.27 55.02
C PRO F 313 14.81 -58.26 56.50
N GLY F 314 15.34 -57.16 57.03
CA GLY F 314 15.65 -57.07 58.44
C GLY F 314 14.68 -56.17 59.20
N PRO F 315 13.76 -56.78 59.97
CA PRO F 315 12.87 -55.99 60.82
C PRO F 315 13.39 -55.85 62.24
N LEU F 316 12.59 -55.22 63.11
CA LEU F 316 12.88 -55.16 64.54
C LEU F 316 11.56 -55.43 65.26
N TYR F 317 11.48 -56.56 65.95
CA TYR F 317 10.20 -57.05 66.47
C TYR F 317 10.06 -56.68 67.95
N ILE F 318 9.05 -55.87 68.26
CA ILE F 318 8.89 -55.26 69.59
C ILE F 318 7.55 -55.72 70.16
N ASN F 319 7.55 -56.17 71.42
CA ASN F 319 6.36 -56.76 72.02
C ASN F 319 5.95 -55.95 73.25
N VAL F 320 4.84 -55.21 73.12
CA VAL F 320 4.20 -54.58 74.26
C VAL F 320 2.74 -55.05 74.30
N ASP F 321 2.49 -56.13 75.02
CA ASP F 321 1.16 -56.73 75.07
C ASP F 321 0.98 -57.50 76.36
N GLU F 322 -0.20 -57.35 76.97
CA GLU F 322 -0.55 -58.12 78.16
C GLU F 322 -0.94 -59.54 77.77
N GLU F 323 -0.39 -60.52 78.48
CA GLU F 323 -0.67 -61.91 78.20
C GLU F 323 -1.91 -62.44 78.92
N LYS F 324 -2.37 -61.74 79.95
CA LYS F 324 -3.52 -62.20 80.74
C LYS F 324 -4.81 -61.53 80.28
N LYS F 325 -5.21 -61.84 79.05
CA LYS F 325 -6.48 -61.36 78.53
C LYS F 325 -7.61 -62.23 79.06
N TYR F 326 -8.54 -61.61 79.79
CA TYR F 326 -9.63 -62.33 80.45
C TYR F 326 -10.86 -62.31 79.56
N SER F 327 -10.79 -63.05 78.46
CA SER F 327 -11.91 -63.18 77.54
C SER F 327 -12.69 -64.47 77.84
N THR F 328 -13.27 -64.50 79.04
CA THR F 328 -14.15 -65.60 79.43
C THR F 328 -15.57 -65.27 79.01
N VAL F 329 -16.30 -66.29 78.56
CA VAL F 329 -17.58 -66.11 77.89
C VAL F 329 -18.77 -66.43 78.78
N GLU F 330 -18.56 -66.56 80.09
CA GLU F 330 -19.65 -66.90 80.98
C GLU F 330 -19.97 -65.83 82.01
N GLY F 331 -18.96 -65.22 82.62
CA GLY F 331 -19.21 -64.23 83.65
C GLY F 331 -19.55 -62.86 83.10
N LEU F 332 -20.67 -62.75 82.39
CA LEU F 332 -21.05 -61.51 81.74
C LEU F 332 -22.57 -61.39 81.69
N GLU F 333 -23.04 -60.15 81.55
CA GLU F 333 -24.47 -59.86 81.41
C GLU F 333 -24.60 -58.54 80.68
N GLN F 334 -25.11 -58.60 79.45
CA GLN F 334 -25.23 -57.42 78.59
C GLN F 334 -26.70 -57.06 78.45
N GLY F 335 -27.08 -55.87 78.92
CA GLY F 335 -28.44 -55.41 78.76
C GLY F 335 -28.62 -54.65 77.46
N TYR F 336 -29.83 -54.72 76.91
CA TYR F 336 -30.14 -54.04 75.66
C TYR F 336 -31.52 -53.42 75.76
N VAL F 337 -31.72 -52.37 74.97
CA VAL F 337 -33.04 -51.73 74.85
C VAL F 337 -33.36 -51.60 73.37
N VAL F 338 -34.56 -52.06 72.98
CA VAL F 338 -35.00 -51.99 71.60
C VAL F 338 -35.78 -50.68 71.42
N VAL F 339 -35.24 -49.78 70.61
CA VAL F 339 -35.84 -48.47 70.39
C VAL F 339 -35.73 -48.14 68.91
N GLU F 340 -36.82 -47.61 68.34
CA GLU F 340 -36.82 -47.20 66.95
C GLU F 340 -35.91 -45.98 66.76
N ALA F 341 -35.54 -45.73 65.51
CA ALA F 341 -34.52 -44.73 65.20
C ALA F 341 -34.97 -43.32 65.60
N ASP F 342 -36.18 -42.93 65.18
CA ASP F 342 -36.66 -41.56 65.33
C ASP F 342 -36.85 -41.14 66.78
N LYS F 343 -36.86 -42.08 67.72
CA LYS F 343 -36.97 -41.76 69.14
C LYS F 343 -35.69 -41.98 69.91
N ARG F 344 -34.63 -42.49 69.25
CA ARG F 344 -33.44 -43.01 69.94
C ARG F 344 -32.82 -41.98 70.88
N PHE F 345 -32.41 -40.83 70.34
CA PHE F 345 -31.83 -39.77 71.13
C PHE F 345 -32.76 -39.32 72.25
N LEU F 346 -34.07 -39.26 71.96
CA LEU F 346 -35.04 -38.87 72.97
C LEU F 346 -34.98 -39.80 74.16
N LEU F 347 -34.92 -41.11 73.90
CA LEU F 347 -34.78 -42.08 74.97
C LEU F 347 -33.51 -41.83 75.76
N LEU F 348 -32.39 -41.61 75.06
CA LEU F 348 -31.14 -41.30 75.72
C LEU F 348 -31.26 -40.05 76.56
N PHE F 349 -31.91 -39.02 76.01
CA PHE F 349 -32.09 -37.78 76.77
C PHE F 349 -32.91 -38.03 78.01
N SER F 350 -34.00 -38.81 77.88
CA SER F 350 -34.80 -39.15 79.04
C SER F 350 -33.98 -39.94 80.04
N PHE F 351 -33.19 -40.90 79.55
CA PHE F 351 -32.31 -41.67 80.40
C PHE F 351 -31.31 -40.75 81.07
N LEU F 352 -30.74 -39.82 80.31
CA LEU F 352 -29.72 -38.94 80.85
C LEU F 352 -30.33 -37.85 81.73
N LYS F 353 -31.65 -37.75 81.79
CA LYS F 353 -32.26 -36.88 82.77
C LYS F 353 -32.87 -37.65 83.94
N LYS F 354 -33.01 -38.97 83.80
CA LYS F 354 -33.60 -39.74 84.89
C LYS F 354 -32.52 -40.40 85.73
N MET F 355 -31.40 -40.77 85.10
CA MET F 355 -30.26 -41.32 85.81
C MET F 355 -29.26 -40.24 86.21
N ALA F 356 -29.75 -39.04 86.52
CA ALA F 356 -28.92 -38.03 87.14
C ALA F 356 -28.51 -38.50 88.54
N LYS F 357 -27.49 -37.84 89.09
CA LYS F 357 -26.83 -38.24 90.34
C LYS F 357 -26.31 -39.68 90.24
N LYS F 358 -25.67 -39.98 89.10
CA LYS F 358 -25.10 -41.29 88.84
C LYS F 358 -23.95 -41.12 87.85
N LYS F 359 -23.19 -42.20 87.66
CA LYS F 359 -22.06 -42.20 86.75
C LYS F 359 -22.42 -42.96 85.48
N ILE F 360 -22.38 -42.27 84.34
CA ILE F 360 -22.77 -42.82 83.06
C ILE F 360 -21.67 -42.50 82.05
N ILE F 361 -21.24 -43.51 81.29
CA ILE F 361 -20.36 -43.32 80.15
C ILE F 361 -21.18 -43.66 78.91
N VAL F 362 -21.19 -42.76 77.92
CA VAL F 362 -21.94 -42.95 76.69
C VAL F 362 -20.96 -43.01 75.53
N PHE F 363 -21.14 -44.00 74.66
CA PHE F 363 -20.27 -44.22 73.51
C PHE F 363 -21.02 -43.88 72.23
N PHE F 364 -20.41 -43.01 71.41
CA PHE F 364 -20.91 -42.69 70.09
C PHE F 364 -19.94 -43.19 69.03
N SER F 365 -20.43 -43.33 67.80
CA SER F 365 -19.62 -43.88 66.73
C SER F 365 -18.59 -42.90 66.18
N SER F 366 -18.86 -41.60 66.24
CA SER F 366 -18.01 -40.62 65.60
C SER F 366 -17.75 -39.43 66.51
N CYS F 367 -16.68 -38.69 66.20
CA CYS F 367 -16.33 -37.49 66.95
C CYS F 367 -17.27 -36.33 66.62
N ASN F 368 -17.70 -36.24 65.35
CA ASN F 368 -18.61 -35.18 64.92
C ASN F 368 -19.95 -35.24 65.61
N SER F 369 -20.51 -36.45 65.78
CA SER F 369 -21.75 -36.61 66.53
C SER F 369 -21.56 -36.29 68.01
N VAL F 370 -20.38 -36.58 68.56
CA VAL F 370 -20.10 -36.22 69.95
C VAL F 370 -20.09 -34.70 70.10
N LYS F 371 -19.46 -33.99 69.17
CA LYS F 371 -19.44 -32.53 69.20
C LYS F 371 -20.84 -31.95 69.05
N TYR F 372 -21.62 -32.50 68.12
CA TYR F 372 -23.00 -32.04 67.92
C TYR F 372 -23.85 -32.27 69.16
N TYR F 373 -23.76 -33.45 69.76
CA TYR F 373 -24.58 -33.74 70.92
C TYR F 373 -24.09 -32.98 72.14
N SER F 374 -22.81 -32.64 72.19
CA SER F 374 -22.31 -31.79 73.27
C SER F 374 -22.93 -30.40 73.21
N GLU F 375 -22.90 -29.78 72.02
CA GLU F 375 -23.54 -28.45 71.85
C GLU F 375 -25.06 -28.57 72.07
N LEU F 376 -25.66 -29.66 71.60
CA LEU F 376 -27.10 -29.85 71.76
C LEU F 376 -27.50 -29.95 73.23
N LEU F 377 -26.77 -30.75 74.01
CA LEU F 377 -27.07 -30.87 75.43
C LEU F 377 -26.69 -29.62 76.21
N GLN F 378 -25.81 -28.79 75.66
CA GLN F 378 -25.50 -27.50 76.31
C GLN F 378 -26.73 -26.61 76.21
N TYR F 379 -27.39 -26.59 75.04
CA TYR F 379 -28.58 -25.74 74.81
C TYR F 379 -29.81 -26.35 75.49
N ILE F 380 -29.91 -27.68 75.55
CA ILE F 380 -31.13 -28.28 76.08
C ILE F 380 -31.04 -28.55 77.57
N ASP F 381 -30.23 -27.75 78.29
CA ASP F 381 -29.98 -27.67 79.73
C ASP F 381 -29.78 -29.04 80.41
N LEU F 382 -28.93 -29.87 79.81
CA LEU F 382 -28.46 -31.10 80.44
C LEU F 382 -26.94 -31.08 80.47
N PRO F 383 -26.35 -30.97 81.66
CA PRO F 383 -24.88 -30.84 81.74
C PRO F 383 -24.19 -32.17 81.48
N VAL F 384 -23.22 -32.15 80.56
CA VAL F 384 -22.41 -33.32 80.23
C VAL F 384 -20.96 -32.88 80.10
N LEU F 385 -20.08 -33.88 79.94
CA LEU F 385 -18.67 -33.66 79.64
C LEU F 385 -18.32 -34.40 78.36
N ASP F 386 -17.47 -33.78 77.53
CA ASP F 386 -17.23 -34.26 76.18
C ASP F 386 -15.76 -34.59 75.96
N LEU F 387 -15.50 -35.72 75.28
CA LEU F 387 -14.16 -36.15 74.87
C LEU F 387 -14.19 -36.49 73.38
N HIS F 388 -13.94 -35.49 72.55
CA HIS F 388 -13.84 -35.69 71.12
C HIS F 388 -12.51 -35.14 70.61
N GLY F 389 -12.08 -35.65 69.46
CA GLY F 389 -10.75 -35.38 68.95
C GLY F 389 -10.54 -34.05 68.26
N LYS F 390 -11.40 -33.08 68.54
CA LYS F 390 -11.22 -31.73 68.03
C LYS F 390 -10.74 -30.76 69.12
N GLN F 391 -10.46 -31.25 70.32
CA GLN F 391 -10.00 -30.44 71.42
C GLN F 391 -8.51 -30.66 71.65
N LYS F 392 -7.95 -29.86 72.55
CA LYS F 392 -6.57 -30.06 72.99
C LYS F 392 -6.47 -31.34 73.81
N GLN F 393 -5.30 -31.99 73.72
CA GLN F 393 -5.07 -33.24 74.50
C GLN F 393 -5.13 -32.88 75.99
N GLN F 394 -4.59 -31.71 76.36
CA GLN F 394 -4.60 -31.27 77.77
C GLN F 394 -6.05 -31.13 78.25
N LYS F 395 -6.90 -30.47 77.45
CA LYS F 395 -8.33 -30.32 77.82
C LYS F 395 -8.94 -31.71 78.04
N ARG F 396 -8.65 -32.66 77.15
CA ARG F 396 -9.25 -33.99 77.26
C ARG F 396 -8.77 -34.73 78.50
N THR F 397 -7.47 -34.62 78.82
CA THR F 397 -6.96 -35.26 80.02
C THR F 397 -7.54 -34.65 81.28
N ASN F 398 -7.65 -33.31 81.32
CA ASN F 398 -8.26 -32.66 82.49
C ASN F 398 -9.73 -33.01 82.64
N THR F 399 -10.46 -33.10 81.52
CA THR F 399 -11.87 -33.46 81.59
C THR F 399 -12.06 -34.90 82.06
N PHE F 400 -11.22 -35.82 81.56
CA PHE F 400 -11.32 -37.20 82.02
C PHE F 400 -10.91 -37.35 83.48
N PHE F 401 -9.92 -36.56 83.92
CA PHE F 401 -9.53 -36.57 85.32
C PHE F 401 -10.63 -36.03 86.22
N GLU F 402 -11.32 -34.98 85.77
CA GLU F 402 -12.44 -34.43 86.53
C GLU F 402 -13.60 -35.40 86.59
N PHE F 403 -13.88 -36.12 85.49
CA PHE F 403 -14.92 -37.13 85.51
C PHE F 403 -14.55 -38.32 86.39
N CYS F 404 -13.26 -38.68 86.42
CA CYS F 404 -12.82 -39.81 87.22
C CYS F 404 -12.88 -39.54 88.71
N ASN F 405 -12.85 -38.28 89.13
CA ASN F 405 -12.88 -37.90 90.53
C ASN F 405 -14.12 -37.11 90.88
N ALA F 406 -15.27 -37.55 90.37
CA ALA F 406 -16.54 -36.89 90.64
C ALA F 406 -17.53 -37.91 91.21
N LYS F 407 -18.48 -37.40 92.01
CA LYS F 407 -19.49 -38.27 92.59
C LYS F 407 -20.54 -38.66 91.56
N SER F 408 -20.86 -37.75 90.64
CA SER F 408 -21.87 -38.03 89.62
C SER F 408 -21.44 -37.42 88.29
N GLY F 409 -22.37 -37.36 87.34
CA GLY F 409 -22.09 -36.77 86.04
C GLY F 409 -22.01 -37.80 84.93
N THR F 410 -22.03 -37.33 83.69
CA THR F 410 -21.97 -38.21 82.52
C THR F 410 -20.94 -37.68 81.53
N LEU F 411 -20.14 -38.59 80.98
CA LEU F 411 -19.14 -38.26 79.98
C LEU F 411 -19.48 -38.95 78.67
N ILE F 412 -19.50 -38.19 77.58
CA ILE F 412 -19.81 -38.71 76.26
C ILE F 412 -18.54 -38.68 75.43
N CYS F 413 -18.28 -39.77 74.70
CA CYS F 413 -17.05 -39.91 73.92
C CYS F 413 -17.28 -40.94 72.84
N THR F 414 -16.25 -41.17 72.02
CA THR F 414 -16.26 -42.18 70.98
C THR F 414 -15.75 -43.50 71.56
N ASP F 415 -16.26 -44.62 71.02
CA ASP F 415 -15.83 -45.92 71.52
C ASP F 415 -14.37 -46.19 71.18
N VAL F 416 -13.92 -45.72 70.01
CA VAL F 416 -12.52 -45.90 69.65
C VAL F 416 -11.64 -44.89 70.37
N ALA F 417 -12.20 -43.78 70.83
CA ALA F 417 -11.44 -42.82 71.61
C ALA F 417 -11.24 -43.25 73.05
N ALA F 418 -12.19 -43.99 73.61
CA ALA F 418 -12.07 -44.53 74.96
C ALA F 418 -11.64 -45.98 74.98
N ARG F 419 -11.25 -46.54 73.83
CA ARG F 419 -10.64 -47.86 73.82
C ARG F 419 -9.33 -47.86 74.59
N GLY F 420 -8.50 -46.85 74.39
CA GLY F 420 -7.31 -46.66 75.19
C GLY F 420 -7.53 -45.70 76.34
N LEU F 421 -8.43 -46.05 77.26
CA LEU F 421 -8.74 -45.19 78.39
C LEU F 421 -8.98 -46.05 79.61
N ASP F 422 -8.49 -45.60 80.76
CA ASP F 422 -8.68 -46.31 82.02
C ASP F 422 -10.08 -45.95 82.51
N ILE F 423 -11.03 -46.81 82.20
CA ILE F 423 -12.44 -46.56 82.51
C ILE F 423 -12.65 -46.73 84.01
N PRO F 424 -13.17 -45.72 84.71
CA PRO F 424 -13.38 -45.83 86.15
C PRO F 424 -14.64 -46.60 86.48
N GLN F 425 -14.99 -46.65 87.77
CA GLN F 425 -16.21 -47.32 88.19
C GLN F 425 -17.41 -46.43 87.87
N VAL F 426 -18.29 -46.92 87.01
CA VAL F 426 -19.48 -46.18 86.58
C VAL F 426 -20.70 -47.07 86.77
N ASP F 427 -21.85 -46.44 86.99
CA ASP F 427 -23.09 -47.20 87.12
C ASP F 427 -23.59 -47.70 85.77
N TRP F 428 -23.48 -46.88 84.72
CA TRP F 428 -24.03 -47.24 83.43
C TRP F 428 -22.98 -47.06 82.34
N ILE F 429 -22.85 -48.06 81.48
CA ILE F 429 -22.10 -47.95 80.23
C ILE F 429 -23.09 -48.12 79.10
N VAL F 430 -23.33 -47.05 78.35
CA VAL F 430 -24.35 -47.01 77.32
C VAL F 430 -23.66 -46.99 75.95
N GLN F 431 -24.06 -47.90 75.08
CA GLN F 431 -23.61 -47.96 73.70
C GLN F 431 -24.76 -47.47 72.84
N PHE F 432 -24.77 -46.16 72.60
CA PHE F 432 -25.82 -45.51 71.83
C PHE F 432 -25.75 -45.84 70.35
N ASP F 433 -24.54 -45.90 69.80
CA ASP F 433 -24.29 -46.18 68.39
C ASP F 433 -23.85 -47.63 68.25
N PRO F 434 -23.90 -48.18 67.05
CA PRO F 434 -23.37 -49.55 66.84
C PRO F 434 -21.91 -49.66 67.21
N PRO F 435 -21.51 -50.74 67.88
CA PRO F 435 -20.11 -50.89 68.28
C PRO F 435 -19.19 -51.19 67.11
N ASP F 436 -18.03 -50.53 67.08
CA ASP F 436 -17.07 -50.76 66.01
C ASP F 436 -16.48 -52.16 66.07
N ASP F 437 -16.14 -52.62 67.26
CA ASP F 437 -15.59 -53.96 67.47
C ASP F 437 -16.53 -54.71 68.40
N PRO F 438 -17.46 -55.52 67.86
CA PRO F 438 -18.48 -56.15 68.73
C PRO F 438 -17.92 -57.15 69.73
N ARG F 439 -16.93 -57.95 69.34
CA ARG F 439 -16.30 -58.88 70.26
C ARG F 439 -15.60 -58.14 71.40
N ASP F 440 -14.78 -57.14 71.04
CA ASP F 440 -14.10 -56.32 72.02
C ASP F 440 -15.10 -55.56 72.89
N TYR F 441 -16.15 -55.00 72.27
CA TYR F 441 -17.20 -54.32 73.03
C TYR F 441 -17.80 -55.23 74.08
N ILE F 442 -18.37 -56.36 73.66
CA ILE F 442 -19.04 -57.29 74.57
C ILE F 442 -18.09 -57.69 75.69
N HIS F 443 -16.98 -58.36 75.36
CA HIS F 443 -16.11 -58.89 76.40
C HIS F 443 -15.47 -57.80 77.27
N ARG F 444 -14.63 -56.95 76.67
CA ARG F 444 -13.87 -56.01 77.48
C ARG F 444 -14.73 -54.89 78.06
N VAL F 445 -15.64 -54.31 77.27
CA VAL F 445 -16.46 -53.23 77.79
C VAL F 445 -17.47 -53.75 78.81
N GLY F 446 -17.96 -55.00 78.68
CA GLY F 446 -18.79 -55.55 79.73
C GLY F 446 -18.01 -55.79 81.01
N ARG F 447 -16.75 -56.23 80.89
CA ARG F 447 -15.94 -56.42 82.09
C ARG F 447 -15.62 -55.09 82.77
N THR F 448 -15.33 -54.04 82.00
CA THR F 448 -15.13 -52.73 82.61
C THR F 448 -16.43 -52.10 83.10
N ALA F 449 -17.57 -52.50 82.56
CA ALA F 449 -18.86 -52.01 83.05
C ALA F 449 -19.27 -52.68 84.35
N ARG F 450 -18.94 -53.96 84.51
CA ARG F 450 -19.29 -54.67 85.74
C ARG F 450 -18.53 -54.10 86.94
N GLY F 451 -17.25 -53.82 86.76
CA GLY F 451 -16.49 -53.07 87.74
C GLY F 451 -15.90 -53.94 88.84
N ASN F 452 -14.99 -53.32 89.61
CA ASN F 452 -14.33 -54.01 90.72
C ASN F 452 -15.26 -54.18 91.91
N ASN F 453 -16.21 -53.27 92.08
CA ASN F 453 -17.18 -53.27 93.16
C ASN F 453 -18.56 -53.48 92.56
N GLY F 454 -19.59 -53.22 93.38
CA GLY F 454 -21.00 -53.41 93.07
C GLY F 454 -21.43 -53.12 91.65
N LYS F 455 -22.14 -54.08 91.05
CA LYS F 455 -22.11 -54.29 89.61
C LYS F 455 -22.85 -53.19 88.86
N GLY F 456 -22.13 -52.49 87.99
CA GLY F 456 -22.77 -51.63 87.01
C GLY F 456 -23.30 -52.43 85.84
N ARG F 457 -24.01 -51.74 84.95
CA ARG F 457 -24.69 -52.39 83.85
C ARG F 457 -24.27 -51.79 82.52
N SER F 458 -24.25 -52.64 81.50
CA SER F 458 -23.85 -52.25 80.15
C SER F 458 -25.06 -52.37 79.23
N LEU F 459 -25.63 -51.23 78.87
CA LEU F 459 -26.82 -51.13 78.03
C LEU F 459 -26.41 -50.85 76.59
N LEU F 460 -27.08 -51.51 75.65
CA LEU F 460 -26.85 -51.34 74.23
C LEU F 460 -28.15 -50.91 73.56
N PHE F 461 -28.08 -49.87 72.73
CA PHE F 461 -29.24 -49.37 72.01
C PHE F 461 -29.37 -50.13 70.70
N LEU F 462 -30.48 -50.85 70.52
CA LEU F 462 -30.71 -51.62 69.31
C LEU F 462 -31.96 -51.12 68.60
N GLN F 463 -31.83 -50.90 67.30
CA GLN F 463 -33.00 -50.61 66.47
C GLN F 463 -33.71 -51.91 66.13
N PRO F 464 -35.00 -51.84 65.74
CA PRO F 464 -35.68 -53.08 65.32
C PRO F 464 -35.36 -53.50 63.90
N CYS F 465 -34.09 -53.38 63.51
CA CYS F 465 -33.58 -53.98 62.28
C CYS F 465 -32.20 -54.59 62.49
N GLU F 466 -31.64 -54.48 63.69
CA GLU F 466 -30.33 -55.05 64.03
C GLU F 466 -30.47 -56.10 65.12
N LEU F 467 -31.62 -56.76 65.18
CA LEU F 467 -31.89 -57.73 66.24
C LEU F 467 -31.11 -59.03 66.07
N GLY F 468 -30.54 -59.27 64.89
CA GLY F 468 -29.68 -60.42 64.68
C GLY F 468 -28.46 -60.46 65.56
N PHE F 469 -28.02 -59.30 66.06
CA PHE F 469 -27.01 -59.24 67.12
C PHE F 469 -27.36 -60.11 68.30
N LEU F 470 -28.65 -60.13 68.69
CA LEU F 470 -29.10 -61.02 69.76
C LEU F 470 -28.83 -62.48 69.42
N ALA F 471 -29.05 -62.86 68.17
CA ALA F 471 -28.70 -64.21 67.73
C ALA F 471 -27.21 -64.47 67.88
N HIS F 472 -26.38 -63.46 67.60
CA HIS F 472 -24.95 -63.59 67.86
C HIS F 472 -24.71 -63.77 69.35
N LEU F 473 -25.45 -63.03 70.19
CA LEU F 473 -25.33 -63.21 71.63
C LEU F 473 -25.86 -64.57 72.07
N LYS F 474 -26.71 -65.19 71.23
CA LYS F 474 -27.11 -66.56 71.50
C LYS F 474 -25.99 -67.54 71.16
N ALA F 475 -25.19 -67.22 70.13
CA ALA F 475 -24.14 -68.14 69.71
C ALA F 475 -22.94 -68.08 70.65
N ALA F 476 -22.64 -66.91 71.21
CA ALA F 476 -21.50 -66.75 72.11
C ALA F 476 -21.83 -67.16 73.54
N LYS F 477 -23.07 -67.57 73.80
CA LYS F 477 -23.55 -68.00 75.13
C LYS F 477 -23.34 -66.90 76.17
N VAL F 478 -23.78 -65.69 75.83
CA VAL F 478 -23.71 -64.53 76.70
C VAL F 478 -25.12 -64.24 77.18
N PRO F 479 -25.38 -64.24 78.49
CA PRO F 479 -26.72 -63.93 78.99
C PRO F 479 -27.11 -62.48 78.69
N VAL F 480 -28.36 -62.28 78.29
CA VAL F 480 -28.85 -60.97 77.89
C VAL F 480 -29.93 -60.55 78.88
N VAL F 481 -30.18 -59.24 78.91
CA VAL F 481 -31.23 -58.65 79.72
C VAL F 481 -31.94 -57.61 78.87
N GLU F 482 -33.26 -57.71 78.76
CA GLU F 482 -34.04 -56.79 77.96
C GLU F 482 -34.61 -55.69 78.84
N TYR F 483 -34.40 -54.44 78.42
CA TYR F 483 -34.92 -53.27 79.13
C TYR F 483 -36.01 -52.65 78.27
N ASP F 484 -37.21 -52.53 78.84
CA ASP F 484 -38.28 -51.80 78.18
C ASP F 484 -38.53 -50.47 78.89
N PHE F 485 -39.19 -49.56 78.18
CA PHE F 485 -39.48 -48.23 78.69
C PHE F 485 -40.92 -47.87 78.37
N PRO F 486 -41.63 -47.22 79.28
CA PRO F 486 -42.97 -46.71 78.94
C PRO F 486 -42.87 -45.57 77.94
N LYS F 487 -43.88 -45.48 77.08
CA LYS F 487 -43.90 -44.42 76.07
C LYS F 487 -44.20 -43.05 76.68
N ASN F 488 -44.95 -43.00 77.79
CA ASN F 488 -45.35 -41.72 78.36
C ASN F 488 -44.26 -41.08 79.20
N LYS F 489 -43.19 -41.80 79.51
CA LYS F 489 -42.10 -41.27 80.33
C LYS F 489 -40.94 -40.76 79.49
N ILE F 490 -41.09 -40.72 78.17
CA ILE F 490 -40.10 -40.12 77.28
C ILE F 490 -40.36 -38.62 77.30
N LEU F 491 -39.35 -37.85 77.67
CA LEU F 491 -39.45 -36.40 77.61
C LEU F 491 -39.38 -35.94 76.17
N ASN F 492 -40.51 -35.47 75.65
CA ASN F 492 -40.62 -35.09 74.24
C ASN F 492 -40.14 -33.66 74.07
N VAL F 493 -38.93 -33.53 73.52
CA VAL F 493 -38.35 -32.22 73.24
C VAL F 493 -38.07 -32.13 71.76
N GLN F 494 -38.84 -32.88 70.97
CA GLN F 494 -38.59 -32.96 69.53
C GLN F 494 -38.88 -31.65 68.82
N SER F 495 -39.97 -30.98 69.20
CA SER F 495 -40.32 -29.70 68.57
C SER F 495 -39.29 -28.62 68.88
N GLN F 496 -38.83 -28.58 70.14
CA GLN F 496 -37.76 -27.66 70.51
C GLN F 496 -36.47 -27.98 69.78
N LEU F 497 -36.17 -29.26 69.60
CA LEU F 497 -34.98 -29.68 68.87
C LEU F 497 -35.05 -29.24 67.40
N GLU F 498 -36.21 -29.43 66.77
CA GLU F 498 -36.35 -29.03 65.37
C GLU F 498 -36.32 -27.52 65.20
N LYS F 499 -36.91 -26.77 66.13
CA LYS F 499 -36.82 -25.32 66.08
C LYS F 499 -35.37 -24.85 66.25
N LEU F 500 -34.63 -25.49 67.16
CA LEU F 500 -33.23 -25.16 67.38
C LEU F 500 -32.38 -25.46 66.14
N ILE F 501 -32.63 -26.59 65.48
CA ILE F 501 -31.87 -26.94 64.28
C ILE F 501 -32.24 -25.99 63.14
N SER F 502 -33.50 -25.61 63.02
CA SER F 502 -33.93 -24.74 61.93
C SER F 502 -33.49 -23.29 62.11
N THR F 503 -33.28 -22.83 63.35
CA THR F 503 -32.92 -21.43 63.56
C THR F 503 -31.44 -21.18 63.81
N ASN F 504 -30.70 -22.16 64.33
CA ASN F 504 -29.29 -21.97 64.65
C ASN F 504 -28.43 -22.54 63.54
N TYR F 505 -27.58 -21.69 62.95
CA TYR F 505 -26.77 -22.12 61.81
C TYR F 505 -25.64 -23.04 62.23
N TYR F 506 -25.05 -22.80 63.40
CA TYR F 506 -23.95 -23.63 63.87
C TYR F 506 -24.44 -25.03 64.25
N LEU F 507 -25.57 -25.10 64.94
CA LEU F 507 -26.17 -26.37 65.30
C LEU F 507 -26.70 -27.14 64.09
N ASN F 508 -27.18 -26.45 63.06
CA ASN F 508 -27.56 -27.08 61.81
C ASN F 508 -26.36 -27.72 61.11
N GLN F 509 -25.23 -27.00 61.07
CA GLN F 509 -24.00 -27.54 60.51
C GLN F 509 -23.52 -28.75 61.30
N SER F 510 -23.54 -28.66 62.63
CA SER F 510 -23.11 -29.77 63.46
C SER F 510 -24.02 -30.98 63.32
N ALA F 511 -25.34 -30.74 63.18
CA ALA F 511 -26.28 -31.83 62.99
C ALA F 511 -26.05 -32.52 61.66
N LYS F 512 -25.79 -31.75 60.60
CA LYS F 512 -25.49 -32.34 59.29
C LYS F 512 -24.20 -33.15 59.33
N GLU F 513 -23.17 -32.62 59.98
CA GLU F 513 -21.90 -33.34 60.08
C GLU F 513 -22.05 -34.62 60.90
N GLY F 514 -22.79 -34.57 62.00
CA GLY F 514 -23.01 -35.76 62.79
C GLY F 514 -23.84 -36.81 62.07
N TYR F 515 -24.85 -36.36 61.30
CA TYR F 515 -25.65 -37.28 60.51
C TYR F 515 -24.82 -37.97 59.44
N ARG F 516 -24.00 -37.21 58.72
CA ARG F 516 -23.12 -37.79 57.70
C ARG F 516 -22.12 -38.76 58.32
N SER F 517 -21.55 -38.38 59.47
CA SER F 517 -20.58 -39.24 60.13
C SER F 517 -21.22 -40.53 60.62
N TYR F 518 -22.43 -40.46 61.16
CA TYR F 518 -23.16 -41.66 61.60
C TYR F 518 -23.46 -42.57 60.42
N ILE F 519 -23.94 -42.00 59.31
CA ILE F 519 -24.27 -42.81 58.11
C ILE F 519 -23.00 -43.48 57.59
N HIS F 520 -21.89 -42.74 57.48
CA HIS F 520 -20.67 -43.31 56.92
C HIS F 520 -20.05 -44.36 57.84
N ALA F 521 -20.06 -44.14 59.15
CA ALA F 521 -19.55 -45.13 60.08
C ALA F 521 -20.43 -46.38 60.10
N TYR F 522 -21.73 -46.20 59.88
CA TYR F 522 -22.66 -47.36 59.83
C TYR F 522 -22.40 -48.12 58.53
N ALA F 523 -22.10 -47.40 57.45
CA ALA F 523 -21.82 -48.03 56.15
C ALA F 523 -20.52 -48.86 56.25
N SER F 524 -19.46 -48.25 56.79
CA SER F 524 -18.16 -48.96 56.91
C SER F 524 -18.16 -49.79 58.20
N HIS F 525 -19.05 -50.78 58.29
CA HIS F 525 -19.15 -51.60 59.53
C HIS F 525 -18.63 -53.02 59.26
N SER F 526 -17.90 -53.60 60.22
CA SER F 526 -17.39 -54.98 60.07
C SER F 526 -18.56 -55.96 60.00
N LEU F 527 -19.52 -55.87 60.93
CA LEU F 527 -20.71 -56.75 60.91
C LEU F 527 -21.76 -56.14 59.99
N ARG F 528 -21.62 -56.34 58.68
CA ARG F 528 -22.56 -55.74 57.69
C ARG F 528 -23.87 -56.52 57.70
N SER F 529 -23.87 -57.77 58.18
CA SER F 529 -25.12 -58.50 58.26
C SER F 529 -26.02 -57.97 59.37
N VAL F 530 -25.47 -57.71 60.56
CA VAL F 530 -26.26 -57.14 61.63
C VAL F 530 -26.56 -55.67 61.36
N PHE F 531 -25.53 -54.91 60.99
CA PHE F 531 -25.71 -53.45 60.77
C PHE F 531 -25.58 -53.15 59.27
N ASP F 532 -26.70 -53.11 58.56
CA ASP F 532 -26.69 -52.80 57.11
C ASP F 532 -27.32 -51.41 56.89
N VAL F 533 -26.61 -50.51 56.19
CA VAL F 533 -27.12 -49.14 55.93
C VAL F 533 -28.36 -49.21 55.05
N HIS F 534 -28.48 -50.24 54.20
CA HIS F 534 -29.62 -50.34 53.25
C HIS F 534 -30.92 -50.61 54.01
N LYS F 535 -30.83 -51.19 55.21
CA LYS F 535 -32.04 -51.49 56.03
C LYS F 535 -32.37 -50.29 56.92
N LEU F 536 -31.55 -49.24 56.90
CA LEU F 536 -31.78 -48.06 57.76
C LEU F 536 -32.77 -47.08 57.13
N ASP F 537 -33.71 -46.56 57.91
CA ASP F 537 -34.63 -45.55 57.42
C ASP F 537 -33.99 -44.19 57.67
N LEU F 538 -33.58 -43.52 56.59
CA LEU F 538 -32.81 -42.29 56.74
C LEU F 538 -33.67 -41.14 57.24
N VAL F 539 -34.96 -41.15 56.91
CA VAL F 539 -35.88 -40.10 57.39
C VAL F 539 -36.00 -40.16 58.91
N LYS F 540 -36.14 -41.36 59.47
CA LYS F 540 -36.29 -41.50 60.91
C LYS F 540 -35.01 -41.14 61.65
N VAL F 541 -33.85 -41.56 61.13
CA VAL F 541 -32.61 -41.25 61.83
C VAL F 541 -32.27 -39.76 61.71
N ALA F 542 -32.67 -39.13 60.61
CA ALA F 542 -32.48 -37.68 60.52
C ALA F 542 -33.46 -36.94 61.42
N LYS F 543 -34.66 -37.49 61.63
CA LYS F 543 -35.56 -36.94 62.62
C LYS F 543 -34.98 -37.09 64.02
N SER F 544 -34.28 -38.18 64.28
CA SER F 544 -33.56 -38.35 65.54
C SER F 544 -32.48 -37.29 65.70
N PHE F 545 -31.76 -36.99 64.61
CA PHE F 545 -30.80 -35.89 64.65
C PHE F 545 -31.48 -34.51 64.67
N GLY F 546 -32.76 -34.43 64.33
CA GLY F 546 -33.48 -33.18 64.44
C GLY F 546 -33.82 -32.52 63.12
N PHE F 547 -34.04 -33.32 62.09
CA PHE F 547 -34.33 -32.82 60.75
C PHE F 547 -35.73 -33.22 60.33
N SER F 548 -36.43 -32.31 59.66
CA SER F 548 -37.72 -32.66 59.07
C SER F 548 -37.53 -33.52 57.82
N THR F 549 -36.54 -33.20 57.00
CA THR F 549 -36.20 -33.98 55.83
C THR F 549 -34.76 -34.46 55.94
N PRO F 550 -34.46 -35.68 55.50
CA PRO F 550 -33.09 -36.22 55.64
C PRO F 550 -32.14 -35.56 54.67
N PRO F 551 -31.02 -35.02 55.16
CA PRO F 551 -30.02 -34.43 54.24
C PRO F 551 -29.40 -35.49 53.33
N ARG F 552 -28.96 -35.03 52.17
CA ARG F 552 -28.50 -35.91 51.11
C ARG F 552 -27.14 -36.50 51.46
N VAL F 553 -27.06 -37.83 51.45
CA VAL F 553 -25.82 -38.56 51.68
C VAL F 553 -25.72 -39.67 50.63
N ASP F 554 -24.51 -40.18 50.45
CA ASP F 554 -24.25 -41.31 49.55
C ASP F 554 -24.07 -42.55 50.41
N ILE F 555 -25.05 -43.47 50.36
CA ILE F 555 -24.99 -44.70 51.19
C ILE F 555 -23.86 -45.59 50.69
N THR F 556 -23.71 -45.72 49.36
CA THR F 556 -22.71 -46.64 48.82
C THR F 556 -21.29 -46.18 49.13
N LEU F 557 -21.01 -44.89 48.97
CA LEU F 557 -19.68 -44.36 49.25
C LEU F 557 -19.41 -44.30 50.75
N GLY F 569 -22.56 -61.47 33.93
CA GLY F 569 -23.18 -61.19 32.66
C GLY F 569 -22.51 -61.90 31.49
N ARG F 570 -22.00 -61.10 30.54
CA ARG F 570 -21.34 -61.64 29.37
C ARG F 570 -20.15 -60.75 29.03
N ARG F 571 -19.05 -61.39 28.62
CA ARG F 571 -17.92 -60.63 28.11
C ARG F 571 -18.11 -60.38 26.61
N ALA F 572 -17.32 -59.44 26.09
CA ALA F 572 -17.52 -58.96 24.73
C ALA F 572 -17.22 -60.04 23.70
N TYR F 573 -17.98 -60.00 22.59
CA TYR F 573 -17.86 -61.00 21.54
C TYR F 573 -16.55 -60.81 20.78
N GLY F 574 -15.76 -61.87 20.68
CA GLY F 574 -14.48 -61.81 20.01
C GLY F 574 -13.37 -61.18 20.82
N SER F 575 -13.59 -60.93 22.11
CA SER F 575 -12.61 -60.23 22.95
C SER F 575 -11.68 -61.24 23.59
N GLN F 576 -10.40 -61.17 23.25
CA GLN F 576 -9.33 -61.92 23.88
C GLN F 576 -8.57 -61.02 24.84
N PRO F 577 -7.96 -61.59 25.92
CA PRO F 577 -7.27 -60.75 26.91
C PRO F 577 -6.10 -59.95 26.34
N ARG F 578 -5.89 -58.76 26.91
CA ARG F 578 -4.86 -57.84 26.43
C ARG F 578 -3.47 -58.38 26.77
N GLN F 579 -2.55 -58.24 25.82
CA GLN F 579 -1.18 -58.73 25.98
C GLN F 579 -0.13 -57.67 25.75
N GLY F 580 -0.51 -56.43 25.47
CA GLY F 580 0.47 -55.39 25.21
C GLY F 580 -0.20 -54.03 25.22
N GLY F 581 0.64 -53.01 25.20
CA GLY F 581 0.18 -51.63 25.24
C GLY F 581 0.28 -51.03 26.63
N ARG F 582 0.17 -49.71 26.67
CA ARG F 582 0.29 -48.95 27.91
C ARG F 582 -0.99 -48.17 28.17
N TYR F 583 -1.55 -48.35 29.37
CA TYR F 583 -2.74 -47.61 29.79
C TYR F 583 -2.39 -46.81 31.04
N LYS F 584 -2.75 -45.53 31.04
CA LYS F 584 -2.51 -44.67 32.19
C LYS F 584 -3.83 -44.09 32.72
N SER G 184 -85.43 -49.48 41.57
CA SER G 184 -86.32 -48.78 42.50
C SER G 184 -86.00 -49.15 43.94
N GLN G 185 -84.93 -49.91 44.12
CA GLN G 185 -84.49 -50.29 45.46
C GLN G 185 -83.92 -49.09 46.19
N PRO G 186 -84.15 -48.89 47.51
CA PRO G 186 -83.53 -47.78 48.24
C PRO G 186 -82.01 -47.91 48.38
N GLY G 187 -81.30 -46.77 48.42
CA GLY G 187 -79.84 -46.79 48.60
C GLY G 187 -79.42 -46.23 49.94
N VAL G 188 -78.84 -47.07 50.80
CA VAL G 188 -78.38 -46.61 52.15
C VAL G 188 -77.00 -45.96 51.99
N MET G 189 -76.76 -44.84 52.70
CA MET G 189 -75.48 -44.10 52.55
C MET G 189 -74.84 -43.89 53.93
N TYR G 190 -73.57 -44.28 54.08
CA TYR G 190 -72.84 -44.10 55.36
C TYR G 190 -72.04 -42.80 55.29
N ILE G 191 -72.35 -41.84 56.17
CA ILE G 191 -71.63 -40.57 56.21
C ILE G 191 -70.95 -40.44 57.55
N ALA G 192 -69.64 -40.25 57.54
CA ALA G 192 -68.84 -40.20 58.74
C ALA G 192 -67.94 -38.96 58.72
N ARG G 193 -67.22 -38.77 59.82
CA ARG G 193 -66.46 -37.56 60.12
C ARG G 193 -67.36 -36.33 60.07
N LEU G 194 -68.47 -36.42 60.80
CA LEU G 194 -69.45 -35.34 60.84
C LEU G 194 -68.93 -34.18 61.65
N PRO G 195 -68.95 -32.95 61.12
CA PRO G 195 -68.71 -31.78 61.96
C PRO G 195 -69.82 -31.59 62.97
N HIS G 196 -69.47 -30.94 64.08
CA HIS G 196 -70.47 -30.62 65.09
C HIS G 196 -71.40 -29.55 64.55
N GLY G 197 -72.61 -29.95 64.18
CA GLY G 197 -73.56 -29.03 63.58
C GLY G 197 -74.31 -29.64 62.42
N PHE G 198 -73.68 -30.60 61.77
CA PHE G 198 -74.25 -31.29 60.60
C PHE G 198 -74.99 -32.54 61.04
N TYR G 199 -75.96 -32.38 61.94
CA TYR G 199 -76.47 -33.53 62.68
C TYR G 199 -77.70 -34.18 62.05
N GLU G 200 -78.86 -33.55 62.17
CA GLU G 200 -80.10 -34.25 61.82
C GLU G 200 -80.92 -33.55 60.75
N HIS G 201 -81.29 -32.29 60.97
CA HIS G 201 -82.14 -31.62 60.00
C HIS G 201 -81.32 -30.99 58.88
N GLU G 202 -80.07 -30.63 59.19
CA GLU G 202 -79.16 -30.13 58.17
C GLU G 202 -78.79 -31.23 57.18
N LEU G 203 -78.55 -32.44 57.68
CA LEU G 203 -78.31 -33.59 56.81
C LEU G 203 -79.51 -33.86 55.91
N ARG G 204 -80.72 -33.86 56.51
CA ARG G 204 -81.93 -34.14 55.76
C ARG G 204 -82.18 -33.08 54.69
N GLY G 205 -82.01 -31.80 55.03
CA GLY G 205 -82.20 -30.75 54.05
C GLY G 205 -81.16 -30.78 52.93
N TYR G 206 -79.89 -30.89 53.30
CA TYR G 206 -78.81 -30.82 52.31
C TYR G 206 -78.86 -32.00 51.35
N PHE G 207 -79.14 -33.20 51.87
CA PHE G 207 -79.28 -34.32 50.95
C PHE G 207 -80.69 -34.45 50.39
N SER G 208 -81.64 -33.65 50.86
CA SER G 208 -82.95 -33.56 50.22
C SER G 208 -82.87 -32.66 49.00
N GLN G 209 -81.88 -31.78 48.95
CA GLN G 209 -81.58 -31.10 47.70
C GLN G 209 -81.09 -32.10 46.65
N PHE G 210 -80.38 -33.14 47.11
CA PHE G 210 -79.88 -34.17 46.20
C PHE G 210 -80.94 -35.17 45.77
N GLY G 211 -82.05 -35.26 46.49
CA GLY G 211 -83.08 -36.24 46.19
C GLY G 211 -83.85 -36.61 47.44
N GLU G 212 -84.95 -37.32 47.23
CA GLU G 212 -85.84 -37.64 48.34
C GLU G 212 -85.21 -38.67 49.28
N ILE G 213 -85.38 -38.44 50.58
CA ILE G 213 -84.83 -39.30 51.61
C ILE G 213 -85.98 -40.05 52.26
N THR G 214 -85.88 -41.38 52.30
CA THR G 214 -86.83 -42.16 53.07
C THR G 214 -86.56 -42.05 54.56
N ARG G 215 -85.33 -42.31 54.98
CA ARG G 215 -85.02 -42.35 56.41
C ARG G 215 -83.62 -41.84 56.68
N LEU G 216 -83.38 -41.43 57.92
CA LEU G 216 -82.07 -40.94 58.33
C LEU G 216 -81.92 -41.18 59.82
N ARG G 217 -80.70 -41.54 60.24
CA ARG G 217 -80.44 -41.80 61.65
C ARG G 217 -78.98 -41.47 61.98
N VAL G 218 -78.78 -40.68 63.02
CA VAL G 218 -77.46 -40.37 63.54
C VAL G 218 -77.23 -41.22 64.77
N VAL G 219 -76.13 -41.98 64.78
CA VAL G 219 -75.82 -42.77 65.96
C VAL G 219 -75.34 -41.84 67.07
N ARG G 220 -75.86 -42.06 68.28
CA ARG G 220 -75.62 -41.17 69.40
C ARG G 220 -75.34 -42.01 70.65
N ASN G 221 -74.67 -41.38 71.61
CA ASN G 221 -74.30 -42.06 72.84
C ASN G 221 -75.50 -42.27 73.75
N LYS G 222 -75.46 -43.36 74.51
CA LYS G 222 -76.46 -43.69 75.52
C LYS G 222 -76.49 -42.69 76.67
N LYS G 223 -75.36 -42.54 77.36
CA LYS G 223 -75.33 -41.81 78.62
C LYS G 223 -75.55 -40.32 78.41
N THR G 224 -74.85 -39.72 77.47
CA THR G 224 -74.99 -38.31 77.15
C THR G 224 -75.48 -38.18 75.72
N GLY G 225 -76.51 -37.36 75.52
CA GLY G 225 -77.00 -37.16 74.17
C GLY G 225 -76.01 -36.36 73.35
N ALA G 226 -75.31 -37.05 72.45
CA ALA G 226 -74.24 -36.45 71.65
C ALA G 226 -73.96 -37.35 70.47
N SER G 227 -73.73 -36.74 69.31
CA SER G 227 -73.46 -37.51 68.11
C SER G 227 -72.10 -38.17 68.17
N ARG G 228 -71.99 -39.35 67.55
CA ARG G 228 -70.73 -40.06 67.41
C ARG G 228 -70.04 -39.75 66.09
N HIS G 229 -70.40 -38.63 65.45
CA HIS G 229 -69.86 -38.20 64.15
C HIS G 229 -70.06 -39.25 63.07
N ARG G 230 -71.30 -39.76 62.96
CA ARG G 230 -71.62 -40.90 62.12
C ARG G 230 -73.12 -40.92 61.87
N ALA G 231 -73.51 -41.26 60.65
CA ALA G 231 -74.92 -41.25 60.30
C ALA G 231 -75.18 -42.17 59.11
N PHE G 232 -76.44 -42.60 58.99
CA PHE G 232 -76.90 -43.45 57.91
C PHE G 232 -78.14 -42.82 57.29
N ILE G 233 -78.10 -42.58 55.98
CA ILE G 233 -79.25 -41.90 55.29
C ILE G 233 -79.79 -42.84 54.20
N GLU G 234 -81.09 -43.10 54.21
CA GLU G 234 -81.69 -43.98 53.18
C GLU G 234 -82.48 -43.15 52.17
N PHE G 235 -82.04 -43.14 50.91
CA PHE G 235 -82.74 -42.48 49.83
C PHE G 235 -83.64 -43.48 49.11
N ALA G 236 -84.65 -42.96 48.41
CA ALA G 236 -85.53 -43.84 47.64
C ALA G 236 -84.85 -44.30 46.35
N ASP G 237 -84.00 -43.47 45.78
CA ASP G 237 -83.35 -43.76 44.50
C ASP G 237 -81.89 -44.09 44.78
N ALA G 238 -81.42 -45.22 44.26
CA ALA G 238 -80.04 -45.62 44.48
C ALA G 238 -79.06 -44.79 43.67
N GLU G 239 -79.45 -44.38 42.46
CA GLU G 239 -78.57 -43.57 41.62
C GLU G 239 -78.30 -42.20 42.23
N VAL G 240 -79.33 -41.57 42.82
CA VAL G 240 -79.09 -40.28 43.45
C VAL G 240 -78.27 -40.44 44.72
N ALA G 241 -78.37 -41.59 45.39
CA ALA G 241 -77.51 -41.86 46.53
C ALA G 241 -76.06 -42.01 46.11
N ASP G 242 -75.82 -42.71 44.99
CA ASP G 242 -74.47 -42.83 44.46
C ASP G 242 -73.91 -41.48 44.03
N ILE G 243 -74.76 -40.64 43.43
CA ILE G 243 -74.32 -39.31 43.01
C ILE G 243 -73.94 -38.45 44.22
N ALA G 244 -74.78 -38.46 45.25
CA ALA G 244 -74.51 -37.66 46.45
C ALA G 244 -73.24 -38.15 47.15
N ALA G 245 -73.07 -39.48 47.26
CA ALA G 245 -71.90 -40.02 47.92
C ALA G 245 -70.63 -39.77 47.12
N ARG G 246 -70.75 -39.75 45.78
CA ARG G 246 -69.58 -39.49 44.96
C ARG G 246 -69.14 -38.03 45.04
N THR G 247 -70.09 -37.10 44.93
CA THR G 247 -69.70 -35.70 44.91
C THR G 247 -69.66 -35.05 46.30
N MET G 248 -69.90 -35.80 47.37
CA MET G 248 -69.70 -35.21 48.69
C MET G 248 -68.71 -36.01 49.52
N ASP G 249 -67.96 -36.92 48.90
CA ASP G 249 -67.11 -37.86 49.64
C ASP G 249 -65.99 -37.19 50.43
N LYS G 250 -65.01 -36.62 49.74
CA LYS G 250 -63.88 -35.99 50.41
C LYS G 250 -64.08 -34.48 50.44
N TYR G 251 -65.13 -34.09 51.15
CA TYR G 251 -65.53 -32.69 51.27
C TYR G 251 -64.94 -32.13 52.56
N LEU G 252 -64.15 -31.07 52.44
CA LEU G 252 -63.52 -30.43 53.60
C LEU G 252 -64.53 -29.46 54.20
N LEU G 253 -65.25 -29.93 55.22
CA LEU G 253 -66.29 -29.14 55.87
C LEU G 253 -65.91 -28.93 57.33
N PHE G 254 -65.62 -27.67 57.69
CA PHE G 254 -65.32 -27.24 59.06
C PHE G 254 -64.17 -28.03 59.67
N GLY G 255 -63.13 -28.26 58.87
CA GLY G 255 -61.97 -29.00 59.31
C GLY G 255 -62.14 -30.50 59.34
N HIS G 256 -63.23 -31.01 58.78
CA HIS G 256 -63.47 -32.45 58.69
C HIS G 256 -63.53 -32.84 57.23
N ILE G 257 -62.75 -33.86 56.86
CA ILE G 257 -62.87 -34.47 55.55
C ILE G 257 -63.88 -35.61 55.68
N LEU G 258 -64.99 -35.50 54.97
CA LEU G 258 -66.11 -36.40 55.17
C LEU G 258 -65.78 -37.83 54.70
N THR G 259 -66.63 -38.78 55.09
CA THR G 259 -66.53 -40.16 54.62
C THR G 259 -67.91 -40.56 54.13
N CYS G 260 -68.13 -40.43 52.82
CA CYS G 260 -69.43 -40.70 52.21
C CYS G 260 -69.30 -41.97 51.37
N LYS G 261 -69.70 -43.10 51.94
CA LYS G 261 -69.57 -44.37 51.25
C LYS G 261 -70.91 -45.08 51.17
N ILE G 262 -71.22 -45.65 50.00
CA ILE G 262 -72.53 -46.34 49.82
C ILE G 262 -72.42 -47.76 50.38
N VAL G 263 -73.26 -48.09 51.37
CA VAL G 263 -73.28 -49.47 51.92
C VAL G 263 -73.91 -50.38 50.88
N PRO G 264 -73.23 -51.45 50.40
CA PRO G 264 -73.80 -52.33 49.36
C PRO G 264 -75.11 -52.94 49.82
N PRO G 265 -76.04 -53.19 48.89
CA PRO G 265 -77.33 -53.80 49.24
C PRO G 265 -77.25 -55.12 49.99
N ALA G 266 -76.20 -55.92 49.79
CA ALA G 266 -76.06 -57.18 50.49
C ALA G 266 -75.62 -57.02 51.94
N GLN G 267 -74.97 -55.90 52.28
CA GLN G 267 -74.42 -55.70 53.62
C GLN G 267 -75.28 -54.80 54.49
N VAL G 268 -76.50 -54.52 54.07
CA VAL G 268 -77.41 -53.64 54.86
C VAL G 268 -77.94 -54.43 56.07
N HIS G 269 -77.72 -53.94 57.28
CA HIS G 269 -78.27 -54.61 58.45
C HIS G 269 -79.77 -54.35 58.51
N PRO G 270 -80.57 -55.34 58.95
CA PRO G 270 -82.03 -55.17 58.87
C PRO G 270 -82.60 -54.04 59.72
N ASP G 271 -82.40 -54.06 61.03
CA ASP G 271 -82.91 -53.01 61.90
C ASP G 271 -81.85 -51.91 62.13
N LEU G 272 -81.30 -51.41 61.02
CA LEU G 272 -80.28 -50.38 61.10
C LEU G 272 -80.88 -49.00 61.32
N PHE G 273 -82.05 -48.75 60.71
CA PHE G 273 -82.75 -47.46 60.91
C PHE G 273 -83.81 -47.62 62.00
N LYS G 274 -83.43 -48.13 63.17
CA LYS G 274 -84.41 -48.39 64.23
C LYS G 274 -84.94 -47.09 64.83
N GLY G 275 -84.07 -46.12 65.06
CA GLY G 275 -84.48 -44.85 65.63
C GLY G 275 -84.59 -43.74 64.63
N ALA G 276 -84.83 -44.08 63.37
CA ALA G 276 -84.87 -43.09 62.30
C ALA G 276 -86.10 -42.20 62.43
N ASN G 277 -85.94 -40.95 61.97
CA ASN G 277 -86.97 -39.89 62.02
C ASN G 277 -87.50 -39.66 63.42
N ARG G 278 -86.65 -39.78 64.43
CA ARG G 278 -87.01 -39.57 65.82
C ARG G 278 -85.95 -38.70 66.51
N ARG G 279 -86.37 -37.94 67.50
CA ARG G 279 -85.43 -37.16 68.29
C ARG G 279 -84.77 -38.05 69.32
N PHE G 280 -83.47 -37.84 69.53
CA PHE G 280 -82.74 -38.52 70.60
C PHE G 280 -82.70 -37.57 71.78
N LYS G 281 -83.61 -37.77 72.73
CA LYS G 281 -83.75 -36.83 73.84
C LYS G 281 -82.60 -36.97 74.82
N VAL G 282 -82.15 -35.85 75.35
CA VAL G 282 -81.10 -35.83 76.36
C VAL G 282 -81.75 -36.02 77.73
N VAL G 283 -81.40 -37.11 78.40
CA VAL G 283 -82.03 -37.51 79.65
C VAL G 283 -80.98 -37.40 80.76
N PRO G 284 -81.26 -36.69 81.86
CA PRO G 284 -80.28 -36.54 82.93
C PRO G 284 -80.25 -37.74 83.87
N TRP G 285 -79.44 -38.75 83.53
CA TRP G 285 -79.36 -39.97 84.34
C TRP G 285 -78.80 -39.69 85.74
N ASN G 286 -77.76 -38.85 85.81
CA ASN G 286 -77.11 -38.62 87.10
C ASN G 286 -77.99 -37.81 88.03
N LYS G 287 -78.78 -36.89 87.48
CA LYS G 287 -79.75 -36.15 88.32
C LYS G 287 -80.82 -37.09 88.86
N MET G 288 -81.26 -38.06 88.04
CA MET G 288 -82.17 -39.10 88.52
C MET G 288 -81.55 -39.90 89.64
N ALA G 289 -80.28 -40.27 89.51
CA ALA G 289 -79.60 -41.03 90.56
C ALA G 289 -79.51 -40.22 91.85
N GLY G 290 -79.17 -38.94 91.74
CA GLY G 290 -79.07 -38.11 92.94
C GLY G 290 -80.41 -37.91 93.63
N ARG G 291 -81.48 -37.70 92.85
CA ARG G 291 -82.78 -37.49 93.46
C ARG G 291 -83.44 -38.81 93.85
N GLN G 292 -82.87 -39.93 93.41
CA GLN G 292 -83.25 -41.22 93.99
C GLN G 292 -82.52 -41.42 95.31
N LEU G 293 -81.28 -40.95 95.41
CA LEU G 293 -80.57 -40.94 96.69
C LEU G 293 -81.26 -40.03 97.70
N GLU G 294 -81.93 -38.98 97.22
CA GLU G 294 -82.68 -38.11 98.12
C GLU G 294 -83.98 -38.79 98.56
N ARG G 295 -84.57 -39.63 97.69
CA ARG G 295 -85.91 -40.18 97.82
C ARG G 295 -86.08 -41.00 99.10
N PRO G 296 -87.15 -40.77 99.85
CA PRO G 296 -87.31 -41.46 101.15
C PRO G 296 -87.76 -42.91 101.00
N LEU G 297 -86.92 -43.83 101.46
CA LEU G 297 -87.37 -45.19 101.71
C LEU G 297 -88.06 -45.27 103.06
N SER G 298 -89.06 -46.15 103.18
CA SER G 298 -89.97 -46.01 104.31
C SER G 298 -89.61 -46.80 105.57
N GLU G 299 -89.67 -48.12 105.57
CA GLU G 299 -89.32 -48.81 106.82
C GLU G 299 -88.39 -50.01 106.67
N SER G 300 -88.60 -50.84 105.65
CA SER G 300 -87.86 -52.09 105.57
C SER G 300 -86.75 -52.05 104.52
N GLN G 301 -86.87 -51.16 103.54
CA GLN G 301 -85.78 -50.96 102.59
C GLN G 301 -84.55 -50.36 103.27
N TRP G 302 -84.71 -49.72 104.44
CA TRP G 302 -83.53 -49.37 105.23
C TRP G 302 -82.95 -50.61 105.92
N GLN G 303 -83.78 -51.62 106.19
CA GLN G 303 -83.24 -52.87 106.71
C GLN G 303 -82.44 -53.57 105.62
N VAL G 304 -82.90 -53.46 104.37
CA VAL G 304 -82.10 -53.94 103.25
C VAL G 304 -80.81 -53.12 103.09
N LYS G 305 -80.90 -51.81 103.32
CA LYS G 305 -79.73 -50.94 103.34
C LYS G 305 -78.67 -51.45 104.31
N VAL G 306 -79.05 -51.70 105.56
CA VAL G 306 -78.04 -52.08 106.55
C VAL G 306 -77.59 -53.52 106.33
N ALA G 307 -78.45 -54.39 105.77
CA ALA G 307 -78.01 -55.75 105.46
C ALA G 307 -76.96 -55.75 104.36
N LYS G 308 -77.20 -54.98 103.28
CA LYS G 308 -76.21 -54.84 102.22
C LYS G 308 -74.91 -54.23 102.76
N GLU G 309 -75.04 -53.22 103.62
CA GLU G 309 -73.88 -52.61 104.25
C GLU G 309 -73.09 -53.64 105.05
N GLU G 310 -73.76 -54.50 105.81
CA GLU G 310 -73.00 -55.37 106.70
C GLU G 310 -72.29 -56.49 105.94
N GLN G 311 -72.90 -57.13 104.92
CA GLN G 311 -72.09 -58.24 104.39
C GLN G 311 -71.09 -57.71 103.36
N ARG G 312 -71.32 -56.51 102.79
CA ARG G 312 -70.23 -55.95 101.98
C ARG G 312 -69.09 -55.46 102.87
N ARG G 313 -69.39 -54.98 104.08
CA ARG G 313 -68.35 -54.71 105.06
C ARG G 313 -67.63 -55.98 105.47
N ALA G 314 -68.35 -57.11 105.55
CA ALA G 314 -67.72 -58.38 105.89
C ALA G 314 -66.76 -58.83 104.80
N ALA G 315 -67.16 -58.71 103.52
CA ALA G 315 -66.27 -59.07 102.42
C ALA G 315 -65.05 -58.16 102.38
N ARG G 316 -65.25 -56.85 102.57
CA ARG G 316 -64.13 -55.92 102.63
C ARG G 316 -63.23 -56.21 103.82
N ALA G 317 -63.82 -56.62 104.94
CA ALA G 317 -63.05 -56.99 106.12
C ALA G 317 -62.19 -58.22 105.86
N GLU G 318 -62.71 -59.19 105.12
CA GLU G 318 -61.89 -60.34 104.75
C GLU G 318 -60.74 -59.89 103.85
N LYS G 319 -61.02 -58.98 102.92
CA LYS G 319 -60.00 -58.51 101.98
C LYS G 319 -58.88 -57.75 102.70
N LEU G 320 -59.22 -56.91 103.69
CA LEU G 320 -58.20 -56.15 104.41
C LEU G 320 -57.69 -56.84 105.68
N LYS G 321 -58.27 -57.98 106.06
CA LYS G 321 -57.59 -58.91 106.95
C LYS G 321 -56.66 -59.85 106.22
N GLU G 322 -56.75 -59.92 104.90
CA GLU G 322 -55.72 -60.63 104.13
C GLU G 322 -54.37 -59.93 104.27
N MET G 323 -54.38 -58.59 104.34
CA MET G 323 -53.17 -57.79 104.50
C MET G 323 -53.00 -57.26 105.92
N GLY G 324 -54.11 -57.02 106.63
CA GLY G 324 -54.06 -56.65 108.03
C GLY G 324 -54.37 -55.21 108.35
N TYR G 325 -55.62 -54.93 108.69
CA TYR G 325 -56.08 -53.61 109.13
C TYR G 325 -57.40 -53.78 109.86
N GLU G 326 -57.41 -53.49 111.16
CA GLU G 326 -58.55 -53.75 112.02
C GLU G 326 -59.50 -52.57 112.04
N PHE G 327 -60.79 -52.88 112.07
CA PHE G 327 -61.85 -51.88 112.23
C PHE G 327 -62.96 -52.39 113.14
N GLU G 328 -63.81 -51.45 113.56
CA GLU G 328 -64.86 -51.69 114.55
C GLU G 328 -66.13 -50.99 114.06
N ALA G 329 -67.10 -50.86 114.97
CA ALA G 329 -68.36 -50.13 114.77
C ALA G 329 -69.20 -50.65 113.62
N GLY H 2 -66.81 32.15 -10.28
CA GLY H 2 -67.86 31.17 -10.44
C GLY H 2 -67.63 29.90 -9.64
N LYS H 3 -68.08 29.91 -8.39
CA LYS H 3 -67.94 28.76 -7.50
C LYS H 3 -69.31 28.37 -6.96
N ALA H 4 -69.63 27.08 -7.03
CA ALA H 4 -70.89 26.56 -6.54
C ALA H 4 -70.73 26.17 -5.08
N LYS H 5 -71.58 26.74 -4.21
CA LYS H 5 -71.52 26.50 -2.78
C LYS H 5 -72.85 25.92 -2.31
N LYS H 6 -72.78 24.85 -1.51
CA LYS H 6 -73.98 24.19 -1.03
C LYS H 6 -74.67 25.02 0.05
N LYS H 7 -76.00 24.96 0.04
CA LYS H 7 -76.78 25.67 1.04
C LYS H 7 -76.74 24.98 2.41
N GLY H 8 -76.61 23.65 2.42
CA GLY H 8 -76.62 22.93 3.69
C GLY H 8 -75.38 23.19 4.53
N LYS H 9 -74.23 23.33 3.89
CA LYS H 9 -72.96 23.44 4.62
C LYS H 9 -72.67 24.85 5.12
N SER H 10 -73.47 25.84 4.73
CA SER H 10 -73.24 27.23 5.12
C SER H 10 -74.51 27.84 5.68
N GLY H 11 -74.33 28.91 6.47
CA GLY H 11 -75.45 29.61 7.05
C GLY H 11 -75.62 29.36 8.53
N ALA H 12 -76.83 28.95 8.93
CA ALA H 12 -77.11 28.68 10.34
C ALA H 12 -76.65 27.29 10.76
N ALA H 13 -76.23 26.46 9.81
CA ALA H 13 -75.73 25.12 10.16
C ALA H 13 -74.43 25.18 10.94
N ARG H 14 -73.53 26.10 10.58
CA ARG H 14 -72.27 26.24 11.31
C ARG H 14 -72.53 26.85 12.69
N ASN H 15 -73.52 27.73 12.79
CA ASN H 15 -73.67 28.59 13.96
C ASN H 15 -74.27 27.83 15.14
N TYR H 16 -75.21 26.92 14.88
CA TYR H 16 -75.86 26.15 15.92
C TYR H 16 -75.68 24.66 15.64
N MET H 17 -75.43 23.90 16.70
CA MET H 17 -75.27 22.46 16.63
C MET H 17 -76.24 21.81 17.60
N THR H 18 -76.91 20.75 17.15
CA THR H 18 -77.92 20.12 17.98
C THR H 18 -77.29 19.35 19.15
N ARG H 19 -78.15 18.88 20.05
CA ARG H 19 -77.69 18.23 21.27
C ARG H 19 -76.92 16.95 20.97
N THR H 20 -77.43 16.12 20.05
CA THR H 20 -76.79 14.84 19.73
C THR H 20 -75.40 15.05 19.14
N GLN H 21 -75.27 15.98 18.20
CA GLN H 21 -73.96 16.24 17.60
C GLN H 21 -73.02 16.91 18.60
N ALA H 22 -73.56 17.71 19.52
CA ALA H 22 -72.72 18.33 20.55
C ALA H 22 -72.14 17.29 21.49
N VAL H 23 -72.96 16.33 21.95
CA VAL H 23 -72.45 15.24 22.77
C VAL H 23 -71.51 14.33 21.99
N LYS H 24 -71.78 14.08 20.71
CA LYS H 24 -70.88 13.26 19.90
C LYS H 24 -69.52 13.93 19.69
N LYS H 25 -69.51 15.24 19.46
CA LYS H 25 -68.25 15.95 19.29
C LYS H 25 -67.49 16.06 20.61
N LEU H 26 -68.21 16.30 21.71
CA LEU H 26 -67.56 16.37 23.01
C LEU H 26 -67.12 15.00 23.51
N GLN H 27 -67.70 13.93 22.97
CA GLN H 27 -67.31 12.54 23.25
C GLN H 27 -67.43 12.20 24.74
N LEU H 28 -68.54 12.62 25.34
CA LEU H 28 -68.80 12.33 26.74
C LEU H 28 -70.16 11.65 26.87
N SER H 29 -70.45 11.18 28.07
CA SER H 29 -71.76 10.62 28.35
C SER H 29 -72.77 11.73 28.62
N LEU H 30 -74.05 11.37 28.53
CA LEU H 30 -75.12 12.35 28.77
C LEU H 30 -75.12 12.94 30.18
N PRO H 31 -75.00 12.18 31.29
CA PRO H 31 -74.92 12.85 32.59
C PRO H 31 -73.65 13.66 32.80
N ASP H 32 -72.52 13.22 32.23
CA ASP H 32 -71.27 13.96 32.40
C ASP H 32 -71.30 15.23 31.55
N PHE H 33 -71.90 15.16 30.36
CA PHE H 33 -72.14 16.37 29.58
C PHE H 33 -73.10 17.31 30.29
N ARG H 34 -74.11 16.75 30.98
CA ARG H 34 -75.04 17.59 31.72
C ARG H 34 -74.33 18.27 32.87
N LYS H 35 -73.39 17.58 33.53
CA LYS H 35 -72.60 18.19 34.58
C LYS H 35 -71.69 19.29 34.03
N LEU H 36 -71.10 19.07 32.87
CA LEU H 36 -70.24 20.09 32.28
C LEU H 36 -71.04 21.33 31.88
N CYS H 37 -72.26 21.13 31.37
CA CYS H 37 -73.11 22.26 31.04
C CYS H 37 -73.72 22.90 32.30
N ILE H 38 -73.91 22.13 33.37
CA ILE H 38 -74.47 22.70 34.59
C ILE H 38 -73.40 23.51 35.32
N TRP H 39 -72.13 23.24 35.01
CA TRP H 39 -71.04 24.02 35.61
C TRP H 39 -70.65 25.22 34.75
N LYS H 40 -70.62 25.06 33.42
CA LYS H 40 -70.26 26.18 32.56
C LYS H 40 -71.44 27.12 32.29
N GLY H 41 -72.66 26.73 32.62
CA GLY H 41 -73.79 27.61 32.39
C GLY H 41 -74.23 27.75 30.96
N ILE H 42 -73.95 26.75 30.12
CA ILE H 42 -74.34 26.81 28.73
C ILE H 42 -75.84 26.60 28.61
N TYR H 43 -76.53 27.52 27.95
CA TYR H 43 -77.97 27.46 27.77
C TYR H 43 -78.30 27.32 26.29
N PRO H 44 -79.37 26.57 25.95
CA PRO H 44 -79.54 26.12 24.57
C PRO H 44 -79.94 27.20 23.56
N ARG H 45 -80.44 28.35 24.02
CA ARG H 45 -80.86 29.49 23.18
C ARG H 45 -81.94 29.11 22.17
N GLU H 46 -82.23 30.03 21.24
CA GLU H 46 -83.01 29.75 20.04
C GLU H 46 -82.23 30.23 18.82
N PRO H 47 -82.16 29.45 17.75
CA PRO H 47 -81.81 30.01 16.45
C PRO H 47 -82.93 30.87 15.90
N ARG H 48 -82.57 31.76 14.98
CA ARG H 48 -83.59 32.52 14.26
C ARG H 48 -84.45 31.60 13.40
N ASP H 49 -83.84 30.59 12.80
CA ASP H 49 -84.56 29.59 12.00
C ASP H 49 -84.01 28.22 12.36
N ARG H 50 -84.82 27.41 13.04
CA ARG H 50 -84.44 26.02 13.29
C ARG H 50 -84.48 25.19 12.02
N ARG H 51 -85.20 25.66 11.00
CA ARG H 51 -85.18 25.03 9.67
C ARG H 51 -83.81 25.15 9.03
N LYS H 52 -83.12 26.28 9.22
CA LYS H 52 -81.85 26.50 8.52
C LYS H 52 -80.68 25.82 9.22
N VAL H 53 -80.90 25.24 10.40
CA VAL H 53 -79.79 24.63 11.14
C VAL H 53 -79.49 23.24 10.59
N ASN H 54 -80.46 22.34 10.66
CA ASN H 54 -80.29 20.97 10.17
C ASN H 54 -81.52 20.57 9.38
N LYS H 55 -81.37 19.58 8.50
CA LYS H 55 -82.47 19.17 7.63
C LYS H 55 -83.55 18.44 8.41
N SER H 56 -83.15 17.49 9.27
CA SER H 56 -84.09 16.78 10.13
C SER H 56 -84.18 17.55 11.44
N ALA H 57 -85.24 18.34 11.59
CA ALA H 57 -85.40 19.21 12.74
C ALA H 57 -86.79 19.05 13.33
N THR H 58 -86.86 19.20 14.65
CA THR H 58 -88.12 19.16 15.39
C THR H 58 -88.05 20.23 16.47
N ALA H 59 -89.21 20.85 16.75
CA ALA H 59 -89.26 21.90 17.76
C ALA H 59 -88.94 21.40 19.16
N SER H 60 -89.13 20.10 19.43
CA SER H 60 -88.77 19.55 20.73
C SER H 60 -87.26 19.45 20.92
N THR H 61 -86.51 19.34 19.81
CA THR H 61 -85.06 19.26 19.90
C THR H 61 -84.46 20.59 20.30
N THR H 62 -83.33 20.54 21.01
CA THR H 62 -82.64 21.71 21.51
C THR H 62 -81.29 21.85 20.80
N PHE H 63 -80.89 23.09 20.56
CA PHE H 63 -79.64 23.42 19.88
C PHE H 63 -78.64 23.99 20.88
N TYR H 64 -77.46 24.33 20.37
CA TYR H 64 -76.41 24.91 21.20
C TYR H 64 -75.51 25.78 20.33
N TYR H 65 -74.90 26.79 20.96
CA TYR H 65 -73.96 27.65 20.28
C TYR H 65 -72.66 26.91 19.97
N THR H 66 -72.13 27.13 18.77
CA THR H 66 -70.90 26.46 18.35
C THR H 66 -69.71 26.92 19.17
N LYS H 67 -69.60 28.23 19.43
CA LYS H 67 -68.50 28.74 20.25
C LYS H 67 -68.64 28.29 21.70
N ASP H 68 -69.87 28.08 22.18
CA ASP H 68 -70.06 27.49 23.50
C ASP H 68 -69.51 26.07 23.56
N ILE H 69 -69.73 25.28 22.50
CA ILE H 69 -69.16 23.93 22.44
C ILE H 69 -67.64 24.00 22.33
N GLN H 70 -67.12 24.98 21.60
CA GLN H 70 -65.67 25.14 21.49
C GLN H 70 -65.04 25.52 22.83
N TYR H 71 -65.72 26.37 23.59
CA TYR H 71 -65.32 26.62 24.98
C TYR H 71 -65.45 25.37 25.83
N LEU H 72 -66.43 24.52 25.51
CA LEU H 72 -66.68 23.31 26.29
C LEU H 72 -65.56 22.29 26.08
N LEU H 73 -65.01 22.22 24.87
CA LEU H 73 -63.91 21.29 24.60
C LEU H 73 -62.64 21.67 25.33
N HIS H 74 -62.27 22.95 25.28
CA HIS H 74 -60.98 23.41 25.79
C HIS H 74 -61.06 23.78 27.26
N GLU H 75 -61.21 22.74 28.09
CA GLU H 75 -61.29 22.91 29.53
C GLU H 75 -60.35 21.94 30.23
N PRO H 76 -59.79 22.34 31.39
CA PRO H 76 -59.04 21.38 32.20
C PRO H 76 -59.90 20.29 32.82
N LEU H 77 -61.22 20.46 32.86
CA LEU H 77 -62.09 19.50 33.51
C LEU H 77 -62.35 18.25 32.69
N LEU H 78 -62.06 18.26 31.38
CA LEU H 78 -62.18 17.03 30.59
C LEU H 78 -61.15 16.00 31.03
N GLN H 79 -59.89 16.43 31.17
CA GLN H 79 -58.84 15.57 31.71
C GLN H 79 -59.15 15.14 33.13
N LYS H 80 -59.79 16.01 33.92
CA LYS H 80 -60.20 15.65 35.27
C LYS H 80 -61.28 14.57 35.25
N PHE H 81 -62.24 14.67 34.33
CA PHE H 81 -63.23 13.62 34.16
C PHE H 81 -62.55 12.30 33.82
N ARG H 82 -61.56 12.36 32.91
CA ARG H 82 -60.89 11.15 32.46
C ARG H 82 -60.07 10.49 33.56
N GLU H 83 -59.27 11.25 34.32
CA GLU H 83 -58.42 10.56 35.29
C GLU H 83 -59.21 10.23 36.54
N GLN H 84 -60.34 10.90 36.78
CA GLN H 84 -61.19 10.50 37.88
C GLN H 84 -61.94 9.20 37.55
N LYS H 85 -62.37 9.04 36.30
CA LYS H 85 -62.96 7.76 35.91
C LYS H 85 -61.91 6.65 35.92
N ALA H 86 -60.68 7.00 35.53
CA ALA H 86 -59.56 6.05 35.65
C ALA H 86 -59.29 5.67 37.10
N LEU H 87 -59.39 6.64 38.03
CA LEU H 87 -59.21 6.34 39.44
C LEU H 87 -60.36 5.52 40.00
N GLU H 88 -61.57 5.69 39.49
CA GLU H 88 -62.66 4.79 39.83
C GLU H 88 -62.38 3.38 39.33
N LYS H 89 -61.77 3.26 38.14
CA LYS H 89 -61.33 1.95 37.67
C LYS H 89 -60.27 1.36 38.59
N LYS H 90 -59.34 2.19 39.08
CA LYS H 90 -58.30 1.71 39.98
C LYS H 90 -58.87 1.27 41.33
N ILE H 91 -59.81 2.02 41.89
CA ILE H 91 -60.39 1.62 43.17
C ILE H 91 -61.24 0.36 43.02
N SER H 92 -61.93 0.21 41.88
CA SER H 92 -62.64 -1.04 41.63
C SER H 92 -61.67 -2.21 41.47
N ARG H 93 -60.53 -1.97 40.83
CA ARG H 93 -59.49 -2.98 40.70
C ARG H 93 -58.95 -3.40 42.06
N ALA H 94 -58.71 -2.42 42.94
CA ALA H 94 -58.20 -2.71 44.28
C ALA H 94 -59.23 -3.46 45.11
N LEU H 95 -60.51 -3.13 44.96
CA LEU H 95 -61.56 -3.86 45.65
C LEU H 95 -61.67 -5.30 45.16
N GLY H 96 -61.56 -5.50 43.84
CA GLY H 96 -61.64 -6.84 43.29
C GLY H 96 -60.39 -7.68 43.54
N ARG H 97 -59.26 -7.02 43.81
CA ARG H 97 -58.01 -7.74 44.02
C ARG H 97 -57.81 -8.18 45.46
N GLY H 98 -58.69 -7.76 46.37
CA GLY H 98 -58.57 -8.13 47.77
C GLY H 98 -57.65 -7.28 48.60
N ASP H 99 -57.09 -6.20 48.03
CA ASP H 99 -56.17 -5.33 48.77
C ASP H 99 -56.98 -4.26 49.48
N VAL H 100 -57.16 -4.44 50.79
CA VAL H 100 -57.92 -3.47 51.59
C VAL H 100 -57.11 -2.20 51.79
N SER H 101 -55.80 -2.33 52.05
CA SER H 101 -54.97 -1.16 52.30
C SER H 101 -54.80 -0.31 51.05
N ASN H 102 -54.63 -0.95 49.89
CA ASN H 102 -54.56 -0.19 48.65
C ASN H 102 -55.89 0.46 48.31
N ALA H 103 -57.00 -0.20 48.68
CA ALA H 103 -58.31 0.42 48.53
C ALA H 103 -58.44 1.66 49.40
N ALA H 104 -57.95 1.59 50.64
CA ALA H 104 -57.98 2.75 51.53
C ALA H 104 -57.12 3.89 50.97
N ARG H 105 -55.94 3.55 50.44
CA ARG H 105 -55.08 4.57 49.84
C ARG H 105 -55.73 5.22 48.62
N LEU H 106 -56.38 4.42 47.77
CA LEU H 106 -56.99 4.97 46.58
C LEU H 106 -58.22 5.80 46.90
N GLU H 107 -59.01 5.42 47.92
CA GLU H 107 -60.14 6.26 48.30
C GLU H 107 -59.70 7.50 49.07
N ARG H 108 -58.55 7.46 49.75
CA ARG H 108 -57.95 8.69 50.27
C ARG H 108 -57.55 9.62 49.13
N ASN H 109 -56.96 9.06 48.07
CA ASN H 109 -56.54 9.87 46.94
C ASN H 109 -57.72 10.39 46.13
N ALA H 110 -58.86 9.70 46.18
CA ALA H 110 -60.00 10.09 45.36
C ALA H 110 -60.67 11.36 45.87
N ASN H 111 -60.60 11.61 47.18
CA ASN H 111 -61.30 12.72 47.85
C ASN H 111 -62.80 12.67 47.56
N LEU H 112 -63.41 11.52 47.84
CA LEU H 112 -64.81 11.29 47.51
C LEU H 112 -65.70 12.06 48.48
N PRO H 113 -66.71 12.81 47.98
CA PRO H 113 -67.39 13.83 48.79
C PRO H 113 -68.51 13.30 49.68
N GLU H 114 -68.21 12.27 50.48
CA GLU H 114 -69.08 11.87 51.58
C GLU H 114 -68.34 11.81 52.91
N LYS H 115 -67.07 11.44 52.90
CA LYS H 115 -66.23 11.47 54.10
C LYS H 115 -65.61 12.83 54.35
N THR H 116 -65.76 13.77 53.41
CA THR H 116 -65.14 15.09 53.53
C THR H 116 -66.16 16.20 53.64
N GLY H 117 -67.16 16.21 52.74
CA GLY H 117 -68.11 17.29 52.65
C GLY H 117 -67.70 18.41 51.72
N LYS H 118 -66.45 18.45 51.29
CA LYS H 118 -65.95 19.40 50.32
C LYS H 118 -66.37 18.98 48.92
N PRO H 119 -66.55 19.93 48.00
CA PRO H 119 -66.88 19.59 46.62
C PRO H 119 -65.84 18.67 45.98
N ARG H 120 -66.32 17.76 45.13
CA ARG H 120 -65.48 16.69 44.60
C ARG H 120 -64.39 17.23 43.68
N TYR H 121 -64.72 18.19 42.83
CA TYR H 121 -63.78 18.78 41.91
C TYR H 121 -63.34 20.16 42.40
N THR H 122 -62.26 20.67 41.80
CA THR H 122 -61.79 22.02 42.06
C THR H 122 -62.44 22.96 41.05
N LEU H 123 -63.27 23.88 41.54
CA LEU H 123 -64.05 24.75 40.67
C LEU H 123 -63.64 26.21 40.79
N ASN H 124 -62.35 26.49 40.97
CA ASN H 124 -61.91 27.88 41.13
C ASN H 124 -61.96 28.63 39.79
N HIS H 125 -61.44 28.01 38.73
CA HIS H 125 -61.27 28.72 37.47
C HIS H 125 -62.59 28.96 36.75
N ILE H 126 -63.53 28.02 36.87
CA ILE H 126 -64.82 28.18 36.19
C ILE H 126 -65.62 29.31 36.83
N ILE H 127 -65.64 29.38 38.16
CA ILE H 127 -66.35 30.48 38.82
C ILE H 127 -65.58 31.78 38.73
N ARG H 128 -64.27 31.74 38.47
CA ARG H 128 -63.54 32.95 38.16
C ARG H 128 -63.90 33.48 36.78
N GLU H 129 -64.02 32.59 35.79
CA GLU H 129 -64.32 33.03 34.44
C GLU H 129 -65.79 33.45 34.30
N ARG H 130 -66.69 32.77 35.00
CA ARG H 130 -68.11 33.08 34.89
C ARG H 130 -68.45 34.37 35.64
N TYR H 131 -67.90 34.55 36.84
CA TYR H 131 -68.10 35.79 37.60
C TYR H 131 -66.83 36.62 37.58
N PRO H 132 -66.77 37.70 36.79
CA PRO H 132 -65.57 38.54 36.80
C PRO H 132 -65.50 39.47 38.01
N THR H 133 -66.63 39.90 38.55
CA THR H 133 -66.67 40.82 39.68
C THR H 133 -67.66 40.30 40.73
N PHE H 134 -67.80 41.08 41.81
CA PHE H 134 -68.49 40.59 43.00
C PHE H 134 -70.01 40.77 42.93
N GLN H 135 -70.51 41.77 42.21
CA GLN H 135 -71.95 42.01 42.24
C GLN H 135 -72.70 40.96 41.42
N ASP H 136 -72.07 40.41 40.39
CA ASP H 136 -72.64 39.24 39.72
C ASP H 136 -72.66 38.03 40.64
N ALA H 137 -71.63 37.90 41.49
CA ALA H 137 -71.61 36.83 42.48
C ALA H 137 -72.75 36.99 43.47
N LEU H 138 -73.08 38.24 43.86
CA LEU H 138 -74.24 38.46 44.72
C LEU H 138 -75.56 38.16 43.99
N ARG H 139 -75.65 38.55 42.71
CA ARG H 139 -76.85 38.32 41.91
C ARG H 139 -77.15 36.83 41.78
N ASP H 140 -76.12 36.01 41.56
CA ASP H 140 -76.34 34.56 41.58
C ASP H 140 -76.35 34.00 42.99
N LEU H 141 -75.82 34.73 43.97
CA LEU H 141 -75.83 34.28 45.36
C LEU H 141 -77.25 34.32 45.92
N ASP H 142 -78.11 35.15 45.34
CA ASP H 142 -79.56 35.11 45.57
C ASP H 142 -80.05 33.67 45.49
N ASP H 143 -79.95 33.08 44.29
CA ASP H 143 -80.37 31.70 44.11
C ASP H 143 -79.47 30.73 44.85
N CYS H 144 -78.16 30.97 44.89
CA CYS H 144 -77.24 30.06 45.58
C CYS H 144 -77.61 29.88 47.04
N LEU H 145 -77.78 30.99 47.76
CA LEU H 145 -78.13 30.99 49.17
C LEU H 145 -79.54 30.46 49.40
N SER H 146 -80.46 30.71 48.47
CA SER H 146 -81.78 30.10 48.57
C SER H 146 -81.69 28.58 48.50
N MET H 147 -80.93 28.06 47.52
CA MET H 147 -80.70 26.62 47.40
C MET H 147 -80.11 26.07 48.69
N LEU H 148 -79.06 26.72 49.22
CA LEU H 148 -78.37 26.20 50.40
C LEU H 148 -79.22 26.21 51.67
N PHE H 149 -80.03 27.25 51.89
CA PHE H 149 -80.91 27.24 53.05
C PHE H 149 -81.94 26.12 52.97
N LEU H 150 -82.53 25.91 51.78
CA LEU H 150 -83.45 24.78 51.65
C LEU H 150 -82.73 23.45 51.88
N PHE H 151 -81.52 23.32 51.33
CA PHE H 151 -80.76 22.08 51.41
C PHE H 151 -80.33 21.77 52.83
N ALA H 152 -80.03 22.81 53.61
CA ALA H 152 -79.77 22.63 55.03
C ALA H 152 -81.02 22.19 55.77
N ASN H 153 -82.20 22.64 55.34
CA ASN H 153 -83.42 22.05 55.89
C ASN H 153 -83.91 20.80 55.14
N LEU H 154 -83.08 20.22 54.25
CA LEU H 154 -83.48 19.00 53.56
C LEU H 154 -82.72 17.78 54.10
N PRO H 155 -83.34 16.58 54.07
CA PRO H 155 -82.66 15.38 54.57
C PRO H 155 -81.60 14.84 53.62
N SER H 156 -81.03 13.68 53.96
CA SER H 156 -79.90 13.11 53.24
C SER H 156 -80.26 11.76 52.64
N THR H 157 -79.76 11.52 51.42
CA THR H 157 -79.90 10.27 50.67
C THR H 157 -78.52 9.88 50.13
N THR H 158 -78.51 8.91 49.20
CA THR H 158 -77.26 8.47 48.60
C THR H 158 -76.63 9.57 47.75
N ALA H 159 -77.42 10.26 46.93
CA ALA H 159 -76.89 11.32 46.09
C ALA H 159 -76.53 12.57 46.87
N VAL H 160 -77.18 12.79 48.02
CA VAL H 160 -76.88 13.94 48.86
C VAL H 160 -76.52 13.43 50.26
N PRO H 161 -75.24 13.27 50.57
CA PRO H 161 -74.82 12.69 51.85
C PRO H 161 -75.04 13.66 53.01
N ALA H 162 -74.57 13.27 54.19
CA ALA H 162 -74.84 14.04 55.39
C ALA H 162 -73.75 15.07 55.69
N LYS H 163 -72.50 14.80 55.27
CA LYS H 163 -71.40 15.68 55.66
C LYS H 163 -71.45 17.02 54.96
N MET H 164 -71.78 17.04 53.66
CA MET H 164 -71.90 18.36 53.05
C MET H 164 -73.22 19.03 53.38
N ILE H 165 -74.20 18.29 53.91
CA ILE H 165 -75.37 18.93 54.50
C ILE H 165 -74.98 19.65 55.78
N ALA H 166 -74.11 19.04 56.59
CA ALA H 166 -73.55 19.73 57.75
C ALA H 166 -72.72 20.93 57.31
N ARG H 167 -72.00 20.82 56.19
CA ARG H 167 -71.26 21.96 55.67
C ARG H 167 -72.19 23.05 55.17
N CYS H 168 -73.33 22.68 54.57
CA CYS H 168 -74.37 23.64 54.20
C CYS H 168 -74.86 24.39 55.43
N GLU H 169 -75.12 23.66 56.51
CA GLU H 169 -75.58 24.25 57.77
C GLU H 169 -74.54 25.21 58.33
N ARG H 170 -73.27 24.78 58.36
CA ARG H 170 -72.20 25.62 58.90
C ARG H 170 -71.98 26.87 58.07
N LEU H 171 -71.99 26.74 56.74
CA LEU H 171 -71.75 27.87 55.87
C LEU H 171 -72.91 28.87 55.88
N CYS H 172 -74.15 28.37 55.90
CA CYS H 172 -75.30 29.25 56.04
C CYS H 172 -75.27 29.99 57.38
N HIS H 173 -74.86 29.29 58.44
CA HIS H 173 -74.81 29.93 59.75
C HIS H 173 -73.69 30.97 59.83
N GLU H 174 -72.57 30.72 59.14
CA GLU H 174 -71.52 31.73 59.05
C GLU H 174 -71.98 32.96 58.26
N PHE H 175 -72.76 32.73 57.19
CA PHE H 175 -73.33 33.86 56.47
C PHE H 175 -74.29 34.67 57.35
N GLN H 176 -75.11 33.95 58.14
CA GLN H 176 -76.01 34.64 59.07
C GLN H 176 -75.23 35.42 60.11
N HIS H 177 -74.09 34.88 60.55
CA HIS H 177 -73.24 35.61 61.48
C HIS H 177 -72.67 36.87 60.83
N TYR H 178 -72.32 36.80 59.55
CA TYR H 178 -71.92 38.00 58.82
C TYR H 178 -73.04 39.03 58.79
N LEU H 179 -74.27 38.59 58.51
CA LEU H 179 -75.39 39.52 58.45
C LEU H 179 -75.70 40.14 59.81
N ILE H 180 -75.62 39.36 60.88
CA ILE H 180 -75.91 39.91 62.20
C ILE H 180 -74.75 40.74 62.74
N VAL H 181 -73.54 40.60 62.18
CA VAL H 181 -72.45 41.48 62.57
C VAL H 181 -72.55 42.81 61.82
N THR H 182 -72.73 42.77 60.50
CA THR H 182 -72.68 43.98 59.69
C THR H 182 -74.04 44.66 59.53
N HIS H 183 -75.12 44.04 60.01
CA HIS H 183 -76.49 44.56 59.87
C HIS H 183 -76.86 44.82 58.42
N SER H 184 -76.38 43.96 57.52
CA SER H 184 -76.65 44.13 56.09
C SER H 184 -78.08 43.76 55.71
N LEU H 185 -78.79 43.04 56.57
CA LEU H 185 -80.19 42.72 56.32
C LEU H 185 -81.05 43.98 56.41
N ARG H 186 -81.97 44.13 55.47
CA ARG H 186 -82.87 45.27 55.46
C ARG H 186 -84.34 44.87 55.61
N LYS H 187 -84.82 43.93 54.80
CA LYS H 187 -86.24 43.61 54.75
C LYS H 187 -86.44 42.13 55.04
N SER H 188 -87.57 41.80 55.66
CA SER H 188 -87.87 40.42 56.03
C SER H 188 -89.38 40.20 55.98
N PHE H 189 -89.83 39.30 55.11
CA PHE H 189 -91.25 39.06 54.89
C PHE H 189 -91.55 37.56 54.96
N LEU H 190 -92.46 37.17 55.85
CA LEU H 190 -92.70 35.75 56.07
C LEU H 190 -94.10 35.38 55.60
N SER H 191 -94.29 34.08 55.30
CA SER H 191 -95.43 33.62 54.52
C SER H 191 -95.68 32.12 54.58
N ILE H 192 -96.45 31.60 53.64
CA ILE H 192 -96.72 30.16 53.59
C ILE H 192 -95.71 29.42 52.72
N LYS H 193 -95.00 30.14 51.84
CA LYS H 193 -93.69 29.67 51.40
C LYS H 193 -92.79 29.39 52.59
N GLY H 194 -92.68 30.36 53.49
CA GLY H 194 -91.59 30.41 54.44
C GLY H 194 -91.33 31.86 54.76
N ILE H 195 -90.05 32.23 54.76
CA ILE H 195 -89.64 33.62 54.94
C ILE H 195 -88.70 34.01 53.82
N TYR H 196 -89.02 35.10 53.12
CA TYR H 196 -88.08 35.77 52.24
C TYR H 196 -87.31 36.82 53.05
N TYR H 197 -86.05 37.00 52.71
CA TYR H 197 -85.21 38.02 53.31
C TYR H 197 -84.51 38.80 52.19
N GLN H 198 -84.47 40.12 52.34
CA GLN H 198 -83.80 41.01 51.39
C GLN H 198 -82.71 41.74 52.15
N ALA H 199 -81.48 41.61 51.67
CA ALA H 199 -80.32 42.26 52.27
C ALA H 199 -79.54 43.00 51.19
N ASN H 200 -79.01 44.17 51.53
CA ASN H 200 -78.17 44.93 50.61
C ASN H 200 -76.69 44.69 50.96
N ILE H 201 -75.91 44.36 49.94
CA ILE H 201 -74.46 44.20 50.05
C ILE H 201 -73.83 44.98 48.90
N GLN H 202 -73.03 45.98 49.26
CA GLN H 202 -72.28 46.83 48.31
C GLN H 202 -73.21 47.47 47.28
N GLY H 203 -74.40 47.87 47.72
CA GLY H 203 -75.38 48.46 46.85
C GLY H 203 -76.16 47.49 45.99
N GLU H 204 -76.13 46.20 46.29
CA GLU H 204 -76.85 45.19 45.53
C GLU H 204 -77.85 44.48 46.43
N ASP H 205 -79.08 44.32 45.95
CA ASP H 205 -80.13 43.67 46.73
C ASP H 205 -80.09 42.16 46.50
N ILE H 206 -80.29 41.40 47.57
CA ILE H 206 -80.32 39.94 47.53
C ILE H 206 -81.59 39.47 48.23
N LEU H 207 -82.38 38.65 47.54
CA LEU H 207 -83.61 38.07 48.07
C LEU H 207 -83.44 36.57 48.17
N TRP H 208 -83.80 36.00 49.32
CA TRP H 208 -83.56 34.58 49.51
C TRP H 208 -84.55 34.01 50.52
N LEU H 209 -85.01 32.79 50.23
CA LEU H 209 -86.18 32.20 50.86
C LEU H 209 -85.80 30.96 51.66
N VAL H 210 -86.36 30.87 52.87
CA VAL H 210 -86.13 29.75 53.77
C VAL H 210 -87.49 29.13 54.12
N PRO H 211 -87.66 27.82 54.01
CA PRO H 211 -88.88 27.19 54.51
C PRO H 211 -88.81 26.92 56.01
N TYR H 212 -89.95 26.51 56.56
CA TYR H 212 -90.04 26.30 58.00
C TYR H 212 -89.40 24.98 58.41
N LYS H 213 -89.17 24.85 59.72
CA LYS H 213 -88.57 23.65 60.31
C LYS H 213 -89.58 22.51 60.34
N PHE H 214 -89.73 21.81 59.22
CA PHE H 214 -90.83 20.86 59.10
C PHE H 214 -90.41 19.79 58.12
N ASN H 215 -91.09 18.65 58.18
CA ASN H 215 -90.81 17.53 57.27
C ASN H 215 -91.34 17.89 55.88
N GLN H 216 -90.44 17.91 54.90
CA GLN H 216 -90.79 18.20 53.52
C GLN H 216 -90.77 16.90 52.71
N ARG H 217 -91.89 16.60 52.05
CA ARG H 217 -91.96 15.40 51.23
C ARG H 217 -91.42 15.69 49.82
N ILE H 218 -90.66 14.72 49.30
CA ILE H 218 -89.99 14.87 48.00
C ILE H 218 -90.64 13.87 47.05
N VAL H 219 -91.96 13.69 47.18
CA VAL H 219 -92.68 12.77 46.32
C VAL H 219 -92.71 13.31 44.89
N GLY H 220 -92.89 12.42 43.93
CA GLY H 220 -92.86 12.77 42.53
C GLY H 220 -91.57 12.33 41.88
N ASP H 221 -91.37 12.80 40.65
CA ASP H 221 -90.18 12.48 39.86
C ASP H 221 -89.19 13.63 39.99
N VAL H 222 -88.15 13.41 40.78
CA VAL H 222 -87.09 14.41 40.98
C VAL H 222 -85.74 13.74 40.81
N ASP H 223 -84.80 14.48 40.24
CA ASP H 223 -83.44 14.00 40.02
C ASP H 223 -82.54 14.64 41.07
N PHE H 224 -81.78 13.80 41.78
CA PHE H 224 -80.98 14.26 42.91
C PHE H 224 -79.50 14.43 42.55
N ARG H 225 -79.07 13.90 41.41
CA ARG H 225 -77.69 14.09 40.96
C ARG H 225 -77.46 15.53 40.54
N ILE H 226 -78.39 16.10 39.76
CA ILE H 226 -78.27 17.51 39.37
C ILE H 226 -78.45 18.39 40.60
N MET H 227 -79.23 17.92 41.59
CA MET H 227 -79.25 18.57 42.89
C MET H 227 -77.86 18.62 43.52
N GLY H 228 -77.13 17.50 43.50
CA GLY H 228 -75.78 17.50 44.07
C GLY H 228 -74.80 18.39 43.31
N THR H 229 -74.96 18.47 41.98
CA THR H 229 -74.15 19.41 41.21
C THR H 229 -74.43 20.86 41.63
N PHE H 230 -75.71 21.20 41.79
CA PHE H 230 -76.09 22.52 42.28
C PHE H 230 -75.51 22.75 43.68
N VAL H 231 -75.50 21.71 44.50
CA VAL H 231 -74.91 21.77 45.84
C VAL H 231 -73.46 22.20 45.76
N GLU H 232 -72.61 21.42 45.08
CA GLU H 232 -71.17 21.68 45.16
C GLU H 232 -70.81 23.00 44.48
N PHE H 233 -71.53 23.35 43.40
CA PHE H 233 -71.39 24.66 42.78
C PHE H 233 -71.62 25.78 43.79
N TYR H 234 -72.69 25.66 44.59
CA TYR H 234 -73.03 26.78 45.46
C TYR H 234 -72.29 26.75 46.79
N MET H 235 -71.78 25.59 47.23
CA MET H 235 -70.73 25.62 48.26
C MET H 235 -69.50 26.38 47.78
N THR H 236 -69.07 26.16 46.54
CA THR H 236 -67.93 26.92 46.04
C THR H 236 -68.22 28.42 46.03
N LEU H 237 -69.38 28.81 45.48
CA LEU H 237 -69.71 30.24 45.40
C LEU H 237 -69.86 30.87 46.77
N LEU H 238 -70.61 30.23 47.67
CA LEU H 238 -70.87 30.86 48.97
C LEU H 238 -69.63 30.84 49.85
N GLY H 239 -68.78 29.82 49.74
CA GLY H 239 -67.53 29.85 50.48
C GLY H 239 -66.61 30.97 50.04
N PHE H 240 -66.49 31.16 48.73
CA PHE H 240 -65.61 32.23 48.26
C PHE H 240 -66.22 33.61 48.52
N VAL H 241 -67.54 33.73 48.43
CA VAL H 241 -68.22 34.98 48.75
C VAL H 241 -68.08 35.31 50.23
N ASN H 242 -68.21 34.30 51.10
CA ASN H 242 -68.04 34.49 52.53
C ASN H 242 -66.61 34.93 52.86
N TYR H 243 -65.62 34.28 52.24
CA TYR H 243 -64.24 34.67 52.51
C TYR H 243 -63.95 36.09 52.04
N ARG H 244 -64.44 36.44 50.84
CA ARG H 244 -64.26 37.81 50.33
C ARG H 244 -64.94 38.84 51.22
N LEU H 245 -66.16 38.57 51.68
CA LEU H 245 -66.89 39.53 52.49
C LEU H 245 -66.27 39.67 53.88
N TYR H 246 -65.81 38.55 54.45
CA TYR H 246 -65.19 38.61 55.77
C TYR H 246 -63.83 39.29 55.71
N THR H 247 -63.08 39.13 54.62
CA THR H 247 -61.86 39.91 54.45
C THR H 247 -62.16 41.39 54.19
N SER H 248 -63.29 41.67 53.54
CA SER H 248 -63.70 43.06 53.32
C SER H 248 -64.04 43.75 54.63
N ILE H 249 -64.70 43.04 55.55
CA ILE H 249 -65.06 43.63 56.83
C ILE H 249 -63.97 43.42 57.90
N GLY H 250 -62.89 42.71 57.58
CA GLY H 250 -61.81 42.51 58.51
C GLY H 250 -61.96 41.36 59.47
N LEU H 251 -63.12 40.71 59.49
CA LEU H 251 -63.34 39.55 60.34
C LEU H 251 -62.57 38.35 59.80
N LYS H 252 -61.98 37.56 60.70
CA LYS H 252 -61.19 36.42 60.28
C LYS H 252 -62.09 35.30 59.76
N TYR H 253 -61.57 34.56 58.78
CA TYR H 253 -62.30 33.46 58.17
C TYR H 253 -61.41 32.23 58.04
N PRO H 254 -61.93 31.04 58.38
CA PRO H 254 -63.26 30.77 58.96
C PRO H 254 -63.27 30.99 60.46
N PRO H 255 -64.33 31.63 60.98
CA PRO H 255 -64.46 31.77 62.44
C PRO H 255 -64.66 30.42 63.11
N LYS H 256 -64.10 30.28 64.31
CA LYS H 256 -64.07 29.01 65.00
C LYS H 256 -65.43 28.69 65.64
N PHE H 257 -65.75 27.39 65.65
CA PHE H 257 -66.87 26.86 66.40
C PHE H 257 -66.43 25.56 67.07
N ASP H 258 -66.92 25.34 68.28
CA ASP H 258 -66.54 24.16 69.05
C ASP H 258 -67.65 23.11 68.92
N GLN H 259 -67.26 21.83 68.98
CA GLN H 259 -68.22 20.76 68.72
C GLN H 259 -69.09 20.44 69.93
N VAL H 260 -68.64 20.80 71.15
CA VAL H 260 -69.41 20.45 72.35
C VAL H 260 -70.72 21.21 72.41
N LYS H 261 -70.68 22.54 72.26
CA LYS H 261 -71.91 23.33 72.42
C LYS H 261 -72.80 23.20 71.19
N ASP H 262 -72.23 22.99 70.01
CA ASP H 262 -73.03 22.70 68.82
C ASP H 262 -73.69 21.33 68.92
N ASP H 263 -73.01 20.37 69.56
CA ASP H 263 -73.63 19.08 69.82
C ASP H 263 -74.62 19.16 70.98
N GLN H 264 -74.59 20.25 71.75
CA GLN H 264 -75.67 20.49 72.70
C GLN H 264 -76.81 21.30 72.10
N GLY H 265 -76.65 21.82 70.88
CA GLY H 265 -77.72 22.55 70.23
C GLY H 265 -77.55 24.05 70.27
N ALA H 266 -76.31 24.54 70.09
CA ALA H 266 -76.06 25.97 70.15
C ALA H 266 -76.64 26.70 68.95
N GLU H 267 -76.61 26.05 67.77
CA GLU H 267 -77.15 26.57 66.52
C GLU H 267 -76.41 27.88 66.17
N LEU H 268 -76.99 29.04 66.46
CA LEU H 268 -76.33 30.28 66.05
C LEU H 268 -75.30 30.75 67.07
N ALA H 269 -75.33 30.17 68.27
CA ALA H 269 -74.35 30.51 69.30
C ALA H 269 -73.11 29.65 69.24
N ALA H 270 -73.03 28.70 68.30
CA ALA H 270 -71.87 27.82 68.22
C ALA H 270 -70.65 28.54 67.63
N PHE H 271 -70.88 29.47 66.71
CA PHE H 271 -69.79 30.12 65.99
C PHE H 271 -69.37 31.38 66.73
N SER H 272 -68.08 31.48 67.02
CA SER H 272 -67.52 32.66 67.68
C SER H 272 -66.78 33.51 66.66
N LEU H 273 -67.10 34.80 66.62
CA LEU H 273 -66.52 35.73 65.67
C LEU H 273 -65.72 36.79 66.42
N GLU H 274 -64.46 36.98 66.03
CA GLU H 274 -63.58 37.94 66.66
C GLU H 274 -63.10 38.94 65.63
N GLY H 275 -63.18 40.23 65.97
CA GLY H 275 -63.10 41.32 65.00
C GLY H 275 -61.79 41.43 64.24
N LEU H 276 -60.66 41.19 64.90
CA LEU H 276 -59.37 41.23 64.22
C LEU H 276 -58.75 39.84 64.20
N ASN H 277 -57.99 39.56 63.15
CA ASN H 277 -57.40 38.24 62.95
C ASN H 277 -56.30 37.96 63.96
N ASP H 362 -80.90 53.47 61.56
CA ASP H 362 -82.23 52.83 61.54
C ASP H 362 -82.24 51.32 61.91
N PRO H 363 -81.31 50.47 61.37
CA PRO H 363 -81.29 49.08 61.84
C PRO H 363 -80.74 48.96 63.26
N SER H 364 -79.67 49.71 63.55
CA SER H 364 -79.10 49.68 64.89
C SER H 364 -80.00 50.35 65.92
N GLN H 365 -80.74 51.38 65.51
CA GLN H 365 -81.66 52.04 66.44
C GLN H 365 -82.90 51.21 66.71
N LEU H 366 -83.22 50.25 65.84
CA LEU H 366 -84.26 49.28 66.14
C LEU H 366 -83.67 48.19 67.03
N PHE H 367 -84.27 48.03 68.21
CA PHE H 367 -83.79 47.13 69.27
C PHE H 367 -82.34 47.44 69.64
N ALA H 368 -82.13 48.66 70.11
CA ALA H 368 -80.80 49.06 70.57
C ALA H 368 -80.50 48.48 71.94
N ASN H 369 -81.30 48.85 72.95
CA ASN H 369 -81.17 48.31 74.30
C ASN H 369 -82.56 47.87 74.79
N PHE H 370 -82.95 46.66 74.40
CA PHE H 370 -84.11 45.99 74.97
C PHE H 370 -83.73 44.54 75.29
N THR H 371 -84.67 43.84 75.92
CA THR H 371 -84.46 42.49 76.41
C THR H 371 -85.48 41.59 75.73
N PHE H 372 -85.02 40.50 75.10
CA PHE H 372 -85.91 39.64 74.33
C PHE H 372 -85.81 38.20 74.80
N PHE H 373 -86.96 37.54 74.86
CA PHE H 373 -87.06 36.11 75.14
C PHE H 373 -88.09 35.51 74.19
N LEU H 374 -87.76 34.39 73.58
CA LEU H 374 -88.72 33.68 72.74
C LEU H 374 -89.04 32.34 73.40
N SER H 375 -90.30 31.93 73.30
CA SER H 375 -90.80 30.83 74.11
C SER H 375 -90.57 29.48 73.41
N ARG H 376 -91.19 28.44 73.97
CA ARG H 376 -91.01 27.09 73.47
C ARG H 376 -91.84 26.81 72.21
N GLU H 377 -92.81 27.66 71.90
CA GLU H 377 -93.63 27.45 70.71
C GLU H 377 -93.02 28.07 69.46
N THR H 378 -92.23 29.12 69.63
CA THR H 378 -91.83 29.93 68.50
C THR H 378 -90.69 29.28 67.72
N PRO H 379 -90.65 29.47 66.40
CA PRO H 379 -89.47 29.06 65.61
C PRO H 379 -88.24 29.84 66.03
N ARG H 380 -87.25 29.13 66.57
CA ARG H 380 -86.12 29.78 67.23
C ARG H 380 -85.18 30.44 66.21
N GLN H 381 -84.88 29.73 65.12
CA GLN H 381 -83.93 30.22 64.12
C GLN H 381 -84.32 31.55 63.46
N PRO H 382 -85.54 31.75 62.94
CA PRO H 382 -85.76 33.00 62.19
C PRO H 382 -85.84 34.23 63.06
N LEU H 383 -86.54 34.17 64.19
CA LEU H 383 -86.61 35.33 65.07
C LEU H 383 -85.27 35.61 65.74
N GLU H 384 -84.45 34.58 65.99
CA GLU H 384 -83.10 34.87 66.46
C GLU H 384 -82.28 35.54 65.37
N PHE H 385 -82.45 35.13 64.12
CA PHE H 385 -81.75 35.78 63.00
C PHE H 385 -82.15 37.25 62.86
N ILE H 386 -83.46 37.53 62.96
CA ILE H 386 -83.93 38.91 62.87
C ILE H 386 -83.47 39.74 64.05
N LEU H 387 -83.54 39.19 65.26
CA LEU H 387 -83.18 39.96 66.45
C LEU H 387 -81.69 40.26 66.49
N ARG H 388 -80.84 39.28 66.15
CA ARG H 388 -79.41 39.56 66.11
C ARG H 388 -79.02 40.38 64.88
N ALA H 389 -79.84 40.38 63.82
CA ALA H 389 -79.47 41.08 62.60
C ALA H 389 -79.50 42.60 62.78
N PHE H 390 -80.33 43.09 63.70
CA PHE H 390 -80.48 44.53 63.93
C PHE H 390 -79.92 44.96 65.28
N GLY H 391 -79.03 44.15 65.85
CA GLY H 391 -78.28 44.58 67.02
C GLY H 391 -79.01 44.55 68.33
N CYS H 392 -79.99 43.64 68.50
CA CYS H 392 -80.57 43.44 69.82
C CYS H 392 -79.56 42.73 70.71
N LYS H 393 -79.34 43.29 71.90
CA LYS H 393 -78.19 42.89 72.71
C LYS H 393 -78.40 41.53 73.36
N ARG H 394 -79.58 41.26 73.91
CA ARG H 394 -79.79 40.05 74.72
C ARG H 394 -81.09 39.39 74.32
N ILE H 395 -80.97 38.20 73.72
CA ILE H 395 -82.10 37.37 73.31
C ILE H 395 -81.92 35.98 73.91
N GLY H 396 -82.94 35.49 74.60
CA GLY H 396 -82.89 34.20 75.26
C GLY H 396 -84.00 33.26 74.82
N TRP H 397 -83.84 31.97 75.13
CA TRP H 397 -84.83 30.99 74.74
C TRP H 397 -84.84 29.85 75.74
N ASP H 398 -85.69 28.86 75.49
CA ASP H 398 -85.86 27.73 76.39
C ASP H 398 -84.66 26.80 76.35
N ALA H 399 -84.55 25.96 77.37
CA ALA H 399 -83.44 25.01 77.46
C ALA H 399 -83.57 23.91 76.40
N VAL H 400 -84.80 23.54 76.02
CA VAL H 400 -84.98 22.47 75.05
C VAL H 400 -84.97 22.99 73.63
N LEU H 401 -85.14 24.30 73.42
CA LEU H 401 -85.02 24.85 72.07
C LEU H 401 -83.58 24.96 71.62
N GLY H 402 -82.65 25.12 72.56
CA GLY H 402 -81.25 25.24 72.21
C GLY H 402 -80.41 25.42 73.45
N GLU H 403 -79.12 25.64 73.22
CA GLU H 403 -78.13 25.77 74.29
C GLU H 403 -77.29 27.01 74.03
N GLY H 404 -76.84 27.64 75.11
CA GLY H 404 -76.00 28.82 74.98
C GLY H 404 -76.81 30.10 74.94
N ALA H 405 -77.63 30.30 75.97
CA ALA H 405 -78.55 31.43 76.02
C ALA H 405 -78.57 31.99 77.43
N PHE H 406 -79.57 32.81 77.69
CA PHE H 406 -79.79 33.44 78.99
C PHE H 406 -80.42 32.41 79.94
N THR H 407 -80.80 32.86 81.14
CA THR H 407 -81.56 32.02 82.05
C THR H 407 -82.94 31.73 81.47
N THR H 408 -83.33 30.47 81.48
CA THR H 408 -84.58 30.02 80.87
C THR H 408 -85.78 30.17 81.80
N ASP H 409 -85.57 30.68 83.01
CA ASP H 409 -86.67 30.84 83.95
C ASP H 409 -87.56 32.01 83.54
N GLU H 410 -88.88 31.79 83.58
CA GLU H 410 -89.83 32.86 83.29
C GLU H 410 -89.94 33.87 84.42
N SER H 411 -89.52 33.50 85.63
CA SER H 411 -89.65 34.38 86.79
C SER H 411 -88.60 35.48 86.84
N ASP H 412 -87.63 35.47 85.93
CA ASP H 412 -86.61 36.51 85.88
C ASP H 412 -87.23 37.83 85.44
N PRO H 413 -87.10 38.91 86.23
CA PRO H 413 -87.70 40.19 85.84
C PRO H 413 -86.92 40.97 84.81
N ARG H 414 -85.78 40.47 84.33
CA ARG H 414 -84.97 41.22 83.37
C ARG H 414 -85.62 41.24 81.99
N ILE H 415 -86.32 40.18 81.60
CA ILE H 415 -86.89 40.09 80.27
C ILE H 415 -88.12 40.99 80.19
N THR H 416 -88.15 41.86 79.18
CA THR H 416 -89.24 42.82 79.02
C THR H 416 -90.29 42.33 78.03
N HIS H 417 -89.86 41.84 76.87
CA HIS H 417 -90.76 41.35 75.83
C HIS H 417 -90.54 39.85 75.65
N GLN H 418 -91.64 39.10 75.73
CA GLN H 418 -91.62 37.65 75.55
C GLN H 418 -92.55 37.29 74.40
N ILE H 419 -92.01 36.62 73.39
CA ILE H 419 -92.75 36.29 72.19
C ILE H 419 -93.47 34.98 72.44
N ILE H 420 -94.81 35.02 72.47
CA ILE H 420 -95.62 33.83 72.69
C ILE H 420 -96.72 33.76 71.64
N ASP H 421 -97.10 32.54 71.27
CA ASP H 421 -98.25 32.28 70.40
C ASP H 421 -98.95 31.03 70.93
N ARG H 422 -99.91 31.23 71.83
CA ARG H 422 -100.59 30.10 72.47
C ARG H 422 -102.08 30.32 72.49
N PRO H 423 -102.88 29.23 72.43
CA PRO H 423 -104.33 29.36 72.54
C PRO H 423 -104.82 29.59 73.97
N GLY H 448 -97.53 32.26 84.07
CA GLY H 448 -96.75 33.47 84.27
C GLY H 448 -97.60 34.70 84.54
N ARG H 449 -97.92 35.43 83.47
CA ARG H 449 -98.72 36.66 83.51
C ARG H 449 -98.12 37.68 84.47
N TYR H 450 -96.81 37.87 84.38
CA TYR H 450 -96.13 38.87 85.19
C TYR H 450 -96.53 40.27 84.73
N PRO H 451 -96.84 41.18 85.65
CA PRO H 451 -97.23 42.54 85.21
C PRO H 451 -96.10 43.33 84.60
N GLY H 452 -94.87 43.19 85.12
CA GLY H 452 -93.74 43.91 84.54
C GLY H 452 -93.31 43.35 83.21
N ARG H 453 -93.61 42.08 82.95
CA ARG H 453 -93.29 41.47 81.67
C ARG H 453 -94.45 41.70 80.69
N ILE H 454 -94.10 41.91 79.43
CA ILE H 454 -95.07 42.28 78.40
C ILE H 454 -95.20 41.09 77.44
N TYR H 455 -96.43 40.61 77.26
CA TYR H 455 -96.70 39.43 76.46
C TYR H 455 -97.11 39.86 75.05
N VAL H 456 -96.29 39.47 74.06
CA VAL H 456 -96.47 39.86 72.67
C VAL H 456 -96.40 38.65 71.75
N GLN H 457 -96.69 38.87 70.47
CA GLN H 457 -96.77 37.83 69.45
C GLN H 457 -95.77 38.15 68.36
N PRO H 458 -95.29 37.13 67.61
CA PRO H 458 -94.28 37.39 66.57
C PRO H 458 -94.75 38.30 65.44
N GLN H 459 -96.07 38.46 65.25
CA GLN H 459 -96.56 39.42 64.28
C GLN H 459 -96.18 40.85 64.68
N TRP H 460 -96.14 41.12 65.98
CA TRP H 460 -95.67 42.43 66.45
C TRP H 460 -94.21 42.66 66.09
N VAL H 461 -93.37 41.63 66.27
CA VAL H 461 -91.97 41.72 65.87
C VAL H 461 -91.86 41.97 64.37
N TRP H 462 -92.65 41.25 63.58
CA TRP H 462 -92.53 41.37 62.13
C TRP H 462 -92.99 42.74 61.65
N ASP H 463 -94.06 43.28 62.21
CA ASP H 463 -94.51 44.59 61.79
C ASP H 463 -93.61 45.70 62.30
N SER H 464 -92.99 45.52 63.46
CA SER H 464 -92.00 46.49 63.92
C SER H 464 -90.76 46.47 63.02
N ILE H 465 -90.38 45.30 62.53
CA ILE H 465 -89.25 45.21 61.61
C ILE H 465 -89.61 45.81 60.25
N ASN H 466 -90.82 45.54 59.77
CA ASN H 466 -91.22 46.00 58.45
C ASN H 466 -91.42 47.51 58.41
N ASP H 467 -92.15 48.06 59.39
CA ASP H 467 -92.53 49.47 59.31
C ASP H 467 -91.49 50.40 59.90
N GLU H 468 -90.61 49.88 60.77
CA GLU H 468 -89.61 50.66 61.52
C GLU H 468 -90.24 51.78 62.36
N GLU H 469 -91.48 51.57 62.81
CA GLU H 469 -92.20 52.61 63.54
C GLU H 469 -92.79 52.12 64.86
N LEU H 470 -92.44 50.91 65.30
CA LEU H 470 -92.86 50.33 66.57
C LEU H 470 -94.38 50.27 66.69
N LYS H 471 -94.95 49.40 65.86
CA LYS H 471 -96.38 49.11 65.92
C LYS H 471 -96.72 48.56 67.31
N PRO H 472 -97.87 48.90 67.88
CA PRO H 472 -98.06 48.73 69.33
C PRO H 472 -98.37 47.31 69.76
N PRO H 473 -97.91 46.92 70.95
CA PRO H 473 -98.24 45.58 71.46
C PRO H 473 -99.69 45.41 71.87
N GLU H 474 -100.40 46.50 72.18
CA GLU H 474 -101.82 46.40 72.51
C GLU H 474 -102.64 45.99 71.29
N LEU H 475 -102.30 46.54 70.13
CA LEU H 475 -103.02 46.18 68.91
C LEU H 475 -102.67 44.77 68.45
N TYR H 476 -101.49 44.26 68.86
CA TYR H 476 -101.06 42.92 68.53
C TYR H 476 -101.00 42.03 69.77
N ALA H 477 -101.93 42.23 70.69
CA ALA H 477 -101.97 41.46 71.92
C ALA H 477 -102.41 40.03 71.66
N PRO H 478 -101.91 39.07 72.45
CA PRO H 478 -102.38 37.68 72.32
C PRO H 478 -103.82 37.54 72.78
N GLY H 479 -104.49 36.52 72.26
CA GLY H 479 -105.87 36.24 72.61
C GLY H 479 -106.90 37.03 71.84
N ALA H 480 -106.49 37.81 70.85
CA ALA H 480 -107.40 38.61 70.04
C ALA H 480 -107.08 38.39 68.57
N GLN H 481 -108.06 38.71 67.72
CA GLN H 481 -107.86 38.60 66.28
C GLN H 481 -106.85 39.66 65.82
N LEU H 482 -105.87 39.22 65.06
CA LEU H 482 -104.74 40.09 64.74
C LEU H 482 -105.06 40.94 63.52
N PRO H 483 -104.86 42.25 63.60
CA PRO H 483 -104.99 43.10 62.40
C PRO H 483 -103.95 42.74 61.36
N PRO H 484 -104.27 42.90 60.08
CA PRO H 484 -103.37 42.43 59.01
C PRO H 484 -102.11 43.28 58.90
N HIS H 485 -101.08 42.66 58.32
CA HIS H 485 -99.85 43.35 57.96
C HIS H 485 -99.76 43.44 56.43
N LEU H 486 -98.62 43.94 55.95
CA LEU H 486 -98.42 44.17 54.54
C LEU H 486 -97.06 43.63 54.11
N SER H 487 -96.96 43.30 52.81
CA SER H 487 -95.67 42.96 52.24
C SER H 487 -95.02 44.23 51.68
N PRO H 488 -93.91 44.69 52.26
CA PRO H 488 -93.40 46.02 51.89
C PRO H 488 -92.74 46.08 50.53
N PHE H 489 -92.50 44.95 49.87
CA PHE H 489 -91.92 44.95 48.53
C PHE H 489 -92.94 45.45 47.50
N GLN I 48 -85.70 -17.48 40.83
CA GLN I 48 -86.28 -17.63 42.17
C GLN I 48 -85.67 -18.84 42.86
N VAL I 49 -85.25 -19.83 42.07
CA VAL I 49 -84.65 -21.04 42.63
C VAL I 49 -83.24 -20.73 43.13
N ILE I 50 -82.87 -21.35 44.26
CA ILE I 50 -81.57 -21.16 44.88
C ILE I 50 -81.01 -22.51 45.30
N PHE I 51 -79.70 -22.53 45.53
CA PHE I 51 -79.01 -23.69 46.07
C PHE I 51 -78.21 -23.26 47.28
N LYS I 52 -78.23 -24.11 48.32
CA LYS I 52 -77.64 -23.77 49.60
C LYS I 52 -76.71 -24.90 50.04
N ARG I 53 -75.52 -24.54 50.50
CA ARG I 53 -74.46 -25.50 50.76
C ARG I 53 -74.43 -25.89 52.24
N ALA I 54 -73.64 -26.92 52.54
CA ALA I 54 -73.65 -27.54 53.87
C ALA I 54 -73.04 -26.63 54.93
N GLU I 55 -72.07 -25.80 54.55
CA GLU I 55 -71.43 -24.91 55.51
C GLU I 55 -72.42 -23.89 56.04
N LYS I 56 -73.37 -23.45 55.20
CA LYS I 56 -74.42 -22.57 55.66
C LYS I 56 -75.30 -23.25 56.72
N TYR I 57 -75.62 -24.53 56.49
CA TYR I 57 -76.42 -25.30 57.44
C TYR I 57 -75.72 -25.42 58.79
N VAL I 58 -74.44 -25.72 58.77
CA VAL I 58 -73.69 -25.92 60.04
C VAL I 58 -73.49 -24.57 60.71
N LYS I 59 -73.23 -23.50 59.95
CA LYS I 59 -73.10 -22.14 60.54
C LYS I 59 -74.43 -21.76 61.19
N GLU I 60 -75.54 -21.95 60.49
CA GLU I 60 -76.88 -21.63 61.01
C GLU I 60 -77.08 -22.33 62.33
N TYR I 61 -76.83 -23.62 62.36
CA TYR I 61 -77.04 -24.42 63.56
C TYR I 61 -76.17 -23.93 64.70
N ARG I 62 -74.92 -23.56 64.41
CA ARG I 62 -74.03 -23.05 65.45
C ARG I 62 -74.53 -21.73 66.02
N GLU I 63 -75.02 -20.83 65.17
CA GLU I 63 -75.59 -19.58 65.68
C GLU I 63 -76.85 -19.84 66.51
N GLN I 64 -77.73 -20.73 66.05
CA GLN I 64 -78.94 -21.03 66.79
C GLN I 64 -78.63 -21.66 68.14
N GLU I 65 -77.65 -22.57 68.18
CA GLU I 65 -77.24 -23.19 69.44
C GLU I 65 -76.65 -22.15 70.39
N ARG I 66 -75.76 -21.28 69.89
CA ARG I 66 -75.15 -20.28 70.76
C ARG I 66 -76.19 -19.32 71.32
N GLU I 67 -77.17 -18.93 70.48
CA GLU I 67 -78.26 -18.10 70.95
C GLU I 67 -79.12 -18.84 71.98
N LYS I 68 -79.26 -20.16 71.83
CA LYS I 68 -80.07 -20.92 72.79
C LYS I 68 -79.42 -20.98 74.16
N ILE I 69 -78.12 -21.32 74.23
CA ILE I 69 -77.41 -21.24 75.50
C ILE I 69 -77.39 -19.83 76.06
N ARG I 70 -77.23 -18.80 75.21
CA ARG I 70 -77.22 -17.44 75.74
C ARG I 70 -78.57 -17.04 76.34
N LEU I 71 -79.66 -17.44 75.68
CA LEU I 71 -81.00 -17.18 76.21
C LEU I 71 -81.24 -17.92 77.51
N ALA I 72 -80.76 -19.17 77.61
CA ALA I 72 -80.87 -19.89 78.87
C ALA I 72 -80.07 -19.23 79.97
N ARG I 73 -78.89 -18.70 79.64
CA ARG I 73 -78.06 -18.00 80.63
C ARG I 73 -78.73 -16.74 81.15
N ILE I 74 -79.31 -15.93 80.26
CA ILE I 74 -79.93 -14.70 80.72
C ILE I 74 -81.25 -15.00 81.45
N ALA I 75 -81.98 -16.04 81.04
CA ALA I 75 -83.21 -16.39 81.73
C ALA I 75 -82.94 -16.96 83.12
N LYS I 76 -81.87 -17.73 83.26
CA LYS I 76 -81.55 -18.30 84.57
C LYS I 76 -81.03 -17.24 85.53
N GLN I 77 -80.16 -16.35 85.04
CA GLN I 77 -79.52 -15.35 85.89
C GLN I 77 -80.48 -14.19 86.13
N GLN I 78 -80.38 -13.62 87.34
CA GLN I 78 -81.31 -12.57 87.75
C GLN I 78 -81.03 -11.27 86.99
N GLY I 79 -82.05 -10.75 86.31
CA GLY I 79 -81.87 -9.66 85.39
C GLY I 79 -81.67 -8.31 86.04
N SER I 80 -80.49 -8.09 86.63
CA SER I 80 -80.13 -6.82 87.24
C SER I 80 -78.93 -6.25 86.49
N PHE I 81 -79.15 -5.14 85.79
CA PHE I 81 -78.08 -4.45 85.10
C PHE I 81 -77.31 -3.57 86.07
N HIS I 82 -76.07 -3.22 85.69
CA HIS I 82 -75.25 -2.32 86.49
C HIS I 82 -75.61 -0.87 86.14
N ILE I 83 -76.85 -0.52 86.48
CA ILE I 83 -77.43 0.77 86.13
C ILE I 83 -78.36 1.20 87.25
N PRO I 84 -78.28 2.48 87.66
CA PRO I 84 -79.12 2.97 88.75
C PRO I 84 -80.61 2.86 88.44
N ALA I 85 -81.38 2.70 89.52
CA ALA I 85 -82.80 2.37 89.42
C ALA I 85 -83.67 3.47 88.83
N GLU I 86 -83.12 4.68 88.65
CA GLU I 86 -83.86 5.75 88.00
C GLU I 86 -84.13 5.39 86.54
N ALA I 87 -85.36 5.69 86.10
CA ALA I 87 -85.74 5.44 84.71
C ALA I 87 -84.99 6.40 83.79
N LYS I 88 -84.45 5.87 82.69
CA LYS I 88 -83.75 6.69 81.72
C LYS I 88 -84.46 6.61 80.37
N LEU I 89 -83.82 7.18 79.34
CA LEU I 89 -84.34 7.13 77.98
C LEU I 89 -83.20 6.74 77.05
N VAL I 90 -83.42 5.73 76.20
CA VAL I 90 -82.41 5.29 75.26
C VAL I 90 -83.01 5.14 73.87
N PHE I 91 -82.27 5.59 72.86
CA PHE I 91 -82.60 5.28 71.48
C PHE I 91 -82.11 3.87 71.16
N VAL I 92 -82.91 3.14 70.39
CA VAL I 92 -82.61 1.76 70.00
C VAL I 92 -82.75 1.67 68.49
N ILE I 93 -81.68 1.24 67.82
CA ILE I 93 -81.67 1.03 66.38
C ILE I 93 -81.19 -0.40 66.14
N ARG I 94 -81.96 -1.17 65.37
CA ARG I 94 -81.63 -2.57 65.20
C ARG I 94 -80.84 -2.80 63.93
N ILE I 95 -79.84 -3.67 64.04
CA ILE I 95 -78.92 -3.85 62.88
C ILE I 95 -79.04 -5.27 62.34
N LYS I 96 -78.65 -5.47 61.10
CA LYS I 96 -78.65 -6.83 60.52
C LYS I 96 -77.73 -7.70 61.35
N GLY I 97 -78.14 -8.93 61.61
CA GLY I 97 -77.25 -9.85 62.32
C GLY I 97 -77.55 -11.28 61.96
N ILE I 98 -78.34 -11.92 62.78
CA ILE I 98 -78.63 -13.34 62.60
C ILE I 98 -79.90 -13.46 61.77
N ASN I 99 -79.88 -14.35 60.78
CA ASN I 99 -81.01 -14.47 59.85
C ASN I 99 -82.24 -15.01 60.60
N LYS I 100 -82.08 -16.10 61.34
CA LYS I 100 -83.19 -16.77 61.99
C LYS I 100 -83.33 -16.28 63.42
N ILE I 101 -84.50 -15.75 63.76
CA ILE I 101 -84.75 -15.12 65.05
C ILE I 101 -85.46 -16.12 65.95
N PRO I 102 -84.98 -16.34 67.18
CA PRO I 102 -85.71 -17.21 68.13
C PRO I 102 -87.04 -16.59 68.53
N PRO I 103 -87.98 -17.38 69.05
CA PRO I 103 -89.34 -16.85 69.31
C PRO I 103 -89.42 -15.72 70.33
N LYS I 104 -88.70 -15.82 71.45
CA LYS I 104 -88.71 -14.74 72.43
C LYS I 104 -88.08 -13.45 71.89
N PRO I 105 -86.92 -13.47 71.20
CA PRO I 105 -86.47 -12.23 70.55
C PRO I 105 -87.41 -11.64 69.51
N ARG I 106 -88.08 -12.45 68.68
CA ARG I 106 -88.99 -11.86 67.70
C ARG I 106 -90.23 -11.30 68.37
N LYS I 107 -90.67 -11.93 69.47
CA LYS I 107 -91.77 -11.36 70.25
C LYS I 107 -91.39 -10.03 70.88
N ILE I 108 -90.18 -9.92 71.41
CA ILE I 108 -89.75 -8.66 72.02
C ILE I 108 -89.57 -7.58 70.95
N LEU I 109 -89.04 -7.95 69.78
CA LEU I 109 -88.88 -6.98 68.70
C LEU I 109 -90.24 -6.54 68.14
N GLN I 110 -91.23 -7.43 68.14
CA GLN I 110 -92.57 -7.03 67.72
C GLN I 110 -93.23 -6.15 68.77
N LEU I 111 -92.96 -6.42 70.06
CA LEU I 111 -93.48 -5.54 71.11
C LEU I 111 -92.77 -4.19 71.09
N LEU I 112 -91.55 -4.14 70.57
CA LEU I 112 -90.81 -2.90 70.39
C LEU I 112 -90.87 -2.40 68.96
N ARG I 113 -91.77 -2.97 68.14
CA ARG I 113 -92.05 -2.66 66.73
C ARG I 113 -90.81 -2.36 65.88
N LEU I 114 -89.91 -3.34 65.77
CA LEU I 114 -88.70 -3.21 64.95
C LEU I 114 -88.62 -4.42 64.01
N ARG I 115 -89.15 -4.27 62.80
CA ARG I 115 -89.05 -5.31 61.78
C ARG I 115 -88.36 -4.84 60.50
N GLN I 116 -88.68 -3.65 60.01
CA GLN I 116 -88.22 -3.21 58.70
C GLN I 116 -86.75 -2.79 58.75
N ILE I 117 -86.26 -2.33 57.60
CA ILE I 117 -84.83 -2.04 57.45
C ILE I 117 -84.49 -0.74 58.16
N ASN I 118 -83.54 -0.81 59.10
CA ASN I 118 -82.97 0.33 59.81
C ASN I 118 -84.04 1.13 60.55
N ASN I 119 -84.67 0.49 61.53
CA ASN I 119 -85.74 1.08 62.32
C ASN I 119 -85.26 1.48 63.72
N GLY I 120 -85.67 2.66 64.14
CA GLY I 120 -85.28 3.18 65.45
C GLY I 120 -86.43 3.64 66.31
N VAL I 121 -86.31 3.42 67.62
CA VAL I 121 -87.38 3.71 68.58
C VAL I 121 -86.75 4.12 69.92
N PHE I 122 -87.30 5.16 70.54
CA PHE I 122 -86.92 5.50 71.91
C PHE I 122 -87.68 4.62 72.91
N VAL I 123 -86.96 4.19 73.95
CA VAL I 123 -87.47 3.22 74.92
C VAL I 123 -87.00 3.66 76.31
N LYS I 124 -87.91 3.56 77.29
CA LYS I 124 -87.59 3.85 78.67
C LYS I 124 -86.58 2.85 79.23
N VAL I 125 -85.95 3.23 80.34
CA VAL I 125 -85.03 2.37 81.06
C VAL I 125 -85.59 2.22 82.46
N THR I 126 -86.25 1.09 82.71
CA THR I 126 -86.54 0.56 84.04
C THR I 126 -86.11 -0.90 84.02
N LYS I 127 -86.48 -1.67 85.05
CA LYS I 127 -85.98 -3.04 85.19
C LYS I 127 -86.49 -3.96 84.09
N ALA I 128 -87.80 -3.88 83.79
CA ALA I 128 -88.38 -4.75 82.78
C ALA I 128 -87.83 -4.44 81.39
N THR I 129 -87.72 -3.16 81.03
CA THR I 129 -87.17 -2.79 79.73
C THR I 129 -85.68 -3.12 79.65
N ALA I 130 -84.96 -3.02 80.78
CA ALA I 130 -83.56 -3.44 80.78
C ALA I 130 -83.44 -4.93 80.48
N GLU I 131 -84.32 -5.74 81.07
CA GLU I 131 -84.30 -7.18 80.80
C GLU I 131 -84.66 -7.45 79.33
N MET I 132 -85.66 -6.73 78.80
CA MET I 132 -86.06 -6.91 77.41
C MET I 132 -84.93 -6.57 76.44
N ILE I 133 -84.22 -5.46 76.67
CA ILE I 133 -83.16 -5.06 75.76
C ILE I 133 -81.90 -5.90 75.98
N LYS I 134 -81.75 -6.48 77.18
CA LYS I 134 -80.67 -7.42 77.38
C LYS I 134 -80.94 -8.75 76.68
N ILE I 135 -82.21 -9.11 76.49
CA ILE I 135 -82.53 -10.30 75.71
C ILE I 135 -82.11 -10.14 74.25
N VAL I 136 -82.38 -8.97 73.65
CA VAL I 136 -82.24 -8.79 72.21
C VAL I 136 -80.99 -7.97 71.90
N GLU I 137 -79.98 -8.09 72.76
CA GLU I 137 -78.72 -7.37 72.59
C GLU I 137 -78.02 -7.56 71.24
N PRO I 138 -77.85 -8.81 70.68
CA PRO I 138 -77.05 -8.93 69.45
C PRO I 138 -77.68 -8.31 68.21
N TRP I 139 -78.98 -8.02 68.25
CA TRP I 139 -79.66 -7.43 67.11
C TRP I 139 -79.84 -5.92 67.21
N VAL I 140 -79.81 -5.36 68.41
CA VAL I 140 -80.06 -3.95 68.59
C VAL I 140 -78.78 -3.26 69.06
N ALA I 141 -78.77 -1.93 68.91
CA ALA I 141 -77.73 -1.07 69.47
C ALA I 141 -78.44 0.13 70.08
N TYR I 142 -78.06 0.49 71.29
CA TYR I 142 -78.84 1.40 72.10
C TYR I 142 -77.95 2.41 72.78
N GLY I 143 -78.57 3.47 73.29
CA GLY I 143 -77.85 4.38 74.15
C GLY I 143 -78.51 5.74 74.25
N TYR I 144 -77.84 6.61 74.99
CA TYR I 144 -78.41 7.90 75.34
C TYR I 144 -78.33 8.85 74.14
N PRO I 145 -79.45 9.39 73.68
CA PRO I 145 -79.42 10.35 72.57
C PRO I 145 -79.17 11.77 73.06
N ASN I 146 -79.00 12.67 72.11
CA ASN I 146 -78.81 14.09 72.39
C ASN I 146 -80.02 14.88 71.89
N LEU I 147 -80.09 16.13 72.34
CA LEU I 147 -81.22 16.99 71.98
C LEU I 147 -81.24 17.29 70.49
N LYS I 148 -80.09 17.62 69.90
CA LYS I 148 -80.04 17.85 68.47
C LYS I 148 -80.31 16.57 67.69
N SER I 149 -79.95 15.41 68.26
CA SER I 149 -80.18 14.14 67.58
C SER I 149 -81.67 13.88 67.41
N VAL I 150 -82.44 13.96 68.51
CA VAL I 150 -83.87 13.70 68.41
C VAL I 150 -84.56 14.82 67.64
N ARG I 151 -84.11 16.07 67.80
CA ARG I 151 -84.74 17.20 67.11
C ARG I 151 -84.56 17.09 65.61
N GLU I 152 -83.33 16.89 65.14
CA GLU I 152 -83.07 16.71 63.72
C GLU I 152 -83.70 15.45 63.19
N LEU I 153 -83.72 14.38 63.99
CA LEU I 153 -84.25 13.11 63.51
C LEU I 153 -85.76 13.17 63.32
N ILE I 154 -86.47 13.93 64.18
CA ILE I 154 -87.90 14.07 63.99
C ILE I 154 -88.23 15.16 62.96
N TYR I 155 -87.35 16.15 62.79
CA TYR I 155 -87.64 17.19 61.81
C TYR I 155 -87.36 16.71 60.38
N LYS I 156 -86.37 15.84 60.19
CA LYS I 156 -86.14 15.29 58.86
C LYS I 156 -87.02 14.07 58.61
N ARG I 157 -87.13 13.15 59.56
CA ARG I 157 -87.93 11.94 59.41
C ARG I 157 -88.86 11.80 60.63
N GLY I 158 -89.99 12.49 60.58
CA GLY I 158 -91.02 12.30 61.58
C GLY I 158 -92.36 12.06 60.92
N TYR I 159 -92.90 10.85 61.07
CA TYR I 159 -94.16 10.45 60.45
C TYR I 159 -95.11 9.98 61.55
N GLY I 160 -96.40 9.97 61.24
CA GLY I 160 -97.42 9.61 62.20
C GLY I 160 -98.30 8.45 61.74
N LYS I 161 -98.83 7.71 62.71
CA LYS I 161 -99.71 6.57 62.49
C LYS I 161 -101.10 6.87 63.03
N VAL I 162 -102.10 6.84 62.15
CA VAL I 162 -103.51 6.87 62.57
C VAL I 162 -104.32 5.98 61.63
N ASN I 163 -105.37 5.35 62.17
CA ASN I 163 -106.24 4.40 61.46
C ASN I 163 -105.44 3.33 60.71
N GLY I 164 -104.34 2.89 61.32
CA GLY I 164 -103.51 1.87 60.71
C GLY I 164 -102.78 2.31 59.47
N GLN I 165 -102.65 3.62 59.24
CA GLN I 165 -101.91 4.11 58.09
C GLN I 165 -100.95 5.21 58.50
N ARG I 166 -99.93 5.41 57.66
CA ARG I 166 -98.74 6.19 57.99
C ARG I 166 -98.71 7.42 57.09
N ILE I 167 -98.87 8.60 57.69
CA ILE I 167 -98.77 9.85 56.95
C ILE I 167 -97.51 10.63 57.35
N PRO I 168 -96.96 11.46 56.47
CA PRO I 168 -95.94 12.41 56.92
C PRO I 168 -96.55 13.47 57.81
N LEU I 169 -95.74 13.97 58.75
CA LEU I 169 -96.15 15.13 59.53
C LEU I 169 -96.12 16.33 58.59
N THR I 170 -97.31 16.76 58.19
CA THR I 170 -97.49 17.88 57.27
C THR I 170 -97.94 19.15 57.98
N ASP I 171 -98.96 19.05 58.83
CA ASP I 171 -99.49 20.20 59.54
C ASP I 171 -99.52 19.91 61.03
N ASN I 172 -99.42 20.96 61.84
CA ASN I 172 -99.73 20.83 63.26
C ASN I 172 -101.22 20.63 63.50
N ALA I 173 -102.06 21.07 62.57
CA ALA I 173 -103.48 20.75 62.63
C ALA I 173 -103.71 19.25 62.47
N ILE I 174 -102.85 18.59 61.67
CA ILE I 174 -102.96 17.14 61.50
C ILE I 174 -102.66 16.42 62.81
N ILE I 175 -101.59 16.81 63.50
CA ILE I 175 -101.23 16.15 64.75
C ILE I 175 -102.22 16.50 65.86
N GLU I 176 -102.82 17.69 65.77
CA GLU I 176 -103.87 18.04 66.74
C GLU I 176 -105.18 17.32 66.48
N GLU I 177 -105.51 17.03 65.22
CA GLU I 177 -106.66 16.19 64.93
C GLU I 177 -106.39 14.74 65.30
N ASN I 178 -105.13 14.32 65.26
CA ASN I 178 -104.78 12.93 65.52
C ASN I 178 -104.82 12.60 67.01
N LEU I 179 -104.40 13.54 67.86
CA LEU I 179 -104.28 13.28 69.29
C LEU I 179 -105.31 14.03 70.13
N GLY I 180 -105.47 15.34 69.92
CA GLY I 180 -106.50 16.09 70.58
C GLY I 180 -106.24 16.62 71.98
N LYS I 181 -106.31 15.74 72.99
CA LYS I 181 -106.57 16.20 74.36
C LYS I 181 -105.60 15.72 75.43
N TYR I 182 -104.47 15.10 75.07
CA TYR I 182 -103.55 14.68 76.12
C TYR I 182 -102.53 15.74 76.52
N GLY I 183 -102.62 16.95 75.98
CA GLY I 183 -101.76 18.05 76.36
C GLY I 183 -100.78 18.48 75.30
N ILE I 184 -100.52 17.63 74.31
CA ILE I 184 -99.63 18.01 73.22
C ILE I 184 -100.35 19.00 72.31
N ILE I 185 -99.63 20.04 71.89
CA ILE I 185 -100.20 21.05 71.01
C ILE I 185 -99.39 21.32 69.75
N CYS I 186 -98.15 20.83 69.64
CA CYS I 186 -97.34 21.04 68.46
C CYS I 186 -96.25 19.97 68.42
N ILE I 187 -95.30 20.13 67.49
CA ILE I 187 -94.22 19.17 67.33
C ILE I 187 -93.13 19.38 68.37
N GLU I 188 -92.84 20.64 68.72
CA GLU I 188 -91.90 20.91 69.80
C GLU I 188 -92.38 20.33 71.12
N ASP I 189 -93.71 20.23 71.30
CA ASP I 189 -94.29 19.60 72.47
C ASP I 189 -93.86 18.14 72.59
N LEU I 190 -93.96 17.36 71.51
CA LEU I 190 -93.54 15.97 71.65
C LEU I 190 -92.03 15.85 71.61
N ILE I 191 -91.33 16.87 71.12
CA ILE I 191 -89.86 16.90 71.25
C ILE I 191 -89.46 16.93 72.73
N HIS I 192 -89.95 17.92 73.47
CA HIS I 192 -89.56 17.93 74.89
C HIS I 192 -90.36 16.94 75.72
N GLU I 193 -91.40 16.32 75.16
CA GLU I 193 -92.01 15.19 75.84
C GLU I 193 -91.16 13.95 75.71
N ILE I 194 -90.51 13.77 74.56
CA ILE I 194 -89.56 12.68 74.39
C ILE I 194 -88.34 12.90 75.27
N PHE I 195 -87.81 14.13 75.30
CA PHE I 195 -86.59 14.36 76.07
C PHE I 195 -86.86 14.43 77.57
N THR I 196 -87.67 15.38 78.02
CA THR I 196 -88.00 15.53 79.43
C THR I 196 -89.07 14.51 79.77
N VAL I 197 -88.88 13.80 80.89
CA VAL I 197 -89.75 12.67 81.22
C VAL I 197 -91.13 13.18 81.64
N GLY I 198 -92.16 12.37 81.35
CA GLY I 198 -93.53 12.73 81.64
C GLY I 198 -94.46 11.55 81.49
N PRO I 199 -95.75 11.76 81.78
CA PRO I 199 -96.71 10.65 81.70
C PRO I 199 -97.14 10.28 80.30
N ASN I 200 -96.87 11.12 79.30
CA ASN I 200 -97.41 10.92 77.95
C ASN I 200 -96.43 10.23 77.02
N PHE I 201 -95.60 9.31 77.52
CA PHE I 201 -94.65 8.61 76.66
C PHE I 201 -95.35 7.60 75.75
N LYS I 202 -96.29 6.83 76.30
CA LYS I 202 -96.77 5.64 75.62
C LYS I 202 -97.63 5.99 74.40
N GLN I 203 -98.58 6.92 74.56
CA GLN I 203 -99.43 7.32 73.45
C GLN I 203 -98.65 8.03 72.37
N ALA I 204 -97.68 8.87 72.75
CA ALA I 204 -96.84 9.55 71.76
C ALA I 204 -95.97 8.57 71.00
N ALA I 205 -95.42 7.57 71.70
CA ALA I 205 -94.59 6.56 71.04
C ALA I 205 -95.43 5.67 70.13
N ASN I 206 -96.67 5.37 70.53
CA ASN I 206 -97.57 4.61 69.66
C ASN I 206 -98.00 5.45 68.46
N PHE I 207 -98.07 6.76 68.61
CA PHE I 207 -98.47 7.63 67.51
C PHE I 207 -97.41 7.69 66.43
N LEU I 208 -96.14 7.78 66.80
CA LEU I 208 -95.08 7.99 65.81
C LEU I 208 -94.71 6.67 65.14
N TRP I 209 -94.74 6.68 63.82
CA TRP I 209 -94.08 5.63 63.02
C TRP I 209 -92.59 5.61 63.37
N PRO I 210 -91.98 4.44 63.49
CA PRO I 210 -90.53 4.42 63.55
C PRO I 210 -89.73 4.60 62.25
N PHE I 211 -88.51 5.07 62.44
CA PHE I 211 -87.83 5.86 61.43
C PHE I 211 -86.97 4.98 60.54
N LYS I 212 -87.09 5.20 59.22
CA LYS I 212 -86.43 4.39 58.21
C LYS I 212 -85.18 5.14 57.76
N LEU I 213 -84.11 5.02 58.53
CA LEU I 213 -82.90 5.80 58.27
C LEU I 213 -82.15 5.25 57.07
N SER I 214 -81.49 6.16 56.33
CA SER I 214 -80.78 5.80 55.13
C SER I 214 -79.53 4.97 55.43
N ASN I 215 -79.20 4.06 54.51
CA ASN I 215 -78.13 3.10 54.73
C ASN I 215 -76.77 3.79 54.70
N PRO I 216 -75.91 3.58 55.70
CA PRO I 216 -74.62 4.28 55.73
C PRO I 216 -73.61 3.67 54.77
N ASN I 217 -72.56 4.44 54.50
CA ASN I 217 -71.49 4.02 53.61
C ASN I 217 -70.20 3.67 54.35
N GLY I 218 -70.25 3.53 55.67
CA GLY I 218 -69.08 3.19 56.43
C GLY I 218 -68.94 3.93 57.74
N GLY I 219 -69.87 4.86 57.99
CA GLY I 219 -69.84 5.64 59.22
C GLY I 219 -70.21 4.86 60.46
N GLY I 235 -71.98 -4.39 71.52
CA GLY I 235 -71.70 -3.95 72.87
C GLY I 235 -72.56 -2.78 73.31
N ASN I 236 -72.12 -2.06 74.33
CA ASN I 236 -72.83 -0.92 74.87
C ASN I 236 -71.89 0.29 74.91
N ARG I 237 -72.40 1.43 74.46
CA ARG I 237 -71.70 2.71 74.57
C ARG I 237 -72.71 3.79 74.93
N GLU I 238 -72.20 4.90 75.47
CA GLU I 238 -73.07 5.94 76.00
C GLU I 238 -73.12 7.20 75.14
N GLU I 239 -72.15 7.42 74.27
CA GLU I 239 -72.08 8.66 73.50
C GLU I 239 -71.77 8.48 72.02
N HIS I 240 -71.26 7.32 71.57
CA HIS I 240 -70.98 7.13 70.15
C HIS I 240 -72.24 6.93 69.32
N ILE I 241 -73.41 6.76 69.95
CA ILE I 241 -74.66 6.60 69.22
C ILE I 241 -75.03 7.89 68.52
N ASN I 242 -74.64 9.04 69.07
CA ASN I 242 -74.91 10.32 68.44
C ASN I 242 -74.22 10.43 67.09
N ALA I 243 -72.96 9.99 67.00
CA ALA I 243 -72.27 9.95 65.72
C ALA I 243 -72.90 8.93 64.78
N LEU I 244 -73.47 7.87 65.35
CA LEU I 244 -74.14 6.84 64.53
C LEU I 244 -75.37 7.41 63.85
N ILE I 245 -76.25 8.08 64.62
CA ILE I 245 -77.48 8.62 64.02
C ILE I 245 -77.13 9.84 63.17
N ARG I 246 -76.02 10.51 63.50
CA ARG I 246 -75.49 11.60 62.68
C ARG I 246 -75.13 11.08 61.30
N ALA I 247 -74.49 9.90 61.23
CA ALA I 247 -74.17 9.32 59.94
C ALA I 247 -75.33 8.50 59.37
N MET I 248 -76.32 8.16 60.20
CA MET I 248 -77.46 7.36 59.76
C MET I 248 -78.48 8.21 59.02
N ASN I 249 -78.38 9.53 59.15
CA ASN I 249 -79.32 10.48 58.61
C ASN I 249 -78.75 11.18 57.38
N ARG J 3 -13.32 15.45 -6.85
CA ARG J 3 -12.63 16.29 -7.82
C ARG J 3 -13.51 17.46 -8.24
N GLU J 4 -14.78 17.18 -8.52
CA GLU J 4 -15.73 18.24 -8.83
C GLU J 4 -15.95 19.14 -7.63
N LEU J 5 -15.97 18.55 -6.43
CA LEU J 5 -16.06 19.33 -5.20
C LEU J 5 -14.86 20.25 -5.04
N GLN J 6 -13.66 19.75 -5.32
CA GLN J 6 -12.45 20.55 -5.16
C GLN J 6 -12.39 21.66 -6.20
N LYS J 7 -12.86 21.38 -7.42
CA LYS J 7 -12.99 22.44 -8.43
C LYS J 7 -13.98 23.50 -7.98
N ARG J 8 -15.05 23.06 -7.33
CA ARG J 8 -16.11 24.01 -6.87
C ARG J 8 -15.53 24.95 -5.81
N LYS J 9 -14.79 24.41 -4.84
CA LYS J 9 -14.23 25.24 -3.72
C LYS J 9 -13.19 26.22 -4.27
N ARG J 10 -12.47 25.83 -5.33
CA ARG J 10 -11.44 26.71 -5.94
C ARG J 10 -12.13 27.95 -6.54
N ARG J 11 -13.31 27.79 -7.13
CA ARG J 11 -14.01 28.93 -7.78
C ARG J 11 -14.97 29.60 -6.78
N SER J 12 -15.21 28.96 -5.63
CA SER J 12 -16.13 29.49 -4.60
C SER J 12 -15.45 30.59 -3.79
N SER J 13 -16.23 31.54 -3.24
CA SER J 13 -15.66 32.59 -2.37
C SER J 13 -15.64 32.08 -0.92
N ARG J 14 -16.28 30.94 -0.66
CA ARG J 14 -16.29 30.35 0.71
C ARG J 14 -14.84 30.04 1.12
N PRO J 15 -14.45 30.28 2.39
CA PRO J 15 -13.06 30.12 2.83
C PRO J 15 -12.63 28.66 2.88
N THR J 16 -11.32 28.48 2.79
CA THR J 16 -10.74 27.15 3.00
C THR J 16 -10.56 26.92 4.50
N ILE J 17 -11.23 25.90 5.01
CA ILE J 17 -11.23 25.62 6.45
C ILE J 17 -9.93 24.84 6.72
N ARG J 18 -8.98 25.52 7.36
CA ARG J 18 -7.69 24.91 7.67
C ARG J 18 -7.78 24.12 8.97
N MET J 19 -7.41 22.86 8.91
CA MET J 19 -7.36 22.00 10.08
C MET J 19 -6.08 22.23 10.86
N PRO J 20 -6.16 22.56 12.14
CA PRO J 20 -4.95 22.53 12.98
C PRO J 20 -4.45 21.11 13.15
N ASN J 21 -3.14 20.99 13.37
CA ASN J 21 -2.51 19.68 13.55
C ASN J 21 -2.68 19.19 14.99
N ARG J 22 -3.91 18.85 15.33
CA ARG J 22 -4.24 18.32 16.65
C ARG J 22 -4.12 16.81 16.62
N ARG J 23 -3.13 16.27 17.31
CA ARG J 23 -2.96 14.82 17.40
C ARG J 23 -3.78 14.28 18.56
N LYS J 24 -4.17 13.01 18.44
CA LYS J 24 -4.96 12.37 19.49
C LYS J 24 -4.13 12.09 20.73
N LYS J 25 -2.84 11.81 20.56
CA LYS J 25 -1.96 11.43 21.66
C LYS J 25 -0.80 12.40 21.73
N ALA J 26 -0.50 12.87 22.95
CA ALA J 26 0.64 13.75 23.15
C ALA J 26 1.95 12.97 23.04
N LEU J 27 2.97 13.62 22.49
CA LEU J 27 4.26 12.99 22.25
C LEU J 27 5.26 13.20 23.38
N ASN J 28 4.93 14.04 24.37
CA ASN J 28 5.81 14.33 25.47
C ASN J 28 5.04 14.24 26.78
N PRO J 29 5.63 13.66 27.82
CA PRO J 29 4.97 13.64 29.12
C PRO J 29 4.86 15.03 29.71
N ALA J 30 3.79 15.23 30.48
CA ALA J 30 3.49 16.52 31.07
C ALA J 30 3.00 16.34 32.50
N GLY J 31 3.15 17.40 33.29
CA GLY J 31 2.69 17.43 34.66
C GLY J 31 3.75 18.00 35.57
N ASN J 32 3.52 17.86 36.88
CA ASN J 32 4.47 18.29 37.89
C ASN J 32 5.21 17.13 38.53
N ASN J 33 5.24 15.98 37.88
CA ASN J 33 5.95 14.82 38.40
C ASN J 33 7.41 14.86 37.97
N ILE J 34 8.17 13.85 38.39
CA ILE J 34 9.62 13.87 38.25
C ILE J 34 10.04 13.73 36.78
N ILE J 35 9.34 12.89 36.03
CA ILE J 35 9.72 12.60 34.65
C ILE J 35 9.47 13.80 33.75
N ALA J 36 8.44 14.60 34.06
CA ALA J 36 8.08 15.71 33.19
C ALA J 36 9.10 16.84 33.22
N LYS J 37 9.70 17.11 34.38
CA LYS J 37 10.67 18.19 34.48
C LYS J 37 12.06 17.79 33.99
N SER J 38 12.28 16.51 33.69
CA SER J 38 13.57 16.05 33.20
C SER J 38 13.46 15.45 31.79
N TRP J 39 12.33 15.61 31.13
CA TRP J 39 12.13 15.06 29.80
C TRP J 39 12.63 16.07 28.76
N ASN J 40 13.55 15.64 27.92
CA ASN J 40 14.06 16.46 26.83
C ASN J 40 13.23 16.18 25.59
N LYS J 41 12.56 17.22 25.06
CA LYS J 41 11.70 17.04 23.90
C LYS J 41 12.48 16.78 22.63
N LYS J 42 13.77 17.13 22.59
CA LYS J 42 14.61 16.92 21.43
C LYS J 42 15.39 15.61 21.51
N GLU J 43 15.14 14.80 22.55
CA GLU J 43 15.77 13.50 22.70
C GLU J 43 14.72 12.41 22.51
N THR J 44 15.17 11.25 22.05
CA THR J 44 14.26 10.14 21.81
C THR J 44 13.89 9.46 23.12
N LEU J 45 13.03 8.43 23.02
CA LEU J 45 12.66 7.63 24.19
C LEU J 45 13.86 6.93 24.81
N SER J 46 14.73 6.34 23.98
CA SER J 46 15.85 5.58 24.50
C SER J 46 16.86 6.47 25.19
N GLN J 47 17.17 7.64 24.61
CA GLN J 47 18.12 8.55 25.24
C GLN J 47 17.57 9.14 26.52
N ASN J 48 16.28 9.47 26.54
CA ASN J 48 15.65 9.99 27.76
C ASN J 48 15.66 8.95 28.87
N TYR J 49 15.29 7.71 28.56
CA TYR J 49 15.30 6.66 29.58
C TYR J 49 16.73 6.29 30.00
N THR J 50 17.69 6.46 29.10
CA THR J 50 19.10 6.29 29.47
C THR J 50 19.53 7.35 30.48
N ARG J 51 19.14 8.59 30.23
CA ARG J 51 19.50 9.67 31.14
C ARG J 51 18.77 9.55 32.48
N PHE J 52 17.56 8.98 32.47
CA PHE J 52 16.84 8.74 33.72
C PHE J 52 17.49 7.61 34.51
N GLY J 53 17.97 6.58 33.81
CA GLY J 53 18.49 5.38 34.50
C GLY J 53 17.42 4.31 34.55
N LEU J 54 16.51 4.28 33.57
CA LEU J 54 15.41 3.34 33.58
C LEU J 54 15.43 2.49 32.31
N VAL J 55 14.61 1.45 32.33
CA VAL J 55 14.50 0.53 31.15
C VAL J 55 13.25 0.92 30.35
N ALA J 56 13.42 1.14 29.05
CA ALA J 56 12.32 1.54 28.18
C ALA J 56 11.59 0.34 27.59
N LYS J 57 12.32 -0.66 27.11
CA LYS J 57 11.73 -1.83 26.48
C LYS J 57 12.23 -3.08 27.20
N LEU J 58 11.31 -3.89 27.70
CA LEU J 58 11.64 -5.09 28.44
C LEU J 58 11.82 -6.31 27.54
N GLY J 59 11.54 -6.19 26.24
CA GLY J 59 11.64 -7.29 25.32
C GLY J 59 13.05 -7.50 24.80
N LYS J 60 13.17 -8.45 23.90
CA LYS J 60 14.43 -8.76 23.26
C LYS J 60 14.82 -7.65 22.29
N ALA J 61 16.12 -7.37 22.22
CA ALA J 61 16.63 -6.37 21.29
C ALA J 61 16.31 -6.75 19.84
N THR J 62 15.85 -5.77 19.07
CA THR J 62 15.33 -5.99 17.73
C THR J 62 16.21 -5.36 16.65
N GLY J 63 17.10 -4.46 17.03
CA GLY J 63 18.10 -3.97 16.10
C GLY J 63 19.36 -3.62 16.86
N GLY J 64 20.35 -3.11 16.14
CA GLY J 64 21.50 -2.54 16.80
C GLY J 64 21.13 -1.27 17.55
N THR J 65 21.90 -0.98 18.59
CA THR J 65 21.67 0.19 19.42
C THR J 65 22.84 1.13 19.33
N ALA J 66 22.61 2.38 19.71
CA ALA J 66 23.69 3.34 19.83
C ALA J 66 24.58 2.96 21.02
N PRO J 67 25.86 3.34 20.99
CA PRO J 67 26.72 3.10 22.17
C PRO J 67 26.20 3.83 23.39
N GLY J 68 26.19 3.11 24.52
CA GLY J 68 25.60 3.65 25.73
C GLY J 68 24.09 3.74 25.66
N ASN J 69 23.43 2.67 25.20
CA ASN J 69 21.98 2.68 25.08
C ASN J 69 21.31 2.59 26.45
N LYS J 70 21.55 1.49 27.17
CA LYS J 70 21.15 1.31 28.58
C LYS J 70 19.63 1.45 28.80
N ALA J 71 18.82 1.34 27.76
CA ALA J 71 17.37 1.47 27.91
C ALA J 71 16.68 0.27 27.29
N LEU J 72 17.24 -0.26 26.20
CA LEU J 72 16.70 -1.44 25.53
C LEU J 72 17.38 -2.65 26.14
N LEU J 73 16.75 -3.23 27.15
CA LEU J 73 17.28 -4.38 27.86
C LEU J 73 17.35 -5.63 26.99
N SER J 126 22.25 -28.18 50.92
CA SER J 126 22.04 -29.53 50.36
C SER J 126 20.61 -29.66 49.80
N GLU J 127 20.40 -30.59 48.87
CA GLU J 127 19.06 -30.79 48.26
C GLU J 127 18.62 -32.23 48.53
N SER J 128 18.15 -32.50 49.75
CA SER J 128 17.69 -33.87 50.11
C SER J 128 16.65 -34.32 49.08
N ASP J 129 15.63 -33.48 48.83
CA ASP J 129 14.62 -33.78 47.77
C ASP J 129 15.04 -33.00 46.54
N ALA J 130 15.22 -33.67 45.40
CA ALA J 130 15.67 -32.98 44.16
C ALA J 130 14.64 -31.89 43.80
N VAL J 131 14.83 -30.68 44.31
CA VAL J 131 13.86 -29.61 44.08
C VAL J 131 14.57 -28.51 43.29
N PRO J 132 14.10 -28.17 42.09
CA PRO J 132 14.74 -27.09 41.33
C PRO J 132 14.50 -25.72 41.92
N GLN J 133 13.52 -25.58 42.80
CA GLN J 133 13.09 -24.28 43.32
C GLN J 133 13.74 -23.91 44.64
N GLN J 134 14.50 -24.82 45.26
CA GLN J 134 15.03 -24.55 46.59
C GLN J 134 16.20 -23.57 46.53
N GLN J 135 16.89 -23.51 45.38
CA GLN J 135 17.89 -22.47 45.20
C GLN J 135 17.25 -21.13 44.88
N GLN J 136 15.97 -21.13 44.49
CA GLN J 136 15.27 -19.91 44.12
C GLN J 136 14.69 -19.16 45.31
N GLN J 137 14.67 -19.76 46.48
CA GLN J 137 14.03 -19.12 47.63
C GLN J 137 14.94 -18.08 48.26
N GLU J 138 14.34 -17.19 49.03
CA GLU J 138 15.07 -16.12 49.70
C GLU J 138 15.04 -16.33 51.21
N ASN J 144 0.69 -20.70 52.45
CA ASN J 144 0.48 -20.77 51.00
C ASN J 144 -0.23 -19.50 50.54
N HIS J 145 -0.18 -18.47 51.38
CA HIS J 145 -0.82 -17.19 51.11
C HIS J 145 0.22 -16.09 51.07
N ILE J 146 0.11 -15.22 50.07
CA ILE J 146 1.00 -14.09 49.92
C ILE J 146 0.18 -12.80 49.98
N ARG J 147 0.87 -11.69 50.27
CA ARG J 147 0.22 -10.39 50.30
C ARG J 147 -0.24 -10.00 48.90
N GLN J 148 -1.48 -9.54 48.79
CA GLN J 148 -2.16 -9.48 47.50
C GLN J 148 -2.12 -8.12 46.84
N HIS J 149 -2.21 -7.03 47.59
CA HIS J 149 -2.38 -5.71 47.01
C HIS J 149 -1.08 -4.95 46.86
N ASP J 150 0.05 -5.57 47.20
CA ASP J 150 1.35 -4.92 47.07
C ASP J 150 2.43 -5.98 47.04
N LEU J 151 3.65 -5.55 46.75
CA LEU J 151 4.83 -6.39 46.85
C LEU J 151 5.64 -5.99 48.09
N GLU J 152 6.52 -6.91 48.50
CA GLU J 152 7.32 -6.70 49.70
C GLU J 152 8.80 -6.59 49.33
N LEU J 153 9.11 -5.80 48.31
CA LEU J 153 10.49 -5.62 47.86
C LEU J 153 11.36 -5.05 48.96
N GLU J 154 12.53 -5.64 49.14
CA GLU J 154 13.46 -5.21 50.19
C GLU J 154 14.47 -4.21 49.64
N SER J 164 26.61 8.51 41.90
CA SER J 164 26.91 7.41 40.99
C SER J 164 25.72 7.15 40.06
N LYS J 165 24.57 6.85 40.65
CA LYS J 165 23.35 6.60 39.90
C LYS J 165 22.77 7.92 39.39
N PRO J 166 21.98 7.89 38.31
CA PRO J 166 21.39 9.12 37.79
C PRO J 166 20.41 9.75 38.78
N GLU J 167 20.27 11.07 38.66
CA GLU J 167 19.50 11.84 39.64
C GLU J 167 18.02 11.52 39.59
N VAL J 168 17.49 11.24 38.38
CA VAL J 168 16.09 10.90 38.24
C VAL J 168 15.78 9.58 38.92
N LEU J 169 16.71 8.63 38.81
CA LEU J 169 16.53 7.31 39.47
C LEU J 169 16.46 7.52 40.98
N ARG J 170 17.39 8.29 41.55
CA ARG J 170 17.41 8.52 42.99
C ARG J 170 16.16 9.26 43.45
N ALA J 171 15.69 10.23 42.66
CA ALA J 171 14.46 10.94 42.99
C ALA J 171 13.25 10.00 42.97
N LEU J 172 13.22 9.07 42.01
CA LEU J 172 12.13 8.11 41.94
C LEU J 172 12.13 7.16 43.14
N GLU J 173 13.33 6.70 43.52
CA GLU J 173 13.44 5.85 44.73
C GLU J 173 12.98 6.67 45.95
N ARG J 174 13.42 7.92 46.08
CA ARG J 174 13.08 8.75 47.23
C ARG J 174 11.57 8.97 47.33
N GLU J 175 10.91 9.23 46.21
CA GLU J 175 9.48 9.49 46.26
C GLU J 175 8.69 8.19 46.43
N ALA J 176 9.26 7.07 45.99
CA ALA J 176 8.62 5.77 46.22
C ALA J 176 8.85 5.23 47.62
N THR J 177 9.87 5.71 48.33
CA THR J 177 10.23 5.16 49.63
C THR J 177 9.76 6.05 50.78
N ARG J 178 9.25 7.25 50.48
CA ARG J 178 8.84 8.19 51.51
C ARG J 178 7.66 7.64 52.31
N PRO J 179 7.57 7.93 53.61
CA PRO J 179 6.47 7.38 54.41
C PRO J 179 5.13 8.00 54.04
N VAL J 180 4.09 7.19 54.12
CA VAL J 180 2.73 7.62 53.79
C VAL J 180 1.83 7.34 54.98
N GLU J 181 0.70 8.04 55.02
CA GLU J 181 -0.31 7.79 56.03
C GLU J 181 -1.19 6.62 55.61
N LYS J 182 -2.03 6.15 56.52
CA LYS J 182 -2.80 4.93 56.29
C LYS J 182 -4.30 5.14 56.22
N THR J 183 -4.83 6.17 56.87
CA THR J 183 -6.27 6.45 56.96
C THR J 183 -7.03 5.24 57.50
N VAL J 184 -6.75 4.95 58.77
CA VAL J 184 -7.29 3.75 59.42
C VAL J 184 -8.80 3.83 59.49
N ARG J 185 -9.45 2.77 59.05
CA ARG J 185 -10.91 2.76 58.96
C ARG J 185 -11.53 2.66 60.36
N HIS J 186 -12.44 3.57 60.65
CA HIS J 186 -13.10 3.59 61.94
C HIS J 186 -14.34 2.70 61.89
N GLN J 187 -15.17 2.80 62.92
CA GLN J 187 -16.38 1.99 63.03
C GLN J 187 -17.60 2.89 63.12
N SER J 188 -18.73 2.38 62.65
CA SER J 188 -19.96 3.15 62.70
C SER J 188 -20.46 3.27 64.14
N GLU J 189 -21.38 4.21 64.35
CA GLU J 189 -21.96 4.40 65.67
C GLU J 189 -22.77 3.19 66.11
N ARG J 190 -23.53 2.60 65.18
CA ARG J 190 -24.36 1.45 65.51
C ARG J 190 -23.53 0.20 65.79
N GLU J 191 -22.40 0.03 65.09
CA GLU J 191 -21.53 -1.10 65.39
C GLU J 191 -20.88 -0.95 66.76
N ARG J 192 -20.49 0.28 67.10
CA ARG J 192 -19.90 0.52 68.45
C ARG J 192 -20.98 0.28 69.51
N GLU J 193 -22.23 0.69 69.25
CA GLU J 193 -23.30 0.43 70.21
C GLU J 193 -23.56 -1.06 70.35
N TRP J 194 -23.52 -1.82 69.25
CA TRP J 194 -23.72 -3.26 69.32
C TRP J 194 -22.62 -3.94 70.13
N LEU J 195 -21.37 -3.56 69.86
CA LEU J 195 -20.23 -4.16 70.58
C LEU J 195 -20.29 -3.74 72.07
N GLN J 196 -20.76 -2.54 72.35
CA GLN J 196 -20.89 -2.06 73.75
C GLN J 196 -21.96 -2.88 74.47
N ARG J 197 -23.17 -2.98 73.89
CA ARG J 197 -24.20 -3.81 74.50
C ARG J 197 -23.74 -5.24 74.67
N LEU J 198 -22.94 -5.76 73.72
CA LEU J 198 -22.43 -7.13 73.85
C LEU J 198 -21.48 -7.25 75.04
N VAL J 199 -20.70 -6.21 75.33
CA VAL J 199 -19.74 -6.25 76.47
C VAL J 199 -20.51 -6.09 77.80
N ASP J 200 -21.57 -5.30 77.82
CA ASP J 200 -22.29 -5.01 79.06
C ASP J 200 -23.03 -6.21 79.64
N LYS J 201 -23.21 -7.28 78.88
CA LYS J 201 -23.93 -8.44 79.36
C LYS J 201 -23.03 -9.63 79.65
N HIS J 202 -21.93 -9.78 78.92
CA HIS J 202 -21.05 -10.93 79.08
C HIS J 202 -19.64 -10.58 79.50
N GLY J 203 -19.17 -9.37 79.18
CA GLY J 203 -17.86 -8.92 79.62
C GLY J 203 -16.72 -9.39 78.73
N ASP J 204 -16.32 -10.65 78.89
CA ASP J 204 -15.21 -11.20 78.13
C ASP J 204 -15.49 -12.55 77.51
N ASP J 205 -16.57 -13.23 77.88
CA ASP J 205 -16.88 -14.56 77.35
C ASP J 205 -17.38 -14.38 75.92
N VAL J 206 -16.46 -14.43 74.96
CA VAL J 206 -16.83 -14.26 73.55
C VAL J 206 -17.64 -15.44 73.05
N ALA J 207 -17.48 -16.61 73.67
CA ALA J 207 -18.27 -17.80 73.28
C ALA J 207 -19.75 -17.56 73.65
N ALA J 208 -19.99 -16.96 74.81
CA ALA J 208 -21.38 -16.68 75.26
C ALA J 208 -22.01 -15.61 74.35
N MET J 209 -21.21 -14.64 73.91
CA MET J 209 -21.72 -13.57 73.01
C MET J 209 -22.11 -14.19 71.66
N ALA J 210 -21.32 -15.15 71.17
CA ALA J 210 -21.68 -15.84 69.90
C ALA J 210 -22.95 -16.66 70.12
N ARG J 211 -23.08 -17.33 71.27
CA ARG J 211 -24.28 -18.14 71.59
C ARG J 211 -25.51 -17.22 71.69
N ASP J 212 -25.34 -16.01 72.21
CA ASP J 212 -26.49 -15.08 72.42
C ASP J 212 -27.19 -14.84 71.08
N ARG J 213 -28.49 -15.15 71.02
CA ARG J 213 -29.27 -14.93 69.78
C ARG J 213 -29.89 -13.53 69.83
N LYS J 214 -30.25 -13.05 71.02
CA LYS J 214 -30.92 -11.75 71.11
C LYS J 214 -29.98 -10.60 70.79
N LEU J 215 -28.81 -10.57 71.43
CA LEU J 215 -27.88 -9.46 71.24
C LEU J 215 -26.98 -9.63 70.03
N ASN J 216 -26.89 -10.84 69.47
CA ASN J 216 -26.10 -11.09 68.27
C ASN J 216 -27.05 -11.77 67.27
N PRO J 217 -27.87 -10.98 66.55
CA PRO J 217 -28.85 -11.58 65.64
C PRO J 217 -28.21 -12.28 64.44
N TYR J 218 -27.28 -11.61 63.76
CA TYR J 218 -26.43 -12.27 62.79
C TYR J 218 -25.47 -13.16 63.58
N GLN J 219 -25.61 -14.48 63.42
CA GLN J 219 -24.94 -15.41 64.31
C GLN J 219 -23.44 -15.48 64.04
N GLN J 220 -22.73 -14.40 64.36
CA GLN J 220 -21.31 -14.30 64.03
C GLN J 220 -20.48 -15.13 64.99
N THR J 221 -19.33 -15.59 64.49
CA THR J 221 -18.45 -16.46 65.25
C THR J 221 -17.69 -15.63 66.28
N ALA J 222 -17.34 -16.26 67.39
CA ALA J 222 -16.67 -15.58 68.50
C ALA J 222 -15.34 -14.97 68.09
N SER J 223 -14.66 -15.56 67.10
CA SER J 223 -13.40 -14.98 66.62
C SER J 223 -13.64 -13.63 65.94
N ASP J 224 -14.70 -13.53 65.13
CA ASP J 224 -15.03 -12.28 64.47
C ASP J 224 -15.42 -11.20 65.48
N ILE J 225 -16.20 -11.58 66.49
CA ILE J 225 -16.61 -10.61 67.51
C ILE J 225 -15.42 -10.19 68.37
N LYS J 226 -14.50 -11.11 68.66
CA LYS J 226 -13.27 -10.76 69.38
C LYS J 226 -12.41 -9.79 68.58
N ARG J 227 -12.30 -10.03 67.26
CA ARG J 227 -11.56 -9.10 66.40
C ARG J 227 -12.21 -7.73 66.37
N ARG J 228 -13.55 -7.68 66.29
CA ARG J 228 -14.25 -6.40 66.30
C ARG J 228 -14.10 -5.68 67.63
N LEU J 229 -14.09 -6.44 68.73
CA LEU J 229 -13.88 -5.85 70.08
C LEU J 229 -12.47 -5.29 70.17
N LYS J 230 -11.47 -6.02 69.67
CA LYS J 230 -10.09 -5.55 69.71
C LYS J 230 -9.91 -4.30 68.87
N LYS J 231 -10.58 -4.23 67.71
CA LYS J 231 -10.55 -3.01 66.91
C LYS J 231 -11.25 -1.86 67.61
N ALA J 232 -12.30 -2.15 68.38
CA ALA J 232 -13.03 -1.10 69.12
C ALA J 232 -12.25 -0.71 70.38
N GLY J 233 -11.31 -1.55 70.82
CA GLY J 233 -10.56 -1.29 72.07
C GLY J 233 -11.34 -1.71 73.30
N LEU J 234 -12.35 -2.57 73.11
CA LEU J 234 -13.20 -3.04 74.24
C LEU J 234 -12.72 -4.41 74.72
N LEU J 235 -11.62 -4.91 74.14
CA LEU J 235 -11.05 -6.24 74.53
C LEU J 235 -12.18 -7.27 74.65
N ILE K 190 8.04 -62.10 15.07
CA ILE K 190 8.22 -63.49 15.48
C ILE K 190 7.50 -64.41 14.50
N ASN K 191 7.92 -65.68 14.48
CA ASN K 191 7.30 -66.70 13.63
C ASN K 191 7.05 -67.93 14.50
N ASN K 192 5.93 -67.94 15.21
CA ASN K 192 5.51 -69.10 15.99
C ASN K 192 4.81 -70.05 15.04
N LYS K 193 5.60 -70.88 14.35
CA LYS K 193 5.13 -71.63 13.19
C LYS K 193 4.05 -72.64 13.57
N GLU K 194 4.26 -73.39 14.65
CA GLU K 194 3.30 -74.42 15.05
C GLU K 194 1.97 -73.81 15.45
N GLY K 195 2.00 -72.57 15.94
CA GLY K 195 0.77 -71.83 16.17
C GLY K 195 0.02 -71.56 14.87
N LEU K 196 0.75 -71.23 13.81
CA LEU K 196 0.09 -70.98 12.53
C LEU K 196 -0.48 -72.27 11.94
N LEU K 197 0.27 -73.39 12.07
CA LEU K 197 -0.29 -74.67 11.62
C LEU K 197 -1.53 -75.07 12.41
N THR K 198 -1.52 -74.90 13.74
CA THR K 198 -2.70 -75.33 14.50
C THR K 198 -3.88 -74.40 14.26
N ALA K 199 -3.64 -73.09 14.07
CA ALA K 199 -4.72 -72.17 13.75
C ALA K 199 -5.32 -72.47 12.38
N LEU K 200 -4.46 -72.82 11.42
CA LEU K 200 -4.94 -73.29 10.13
C LEU K 200 -5.81 -74.53 10.30
N ARG K 201 -5.38 -75.46 11.15
CA ARG K 201 -6.14 -76.68 11.39
C ARG K 201 -7.51 -76.37 12.01
N ARG K 202 -7.55 -75.42 12.95
CA ARG K 202 -8.83 -74.95 13.49
C ARG K 202 -9.72 -74.34 12.42
N ILE K 203 -9.15 -73.72 11.39
CA ILE K 203 -9.96 -73.09 10.35
C ILE K 203 -9.81 -73.72 8.96
N GLN K 204 -9.22 -74.92 8.86
CA GLN K 204 -9.09 -75.56 7.56
C GLN K 204 -10.38 -76.24 7.16
N LEU K 205 -10.73 -76.13 5.88
CA LEU K 205 -11.72 -77.01 5.27
C LEU K 205 -10.99 -78.09 4.47
N ASP K 206 -11.70 -79.18 4.16
CA ASP K 206 -11.06 -80.33 3.55
C ASP K 206 -10.83 -80.03 2.07
N ILE K 207 -9.57 -79.99 1.66
CA ILE K 207 -9.18 -79.78 0.26
C ILE K 207 -8.37 -81.01 -0.15
N ASN K 208 -9.03 -81.99 -0.76
CA ASN K 208 -8.38 -83.21 -1.22
C ASN K 208 -9.09 -83.65 -2.50
N PRO K 209 -8.39 -83.75 -3.63
CA PRO K 209 -9.08 -84.10 -4.89
C PRO K 209 -9.70 -85.48 -4.89
N LYS K 210 -9.29 -86.38 -4.01
CA LYS K 210 -9.92 -87.69 -3.93
C LYS K 210 -11.25 -87.62 -3.18
N THR K 211 -11.44 -86.59 -2.35
CA THR K 211 -12.65 -86.45 -1.54
C THR K 211 -13.56 -85.34 -2.05
N THR K 212 -13.04 -84.11 -2.21
CA THR K 212 -13.92 -83.04 -2.65
C THR K 212 -13.65 -82.71 -4.11
N PRO K 213 -14.69 -82.40 -4.89
CA PRO K 213 -14.47 -82.04 -6.30
C PRO K 213 -13.80 -80.68 -6.44
N PHE K 214 -13.30 -80.44 -7.65
CA PHE K 214 -12.56 -79.21 -7.95
C PHE K 214 -13.42 -77.96 -7.83
N SER K 215 -14.71 -78.04 -8.20
CA SER K 215 -15.56 -76.87 -8.17
C SER K 215 -15.80 -76.35 -6.76
N PHE K 216 -15.61 -77.17 -5.73
CA PHE K 216 -15.83 -76.73 -4.35
C PHE K 216 -14.86 -75.62 -3.95
N HIS K 217 -13.56 -75.91 -3.98
CA HIS K 217 -12.59 -74.87 -3.68
C HIS K 217 -12.42 -73.90 -4.85
N GLN K 218 -12.44 -74.43 -6.07
CA GLN K 218 -12.08 -73.69 -7.29
C GLN K 218 -10.71 -73.03 -7.15
N SER K 219 -9.79 -73.74 -6.50
CA SER K 219 -8.47 -73.23 -6.17
C SER K 219 -7.41 -74.13 -6.77
N VAL K 220 -6.50 -73.53 -7.53
CA VAL K 220 -5.37 -74.24 -8.12
C VAL K 220 -4.11 -73.46 -7.78
N VAL K 221 -3.07 -74.18 -7.35
CA VAL K 221 -1.83 -73.56 -6.92
C VAL K 221 -0.75 -73.83 -7.96
N ALA K 222 -0.04 -72.78 -8.37
CA ALA K 222 1.00 -72.89 -9.38
C ALA K 222 2.21 -73.64 -8.84
N SER K 223 2.85 -74.42 -9.72
CA SER K 223 4.05 -75.15 -9.33
C SER K 223 5.26 -74.23 -9.25
N LYS K 224 5.35 -73.26 -10.16
CA LYS K 224 6.50 -72.35 -10.18
C LYS K 224 6.31 -71.25 -9.14
N ARG K 225 7.42 -70.87 -8.50
CA ARG K 225 7.35 -70.10 -7.26
C ARG K 225 7.22 -68.60 -7.49
N THR K 226 7.27 -68.14 -8.74
CA THR K 226 7.13 -66.73 -9.15
C THR K 226 8.18 -65.83 -8.48
N GLU K 227 9.41 -66.31 -8.32
CA GLU K 227 10.53 -65.43 -7.99
C GLU K 227 11.67 -65.53 -8.99
N ASP K 228 11.71 -66.61 -9.77
CA ASP K 228 12.73 -66.77 -10.79
C ASP K 228 12.33 -66.11 -12.11
N SER K 229 11.03 -65.99 -12.35
CA SER K 229 10.54 -65.38 -13.59
C SER K 229 10.72 -63.87 -13.58
N ILE K 230 10.94 -63.26 -12.42
CA ILE K 230 11.08 -61.81 -12.31
C ILE K 230 12.49 -61.52 -11.81
N PRO K 231 13.41 -61.07 -12.68
CA PRO K 231 14.78 -60.78 -12.22
C PRO K 231 14.85 -59.56 -11.31
N GLN K 232 14.26 -58.45 -11.76
CA GLN K 232 14.17 -57.24 -10.96
C GLN K 232 12.71 -56.82 -10.87
N ILE K 233 12.37 -56.11 -9.79
CA ILE K 233 10.97 -55.80 -9.50
C ILE K 233 10.49 -54.62 -10.35
N GLU K 234 11.42 -53.72 -10.71
CA GLU K 234 11.04 -52.39 -11.20
C GLU K 234 10.40 -52.41 -12.59
N ASP K 235 10.83 -53.32 -13.47
CA ASP K 235 10.26 -53.33 -14.82
C ASP K 235 8.86 -53.95 -14.79
N ASP K 236 7.88 -53.20 -15.29
CA ASP K 236 6.49 -53.64 -15.18
C ASP K 236 6.16 -54.75 -16.16
N LEU K 237 6.81 -54.76 -17.33
CA LEU K 237 6.44 -55.71 -18.38
C LEU K 237 6.78 -57.14 -17.99
N GLN K 238 7.99 -57.37 -17.46
CA GLN K 238 8.40 -58.71 -17.08
C GLN K 238 7.59 -59.24 -15.90
N ARG K 239 7.34 -58.38 -14.92
CA ARG K 239 6.53 -58.76 -13.75
C ARG K 239 5.09 -59.09 -14.16
N GLU K 240 4.52 -58.27 -15.05
CA GLU K 240 3.17 -58.52 -15.52
C GLU K 240 3.08 -59.78 -16.37
N LEU K 241 4.10 -60.07 -17.19
CA LEU K 241 4.02 -61.30 -17.98
C LEU K 241 4.28 -62.53 -17.11
N ALA K 242 5.03 -62.39 -16.02
CA ALA K 242 5.17 -63.49 -15.08
C ALA K 242 3.86 -63.79 -14.35
N PHE K 243 3.17 -62.73 -13.92
CA PHE K 243 1.84 -62.92 -13.32
C PHE K 243 0.87 -63.49 -14.34
N MET K 244 1.01 -63.07 -15.60
CA MET K 244 0.23 -63.61 -16.70
C MET K 244 0.47 -65.10 -16.88
N ASN K 245 1.74 -65.51 -16.78
CA ASN K 245 2.10 -66.93 -16.93
C ASN K 245 1.48 -67.74 -15.80
N GLN K 246 1.56 -67.24 -14.56
CA GLN K 246 0.95 -67.94 -13.44
C GLN K 246 -0.56 -68.08 -13.60
N ALA K 247 -1.24 -67.01 -13.98
CA ALA K 247 -2.68 -67.07 -14.13
C ALA K 247 -3.11 -67.87 -15.36
N LEU K 248 -2.26 -67.91 -16.40
CA LEU K 248 -2.55 -68.75 -17.55
C LEU K 248 -2.43 -70.22 -17.21
N GLU K 249 -1.41 -70.58 -16.41
CA GLU K 249 -1.30 -71.94 -15.89
C GLU K 249 -2.54 -72.32 -15.09
N ALA K 250 -2.97 -71.40 -14.22
CA ALA K 250 -4.17 -71.63 -13.42
C ALA K 250 -5.41 -71.79 -14.29
N ALA K 251 -5.55 -70.94 -15.32
CA ALA K 251 -6.72 -70.99 -16.18
C ALA K 251 -6.76 -72.29 -16.99
N ARG K 252 -5.60 -72.73 -17.50
CA ARG K 252 -5.55 -73.99 -18.24
C ARG K 252 -5.92 -75.18 -17.35
N LEU K 253 -5.35 -75.24 -16.14
CA LEU K 253 -5.62 -76.41 -15.30
C LEU K 253 -7.06 -76.38 -14.78
N GLY K 254 -7.59 -75.19 -14.48
CA GLY K 254 -8.99 -75.09 -14.09
C GLY K 254 -9.94 -75.43 -15.22
N ARG K 255 -9.60 -75.03 -16.44
CA ARG K 255 -10.42 -75.40 -17.60
C ARG K 255 -10.42 -76.91 -17.82
N SER K 256 -9.25 -77.55 -17.66
CA SER K 256 -9.18 -79.00 -17.79
C SER K 256 -10.00 -79.70 -16.72
N LEU K 257 -9.92 -79.22 -15.47
CA LEU K 257 -10.68 -79.86 -14.40
C LEU K 257 -12.18 -79.63 -14.54
N LEU K 258 -12.59 -78.45 -15.03
CA LEU K 258 -14.02 -78.23 -15.26
C LEU K 258 -14.53 -79.02 -16.46
N ARG K 259 -13.68 -79.26 -17.46
CA ARG K 259 -14.07 -80.14 -18.55
C ARG K 259 -14.20 -81.59 -18.08
N LYS K 260 -13.36 -82.00 -17.13
CA LYS K 260 -13.52 -83.33 -16.55
C LYS K 260 -14.79 -83.39 -15.71
N GLU K 261 -15.12 -82.30 -15.02
CA GLU K 261 -16.28 -82.26 -14.14
C GLU K 261 -17.62 -82.20 -14.88
N GLY K 262 -17.66 -81.57 -16.05
CA GLY K 262 -18.91 -81.38 -16.76
C GLY K 262 -19.68 -80.13 -16.38
N VAL K 263 -19.19 -79.35 -15.41
CA VAL K 263 -19.80 -78.08 -15.03
C VAL K 263 -19.62 -77.12 -16.20
N PRO K 264 -20.66 -76.36 -16.58
CA PRO K 264 -20.52 -75.42 -17.71
C PRO K 264 -19.47 -74.36 -17.47
N PHE K 265 -18.71 -74.06 -18.51
CA PHE K 265 -17.61 -73.12 -18.47
C PHE K 265 -17.75 -71.99 -19.47
N THR K 266 -18.20 -72.30 -20.68
CA THR K 266 -18.23 -71.32 -21.76
C THR K 266 -19.44 -70.41 -21.58
N ARG K 267 -19.21 -69.12 -21.41
CA ARG K 267 -20.31 -68.17 -21.41
C ARG K 267 -20.78 -67.99 -22.85
N PRO K 268 -22.03 -68.28 -23.17
CA PRO K 268 -22.50 -68.15 -24.55
C PRO K 268 -22.97 -66.73 -24.85
N THR K 269 -23.09 -66.44 -26.15
CA THR K 269 -23.50 -65.11 -26.60
C THR K 269 -24.96 -64.82 -26.32
N ASP K 270 -25.81 -65.85 -26.19
CA ASP K 270 -27.21 -65.60 -25.86
C ASP K 270 -27.40 -65.13 -24.42
N TYR K 271 -26.46 -65.42 -23.52
CA TYR K 271 -26.57 -65.01 -22.13
C TYR K 271 -26.17 -63.54 -22.00
N PHE K 272 -27.15 -62.68 -21.70
CA PHE K 272 -26.87 -61.29 -21.38
C PHE K 272 -27.10 -61.06 -19.89
N ALA K 273 -26.09 -60.49 -19.23
CA ALA K 273 -26.13 -60.17 -17.82
C ALA K 273 -25.62 -58.74 -17.66
N GLU K 274 -25.58 -58.28 -16.43
CA GLU K 274 -25.18 -56.91 -16.15
C GLU K 274 -23.67 -56.79 -16.32
N MET K 275 -23.10 -55.59 -16.13
CA MET K 275 -21.69 -55.52 -16.48
C MET K 275 -20.97 -55.14 -15.16
N VAL K 276 -19.64 -55.35 -15.09
CA VAL K 276 -18.90 -54.96 -13.88
C VAL K 276 -18.84 -53.46 -13.74
N ARG K 277 -18.60 -52.75 -14.84
CA ARG K 277 -18.61 -51.31 -14.85
C ARG K 277 -19.64 -50.89 -15.89
N THR K 278 -20.19 -49.70 -15.72
CA THR K 278 -21.33 -49.32 -16.53
C THR K 278 -20.94 -49.20 -18.00
N ASP K 279 -21.94 -49.33 -18.88
CA ASP K 279 -21.68 -49.28 -20.31
C ASP K 279 -21.21 -47.90 -20.76
N ALA K 280 -21.37 -46.88 -19.92
CA ALA K 280 -20.68 -45.62 -20.13
C ALA K 280 -19.16 -45.80 -20.07
N THR K 281 -18.67 -46.63 -19.13
CA THR K 281 -17.22 -46.84 -19.01
C THR K 281 -16.68 -47.55 -20.24
N MET K 282 -17.41 -48.55 -20.75
CA MET K 282 -16.95 -49.21 -21.96
C MET K 282 -17.14 -48.36 -23.20
N GLU K 283 -18.13 -47.47 -23.19
CA GLU K 283 -18.21 -46.45 -24.22
C GLU K 283 -16.95 -45.58 -24.21
N LYS K 284 -16.47 -45.22 -23.01
CA LYS K 284 -15.25 -44.42 -22.88
C LYS K 284 -14.01 -45.19 -23.34
N VAL K 285 -13.92 -46.48 -23.02
CA VAL K 285 -12.72 -47.22 -23.43
C VAL K 285 -12.72 -47.50 -24.94
N LYS K 286 -13.89 -47.85 -25.53
CA LYS K 286 -14.03 -47.80 -26.99
C LYS K 286 -13.66 -46.43 -27.55
N GLN K 287 -14.00 -45.36 -26.83
CA GLN K 287 -13.74 -44.02 -27.34
C GLN K 287 -12.24 -43.76 -27.39
N LYS K 288 -11.49 -44.17 -26.36
CA LYS K 288 -10.04 -43.96 -26.46
C LYS K 288 -9.40 -44.89 -27.48
N LEU K 289 -9.90 -46.13 -27.63
CA LEU K 289 -9.32 -47.01 -28.65
C LEU K 289 -9.54 -46.46 -30.06
N ILE K 290 -10.76 -45.99 -30.36
CA ILE K 290 -10.98 -45.41 -31.68
C ILE K 290 -10.20 -44.11 -31.83
N GLU K 291 -10.03 -43.35 -30.72
CA GLU K 291 -9.29 -42.10 -30.80
C GLU K 291 -7.82 -42.35 -31.12
N GLU K 292 -7.18 -43.34 -30.47
CA GLU K 292 -5.78 -43.59 -30.78
C GLU K 292 -5.64 -44.29 -32.12
N ALA K 293 -6.67 -45.02 -32.56
CA ALA K 293 -6.65 -45.61 -33.89
C ALA K 293 -6.64 -44.52 -34.97
N THR K 294 -7.54 -43.53 -34.88
CA THR K 294 -7.49 -42.45 -35.85
C THR K 294 -6.29 -41.54 -35.67
N ALA K 295 -5.73 -41.45 -34.45
CA ALA K 295 -4.49 -40.71 -34.27
C ALA K 295 -3.34 -41.36 -35.03
N LYS K 296 -3.20 -42.69 -34.89
CA LYS K 296 -2.15 -43.41 -35.58
C LYS K 296 -2.35 -43.38 -37.09
N LYS K 297 -3.59 -43.56 -37.56
CA LYS K 297 -3.82 -43.54 -39.00
C LYS K 297 -3.67 -42.14 -39.57
N ALA K 298 -4.00 -41.10 -38.79
CA ALA K 298 -3.76 -39.73 -39.24
C ALA K 298 -2.28 -39.42 -39.32
N ALA K 299 -1.48 -39.93 -38.39
CA ALA K 299 -0.04 -39.80 -38.49
C ALA K 299 0.50 -40.51 -39.73
N ALA K 300 0.00 -41.72 -40.00
CA ALA K 300 0.43 -42.46 -41.19
C ALA K 300 0.03 -41.74 -42.48
N GLU K 301 -1.18 -41.18 -42.51
CA GLU K 301 -1.65 -40.45 -43.69
C GLU K 301 -0.87 -39.16 -43.89
N ALA K 302 -0.52 -38.48 -42.79
CA ALA K 302 0.31 -37.28 -42.89
C ALA K 302 1.71 -37.61 -43.38
N ARG K 303 2.25 -38.78 -43.00
CA ARG K 303 3.54 -39.18 -43.56
C ARG K 303 3.40 -39.58 -45.02
N LYS K 304 2.25 -40.11 -45.41
CA LYS K 304 1.99 -40.41 -46.82
C LYS K 304 1.80 -39.12 -47.63
N GLN K 305 1.09 -38.16 -47.07
CA GLN K 305 0.87 -36.88 -47.76
C GLN K 305 2.14 -36.03 -47.75
N ARG L 4 53.12 10.25 6.02
CA ARG L 4 53.25 11.24 7.08
C ARG L 4 52.41 10.83 8.28
N PRO L 5 53.03 10.76 9.46
CA PRO L 5 52.34 10.21 10.63
C PRO L 5 51.38 11.15 11.33
N THR L 6 51.69 12.45 11.37
CA THR L 6 50.92 13.39 12.18
C THR L 6 50.47 14.58 11.34
N VAL L 7 49.38 15.20 11.80
CA VAL L 7 48.81 16.39 11.18
C VAL L 7 48.69 17.46 12.25
N THR L 8 49.12 18.68 11.94
CA THR L 8 49.11 19.75 12.93
C THR L 8 47.71 20.27 13.17
N VAL L 9 47.47 20.75 14.39
CA VAL L 9 46.19 21.28 14.81
C VAL L 9 46.30 22.80 14.85
N PHE L 10 45.30 23.48 14.32
CA PHE L 10 45.32 24.93 14.21
C PHE L 10 44.34 25.54 15.20
N GLY L 11 44.67 26.75 15.66
CA GLY L 11 43.86 27.44 16.63
C GLY L 11 42.73 28.23 15.98
N ALA L 12 42.02 28.99 16.82
CA ALA L 12 40.94 29.83 16.36
C ALA L 12 41.42 31.04 15.56
N ASP L 13 42.68 31.42 15.73
CA ASP L 13 43.28 32.52 14.98
C ASP L 13 43.94 32.06 13.69
N GLY L 14 43.88 30.76 13.38
CA GLY L 14 44.47 30.23 12.17
C GLY L 14 45.91 29.81 12.29
N LYS L 15 46.55 30.07 13.43
CA LYS L 15 47.93 29.68 13.66
C LYS L 15 47.96 28.36 14.42
N PRO L 16 48.99 27.52 14.18
CA PRO L 16 49.03 26.21 14.85
C PRO L 16 49.19 26.33 16.35
N THR L 17 48.50 25.45 17.07
CA THR L 17 48.54 25.48 18.53
C THR L 17 49.83 24.86 19.06
N GLY L 18 50.46 24.00 18.28
CA GLY L 18 51.63 23.29 18.73
C GLY L 18 51.33 21.82 18.93
N ALA L 19 50.05 21.49 19.08
CA ALA L 19 49.62 20.11 19.22
C ALA L 19 49.40 19.47 17.85
N THR L 20 49.52 18.16 17.80
CA THR L 20 49.32 17.39 16.58
C THR L 20 48.46 16.17 16.87
N GLU L 21 47.90 15.59 15.81
CA GLU L 21 47.12 14.36 15.90
C GLU L 21 47.69 13.32 14.96
N VAL L 22 47.50 12.05 15.32
CA VAL L 22 47.95 10.95 14.47
C VAL L 22 46.94 10.76 13.34
N LEU L 23 47.43 10.71 12.11
CA LEU L 23 46.56 10.49 10.96
C LEU L 23 45.98 9.08 10.99
N PRO L 24 44.67 8.92 10.85
CA PRO L 24 44.06 7.58 10.87
C PRO L 24 44.47 6.75 9.66
N LYS L 25 44.20 5.44 9.78
CA LYS L 25 44.45 4.54 8.66
C LYS L 25 43.55 4.80 7.47
N VAL L 26 42.36 5.39 7.70
CA VAL L 26 41.38 5.57 6.63
C VAL L 26 41.85 6.58 5.58
N PHE L 27 42.86 7.39 5.90
CA PHE L 27 43.42 8.29 4.91
C PHE L 27 44.46 7.61 4.02
N SER L 28 44.86 6.39 4.36
CA SER L 28 45.74 5.58 3.52
C SER L 28 44.98 4.51 2.77
N ALA L 29 43.64 4.60 2.74
CA ALA L 29 42.82 3.65 2.03
C ALA L 29 43.00 3.81 0.52
N PRO L 30 42.72 2.75 -0.25
CA PRO L 30 42.77 2.89 -1.71
C PRO L 30 41.77 3.91 -2.23
N ILE L 31 42.18 4.66 -3.24
CA ILE L 31 41.34 5.68 -3.87
C ILE L 31 40.83 5.09 -5.18
N ARG L 32 39.59 4.64 -5.18
CA ARG L 32 38.99 3.92 -6.30
C ARG L 32 37.85 4.74 -6.87
N PRO L 33 38.08 5.48 -7.96
CA PRO L 33 36.99 6.26 -8.57
C PRO L 33 35.87 5.42 -9.17
N ASP L 34 36.12 4.15 -9.51
CA ASP L 34 35.07 3.32 -10.07
C ASP L 34 34.06 2.89 -9.01
N ILE L 35 34.55 2.52 -7.82
CA ILE L 35 33.66 2.18 -6.71
C ILE L 35 32.87 3.41 -6.27
N VAL L 36 33.53 4.57 -6.23
CA VAL L 36 32.87 5.81 -5.85
C VAL L 36 31.80 6.17 -6.87
N LYS L 37 32.09 6.01 -8.16
CA LYS L 37 31.13 6.29 -9.22
C LYS L 37 29.92 5.37 -9.12
N HIS L 38 30.15 4.07 -8.91
CA HIS L 38 29.07 3.09 -8.80
C HIS L 38 28.18 3.39 -7.60
N VAL L 39 28.78 3.59 -6.42
CA VAL L 39 27.99 3.80 -5.21
C VAL L 39 27.29 5.15 -5.23
N HIS L 40 27.92 6.18 -5.81
CA HIS L 40 27.27 7.48 -5.90
C HIS L 40 26.11 7.46 -6.89
N THR L 41 26.27 6.75 -8.02
CA THR L 41 25.17 6.60 -8.97
C THR L 41 23.99 5.88 -8.34
N GLY L 42 24.28 4.83 -7.56
CA GLY L 42 23.21 4.16 -6.84
C GLY L 42 22.55 5.02 -5.77
N MET L 43 23.36 5.73 -4.98
CA MET L 43 22.87 6.45 -3.82
C MET L 43 22.15 7.74 -4.18
N ALA L 44 22.48 8.34 -5.33
CA ALA L 44 21.81 9.56 -5.73
C ALA L 44 20.37 9.32 -6.18
N LYS L 45 19.98 8.07 -6.39
CA LYS L 45 18.64 7.71 -6.82
C LYS L 45 17.69 7.40 -5.66
N ASN L 46 18.17 7.46 -4.42
CA ASN L 46 17.40 6.93 -3.29
C ASN L 46 16.48 7.96 -2.64
N LYS L 47 16.53 9.22 -3.06
CA LYS L 47 15.63 10.25 -2.54
C LYS L 47 14.61 10.67 -3.60
N ARG L 48 14.32 9.76 -4.52
CA ARG L 48 13.49 10.06 -5.68
C ARG L 48 12.03 9.80 -5.35
N GLN L 49 11.18 10.76 -5.69
CA GLN L 49 9.74 10.59 -5.57
C GLN L 49 9.17 10.05 -6.87
N PRO L 50 8.24 9.10 -6.82
CA PRO L 50 7.69 8.54 -8.05
C PRO L 50 6.82 9.53 -8.81
N TYR L 51 6.80 9.38 -10.13
CA TYR L 51 5.92 10.15 -11.00
C TYR L 51 5.20 9.20 -11.95
N ALA L 52 3.95 9.53 -12.26
CA ALA L 52 3.17 8.66 -13.18
C ALA L 52 2.00 9.48 -13.74
N VAL L 53 1.55 9.13 -14.94
CA VAL L 53 0.35 9.81 -15.52
C VAL L 53 -0.92 9.17 -14.93
N SER L 54 -2.07 9.83 -15.11
CA SER L 54 -3.35 9.27 -14.62
C SER L 54 -3.60 7.90 -15.26
N GLU L 55 -4.08 6.94 -14.48
CA GLU L 55 -4.39 5.60 -15.01
C GLU L 55 -5.42 5.71 -16.14
N LYS L 56 -6.38 6.63 -16.02
CA LYS L 56 -7.48 6.75 -17.01
C LYS L 56 -7.21 7.83 -18.07
N ALA L 57 -6.05 8.49 -18.02
CA ALA L 57 -5.75 9.60 -18.96
C ALA L 57 -5.66 9.11 -20.40
N GLY L 58 -6.25 9.84 -21.34
CA GLY L 58 -6.17 9.49 -22.74
C GLY L 58 -7.26 8.56 -23.21
N HIS L 59 -7.74 7.68 -22.33
CA HIS L 59 -8.67 6.64 -22.72
C HIS L 59 -9.96 6.63 -21.89
N GLN L 60 -10.31 7.77 -21.29
CA GLN L 60 -11.65 7.93 -20.73
C GLN L 60 -12.61 8.58 -21.74
N THR L 61 -12.53 8.03 -22.95
CA THR L 61 -13.25 8.52 -24.12
C THR L 61 -14.11 7.37 -24.64
N SER L 62 -15.29 7.69 -25.14
CA SER L 62 -16.14 6.69 -25.78
C SER L 62 -15.96 6.83 -27.29
N ALA L 63 -15.16 5.92 -27.86
CA ALA L 63 -14.82 5.99 -29.27
C ALA L 63 -14.82 4.58 -29.86
N GLU L 64 -15.21 4.49 -31.13
CA GLU L 64 -15.24 3.22 -31.84
C GLU L 64 -14.61 3.38 -33.21
N SER L 65 -14.11 2.27 -33.74
CA SER L 65 -13.45 2.30 -35.04
C SER L 65 -14.50 2.30 -36.14
N TRP L 66 -14.29 3.12 -37.16
CA TRP L 66 -15.23 3.20 -38.28
C TRP L 66 -15.10 2.04 -39.25
N GLY L 67 -14.06 1.23 -39.11
CA GLY L 67 -13.87 0.10 -40.00
C GLY L 67 -13.38 0.52 -41.38
N THR L 68 -13.61 -0.36 -42.35
CA THR L 68 -13.20 -0.13 -43.73
C THR L 68 -14.33 0.44 -44.58
N GLY L 69 -15.45 0.83 -43.98
CA GLY L 69 -16.56 1.34 -44.77
C GLY L 69 -16.27 2.67 -45.43
N ARG L 70 -15.55 3.55 -44.73
CA ARG L 70 -15.24 4.89 -45.22
C ARG L 70 -13.76 5.01 -45.53
N ALA L 71 -13.44 6.01 -46.35
CA ALA L 71 -12.08 6.20 -46.86
C ALA L 71 -11.25 7.03 -45.87
N VAL L 72 -11.15 6.52 -44.64
CA VAL L 72 -10.39 7.14 -43.57
C VAL L 72 -9.51 6.07 -42.94
N ALA L 73 -8.50 6.53 -42.19
CA ALA L 73 -7.60 5.61 -41.50
C ALA L 73 -8.33 4.85 -40.42
N ARG L 74 -8.01 3.57 -40.27
CA ARG L 74 -8.66 2.69 -39.31
C ARG L 74 -8.12 3.03 -37.91
N ILE L 75 -8.77 4.01 -37.29
CA ILE L 75 -8.43 4.45 -35.94
C ILE L 75 -9.76 4.61 -35.20
N PRO L 76 -9.83 4.33 -33.90
CA PRO L 76 -11.07 4.62 -33.16
C PRO L 76 -11.37 6.11 -33.09
N ARG L 77 -12.54 6.49 -33.60
CA ARG L 77 -12.98 7.88 -33.62
C ARG L 77 -14.15 8.08 -32.66
N VAL L 78 -14.27 9.30 -32.17
CA VAL L 78 -15.30 9.64 -31.19
C VAL L 78 -16.65 9.72 -31.88
N SER L 79 -17.67 9.17 -31.20
CA SER L 79 -19.04 9.23 -31.69
C SER L 79 -19.63 10.61 -31.43
N GLY L 80 -20.90 10.78 -31.80
CA GLY L 80 -21.56 12.07 -31.72
C GLY L 80 -21.50 12.82 -33.04
N GLY L 81 -22.34 13.84 -33.14
CA GLY L 81 -22.44 14.59 -34.38
C GLY L 81 -22.67 16.08 -34.25
N GLY L 82 -22.42 16.63 -33.06
CA GLY L 82 -22.65 18.04 -32.85
C GLY L 82 -21.57 18.74 -32.06
N THR L 83 -20.34 18.23 -32.15
CA THR L 83 -19.24 18.77 -31.37
C THR L 83 -18.00 18.86 -32.27
N HIS L 84 -17.10 19.79 -31.90
CA HIS L 84 -15.79 19.84 -32.51
C HIS L 84 -15.00 18.57 -32.24
N ARG L 85 -15.22 17.95 -31.07
CA ARG L 85 -14.55 16.70 -30.72
C ARG L 85 -15.05 15.53 -31.55
N ALA L 86 -16.33 15.57 -31.96
CA ALA L 86 -16.95 14.44 -32.65
C ALA L 86 -16.33 14.23 -34.02
N GLY L 87 -15.95 12.98 -34.30
CA GLY L 87 -15.28 12.63 -35.53
C GLY L 87 -13.78 12.55 -35.45
N GLN L 88 -13.18 12.94 -34.34
CA GLN L 88 -11.73 12.93 -34.18
C GLN L 88 -11.27 11.58 -33.65
N GLY L 89 -10.05 11.20 -34.05
CA GLY L 89 -9.48 9.93 -33.63
C GLY L 89 -9.06 9.95 -32.16
N ALA L 90 -9.05 8.76 -31.57
CA ALA L 90 -8.68 8.59 -30.18
C ALA L 90 -7.92 7.27 -30.01
N PHE L 91 -7.50 7.02 -28.76
CA PHE L 91 -6.84 5.78 -28.36
C PHE L 91 -5.56 5.52 -29.15
N GLY L 92 -4.59 6.42 -28.99
CA GLY L 92 -3.32 6.22 -29.64
C GLY L 92 -2.27 7.24 -29.25
N ASN L 93 -1.01 6.80 -29.23
CA ASN L 93 0.10 7.73 -29.01
C ASN L 93 0.25 8.73 -30.16
N MET L 94 -0.24 8.39 -31.34
CA MET L 94 -0.20 9.24 -32.52
C MET L 94 -1.32 10.26 -32.55
N CYS L 95 -2.30 10.15 -31.66
CA CYS L 95 -3.51 10.96 -31.71
C CYS L 95 -3.46 12.08 -30.69
N ARG L 96 -3.97 13.25 -31.07
CA ARG L 96 -4.13 14.35 -30.14
C ARG L 96 -5.17 13.99 -29.09
N SER L 97 -4.89 14.39 -27.83
CA SER L 97 -5.70 14.07 -26.66
C SER L 97 -5.88 12.55 -26.51
N GLY L 98 -4.83 11.82 -26.81
CA GLY L 98 -4.86 10.37 -26.71
C GLY L 98 -3.95 9.84 -25.63
N ARG L 99 -4.00 8.53 -25.41
CA ARG L 99 -3.13 7.89 -24.42
C ARG L 99 -1.74 7.68 -25.00
N MET L 100 -0.72 8.00 -24.22
CA MET L 100 0.65 7.91 -24.70
C MET L 100 1.14 6.46 -24.69
N PHE L 101 2.23 6.23 -25.40
CA PHE L 101 2.82 4.89 -25.46
C PHE L 101 3.48 4.55 -24.13
N ALA L 102 3.14 3.37 -23.60
CA ALA L 102 3.69 2.80 -22.37
C ALA L 102 3.62 3.81 -21.23
N PRO L 103 2.44 4.07 -20.67
CA PRO L 103 2.31 5.12 -19.65
C PRO L 103 3.18 4.84 -18.43
N THR L 104 3.74 5.90 -17.87
CA THR L 104 4.62 5.78 -16.73
C THR L 104 3.86 5.27 -15.52
N LYS L 105 4.44 4.32 -14.81
CA LYS L 105 3.82 3.72 -13.64
C LYS L 105 4.69 3.96 -12.41
N ILE L 106 4.04 3.98 -11.24
CA ILE L 106 4.78 4.23 -10.01
C ILE L 106 5.63 3.04 -9.59
N TRP L 107 5.37 1.84 -10.11
CA TRP L 107 6.15 0.67 -9.73
C TRP L 107 7.39 0.48 -10.60
N ARG L 108 7.92 1.58 -11.13
CA ARG L 108 9.28 1.61 -11.64
C ARG L 108 10.27 1.43 -10.48
N LYS L 109 11.45 0.93 -10.79
CA LYS L 109 12.50 0.82 -9.78
C LYS L 109 13.12 2.19 -9.56
N TRP L 110 12.77 2.84 -8.44
CA TRP L 110 13.31 4.16 -8.15
C TRP L 110 14.57 4.07 -7.32
N HIS L 111 14.64 3.11 -6.43
CA HIS L 111 15.74 2.98 -5.48
C HIS L 111 16.69 1.87 -5.92
N VAL L 112 17.95 2.00 -5.51
CA VAL L 112 19.00 1.05 -5.86
C VAL L 112 19.57 0.46 -4.59
N LYS L 113 19.59 -0.87 -4.52
CA LYS L 113 20.23 -1.57 -3.42
C LYS L 113 21.72 -1.69 -3.70
N ILE L 114 22.54 -1.16 -2.81
CA ILE L 114 23.99 -1.29 -2.86
C ILE L 114 24.44 -2.05 -1.63
N ASN L 115 25.40 -2.95 -1.80
CA ASN L 115 26.01 -3.64 -0.68
C ASN L 115 26.65 -2.65 0.27
N GLN L 116 26.51 -2.89 1.57
CA GLN L 116 27.08 -2.00 2.57
C GLN L 116 28.60 -2.03 2.55
N GLY L 117 29.19 -3.15 2.16
CA GLY L 117 30.64 -3.22 2.03
C GLY L 117 31.16 -2.31 0.94
N GLN L 118 30.47 -2.26 -0.20
CA GLN L 118 30.88 -1.37 -1.28
C GLN L 118 30.66 0.08 -0.92
N LYS L 119 29.61 0.38 -0.13
CA LYS L 119 29.39 1.74 0.32
C LYS L 119 30.46 2.19 1.30
N ARG L 120 30.90 1.27 2.17
CA ARG L 120 31.96 1.61 3.11
C ARG L 120 33.31 1.74 2.39
N PHE L 121 33.52 0.92 1.36
CA PHE L 121 34.70 1.07 0.50
C PHE L 121 34.71 2.43 -0.18
N ALA L 122 33.56 2.85 -0.71
CA ALA L 122 33.48 4.14 -1.38
C ALA L 122 33.66 5.30 -0.39
N THR L 123 33.10 5.19 0.80
CA THR L 123 33.28 6.24 1.81
C THR L 123 34.73 6.34 2.26
N ALA L 124 35.40 5.19 2.44
CA ALA L 124 36.82 5.22 2.80
C ALA L 124 37.68 5.78 1.68
N SER L 125 37.34 5.45 0.42
CA SER L 125 38.07 6.00 -0.72
C SER L 125 37.88 7.51 -0.82
N ALA L 126 36.66 7.99 -0.56
CA ALA L 126 36.40 9.43 -0.58
C ALA L 126 37.14 10.13 0.55
N LEU L 127 37.20 9.51 1.73
CA LEU L 127 37.95 10.08 2.84
C LEU L 127 39.45 10.15 2.52
N ALA L 128 39.98 9.10 1.88
CA ALA L 128 41.39 9.11 1.50
C ALA L 128 41.67 10.13 0.41
N ALA L 129 40.73 10.30 -0.53
CA ALA L 129 40.89 11.31 -1.57
C ALA L 129 40.81 12.72 -1.02
N SER L 130 40.05 12.91 0.07
CA SER L 130 39.94 14.24 0.67
C SER L 130 41.23 14.69 1.33
N ALA L 131 42.16 13.78 1.62
CA ALA L 131 43.43 14.16 2.23
C ALA L 131 44.48 14.51 1.19
N VAL L 132 44.12 14.54 -0.09
CA VAL L 132 45.03 14.90 -1.18
C VAL L 132 44.59 16.24 -1.74
N ALA L 133 45.49 17.22 -1.71
CA ALA L 133 45.17 18.60 -2.08
C ALA L 133 45.05 18.86 -3.59
N PRO L 134 45.87 18.24 -4.48
CA PRO L 134 45.58 18.37 -5.91
C PRO L 134 44.20 17.86 -6.30
N LEU L 135 43.68 16.85 -5.62
CA LEU L 135 42.30 16.44 -5.87
C LEU L 135 41.32 17.49 -5.37
N LEU L 136 41.67 18.22 -4.31
CA LEU L 136 40.80 19.29 -3.83
C LEU L 136 40.71 20.42 -4.84
N MET L 137 41.83 20.85 -5.42
CA MET L 137 41.73 21.87 -6.45
C MET L 137 41.22 21.34 -7.78
N ALA L 138 41.43 20.07 -8.09
CA ALA L 138 40.84 19.50 -9.30
C ALA L 138 39.34 19.31 -9.18
N ARG L 139 38.82 19.23 -7.96
CA ARG L 139 37.37 19.22 -7.80
C ARG L 139 36.77 20.61 -7.95
N GLY L 140 37.50 21.65 -7.56
CA GLY L 140 37.03 23.01 -7.75
C GLY L 140 36.96 23.82 -6.47
N HIS L 141 37.76 23.42 -5.47
CA HIS L 141 37.77 24.14 -4.16
C HIS L 141 38.89 25.17 -4.14
N GLN L 142 38.61 26.37 -3.63
CA GLN L 142 39.66 27.42 -3.50
C GLN L 142 40.40 27.19 -2.18
N VAL L 143 41.52 26.47 -2.22
CA VAL L 143 42.26 26.15 -1.00
C VAL L 143 43.70 26.68 -1.06
N SER L 144 43.95 27.70 -1.88
CA SER L 144 45.31 28.19 -2.07
C SER L 144 45.85 28.93 -0.84
N THR L 145 45.00 29.26 0.12
CA THR L 145 45.44 29.85 1.38
C THR L 145 45.25 28.90 2.56
N VAL L 146 44.91 27.64 2.29
CA VAL L 146 44.68 26.64 3.33
C VAL L 146 46.01 26.07 3.78
N PRO L 147 46.32 26.08 5.08
CA PRO L 147 47.66 25.68 5.51
C PRO L 147 47.93 24.20 5.41
N GLU L 148 46.97 23.34 5.74
CA GLU L 148 47.12 21.90 5.55
C GLU L 148 45.81 21.34 5.02
N VAL L 149 45.92 20.40 4.09
CA VAL L 149 44.75 19.87 3.39
C VAL L 149 43.77 19.11 4.29
N PRO L 150 44.18 18.20 5.21
CA PRO L 150 43.12 17.76 6.14
C PRO L 150 42.98 18.82 7.23
N LEU L 151 42.12 19.83 7.00
CA LEU L 151 42.23 21.05 7.81
C LEU L 151 41.69 20.80 9.21
N VAL L 152 42.57 20.43 10.13
CA VAL L 152 42.21 20.13 11.51
C VAL L 152 42.30 21.40 12.34
N VAL L 153 41.20 21.76 13.00
CA VAL L 153 41.17 22.85 13.95
C VAL L 153 40.97 22.26 15.34
N ASP L 154 41.40 22.98 16.37
CA ASP L 154 41.22 22.49 17.72
C ASP L 154 39.76 22.52 18.12
N SER L 155 39.36 21.53 18.92
CA SER L 155 37.97 21.42 19.35
C SER L 155 37.56 22.56 20.27
N ALA L 156 38.51 23.19 20.97
CA ALA L 156 38.19 24.28 21.88
C ALA L 156 37.64 25.49 21.15
N ALA L 157 37.90 25.60 19.85
CA ALA L 157 37.32 26.69 19.07
C ALA L 157 35.86 26.44 18.76
N VAL L 158 35.40 25.18 18.80
CA VAL L 158 34.06 24.84 18.37
C VAL L 158 33.28 24.10 19.45
N ALA L 159 33.80 24.08 20.67
CA ALA L 159 33.17 23.35 21.76
C ALA L 159 32.12 24.22 22.44
N GLY L 160 30.94 23.64 22.65
CA GLY L 160 29.90 24.37 23.36
C GLY L 160 29.25 25.40 22.47
N ASP L 161 29.16 26.64 22.98
CA ASP L 161 28.52 27.73 22.27
C ASP L 161 29.51 28.70 21.65
N ALA L 162 30.73 28.22 21.36
CA ALA L 162 31.78 29.09 20.83
C ALA L 162 31.58 29.45 19.37
N VAL L 163 30.78 28.68 18.63
CA VAL L 163 30.62 28.84 17.19
C VAL L 163 29.11 28.85 16.92
N ALA L 164 28.33 28.70 17.99
CA ALA L 164 26.87 28.63 17.89
C ALA L 164 26.24 29.90 17.34
N LYS L 165 26.96 31.01 17.30
CA LYS L 165 26.53 32.20 16.58
C LYS L 165 27.22 32.24 15.22
N THR L 166 26.48 32.67 14.19
CA THR L 166 26.95 32.56 12.81
C THR L 166 28.15 33.47 12.55
N ALA L 167 28.23 34.60 13.24
CA ALA L 167 29.38 35.49 13.10
C ALA L 167 30.66 34.83 13.58
N ALA L 168 30.59 34.08 14.68
CA ALA L 168 31.77 33.38 15.19
C ALA L 168 32.21 32.28 14.22
N ALA L 169 31.25 31.55 13.63
CA ALA L 169 31.58 30.52 12.66
C ALA L 169 32.22 31.13 11.41
N TYR L 170 31.69 32.26 10.96
CA TYR L 170 32.27 32.97 9.83
C TYR L 170 33.69 33.45 10.13
N LYS L 171 33.91 33.96 11.35
CA LYS L 171 35.23 34.40 11.75
C LYS L 171 36.22 33.24 11.80
N LEU L 172 35.79 32.08 12.32
CA LEU L 172 36.65 30.91 12.35
C LEU L 172 36.99 30.40 10.95
N LEU L 173 35.99 30.34 10.08
CA LEU L 173 36.24 29.90 8.67
C LEU L 173 37.26 30.85 8.04
N LYS L 174 37.04 32.17 8.19
CA LYS L 174 37.95 33.12 7.57
C LYS L 174 39.36 33.02 8.18
N ALA L 175 39.45 32.71 9.47
CA ALA L 175 40.75 32.66 10.14
C ALA L 175 41.55 31.42 9.73
N ILE L 176 40.89 30.26 9.60
CA ILE L 176 41.63 29.05 9.30
C ILE L 176 41.95 28.90 7.82
N GLY L 177 41.51 29.82 6.98
CA GLY L 177 41.82 29.78 5.56
C GLY L 177 40.72 29.24 4.68
N ALA L 178 39.56 28.95 5.25
CA ALA L 178 38.41 28.43 4.46
C ALA L 178 37.59 29.60 3.92
N GLY L 179 38.06 30.83 4.13
CA GLY L 179 37.33 32.03 3.66
C GLY L 179 37.09 32.05 2.16
N PRO L 180 38.13 31.93 1.28
CA PRO L 180 37.92 32.02 -0.17
C PRO L 180 36.92 30.98 -0.70
N ASP L 181 36.91 29.76 -0.15
CA ASP L 181 35.97 28.70 -0.57
C ASP L 181 34.53 29.14 -0.25
N VAL L 182 34.31 29.72 0.94
CA VAL L 182 32.97 30.24 1.34
C VAL L 182 32.58 31.39 0.40
N GLU L 183 33.51 32.32 0.16
CA GLU L 183 33.22 33.50 -0.71
C GLU L 183 32.95 33.04 -2.14
N LYS L 184 33.60 31.95 -2.58
CA LYS L 184 33.32 31.40 -3.93
C LYS L 184 31.84 31.05 -4.02
N VAL L 185 31.32 30.33 -3.02
CA VAL L 185 29.89 29.90 -3.06
C VAL L 185 29.00 31.13 -3.05
N LYS L 186 29.36 32.15 -2.25
CA LYS L 186 28.55 33.36 -2.20
C LYS L 186 28.47 34.05 -3.56
N LYS L 187 29.57 34.05 -4.31
CA LYS L 187 29.61 34.74 -5.59
C LYS L 187 29.20 33.87 -6.76
N SER L 188 28.90 32.59 -6.54
CA SER L 188 28.56 31.68 -7.62
C SER L 188 27.05 31.48 -7.79
N LYS L 189 26.23 32.30 -7.13
CA LYS L 189 24.79 32.13 -7.16
C LYS L 189 24.26 32.51 -8.54
N LYS L 190 23.71 31.53 -9.26
CA LYS L 190 23.15 31.76 -10.59
C LYS L 190 21.78 31.11 -10.69
N LEU L 191 20.94 31.70 -11.54
CA LEU L 191 19.62 31.15 -11.78
C LEU L 191 19.72 29.91 -12.66
N ARG L 192 18.91 28.90 -12.33
CA ARG L 192 18.99 27.61 -13.03
C ARG L 192 18.45 27.72 -14.45
N ALA L 193 19.19 27.16 -15.40
CA ALA L 193 18.75 27.09 -16.79
C ALA L 193 17.76 25.95 -16.96
N GLY L 194 16.52 26.28 -17.29
CA GLY L 194 15.56 25.27 -17.67
C GLY L 194 14.27 25.41 -16.88
N LYS L 195 13.44 24.38 -16.97
CA LYS L 195 12.12 24.38 -16.37
C LYS L 195 12.14 24.01 -14.89
N GLY L 196 13.29 23.63 -14.35
CA GLY L 196 13.41 23.32 -12.93
C GLY L 196 13.09 24.47 -12.01
N LYS L 197 13.18 25.70 -12.52
CA LYS L 197 12.73 26.87 -11.76
C LYS L 197 11.26 26.79 -11.43
N MET L 198 10.45 26.21 -12.31
CA MET L 198 9.04 26.02 -12.01
C MET L 198 8.79 24.91 -11.00
N ARG L 199 9.82 24.14 -10.65
CA ARG L 199 9.64 22.94 -9.82
C ARG L 199 10.39 23.04 -8.50
N GLY L 200 10.65 24.25 -8.03
CA GLY L 200 11.22 24.44 -6.71
C GLY L 200 12.73 24.51 -6.65
N ARG L 201 13.41 24.44 -7.80
CA ARG L 201 14.87 24.50 -7.87
C ARG L 201 15.22 25.71 -8.73
N ARG L 202 15.32 26.88 -8.10
CA ARG L 202 15.47 28.10 -8.87
C ARG L 202 16.90 28.58 -9.02
N HIS L 203 17.80 28.20 -8.11
CA HIS L 203 19.17 28.69 -8.14
C HIS L 203 20.15 27.54 -8.06
N ARG L 204 21.38 27.80 -8.49
CA ARG L 204 22.48 26.85 -8.42
C ARG L 204 23.70 27.56 -7.87
N GLN L 205 24.47 26.86 -7.03
CA GLN L 205 25.69 27.41 -6.45
C GLN L 205 26.65 26.26 -6.17
N ARG L 206 27.89 26.63 -5.85
CA ARG L 206 28.92 25.63 -5.60
C ARG L 206 28.81 25.09 -4.18
N ARG L 207 29.72 24.18 -3.86
CA ARG L 207 29.73 23.55 -2.51
C ARG L 207 30.98 24.04 -1.77
N GLY L 208 30.82 24.46 -0.51
CA GLY L 208 31.97 24.96 0.27
C GLY L 208 32.54 23.89 1.19
N PRO L 209 33.22 24.26 2.29
CA PRO L 209 33.86 23.27 3.16
C PRO L 209 32.90 22.40 3.98
N LEU L 210 33.23 21.11 4.13
CA LEU L 210 32.43 20.23 4.97
C LEU L 210 33.04 20.18 6.36
N ILE L 211 32.25 20.52 7.38
CA ILE L 211 32.71 20.51 8.76
C ILE L 211 32.37 19.15 9.35
N VAL L 212 33.38 18.41 9.78
CA VAL L 212 33.19 17.12 10.43
C VAL L 212 33.61 17.27 11.88
N TYR L 213 32.69 16.94 12.79
CA TYR L 213 32.87 17.14 14.21
C TYR L 213 32.47 15.87 14.95
N SER L 214 32.80 15.85 16.24
CA SER L 214 32.40 14.76 17.12
C SER L 214 31.27 15.23 18.01
N PRO L 215 30.04 14.75 17.83
CA PRO L 215 28.92 15.22 18.67
C PRO L 215 29.05 14.88 20.14
N GLU L 216 29.84 13.86 20.49
CA GLU L 216 30.04 13.54 21.90
C GLU L 216 30.98 14.54 22.57
N HIS L 217 32.00 15.00 21.85
CA HIS L 217 33.01 15.88 22.43
C HIS L 217 32.89 17.34 22.02
N ASP L 218 32.08 17.64 21.00
CA ASP L 218 31.88 19.02 20.58
C ASP L 218 30.45 19.51 20.72
N GLY L 219 29.48 18.61 20.87
CA GLY L 219 28.10 19.01 20.93
C GLY L 219 27.54 19.32 19.55
N LYS L 220 26.24 19.62 19.52
CA LYS L 220 25.55 19.91 18.28
C LYS L 220 25.13 21.37 18.17
N GLU L 221 25.72 22.25 18.98
CA GLU L 221 25.45 23.68 18.86
C GLU L 221 26.22 24.34 17.72
N LEU L 222 27.30 23.71 17.24
CA LEU L 222 28.02 24.26 16.10
C LEU L 222 27.27 24.05 14.80
N VAL L 223 26.32 23.11 14.78
CA VAL L 223 25.48 22.89 13.60
C VAL L 223 24.64 24.13 13.32
N LYS L 224 24.17 24.79 14.37
CA LYS L 224 23.36 25.99 14.23
C LYS L 224 24.15 27.18 13.70
N GLY L 225 25.41 27.32 14.09
CA GLY L 225 26.20 28.46 13.66
C GLY L 225 26.72 28.38 12.25
N PHE L 226 26.76 27.19 11.67
CA PHE L 226 27.25 27.03 10.28
C PHE L 226 26.08 26.81 9.32
N ARG L 227 24.83 26.94 9.78
CA ARG L 227 23.70 26.60 8.93
C ARG L 227 23.43 27.67 7.88
N ASN L 228 23.51 28.94 8.26
CA ASN L 228 23.07 29.99 7.36
C ASN L 228 24.16 30.39 6.37
N ILE L 229 25.41 30.00 6.66
CA ILE L 229 26.55 30.36 5.79
C ILE L 229 26.39 29.58 4.47
N PRO L 230 26.18 30.25 3.32
CA PRO L 230 25.91 29.54 2.07
C PRO L 230 27.08 28.65 1.60
N GLY L 231 26.80 27.35 1.41
CA GLY L 231 27.83 26.43 0.89
C GLY L 231 28.40 25.51 1.95
N VAL L 232 28.66 26.03 3.16
CA VAL L 232 29.31 25.20 4.21
C VAL L 232 28.30 24.17 4.74
N GLU L 233 28.76 22.95 5.00
CA GLU L 233 27.87 21.85 5.47
C GLU L 233 28.45 21.24 6.74
N THR L 234 27.65 20.53 7.52
CA THR L 234 28.08 19.96 8.79
C THR L 234 27.64 18.52 8.85
N CYS L 235 28.53 17.64 9.32
CA CYS L 235 28.25 16.22 9.37
C CYS L 235 29.00 15.61 10.55
N PRO L 236 28.36 14.77 11.36
CA PRO L 236 29.07 14.09 12.44
C PRO L 236 30.00 13.01 11.91
N VAL L 237 31.06 12.77 12.68
CA VAL L 237 32.11 11.84 12.27
C VAL L 237 31.62 10.39 12.25
N ASP L 238 30.56 10.07 12.98
CA ASP L 238 30.04 8.71 13.01
C ASP L 238 29.03 8.41 11.91
N ALA L 239 28.63 9.41 11.13
CA ALA L 239 27.61 9.24 10.11
C ALA L 239 28.02 9.95 8.82
N LEU L 240 29.24 9.70 8.36
CA LEU L 240 29.76 10.37 7.17
C LEU L 240 29.01 9.92 5.92
N ASN L 241 28.82 10.86 4.99
CA ASN L 241 27.95 10.70 3.84
C ASN L 241 28.75 10.80 2.56
N LEU L 242 28.63 9.78 1.69
CA LEU L 242 29.35 9.79 0.42
C LEU L 242 28.81 10.86 -0.52
N LEU L 243 27.52 11.17 -0.43
CA LEU L 243 26.94 12.24 -1.24
C LEU L 243 27.53 13.60 -0.90
N GLN L 244 28.14 13.74 0.27
CA GLN L 244 28.80 14.96 0.69
C GLN L 244 30.32 14.89 0.56
N LEU L 245 30.90 13.68 0.60
CA LEU L 245 32.35 13.54 0.46
C LEU L 245 32.78 13.52 -1.00
N ALA L 246 31.90 13.11 -1.91
CA ALA L 246 32.16 13.15 -3.34
C ALA L 246 30.94 13.75 -4.03
N PRO L 247 30.78 15.07 -3.98
CA PRO L 247 29.60 15.70 -4.59
C PRO L 247 29.67 15.63 -6.10
N GLY L 248 28.60 15.12 -6.71
CA GLY L 248 28.59 14.92 -8.15
C GLY L 248 29.36 13.71 -8.62
N GLY L 249 29.83 12.87 -7.71
CA GLY L 249 30.70 11.78 -8.06
C GLY L 249 32.16 12.16 -8.22
N HIS L 250 32.52 13.39 -7.87
CA HIS L 250 33.88 13.89 -8.03
C HIS L 250 34.58 13.91 -6.68
N LEU L 251 35.73 13.25 -6.62
CA LEU L 251 36.45 13.05 -5.36
C LEU L 251 37.22 14.30 -4.95
N GLY L 252 37.52 14.40 -3.66
CA GLY L 252 38.33 15.48 -3.14
C GLY L 252 37.58 16.64 -2.53
N ARG L 253 36.66 16.37 -1.62
CA ARG L 253 35.96 17.43 -0.90
C ARG L 253 36.89 18.08 0.12
N PHE L 254 36.75 19.42 0.25
CA PHE L 254 37.52 20.18 1.26
C PHE L 254 36.87 19.96 2.62
N ILE L 255 37.65 19.49 3.60
CA ILE L 255 37.11 19.17 4.92
C ILE L 255 37.92 19.86 6.01
N VAL L 256 37.18 20.57 6.87
CA VAL L 256 37.69 21.08 8.14
C VAL L 256 37.23 20.12 9.24
N TRP L 257 38.17 19.39 9.81
CA TRP L 257 37.95 18.50 10.93
C TRP L 257 38.18 19.23 12.25
N THR L 258 37.65 18.65 13.32
CA THR L 258 38.08 18.97 14.67
C THR L 258 39.05 17.89 15.14
N SER L 259 39.70 18.15 16.28
CA SER L 259 40.64 17.18 16.83
C SER L 259 39.93 15.91 17.29
N ALA L 260 38.80 16.09 17.97
CA ALA L 260 37.98 14.94 18.38
C ALA L 260 37.44 14.20 17.16
N ALA L 261 37.23 14.91 16.05
CA ALA L 261 36.81 14.24 14.82
C ALA L 261 37.89 13.28 14.32
N ILE L 262 39.16 13.66 14.41
CA ILE L 262 40.24 12.76 14.03
C ILE L 262 40.35 11.58 14.98
N LYS L 263 40.25 11.83 16.29
CA LYS L 263 40.33 10.72 17.24
C LYS L 263 39.17 9.72 17.08
N GLN L 264 37.94 10.19 16.96
CA GLN L 264 36.87 9.25 16.68
C GLN L 264 36.89 8.73 15.24
N LEU L 265 37.60 9.38 14.33
CA LEU L 265 37.78 8.79 13.01
C LEU L 265 38.69 7.59 13.08
N ASP L 266 39.71 7.65 13.94
CA ASP L 266 40.42 6.43 14.30
C ASP L 266 39.48 5.40 14.91
N ALA L 267 38.57 5.85 15.79
CA ALA L 267 37.70 4.93 16.52
C ALA L 267 36.65 4.19 15.69
N VAL L 268 35.88 4.87 14.85
CA VAL L 268 34.66 4.24 14.29
C VAL L 268 34.89 3.30 13.12
N TYR L 269 36.10 3.20 12.59
CA TYR L 269 36.31 2.24 11.51
C TYR L 269 36.71 0.86 12.01
N GLU L 270 36.89 0.70 13.32
CA GLU L 270 37.01 -0.61 13.94
C GLU L 270 35.68 -1.11 14.51
N SER L 271 34.65 -0.27 14.51
CA SER L 271 33.36 -0.63 15.11
C SER L 271 32.35 -1.13 14.09
N LYS L 272 32.66 -1.09 12.79
CA LYS L 272 31.74 -1.57 11.77
C LYS L 272 31.84 -3.08 11.67
N LYS L 273 30.75 -3.78 11.94
CA LYS L 273 30.77 -5.24 11.85
C LYS L 273 30.71 -5.68 10.40
N GLY L 274 31.50 -6.71 10.08
CA GLY L 274 31.56 -7.23 8.74
C GLY L 274 32.40 -6.43 7.77
N PHE L 275 33.07 -5.37 8.23
CA PHE L 275 33.91 -4.55 7.36
C PHE L 275 35.24 -4.30 8.02
N PHE L 276 36.31 -4.50 7.25
CA PHE L 276 37.65 -4.08 7.61
C PHE L 276 38.18 -3.19 6.49
N LEU L 277 39.13 -2.32 6.85
CA LEU L 277 39.69 -1.37 5.87
C LEU L 277 40.41 -2.13 4.76
N PRO L 278 40.07 -1.90 3.50
CA PRO L 278 40.53 -2.79 2.43
C PRO L 278 42.01 -2.66 2.16
N ALA L 279 42.62 -3.79 1.83
CA ALA L 279 44.01 -3.83 1.41
C ALA L 279 44.11 -3.63 -0.09
N ASN L 280 45.00 -2.74 -0.50
CA ASN L 280 45.18 -2.45 -1.90
C ASN L 280 45.91 -3.59 -2.60
N ILE L 281 45.64 -3.73 -3.90
CA ILE L 281 46.38 -4.70 -4.71
C ILE L 281 47.74 -4.17 -5.14
N VAL L 282 48.03 -2.90 -4.86
CA VAL L 282 49.31 -2.27 -5.15
C VAL L 282 49.84 -1.66 -3.87
N SER L 283 51.08 -2.00 -3.51
CA SER L 283 51.70 -1.46 -2.30
C SER L 283 52.23 -0.05 -2.55
N GLN L 284 53.12 0.09 -3.52
CA GLN L 284 53.65 1.40 -3.89
C GLN L 284 52.95 1.87 -5.16
N ALA L 285 52.07 2.86 -5.01
CA ALA L 285 51.29 3.39 -6.13
C ALA L 285 52.07 4.37 -6.98
N ASP L 286 53.32 4.67 -6.62
CA ASP L 286 54.19 5.51 -7.44
C ASP L 286 54.82 4.65 -8.52
N LEU L 287 54.32 4.76 -9.74
CA LEU L 287 54.86 3.98 -10.85
C LEU L 287 56.27 4.41 -11.24
N SER L 288 56.61 5.69 -11.04
CA SER L 288 57.96 6.14 -11.34
C SER L 288 58.96 5.57 -10.34
N ARG L 289 58.52 5.32 -9.10
CA ARG L 289 59.37 4.64 -8.14
C ARG L 289 59.53 3.16 -8.51
N LEU L 290 58.49 2.56 -9.07
CA LEU L 290 58.56 1.13 -9.45
C LEU L 290 59.47 0.95 -10.67
N ILE L 291 59.29 1.76 -11.71
CA ILE L 291 60.06 1.56 -12.98
C ILE L 291 61.46 2.16 -12.87
N ASN L 292 61.57 3.44 -12.49
CA ASN L 292 62.87 4.10 -12.45
C ASN L 292 63.57 3.83 -11.11
N SER L 293 63.82 2.54 -10.86
CA SER L 293 64.47 2.12 -9.60
C SER L 293 65.65 1.21 -9.93
N THR L 294 66.69 1.21 -9.09
CA THR L 294 67.89 0.37 -9.31
C THR L 294 67.43 -1.10 -9.43
N GLU L 295 66.39 -1.48 -8.70
CA GLU L 295 65.90 -2.89 -8.69
C GLU L 295 65.55 -3.35 -10.11
N ILE L 296 64.79 -2.55 -10.86
CA ILE L 296 64.32 -2.97 -12.21
C ILE L 296 65.34 -2.53 -13.27
N GLN L 297 65.87 -1.30 -13.17
CA GLN L 297 66.78 -0.77 -14.22
C GLN L 297 68.01 -1.67 -14.39
N SER L 298 68.40 -2.41 -13.35
CA SER L 298 69.60 -3.28 -13.40
C SER L 298 69.40 -4.48 -14.34
N VAL L 299 68.22 -5.11 -14.32
CA VAL L 299 68.01 -6.36 -15.11
C VAL L 299 67.46 -6.03 -16.51
N LEU L 300 67.29 -4.74 -16.85
CA LEU L 300 66.68 -4.36 -18.14
C LEU L 300 67.67 -4.53 -19.29
N ARG L 301 67.25 -5.16 -20.39
CA ARG L 301 68.08 -5.27 -21.58
C ARG L 301 68.21 -3.90 -22.24
N ALA L 302 69.21 -3.77 -23.11
CA ALA L 302 69.51 -2.53 -23.80
C ALA L 302 68.34 -2.13 -24.70
N PRO L 303 68.06 -0.84 -24.84
CA PRO L 303 66.91 -0.41 -25.67
C PRO L 303 67.08 -0.80 -27.12
N LYS L 304 65.96 -1.15 -27.75
CA LYS L 304 65.94 -1.56 -29.15
C LYS L 304 65.59 -0.42 -30.09
N GLY L 305 65.45 0.79 -29.58
CA GLY L 305 65.13 1.93 -30.43
C GLY L 305 64.99 3.18 -29.60
N GLU L 306 64.54 4.24 -30.27
CA GLU L 306 64.31 5.52 -29.62
C GLU L 306 62.82 5.80 -29.54
N ALA L 307 62.49 6.95 -28.95
CA ALA L 307 61.09 7.38 -28.91
C ALA L 307 60.60 7.77 -30.30
N ARG L 308 61.48 8.37 -31.10
CA ARG L 308 61.17 8.75 -32.47
C ARG L 308 62.09 7.98 -33.42
N THR L 309 61.51 7.29 -34.38
CA THR L 309 62.26 6.48 -35.33
C THR L 309 62.53 7.29 -36.59
N LYS L 310 63.79 7.40 -36.97
CA LYS L 310 64.16 8.07 -38.21
C LYS L 310 63.70 7.24 -39.40
N ARG L 311 63.11 7.92 -40.39
CA ARG L 311 62.63 7.25 -41.59
C ARG L 311 63.80 6.72 -42.40
N ALA L 312 63.78 5.43 -42.72
CA ALA L 312 64.91 4.79 -43.38
C ALA L 312 64.91 5.05 -44.88
N CYS L 313 63.81 4.71 -45.56
CA CYS L 313 63.64 4.97 -46.98
C CYS L 313 62.33 5.71 -47.18
N VAL L 314 62.40 6.89 -47.79
CA VAL L 314 61.22 7.71 -48.00
C VAL L 314 60.82 7.80 -49.47
N GLN L 315 61.73 7.52 -50.40
CA GLN L 315 61.46 7.70 -51.81
C GLN L 315 62.33 6.71 -52.57
N LYS L 316 61.70 5.74 -53.22
CA LYS L 316 62.45 4.74 -53.97
C LYS L 316 62.99 5.35 -55.25
N LYS L 317 64.29 5.20 -55.48
CA LYS L 317 64.95 5.74 -56.64
C LYS L 317 65.39 4.60 -57.54
N ASN L 318 65.11 4.73 -58.84
CA ASN L 318 65.40 3.68 -59.80
C ASN L 318 66.91 3.63 -60.05
N PRO L 319 67.58 2.51 -59.79
CA PRO L 319 69.01 2.42 -60.11
C PRO L 319 69.32 2.49 -61.59
N LEU L 320 68.36 2.16 -62.46
CA LEU L 320 68.59 2.28 -63.90
C LEU L 320 68.53 3.73 -64.36
N ARG L 321 67.87 4.59 -63.59
CA ARG L 321 67.84 6.02 -63.91
C ARG L 321 68.84 6.81 -63.07
N ASN L 322 68.99 6.47 -61.80
CA ASN L 322 69.89 7.16 -60.88
C ASN L 322 71.19 6.36 -60.80
N LYS L 323 72.29 6.96 -61.25
CA LYS L 323 73.57 6.25 -61.27
C LYS L 323 74.17 6.10 -59.89
N GLN L 324 73.87 7.02 -58.98
CA GLN L 324 74.41 6.93 -57.62
C GLN L 324 73.79 5.77 -56.87
N ILE L 325 72.51 5.50 -57.09
CA ILE L 325 71.86 4.36 -56.44
C ILE L 325 72.43 3.06 -56.98
N MET L 326 72.72 3.00 -58.28
CA MET L 326 73.36 1.83 -58.87
C MET L 326 74.76 1.63 -58.30
N LEU L 327 75.53 2.70 -58.15
CA LEU L 327 76.85 2.60 -57.54
C LEU L 327 76.77 2.19 -56.08
N ARG L 328 75.69 2.57 -55.39
CA ARG L 328 75.48 2.12 -54.01
C ARG L 328 75.20 0.63 -53.96
N LEU L 329 74.27 0.15 -54.80
CA LEU L 329 73.94 -1.28 -54.79
C LEU L 329 75.03 -2.12 -55.45
N ASN L 330 75.58 -1.65 -56.57
CA ASN L 330 76.58 -2.39 -57.32
C ASN L 330 77.83 -1.54 -57.52
N PRO L 331 78.91 -1.80 -56.78
CA PRO L 331 80.13 -1.00 -56.96
C PRO L 331 80.87 -1.29 -58.27
N TYR L 332 80.49 -2.33 -59.00
CA TYR L 332 81.13 -2.71 -60.25
C TYR L 332 80.61 -1.94 -61.45
N ALA L 333 79.54 -1.15 -61.30
CA ALA L 333 78.94 -0.47 -62.44
C ALA L 333 79.89 0.55 -63.08
N SER L 334 80.69 1.22 -62.26
CA SER L 334 81.61 2.23 -62.78
C SER L 334 82.67 1.61 -63.68
N THR L 335 83.26 0.49 -63.27
CA THR L 335 84.27 -0.16 -64.09
C THR L 335 83.66 -1.11 -65.12
N PHE L 336 82.38 -1.46 -64.99
CA PHE L 336 81.69 -2.10 -66.10
C PHE L 336 81.48 -1.12 -67.25
N ALA L 337 81.12 0.13 -66.93
CA ALA L 337 80.99 1.14 -67.97
C ALA L 337 82.34 1.64 -68.46
N LYS L 338 83.34 1.67 -67.59
CA LYS L 338 84.65 2.20 -67.97
C LYS L 338 85.38 1.25 -68.91
N GLU L 339 85.39 -0.04 -68.58
CA GLU L 339 86.14 -1.02 -69.36
C GLU L 339 85.34 -1.56 -70.54
N LYS L 340 84.12 -1.04 -70.74
CA LYS L 340 83.27 -1.43 -71.91
C LYS L 340 83.12 -2.96 -71.98
N LEU L 341 82.57 -3.56 -70.92
CA LEU L 341 82.32 -5.04 -70.93
C LEU L 341 80.96 -5.31 -71.58
N GLY L 342 80.21 -4.26 -71.93
CA GLY L 342 78.93 -4.42 -72.64
C GLY L 342 79.11 -4.33 -74.14
N GLU L 343 80.27 -3.82 -74.59
CA GLU L 343 80.58 -3.72 -76.03
C GLU L 343 81.76 -4.64 -76.35
N VAL L 344 81.85 -5.79 -75.67
CA VAL L 344 82.98 -6.74 -75.86
C VAL L 344 82.94 -7.31 -77.28
N LYS L 345 84.11 -7.47 -77.91
CA LYS L 345 84.14 -7.96 -79.33
C LYS L 345 84.34 -9.48 -79.34
N ALA L 346 84.08 -10.12 -80.49
CA ALA L 346 84.18 -11.57 -80.61
C ALA L 346 85.62 -12.00 -80.88
N GLU L 347 85.83 -13.30 -80.80
CA GLU L 347 87.16 -13.88 -81.03
C GLU L 347 87.57 -13.70 -82.48
N GLU L 348 88.84 -13.33 -82.69
CA GLU L 348 89.35 -13.00 -84.01
C GLU L 348 89.91 -14.25 -84.70
N GLY L 349 90.02 -14.19 -86.01
CA GLY L 349 90.38 -15.32 -86.83
C GLY L 349 89.34 -15.57 -87.90
N LYS L 350 89.75 -16.25 -88.96
CA LYS L 350 88.88 -16.49 -90.10
C LYS L 350 87.81 -17.50 -89.73
N PRO L 351 86.52 -17.16 -89.81
CA PRO L 351 85.48 -18.13 -89.51
C PRO L 351 85.34 -19.13 -90.66
N PRO L 352 85.10 -20.44 -90.37
CA PRO L 352 84.89 -21.43 -91.45
C PRO L 352 83.54 -21.29 -92.17
N LYS L 353 83.40 -21.95 -93.32
CA LYS L 353 82.16 -21.85 -94.14
C LYS L 353 81.17 -22.94 -93.73
N VAL L 354 79.87 -22.71 -93.96
CA VAL L 354 78.80 -23.69 -93.60
C VAL L 354 79.00 -24.96 -94.46
N PRO L 355 78.93 -26.18 -93.87
CA PRO L 355 79.05 -27.43 -94.64
C PRO L 355 77.97 -27.57 -95.72
N ALA L 356 78.32 -28.19 -96.86
CA ALA L 356 77.37 -28.36 -97.97
C ALA L 356 76.19 -29.25 -97.55
N SER L 357 76.44 -30.25 -96.70
CA SER L 357 75.38 -31.12 -96.20
C SER L 357 74.27 -30.31 -95.56
N PHE L 358 74.64 -29.33 -94.75
CA PHE L 358 73.63 -28.48 -94.07
C PHE L 358 72.82 -27.71 -95.12
N LYS L 359 73.49 -27.26 -96.18
CA LYS L 359 72.80 -26.45 -97.23
C LYS L 359 71.87 -27.34 -98.07
N GLU L 360 72.31 -28.56 -98.42
CA GLU L 360 71.42 -29.44 -99.15
C GLU L 360 70.27 -29.93 -98.27
N LEU L 361 70.46 -29.96 -96.95
CA LEU L 361 69.33 -30.33 -96.07
C LEU L 361 68.33 -29.16 -96.01
N LEU L 362 68.84 -27.93 -96.02
CA LEU L 362 67.96 -26.73 -95.91
C LEU L 362 67.02 -26.66 -97.11
N HIS L 363 67.56 -26.62 -98.34
CA HIS L 363 66.72 -26.47 -99.52
C HIS L 363 66.41 -27.84 -100.12
N GLU L 364 65.64 -28.62 -99.37
CA GLU L 364 65.20 -29.93 -99.83
C GLU L 364 63.86 -29.78 -100.55
N ALA L 365 63.21 -30.90 -100.84
CA ALA L 365 61.92 -30.89 -101.52
C ALA L 365 60.81 -30.47 -100.56
N GLN M 25 70.35 32.55 -31.91
CA GLN M 25 70.28 34.01 -31.93
C GLN M 25 69.93 34.56 -30.55
N LYS M 26 69.20 35.68 -30.53
CA LYS M 26 68.87 36.33 -29.27
C LYS M 26 67.85 35.53 -28.47
N TRP M 27 66.79 35.07 -29.13
CA TRP M 27 65.67 34.46 -28.43
C TRP M 27 65.79 32.94 -28.41
N TYR M 28 65.46 32.37 -27.26
CA TYR M 28 65.15 30.94 -27.19
C TYR M 28 63.91 30.67 -28.05
N PRO M 29 63.86 29.50 -28.73
CA PRO M 29 62.67 29.19 -29.53
C PRO M 29 61.42 29.06 -28.67
N ALA M 30 60.49 30.00 -28.80
CA ALA M 30 59.32 30.08 -27.93
C ALA M 30 58.20 29.13 -28.35
N GLU M 31 58.35 28.44 -29.46
CA GLU M 31 57.37 27.48 -29.95
C GLU M 31 58.15 26.39 -30.68
N ASP M 32 57.62 25.16 -30.64
CA ASP M 32 58.31 24.01 -31.22
C ASP M 32 58.25 24.07 -32.75
N GLU M 33 59.01 25.01 -33.30
CA GLU M 33 59.06 25.26 -34.74
C GLU M 33 60.22 24.45 -35.30
N ALA M 34 59.90 23.47 -36.13
CA ALA M 34 60.92 22.58 -36.67
C ALA M 34 61.75 23.29 -37.73
N GLN M 35 63.06 23.23 -37.58
CA GLN M 35 63.96 23.73 -38.60
C GLN M 35 63.88 22.84 -39.84
N PRO M 36 64.12 23.39 -41.02
CA PRO M 36 64.14 22.54 -42.22
C PRO M 36 65.38 21.68 -42.28
N LYS M 37 65.21 20.49 -42.84
CA LYS M 37 66.35 19.61 -43.09
C LYS M 37 67.21 20.18 -44.22
N LYS M 38 68.48 19.77 -44.24
CA LYS M 38 69.41 20.25 -45.26
C LYS M 38 69.04 19.66 -46.61
N VAL M 39 68.73 20.52 -47.56
CA VAL M 39 68.41 20.05 -48.91
C VAL M 39 69.71 19.85 -49.68
N ARG M 40 69.76 18.77 -50.43
CA ARG M 40 70.90 18.49 -51.30
C ARG M 40 70.60 18.96 -52.72
N LYS M 41 70.43 20.27 -52.86
CA LYS M 41 70.12 20.90 -54.13
C LYS M 41 71.11 22.03 -54.35
N ALA M 42 72.16 21.78 -55.11
CA ALA M 42 73.21 22.75 -55.34
C ALA M 42 72.92 23.54 -56.62
N VAL M 43 73.63 24.66 -56.76
CA VAL M 43 73.47 25.57 -57.89
C VAL M 43 74.60 25.32 -58.86
N ARG M 44 74.26 24.91 -60.08
CA ARG M 44 75.20 24.70 -61.17
C ARG M 44 74.91 25.68 -62.29
N PRO M 45 75.91 26.06 -63.08
CA PRO M 45 75.69 27.06 -64.13
C PRO M 45 74.74 26.59 -65.22
N TRP M 46 73.95 27.55 -65.71
CA TRP M 46 72.96 27.24 -66.78
C TRP M 46 73.69 27.04 -68.10
N THR M 47 73.33 25.98 -68.83
CA THR M 47 73.93 25.67 -70.12
C THR M 47 73.01 26.19 -71.22
N PRO M 48 73.37 27.28 -71.96
CA PRO M 48 72.46 27.84 -72.97
C PRO M 48 72.40 27.01 -74.26
N ARG M 49 71.45 27.34 -75.14
CA ARG M 49 71.32 26.64 -76.45
C ARG M 49 72.53 26.98 -77.33
N LYS M 50 72.90 26.08 -78.24
CA LYS M 50 74.09 26.30 -79.12
C LYS M 50 73.82 27.49 -80.04
N SER M 51 72.55 27.85 -80.27
CA SER M 51 72.22 28.99 -81.11
C SER M 51 72.35 30.32 -80.40
N LEU M 52 72.49 30.31 -79.07
CA LEU M 52 72.62 31.55 -78.30
C LEU M 52 74.10 31.90 -78.19
N GLN M 53 74.64 32.46 -79.26
CA GLN M 53 76.02 32.93 -79.30
C GLN M 53 76.05 34.45 -79.27
N PRO M 54 77.11 35.06 -78.76
CA PRO M 54 77.19 36.53 -78.72
C PRO M 54 77.20 37.13 -80.13
N GLY M 55 76.26 38.02 -80.38
CA GLY M 55 76.06 38.62 -81.68
C GLY M 55 74.93 38.02 -82.48
N THR M 56 74.26 36.99 -81.98
CA THR M 56 73.14 36.39 -82.70
C THR M 56 71.94 37.31 -82.67
N VAL M 57 71.29 37.47 -83.82
CA VAL M 57 70.07 38.27 -83.91
C VAL M 57 68.92 37.47 -83.32
N LEU M 58 68.22 38.07 -82.35
CA LEU M 58 67.16 37.41 -81.60
C LEU M 58 65.83 38.07 -81.90
N ILE M 59 64.79 37.25 -82.07
CA ILE M 59 63.42 37.74 -82.22
C ILE M 59 62.72 37.60 -80.88
N LEU M 60 62.29 38.73 -80.32
CA LEU M 60 61.59 38.72 -79.02
C LEU M 60 60.15 38.24 -79.23
N LEU M 61 59.62 37.42 -78.32
CA LEU M 61 58.26 36.84 -78.51
C LEU M 61 57.28 37.44 -77.50
N ALA M 62 57.76 38.15 -76.49
CA ALA M 62 56.86 38.68 -75.44
C ALA M 62 57.35 40.02 -74.89
N GLY M 63 56.47 40.75 -74.20
CA GLY M 63 56.84 42.03 -73.62
C GLY M 63 56.29 43.18 -74.44
N ARG M 64 56.79 44.38 -74.13
CA ARG M 64 56.42 45.58 -74.88
C ARG M 64 57.30 45.81 -76.10
N PHE M 65 58.39 45.06 -76.22
CA PHE M 65 59.22 45.09 -77.42
C PHE M 65 59.00 43.78 -78.16
N ARG M 66 57.75 43.33 -78.17
CA ARG M 66 57.40 42.04 -78.73
C ARG M 66 57.50 42.05 -80.24
N GLY M 67 58.18 41.05 -80.79
CA GLY M 67 58.34 40.95 -82.23
C GLY M 67 59.49 41.73 -82.82
N LYS M 68 60.29 42.39 -81.96
CA LYS M 68 61.39 43.26 -82.48
C LYS M 68 62.69 42.45 -82.53
N ARG M 69 63.52 42.70 -83.56
CA ARG M 69 64.80 41.97 -83.72
C ARG M 69 65.93 42.71 -83.00
N VAL M 70 66.57 42.05 -82.03
CA VAL M 70 67.64 42.67 -81.25
C VAL M 70 68.93 41.88 -81.45
N VAL M 71 70.02 42.31 -80.82
CA VAL M 71 71.31 41.65 -80.89
C VAL M 71 71.69 41.26 -79.47
N LEU M 72 72.02 39.98 -79.29
CA LEU M 72 72.46 39.48 -77.99
C LEU M 72 73.92 39.82 -77.76
N LEU M 73 74.20 40.47 -76.63
CA LEU M 73 75.56 40.87 -76.28
C LEU M 73 76.25 39.81 -75.43
N LYS M 74 75.63 39.41 -74.32
CA LYS M 74 76.20 38.43 -73.41
C LYS M 74 75.11 37.56 -72.82
N CYS M 75 75.39 36.27 -72.69
CA CYS M 75 74.43 35.35 -72.01
C CYS M 75 74.71 35.43 -70.51
N LEU M 76 73.70 35.75 -69.70
CA LEU M 76 73.94 35.95 -68.24
C LEU M 76 73.75 34.62 -67.51
N ASP M 77 72.96 34.60 -66.44
CA ASP M 77 72.82 33.35 -65.63
C ASP M 77 71.34 33.02 -65.41
N GLN M 78 71.03 31.75 -65.16
CA GLN M 78 69.63 31.32 -64.86
C GLN M 78 68.67 31.70 -66.00
N GLY M 79 69.13 31.63 -67.25
CA GLY M 79 68.22 31.86 -68.40
C GLY M 79 68.17 33.31 -68.89
N VAL M 80 68.82 34.25 -68.21
CA VAL M 80 68.68 35.68 -68.61
C VAL M 80 69.70 36.02 -69.70
N LEU M 81 69.34 36.88 -70.65
CA LEU M 81 70.24 37.28 -71.76
C LEU M 81 70.35 38.81 -71.81
N LEU M 82 71.57 39.34 -72.00
CA LEU M 82 71.73 40.80 -72.16
C LEU M 82 71.60 41.15 -73.65
N VAL M 83 70.53 41.84 -74.04
CA VAL M 83 70.28 42.15 -75.43
C VAL M 83 70.19 43.65 -75.59
N THR M 84 70.44 44.13 -76.81
CA THR M 84 70.25 45.58 -77.10
C THR M 84 69.95 45.71 -78.59
N GLY M 85 68.76 46.22 -78.94
CA GLY M 85 68.50 46.51 -80.35
C GLY M 85 68.94 47.93 -80.61
N PRO M 86 70.07 48.19 -81.30
CA PRO M 86 70.60 49.56 -81.45
C PRO M 86 69.45 50.58 -81.43
N PHE M 87 69.36 51.39 -80.38
CA PHE M 87 68.22 52.34 -80.22
C PHE M 87 67.99 53.13 -81.51
N LYS M 88 69.07 53.55 -82.18
CA LYS M 88 68.96 54.32 -83.45
C LYS M 88 68.19 53.48 -84.49
N ILE M 89 68.54 52.20 -84.63
CA ILE M 89 67.90 51.32 -85.65
C ILE M 89 66.50 50.94 -85.18
N ASN M 90 66.39 50.27 -84.03
CA ASN M 90 65.06 49.88 -83.46
C ASN M 90 65.02 50.34 -82.00
N GLY M 91 63.88 50.85 -81.53
CA GLY M 91 63.84 51.42 -80.17
C GLY M 91 63.83 50.37 -79.07
N VAL M 92 64.90 49.57 -78.95
CA VAL M 92 64.99 48.59 -77.84
C VAL M 92 66.24 48.92 -77.01
N PRO M 93 66.07 49.46 -75.78
CA PRO M 93 67.22 49.86 -74.96
C PRO M 93 68.02 48.68 -74.39
N LEU M 94 69.20 48.95 -73.86
CA LEU M 94 69.99 47.90 -73.22
C LEU M 94 69.18 47.21 -72.14
N ARG M 95 68.83 45.95 -72.38
CA ARG M 95 67.85 45.29 -71.54
C ARG M 95 68.23 43.84 -71.31
N ARG M 96 67.49 43.20 -70.40
CA ARG M 96 67.67 41.75 -70.15
C ARG M 96 66.42 41.04 -70.69
N VAL M 97 66.52 39.76 -71.02
CA VAL M 97 65.32 39.00 -71.47
C VAL M 97 65.54 37.51 -71.15
N ASN M 98 64.48 36.78 -70.82
CA ASN M 98 64.65 35.31 -70.60
C ASN M 98 64.87 34.62 -71.95
N ALA M 99 65.74 33.61 -72.00
CA ALA M 99 66.07 32.91 -73.27
C ALA M 99 64.87 32.10 -73.79
N ARG M 100 63.91 31.78 -72.92
CA ARG M 100 62.74 30.96 -73.33
C ARG M 100 61.69 31.86 -74.01
N TYR M 101 61.96 33.17 -74.08
CA TYR M 101 61.01 34.12 -74.72
C TYR M 101 61.66 34.75 -75.95
N VAL M 102 62.68 34.10 -76.51
CA VAL M 102 63.38 34.64 -77.73
C VAL M 102 63.56 33.51 -78.76
N ILE M 103 63.61 33.87 -80.04
CA ILE M 103 63.89 32.85 -81.10
C ILE M 103 65.23 33.24 -81.73
N ALA M 104 66.22 32.33 -81.68
CA ALA M 104 67.56 32.64 -82.21
C ALA M 104 67.60 32.41 -83.72
N THR M 105 67.93 33.46 -84.49
CA THR M 105 68.03 33.32 -85.93
C THR M 105 69.42 32.86 -86.34
N SER M 106 69.60 32.63 -87.64
CA SER M 106 70.89 32.17 -88.15
C SER M 106 71.87 33.30 -88.38
N VAL M 107 71.43 34.55 -88.27
CA VAL M 107 72.29 35.69 -88.53
C VAL M 107 73.04 36.06 -87.26
N LYS M 108 74.36 36.12 -87.34
CA LYS M 108 75.21 36.54 -86.23
C LYS M 108 76.03 37.74 -86.67
N VAL M 109 75.86 38.87 -85.99
CA VAL M 109 76.60 40.08 -86.34
C VAL M 109 77.94 40.09 -85.59
N ASP M 110 78.98 40.57 -86.28
CA ASP M 110 80.33 40.64 -85.66
C ASP M 110 80.31 41.70 -84.55
N LEU M 111 80.90 41.40 -83.40
CA LEU M 111 80.92 42.36 -82.26
C LEU M 111 82.34 42.93 -82.08
N THR M 112 83.17 42.86 -83.14
CA THR M 112 84.55 43.41 -83.07
C THR M 112 84.49 44.93 -82.90
N GLY M 113 85.07 45.44 -81.80
CA GLY M 113 85.04 46.90 -81.55
C GLY M 113 84.14 47.24 -80.37
N VAL M 114 83.07 46.47 -80.16
CA VAL M 114 82.17 46.70 -78.99
C VAL M 114 82.98 46.39 -77.71
N ASP M 115 83.10 47.36 -76.82
CA ASP M 115 83.95 47.17 -75.61
C ASP M 115 83.34 46.08 -74.73
N GLN M 116 84.05 44.96 -74.55
CA GLN M 116 83.56 43.87 -73.69
C GLN M 116 83.59 44.31 -72.22
N ALA M 117 84.50 45.23 -71.87
CA ALA M 117 84.54 45.76 -70.49
C ALA M 117 83.22 46.48 -70.19
N LYS M 118 82.72 47.28 -71.14
CA LYS M 118 81.43 47.98 -70.96
C LYS M 118 80.30 46.95 -70.89
N ILE M 119 80.34 45.92 -71.73
CA ILE M 119 79.32 44.84 -71.69
C ILE M 119 79.35 44.17 -70.32
N ASP M 120 80.54 43.85 -69.81
CA ASP M 120 80.66 43.17 -68.49
C ASP M 120 80.14 44.11 -67.39
N GLU M 121 80.41 45.42 -67.51
CA GLU M 121 79.93 46.41 -66.50
C GLU M 121 78.41 46.38 -66.45
N VAL M 122 77.75 46.48 -67.60
CA VAL M 122 76.25 46.53 -67.62
C VAL M 122 75.70 45.14 -67.30
N ALA M 123 76.55 44.10 -67.39
CA ALA M 123 76.04 42.74 -67.18
C ALA M 123 76.02 42.33 -65.71
N GLN M 124 76.50 43.17 -64.80
CA GLN M 124 76.39 42.87 -63.37
C GLN M 124 74.93 42.90 -62.94
N PRO M 125 74.54 42.05 -61.96
CA PRO M 125 73.11 41.94 -61.62
C PRO M 125 72.63 42.99 -60.62
N LYS M 126 73.08 44.24 -60.83
CA LYS M 126 72.61 45.36 -59.96
C LYS M 126 72.43 46.61 -60.83
N TYR M 127 72.78 46.53 -62.11
CA TYR M 127 72.63 47.69 -63.04
C TYR M 127 71.15 48.02 -63.21
N PHE M 128 70.31 47.01 -63.44
CA PHE M 128 68.86 47.22 -63.64
C PHE M 128 68.12 46.95 -62.33
N THR M 129 68.27 47.84 -61.34
CA THR M 129 67.64 47.63 -60.04
C THR M 129 66.87 48.86 -59.56
N ALA M 130 67.52 50.01 -59.46
CA ALA M 130 66.87 51.21 -58.95
C ALA M 130 67.57 52.47 -59.45
N ALA M 137 57.60 59.01 -43.71
CA ALA M 137 56.47 59.59 -42.98
C ALA M 137 56.69 61.08 -42.75
N SER M 138 56.12 61.90 -43.62
CA SER M 138 56.30 63.34 -43.55
C SER M 138 55.10 64.01 -44.20
N GLU M 139 55.21 65.32 -44.43
CA GLU M 139 54.14 66.09 -45.04
C GLU M 139 53.91 65.67 -46.49
N GLU M 140 54.99 65.63 -47.28
CA GLU M 140 54.89 65.27 -48.69
C GLU M 140 54.52 63.80 -48.89
N ALA M 141 54.94 62.93 -47.98
CA ALA M 141 54.56 61.53 -48.06
C ALA M 141 53.05 61.36 -47.90
N PHE M 142 52.44 62.12 -46.99
CA PHE M 142 50.99 62.08 -46.84
C PHE M 142 50.31 62.74 -48.03
N PHE M 143 50.79 63.91 -48.46
CA PHE M 143 50.11 64.66 -49.51
C PHE M 143 50.33 64.06 -50.90
N LYS M 144 51.22 63.09 -51.05
CA LYS M 144 51.38 62.36 -52.30
C LYS M 144 50.51 61.12 -52.39
N GLN M 145 49.71 60.83 -51.36
CA GLN M 145 48.86 59.65 -51.39
C GLN M 145 47.68 59.86 -52.34
N GLY M 146 47.42 58.87 -53.17
CA GLY M 146 46.35 58.95 -54.15
C GLY M 146 46.71 59.65 -55.44
N GLU M 147 47.95 60.12 -55.58
CA GLU M 147 48.38 60.83 -56.77
C GLU M 147 49.18 59.88 -57.67
N LYS M 148 49.15 60.16 -58.96
CA LYS M 148 49.81 59.27 -59.93
C LYS M 148 51.32 59.41 -59.81
N PRO M 149 52.06 58.31 -59.79
CA PRO M 149 53.52 58.41 -59.80
C PRO M 149 54.04 58.98 -61.12
N GLN M 150 55.15 59.70 -61.02
CA GLN M 150 55.74 60.31 -62.20
C GLN M 150 56.63 59.31 -62.92
N LYS M 151 56.50 59.25 -64.24
CA LYS M 151 57.34 58.38 -65.06
C LYS M 151 58.75 58.97 -65.10
N LYS M 152 59.72 58.19 -64.62
CA LYS M 152 61.06 58.71 -64.39
C LYS M 152 61.81 58.89 -65.71
N PRO M 153 62.56 60.00 -65.88
CA PRO M 153 63.49 60.10 -67.00
C PRO M 153 64.64 59.13 -66.83
N VAL M 154 65.42 58.87 -67.88
CA VAL M 154 66.23 57.65 -67.86
C VAL M 154 67.48 57.82 -67.04
N SER M 155 68.48 58.56 -67.57
CA SER M 155 69.78 58.73 -66.94
C SER M 155 70.66 59.58 -67.85
N SER M 156 71.87 59.88 -67.36
CA SER M 156 72.86 60.60 -68.20
C SER M 156 74.03 59.64 -68.44
N THR M 157 74.20 58.65 -67.56
CA THR M 157 75.30 57.65 -67.71
C THR M 157 74.77 56.40 -68.41
N ARG M 158 73.51 56.01 -68.14
CA ARG M 158 72.90 54.85 -68.84
C ARG M 158 72.72 55.21 -70.32
N ALA M 159 72.33 56.46 -70.60
CA ALA M 159 72.20 56.92 -72.00
C ALA M 159 73.59 56.83 -72.68
N ALA M 160 74.64 57.27 -71.98
CA ALA M 160 76.01 57.19 -72.54
C ALA M 160 76.41 55.73 -72.72
N ASP M 161 76.03 54.86 -71.77
CA ASP M 161 76.33 53.41 -71.87
C ASP M 161 75.70 52.85 -73.14
N GLN M 162 74.43 53.20 -73.40
CA GLN M 162 73.74 52.73 -74.62
C GLN M 162 74.53 53.21 -75.85
N LYS M 163 74.89 54.50 -75.88
CA LYS M 163 75.63 55.07 -77.04
C LYS M 163 76.97 54.36 -77.22
N ALA M 164 77.67 54.08 -76.12
CA ALA M 164 79.01 53.44 -76.20
C ALA M 164 78.90 52.09 -76.92
N ILE M 165 77.95 51.25 -76.50
CA ILE M 165 77.78 49.90 -77.11
C ILE M 165 77.25 50.06 -78.54
N ASP M 166 76.24 50.93 -78.73
CA ASP M 166 75.60 51.10 -80.07
C ASP M 166 76.63 51.58 -81.10
N LYS M 167 77.53 52.49 -80.73
CA LYS M 167 78.48 53.08 -81.71
C LYS M 167 79.11 51.98 -82.58
N ALA M 168 79.87 51.07 -81.96
CA ALA M 168 80.57 50.01 -82.73
C ALA M 168 79.55 49.05 -83.34
N LEU M 169 78.49 48.70 -82.60
CA LEU M 169 77.47 47.74 -83.09
C LEU M 169 76.87 48.28 -84.40
N ILE M 170 76.41 49.54 -84.41
CA ILE M 170 75.76 50.12 -85.61
C ILE M 170 76.77 50.14 -86.76
N ALA M 171 78.02 50.52 -86.48
CA ALA M 171 79.06 50.54 -87.53
C ALA M 171 79.17 49.15 -88.17
N ASN M 172 79.26 48.10 -87.35
CA ASN M 172 79.37 46.71 -87.87
C ASN M 172 78.09 46.35 -88.64
N ILE M 173 76.92 46.71 -88.11
CA ILE M 173 75.62 46.38 -88.76
C ILE M 173 75.53 47.07 -90.13
N LYS M 174 75.94 48.34 -90.21
CA LYS M 174 75.95 49.07 -91.51
C LYS M 174 76.93 48.36 -92.46
N LYS M 175 78.11 47.96 -91.95
CA LYS M 175 79.10 47.23 -92.77
C LYS M 175 78.43 45.98 -93.35
N VAL M 176 77.62 45.28 -92.55
CA VAL M 176 76.91 44.11 -93.06
C VAL M 176 75.86 44.53 -94.06
N ASP M 177 75.76 43.77 -95.15
CA ASP M 177 74.87 44.11 -96.26
C ASP M 177 73.44 43.86 -95.80
N MET M 178 72.61 44.92 -95.87
CA MET M 178 71.13 44.88 -95.85
C MET M 178 70.59 44.70 -94.41
N LEU M 179 71.49 44.51 -93.44
CA LEU M 179 71.10 44.11 -92.09
C LEU M 179 70.41 45.22 -91.30
N ALA M 180 70.75 46.48 -91.58
CA ALA M 180 70.18 47.61 -90.82
C ALA M 180 68.68 47.71 -91.03
N SER M 181 68.21 47.50 -92.27
CA SER M 181 66.78 47.47 -92.52
C SER M 181 66.13 46.21 -91.97
N TYR M 182 66.91 45.14 -91.79
CA TYR M 182 66.37 43.92 -91.17
C TYR M 182 66.09 44.14 -89.69
N LEU M 183 67.00 44.81 -88.99
CA LEU M 183 66.82 44.95 -87.51
C LEU M 183 65.73 45.98 -87.20
N ALA M 184 65.37 46.84 -88.16
CA ALA M 184 64.38 47.92 -87.90
C ALA M 184 62.95 47.42 -88.14
N SER M 185 62.80 46.23 -88.76
CA SER M 185 61.48 45.71 -89.08
C SER M 185 61.06 44.68 -88.05
N SER M 186 59.81 44.78 -87.59
CA SER M 186 59.26 43.85 -86.62
C SER M 186 58.83 42.57 -87.29
N PHE M 187 59.11 41.45 -86.64
CA PHE M 187 58.76 40.14 -87.18
C PHE M 187 57.29 39.83 -86.89
N SER M 188 56.62 39.24 -87.87
CA SER M 188 55.21 38.90 -87.73
C SER M 188 54.92 37.65 -88.56
N LEU M 189 53.82 36.98 -88.22
CA LEU M 189 53.39 35.79 -88.93
C LEU M 189 52.32 36.17 -89.95
N ARG M 190 52.52 35.75 -91.20
CA ARG M 190 51.53 35.94 -92.24
C ARG M 190 50.71 34.67 -92.42
N LYS M 191 49.75 34.72 -93.34
CA LYS M 191 48.89 33.57 -93.59
C LYS M 191 49.65 32.51 -94.36
N GLY M 192 49.50 31.25 -93.93
CA GLY M 192 50.13 30.12 -94.57
C GLY M 192 51.51 29.78 -94.04
N ASP M 193 52.06 30.60 -93.16
CA ASP M 193 53.39 30.36 -92.61
C ASP M 193 53.29 29.51 -91.34
N LYS M 194 53.98 28.37 -91.36
CA LYS M 194 53.93 27.41 -90.27
C LYS M 194 55.25 27.42 -89.51
N PRO M 195 55.31 27.84 -88.22
CA PRO M 195 56.61 27.93 -87.52
C PRO M 195 57.31 26.57 -87.38
N HIS M 196 56.55 25.47 -87.42
CA HIS M 196 57.14 24.13 -87.24
C HIS M 196 57.94 23.72 -88.49
N LEU M 197 57.65 24.33 -89.64
CA LEU M 197 58.34 23.99 -90.91
C LEU M 197 59.31 25.11 -91.31
N MET M 198 59.63 26.03 -90.38
CA MET M 198 60.49 27.15 -90.75
C MET M 198 61.95 26.83 -90.46
N LYS M 199 62.82 27.77 -90.82
CA LYS M 199 64.27 27.63 -90.69
C LYS M 199 64.85 28.91 -90.12
N PHE M 200 64.30 29.37 -89.00
CA PHE M 200 64.72 30.58 -88.27
C PHE M 200 66.23 30.80 -88.16
N ASN N 10 78.15 25.50 -0.39
CA ASN N 10 76.73 25.38 -0.62
C ASN N 10 76.43 24.99 -2.06
N ASP N 11 76.99 23.85 -2.48
CA ASP N 11 76.79 23.34 -3.83
C ASP N 11 75.84 22.14 -3.79
N ILE N 12 74.87 22.15 -4.69
CA ILE N 12 73.90 21.07 -4.78
C ILE N 12 74.58 19.86 -5.41
N LEU N 13 74.55 18.73 -4.71
CA LEU N 13 75.18 17.52 -5.19
C LEU N 13 74.34 16.88 -6.30
N VAL N 14 75.01 16.13 -7.16
CA VAL N 14 74.32 15.35 -8.18
C VAL N 14 73.57 14.21 -7.50
N PRO N 15 72.29 13.98 -7.83
CA PRO N 15 71.54 12.88 -7.21
C PRO N 15 72.11 11.52 -7.57
N GLU N 16 71.90 10.55 -6.68
CA GLU N 16 72.57 9.26 -6.80
C GLU N 16 72.03 8.43 -7.97
N THR N 17 70.72 8.44 -8.19
CA THR N 17 70.16 7.73 -9.34
C THR N 17 70.63 8.38 -10.64
N LEU N 18 70.86 9.68 -10.62
CA LEU N 18 71.47 10.33 -11.78
C LEU N 18 72.91 9.89 -11.97
N LEU N 19 73.64 9.62 -10.90
CA LEU N 19 74.98 9.06 -11.02
C LEU N 19 74.95 7.68 -11.67
N LYS N 20 74.02 6.83 -11.23
CA LYS N 20 73.87 5.50 -11.83
C LYS N 20 73.47 5.60 -13.31
N LYS N 21 72.55 6.51 -13.62
CA LYS N 21 72.12 6.71 -15.00
C LYS N 21 73.26 7.21 -15.87
N ARG N 22 74.08 8.13 -15.36
CA ARG N 22 75.22 8.64 -16.12
C ARG N 22 76.26 7.56 -16.36
N LYS N 23 76.51 6.71 -15.37
CA LYS N 23 77.44 5.60 -15.55
C LYS N 23 76.94 4.63 -16.63
N SER N 24 75.65 4.29 -16.58
CA SER N 24 75.10 3.38 -17.59
C SER N 24 75.11 4.04 -18.98
N GLN N 25 74.90 5.36 -19.04
CA GLN N 25 74.92 6.06 -20.31
C GLN N 25 76.33 6.09 -20.90
N GLU N 26 77.34 6.29 -20.06
CA GLU N 26 78.72 6.23 -20.54
C GLU N 26 79.08 4.85 -21.06
N LYS N 27 78.64 3.80 -20.36
CA LYS N 27 78.87 2.44 -20.83
C LYS N 27 78.18 2.20 -22.18
N ALA N 28 76.94 2.66 -22.32
CA ALA N 28 76.20 2.47 -23.56
C ALA N 28 76.84 3.26 -24.71
N ARG N 29 77.35 4.45 -24.43
CA ARG N 29 78.03 5.24 -25.45
C ARG N 29 79.30 4.55 -25.94
N ALA N 30 80.08 3.98 -25.01
CA ALA N 30 81.28 3.25 -25.41
C ALA N 30 80.94 2.03 -26.26
N GLU N 31 79.91 1.27 -25.86
CA GLU N 31 79.49 0.12 -26.64
C GLU N 31 78.99 0.51 -28.02
N ARG N 32 78.25 1.63 -28.10
CA ARG N 32 77.76 2.13 -29.39
C ARG N 32 78.90 2.52 -30.32
N ALA N 33 79.92 3.20 -29.78
CA ALA N 33 81.07 3.58 -30.61
C ALA N 33 81.83 2.36 -31.11
N ALA N 34 82.02 1.35 -30.25
CA ALA N 34 82.70 0.13 -30.67
C ALA N 34 81.91 -0.60 -31.75
N ALA N 35 80.59 -0.71 -31.58
CA ALA N 35 79.76 -1.38 -32.58
C ALA N 35 79.77 -0.63 -33.91
N LEU N 36 79.80 0.70 -33.85
CA LEU N 36 79.89 1.50 -35.07
C LEU N 36 81.19 1.25 -35.81
N GLU N 37 82.31 1.15 -35.07
CA GLU N 37 83.60 0.89 -35.72
C GLU N 37 83.64 -0.50 -36.37
N LYS N 38 83.14 -1.52 -35.66
CA LYS N 38 83.10 -2.87 -36.24
C LYS N 38 82.20 -2.93 -37.46
N ARG N 39 81.06 -2.22 -37.42
CA ARG N 39 80.15 -2.25 -38.56
C ARG N 39 80.72 -1.50 -39.76
N LYS N 40 81.50 -0.44 -39.52
CA LYS N 40 82.20 0.23 -40.62
C LYS N 40 83.22 -0.69 -41.29
N GLN N 41 83.99 -1.44 -40.48
CA GLN N 41 84.95 -2.37 -41.05
C GLN N 41 84.25 -3.47 -41.85
N ALA N 42 83.15 -3.99 -41.31
CA ALA N 42 82.38 -5.01 -42.01
C ALA N 42 81.82 -4.47 -43.33
N ASN N 43 81.43 -3.19 -43.34
CA ASN N 43 80.93 -2.57 -44.57
C ASN N 43 82.01 -2.50 -45.63
N LYS N 44 83.23 -2.12 -45.25
CA LYS N 44 84.33 -2.05 -46.23
C LYS N 44 84.64 -3.42 -46.83
N GLU N 45 84.77 -4.43 -45.97
CA GLU N 45 85.03 -5.79 -46.48
C GLU N 45 83.87 -6.32 -47.32
N LYS N 46 82.63 -5.96 -46.98
CA LYS N 46 81.47 -6.35 -47.78
C LYS N 46 81.52 -5.73 -49.16
N ARG N 47 81.90 -4.45 -49.25
CA ARG N 47 82.00 -3.80 -50.55
C ARG N 47 83.05 -4.47 -51.43
N GLN N 48 84.20 -4.81 -50.85
CA GLN N 48 85.22 -5.52 -51.64
C GLN N 48 84.74 -6.91 -52.10
N VAL N 49 84.08 -7.66 -51.22
CA VAL N 49 83.69 -9.02 -51.59
C VAL N 49 82.56 -9.00 -52.62
N ILE N 50 81.68 -7.99 -52.58
CA ILE N 50 80.65 -7.93 -53.62
C ILE N 50 81.22 -7.43 -54.94
N PHE N 51 82.29 -6.62 -54.92
CA PHE N 51 82.99 -6.28 -56.16
C PHE N 51 83.57 -7.53 -56.82
N LYS N 52 84.21 -8.39 -56.02
CA LYS N 52 84.78 -9.63 -56.57
C LYS N 52 83.70 -10.58 -57.07
N ARG N 53 82.57 -10.65 -56.35
CA ARG N 53 81.49 -11.52 -56.81
C ARG N 53 80.87 -10.99 -58.11
N ALA N 54 80.81 -9.67 -58.28
CA ALA N 54 80.31 -9.10 -59.52
C ALA N 54 81.27 -9.38 -60.69
N GLU N 55 82.58 -9.30 -60.43
CA GLU N 55 83.59 -9.80 -61.39
C GLU N 55 83.21 -11.17 -61.90
N LYS N 56 83.10 -12.13 -60.98
CA LYS N 56 82.88 -13.53 -61.35
C LYS N 56 81.54 -13.72 -62.05
N TYR N 57 80.51 -13.00 -61.60
CA TYR N 57 79.17 -13.18 -62.17
C TYR N 57 79.10 -12.68 -63.60
N VAL N 58 79.66 -11.50 -63.89
CA VAL N 58 79.60 -10.96 -65.25
C VAL N 58 80.41 -11.85 -66.20
N LYS N 59 81.59 -12.28 -65.76
CA LYS N 59 82.36 -13.21 -66.59
C LYS N 59 81.62 -14.52 -66.79
N GLU N 60 80.91 -14.99 -65.77
CA GLU N 60 80.13 -16.22 -65.85
C GLU N 60 79.04 -16.12 -66.91
N TYR N 61 78.33 -14.99 -66.94
CA TYR N 61 77.28 -14.78 -67.93
C TYR N 61 77.84 -14.79 -69.35
N ARG N 62 78.92 -14.01 -69.56
CA ARG N 62 79.47 -13.89 -70.91
C ARG N 62 80.03 -15.22 -71.41
N GLU N 63 80.70 -15.99 -70.54
CA GLU N 63 81.20 -17.28 -70.99
C GLU N 63 80.12 -18.33 -71.18
N GLN N 64 79.01 -18.31 -70.44
CA GLN N 64 77.93 -19.23 -70.81
C GLN N 64 77.32 -18.88 -72.16
N GLU N 65 77.14 -17.59 -72.46
CA GLU N 65 76.65 -17.20 -73.79
C GLU N 65 77.58 -17.69 -74.90
N ARG N 66 78.88 -17.41 -74.77
CA ARG N 66 79.82 -17.84 -75.80
C ARG N 66 79.96 -19.36 -75.85
N GLU N 67 79.77 -20.04 -74.72
CA GLU N 67 79.85 -21.50 -74.69
C GLU N 67 78.70 -22.12 -75.48
N LYS N 68 77.48 -21.61 -75.28
CA LYS N 68 76.34 -22.11 -76.05
C LYS N 68 76.52 -21.86 -77.54
N ILE N 69 77.00 -20.66 -77.89
CA ILE N 69 77.20 -20.33 -79.31
C ILE N 69 78.25 -21.24 -79.94
N ARG N 70 79.36 -21.47 -79.23
CA ARG N 70 80.43 -22.31 -79.75
C ARG N 70 80.00 -23.76 -79.90
N LEU N 71 79.23 -24.29 -78.93
CA LEU N 71 78.72 -25.64 -79.04
C LEU N 71 77.79 -25.79 -80.23
N ALA N 72 76.90 -24.81 -80.44
CA ALA N 72 76.01 -24.85 -81.60
C ALA N 72 76.79 -24.83 -82.90
N ARG N 73 77.82 -23.99 -82.99
CA ARG N 73 78.60 -23.88 -84.22
C ARG N 73 79.37 -25.17 -84.52
N ILE N 74 80.04 -25.73 -83.52
CA ILE N 74 80.86 -26.92 -83.78
C ILE N 74 79.97 -28.13 -84.06
N ALA N 75 78.80 -28.21 -83.42
CA ALA N 75 77.91 -29.33 -83.71
C ALA N 75 77.26 -29.17 -85.08
N LYS N 76 77.05 -27.93 -85.54
CA LYS N 76 76.62 -27.73 -86.91
C LYS N 76 77.69 -28.17 -87.90
N GLN N 77 78.96 -27.91 -87.58
CA GLN N 77 80.05 -28.35 -88.46
C GLN N 77 80.28 -29.85 -88.50
N GLN N 78 80.16 -30.56 -87.38
CA GLN N 78 80.54 -31.97 -87.36
C GLN N 78 79.39 -32.90 -87.77
N GLY N 79 78.48 -32.39 -88.60
CA GLY N 79 77.37 -33.22 -89.06
C GLY N 79 76.42 -33.61 -87.96
N SER N 80 76.06 -32.66 -87.10
CA SER N 80 75.25 -32.94 -85.92
C SER N 80 74.28 -31.80 -85.71
N PHE N 81 73.53 -31.89 -84.61
CA PHE N 81 72.55 -30.82 -84.26
C PHE N 81 72.52 -30.67 -82.74
N HIS N 82 73.13 -29.60 -82.21
CA HIS N 82 73.17 -29.38 -80.77
C HIS N 82 71.81 -28.90 -80.29
N ILE N 83 71.14 -29.74 -79.51
CA ILE N 83 69.81 -29.37 -78.94
C ILE N 83 70.04 -28.62 -77.63
N PRO N 84 69.73 -27.29 -77.55
CA PRO N 84 69.99 -26.52 -76.33
C PRO N 84 69.28 -27.12 -75.14
N ALA N 85 69.82 -26.87 -73.96
CA ALA N 85 69.19 -27.33 -72.72
C ALA N 85 67.86 -26.61 -72.52
N GLU N 86 66.88 -27.35 -72.01
CA GLU N 86 65.57 -26.78 -71.75
C GLU N 86 65.65 -25.74 -70.64
N ALA N 87 64.76 -24.76 -70.72
CA ALA N 87 64.79 -23.64 -69.78
C ALA N 87 64.45 -24.12 -68.37
N LYS N 88 65.24 -23.65 -67.40
CA LYS N 88 65.00 -23.97 -66.00
C LYS N 88 64.21 -22.91 -65.27
N LEU N 89 64.08 -21.72 -65.87
CA LEU N 89 63.42 -20.59 -65.24
C LEU N 89 62.30 -20.08 -66.15
N VAL N 90 61.16 -19.76 -65.56
CA VAL N 90 60.05 -19.17 -66.29
C VAL N 90 59.54 -17.97 -65.50
N PHE N 91 59.00 -16.99 -66.22
CA PHE N 91 58.33 -15.83 -65.65
C PHE N 91 56.86 -15.94 -66.04
N VAL N 92 55.99 -15.86 -65.04
CA VAL N 92 54.55 -16.03 -65.22
C VAL N 92 53.87 -14.72 -64.85
N ILE N 93 53.06 -14.19 -65.77
CA ILE N 93 52.33 -12.95 -65.56
C ILE N 93 50.85 -13.26 -65.67
N ARG N 94 50.14 -13.04 -64.55
CA ARG N 94 48.67 -13.14 -64.60
C ARG N 94 48.21 -11.88 -65.32
N ILE N 95 47.44 -12.00 -66.38
CA ILE N 95 46.98 -10.90 -67.24
C ILE N 95 45.47 -10.97 -67.41
N LYS N 96 44.79 -11.77 -66.58
CA LYS N 96 43.31 -11.84 -66.63
C LYS N 96 42.75 -11.45 -65.26
N GLY N 97 41.54 -10.89 -65.22
CA GLY N 97 40.97 -10.38 -63.96
C GLY N 97 40.64 -11.42 -62.91
N ILE N 98 40.27 -10.96 -61.70
CA ILE N 98 40.00 -11.89 -60.56
C ILE N 98 38.49 -12.13 -60.44
N ASN N 99 37.74 -12.04 -61.54
CA ASN N 99 36.26 -12.14 -61.46
C ASN N 99 35.80 -13.58 -61.68
N LYS N 100 35.35 -13.92 -62.88
CA LYS N 100 34.79 -15.28 -63.14
C LYS N 100 35.94 -16.28 -63.28
N ILE N 101 36.14 -17.13 -62.26
CA ILE N 101 37.25 -18.13 -62.29
C ILE N 101 36.83 -19.36 -61.45
N PRO N 102 36.93 -20.60 -61.99
CA PRO N 102 36.58 -21.79 -61.22
C PRO N 102 37.47 -21.92 -60.00
N PRO N 103 37.00 -22.62 -58.96
CA PRO N 103 37.77 -22.69 -57.70
C PRO N 103 39.13 -23.36 -57.81
N LYS N 104 39.30 -24.36 -58.67
CA LYS N 104 40.59 -25.03 -58.76
C LYS N 104 41.66 -24.15 -59.45
N PRO N 105 41.40 -23.52 -60.61
CA PRO N 105 42.41 -22.56 -61.12
C PRO N 105 42.63 -21.37 -60.21
N ARG N 106 41.61 -20.94 -59.47
CA ARG N 106 41.81 -19.87 -58.51
C ARG N 106 42.71 -20.32 -57.35
N LYS N 107 42.62 -21.59 -56.96
CA LYS N 107 43.53 -22.14 -55.97
C LYS N 107 44.96 -22.19 -56.51
N ILE N 108 45.10 -22.54 -57.79
CA ILE N 108 46.43 -22.55 -58.41
C ILE N 108 47.03 -21.15 -58.42
N LEU N 109 46.22 -20.16 -58.80
CA LEU N 109 46.69 -18.78 -58.86
C LEU N 109 46.98 -18.20 -57.48
N GLN N 110 46.30 -18.64 -56.43
CA GLN N 110 46.71 -18.29 -55.08
C GLN N 110 47.96 -19.04 -54.62
N LEU N 111 48.20 -20.24 -55.14
CA LEU N 111 49.44 -20.95 -54.81
C LEU N 111 50.65 -20.39 -55.53
N LEU N 112 50.46 -19.71 -56.65
CA LEU N 112 51.55 -19.11 -57.40
C LEU N 112 51.76 -17.63 -57.07
N ARG N 113 51.08 -17.12 -56.03
CA ARG N 113 51.13 -15.72 -55.62
C ARG N 113 50.71 -14.78 -56.75
N LEU N 114 49.72 -15.19 -57.52
CA LEU N 114 49.13 -14.36 -58.58
C LEU N 114 47.67 -14.13 -58.21
N ARG N 115 47.45 -13.14 -57.34
CA ARG N 115 46.08 -12.88 -56.84
C ARG N 115 45.55 -11.56 -57.42
N GLN N 116 46.30 -10.96 -58.36
CA GLN N 116 45.89 -9.67 -58.97
C GLN N 116 46.31 -9.68 -60.44
N ILE N 117 45.66 -8.87 -61.28
CA ILE N 117 45.98 -8.84 -62.70
C ILE N 117 47.32 -8.14 -62.91
N ASN N 118 48.01 -8.52 -64.00
CA ASN N 118 49.35 -8.04 -64.36
C ASN N 118 50.35 -8.30 -63.22
N ASN N 119 50.37 -9.53 -62.73
CA ASN N 119 51.25 -9.89 -61.64
C ASN N 119 52.28 -10.92 -62.11
N GLY N 120 53.54 -10.70 -61.77
CA GLY N 120 54.62 -11.53 -62.26
C GLY N 120 55.33 -12.27 -61.15
N VAL N 121 55.67 -13.53 -61.41
CA VAL N 121 56.46 -14.35 -60.49
C VAL N 121 57.50 -15.14 -61.28
N PHE N 122 58.61 -15.45 -60.61
CA PHE N 122 59.62 -16.36 -61.14
C PHE N 122 59.33 -17.76 -60.62
N VAL N 123 59.23 -18.72 -61.54
CA VAL N 123 58.98 -20.12 -61.19
C VAL N 123 60.09 -20.97 -61.79
N LYS N 124 60.68 -21.82 -60.96
CA LYS N 124 61.62 -22.83 -61.47
C LYS N 124 60.85 -23.82 -62.33
N VAL N 125 61.39 -24.12 -63.51
CA VAL N 125 60.68 -24.99 -64.45
C VAL N 125 60.81 -26.41 -63.93
N THR N 126 59.73 -26.90 -63.35
CA THR N 126 59.61 -28.23 -62.78
C THR N 126 58.30 -28.82 -63.28
N LYS N 127 58.30 -30.14 -63.55
CA LYS N 127 57.15 -30.78 -64.18
C LYS N 127 55.89 -30.67 -63.33
N ALA N 128 56.03 -30.61 -62.00
CA ALA N 128 54.90 -30.29 -61.15
C ALA N 128 54.42 -28.86 -61.39
N THR N 129 55.35 -27.90 -61.36
CA THR N 129 55.01 -26.51 -61.64
C THR N 129 54.57 -26.35 -63.09
N ALA N 130 55.16 -27.12 -64.00
CA ALA N 130 54.75 -27.08 -65.40
C ALA N 130 53.29 -27.50 -65.57
N GLU N 131 52.88 -28.57 -64.88
CA GLU N 131 51.48 -28.99 -64.94
C GLU N 131 50.56 -27.96 -64.29
N MET N 132 51.02 -27.32 -63.21
CA MET N 132 50.21 -26.26 -62.59
C MET N 132 49.96 -25.10 -63.55
N ILE N 133 51.02 -24.64 -64.22
CA ILE N 133 50.84 -23.48 -65.09
C ILE N 133 50.14 -23.88 -66.39
N LYS N 134 50.26 -25.15 -66.82
CA LYS N 134 49.42 -25.60 -67.93
C LYS N 134 47.96 -25.69 -67.51
N ILE N 135 47.69 -25.88 -66.22
CA ILE N 135 46.31 -25.82 -65.75
C ILE N 135 45.79 -24.38 -65.83
N VAL N 136 46.58 -23.40 -65.40
CA VAL N 136 46.11 -22.00 -65.38
C VAL N 136 46.58 -21.21 -66.60
N GLU N 137 46.91 -21.88 -67.70
CA GLU N 137 47.14 -21.21 -68.98
C GLU N 137 46.02 -20.26 -69.45
N PRO N 138 44.69 -20.52 -69.24
CA PRO N 138 43.69 -19.52 -69.66
C PRO N 138 43.73 -18.18 -68.94
N TRP N 139 44.60 -18.01 -67.94
CA TRP N 139 44.68 -16.77 -67.19
C TRP N 139 46.05 -16.10 -67.20
N VAL N 140 47.10 -16.81 -67.60
CA VAL N 140 48.46 -16.30 -67.46
C VAL N 140 49.16 -16.31 -68.83
N ALA N 141 50.29 -15.60 -68.88
CA ALA N 141 51.21 -15.61 -70.00
C ALA N 141 52.61 -15.78 -69.43
N TYR N 142 53.37 -16.73 -69.96
CA TYR N 142 54.62 -17.10 -69.29
C TYR N 142 55.68 -17.41 -70.33
N GLY N 143 56.94 -17.29 -69.93
CA GLY N 143 58.02 -17.58 -70.85
C GLY N 143 59.38 -17.45 -70.21
N TYR N 144 60.40 -17.60 -71.04
CA TYR N 144 61.77 -17.72 -70.55
C TYR N 144 62.44 -16.35 -70.53
N PRO N 145 62.80 -15.82 -69.36
CA PRO N 145 63.43 -14.51 -69.30
C PRO N 145 64.92 -14.57 -69.59
N ASN N 146 65.44 -13.47 -70.11
CA ASN N 146 66.87 -13.32 -70.31
C ASN N 146 67.46 -12.58 -69.10
N LEU N 147 68.74 -12.21 -69.21
CA LEU N 147 69.39 -11.50 -68.11
C LEU N 147 68.86 -10.09 -67.94
N LYS N 148 68.51 -9.42 -69.05
CA LYS N 148 68.01 -8.05 -68.99
C LYS N 148 66.68 -7.97 -68.24
N SER N 149 65.79 -8.92 -68.49
CA SER N 149 64.48 -8.91 -67.86
C SER N 149 64.60 -9.10 -66.35
N VAL N 150 65.40 -10.07 -65.92
CA VAL N 150 65.61 -10.33 -64.50
C VAL N 150 66.29 -9.14 -63.83
N ARG N 151 67.31 -8.58 -64.50
CA ARG N 151 68.06 -7.45 -63.96
C ARG N 151 67.16 -6.25 -63.73
N GLU N 152 66.39 -5.86 -64.76
CA GLU N 152 65.53 -4.70 -64.62
C GLU N 152 64.31 -4.96 -63.73
N LEU N 153 63.83 -6.20 -63.67
CA LEU N 153 62.72 -6.51 -62.76
C LEU N 153 63.14 -6.39 -61.30
N ILE N 154 64.30 -6.95 -60.95
CA ILE N 154 64.76 -6.82 -59.57
C ILE N 154 65.26 -5.42 -59.25
N TYR N 155 65.87 -4.72 -60.20
CA TYR N 155 66.38 -3.39 -59.91
C TYR N 155 65.28 -2.33 -59.84
N LYS N 156 64.29 -2.39 -60.72
CA LYS N 156 63.28 -1.34 -60.77
C LYS N 156 62.07 -1.65 -59.90
N ARG N 157 61.56 -2.88 -59.97
CA ARG N 157 60.35 -3.26 -59.25
C ARG N 157 60.62 -4.38 -58.26
N GLY N 158 61.82 -4.39 -57.67
CA GLY N 158 62.16 -5.42 -56.71
C GLY N 158 61.78 -5.08 -55.30
N TYR N 159 60.89 -5.89 -54.72
CA TYR N 159 60.39 -5.68 -53.37
C TYR N 159 60.52 -6.96 -52.58
N GLY N 160 61.02 -6.85 -51.35
CA GLY N 160 61.22 -8.02 -50.51
C GLY N 160 60.17 -8.16 -49.43
N LYS N 161 60.02 -9.38 -48.92
CA LYS N 161 59.07 -9.69 -47.86
C LYS N 161 59.83 -9.75 -46.54
N VAL N 162 59.85 -8.64 -45.82
CA VAL N 162 60.53 -8.52 -44.54
C VAL N 162 59.47 -8.47 -43.45
N ASN N 163 59.39 -9.53 -42.64
CA ASN N 163 58.39 -9.70 -41.60
C ASN N 163 56.96 -9.55 -42.14
N GLY N 164 56.74 -10.07 -43.33
CA GLY N 164 55.44 -9.93 -43.97
C GLY N 164 55.15 -8.54 -44.48
N GLN N 165 56.17 -7.72 -44.69
CA GLN N 165 56.00 -6.35 -45.16
C GLN N 165 56.75 -6.18 -46.48
N ARG N 166 56.18 -5.36 -47.36
CA ARG N 166 56.71 -5.17 -48.71
C ARG N 166 57.70 -4.02 -48.68
N ILE N 167 58.98 -4.34 -48.63
CA ILE N 167 60.05 -3.36 -48.42
C ILE N 167 60.81 -3.17 -49.73
N PRO N 168 60.99 -1.93 -50.20
CA PRO N 168 61.79 -1.72 -51.41
C PRO N 168 63.26 -2.05 -51.18
N LEU N 169 63.86 -2.69 -52.19
CA LEU N 169 65.24 -3.14 -52.12
C LEU N 169 66.13 -1.97 -52.57
N THR N 170 66.28 -1.00 -51.69
CA THR N 170 67.11 0.17 -51.95
C THR N 170 68.51 0.05 -51.34
N ASP N 171 68.79 -1.05 -50.64
CA ASP N 171 70.09 -1.22 -50.02
C ASP N 171 70.41 -2.71 -49.96
N ASN N 172 71.70 -3.01 -49.87
CA ASN N 172 72.15 -4.39 -49.80
C ASN N 172 72.02 -4.97 -48.39
N ALA N 173 71.83 -4.12 -47.39
CA ALA N 173 71.72 -4.58 -46.02
C ALA N 173 70.45 -5.40 -45.80
N ILE N 174 69.36 -5.03 -46.48
CA ILE N 174 68.12 -5.79 -46.37
C ILE N 174 68.29 -7.20 -46.94
N ILE N 175 68.95 -7.30 -48.09
CA ILE N 175 69.17 -8.60 -48.72
C ILE N 175 70.12 -9.44 -47.89
N GLU N 176 71.14 -8.82 -47.30
CA GLU N 176 72.05 -9.56 -46.42
C GLU N 176 71.34 -10.04 -45.15
N GLU N 177 70.49 -9.19 -44.58
CA GLU N 177 69.81 -9.55 -43.34
C GLU N 177 68.77 -10.64 -43.56
N ASN N 178 68.13 -10.67 -44.72
CA ASN N 178 67.07 -11.65 -44.94
C ASN N 178 67.54 -12.90 -45.68
N LEU N 179 68.70 -12.86 -46.35
CA LEU N 179 69.17 -14.00 -47.12
C LEU N 179 70.65 -14.29 -46.88
N GLY N 180 71.18 -13.83 -45.74
CA GLY N 180 72.60 -14.06 -45.45
C GLY N 180 72.95 -15.48 -45.07
N LYS N 181 71.99 -16.24 -44.55
CA LYS N 181 72.24 -17.64 -44.24
C LYS N 181 72.38 -18.50 -45.48
N TYR N 182 71.94 -18.01 -46.62
CA TYR N 182 71.97 -18.74 -47.88
C TYR N 182 73.08 -18.26 -48.81
N GLY N 183 73.94 -17.35 -48.35
CA GLY N 183 75.03 -16.84 -49.14
C GLY N 183 74.70 -15.65 -50.01
N ILE N 184 73.44 -15.21 -50.04
CA ILE N 184 73.03 -14.06 -50.84
C ILE N 184 73.15 -12.82 -49.98
N ILE N 185 74.14 -11.98 -50.28
CA ILE N 185 74.43 -10.80 -49.45
C ILE N 185 74.19 -9.49 -50.17
N CYS N 186 74.03 -9.48 -51.49
CA CYS N 186 73.70 -8.25 -52.19
C CYS N 186 72.71 -8.56 -53.31
N ILE N 187 72.40 -7.55 -54.12
CA ILE N 187 71.38 -7.71 -55.15
C ILE N 187 71.92 -8.52 -56.34
N GLU N 188 73.24 -8.49 -56.56
CA GLU N 188 73.81 -9.25 -57.67
C GLU N 188 73.77 -10.75 -57.40
N ASP N 189 73.94 -11.16 -56.13
CA ASP N 189 73.72 -12.56 -55.78
C ASP N 189 72.27 -12.98 -56.00
N LEU N 190 71.33 -12.07 -55.71
CA LEU N 190 69.92 -12.36 -55.96
C LEU N 190 69.64 -12.55 -57.45
N ILE N 191 70.19 -11.67 -58.28
CA ILE N 191 70.01 -11.79 -59.73
C ILE N 191 70.69 -13.05 -60.26
N HIS N 192 71.86 -13.39 -59.70
CA HIS N 192 72.56 -14.60 -60.11
C HIS N 192 71.80 -15.86 -59.72
N GLU N 193 71.20 -15.86 -58.53
CA GLU N 193 70.45 -17.02 -58.07
C GLU N 193 69.12 -17.17 -58.79
N ILE N 194 68.51 -16.07 -59.23
CA ILE N 194 67.26 -16.16 -59.96
C ILE N 194 67.52 -16.56 -61.41
N PHE N 195 68.48 -15.90 -62.06
CA PHE N 195 68.75 -16.16 -63.47
C PHE N 195 69.35 -17.55 -63.69
N THR N 196 70.52 -17.79 -63.11
CA THR N 196 71.10 -19.12 -63.07
C THR N 196 70.51 -19.80 -61.84
N VAL N 197 69.59 -20.75 -62.08
CA VAL N 197 68.79 -21.32 -60.99
C VAL N 197 69.70 -22.15 -60.11
N GLY N 198 70.03 -21.62 -58.93
CA GLY N 198 70.98 -22.23 -58.03
C GLY N 198 70.31 -23.15 -57.03
N PRO N 199 71.05 -23.52 -55.98
CA PRO N 199 70.47 -24.41 -54.96
C PRO N 199 69.40 -23.75 -54.12
N ASN N 200 69.59 -22.49 -53.75
CA ASN N 200 68.61 -21.76 -52.95
C ASN N 200 67.80 -20.86 -53.87
N PHE N 201 66.91 -21.47 -54.65
CA PHE N 201 65.97 -20.73 -55.47
C PHE N 201 64.60 -20.58 -54.82
N LYS N 202 64.22 -21.54 -53.97
CA LYS N 202 62.99 -21.41 -53.18
C LYS N 202 62.99 -20.15 -52.35
N GLN N 203 64.04 -19.92 -51.57
CA GLN N 203 64.04 -18.83 -50.61
C GLN N 203 64.28 -17.50 -51.30
N ALA N 204 65.09 -17.49 -52.36
CA ALA N 204 65.33 -16.25 -53.11
C ALA N 204 64.07 -15.78 -53.83
N ALA N 205 63.32 -16.69 -54.43
CA ALA N 205 62.10 -16.31 -55.12
C ALA N 205 60.96 -16.03 -54.15
N ASN N 206 60.91 -16.74 -53.02
CA ASN N 206 59.87 -16.47 -52.03
C ASN N 206 60.13 -15.19 -51.26
N PHE N 207 61.40 -14.78 -51.15
CA PHE N 207 61.71 -13.53 -50.49
C PHE N 207 61.19 -12.34 -51.30
N LEU N 208 61.26 -12.43 -52.62
CA LEU N 208 60.75 -11.37 -53.47
C LEU N 208 59.22 -11.33 -53.43
N TRP N 209 58.66 -10.15 -53.21
CA TRP N 209 57.24 -9.94 -53.37
C TRP N 209 56.87 -10.12 -54.85
N PRO N 210 55.65 -10.57 -55.13
CA PRO N 210 55.20 -10.66 -56.53
C PRO N 210 55.28 -9.32 -57.24
N PHE N 211 55.76 -9.34 -58.47
CA PHE N 211 56.04 -8.11 -59.21
C PHE N 211 54.74 -7.48 -59.69
N LYS N 212 54.47 -6.27 -59.22
CA LYS N 212 53.29 -5.53 -59.62
C LYS N 212 53.65 -4.74 -60.88
N LEU N 213 53.33 -5.31 -62.04
CA LEU N 213 53.70 -4.73 -63.32
C LEU N 213 52.60 -3.79 -63.82
N SER N 214 53.00 -2.82 -64.62
CA SER N 214 52.07 -1.91 -65.25
C SER N 214 51.48 -2.56 -66.50
N ASN N 215 50.49 -1.88 -67.08
CA ASN N 215 49.96 -2.31 -68.35
C ASN N 215 51.01 -2.09 -69.45
N PRO N 216 51.02 -2.91 -70.50
CA PRO N 216 52.06 -2.78 -71.52
C PRO N 216 51.96 -1.50 -72.31
N ASN N 217 53.11 -0.85 -72.50
CA ASN N 217 53.20 0.28 -73.42
C ASN N 217 53.16 -0.22 -74.84
N GLY N 218 52.12 0.16 -75.58
CA GLY N 218 51.84 -0.42 -76.87
C GLY N 218 50.68 -1.38 -76.88
N GLY N 219 50.16 -1.74 -75.72
CA GLY N 219 48.99 -2.59 -75.64
C GLY N 219 49.31 -4.06 -75.81
N PHE N 220 48.25 -4.85 -75.77
CA PHE N 220 48.34 -6.28 -76.00
C PHE N 220 48.11 -6.55 -77.50
N ARG N 221 47.93 -7.82 -77.85
CA ARG N 221 47.46 -8.18 -79.16
C ARG N 221 45.98 -7.81 -79.28
N PRO N 222 45.46 -7.68 -80.51
CA PRO N 222 44.04 -7.26 -80.66
C PRO N 222 43.03 -8.17 -80.01
N ARG N 223 43.35 -9.45 -79.82
CA ARG N 223 42.51 -10.36 -79.05
C ARG N 223 43.43 -11.13 -78.10
N LYS N 224 43.62 -10.60 -76.89
CA LYS N 224 44.60 -11.16 -75.97
C LYS N 224 44.08 -12.36 -75.18
N PHE N 225 42.77 -12.59 -75.17
CA PHE N 225 42.21 -13.72 -74.42
C PHE N 225 42.08 -14.94 -75.33
N LYS N 226 43.24 -15.32 -75.86
CA LYS N 226 43.38 -16.40 -76.82
C LYS N 226 44.84 -16.82 -76.78
N HIS N 227 45.11 -18.04 -77.21
CA HIS N 227 46.46 -18.58 -77.09
C HIS N 227 47.43 -17.84 -78.01
N PHE N 228 48.70 -17.84 -77.61
CA PHE N 228 49.75 -17.14 -78.36
C PHE N 228 49.94 -17.76 -79.74
N ILE N 229 49.65 -19.06 -79.88
CA ILE N 229 49.80 -19.74 -81.20
C ILE N 229 48.70 -19.23 -82.14
N GLU N 230 47.50 -18.97 -81.61
CA GLU N 230 46.37 -18.51 -82.41
C GLU N 230 46.31 -16.99 -82.53
N GLY N 231 47.43 -16.30 -82.36
CA GLY N 231 47.45 -14.86 -82.48
C GLY N 231 46.89 -14.13 -81.27
N GLY N 232 47.20 -14.62 -80.07
CA GLY N 232 46.73 -14.00 -78.86
C GLY N 232 47.85 -13.66 -77.90
N ASP N 233 47.59 -13.75 -76.60
CA ASP N 233 48.59 -13.46 -75.59
C ASP N 233 48.68 -14.51 -74.49
N LEU N 234 47.72 -15.42 -74.40
CA LEU N 234 47.74 -16.45 -73.36
C LEU N 234 48.77 -17.52 -73.68
N GLY N 235 49.08 -18.33 -72.66
CA GLY N 235 49.94 -19.47 -72.86
C GLY N 235 51.42 -19.14 -72.91
N ASN N 236 52.17 -20.06 -73.51
CA ASN N 236 53.62 -19.99 -73.55
C ASN N 236 54.07 -19.23 -74.79
N ARG N 237 54.72 -18.09 -74.57
CA ARG N 237 55.36 -17.35 -75.66
C ARG N 237 56.85 -17.59 -75.72
N GLU N 238 57.42 -18.25 -74.70
CA GLU N 238 58.86 -18.54 -74.57
C GLU N 238 59.61 -17.21 -74.57
N GLU N 239 60.69 -17.06 -75.35
CA GLU N 239 61.58 -15.90 -75.30
C GLU N 239 60.88 -14.58 -75.60
N HIS N 240 59.78 -14.61 -76.34
CA HIS N 240 58.99 -13.44 -76.65
C HIS N 240 58.44 -12.75 -75.41
N ILE N 241 58.35 -13.47 -74.28
CA ILE N 241 57.97 -12.86 -73.01
C ILE N 241 58.86 -11.68 -72.64
N ASN N 242 60.11 -11.65 -73.11
CA ASN N 242 61.01 -10.53 -72.83
C ASN N 242 60.42 -9.23 -73.34
N ALA N 243 59.87 -9.27 -74.56
CA ALA N 243 59.22 -8.09 -75.12
C ALA N 243 58.05 -7.65 -74.25
N LEU N 244 57.25 -8.62 -73.79
CA LEU N 244 56.14 -8.30 -72.89
C LEU N 244 56.67 -7.67 -71.61
N ILE N 245 57.77 -8.21 -71.07
CA ILE N 245 58.36 -7.63 -69.87
C ILE N 245 58.85 -6.22 -70.17
N ARG N 246 59.44 -6.02 -71.36
CA ARG N 246 59.92 -4.69 -71.73
C ARG N 246 58.77 -3.71 -71.91
N ALA N 247 57.56 -4.23 -72.14
CA ALA N 247 56.41 -3.34 -72.23
C ALA N 247 55.79 -3.08 -70.86
N MET N 248 55.95 -4.02 -69.93
CA MET N 248 55.24 -3.90 -68.65
C MET N 248 56.13 -3.44 -67.51
N ASN N 249 57.43 -3.29 -67.74
CA ASN N 249 58.33 -2.86 -66.68
C ASN N 249 58.89 -1.49 -67.05
N MET O 52 -73.14 -15.86 4.97
CA MET O 52 -73.68 -15.09 6.07
C MET O 52 -72.66 -14.09 6.60
N VAL O 53 -72.81 -13.71 7.88
CA VAL O 53 -71.90 -12.75 8.49
C VAL O 53 -70.52 -13.38 8.67
N LYS O 54 -69.51 -12.51 8.75
CA LYS O 54 -68.12 -12.93 8.86
C LYS O 54 -67.60 -12.58 10.25
N TRP O 55 -67.02 -13.57 10.94
CA TRP O 55 -66.41 -13.39 12.24
C TRP O 55 -64.99 -12.84 12.10
N PRO O 56 -64.51 -12.11 13.10
CA PRO O 56 -63.11 -11.67 13.09
C PRO O 56 -62.15 -12.85 13.18
N GLU O 57 -60.91 -12.60 12.76
CA GLU O 57 -59.96 -13.71 12.57
C GLU O 57 -59.46 -14.28 13.90
N TYR O 58 -59.13 -13.40 14.85
CA TYR O 58 -58.52 -13.87 16.10
C TYR O 58 -59.53 -14.58 16.98
N ILE O 59 -60.81 -14.20 16.90
CA ILE O 59 -61.85 -14.90 17.64
C ILE O 59 -62.00 -16.32 17.10
N ARG O 60 -61.97 -16.47 15.77
CA ARG O 60 -62.03 -17.78 15.15
C ARG O 60 -60.80 -18.61 15.51
N LEU O 61 -59.63 -17.98 15.57
CA LEU O 61 -58.43 -18.69 16.01
C LEU O 61 -58.57 -19.18 17.46
N GLN O 62 -59.15 -18.35 18.33
CA GLN O 62 -59.35 -18.75 19.72
C GLN O 62 -60.28 -19.95 19.83
N ARG O 63 -61.42 -19.90 19.15
CA ARG O 63 -62.39 -20.99 19.26
C ARG O 63 -61.87 -22.27 18.59
N GLN O 64 -61.15 -22.13 17.48
CA GLN O 64 -60.60 -23.31 16.84
C GLN O 64 -59.45 -23.90 17.64
N LYS O 65 -58.72 -23.06 18.38
CA LYS O 65 -57.68 -23.58 19.28
C LYS O 65 -58.31 -24.31 20.46
N LYS O 66 -59.47 -23.82 20.95
CA LYS O 66 -60.29 -24.58 21.89
C LYS O 66 -60.58 -25.98 21.38
N ILE O 67 -61.20 -26.05 20.18
CA ILE O 67 -61.66 -27.34 19.66
C ILE O 67 -60.48 -28.26 19.37
N LEU O 68 -59.38 -27.70 18.87
CA LEU O 68 -58.19 -28.51 18.61
C LEU O 68 -57.56 -29.04 19.89
N ARG O 69 -57.47 -28.21 20.93
CA ARG O 69 -56.86 -28.67 22.17
C ARG O 69 -57.76 -29.61 22.96
N MET O 70 -59.07 -29.62 22.70
CA MET O 70 -59.96 -30.52 23.41
C MET O 70 -60.34 -31.78 22.64
N ARG O 71 -60.20 -31.81 21.31
CA ARG O 71 -60.64 -32.95 20.52
C ARG O 71 -59.51 -33.69 19.81
N LEU O 72 -58.25 -33.44 20.16
CA LEU O 72 -57.14 -34.22 19.67
C LEU O 72 -56.77 -35.29 20.70
N LYS O 73 -55.91 -36.23 20.28
CA LYS O 73 -55.40 -37.22 21.22
C LYS O 73 -54.26 -36.60 22.01
N VAL O 74 -54.59 -36.02 23.16
CA VAL O 74 -53.63 -35.27 23.96
C VAL O 74 -52.76 -36.24 24.76
N PRO O 75 -51.44 -36.02 24.83
CA PRO O 75 -50.58 -36.87 25.66
C PRO O 75 -50.93 -36.73 27.14
N PRO O 76 -50.66 -37.76 27.94
CA PRO O 76 -51.07 -37.73 29.36
C PRO O 76 -50.48 -36.59 30.18
N ALA O 77 -49.25 -36.17 29.87
CA ALA O 77 -48.59 -35.06 30.61
C ALA O 77 -49.36 -33.76 30.39
N ILE O 78 -49.97 -33.58 29.22
CA ILE O 78 -50.80 -32.40 28.98
C ILE O 78 -52.26 -32.67 29.34
N ALA O 79 -52.75 -33.90 29.19
CA ALA O 79 -54.14 -34.22 29.50
C ALA O 79 -54.41 -34.24 31.00
N GLN O 80 -53.37 -34.31 31.83
CA GLN O 80 -53.58 -34.27 33.27
C GLN O 80 -54.01 -32.88 33.76
N PHE O 81 -53.78 -31.83 32.96
CA PHE O 81 -54.09 -30.48 33.38
C PHE O 81 -55.55 -30.12 33.21
N GLN O 82 -56.35 -30.99 32.60
CA GLN O 82 -57.79 -30.76 32.50
C GLN O 82 -58.53 -31.15 33.77
N TYR O 83 -57.85 -31.79 34.71
CA TYR O 83 -58.45 -32.18 35.99
C TYR O 83 -57.98 -31.20 37.06
N THR O 84 -58.91 -30.39 37.55
CA THR O 84 -58.61 -29.23 38.36
C THR O 84 -59.34 -29.39 39.70
N LEU O 85 -58.86 -28.70 40.72
CA LEU O 85 -59.48 -28.70 42.04
C LEU O 85 -60.94 -28.24 41.96
N ASP O 86 -61.73 -28.72 42.90
CA ASP O 86 -63.13 -28.32 43.01
C ASP O 86 -63.23 -26.93 43.62
N LYS O 87 -64.46 -26.45 43.77
CA LYS O 87 -64.68 -25.11 44.30
C LYS O 87 -64.34 -25.04 45.79
N ASN O 88 -64.78 -26.04 46.57
CA ASN O 88 -64.62 -26.00 48.01
C ASN O 88 -63.16 -26.12 48.43
N LEU O 89 -62.42 -27.04 47.81
CA LEU O 89 -61.04 -27.24 48.20
C LEU O 89 -60.16 -26.06 47.76
N ALA O 90 -60.46 -25.48 46.60
CA ALA O 90 -59.78 -24.26 46.17
C ALA O 90 -60.09 -23.10 47.12
N ALA O 91 -61.33 -23.02 47.60
CA ALA O 91 -61.68 -21.98 48.57
C ALA O 91 -60.93 -22.15 49.89
N GLN O 92 -60.81 -23.39 50.39
CA GLN O 92 -60.05 -23.64 51.61
C GLN O 92 -58.57 -23.30 51.44
N ALA O 93 -57.99 -23.75 50.32
CA ALA O 93 -56.58 -23.48 50.04
C ALA O 93 -56.33 -21.99 49.91
N PHE O 94 -57.24 -21.27 49.24
CA PHE O 94 -57.05 -19.83 49.11
C PHE O 94 -57.34 -19.08 50.40
N LYS O 95 -58.14 -19.63 51.31
CA LYS O 95 -58.25 -19.04 52.64
C LYS O 95 -56.91 -19.09 53.37
N LEU O 96 -56.25 -20.26 53.33
CA LEU O 96 -54.94 -20.36 53.97
C LEU O 96 -53.89 -19.48 53.26
N LEU O 97 -53.87 -19.48 51.93
CA LEU O 97 -52.87 -18.71 51.21
C LEU O 97 -53.15 -17.20 51.30
N ASN O 98 -54.40 -16.81 51.52
CA ASN O 98 -54.72 -15.42 51.79
C ASN O 98 -54.32 -15.02 53.21
N LYS O 99 -54.35 -15.97 54.15
CA LYS O 99 -53.70 -15.73 55.43
C LYS O 99 -52.20 -15.53 55.28
N TYR O 100 -51.57 -16.18 54.30
CA TYR O 100 -50.11 -16.06 54.19
C TYR O 100 -49.64 -15.31 52.96
N ARG O 101 -50.34 -14.25 52.56
CA ARG O 101 -49.93 -13.46 51.41
C ARG O 101 -48.66 -12.68 51.70
N PRO O 102 -47.85 -12.32 50.67
CA PRO O 102 -46.70 -11.46 50.90
C PRO O 102 -47.19 -10.02 51.10
N GLU O 103 -46.26 -9.10 51.32
CA GLU O 103 -46.61 -7.70 51.52
C GLU O 103 -46.48 -6.94 50.19
N THR O 104 -47.34 -5.94 50.03
CA THR O 104 -47.25 -5.07 48.88
C THR O 104 -46.09 -4.11 49.04
N LYS O 105 -45.84 -3.32 47.99
CA LYS O 105 -44.75 -2.36 48.03
C LYS O 105 -44.99 -1.30 49.10
N GLN O 106 -46.24 -0.83 49.24
CA GLN O 106 -46.56 0.20 50.21
C GLN O 106 -46.32 -0.27 51.64
N GLU O 107 -46.74 -1.50 51.97
CA GLU O 107 -46.50 -2.02 53.30
C GLU O 107 -45.02 -2.25 53.56
N LYS O 108 -44.26 -2.67 52.55
CA LYS O 108 -42.83 -2.88 52.74
C LYS O 108 -42.10 -1.56 53.01
N LYS O 109 -42.36 -0.53 52.19
CA LYS O 109 -41.76 0.78 52.47
C LYS O 109 -42.24 1.36 53.79
N GLU O 110 -43.49 1.14 54.16
CA GLU O 110 -44.02 1.65 55.42
C GLU O 110 -43.33 0.98 56.62
N ARG O 111 -43.15 -0.34 56.55
CA ARG O 111 -42.45 -1.07 57.60
C ARG O 111 -40.99 -0.66 57.68
N LEU O 112 -40.32 -0.49 56.53
CA LEU O 112 -38.91 -0.09 56.54
C LEU O 112 -38.74 1.31 57.10
N LEU O 113 -39.71 2.18 56.83
CA LEU O 113 -39.68 3.55 57.42
C LEU O 113 -39.87 3.43 58.93
N ARG O 114 -40.73 2.51 59.38
CA ARG O 114 -40.94 2.31 60.80
C ARG O 114 -39.66 1.85 61.50
N GLU O 115 -38.94 0.88 60.91
CA GLU O 115 -37.66 0.47 61.50
C GLU O 115 -36.63 1.57 61.46
N ALA O 116 -36.63 2.38 60.39
CA ALA O 116 -35.66 3.48 60.29
C ALA O 116 -35.86 4.51 61.39
N THR O 117 -37.11 4.89 61.64
CA THR O 117 -37.35 5.86 62.71
C THR O 117 -37.25 5.23 64.10
N ALA O 118 -37.45 3.91 64.21
CA ALA O 118 -37.19 3.25 65.49
C ALA O 118 -35.69 3.23 65.79
N ILE O 119 -34.86 3.10 64.75
CA ILE O 119 -33.42 3.21 64.93
C ILE O 119 -33.03 4.65 65.26
N LYS O 120 -33.73 5.62 64.66
CA LYS O 120 -33.50 7.03 64.97
C LYS O 120 -33.77 7.34 66.45
N GLU O 121 -34.85 6.79 67.00
CA GLU O 121 -35.19 7.06 68.38
C GLU O 121 -34.56 6.04 69.32
N VAL O 128 -35.15 -9.34 67.67
CA VAL O 128 -36.41 -8.71 68.01
C VAL O 128 -37.51 -9.18 67.08
N SER O 129 -37.12 -9.77 65.95
CA SER O 129 -38.08 -10.23 64.95
C SER O 129 -37.77 -11.68 64.61
N LYS O 130 -38.79 -12.38 64.13
CA LYS O 130 -38.68 -13.75 63.67
C LYS O 130 -38.69 -13.79 62.15
N LYS O 131 -38.47 -14.99 61.61
CA LYS O 131 -38.43 -15.16 60.13
C LYS O 131 -39.84 -14.96 59.56
N PRO O 132 -40.04 -14.08 58.57
CA PRO O 132 -41.34 -13.88 57.92
C PRO O 132 -41.77 -15.13 57.17
N TYR O 133 -43.07 -15.41 57.20
CA TYR O 133 -43.65 -16.57 56.55
C TYR O 133 -44.61 -16.10 55.48
N THR O 134 -44.33 -16.44 54.23
CA THR O 134 -45.09 -15.97 53.08
C THR O 134 -45.34 -17.10 52.10
N VAL O 135 -46.25 -16.86 51.17
CA VAL O 135 -46.43 -17.77 50.04
C VAL O 135 -45.28 -17.58 49.06
N LYS O 136 -44.63 -18.68 48.70
CA LYS O 136 -43.47 -18.66 47.82
C LYS O 136 -43.93 -18.80 46.37
N TYR O 137 -43.39 -17.93 45.53
CA TYR O 137 -43.82 -17.91 44.11
C TYR O 137 -42.60 -17.79 43.20
N GLY O 138 -42.83 -17.74 41.90
CA GLY O 138 -41.77 -17.73 40.92
C GLY O 138 -41.40 -19.14 40.50
N LEU O 139 -41.33 -19.40 39.19
CA LEU O 139 -41.22 -20.77 38.70
C LEU O 139 -39.92 -21.43 39.12
N ASN O 140 -38.79 -20.75 38.90
CA ASN O 140 -37.48 -21.35 39.21
C ASN O 140 -37.30 -21.49 40.72
N HIS O 141 -37.76 -20.50 41.49
CA HIS O 141 -37.71 -20.57 42.94
C HIS O 141 -38.52 -21.74 43.48
N VAL O 142 -39.74 -21.92 42.96
CA VAL O 142 -40.60 -22.99 43.44
C VAL O 142 -40.03 -24.35 43.02
N VAL O 143 -39.45 -24.45 41.82
CA VAL O 143 -38.82 -25.70 41.39
C VAL O 143 -37.65 -26.04 42.30
N GLY O 144 -36.84 -25.04 42.65
CA GLY O 144 -35.76 -25.27 43.60
C GLY O 144 -36.25 -25.68 44.98
N LEU O 145 -37.39 -25.14 45.41
CA LEU O 145 -37.96 -25.55 46.70
C LEU O 145 -38.48 -26.99 46.65
N ILE O 146 -39.10 -27.38 45.53
CA ILE O 146 -39.60 -28.75 45.39
C ILE O 146 -38.45 -29.74 45.36
N GLU O 147 -37.38 -29.41 44.63
CA GLU O 147 -36.25 -30.33 44.51
C GLU O 147 -35.53 -30.56 45.83
N ASN O 148 -35.47 -29.54 46.68
CA ASN O 148 -34.81 -29.63 47.97
C ASN O 148 -35.75 -30.07 49.08
N LYS O 149 -36.98 -30.46 48.71
CA LYS O 149 -37.99 -31.01 49.63
C LYS O 149 -38.33 -30.02 50.75
N LYS O 150 -38.29 -28.74 50.39
CA LYS O 150 -38.65 -27.67 51.37
C LYS O 150 -40.13 -27.33 51.24
N ALA O 151 -40.70 -27.44 50.03
CA ALA O 151 -42.10 -27.10 49.85
C ALA O 151 -43.00 -28.13 50.53
N SER O 152 -44.11 -27.64 51.08
CA SER O 152 -45.11 -28.50 51.69
C SER O 152 -46.33 -28.71 50.82
N LEU O 153 -46.81 -27.68 50.13
CA LEU O 153 -47.92 -27.83 49.21
C LEU O 153 -47.66 -26.97 47.98
N VAL O 154 -47.96 -27.51 46.80
CA VAL O 154 -47.69 -26.81 45.55
C VAL O 154 -49.00 -26.68 44.78
N LEU O 155 -49.30 -25.45 44.34
CA LEU O 155 -50.48 -25.15 43.54
C LEU O 155 -50.02 -24.69 42.17
N ILE O 156 -50.38 -25.44 41.13
CA ILE O 156 -49.92 -25.20 39.77
C ILE O 156 -51.07 -24.68 38.93
N ALA O 157 -50.86 -23.58 38.21
CA ALA O 157 -51.89 -23.04 37.33
C ALA O 157 -52.06 -23.92 36.10
N ASN O 158 -53.26 -23.88 35.53
CA ASN O 158 -53.64 -24.77 34.45
C ASN O 158 -53.64 -24.11 33.08
N ASP O 159 -53.33 -22.82 32.98
CA ASP O 159 -53.43 -22.11 31.71
C ASP O 159 -52.15 -21.37 31.37
N VAL O 160 -51.01 -21.97 31.69
CA VAL O 160 -49.72 -21.43 31.27
C VAL O 160 -49.58 -21.62 29.77
N ASP O 161 -49.45 -20.51 29.03
CA ASP O 161 -49.51 -20.57 27.57
C ASP O 161 -48.35 -21.33 26.96
N PRO O 162 -47.07 -21.13 27.37
CA PRO O 162 -46.06 -22.15 27.06
C PRO O 162 -46.12 -23.26 28.10
N ILE O 163 -47.00 -24.25 27.87
CA ILE O 163 -47.32 -25.28 28.86
C ILE O 163 -46.10 -26.15 29.19
N GLU O 164 -45.03 -26.09 28.38
CA GLU O 164 -43.80 -26.85 28.72
C GLU O 164 -43.25 -26.40 30.08
N LEU O 165 -43.51 -25.14 30.47
CA LEU O 165 -42.95 -24.59 31.74
C LEU O 165 -43.51 -25.32 32.95
N VAL O 166 -44.57 -26.13 32.79
CA VAL O 166 -45.22 -26.74 33.95
C VAL O 166 -45.58 -28.20 33.74
N VAL O 167 -45.29 -28.80 32.59
CA VAL O 167 -45.72 -30.18 32.35
C VAL O 167 -44.98 -31.14 33.25
N PHE O 168 -43.72 -30.87 33.52
CA PHE O 168 -42.89 -31.76 34.37
C PHE O 168 -43.21 -31.56 35.84
N LEU O 169 -43.94 -30.50 36.19
CA LEU O 169 -44.17 -30.18 37.60
C LEU O 169 -45.01 -31.20 38.37
N PRO O 170 -46.14 -31.72 37.86
CA PRO O 170 -46.83 -32.79 38.62
C PRO O 170 -45.99 -34.04 38.85
N ALA O 171 -45.24 -34.44 37.83
CA ALA O 171 -44.35 -35.62 37.95
C ALA O 171 -43.23 -35.34 38.96
N LEU O 172 -42.68 -34.11 38.95
CA LEU O 172 -41.63 -33.73 39.89
C LEU O 172 -42.14 -33.75 41.32
N CYS O 173 -43.36 -33.22 41.54
CA CYS O 173 -43.96 -33.25 42.86
C CYS O 173 -44.26 -34.68 43.30
N ARG O 174 -44.66 -35.54 42.35
CA ARG O 174 -44.87 -36.95 42.65
C ARG O 174 -43.57 -37.64 43.03
N LYS O 175 -42.48 -37.33 42.31
CA LYS O 175 -41.20 -37.98 42.57
C LYS O 175 -40.63 -37.57 43.92
N MET O 176 -40.65 -36.27 44.23
CA MET O 176 -40.03 -35.83 45.46
C MET O 176 -40.98 -35.98 46.66
N GLY O 177 -42.24 -36.28 46.40
CA GLY O 177 -43.20 -36.54 47.46
C GLY O 177 -43.95 -35.34 47.97
N ILE O 178 -43.89 -34.20 47.29
CA ILE O 178 -44.62 -33.01 47.75
C ILE O 178 -46.05 -33.07 47.24
N PRO O 179 -47.06 -32.86 48.09
CA PRO O 179 -48.44 -32.78 47.60
C PRO O 179 -48.66 -31.58 46.70
N TYR O 180 -49.34 -31.82 45.59
CA TYR O 180 -49.58 -30.79 44.59
C TYR O 180 -51.05 -30.81 44.21
N ALA O 181 -51.50 -29.72 43.60
CA ALA O 181 -52.83 -29.65 43.04
C ALA O 181 -52.82 -28.64 41.90
N ILE O 182 -53.65 -28.89 40.91
CA ILE O 182 -53.79 -27.99 39.75
C ILE O 182 -55.02 -27.13 39.99
N ILE O 183 -54.82 -25.82 39.88
CA ILE O 183 -55.82 -24.81 40.22
C ILE O 183 -56.28 -24.13 38.94
N LYS O 184 -57.47 -23.54 38.98
CA LYS O 184 -58.00 -22.80 37.84
C LYS O 184 -57.58 -21.34 37.92
N GLY O 185 -56.68 -20.93 37.02
CA GLY O 185 -56.33 -19.53 36.92
C GLY O 185 -54.96 -19.16 37.41
N LYS O 186 -54.09 -18.74 36.49
CA LYS O 186 -52.85 -18.10 36.87
C LYS O 186 -53.06 -16.67 37.36
N ALA O 187 -54.16 -16.05 36.93
CA ALA O 187 -54.51 -14.72 37.43
C ALA O 187 -54.95 -14.76 38.88
N ARG O 188 -55.58 -15.86 39.31
CA ARG O 188 -55.92 -16.02 40.72
C ARG O 188 -54.67 -16.10 41.59
N LEU O 189 -53.70 -16.92 41.15
CA LEU O 189 -52.43 -17.03 41.91
C LEU O 189 -51.71 -15.68 41.85
N GLY O 190 -51.88 -14.95 40.75
CA GLY O 190 -51.28 -13.61 40.62
C GLY O 190 -51.82 -12.64 41.65
N THR O 191 -53.14 -12.59 41.82
CA THR O 191 -53.78 -11.68 42.81
C THR O 191 -53.20 -11.98 44.20
N LEU O 192 -52.99 -13.25 44.51
CA LEU O 192 -52.45 -13.67 45.83
C LEU O 192 -51.06 -13.07 46.05
N VAL O 193 -50.22 -13.05 45.01
CA VAL O 193 -48.80 -12.58 45.18
C VAL O 193 -48.65 -11.15 44.66
N HIS O 194 -49.76 -10.43 44.46
CA HIS O 194 -49.72 -9.00 44.03
C HIS O 194 -49.06 -8.85 42.65
N LYS O 195 -49.21 -9.84 41.78
CA LYS O 195 -48.68 -9.76 40.39
C LYS O 195 -49.84 -9.94 39.42
N LYS O 196 -49.61 -9.78 38.11
CA LYS O 196 -50.69 -10.01 37.16
C LYS O 196 -51.01 -11.50 37.05
N THR O 197 -49.99 -12.34 36.95
CA THR O 197 -50.14 -13.78 36.87
C THR O 197 -49.07 -14.46 37.71
N ALA O 198 -49.26 -15.77 37.94
CA ALA O 198 -48.25 -16.59 38.65
C ALA O 198 -48.43 -18.02 38.19
N ALA O 199 -47.41 -18.60 37.55
CA ALA O 199 -47.51 -19.94 36.99
C ALA O 199 -47.68 -21.00 38.06
N VAL O 200 -47.06 -20.81 39.21
CA VAL O 200 -47.10 -21.78 40.30
C VAL O 200 -46.82 -21.05 41.60
N VAL O 201 -47.47 -21.49 42.68
CA VAL O 201 -47.15 -21.01 44.02
C VAL O 201 -46.91 -22.23 44.90
N ALA O 202 -46.19 -22.01 46.00
CA ALA O 202 -45.89 -23.09 46.93
C ALA O 202 -45.90 -22.52 48.35
N ILE O 203 -46.28 -23.36 49.30
CA ILE O 203 -46.17 -23.06 50.71
C ILE O 203 -45.23 -24.08 51.32
N THR O 204 -44.28 -23.59 52.12
CA THR O 204 -43.21 -24.42 52.69
C THR O 204 -43.43 -24.64 54.17
N GLU O 205 -43.57 -23.55 54.91
CA GLU O 205 -43.78 -23.60 56.36
C GLU O 205 -44.61 -22.40 56.77
N VAL O 206 -45.25 -22.48 57.92
CA VAL O 206 -46.24 -21.51 58.35
C VAL O 206 -45.96 -21.12 59.80
N ARG O 207 -46.73 -20.14 60.28
CA ARG O 207 -46.74 -19.84 61.70
C ARG O 207 -47.43 -20.96 62.46
N SER O 208 -47.21 -20.99 63.78
CA SER O 208 -47.68 -22.10 64.60
C SER O 208 -49.20 -22.20 64.61
N GLU O 209 -49.88 -21.06 64.71
CA GLU O 209 -51.29 -21.02 65.05
C GLU O 209 -52.19 -21.64 64.00
N ASP O 210 -51.68 -21.92 62.80
CA ASP O 210 -52.48 -22.63 61.82
C ASP O 210 -51.75 -23.79 61.16
N LYS O 211 -50.68 -24.31 61.78
CA LYS O 211 -49.97 -25.46 61.22
C LYS O 211 -50.91 -26.64 61.00
N ASN O 212 -51.72 -26.95 62.02
CA ASN O 212 -52.71 -28.01 61.93
C ASN O 212 -53.62 -27.80 60.72
N GLU O 213 -54.06 -26.56 60.50
CA GLU O 213 -54.93 -26.28 59.37
C GLU O 213 -54.24 -26.61 58.06
N LEU O 214 -52.96 -26.21 57.93
CA LEU O 214 -52.19 -26.53 56.74
C LEU O 214 -52.10 -28.03 56.55
N ALA O 215 -51.86 -28.75 57.65
CA ALA O 215 -51.77 -30.21 57.58
C ALA O 215 -53.07 -30.80 57.07
N LYS O 216 -54.19 -30.31 57.60
CA LYS O 216 -55.49 -30.83 57.16
C LYS O 216 -55.70 -30.54 55.69
N LEU O 217 -55.32 -29.33 55.26
CA LEU O 217 -55.45 -28.97 53.85
C LEU O 217 -54.62 -29.90 52.99
N ILE O 218 -53.40 -30.20 53.43
CA ILE O 218 -52.54 -31.12 52.68
C ILE O 218 -53.22 -32.47 52.56
N SER O 219 -53.72 -32.98 53.69
CA SER O 219 -54.40 -34.26 53.69
C SER O 219 -55.61 -34.21 52.80
N ALA O 220 -56.32 -33.08 52.83
CA ALA O 220 -57.50 -32.89 52.00
C ALA O 220 -57.18 -33.09 50.54
N VAL O 221 -56.12 -32.42 50.04
CA VAL O 221 -55.83 -32.57 48.62
C VAL O 221 -55.34 -33.98 48.33
N LYS O 222 -54.58 -34.56 49.26
CA LYS O 222 -54.06 -35.89 48.99
C LYS O 222 -55.11 -36.96 49.18
N GLU O 223 -56.27 -36.58 49.72
CA GLU O 223 -57.42 -37.47 49.72
C GLU O 223 -58.50 -37.01 48.75
N GLY O 224 -58.44 -35.77 48.26
CA GLY O 224 -59.57 -35.26 47.53
C GLY O 224 -59.26 -34.97 46.07
N TYR O 225 -57.98 -34.84 45.76
CA TYR O 225 -57.56 -34.58 44.40
C TYR O 225 -56.56 -35.60 43.87
N LEU O 226 -55.68 -36.12 44.72
CA LEU O 226 -54.59 -36.96 44.22
C LEU O 226 -55.07 -38.36 43.86
N GLU O 227 -56.05 -38.90 44.60
CA GLU O 227 -56.55 -40.22 44.26
C GLU O 227 -57.64 -40.18 43.19
N LYS O 228 -58.32 -39.05 43.03
CA LYS O 228 -59.23 -38.90 41.89
C LYS O 228 -58.48 -38.69 40.58
N VAL O 229 -57.21 -38.29 40.66
CA VAL O 229 -56.37 -38.08 39.49
C VAL O 229 -55.51 -39.31 39.20
N GLU O 230 -55.34 -40.20 40.19
CA GLU O 230 -54.32 -41.26 40.17
C GLU O 230 -54.44 -42.18 38.96
N ASP O 231 -55.66 -42.49 38.53
CA ASP O 231 -55.83 -43.37 37.38
C ASP O 231 -55.88 -42.62 36.05
N THR O 232 -56.42 -41.40 36.04
CA THR O 232 -56.55 -40.62 34.82
C THR O 232 -55.34 -39.75 34.53
N ARG O 233 -54.35 -39.71 35.43
CA ARG O 233 -53.13 -38.96 35.18
C ARG O 233 -52.23 -39.66 34.17
N LYS O 234 -52.50 -40.94 33.85
CA LYS O 234 -51.66 -41.73 32.98
C LYS O 234 -52.23 -41.90 31.59
N ARG O 235 -53.51 -41.54 31.38
CA ARG O 235 -54.23 -41.87 30.16
C ARG O 235 -54.24 -40.70 29.20
N TRP O 236 -54.26 -41.01 27.91
CA TRP O 236 -54.41 -39.99 26.88
C TRP O 236 -55.82 -39.41 26.92
N GLY O 237 -55.92 -38.12 26.57
CA GLY O 237 -57.17 -37.41 26.62
C GLY O 237 -57.67 -37.04 25.23
N GLY O 238 -58.95 -36.71 25.16
CA GLY O 238 -59.56 -36.28 23.93
C GLY O 238 -59.90 -37.43 23.00
N GLY O 239 -60.31 -37.06 21.79
CA GLY O 239 -60.73 -38.02 20.79
C GLY O 239 -62.14 -37.79 20.30
N ILE O 240 -62.44 -38.26 19.10
CA ILE O 240 -63.76 -38.06 18.51
C ILE O 240 -64.44 -39.40 18.23
N MET O 241 -64.17 -40.40 19.07
CA MET O 241 -64.75 -41.73 18.90
C MET O 241 -66.24 -41.68 19.22
N GLY O 242 -67.07 -41.80 18.19
CA GLY O 242 -68.51 -41.75 18.36
C GLY O 242 -69.20 -40.80 17.39
N HIS P 13 3.24 -15.89 -13.81
CA HIS P 13 2.10 -15.84 -12.90
C HIS P 13 1.43 -14.47 -12.91
N PHE P 14 1.07 -14.01 -14.10
CA PHE P 14 0.35 -12.76 -14.30
C PHE P 14 -0.95 -13.01 -15.05
N ARG P 15 -1.61 -14.14 -14.74
CA ARG P 15 -2.82 -14.55 -15.46
C ARG P 15 -4.00 -13.64 -15.14
N LYS P 16 -4.09 -13.18 -13.90
CA LYS P 16 -5.21 -12.34 -13.48
C LYS P 16 -4.85 -10.87 -13.69
N HIS P 17 -5.77 -9.97 -13.34
CA HIS P 17 -5.56 -8.53 -13.49
C HIS P 17 -4.71 -8.07 -12.32
N TRP P 18 -3.41 -8.30 -12.41
CA TRP P 18 -2.51 -7.89 -11.33
C TRP P 18 -2.26 -6.38 -11.31
N GLN P 19 -2.61 -5.66 -12.38
CA GLN P 19 -2.43 -4.22 -12.42
C GLN P 19 -3.23 -3.51 -11.33
N ARG P 20 -4.44 -3.99 -11.06
CA ARG P 20 -5.32 -3.38 -10.06
C ARG P 20 -4.94 -3.79 -8.64
N ARG P 21 -3.94 -4.63 -8.45
CA ARG P 21 -3.54 -5.11 -7.14
C ARG P 21 -2.03 -5.10 -6.97
N VAL P 22 -1.37 -4.01 -7.38
CA VAL P 22 0.03 -3.78 -7.10
C VAL P 22 0.13 -2.87 -5.88
N ARG P 23 0.84 -3.34 -4.85
CA ARG P 23 1.06 -2.56 -3.64
C ARG P 23 2.51 -2.12 -3.59
N CYS P 24 2.75 -0.82 -3.77
CA CYS P 24 4.06 -0.25 -3.58
C CYS P 24 4.22 0.20 -2.13
N HIS P 25 5.47 0.52 -1.76
CA HIS P 25 5.80 0.82 -0.38
C HIS P 25 6.64 2.08 -0.28
N PHE P 26 6.20 3.13 -0.96
CA PHE P 26 6.86 4.44 -0.86
C PHE P 26 6.65 5.09 0.50
N ASP P 27 5.71 4.58 1.29
CA ASP P 27 5.42 5.08 2.63
C ASP P 27 6.09 4.25 3.72
N GLN P 28 7.13 3.49 3.38
CA GLN P 28 7.90 2.77 4.39
C GLN P 28 8.61 3.67 5.40
N PRO P 29 9.36 4.72 5.01
CA PRO P 29 9.97 5.56 6.06
C PRO P 29 8.95 6.39 6.81
N GLY P 30 7.87 6.80 6.14
CA GLY P 30 6.81 7.52 6.83
C GLY P 30 6.10 6.66 7.86
N LYS P 31 5.90 5.38 7.52
CA LYS P 31 5.31 4.47 8.51
C LYS P 31 6.27 4.16 9.64
N LYS P 32 7.57 4.15 9.37
CA LYS P 32 8.54 3.98 10.45
C LYS P 32 8.51 5.19 11.39
N VAL P 33 8.40 6.40 10.84
CA VAL P 33 8.25 7.60 11.67
C VAL P 33 6.96 7.55 12.48
N THR P 34 5.87 7.09 11.86
CA THR P 34 4.60 6.95 12.56
C THR P 34 4.70 5.95 13.71
N ARG P 35 5.38 4.83 13.49
CA ARG P 35 5.56 3.82 14.54
C ARG P 35 6.41 4.36 15.69
N ARG P 36 7.48 5.09 15.36
CA ARG P 36 8.32 5.68 16.40
C ARG P 36 7.57 6.74 17.20
N LEU P 37 6.72 7.52 16.53
CA LEU P 37 5.93 8.51 17.24
C LEU P 37 4.84 7.86 18.10
N ALA P 38 4.32 6.71 17.65
CA ALA P 38 3.39 5.96 18.49
C ALA P 38 4.07 5.42 19.74
N ARG P 39 5.32 4.96 19.60
CA ARG P 39 6.08 4.54 20.77
C ARG P 39 6.36 5.71 21.70
N ARG P 40 6.64 6.89 21.13
CA ARG P 40 6.83 8.09 21.94
C ARG P 40 5.55 8.48 22.67
N ALA P 41 4.39 8.33 22.03
CA ALA P 41 3.12 8.60 22.68
C ALA P 41 2.86 7.61 23.83
N LYS P 42 3.20 6.35 23.62
CA LYS P 42 3.12 5.36 24.69
C LYS P 42 4.03 5.72 25.85
N ALA P 43 5.22 6.24 25.54
CA ALA P 43 6.14 6.68 26.58
C ALA P 43 5.60 7.88 27.34
N ALA P 44 4.97 8.82 26.63
CA ALA P 44 4.38 9.98 27.27
C ALA P 44 3.24 9.60 28.20
N ALA P 45 2.41 8.64 27.79
CA ALA P 45 1.31 8.20 28.64
C ALA P 45 1.82 7.44 29.85
N LEU P 46 2.73 6.49 29.64
CA LEU P 46 3.31 5.69 30.73
C LEU P 46 4.71 6.23 30.99
N ALA P 47 4.80 7.23 31.87
CA ALA P 47 6.00 8.06 31.91
C ALA P 47 7.18 7.37 32.58
N PRO P 48 7.09 6.81 33.82
CA PRO P 48 8.26 6.08 34.33
C PRO P 48 8.26 4.61 33.91
N ARG P 49 7.10 4.09 33.53
CA ARG P 49 6.92 2.71 33.16
C ARG P 49 7.62 2.39 31.84
N PRO P 50 8.06 1.15 31.65
CA PRO P 50 8.46 0.72 30.31
C PRO P 50 7.25 0.63 29.39
N VAL P 51 7.50 0.74 28.09
CA VAL P 51 6.41 0.70 27.13
C VAL P 51 5.99 -0.73 26.84
N ASP P 52 6.80 -1.69 27.25
CA ASP P 52 6.53 -3.11 27.02
C ASP P 52 6.21 -3.81 28.33
N LYS P 53 5.51 -4.94 28.24
CA LYS P 53 5.27 -5.80 29.38
C LYS P 53 6.29 -6.92 29.43
N LEU P 54 6.48 -7.48 30.63
CA LEU P 54 7.41 -8.58 30.80
C LEU P 54 6.79 -9.87 30.28
N ARG P 55 7.58 -10.63 29.52
CA ARG P 55 7.12 -11.84 28.88
C ARG P 55 8.07 -12.98 29.18
N PRO P 56 7.56 -14.22 29.29
CA PRO P 56 8.41 -15.33 29.71
C PRO P 56 9.29 -15.86 28.60
N ILE P 57 10.24 -16.70 28.99
CA ILE P 57 11.06 -17.46 28.06
C ILE P 57 10.37 -18.80 27.80
N VAL P 58 10.18 -19.13 26.53
CA VAL P 58 9.54 -20.36 26.14
C VAL P 58 10.42 -21.07 25.13
N ARG P 59 10.26 -22.40 25.01
CA ARG P 59 11.04 -23.16 24.00
C ARG P 59 10.24 -23.25 22.68
N CYS P 60 10.93 -23.19 21.54
CA CYS P 60 10.24 -23.25 20.22
C CYS P 60 9.71 -24.67 20.00
N PRO P 61 8.46 -24.86 19.52
CA PRO P 61 7.83 -26.19 19.46
C PRO P 61 8.60 -27.27 18.72
N THR P 62 8.89 -27.09 17.44
CA THR P 62 9.29 -28.23 16.60
C THR P 62 10.70 -28.70 16.93
N VAL P 63 11.06 -29.85 16.35
CA VAL P 63 12.38 -30.43 16.56
C VAL P 63 13.45 -29.58 15.87
N LYS P 64 13.09 -28.92 14.77
CA LYS P 64 14.04 -28.04 14.07
C LYS P 64 14.46 -26.86 14.95
N TYR P 65 13.53 -26.32 15.73
CA TYR P 65 13.83 -25.11 16.55
C TYR P 65 13.84 -25.41 18.04
N ASN P 66 13.84 -26.68 18.43
CA ASN P 66 13.84 -27.10 19.86
C ASN P 66 15.07 -26.54 20.59
N ARG P 67 16.20 -26.41 19.89
CA ARG P 67 17.47 -25.98 20.55
C ARG P 67 17.36 -24.55 21.07
N ARG P 68 16.65 -23.66 20.35
CA ARG P 68 16.61 -22.22 20.75
C ARG P 68 15.36 -21.90 21.57
N THR P 69 15.36 -20.73 22.22
CA THR P 69 14.19 -20.27 23.01
C THR P 69 13.77 -18.88 22.52
N ARG P 70 12.58 -18.40 22.92
CA ARG P 70 12.11 -17.10 22.50
C ARG P 70 11.23 -16.54 23.61
N LEU P 71 10.59 -15.41 23.33
CA LEU P 71 9.67 -14.79 24.27
C LEU P 71 8.27 -15.37 24.10
N GLY P 72 7.60 -15.63 25.21
CA GLY P 72 6.28 -16.19 25.21
C GLY P 72 5.19 -15.14 25.25
N ARG P 73 3.99 -15.57 25.60
CA ARG P 73 2.87 -14.64 25.69
C ARG P 73 2.71 -14.08 27.10
N GLY P 74 2.64 -14.95 28.11
CA GLY P 74 2.51 -14.51 29.48
C GLY P 74 2.90 -15.62 30.42
N PHE P 75 3.14 -15.24 31.67
CA PHE P 75 3.62 -16.18 32.67
C PHE P 75 2.49 -17.06 33.18
N THR P 76 2.83 -18.31 33.48
CA THR P 76 1.87 -19.26 34.02
C THR P 76 1.52 -18.89 35.46
N LEU P 77 0.32 -19.30 35.89
CA LEU P 77 -0.14 -19.01 37.24
C LEU P 77 0.73 -19.69 38.28
N GLU P 78 1.23 -20.90 37.99
CA GLU P 78 2.14 -21.58 38.89
C GLU P 78 3.47 -20.83 38.98
N GLU P 79 3.94 -20.27 37.87
CA GLU P 79 5.18 -19.51 37.87
C GLU P 79 5.05 -18.24 38.70
N LEU P 80 3.90 -17.56 38.56
CA LEU P 80 3.64 -16.35 39.35
C LEU P 80 3.51 -16.67 40.83
N LYS P 81 2.83 -17.77 41.17
CA LYS P 81 2.68 -18.15 42.56
C LYS P 81 4.00 -18.56 43.18
N ALA P 82 4.85 -19.25 42.40
CA ALA P 82 6.15 -19.67 42.91
C ALA P 82 7.10 -18.48 43.04
N ALA P 83 6.95 -17.46 42.20
CA ALA P 83 7.81 -16.29 42.31
C ALA P 83 7.36 -15.36 43.42
N GLY P 84 6.17 -15.57 43.98
CA GLY P 84 5.65 -14.70 45.01
C GLY P 84 4.88 -13.50 44.52
N ILE P 85 4.39 -13.53 43.28
CA ILE P 85 3.62 -12.44 42.71
C ILE P 85 2.17 -12.89 42.60
N PRO P 86 1.23 -12.19 43.24
CA PRO P 86 -0.18 -12.58 43.13
C PRO P 86 -0.71 -12.38 41.72
N ARG P 87 -1.73 -13.17 41.38
CA ARG P 87 -2.26 -13.22 40.02
C ARG P 87 -2.91 -11.90 39.63
N LEU P 88 -3.68 -11.30 40.53
CA LEU P 88 -4.42 -10.09 40.19
C LEU P 88 -3.55 -8.84 40.17
N LEU P 89 -2.48 -8.81 40.95
CA LEU P 89 -1.54 -7.68 40.93
C LEU P 89 -0.64 -7.69 39.71
N ALA P 90 -0.37 -8.87 39.14
CA ALA P 90 0.62 -9.01 38.06
C ALA P 90 0.33 -8.20 36.81
N PRO P 91 -0.89 -8.16 36.24
CA PRO P 91 -1.10 -7.32 35.05
C PRO P 91 -1.02 -5.83 35.33
N THR P 92 -1.16 -5.41 36.59
CA THR P 92 -1.13 -4.00 36.93
C THR P 92 0.27 -3.49 37.25
N ILE P 93 1.27 -4.36 37.29
CA ILE P 93 2.64 -3.96 37.57
C ILE P 93 3.58 -4.34 36.42
N GLY P 94 3.05 -4.64 35.24
CA GLY P 94 3.83 -4.77 34.03
C GLY P 94 4.15 -6.19 33.61
N ILE P 95 3.54 -7.19 34.24
CA ILE P 95 3.79 -8.59 33.92
C ILE P 95 2.62 -9.13 33.12
N ALA P 96 2.92 -9.87 32.05
CA ALA P 96 1.90 -10.50 31.23
C ALA P 96 1.57 -11.88 31.77
N VAL P 97 0.29 -12.23 31.74
CA VAL P 97 -0.21 -13.49 32.29
C VAL P 97 -0.90 -14.26 31.17
N ASP P 98 -0.59 -15.55 31.05
CA ASP P 98 -1.22 -16.45 30.10
C ASP P 98 -1.78 -17.65 30.85
N HIS P 99 -3.11 -17.78 30.85
CA HIS P 99 -3.77 -18.87 31.54
C HIS P 99 -3.82 -20.16 30.73
N ARG P 100 -3.47 -20.12 29.45
CA ARG P 100 -3.49 -21.31 28.61
C ARG P 100 -2.23 -22.15 28.74
N ARG P 101 -1.07 -21.52 28.91
CA ARG P 101 0.18 -22.25 28.95
C ARG P 101 0.31 -23.07 30.23
N LYS P 102 0.94 -24.23 30.12
CA LYS P 102 1.28 -25.08 31.25
C LYS P 102 2.77 -25.30 31.28
N ASN P 103 3.29 -25.62 32.46
CA ASN P 103 4.74 -25.73 32.62
C ASN P 103 5.25 -27.06 32.08
N LEU P 104 4.62 -28.16 32.51
CA LEU P 104 4.82 -29.53 32.01
C LEU P 104 6.16 -30.13 32.43
N SER P 105 7.04 -29.33 33.03
CA SER P 105 8.39 -29.74 33.39
C SER P 105 8.96 -28.77 34.41
N GLU P 106 9.94 -29.25 35.17
CA GLU P 106 10.55 -28.46 36.24
C GLU P 106 11.63 -27.53 35.73
N GLU P 107 11.90 -27.51 34.43
CA GLU P 107 12.97 -26.68 33.88
C GLU P 107 12.49 -25.38 33.27
N SER P 108 11.30 -25.33 32.67
CA SER P 108 10.73 -24.05 32.27
C SER P 108 10.20 -23.26 33.46
N LEU P 109 9.65 -23.97 34.45
CA LEU P 109 9.21 -23.35 35.71
C LEU P 109 10.35 -22.61 36.39
N ALA P 110 11.51 -23.26 36.53
CA ALA P 110 12.64 -22.64 37.21
C ALA P 110 13.16 -21.44 36.44
N ALA P 111 13.22 -21.55 35.11
CA ALA P 111 13.73 -20.47 34.28
C ALA P 111 12.84 -19.24 34.36
N ASN P 112 11.53 -19.41 34.23
CA ASN P 112 10.65 -18.25 34.26
C ASN P 112 10.46 -17.73 35.68
N VAL P 113 10.59 -18.58 36.69
CA VAL P 113 10.61 -18.10 38.07
C VAL P 113 11.84 -17.24 38.33
N GLN P 114 13.00 -17.67 37.83
CA GLN P 114 14.21 -16.85 37.93
C GLN P 114 14.03 -15.52 37.21
N ARG P 115 13.39 -15.54 36.04
CA ARG P 115 13.10 -14.31 35.32
C ARG P 115 12.20 -13.38 36.14
N LEU P 116 11.20 -13.95 36.82
CA LEU P 116 10.28 -13.13 37.59
C LEU P 116 10.94 -12.53 38.84
N LYS P 117 11.78 -13.30 39.54
CA LYS P 117 12.48 -12.71 40.69
C LYS P 117 13.56 -11.72 40.25
N ASP P 118 14.14 -11.91 39.06
CA ASP P 118 15.04 -10.90 38.52
C ASP P 118 14.29 -9.61 38.19
N TYR P 119 13.06 -9.73 37.68
CA TYR P 119 12.24 -8.55 37.45
C TYR P 119 11.86 -7.89 38.77
N LYS P 120 11.58 -8.69 39.80
CA LYS P 120 11.22 -8.15 41.11
C LYS P 120 12.40 -7.43 41.76
N ALA P 121 13.61 -7.92 41.53
CA ALA P 121 14.79 -7.30 42.11
C ALA P 121 15.06 -5.92 41.54
N ARG P 122 14.58 -5.63 40.33
CA ARG P 122 14.88 -4.33 39.66
C ARG P 122 13.61 -3.50 39.45
N LEU P 123 12.64 -3.57 40.36
CA LEU P 123 11.35 -2.85 40.17
C LEU P 123 11.17 -1.78 41.24
N ILE P 124 10.74 -0.58 40.86
CA ILE P 124 10.45 0.51 41.84
C ILE P 124 8.93 0.68 41.89
N LEU P 125 8.27 0.03 42.85
CA LEU P 125 6.83 0.12 42.98
C LEU P 125 6.44 1.31 43.85
N PHE P 126 5.53 2.12 43.33
CA PHE P 126 5.05 3.32 44.00
C PHE P 126 3.75 3.04 44.72
N PRO P 127 3.50 3.68 45.87
CA PRO P 127 2.23 3.49 46.56
C PRO P 127 1.06 4.08 45.77
N ARG P 128 -0.15 3.66 46.13
CA ARG P 128 -1.34 4.05 45.39
C ARG P 128 -1.60 5.56 45.50
N LYS P 129 -1.42 6.12 46.70
CA LYS P 129 -1.65 7.54 46.90
C LYS P 129 -0.74 8.11 47.98
N TRP Q 11 48.97 7.93 -123.67
CA TRP Q 11 49.77 8.57 -122.65
C TRP Q 11 51.05 7.77 -122.35
N ARG Q 12 51.10 7.18 -121.17
CA ARG Q 12 52.24 6.41 -120.71
C ARG Q 12 51.78 4.99 -120.37
N ARG Q 13 52.64 4.02 -120.69
CA ARG Q 13 52.38 2.62 -120.39
C ARG Q 13 53.58 2.04 -119.66
N VAL Q 14 53.32 1.14 -118.72
CA VAL Q 14 54.43 0.50 -118.01
C VAL Q 14 55.04 -0.54 -118.94
N GLU Q 15 56.36 -0.54 -119.00
CA GLU Q 15 57.13 -1.32 -119.96
C GLU Q 15 58.58 -1.37 -119.50
N VAL Q 16 59.32 -2.34 -120.03
CA VAL Q 16 60.67 -2.58 -119.56
C VAL Q 16 61.55 -1.43 -120.05
N GLY Q 17 62.12 -0.68 -119.11
CA GLY Q 17 62.87 0.52 -119.42
C GLY Q 17 62.18 1.81 -119.02
N ARG Q 18 60.89 1.73 -118.66
CA ARG Q 18 60.14 2.94 -118.23
C ARG Q 18 60.66 3.38 -116.85
N VAL Q 19 61.37 4.50 -116.78
CA VAL Q 19 61.81 5.03 -115.45
C VAL Q 19 60.59 5.69 -114.79
N LEU Q 20 60.46 5.54 -113.48
CA LEU Q 20 59.32 6.17 -112.75
C LEU Q 20 59.80 6.86 -111.47
N LYS Q 21 59.26 8.05 -111.18
CA LYS Q 21 59.60 8.73 -109.91
C LYS Q 21 58.75 8.11 -108.80
N LEU Q 22 59.38 7.69 -107.70
CA LEU Q 22 58.63 7.05 -106.58
C LEU Q 22 57.97 8.14 -105.75
N GLU Q 23 58.38 8.29 -104.49
CA GLU Q 23 57.86 9.37 -103.65
C GLU Q 23 58.95 10.27 -103.10
N ASN Q 24 60.16 9.73 -102.99
CA ASN Q 24 61.24 10.40 -102.26
C ASN Q 24 62.20 11.14 -103.16
N GLY Q 25 61.75 11.57 -104.34
CA GLY Q 25 62.63 12.24 -105.28
C GLY Q 25 63.70 11.30 -105.81
N SER Q 26 63.27 10.08 -106.13
CA SER Q 26 64.22 9.10 -106.69
C SER Q 26 63.67 8.46 -107.98
N LEU Q 27 64.56 7.99 -108.85
CA LEU Q 27 64.13 7.35 -110.13
C LEU Q 27 64.45 5.86 -110.08
N ALA Q 28 63.59 5.04 -110.68
CA ALA Q 28 63.83 3.57 -110.75
C ALA Q 28 63.33 3.03 -112.09
N ALA Q 29 64.20 2.33 -112.83
CA ALA Q 29 63.80 1.77 -114.11
C ALA Q 29 63.14 0.43 -113.88
N ILE Q 30 62.04 0.21 -114.62
CA ILE Q 30 61.31 -1.08 -114.54
C ILE Q 30 62.13 -2.17 -115.20
N VAL Q 31 62.52 -3.20 -114.44
CA VAL Q 31 63.31 -4.32 -115.00
C VAL Q 31 62.34 -5.36 -115.57
N GLU Q 32 61.33 -5.73 -114.79
CA GLU Q 32 60.30 -6.69 -115.27
C GLU Q 32 58.96 -6.37 -114.59
N ILE Q 33 57.84 -6.68 -115.26
CA ILE Q 33 56.49 -6.38 -114.70
C ILE Q 33 56.01 -7.63 -113.95
N ILE Q 34 55.81 -7.51 -112.63
CA ILE Q 34 55.36 -8.67 -111.81
C ILE Q 34 53.85 -8.87 -111.99
N ASP Q 35 53.05 -7.88 -111.57
CA ASP Q 35 51.58 -7.99 -111.67
C ASP Q 35 50.98 -6.67 -112.16
N HIS Q 36 49.65 -6.55 -112.12
CA HIS Q 36 48.99 -5.32 -112.53
C HIS Q 36 49.25 -4.16 -111.57
N LYS Q 37 49.82 -4.43 -110.39
CA LYS Q 37 49.98 -3.43 -109.36
C LYS Q 37 51.42 -3.29 -108.85
N ARG Q 38 52.30 -4.25 -109.15
CA ARG Q 38 53.66 -4.21 -108.65
C ARG Q 38 54.62 -4.43 -109.81
N VAL Q 39 55.79 -3.79 -109.75
CA VAL Q 39 56.83 -4.00 -110.75
C VAL Q 39 58.16 -4.22 -110.03
N LEU Q 40 59.06 -4.96 -110.66
CA LEU Q 40 60.44 -5.01 -110.21
C LEU Q 40 61.17 -3.83 -110.82
N ALA Q 41 61.92 -3.11 -109.98
CA ALA Q 41 62.60 -1.90 -110.46
C ALA Q 41 64.00 -1.79 -109.85
N ASP Q 42 64.93 -1.15 -110.55
CA ASP Q 42 66.30 -1.00 -110.07
C ASP Q 42 66.69 0.44 -110.39
N GLY Q 43 67.47 1.08 -109.52
CA GLY Q 43 67.71 2.49 -109.62
C GLY Q 43 69.16 2.96 -109.71
N PRO Q 44 70.00 2.32 -110.56
CA PRO Q 44 71.45 2.59 -110.50
C PRO Q 44 71.82 4.00 -110.94
N SER Q 45 72.25 4.83 -110.00
CA SER Q 45 72.64 6.20 -110.33
C SER Q 45 73.89 6.60 -109.56
N SER Q 46 74.32 7.86 -109.73
CA SER Q 46 75.49 8.36 -109.02
C SER Q 46 75.04 9.41 -108.01
N ASP Q 47 73.93 10.07 -108.28
CA ASP Q 47 73.35 11.01 -107.32
C ASP Q 47 72.72 10.22 -106.18
N PRO Q 48 73.13 10.47 -104.92
CA PRO Q 48 72.50 9.74 -103.80
C PRO Q 48 71.01 10.00 -103.65
N LYS Q 49 70.54 11.19 -104.03
CA LYS Q 49 69.12 11.47 -103.94
C LYS Q 49 68.30 10.75 -105.00
N LEU Q 50 68.88 10.49 -106.17
CA LEU Q 50 68.17 9.84 -107.26
C LEU Q 50 68.39 8.34 -107.31
N ALA Q 51 69.17 7.79 -106.38
CA ALA Q 51 69.42 6.36 -106.34
C ALA Q 51 68.24 5.61 -105.75
N THR Q 52 68.14 4.33 -106.10
CA THR Q 52 67.06 3.48 -105.63
C THR Q 52 67.56 2.04 -105.56
N PRO Q 53 67.38 1.35 -104.44
CA PRO Q 53 67.74 -0.06 -104.38
C PRO Q 53 66.80 -0.90 -105.25
N ARG Q 54 67.35 -1.98 -105.78
CA ARG Q 54 66.57 -2.90 -106.62
C ARG Q 54 65.57 -3.65 -105.77
N GLY Q 55 64.30 -3.67 -106.19
CA GLY Q 55 63.26 -4.33 -105.39
C GLY Q 55 61.86 -4.12 -105.92
N ILE Q 56 60.87 -4.72 -105.25
CA ILE Q 56 59.45 -4.61 -105.69
C ILE Q 56 58.97 -3.18 -105.43
N VAL Q 57 58.41 -2.52 -106.45
CA VAL Q 57 57.87 -1.15 -106.28
C VAL Q 57 56.39 -1.17 -106.63
N PRO Q 58 55.45 -0.90 -105.68
CA PRO Q 58 54.03 -0.83 -106.00
C PRO Q 58 53.75 0.31 -106.96
N LEU Q 59 52.80 0.09 -107.87
CA LEU Q 59 52.52 1.13 -108.89
C LEU Q 59 51.79 2.32 -108.23
N SER Q 60 51.04 2.08 -107.16
CA SER Q 60 50.29 3.19 -106.56
C SER Q 60 51.23 4.27 -106.06
N ARG Q 61 52.41 3.89 -105.58
CA ARG Q 61 53.38 4.82 -105.02
C ARG Q 61 54.46 5.21 -106.03
N ALA Q 62 54.08 5.33 -107.30
CA ALA Q 62 55.07 5.67 -108.36
C ALA Q 62 54.41 6.46 -109.49
N LEU Q 63 55.14 7.43 -110.07
CA LEU Q 63 54.61 8.25 -111.19
C LEU Q 63 55.48 8.02 -112.43
N LEU Q 64 54.89 7.60 -113.55
CA LEU Q 64 55.68 7.28 -114.77
C LEU Q 64 56.36 8.55 -115.32
N THR Q 65 57.63 8.45 -115.71
CA THR Q 65 58.38 9.62 -116.26
C THR Q 65 58.55 9.41 -117.77
N PRO Q 66 58.39 10.45 -118.64
CA PRO Q 66 58.43 10.24 -120.10
C PRO Q 66 59.79 9.84 -120.65
N ILE Q 67 60.76 9.45 -119.81
CA ILE Q 67 62.05 8.95 -120.27
C ILE Q 67 61.97 7.44 -120.40
N VAL Q 68 62.46 6.91 -121.51
CA VAL Q 68 62.47 5.47 -121.78
C VAL Q 68 63.89 5.03 -122.09
N ILE Q 69 64.34 3.97 -121.44
CA ILE Q 69 65.54 3.26 -121.90
C ILE Q 69 65.19 2.48 -123.16
N PRO Q 70 65.92 2.66 -124.28
CA PRO Q 70 65.45 2.15 -125.58
C PRO Q 70 65.43 0.63 -125.67
N LYS Q 71 66.57 0.00 -125.40
CA LYS Q 71 66.69 -1.45 -125.46
C LYS Q 71 67.28 -1.94 -124.14
N LEU Q 72 66.42 -2.16 -123.16
CA LEU Q 72 66.79 -2.84 -121.94
C LEU Q 72 66.34 -4.30 -122.03
N PRO Q 73 67.26 -5.26 -122.01
CA PRO Q 73 66.85 -6.65 -121.88
C PRO Q 73 66.10 -6.87 -120.57
N ARG Q 74 65.07 -7.68 -120.63
CA ARG Q 74 64.27 -7.94 -119.45
C ARG Q 74 64.99 -8.88 -118.50
N GLY Q 75 64.95 -8.55 -117.21
CA GLY Q 75 65.72 -9.30 -116.24
C GLY Q 75 67.13 -8.81 -116.05
N ALA Q 76 67.44 -7.62 -116.58
CA ALA Q 76 68.80 -7.10 -116.52
C ALA Q 76 69.18 -6.79 -115.08
N ARG Q 77 70.36 -7.24 -114.69
CA ARG Q 77 70.87 -7.01 -113.35
C ARG Q 77 71.54 -5.64 -113.30
N THR Q 78 72.07 -5.29 -112.11
CA THR Q 78 72.37 -3.90 -111.78
C THR Q 78 73.44 -3.30 -112.71
N GLY Q 79 74.40 -4.11 -113.15
CA GLY Q 79 75.44 -3.60 -114.04
C GLY Q 79 74.91 -3.16 -115.40
N ALA Q 80 74.04 -3.97 -116.00
CA ALA Q 80 73.48 -3.63 -117.30
C ALA Q 80 72.57 -2.41 -117.22
N VAL Q 81 71.76 -2.32 -116.17
CA VAL Q 81 70.89 -1.17 -116.00
C VAL Q 81 71.71 0.10 -115.74
N LYS Q 82 72.81 -0.03 -115.01
CA LYS Q 82 73.70 1.11 -114.80
C LYS Q 82 74.36 1.54 -116.10
N LYS Q 83 74.76 0.57 -116.94
CA LYS Q 83 75.35 0.89 -118.23
C LYS Q 83 74.36 1.62 -119.13
N ALA Q 84 73.11 1.15 -119.18
CA ALA Q 84 72.09 1.83 -119.98
C ALA Q 84 71.77 3.20 -119.41
N TRP Q 85 71.76 3.31 -118.07
CA TRP Q 85 71.49 4.56 -117.39
C TRP Q 85 72.53 5.62 -117.73
N GLU Q 86 73.80 5.23 -117.73
CA GLU Q 86 74.86 6.17 -118.10
C GLU Q 86 74.91 6.39 -119.61
N ALA Q 87 74.46 5.41 -120.40
CA ALA Q 87 74.49 5.54 -121.85
C ALA Q 87 73.49 6.58 -122.34
N TYR Q 88 72.26 6.51 -121.83
CA TYR Q 88 71.27 7.47 -122.27
C TYR Q 88 71.45 8.83 -121.60
N GLY Q 89 71.88 8.87 -120.34
CA GLY Q 89 71.97 10.12 -119.63
C GLY Q 89 70.66 10.44 -118.93
N VAL Q 90 70.17 9.48 -118.14
CA VAL Q 90 68.86 9.63 -117.50
C VAL Q 90 68.90 10.73 -116.43
N ASP Q 91 70.04 10.91 -115.76
CA ASP Q 91 70.17 11.95 -114.74
C ASP Q 91 70.00 13.35 -115.34
N ALA Q 92 70.60 13.60 -116.50
CA ALA Q 92 70.47 14.91 -117.14
C ALA Q 92 69.04 15.18 -117.60
N LYS Q 93 68.38 14.17 -118.16
CA LYS Q 93 67.01 14.38 -118.60
C LYS Q 93 66.04 14.48 -117.44
N TRP Q 94 66.34 13.84 -116.31
CA TRP Q 94 65.56 14.11 -115.12
C TRP Q 94 65.83 15.52 -114.61
N LYS Q 95 67.06 16.00 -114.75
CA LYS Q 95 67.40 17.37 -114.38
C LYS Q 95 66.66 18.40 -115.23
N GLU Q 96 66.44 18.14 -116.52
CA GLU Q 96 65.82 19.16 -117.36
C GLU Q 96 64.29 19.16 -117.31
N THR Q 97 63.64 18.06 -116.94
CA THR Q 97 62.18 18.03 -116.98
C THR Q 97 61.60 18.84 -115.83
N ASN Q 98 60.29 19.14 -115.96
CA ASN Q 98 59.60 20.07 -115.08
C ASN Q 98 59.51 19.60 -113.63
N TRP Q 99 59.42 18.30 -113.39
CA TRP Q 99 59.25 17.79 -112.04
C TRP Q 99 60.46 18.12 -111.16
N ALA Q 100 61.67 17.98 -111.71
CA ALA Q 100 62.85 18.30 -110.90
C ALA Q 100 63.07 19.80 -110.78
N LYS Q 101 62.66 20.60 -111.78
CA LYS Q 101 62.72 22.05 -111.59
C LYS Q 101 61.78 22.50 -110.48
N LYS Q 102 60.57 21.92 -110.44
CA LYS Q 102 59.65 22.20 -109.34
C LYS Q 102 60.22 21.69 -108.01
N GLN Q 103 60.86 20.52 -108.03
CA GLN Q 103 61.47 19.97 -106.82
C GLN Q 103 62.59 20.86 -106.29
N LEU Q 104 63.47 21.34 -107.19
CA LEU Q 104 64.55 22.24 -106.78
C LEU Q 104 64.00 23.56 -106.29
N GLN Q 105 62.93 24.05 -106.92
CA GLN Q 105 62.26 25.24 -106.44
C GLN Q 105 61.71 25.05 -105.03
N GLN Q 106 61.13 23.88 -104.76
CA GLN Q 106 60.61 23.61 -103.42
C GLN Q 106 61.73 23.45 -102.39
N GLU Q 107 62.83 22.77 -102.77
CA GLU Q 107 63.94 22.58 -101.84
C GLU Q 107 64.62 23.90 -101.52
N ARG Q 108 64.75 24.78 -102.51
CA ARG Q 108 65.22 26.12 -102.21
C ARG Q 108 64.21 26.92 -101.41
N ARG Q 109 62.91 26.72 -101.65
CA ARG Q 109 61.87 27.47 -100.95
C ARG Q 109 61.86 27.15 -99.46
N GLN Q 110 62.04 25.89 -99.10
CA GLN Q 110 62.00 25.54 -97.69
C GLN Q 110 63.27 25.90 -96.94
N SER Q 111 64.30 26.39 -97.63
CA SER Q 111 65.60 26.65 -97.03
C SER Q 111 65.82 28.13 -96.72
N LEU Q 112 64.85 29.00 -96.99
CA LEU Q 112 64.98 30.39 -96.60
C LEU Q 112 64.94 30.55 -95.08
N THR Q 113 65.80 31.40 -94.56
CA THR Q 113 65.75 31.80 -93.16
C THR Q 113 64.87 33.04 -93.05
N ASP Q 114 64.88 33.69 -91.89
CA ASP Q 114 64.09 34.91 -91.73
C ASP Q 114 64.71 36.07 -92.50
N PHE Q 115 66.04 36.20 -92.43
CA PHE Q 115 66.74 37.25 -93.18
C PHE Q 115 66.63 37.01 -94.68
N ASP Q 116 66.70 35.74 -95.10
CA ASP Q 116 66.52 35.41 -96.51
C ASP Q 116 65.10 35.74 -96.98
N ARG Q 117 64.11 35.50 -96.12
CA ARG Q 117 62.74 35.88 -96.45
C ARG Q 117 62.58 37.39 -96.56
N PHE Q 118 63.23 38.13 -95.66
CA PHE Q 118 63.17 39.60 -95.74
C PHE Q 118 63.82 40.11 -97.02
N LYS Q 119 64.98 39.54 -97.39
CA LYS Q 119 65.64 39.93 -98.62
C LYS Q 119 64.80 39.55 -99.84
N VAL Q 120 64.13 38.40 -99.78
CA VAL Q 120 63.23 37.99 -100.85
C VAL Q 120 62.10 39.01 -101.02
N MET Q 121 61.51 39.44 -99.91
CA MET Q 121 60.38 40.38 -100.00
C MET Q 121 60.86 41.75 -100.49
N ARG Q 122 62.05 42.18 -100.06
CA ARG Q 122 62.58 43.47 -100.50
C ARG Q 122 62.91 43.46 -102.00
N LEU Q 123 63.60 42.41 -102.46
CA LEU Q 123 63.94 42.29 -103.87
C LEU Q 123 62.69 42.12 -104.72
N LYS Q 124 61.68 41.42 -104.18
CA LYS Q 124 60.38 41.34 -104.85
C LYS Q 124 59.72 42.71 -104.92
N LYS Q 125 59.93 43.56 -103.91
CA LYS Q 125 59.37 44.91 -103.96
C LYS Q 125 60.03 45.75 -105.06
N GLN Q 126 61.35 45.65 -105.19
CA GLN Q 126 62.04 46.35 -106.28
C GLN Q 126 61.58 45.86 -107.64
N ARG Q 127 61.54 44.53 -107.83
CA ARG Q 127 61.06 43.97 -109.09
C ARG Q 127 59.61 44.36 -109.33
N ARG Q 128 58.81 44.41 -108.27
CA ARG Q 128 57.40 44.76 -108.37
C ARG Q 128 57.20 46.19 -108.81
N PHE Q 129 57.97 47.14 -108.24
CA PHE Q 129 57.92 48.52 -108.71
C PHE Q 129 58.31 48.60 -110.18
N GLU Q 130 59.29 47.80 -110.60
CA GLU Q 130 59.70 47.85 -112.00
C GLU Q 130 58.62 47.25 -112.91
N GLU Q 131 57.92 46.19 -112.47
CA GLU Q 131 56.81 45.68 -113.29
C GLU Q 131 55.63 46.64 -113.29
N ARG Q 132 55.41 47.37 -112.19
CA ARG Q 132 54.37 48.41 -112.21
C ARG Q 132 54.70 49.50 -113.21
N LYS Q 133 55.97 49.89 -113.30
CA LYS Q 133 56.38 50.83 -114.35
C LYS Q 133 56.15 50.25 -115.75
N ALA Q 134 56.51 48.97 -115.94
CA ALA Q 134 56.33 48.34 -117.25
C ALA Q 134 54.86 48.22 -117.62
N LEU Q 135 53.99 47.98 -116.63
CA LEU Q 135 52.57 47.89 -116.90
C LEU Q 135 51.93 49.26 -117.10
N ALA Q 136 52.46 50.28 -116.41
CA ALA Q 136 51.98 51.65 -116.61
C ALA Q 136 52.42 52.19 -117.97
N LYS Q 137 53.48 51.61 -118.55
CA LYS Q 137 53.79 51.87 -119.95
C LYS Q 137 52.69 51.37 -120.86
N ILE Q 138 51.97 50.33 -120.44
CA ILE Q 138 50.98 49.69 -121.29
C ILE Q 138 49.56 50.15 -120.93
N GLY R 2 -33.57 -23.66 37.80
CA GLY R 2 -34.79 -24.35 38.16
C GLY R 2 -35.46 -25.06 37.01
N ALA R 3 -36.48 -24.41 36.44
CA ALA R 3 -37.30 -25.07 35.40
C ALA R 3 -36.62 -25.06 34.03
N LEU R 4 -35.71 -24.11 33.78
CA LEU R 4 -35.10 -23.98 32.43
C LEU R 4 -34.24 -25.20 32.12
N LYS R 5 -33.65 -25.85 33.11
CA LYS R 5 -32.88 -27.11 32.86
C LYS R 5 -33.83 -28.17 32.29
N TYR R 6 -35.01 -28.32 32.89
CA TYR R 6 -36.02 -29.30 32.42
C TYR R 6 -36.47 -28.95 30.99
N LEU R 7 -36.71 -27.66 30.73
CA LEU R 7 -37.16 -27.22 29.38
C LEU R 7 -36.07 -27.49 28.34
N GLU R 8 -34.79 -27.33 28.72
CA GLU R 8 -33.67 -27.62 27.80
C GLU R 8 -33.66 -29.11 27.47
N GLU R 9 -33.84 -29.97 28.48
CA GLU R 9 -33.89 -31.44 28.26
C GLU R 9 -35.11 -31.82 27.41
N LEU R 10 -36.26 -31.16 27.63
CA LEU R 10 -37.48 -31.42 26.83
C LEU R 10 -37.23 -30.98 25.38
N SER R 11 -36.63 -29.80 25.19
CA SER R 11 -36.35 -29.28 23.84
C SER R 11 -35.41 -30.24 23.10
N LYS R 12 -34.67 -31.07 23.85
CA LYS R 12 -33.79 -32.02 23.21
C LYS R 12 -34.50 -33.29 22.75
N LYS R 13 -35.80 -33.42 22.98
CA LYS R 13 -36.60 -34.54 22.49
C LYS R 13 -37.77 -33.98 21.68
N LYS R 14 -37.55 -33.72 20.40
CA LYS R 14 -38.55 -32.99 19.63
C LYS R 14 -39.55 -33.89 18.92
N GLN R 15 -39.36 -35.21 18.94
CA GLN R 15 -40.34 -36.14 18.38
C GLN R 15 -41.08 -36.92 19.44
N SER R 16 -40.83 -36.62 20.72
CA SER R 16 -41.61 -37.22 21.80
C SER R 16 -43.03 -36.67 21.77
N ASP R 17 -43.94 -37.38 22.47
CA ASP R 17 -45.38 -37.15 22.31
C ASP R 17 -45.79 -35.74 22.71
N VAL R 18 -45.29 -35.29 23.86
CA VAL R 18 -45.65 -33.93 24.37
C VAL R 18 -45.16 -32.87 23.38
N VAL R 19 -43.88 -32.89 23.02
CA VAL R 19 -43.30 -31.89 22.15
C VAL R 19 -43.86 -31.96 20.73
N ARG R 20 -44.09 -33.17 20.21
CA ARG R 20 -44.70 -33.30 18.88
C ARG R 20 -46.12 -32.74 18.86
N PHE R 21 -46.93 -33.06 19.88
CA PHE R 21 -48.28 -32.53 19.97
C PHE R 21 -48.28 -30.99 20.02
N LEU R 22 -47.43 -30.44 20.89
CA LEU R 22 -47.38 -28.99 21.04
C LEU R 22 -46.87 -28.30 19.78
N LEU R 23 -45.89 -28.91 19.12
CA LEU R 23 -45.33 -28.31 17.86
C LEU R 23 -46.41 -28.28 16.78
N ARG R 24 -47.20 -29.34 16.65
CA ARG R 24 -48.24 -29.41 15.58
C ARG R 24 -49.34 -28.36 15.83
N VAL R 25 -49.82 -28.25 17.07
CA VAL R 25 -50.91 -27.28 17.40
C VAL R 25 -50.40 -25.86 17.12
N ARG R 26 -49.18 -25.55 17.53
CA ARG R 26 -48.60 -24.20 17.33
C ARG R 26 -48.41 -23.94 15.83
N CYS R 27 -47.90 -24.92 15.09
CA CYS R 27 -47.68 -24.77 13.63
C CYS R 27 -49.00 -24.40 12.95
N TRP R 28 -50.09 -25.07 13.34
CA TRP R 28 -51.43 -24.77 12.77
C TRP R 28 -51.77 -23.29 13.02
N GLU R 29 -51.58 -22.81 14.26
CA GLU R 29 -51.91 -21.41 14.60
C GLU R 29 -51.01 -20.44 13.83
N TYR R 30 -49.71 -20.70 13.80
CA TYR R 30 -48.75 -19.78 13.13
C TYR R 30 -49.04 -19.72 11.63
N ARG R 31 -49.42 -20.86 11.03
CA ARG R 31 -49.71 -20.91 9.57
C ARG R 31 -50.87 -19.96 9.26
N GLN R 32 -51.83 -19.84 10.18
CA GLN R 32 -52.98 -18.98 9.93
C GLN R 32 -52.77 -17.54 10.39
N LEU R 33 -51.58 -17.19 10.86
CA LEU R 33 -51.25 -15.83 11.24
C LEU R 33 -50.51 -15.15 10.10
N ASN R 34 -50.00 -13.94 10.34
CA ASN R 34 -49.24 -13.23 9.33
C ASN R 34 -47.86 -13.87 9.17
N VAL R 35 -47.19 -13.55 8.05
CA VAL R 35 -45.84 -14.12 7.78
C VAL R 35 -44.90 -13.65 8.88
N ILE R 36 -44.81 -12.33 9.08
CA ILE R 36 -43.96 -11.76 10.16
C ILE R 36 -44.89 -11.14 11.20
N HIS R 37 -45.01 -11.75 12.38
CA HIS R 37 -45.96 -11.26 13.42
C HIS R 37 -45.27 -11.13 14.77
N ARG R 38 -45.66 -10.12 15.57
CA ARG R 38 -45.07 -9.90 16.90
C ARG R 38 -45.48 -11.03 17.85
N ALA R 39 -44.52 -11.62 18.56
CA ALA R 39 -44.84 -12.65 19.57
C ALA R 39 -44.77 -11.99 20.96
N SER R 40 -45.83 -12.12 21.75
CA SER R 40 -45.88 -11.47 23.09
C SER R 40 -44.73 -11.98 23.96
N ARG R 41 -44.52 -13.30 23.97
CA ARG R 41 -43.45 -13.91 24.79
C ARG R 41 -42.80 -15.03 23.98
N PRO R 42 -41.54 -15.43 24.27
CA PRO R 42 -40.92 -16.56 23.58
C PRO R 42 -41.65 -17.88 23.83
N SER R 43 -41.87 -18.68 22.78
CA SER R 43 -42.50 -20.02 22.95
C SER R 43 -41.45 -20.96 23.52
N ARG R 44 -40.17 -20.64 23.32
CA ARG R 44 -39.07 -21.45 23.90
C ARG R 44 -38.26 -20.53 24.81
N PRO R 45 -38.67 -20.30 26.08
CA PRO R 45 -37.98 -19.34 26.97
C PRO R 45 -36.54 -19.74 27.32
N ASP R 46 -36.27 -21.05 27.44
CA ASP R 46 -34.89 -21.53 27.73
C ASP R 46 -33.98 -21.14 26.57
N LYS R 47 -34.43 -21.35 25.33
CA LYS R 47 -33.63 -21.04 24.15
C LYS R 47 -33.43 -19.55 23.97
N ALA R 48 -34.49 -18.76 24.17
CA ALA R 48 -34.36 -17.31 24.08
C ALA R 48 -33.47 -16.76 25.19
N ARG R 49 -33.60 -17.31 26.39
CA ARG R 49 -32.80 -16.84 27.52
C ARG R 49 -31.32 -17.14 27.34
N ARG R 50 -30.99 -18.31 26.78
CA ARG R 50 -29.58 -18.61 26.54
C ARG R 50 -29.01 -17.85 25.36
N LEU R 51 -29.85 -17.22 24.54
CA LEU R 51 -29.39 -16.40 23.42
C LEU R 51 -29.35 -14.91 23.75
N GLY R 52 -29.74 -14.54 24.97
CA GLY R 52 -29.61 -13.14 25.40
C GLY R 52 -30.92 -12.38 25.51
N TYR R 53 -32.06 -13.06 25.41
CA TYR R 53 -33.38 -12.38 25.60
C TYR R 53 -33.61 -12.10 27.09
N LYS R 54 -34.05 -10.88 27.40
CA LYS R 54 -34.37 -10.52 28.81
C LYS R 54 -35.80 -9.99 28.85
N ALA R 55 -36.56 -10.33 29.90
CA ALA R 55 -37.91 -9.79 30.07
C ALA R 55 -37.80 -8.35 30.58
N LYS R 56 -37.44 -7.47 29.66
CA LYS R 56 -37.17 -6.07 29.95
C LYS R 56 -37.70 -5.25 28.79
N GLN R 57 -38.15 -4.03 29.08
CA GLN R 57 -38.64 -3.14 28.03
C GLN R 57 -37.51 -2.79 27.07
N GLY R 58 -37.74 -3.06 25.78
CA GLY R 58 -36.70 -2.91 24.78
C GLY R 58 -36.36 -4.22 24.10
N TYR R 59 -36.91 -5.34 24.59
CA TYR R 59 -36.70 -6.64 23.99
C TYR R 59 -38.01 -7.11 23.35
N VAL R 60 -37.92 -7.64 22.13
CA VAL R 60 -39.08 -7.96 21.30
C VAL R 60 -38.84 -9.31 20.64
N ILE R 61 -39.86 -10.18 20.59
CA ILE R 61 -39.75 -11.42 19.83
C ILE R 61 -40.55 -11.22 18.55
N TYR R 62 -40.08 -11.76 17.44
CA TYR R 62 -40.86 -11.67 16.17
C TYR R 62 -40.80 -13.03 15.47
N ARG R 63 -41.95 -13.70 15.37
CA ARG R 63 -42.00 -15.00 14.67
C ARG R 63 -42.11 -14.77 13.16
N VAL R 64 -41.43 -15.59 12.37
CA VAL R 64 -41.41 -15.41 10.89
C VAL R 64 -41.40 -16.78 10.20
N ARG R 65 -42.21 -16.95 9.15
CA ARG R 65 -42.21 -18.23 8.39
C ARG R 65 -41.38 -18.02 7.12
N VAL R 66 -40.57 -19.02 6.76
CA VAL R 66 -39.71 -18.92 5.54
C VAL R 66 -39.95 -20.15 4.66
N ARG R 67 -40.32 -19.94 3.39
CA ARG R 67 -40.52 -21.06 2.47
C ARG R 67 -39.24 -21.89 2.37
N ARG R 68 -39.37 -23.20 2.58
CA ARG R 68 -38.24 -24.09 2.63
C ARG R 68 -38.03 -24.76 1.27
N GLY R 69 -36.79 -25.15 1.00
CA GLY R 69 -36.42 -25.83 -0.22
C GLY R 69 -35.32 -25.09 -0.93
N GLY R 70 -34.97 -25.59 -2.13
CA GLY R 70 -33.91 -24.99 -2.91
C GLY R 70 -34.34 -23.71 -3.61
N ARG R 71 -33.35 -23.03 -4.16
CA ARG R 71 -33.58 -21.77 -4.87
C ARG R 71 -33.93 -22.03 -6.34
N GLN R 91 -30.86 -27.00 -10.10
CA GLN R 91 -30.42 -27.56 -8.82
C GLN R 91 -29.51 -26.58 -8.08
N LEU R 92 -29.64 -25.29 -8.40
CA LEU R 92 -28.83 -24.26 -7.77
C LEU R 92 -29.33 -24.04 -6.34
N LYS R 93 -28.52 -24.40 -5.37
CA LYS R 93 -28.88 -24.23 -3.97
C LYS R 93 -28.56 -22.81 -3.51
N TYR R 94 -29.48 -22.23 -2.74
CA TYR R 94 -29.24 -20.91 -2.15
C TYR R 94 -28.18 -21.03 -1.06
N GLN R 95 -27.04 -20.36 -1.28
CA GLN R 95 -25.93 -20.43 -0.29
C GLN R 95 -26.33 -19.63 0.95
N ARG R 96 -27.45 -18.92 0.90
CA ARG R 96 -27.96 -18.20 2.12
C ARG R 96 -28.83 -19.16 2.92
N SER R 97 -28.66 -19.17 4.24
CA SER R 97 -29.47 -20.06 5.11
C SER R 97 -30.89 -19.52 5.26
N LEU R 98 -31.86 -20.41 5.48
CA LEU R 98 -33.27 -19.98 5.69
C LEU R 98 -33.36 -19.12 6.96
N ARG R 99 -32.54 -19.41 7.97
CA ARG R 99 -32.53 -18.62 9.24
C ARG R 99 -32.04 -17.20 8.95
N ALA R 100 -31.07 -17.05 8.04
CA ALA R 100 -30.58 -15.70 7.67
C ALA R 100 -31.68 -14.92 6.94
N THR R 101 -32.44 -15.59 6.07
CA THR R 101 -33.55 -14.93 5.34
C THR R 101 -34.58 -14.42 6.36
N ALA R 102 -34.87 -15.22 7.38
CA ALA R 102 -35.84 -14.84 8.43
C ALA R 102 -35.41 -13.54 9.11
N GLU R 103 -34.17 -13.47 9.59
CA GLU R 103 -33.67 -12.27 10.32
C GLU R 103 -33.71 -11.04 9.41
N GLU R 104 -33.39 -11.21 8.13
CA GLU R 104 -33.37 -10.06 7.17
C GLU R 104 -34.79 -9.52 6.99
N ARG R 105 -35.77 -10.39 6.79
CA ARG R 105 -37.18 -9.96 6.58
C ARG R 105 -37.68 -9.23 7.83
N VAL R 106 -37.40 -9.79 9.02
CA VAL R 106 -37.84 -9.16 10.30
C VAL R 106 -37.11 -7.83 10.48
N GLY R 107 -35.81 -7.78 10.15
CA GLY R 107 -35.02 -6.54 10.31
C GLY R 107 -35.52 -5.41 9.45
N ARG R 108 -36.15 -5.72 8.31
CA ARG R 108 -36.73 -4.66 7.44
C ARG R 108 -38.06 -4.19 8.02
N ARG R 109 -38.89 -5.11 8.51
CA ARG R 109 -40.18 -4.73 9.16
C ARG R 109 -39.87 -3.83 10.37
N CYS R 110 -38.93 -4.25 11.20
CA CYS R 110 -38.55 -3.46 12.41
C CYS R 110 -37.22 -2.76 12.13
N SER R 111 -37.23 -1.75 11.25
CA SER R 111 -36.01 -1.07 10.87
C SER R 111 -35.42 -0.22 11.98
N ASN R 112 -36.17 -0.01 13.07
CA ASN R 112 -35.64 0.75 14.19
C ASN R 112 -35.00 -0.14 15.25
N LEU R 113 -35.06 -1.46 15.08
CA LEU R 113 -34.49 -2.37 16.06
C LEU R 113 -33.20 -2.99 15.53
N ARG R 114 -32.43 -3.54 16.46
CA ARG R 114 -31.22 -4.29 16.12
C ARG R 114 -31.47 -5.77 16.35
N VAL R 115 -31.17 -6.58 15.33
CA VAL R 115 -31.34 -8.03 15.46
C VAL R 115 -30.29 -8.57 16.41
N LEU R 116 -30.73 -9.09 17.56
CA LEU R 116 -29.81 -9.73 18.48
C LEU R 116 -29.53 -11.16 18.08
N ASN R 117 -30.58 -11.99 17.98
CA ASN R 117 -30.37 -13.39 17.60
C ASN R 117 -31.67 -13.97 17.08
N SER R 118 -31.65 -15.25 16.76
CA SER R 118 -32.86 -15.96 16.36
C SER R 118 -32.66 -17.45 16.55
N TYR R 119 -33.78 -18.19 16.59
CA TYR R 119 -33.71 -19.65 16.84
C TYR R 119 -34.90 -20.36 16.19
N TRP R 120 -34.71 -21.64 15.82
CA TRP R 120 -35.79 -22.46 15.24
C TRP R 120 -36.89 -22.68 16.28
N VAL R 121 -38.16 -22.54 15.90
CA VAL R 121 -39.28 -22.83 16.85
C VAL R 121 -40.18 -23.92 16.26
N ASN R 122 -40.26 -24.02 14.95
CA ASN R 122 -41.16 -25.02 14.31
C ASN R 122 -40.80 -25.23 12.84
N GLN R 123 -41.27 -26.32 12.24
CA GLN R 123 -41.07 -26.58 10.79
C GLN R 123 -42.31 -27.28 10.24
N ASP R 124 -42.68 -26.96 9.00
CA ASP R 124 -43.84 -27.62 8.35
C ASP R 124 -43.34 -28.24 7.05
N SER R 125 -44.25 -28.79 6.25
CA SER R 125 -43.89 -29.35 4.95
C SER R 125 -43.41 -28.28 3.98
N THR R 126 -43.94 -27.06 4.05
CA THR R 126 -43.55 -25.99 3.14
C THR R 126 -42.90 -24.78 3.80
N TYR R 127 -42.92 -24.67 5.14
CA TYR R 127 -42.28 -23.55 5.81
C TYR R 127 -41.42 -24.03 6.97
N LYS R 128 -40.47 -23.17 7.36
CA LYS R 128 -39.65 -23.41 8.58
C LYS R 128 -39.85 -22.15 9.42
N TYR R 129 -40.32 -22.29 10.67
CA TYR R 129 -40.65 -21.10 11.49
C TYR R 129 -39.50 -20.76 12.44
N TYR R 130 -39.15 -19.48 12.54
CA TYR R 130 -38.04 -19.04 13.43
C TYR R 130 -38.50 -17.84 14.29
N GLU R 131 -37.95 -17.71 15.50
CA GLU R 131 -38.27 -16.53 16.35
C GLU R 131 -37.01 -15.67 16.46
N VAL R 132 -37.11 -14.37 16.18
CA VAL R 132 -35.95 -13.44 16.18
C VAL R 132 -36.02 -12.49 17.38
N ILE R 133 -35.07 -12.58 18.30
CA ILE R 133 -34.93 -11.67 19.43
C ILE R 133 -34.30 -10.39 18.91
N LEU R 134 -35.06 -9.30 19.08
CA LEU R 134 -34.58 -7.96 18.65
C LEU R 134 -34.42 -7.08 19.90
N VAL R 135 -33.67 -6.00 19.78
CA VAL R 135 -33.37 -5.07 20.87
C VAL R 135 -33.58 -3.65 20.34
N ASP R 136 -34.28 -2.83 21.12
CA ASP R 136 -34.45 -1.41 20.80
C ASP R 136 -33.23 -0.62 21.30
N PRO R 137 -32.44 -0.02 20.41
CA PRO R 137 -31.26 0.73 20.85
C PRO R 137 -31.55 2.15 21.32
N ASN R 138 -32.80 2.61 21.22
CA ASN R 138 -33.17 3.94 21.64
C ASN R 138 -33.91 3.96 22.97
N HIS R 139 -34.30 2.80 23.49
CA HIS R 139 -34.90 2.73 24.81
C HIS R 139 -33.86 3.02 25.88
N LYS R 140 -34.27 3.75 26.91
CA LYS R 140 -33.32 4.13 27.97
C LYS R 140 -32.95 2.94 28.84
N ALA R 141 -33.79 1.90 28.88
CA ALA R 141 -33.46 0.71 29.67
C ALA R 141 -32.35 -0.09 29.00
N ILE R 142 -32.16 0.09 27.70
CA ILE R 142 -31.10 -0.61 26.98
C ILE R 142 -29.83 0.23 26.96
N ARG R 143 -29.98 1.55 26.78
CA ARG R 143 -28.83 2.44 26.70
C ARG R 143 -28.10 2.59 28.02
N ARG R 144 -28.74 2.30 29.14
CA ARG R 144 -28.12 2.41 30.45
C ARG R 144 -27.50 1.11 30.93
N ASP R 145 -27.71 0.00 30.22
CA ASP R 145 -27.24 -1.29 30.69
C ASP R 145 -25.92 -1.61 30.00
N PRO R 146 -24.80 -1.72 30.72
CA PRO R 146 -23.51 -1.98 30.07
C PRO R 146 -23.39 -3.36 29.44
N ARG R 147 -24.34 -4.26 29.66
CA ARG R 147 -24.32 -5.60 29.08
C ARG R 147 -24.92 -5.65 27.68
N ILE R 148 -25.65 -4.62 27.26
CA ILE R 148 -26.37 -4.69 25.98
C ILE R 148 -26.13 -3.42 25.18
N ASN R 149 -25.62 -2.36 25.81
CA ASN R 149 -25.52 -1.08 25.12
C ASN R 149 -24.43 -1.04 24.04
N TRP R 150 -23.63 -2.10 23.91
CA TRP R 150 -22.74 -2.24 22.75
C TRP R 150 -23.53 -2.23 21.45
N ILE R 151 -24.77 -2.71 21.48
CA ILE R 151 -25.62 -2.70 20.29
C ILE R 151 -26.13 -1.30 19.97
N CYS R 152 -25.96 -0.34 20.89
CA CYS R 152 -26.35 1.03 20.61
C CYS R 152 -25.35 1.74 19.72
N ASN R 153 -24.14 1.20 19.59
CA ASN R 153 -23.13 1.80 18.73
C ASN R 153 -23.53 1.62 17.26
N PRO R 154 -23.23 2.60 16.41
CA PRO R 154 -23.68 2.55 15.01
C PRO R 154 -22.93 1.55 14.14
N VAL R 155 -21.93 0.84 14.66
CA VAL R 155 -21.28 -0.22 13.90
C VAL R 155 -22.12 -1.49 13.88
N HIS R 156 -23.19 -1.55 14.66
CA HIS R 156 -24.05 -2.72 14.73
C HIS R 156 -25.38 -2.49 14.01
N LYS R 157 -25.42 -1.50 13.12
CA LYS R 157 -26.58 -1.27 12.28
C LYS R 157 -26.73 -2.41 11.28
N HIS R 158 -27.84 -3.15 11.38
CA HIS R 158 -28.20 -4.24 10.48
C HIS R 158 -27.10 -5.32 10.45
N ARG R 159 -26.95 -5.96 11.60
CA ARG R 159 -26.00 -7.08 11.72
C ARG R 159 -26.40 -8.27 10.86
N GLU R 160 -27.69 -8.44 10.58
CA GLU R 160 -28.14 -9.59 9.80
C GLU R 160 -27.81 -9.45 8.33
N CYS R 161 -27.58 -8.22 7.86
CA CYS R 161 -27.29 -7.98 6.45
C CYS R 161 -25.82 -8.14 6.12
N ARG R 162 -24.94 -8.16 7.13
CA ARG R 162 -23.52 -8.26 6.93
C ARG R 162 -22.94 -9.57 7.45
N GLY R 163 -23.80 -10.54 7.75
CA GLY R 163 -23.34 -11.84 8.25
C GLY R 163 -22.73 -11.78 9.63
N LEU R 164 -23.30 -10.97 10.52
CA LEU R 164 -22.73 -10.75 11.84
C LEU R 164 -23.52 -11.42 12.96
N THR R 165 -24.61 -12.12 12.64
CA THR R 165 -25.31 -12.94 13.62
C THR R 165 -24.69 -14.32 13.67
N SER R 166 -25.37 -15.26 14.34
CA SER R 166 -24.83 -16.59 14.51
C SER R 166 -24.82 -17.36 13.20
N THR R 167 -25.92 -17.25 12.44
CA THR R 167 -25.99 -17.90 11.11
C THR R 167 -24.94 -17.27 10.19
N GLY R 168 -24.78 -15.94 10.25
CA GLY R 168 -23.78 -15.28 9.45
C GLY R 168 -22.37 -15.72 9.81
N LYS R 169 -22.12 -15.91 11.10
CA LYS R 169 -20.80 -16.39 11.53
C LYS R 169 -20.54 -17.81 11.08
N LYS R 170 -21.58 -18.66 11.07
CA LYS R 170 -21.40 -20.02 10.59
C LYS R 170 -21.21 -20.07 9.08
N SER R 171 -22.05 -19.34 8.34
CA SER R 171 -22.01 -19.42 6.85
C SER R 171 -20.72 -18.80 6.27
N ARG R 172 -20.09 -17.87 6.99
CA ARG R 172 -18.86 -17.27 6.52
C ARG R 172 -17.62 -18.09 6.89
N GLY R 173 -17.80 -19.21 7.60
CA GLY R 173 -16.70 -20.07 7.97
C GLY R 173 -15.70 -19.43 8.91
N LEU R 174 -16.19 -18.75 9.94
CA LEU R 174 -15.34 -18.00 10.86
C LEU R 174 -14.94 -18.88 12.05
N ASN R 175 -14.15 -19.91 11.75
CA ASN R 175 -13.69 -20.84 12.76
C ASN R 175 -12.17 -20.98 12.71
N LYS R 176 -11.61 -21.45 13.82
CA LYS R 176 -10.18 -21.64 13.91
C LYS R 176 -9.78 -23.01 13.40
N GLY R 177 -8.69 -23.07 12.65
CA GLY R 177 -8.16 -24.35 12.22
C GLY R 177 -7.70 -24.43 10.77
N HIS R 178 -7.08 -25.57 10.42
CA HIS R 178 -6.64 -25.78 9.05
C HIS R 178 -7.79 -26.00 8.09
N ARG R 179 -8.95 -26.41 8.61
CA ARG R 179 -10.12 -26.64 7.77
C ARG R 179 -10.75 -25.34 7.27
N PHE R 180 -10.43 -24.22 7.90
CA PHE R 180 -11.01 -22.92 7.60
C PHE R 180 -9.93 -21.93 7.20
N ASN R 181 -9.01 -22.38 6.34
CA ASN R 181 -7.83 -21.57 6.01
C ASN R 181 -8.21 -20.34 5.21
N LYS R 182 -9.12 -20.46 4.26
CA LYS R 182 -9.43 -19.39 3.33
C LYS R 182 -10.58 -18.50 3.77
N THR R 183 -11.19 -18.78 4.92
CA THR R 183 -12.37 -18.03 5.33
C THR R 183 -12.35 -17.51 6.76
N ARG R 184 -11.33 -17.82 7.57
CA ARG R 184 -11.37 -17.52 8.99
C ARG R 184 -11.24 -16.02 9.29
N ALA R 185 -10.73 -15.23 8.36
CA ALA R 185 -10.59 -13.79 8.55
C ALA R 185 -11.33 -13.02 7.47
N GLY R 186 -12.21 -13.70 6.74
CA GLY R 186 -12.85 -13.13 5.59
C GLY R 186 -12.30 -13.72 4.31
N ARG R 187 -13.18 -14.25 3.47
CA ARG R 187 -12.74 -14.92 2.24
C ARG R 187 -12.18 -13.93 1.23
N ARG R 188 -12.86 -12.79 1.07
CA ARG R 188 -12.46 -11.84 0.03
C ARG R 188 -11.22 -11.05 0.47
N LYS R 189 -11.07 -10.79 1.77
CA LYS R 189 -9.86 -10.16 2.25
C LYS R 189 -8.65 -11.08 2.09
N THR R 190 -8.84 -12.38 2.36
CA THR R 190 -7.77 -13.35 2.15
C THR R 190 -7.41 -13.47 0.67
N TRP R 191 -8.43 -13.46 -0.21
CA TRP R 191 -8.15 -13.53 -1.64
C TRP R 191 -7.43 -12.29 -2.13
N LYS R 192 -7.80 -11.11 -1.63
CA LYS R 192 -7.10 -9.88 -2.00
C LYS R 192 -5.68 -9.86 -1.47
N ARG R 193 -5.46 -10.44 -0.29
CA ARG R 193 -4.11 -10.50 0.27
C ARG R 193 -3.22 -11.46 -0.53
N HIS R 194 -3.77 -12.59 -0.97
CA HIS R 194 -2.99 -13.54 -1.73
C HIS R 194 -2.75 -13.12 -3.18
N ASN R 195 -3.57 -12.21 -3.72
CA ASN R 195 -3.46 -11.79 -5.11
C ASN R 195 -2.84 -10.41 -5.26
N THR R 196 -2.13 -9.94 -4.23
CA THR R 196 -1.50 -8.62 -4.25
C THR R 196 -0.01 -8.76 -4.45
N LEU R 197 0.52 -8.10 -5.48
CA LEU R 197 1.95 -8.11 -5.76
C LEU R 197 2.60 -7.01 -4.93
N SER R 198 3.38 -7.41 -3.94
CA SER R 198 4.05 -6.47 -3.04
C SER R 198 5.44 -6.15 -3.59
N LEU R 199 5.65 -4.91 -3.99
CA LEU R 199 6.94 -4.44 -4.48
C LEU R 199 7.49 -3.43 -3.48
N TRP R 200 8.63 -3.75 -2.89
CA TRP R 200 9.25 -2.88 -1.89
C TRP R 200 10.15 -1.87 -2.59
N ARG R 201 10.75 -0.98 -1.80
CA ARG R 201 11.60 0.04 -2.37
C ARG R 201 12.95 -0.54 -2.83
N TYR R 202 13.50 -1.45 -2.04
CA TYR R 202 14.81 -2.03 -2.33
C TYR R 202 14.57 -3.47 -2.78
N ARG R 203 14.65 -3.69 -4.09
CA ARG R 203 14.33 -4.99 -4.67
C ARG R 203 15.55 -5.60 -5.36
N MET S 1 47.09 22.91 -96.67
CA MET S 1 47.03 21.68 -95.90
C MET S 1 45.89 21.75 -94.88
N SER S 2 46.12 22.49 -93.79
CA SER S 2 45.07 22.84 -92.84
C SER S 2 44.98 24.35 -92.77
N SER S 3 43.79 24.88 -93.09
CA SER S 3 43.60 26.32 -93.18
C SER S 3 42.32 26.73 -92.45
N PHE S 4 42.40 27.82 -91.70
CA PHE S 4 41.24 28.40 -91.04
C PHE S 4 40.84 29.63 -91.84
N GLU S 5 39.67 29.57 -92.48
CA GLU S 5 39.24 30.61 -93.39
C GLU S 5 37.99 31.31 -92.87
N SER S 6 37.67 32.44 -93.51
CA SER S 6 36.47 33.19 -93.15
C SER S 6 35.22 32.39 -93.49
N VAL S 7 35.04 32.05 -94.76
CA VAL S 7 33.93 31.22 -95.21
C VAL S 7 34.43 30.38 -96.38
N VAL S 8 34.05 29.11 -96.39
CA VAL S 8 34.46 28.18 -97.43
C VAL S 8 33.26 27.96 -98.36
N VAL S 9 33.40 28.40 -99.61
CA VAL S 9 32.39 28.19 -100.63
C VAL S 9 32.70 26.87 -101.31
N ILE S 10 31.78 25.92 -101.21
CA ILE S 10 31.96 24.57 -101.72
C ILE S 10 31.08 24.40 -102.94
N ASP S 11 31.70 24.09 -104.08
CA ASP S 11 30.98 23.84 -105.32
C ASP S 11 30.53 22.38 -105.27
N GLY S 12 29.22 22.16 -105.18
CA GLY S 12 28.68 20.85 -104.96
C GLY S 12 28.57 19.94 -106.15
N LYS S 13 29.06 20.36 -107.32
CA LYS S 13 28.95 19.54 -108.51
C LYS S 13 29.90 18.34 -108.44
N GLY S 14 29.38 17.16 -108.71
CA GLY S 14 30.17 15.95 -108.69
C GLY S 14 30.66 15.53 -107.33
N HIS S 15 29.85 15.75 -106.30
CA HIS S 15 30.20 15.38 -104.93
C HIS S 15 29.21 14.35 -104.42
N LEU S 16 29.72 13.34 -103.71
CA LEU S 16 28.85 12.40 -103.03
C LEU S 16 28.13 13.09 -101.89
N LEU S 17 26.92 12.62 -101.60
CA LEU S 17 26.07 13.31 -100.63
C LEU S 17 26.56 13.11 -99.21
N GLY S 18 26.68 11.85 -98.78
CA GLY S 18 27.00 11.57 -97.38
C GLY S 18 28.43 11.95 -97.00
N ARG S 19 29.38 11.76 -97.92
CA ARG S 19 30.78 12.04 -97.60
C ARG S 19 31.01 13.55 -97.46
N LEU S 20 30.50 14.32 -98.42
CA LEU S 20 30.56 15.78 -98.31
C LEU S 20 29.79 16.27 -97.09
N ALA S 21 28.67 15.61 -96.78
CA ALA S 21 27.90 15.97 -95.60
C ALA S 21 28.69 15.74 -94.32
N SER S 22 29.44 14.63 -94.25
CA SER S 22 30.22 14.34 -93.05
C SER S 22 31.37 15.31 -92.88
N ILE S 23 32.06 15.63 -93.98
CA ILE S 23 33.14 16.60 -93.93
C ILE S 23 32.61 17.98 -93.54
N VAL S 24 31.46 18.36 -94.10
CA VAL S 24 30.84 19.65 -93.78
C VAL S 24 30.40 19.70 -92.33
N ALA S 25 29.82 18.62 -91.81
CA ALA S 25 29.35 18.59 -90.43
C ALA S 25 30.53 18.65 -89.45
N LYS S 26 31.62 17.95 -89.74
CA LYS S 26 32.82 18.06 -88.92
C LYS S 26 33.38 19.47 -88.96
N GLN S 27 33.35 20.12 -90.12
CA GLN S 27 33.83 21.50 -90.21
C GLN S 27 32.93 22.46 -89.44
N LEU S 28 31.62 22.24 -89.47
CA LEU S 28 30.69 23.10 -88.75
C LEU S 28 30.86 22.96 -87.24
N LEU S 29 31.04 21.72 -86.77
CA LEU S 29 31.27 21.53 -85.33
C LEU S 29 32.67 22.00 -84.93
N SER S 30 33.61 22.03 -85.87
CA SER S 30 34.93 22.58 -85.57
C SER S 30 34.88 24.09 -85.41
N GLY S 31 33.93 24.75 -86.06
CA GLY S 31 33.81 26.19 -85.97
C GLY S 31 34.06 26.91 -87.27
N GLN S 32 33.77 26.25 -88.39
CA GLN S 32 33.99 26.79 -89.72
C GLN S 32 32.67 27.12 -90.39
N LYS S 33 32.57 28.32 -90.96
CA LYS S 33 31.39 28.74 -91.69
C LYS S 33 31.43 28.17 -93.10
N ILE S 34 30.39 27.41 -93.46
CA ILE S 34 30.35 26.69 -94.72
C ILE S 34 29.10 27.12 -95.50
N VAL S 35 29.31 27.50 -96.76
CA VAL S 35 28.22 27.67 -97.71
C VAL S 35 28.43 26.66 -98.84
N VAL S 36 27.34 26.09 -99.32
CA VAL S 36 27.37 25.07 -100.37
C VAL S 36 26.50 25.55 -101.51
N VAL S 37 27.13 25.86 -102.64
CA VAL S 37 26.41 26.27 -103.83
C VAL S 37 26.29 25.07 -104.75
N ARG S 38 25.37 25.17 -105.71
CA ARG S 38 25.06 24.10 -106.68
C ARG S 38 24.67 22.80 -105.99
N CYS S 39 23.68 22.89 -105.10
CA CYS S 39 23.21 21.70 -104.38
C CYS S 39 22.43 20.75 -105.28
N GLU S 40 21.97 21.23 -106.44
CA GLU S 40 21.22 20.37 -107.34
C GLU S 40 22.13 19.38 -108.06
N ALA S 41 23.43 19.64 -108.12
CA ALA S 41 24.37 18.82 -108.86
C ALA S 41 25.11 17.82 -107.98
N LEU S 42 24.63 17.58 -106.76
CA LEU S 42 25.20 16.54 -105.92
C LEU S 42 24.86 15.17 -106.49
N ASN S 43 25.66 14.17 -106.13
CA ASN S 43 25.53 12.83 -106.66
C ASN S 43 25.27 11.84 -105.55
N ILE S 44 24.40 10.87 -105.80
CA ILE S 44 24.19 9.73 -104.93
C ILE S 44 24.59 8.47 -105.68
N SER S 45 25.36 7.61 -105.02
CA SER S 45 25.79 6.37 -105.66
C SER S 45 24.61 5.40 -105.78
N GLY S 46 24.78 4.40 -106.64
CA GLY S 46 23.69 3.50 -106.96
C GLY S 46 22.91 3.97 -108.17
N GLU S 47 21.66 3.55 -108.25
CA GLU S 47 20.77 3.87 -109.35
C GLU S 47 19.83 5.00 -108.94
N PHE S 48 19.05 5.48 -109.91
CA PHE S 48 17.98 6.43 -109.63
C PHE S 48 16.95 5.80 -108.69
N PHE S 49 16.46 4.62 -109.06
CA PHE S 49 15.26 4.08 -108.41
C PHE S 49 15.51 3.68 -106.97
N ARG S 50 16.76 3.35 -106.60
CA ARG S 50 17.06 2.99 -105.21
C ARG S 50 16.85 4.19 -104.29
N ALA S 51 17.49 5.32 -104.60
CA ALA S 51 17.31 6.52 -103.79
C ALA S 51 15.89 7.06 -103.93
N LYS S 52 15.28 6.84 -105.10
CA LYS S 52 13.91 7.26 -105.32
C LYS S 52 12.94 6.54 -104.37
N LEU S 53 13.04 5.21 -104.30
CA LEU S 53 12.17 4.45 -103.41
C LEU S 53 12.52 4.66 -101.95
N LYS S 54 13.79 4.90 -101.62
CA LYS S 54 14.12 5.27 -100.25
C LYS S 54 13.48 6.61 -99.86
N TYR S 55 13.46 7.56 -100.79
CA TYR S 55 12.82 8.83 -100.49
C TYR S 55 11.30 8.69 -100.41
N HIS S 56 10.70 7.82 -101.26
CA HIS S 56 9.28 7.50 -101.08
C HIS S 56 9.00 6.82 -99.74
N ALA S 57 9.93 6.01 -99.26
CA ALA S 57 9.80 5.47 -97.90
C ALA S 57 9.86 6.59 -96.88
N TYR S 58 10.65 7.63 -97.14
CA TYR S 58 10.68 8.78 -96.25
C TYR S 58 9.37 9.56 -96.28
N LEU S 59 8.79 9.77 -97.48
CA LEU S 59 7.49 10.44 -97.53
C LEU S 59 6.38 9.58 -96.92
N ARG S 60 6.54 8.25 -96.96
CA ARG S 60 5.53 7.37 -96.39
C ARG S 60 5.47 7.45 -94.88
N LYS S 61 6.55 7.87 -94.22
CA LYS S 61 6.54 8.10 -92.79
C LYS S 61 5.74 9.36 -92.52
N MET S 62 4.45 9.19 -92.21
CA MET S 62 3.58 10.32 -91.98
C MET S 62 2.86 10.10 -90.67
N THR S 63 2.60 11.18 -89.93
CA THR S 63 1.92 11.02 -88.65
C THR S 63 0.42 10.78 -88.89
N ARG S 64 -0.24 10.25 -87.87
CA ARG S 64 -1.65 9.89 -88.01
C ARG S 64 -2.55 11.12 -88.04
N TYR S 65 -2.25 12.13 -87.24
CA TYR S 65 -3.08 13.32 -87.16
C TYR S 65 -2.64 14.35 -88.20
N ASN S 66 -3.11 15.59 -88.04
CA ASN S 66 -2.90 16.68 -88.98
C ASN S 66 -1.42 16.99 -89.16
N PRO S 67 -0.90 17.02 -90.39
CA PRO S 67 0.52 17.38 -90.60
C PRO S 67 0.82 18.85 -90.35
N THR S 68 0.80 19.26 -89.10
CA THR S 68 1.15 20.64 -88.74
C THR S 68 2.20 20.72 -87.64
N ARG S 69 2.14 19.83 -86.65
CA ARG S 69 3.05 19.87 -85.50
C ARG S 69 3.54 18.46 -85.21
N GLY S 70 4.87 18.30 -85.23
CA GLY S 70 5.49 17.02 -84.89
C GLY S 70 5.51 16.01 -86.01
N GLY S 71 4.96 16.33 -87.19
CA GLY S 71 4.98 15.43 -88.32
C GLY S 71 6.23 15.62 -89.16
N PRO S 72 6.63 14.59 -89.90
CA PRO S 72 7.80 14.71 -90.76
C PRO S 72 7.54 15.60 -91.96
N PHE S 73 8.09 16.82 -91.93
CA PHE S 73 7.90 17.77 -93.02
C PHE S 73 8.78 17.39 -94.19
N HIS S 74 8.16 17.22 -95.35
CA HIS S 74 8.84 16.72 -96.55
C HIS S 74 9.21 17.90 -97.43
N PHE S 75 10.49 18.27 -97.41
CA PHE S 75 11.00 19.34 -98.25
C PHE S 75 11.63 18.74 -99.49
N ARG S 76 11.23 19.22 -100.67
CA ARG S 76 11.61 18.61 -101.93
C ARG S 76 12.75 19.33 -102.64
N ALA S 77 13.38 20.31 -101.99
CA ALA S 77 14.50 20.93 -102.69
C ALA S 77 15.79 20.16 -102.42
N PRO S 78 16.69 20.12 -103.41
CA PRO S 78 17.98 19.42 -103.20
C PRO S 78 18.81 19.98 -102.05
N SER S 79 18.82 21.30 -101.86
CA SER S 79 19.55 21.87 -100.74
C SER S 79 18.89 21.51 -99.41
N ARG S 80 17.57 21.35 -99.40
CA ARG S 80 16.91 20.85 -98.20
C ARG S 80 17.24 19.39 -97.94
N ILE S 81 17.45 18.61 -99.00
CA ILE S 81 17.91 17.23 -98.83
C ILE S 81 19.31 17.21 -98.23
N PHE S 82 20.20 18.07 -98.73
CA PHE S 82 21.54 18.17 -98.15
C PHE S 82 21.49 18.67 -96.71
N TYR S 83 20.58 19.60 -96.41
CA TYR S 83 20.44 20.10 -95.05
C TYR S 83 19.95 19.01 -94.11
N LYS S 84 19.01 18.17 -94.57
CA LYS S 84 18.58 17.03 -93.77
C LYS S 84 19.72 16.04 -93.55
N ALA S 85 20.52 15.80 -94.59
CA ALA S 85 21.66 14.89 -94.48
C ALA S 85 22.69 15.41 -93.49
N VAL S 86 22.92 16.73 -93.48
CA VAL S 86 23.84 17.31 -92.52
C VAL S 86 23.25 17.28 -91.11
N ARG S 87 21.93 17.55 -91.01
CA ARG S 87 21.28 17.68 -89.71
C ARG S 87 21.17 16.34 -88.99
N GLY S 88 21.08 15.24 -89.73
CA GLY S 88 21.02 13.93 -89.09
C GLY S 88 22.31 13.51 -88.40
N MET S 89 23.41 14.19 -88.72
CA MET S 89 24.74 13.91 -88.19
C MET S 89 25.29 15.08 -87.36
N ILE S 90 24.42 15.89 -86.80
CA ILE S 90 24.81 17.00 -85.94
C ILE S 90 23.88 16.93 -84.72
N PRO S 91 24.38 17.12 -83.49
CA PRO S 91 23.52 16.99 -82.31
C PRO S 91 22.49 18.11 -82.23
N HIS S 92 21.41 17.98 -83.02
CA HIS S 92 20.42 19.04 -83.19
C HIS S 92 19.56 19.25 -81.96
N LYS S 93 19.54 18.31 -81.02
CA LYS S 93 18.79 18.48 -79.78
C LYS S 93 19.53 19.33 -78.76
N THR S 94 20.76 19.74 -79.07
CA THR S 94 21.56 20.61 -78.21
C THR S 94 21.74 21.96 -78.87
N ALA S 95 22.11 22.95 -78.05
CA ALA S 95 22.32 24.31 -78.58
C ALA S 95 23.58 24.39 -79.42
N ARG S 96 24.58 23.55 -79.12
CA ARG S 96 25.78 23.47 -79.95
C ARG S 96 25.45 23.03 -81.36
N GLY S 97 24.55 22.05 -81.49
CA GLY S 97 24.12 21.63 -82.81
C GLY S 97 23.34 22.69 -83.55
N ALA S 98 22.52 23.46 -82.82
CA ALA S 98 21.80 24.57 -83.44
C ALA S 98 22.76 25.64 -83.96
N ALA S 99 23.80 25.96 -83.19
CA ALA S 99 24.79 26.91 -83.66
C ALA S 99 25.56 26.38 -84.86
N ALA S 100 25.92 25.09 -84.82
CA ALA S 100 26.65 24.48 -85.94
C ALA S 100 25.82 24.48 -87.21
N LEU S 101 24.51 24.20 -87.10
CA LEU S 101 23.64 24.24 -88.26
C LEU S 101 23.38 25.67 -88.74
N GLU S 102 23.32 26.64 -87.83
CA GLU S 102 23.18 28.03 -88.24
C GLU S 102 24.45 28.59 -88.88
N ARG S 103 25.60 27.92 -88.69
CA ARG S 103 26.82 28.28 -89.40
C ARG S 103 26.80 27.87 -90.88
N LEU S 104 25.80 27.11 -91.32
CA LEU S 104 25.77 26.55 -92.67
C LEU S 104 24.73 27.25 -93.53
N LYS S 105 25.08 27.50 -94.79
CA LYS S 105 24.16 28.07 -95.77
C LYS S 105 24.13 27.17 -97.01
N VAL S 106 22.96 26.61 -97.31
CA VAL S 106 22.78 25.79 -98.51
C VAL S 106 21.98 26.58 -99.54
N PHE S 107 22.28 26.36 -100.81
CA PHE S 107 21.75 27.20 -101.89
C PHE S 107 21.60 26.40 -103.17
N GLU S 108 20.74 26.87 -104.08
CA GLU S 108 20.55 26.25 -105.38
C GLU S 108 21.22 27.12 -106.43
N GLY S 109 22.09 26.52 -107.25
CA GLY S 109 22.86 27.37 -108.14
C GLY S 109 23.89 28.15 -107.34
N VAL S 110 24.31 29.28 -107.90
CA VAL S 110 25.27 30.17 -107.27
C VAL S 110 24.63 31.54 -107.08
N PRO S 111 24.16 31.84 -105.86
CA PRO S 111 23.53 33.14 -105.59
C PRO S 111 24.46 34.31 -105.82
N PRO S 112 23.92 35.51 -106.02
CA PRO S 112 24.75 36.70 -106.33
C PRO S 112 25.81 37.03 -105.29
N PRO S 113 25.59 36.89 -103.97
CA PRO S 113 26.74 37.12 -103.08
C PRO S 113 27.75 35.99 -103.02
N TYR S 114 27.60 34.96 -103.85
CA TYR S 114 28.53 33.83 -103.84
C TYR S 114 29.05 33.45 -105.22
N ASP S 115 28.72 34.22 -106.26
CA ASP S 115 29.39 34.05 -107.55
C ASP S 115 30.50 35.05 -107.78
N LYS S 116 30.87 35.83 -106.76
CA LYS S 116 32.04 36.69 -106.85
C LYS S 116 33.24 36.08 -106.14
N LYS S 117 33.11 34.84 -105.65
CA LYS S 117 34.09 34.26 -104.75
C LYS S 117 34.53 32.91 -105.28
N LYS S 118 35.75 32.52 -104.90
CA LYS S 118 36.31 31.25 -105.32
C LYS S 118 35.57 30.10 -104.65
N LYS S 119 35.29 29.05 -105.42
CA LYS S 119 34.59 27.88 -104.91
C LYS S 119 35.58 26.73 -104.73
N MET S 120 35.56 26.11 -103.56
CA MET S 120 36.43 25.00 -103.22
C MET S 120 35.76 23.67 -103.56
N VAL S 121 36.57 22.62 -103.63
CA VAL S 121 36.07 21.26 -103.78
C VAL S 121 36.74 20.38 -102.74
N VAL S 122 36.06 19.31 -102.35
CA VAL S 122 36.55 18.38 -101.34
C VAL S 122 36.98 17.10 -102.05
N PRO S 123 38.28 16.81 -102.16
CA PRO S 123 38.71 15.59 -102.86
C PRO S 123 38.29 14.30 -102.17
N GLN S 124 37.97 14.35 -100.87
CA GLN S 124 37.55 13.17 -100.14
C GLN S 124 36.11 12.77 -100.42
N ALA S 125 35.36 13.59 -101.16
CA ALA S 125 33.96 13.32 -101.44
C ALA S 125 33.62 13.42 -102.92
N LEU S 126 34.59 13.70 -103.79
CA LEU S 126 34.32 13.83 -105.21
C LEU S 126 33.95 12.47 -105.81
N ARG S 127 33.05 12.50 -106.79
CA ARG S 127 32.56 11.26 -107.39
C ARG S 127 33.62 10.60 -108.26
N VAL S 128 34.46 11.40 -108.92
CA VAL S 128 35.45 10.84 -109.83
C VAL S 128 36.62 10.20 -109.08
N LEU S 129 36.76 10.46 -107.78
CA LEU S 129 37.82 9.88 -106.98
C LEU S 129 37.35 8.76 -106.06
N ARG S 130 36.07 8.72 -105.75
CA ARG S 130 35.53 7.74 -104.79
C ARG S 130 34.76 6.61 -105.44
N LEU S 131 34.02 6.89 -106.52
CA LEU S 131 33.18 5.90 -107.15
C LEU S 131 33.96 5.14 -108.22
N GLN S 132 33.68 3.85 -108.34
CA GLN S 132 34.26 3.04 -109.40
C GLN S 132 33.71 3.49 -110.75
N PRO S 133 34.54 3.49 -111.80
CA PRO S 133 34.05 3.91 -113.13
C PRO S 133 32.90 3.08 -113.66
N GLY S 134 32.84 1.80 -113.33
CA GLY S 134 31.74 0.97 -113.79
C GLY S 134 30.43 1.17 -113.06
N ARG S 135 30.45 1.84 -111.91
CA ARG S 135 29.23 2.04 -111.13
C ARG S 135 28.39 3.16 -111.73
N LYS S 136 27.13 3.21 -111.32
CA LYS S 136 26.20 4.23 -111.74
C LYS S 136 26.02 5.26 -110.63
N TYR S 137 25.37 6.37 -110.99
CA TYR S 137 25.11 7.44 -110.04
C TYR S 137 23.85 8.17 -110.47
N CYS S 138 23.23 8.86 -109.51
CA CYS S 138 22.06 9.68 -109.78
C CYS S 138 22.30 11.09 -109.28
N THR S 139 21.60 12.04 -109.87
CA THR S 139 21.72 13.45 -109.52
C THR S 139 20.58 13.83 -108.58
N VAL S 140 20.91 14.58 -107.52
CA VAL S 140 19.90 14.99 -106.56
C VAL S 140 18.89 15.94 -107.19
N GLY S 141 19.33 16.78 -108.13
CA GLY S 141 18.42 17.70 -108.79
C GLY S 141 17.35 17.00 -109.60
N ARG S 142 17.72 15.97 -110.36
CA ARG S 142 16.72 15.25 -111.15
C ARG S 142 15.91 14.29 -110.28
N LEU S 143 16.44 13.88 -109.13
CA LEU S 143 15.62 13.21 -108.12
C LEU S 143 14.53 14.15 -107.62
N SER S 144 14.90 15.41 -107.33
CA SER S 144 13.92 16.40 -106.91
C SER S 144 12.92 16.70 -108.02
N HIS S 145 13.40 16.74 -109.27
CA HIS S 145 12.52 16.78 -110.44
C HIS S 145 11.46 15.69 -110.39
N GLU S 146 11.87 14.46 -110.10
CA GLU S 146 10.93 13.35 -110.18
C GLU S 146 10.15 13.10 -108.89
N VAL S 147 10.39 13.85 -107.81
CA VAL S 147 9.49 13.74 -106.66
C VAL S 147 8.51 14.92 -106.59
N GLY S 148 8.86 16.08 -107.14
CA GLY S 148 7.94 17.20 -107.02
C GLY S 148 8.50 18.59 -106.82
N TRP S 149 9.81 18.77 -106.94
CA TRP S 149 10.39 20.11 -106.95
C TRP S 149 9.83 20.92 -108.13
N LYS S 150 9.57 22.20 -107.88
CA LYS S 150 8.92 23.06 -108.86
C LYS S 150 9.83 24.16 -109.39
N TYR S 151 11.12 24.13 -109.07
CA TYR S 151 12.04 25.22 -109.39
C TYR S 151 13.32 24.72 -110.05
N GLN S 152 13.19 23.94 -111.12
CA GLN S 152 14.37 23.38 -111.78
C GLN S 152 14.73 24.13 -113.06
N ASP S 153 13.75 24.35 -113.94
CA ASP S 153 14.02 25.06 -115.19
C ASP S 153 14.51 26.47 -114.94
N VAL S 154 13.97 27.12 -113.90
CA VAL S 154 14.29 28.52 -113.61
C VAL S 154 15.78 28.67 -113.29
N VAL S 155 16.27 27.85 -112.35
CA VAL S 155 17.69 27.89 -111.97
C VAL S 155 18.54 27.39 -113.15
N ALA S 156 17.98 26.58 -114.06
CA ALA S 156 18.72 26.28 -115.28
C ALA S 156 18.98 27.54 -116.12
N ARG S 157 17.96 28.42 -116.29
CA ARG S 157 18.26 29.62 -117.09
C ARG S 157 19.21 30.56 -116.35
N LEU S 158 18.97 30.83 -115.05
CA LEU S 158 19.87 31.80 -114.43
C LEU S 158 21.26 31.22 -114.23
N GLU S 159 21.37 29.89 -114.22
CA GLU S 159 22.66 29.23 -114.33
C GLU S 159 23.34 29.53 -115.66
N GLU S 160 22.61 29.46 -116.79
CA GLU S 160 23.34 29.65 -118.05
C GLU S 160 23.66 31.12 -118.28
N ARG S 161 22.87 32.03 -117.68
CA ARG S 161 23.28 33.43 -117.64
C ARG S 161 24.55 33.62 -116.81
N ARG S 162 24.67 32.88 -115.69
CA ARG S 162 25.91 32.93 -114.91
C ARG S 162 27.10 32.42 -115.72
N LYS S 163 26.89 31.37 -116.52
CA LYS S 163 27.96 30.86 -117.38
C LYS S 163 28.35 31.86 -118.45
N ALA S 164 27.38 32.60 -119.01
CA ALA S 164 27.70 33.64 -119.97
C ALA S 164 28.54 34.76 -119.32
N LYS S 165 28.18 35.14 -118.10
CA LYS S 165 28.99 36.14 -117.39
C LYS S 165 30.38 35.61 -117.06
N GLY S 166 30.51 34.31 -116.81
CA GLY S 166 31.84 33.73 -116.65
C GLY S 166 32.67 33.73 -117.92
N ALA S 167 32.01 33.52 -119.06
CA ALA S 167 32.71 33.66 -120.35
C ALA S 167 33.19 35.09 -120.54
N ALA S 168 32.40 36.06 -120.08
CA ALA S 168 32.87 37.44 -120.06
C ALA S 168 34.08 37.60 -119.16
N TYR S 169 34.06 36.99 -117.96
CA TYR S 169 35.22 37.01 -117.08
C TYR S 169 36.46 36.49 -117.79
N TYR S 170 36.37 35.36 -118.48
CA TYR S 170 37.58 34.89 -119.15
C TYR S 170 37.94 35.58 -120.46
N GLU S 171 37.06 36.32 -121.15
CA GLU S 171 37.67 37.07 -122.25
C GLU S 171 38.43 38.27 -121.67
N ARG S 172 37.86 38.88 -120.61
CA ARG S 172 38.61 39.88 -119.85
C ARG S 172 39.88 39.31 -119.21
N LYS S 173 39.85 38.04 -118.78
CA LYS S 173 40.96 37.44 -118.07
C LYS S 173 42.07 37.01 -119.02
N LYS S 174 41.71 36.53 -120.21
CA LYS S 174 42.71 36.33 -121.25
C LYS S 174 43.38 37.65 -121.61
N LEU S 175 42.58 38.72 -121.73
CA LEU S 175 43.10 40.08 -121.96
C LEU S 175 44.10 40.50 -120.87
N ALA S 176 43.70 40.35 -119.60
CA ALA S 176 44.58 40.68 -118.48
C ALA S 176 45.84 39.81 -118.48
N ALA S 177 45.69 38.55 -118.89
CA ALA S 177 46.86 37.69 -119.03
C ALA S 177 47.80 38.19 -120.12
N ARG S 178 47.25 38.76 -121.20
CA ARG S 178 48.12 39.32 -122.24
C ARG S 178 49.02 40.41 -121.70
N GLN S 179 48.43 41.43 -121.06
CA GLN S 179 49.35 42.49 -120.60
C GLN S 179 50.18 42.07 -119.40
N LEU S 180 49.68 41.13 -118.58
CA LEU S 180 50.52 40.66 -117.47
C LEU S 180 51.75 39.91 -117.97
N SER S 181 51.58 39.00 -118.94
CA SER S 181 52.71 38.23 -119.42
C SER S 181 53.65 39.08 -120.26
N GLU S 182 53.12 39.99 -121.08
CA GLU S 182 54.01 40.80 -121.90
C GLU S 182 54.69 41.86 -121.05
N ALA S 183 54.07 42.27 -119.94
CA ALA S 183 54.76 43.10 -118.96
C ALA S 183 55.86 42.31 -118.27
N LYS S 184 55.64 41.02 -118.01
CA LYS S 184 56.69 40.17 -117.45
C LYS S 184 57.90 40.08 -118.39
N LYS S 185 57.64 39.88 -119.69
CA LYS S 185 58.75 39.81 -120.65
C LYS S 185 59.46 41.16 -120.81
N ALA S 186 58.71 42.25 -120.92
CA ALA S 186 59.33 43.57 -121.07
C ALA S 186 60.05 43.98 -119.80
N ALA S 187 59.62 43.45 -118.65
CA ALA S 187 60.33 43.67 -117.40
C ALA S 187 61.59 42.84 -117.33
N ALA S 188 61.57 41.63 -117.91
CA ALA S 188 62.78 40.83 -118.00
C ALA S 188 63.79 41.45 -118.96
N ALA S 189 63.31 42.26 -119.91
CA ALA S 189 64.24 43.00 -120.76
C ALA S 189 64.95 44.13 -120.02
N LYS S 190 64.38 44.64 -118.93
CA LYS S 190 64.95 45.74 -118.16
C LYS S 190 65.03 45.28 -116.70
N VAL S 191 65.63 44.09 -116.52
CA VAL S 191 65.51 43.36 -115.27
C VAL S 191 66.59 43.67 -114.25
N ASP S 192 67.62 44.48 -114.61
CA ASP S 192 68.81 44.83 -113.83
C ASP S 192 69.35 43.63 -113.07
N PRO S 193 70.00 42.69 -113.75
CA PRO S 193 69.89 41.30 -113.33
C PRO S 193 70.63 40.82 -112.08
N LYS S 194 71.14 41.69 -111.21
CA LYS S 194 71.66 41.21 -109.94
C LYS S 194 70.52 40.77 -109.02
N VAL S 195 69.44 41.54 -108.99
CA VAL S 195 68.22 41.12 -108.32
C VAL S 195 67.67 39.85 -108.97
N SER S 196 67.90 39.65 -110.27
CA SER S 196 67.37 38.46 -110.94
C SER S 196 68.12 37.21 -110.54
N GLU S 197 69.46 37.26 -110.50
CA GLU S 197 70.18 36.05 -110.08
C GLU S 197 70.02 35.80 -108.60
N ALA S 198 69.86 36.88 -107.81
CA ALA S 198 69.59 36.70 -106.39
C ALA S 198 68.25 36.01 -106.15
N LEU S 199 67.21 36.41 -106.89
CA LEU S 199 65.91 35.75 -106.72
C LEU S 199 65.92 34.35 -107.31
N ALA S 200 66.71 34.12 -108.36
CA ALA S 200 66.83 32.76 -108.89
C ALA S 200 67.55 31.83 -107.91
N ALA S 201 68.58 32.33 -107.24
CA ALA S 201 69.27 31.53 -106.24
C ALA S 201 68.41 31.33 -105.00
N TYR S 202 67.58 32.33 -104.67
CA TYR S 202 66.70 32.22 -103.51
C TYR S 202 65.40 31.50 -103.84
N GLY S 203 65.19 31.11 -105.09
CA GLY S 203 64.03 30.34 -105.48
C GLY S 203 62.97 31.10 -106.25
N TYR S 204 62.65 32.32 -105.83
CA TYR S 204 61.58 33.09 -106.45
C TYR S 204 61.98 33.59 -107.83
N VAL T 2 29.63 49.74 -51.23
CA VAL T 2 28.47 48.86 -51.18
C VAL T 2 27.36 49.41 -52.06
N ARG T 3 26.29 48.63 -52.20
CA ARG T 3 25.13 49.05 -52.96
C ARG T 3 24.09 49.66 -52.04
N TYR T 4 23.55 50.79 -52.45
CA TYR T 4 22.54 51.52 -51.69
C TYR T 4 21.20 51.36 -52.40
N ALA T 5 20.17 50.99 -51.63
CA ALA T 5 18.85 50.81 -52.20
C ALA T 5 18.26 52.15 -52.62
N ALA T 6 17.28 52.09 -53.53
CA ALA T 6 16.59 53.27 -53.97
C ALA T 6 15.78 53.85 -52.81
N THR T 7 16.21 55.02 -52.35
CA THR T 7 15.57 55.66 -51.17
C THR T 7 14.12 56.02 -51.49
N GLU T 8 13.27 56.02 -50.46
CA GLU T 8 11.87 56.38 -50.61
C GLU T 8 11.73 57.86 -50.90
N ILE T 9 10.63 58.20 -51.58
CA ILE T 9 10.32 59.60 -51.82
C ILE T 9 9.94 60.27 -50.52
N ALA T 10 10.04 61.60 -50.46
CA ALA T 10 9.81 62.37 -49.26
C ALA T 10 8.37 62.22 -48.79
N PRO T 11 8.13 62.12 -47.48
CA PRO T 11 6.75 62.05 -46.98
C PRO T 11 5.94 63.31 -47.23
N THR T 12 6.58 64.44 -47.51
CA THR T 12 5.89 65.66 -47.88
C THR T 12 5.44 65.66 -49.34
N LYS T 13 5.83 64.65 -50.11
CA LYS T 13 5.46 64.55 -51.53
C LYS T 13 4.58 63.34 -51.82
N SER T 14 4.10 62.65 -50.78
CA SER T 14 3.29 61.45 -50.96
C SER T 14 2.10 61.48 -50.02
N ALA T 15 1.10 60.66 -50.34
CA ALA T 15 -0.10 60.53 -49.53
C ALA T 15 -0.54 59.07 -49.55
N ARG T 16 -0.74 58.49 -48.37
CA ARG T 16 -1.03 57.07 -48.24
C ARG T 16 -2.45 56.89 -47.73
N ALA T 17 -3.13 55.88 -48.26
CA ALA T 17 -4.44 55.46 -47.77
C ALA T 17 -4.42 53.96 -47.53
N ARG T 18 -5.13 53.53 -46.49
CA ARG T 18 -5.22 52.13 -46.13
C ARG T 18 -6.68 51.76 -45.85
N GLY T 19 -7.00 50.50 -46.13
CA GLY T 19 -8.29 49.93 -45.78
C GLY T 19 -8.12 48.48 -45.39
N SER T 20 -8.55 48.12 -44.18
CA SER T 20 -8.24 46.82 -43.62
C SER T 20 -9.52 46.06 -43.30
N TYR T 21 -9.45 44.73 -43.50
CA TYR T 21 -10.55 43.80 -43.23
C TYR T 21 -11.80 44.16 -44.03
N LEU T 22 -11.60 44.55 -45.28
CA LEU T 22 -12.69 44.98 -46.16
C LEU T 22 -13.42 43.77 -46.72
N ARG T 23 -14.76 43.84 -46.68
CA ARG T 23 -15.58 42.71 -47.11
C ARG T 23 -15.88 42.78 -48.61
N VAL T 24 -14.84 42.63 -49.40
CA VAL T 24 -14.94 42.46 -50.85
C VAL T 24 -14.02 41.32 -51.26
N SER T 25 -14.32 40.73 -52.42
CA SER T 25 -13.56 39.58 -52.90
C SER T 25 -12.14 39.99 -53.24
N PHE T 26 -11.19 39.11 -52.88
CA PHE T 26 -9.78 39.44 -53.03
C PHE T 26 -9.35 39.46 -54.49
N LYS T 27 -9.86 38.51 -55.29
CA LYS T 27 -9.40 38.38 -56.67
C LYS T 27 -9.89 39.53 -57.54
N ASN T 28 -11.18 39.87 -57.43
CA ASN T 28 -11.74 40.97 -58.21
C ASN T 28 -11.11 42.30 -57.81
N THR T 29 -10.90 42.51 -56.50
CA THR T 29 -10.27 43.74 -56.04
C THR T 29 -8.82 43.83 -56.50
N ARG T 30 -8.11 42.69 -56.51
CA ARG T 30 -6.73 42.68 -56.98
C ARG T 30 -6.66 43.01 -58.47
N GLU T 31 -7.57 42.44 -59.27
CA GLU T 31 -7.58 42.72 -60.70
C GLU T 31 -7.94 44.17 -60.99
N THR T 32 -8.91 44.72 -60.23
CA THR T 32 -9.28 46.12 -60.37
C THR T 32 -8.13 47.03 -59.98
N ALA T 33 -7.41 46.69 -58.92
CA ALA T 33 -6.26 47.50 -58.50
C ALA T 33 -5.13 47.42 -59.52
N GLN T 34 -4.94 46.25 -60.13
CA GLN T 34 -3.91 46.10 -61.15
C GLN T 34 -4.26 46.88 -62.41
N ALA T 35 -5.56 47.00 -62.73
CA ALA T 35 -5.97 47.77 -63.90
C ALA T 35 -5.64 49.25 -63.76
N ILE T 36 -5.83 49.81 -62.57
CA ILE T 36 -5.64 51.24 -62.35
C ILE T 36 -4.23 51.58 -61.85
N ASN T 37 -3.38 50.56 -61.73
CA ASN T 37 -2.01 50.77 -61.20
C ASN T 37 -1.16 51.58 -62.17
N GLY T 38 -0.52 52.65 -61.68
CA GLY T 38 0.38 53.46 -62.48
C GLY T 38 -0.28 54.60 -63.23
N TRP T 39 -1.59 54.76 -63.12
CA TRP T 39 -2.31 55.79 -63.86
C TRP T 39 -2.30 57.12 -63.11
N LYS T 40 -2.79 58.15 -63.78
CA LYS T 40 -3.10 59.40 -63.11
C LYS T 40 -4.35 59.24 -62.25
N LEU T 41 -4.52 60.16 -61.30
CA LEU T 41 -5.58 60.03 -60.32
C LEU T 41 -6.95 60.28 -60.93
N GLN T 42 -7.08 61.33 -61.74
CA GLN T 42 -8.38 61.65 -62.34
C GLN T 42 -8.81 60.60 -63.35
N ARG T 43 -7.85 60.02 -64.07
CA ARG T 43 -8.15 58.92 -64.99
C ARG T 43 -8.69 57.71 -64.25
N ALA T 44 -8.09 57.39 -63.10
CA ALA T 44 -8.59 56.28 -62.29
C ALA T 44 -9.97 56.59 -61.72
N LEU T 45 -10.20 57.85 -61.33
CA LEU T 45 -11.52 58.26 -60.85
C LEU T 45 -12.59 58.05 -61.93
N THR T 46 -12.30 58.51 -63.16
CA THR T 46 -13.26 58.34 -64.25
C THR T 46 -13.46 56.87 -64.60
N PHE T 47 -12.38 56.07 -64.57
CA PHE T 47 -12.52 54.65 -64.92
C PHE T 47 -13.35 53.91 -63.87
N LEU T 48 -13.11 54.16 -62.59
CA LEU T 48 -13.89 53.47 -61.56
C LEU T 48 -15.33 53.96 -61.54
N GLN T 49 -15.56 55.25 -61.82
CA GLN T 49 -16.93 55.73 -61.87
C GLN T 49 -17.65 55.26 -63.13
N ASN T 50 -16.93 55.02 -64.22
CA ASN T 50 -17.48 54.45 -65.44
C ASN T 50 -17.49 52.93 -65.45
N VAL T 51 -16.99 52.31 -64.38
CA VAL T 51 -17.22 50.89 -64.19
C VAL T 51 -18.24 50.63 -63.08
N ILE T 52 -18.54 51.63 -62.24
CA ILE T 52 -19.64 51.49 -61.30
C ILE T 52 -20.97 51.57 -62.04
N ASP T 53 -21.13 52.57 -62.91
CA ASP T 53 -22.21 52.61 -63.88
C ASP T 53 -21.65 52.13 -65.21
N LYS T 54 -22.42 51.31 -65.91
CA LYS T 54 -21.89 50.41 -66.93
C LYS T 54 -21.48 51.08 -68.24
N LYS T 55 -20.18 51.40 -68.38
CA LYS T 55 -19.58 51.59 -69.71
C LYS T 55 -18.32 50.78 -69.96
N GLU T 56 -17.44 50.62 -68.97
CA GLU T 56 -16.05 50.26 -69.27
C GLU T 56 -15.76 48.94 -68.57
N ALA T 57 -14.79 48.18 -69.08
CA ALA T 57 -14.48 46.84 -68.61
C ALA T 57 -13.17 46.78 -67.83
N VAL T 58 -13.05 45.75 -67.00
CA VAL T 58 -11.82 45.45 -66.28
C VAL T 58 -11.29 44.11 -66.81
N PRO T 59 -10.09 44.06 -67.37
CA PRO T 59 -9.54 42.78 -67.82
C PRO T 59 -8.93 41.98 -66.68
N MET T 60 -8.96 40.66 -66.85
CA MET T 60 -8.36 39.73 -65.89
C MET T 60 -7.28 38.90 -66.58
N ARG T 61 -6.11 38.82 -65.93
CA ARG T 61 -4.95 38.16 -66.51
C ARG T 61 -4.50 36.95 -65.71
N ARG T 62 -4.31 37.09 -64.40
CA ARG T 62 -3.92 35.94 -63.58
C ARG T 62 -5.14 35.20 -63.05
N TYR T 63 -5.99 35.88 -62.28
CA TYR T 63 -7.23 35.30 -61.78
C TYR T 63 -8.32 35.56 -62.82
N ALA T 64 -8.17 34.91 -63.97
CA ALA T 64 -9.01 35.15 -65.13
C ALA T 64 -10.00 34.01 -65.27
N GLY T 65 -11.30 34.34 -65.21
CA GLY T 65 -12.36 33.40 -65.47
C GLY T 65 -13.10 33.78 -66.74
N SER T 66 -13.40 32.76 -67.55
CA SER T 66 -14.05 32.98 -68.85
C SER T 66 -15.52 33.34 -68.61
N THR T 67 -15.80 34.64 -68.53
CA THR T 67 -17.16 35.12 -68.33
C THR T 67 -17.67 35.93 -69.52
N GLY T 68 -16.95 36.98 -69.91
CA GLY T 68 -17.38 37.81 -71.02
C GLY T 68 -16.30 37.99 -72.05
N ARG T 69 -16.72 38.04 -73.32
CA ARG T 69 -15.81 38.23 -74.45
C ARG T 69 -16.44 39.28 -75.37
N THR T 70 -16.10 40.55 -75.14
CA THR T 70 -16.63 41.66 -75.91
C THR T 70 -15.48 42.50 -76.46
N ALA T 71 -15.83 43.59 -77.14
CA ALA T 71 -14.84 44.48 -77.73
C ALA T 71 -14.18 45.39 -76.71
N GLN T 72 -14.73 45.50 -75.50
CA GLN T 72 -14.19 46.40 -74.48
C GLN T 72 -12.81 45.95 -73.99
N GLY T 73 -12.42 44.71 -74.25
CA GLY T 73 -11.09 44.23 -73.97
C GLY T 73 -10.09 44.42 -75.08
N LYS T 74 -10.47 45.13 -76.15
CA LYS T 74 -9.53 45.40 -77.23
C LYS T 74 -8.42 46.35 -76.81
N GLN T 75 -8.73 47.33 -75.95
CA GLN T 75 -7.74 48.31 -75.54
C GLN T 75 -6.72 47.73 -74.57
N TRP T 76 -7.05 46.64 -73.87
CA TRP T 76 -6.13 45.99 -72.95
C TRP T 76 -5.44 44.78 -73.55
N GLY T 77 -5.90 44.28 -74.69
CA GLY T 77 -5.31 43.10 -75.29
C GLY T 77 -5.70 41.79 -74.65
N VAL T 78 -6.67 41.79 -73.74
CA VAL T 78 -7.12 40.59 -73.04
C VAL T 78 -8.51 40.24 -73.54
N SER T 79 -8.70 38.98 -73.93
CA SER T 79 -9.98 38.52 -74.45
C SER T 79 -11.01 38.28 -73.35
N ARG T 80 -10.59 38.23 -72.09
CA ARG T 80 -11.49 38.02 -70.96
C ARG T 80 -11.63 39.34 -70.20
N ALA T 81 -12.86 39.85 -70.12
CA ALA T 81 -13.13 41.12 -69.46
C ALA T 81 -14.37 40.97 -68.59
N ARG T 82 -14.32 41.57 -67.41
CA ARG T 82 -15.43 41.52 -66.46
C ARG T 82 -15.57 42.87 -65.77
N TRP T 83 -16.68 43.04 -65.08
CA TRP T 83 -17.05 44.29 -64.43
C TRP T 83 -17.42 44.08 -62.96
N PRO T 84 -16.42 44.00 -62.08
CA PRO T 84 -16.69 44.00 -60.64
C PRO T 84 -17.17 45.37 -60.19
N VAL T 85 -18.15 45.38 -59.27
CA VAL T 85 -18.77 46.63 -58.86
C VAL T 85 -18.31 47.06 -57.47
N LYS T 86 -18.36 46.16 -56.49
CA LYS T 86 -18.09 46.51 -55.11
C LYS T 86 -16.63 46.91 -54.90
N SER T 87 -15.72 46.20 -55.57
CA SER T 87 -14.30 46.55 -55.52
C SER T 87 -14.07 47.95 -56.04
N ALA T 88 -14.83 48.36 -57.05
CA ALA T 88 -14.74 49.72 -57.57
C ALA T 88 -15.18 50.74 -56.53
N GLN T 89 -16.26 50.46 -55.78
CA GLN T 89 -16.68 51.38 -54.73
C GLN T 89 -15.64 51.49 -53.62
N PHE T 90 -15.03 50.37 -53.23
CA PHE T 90 -14.03 50.42 -52.17
C PHE T 90 -12.77 51.15 -52.63
N LEU T 91 -12.36 50.92 -53.88
CA LEU T 91 -11.21 51.64 -54.43
C LEU T 91 -11.51 53.12 -54.58
N ILE T 92 -12.75 53.47 -54.94
CA ILE T 92 -13.18 54.86 -55.00
C ILE T 92 -13.09 55.52 -53.63
N GLY T 93 -13.58 54.83 -52.60
CA GLY T 93 -13.54 55.38 -51.25
C GLY T 93 -12.12 55.60 -50.76
N LEU T 94 -11.23 54.64 -51.02
CA LEU T 94 -9.84 54.82 -50.63
C LEU T 94 -9.16 55.90 -51.45
N LEU T 95 -9.57 56.09 -52.71
CA LEU T 95 -8.97 57.13 -53.53
C LEU T 95 -9.37 58.53 -53.07
N LYS T 96 -10.65 58.72 -52.71
CA LYS T 96 -11.01 60.02 -52.12
C LYS T 96 -10.42 60.18 -50.72
N ASN T 97 -10.20 59.10 -49.99
CA ASN T 97 -9.50 59.21 -48.71
C ASN T 97 -8.07 59.71 -48.92
N ALA T 98 -7.37 59.17 -49.92
CA ALA T 98 -6.02 59.61 -50.21
C ALA T 98 -6.01 61.03 -50.77
N GLU T 99 -7.07 61.41 -51.52
CA GLU T 99 -7.18 62.78 -51.98
C GLU T 99 -7.36 63.76 -50.83
N ALA T 100 -8.18 63.40 -49.84
CA ALA T 100 -8.34 64.23 -48.65
C ALA T 100 -7.02 64.32 -47.87
N ASN T 101 -6.29 63.20 -47.78
CA ASN T 101 -5.00 63.21 -47.10
C ASN T 101 -3.99 64.11 -47.80
N ALA T 102 -3.97 64.08 -49.14
CA ALA T 102 -3.05 64.93 -49.89
C ALA T 102 -3.46 66.40 -49.82
N ASP T 103 -4.76 66.68 -49.80
CA ASP T 103 -5.23 68.05 -49.66
C ASP T 103 -4.87 68.61 -48.29
N ALA T 104 -5.02 67.79 -47.24
CA ALA T 104 -4.64 68.23 -45.90
C ALA T 104 -3.13 68.39 -45.77
N LYS T 105 -2.36 67.52 -46.43
CA LYS T 105 -0.90 67.59 -46.33
C LYS T 105 -0.34 68.78 -47.08
N GLY T 106 -0.97 69.18 -48.19
CA GLY T 106 -0.50 70.33 -48.95
C GLY T 106 0.11 69.94 -50.29
N LEU T 107 -0.44 68.92 -50.92
CA LEU T 107 -0.01 68.47 -52.23
C LEU T 107 -0.92 69.00 -53.33
N ASP T 108 -0.34 69.19 -54.51
CA ASP T 108 -1.13 69.56 -55.68
C ASP T 108 -1.93 68.34 -56.13
N THR T 109 -3.25 68.45 -56.08
CA THR T 109 -4.13 67.31 -56.36
C THR T 109 -4.39 67.12 -57.85
N GLY T 110 -3.84 67.97 -58.70
CA GLY T 110 -3.99 67.81 -60.13
C GLY T 110 -2.85 67.03 -60.76
N ASN T 111 -1.76 66.85 -60.01
CA ASN T 111 -0.59 66.12 -60.48
C ASN T 111 -0.33 64.86 -59.65
N LEU T 112 -1.39 64.25 -59.13
CA LEU T 112 -1.25 63.04 -58.32
C LEU T 112 -1.35 61.81 -59.22
N ILE T 113 -0.40 60.89 -59.04
CA ILE T 113 -0.38 59.64 -59.78
C ILE T 113 -0.35 58.49 -58.78
N ILE T 114 -0.88 57.33 -59.18
CA ILE T 114 -0.92 56.16 -58.27
C ILE T 114 0.44 55.45 -58.31
N LYS T 115 1.33 55.76 -57.36
CA LYS T 115 2.68 55.15 -57.33
C LYS T 115 2.54 53.64 -57.17
N HIS T 116 1.78 53.20 -56.15
CA HIS T 116 1.64 51.74 -55.89
C HIS T 116 0.29 51.44 -55.24
N ILE T 117 -0.29 50.28 -55.54
CA ILE T 117 -1.56 49.87 -54.86
C ILE T 117 -1.43 48.36 -54.57
N GLN T 118 -1.55 47.97 -53.30
CA GLN T 118 -1.30 46.55 -52.95
C GLN T 118 -2.53 45.93 -52.29
N VAL T 119 -3.01 44.80 -52.82
CA VAL T 119 -4.12 44.10 -52.19
C VAL T 119 -3.59 42.83 -51.57
N ASN T 120 -3.69 42.73 -50.25
CA ASN T 120 -3.27 41.57 -49.48
C ASN T 120 -4.50 40.83 -48.98
N GLN T 121 -4.31 39.58 -48.56
CA GLN T 121 -5.41 38.80 -48.02
C GLN T 121 -5.61 39.12 -46.54
N ALA T 122 -6.86 39.26 -46.15
CA ALA T 122 -7.30 39.47 -44.78
C ALA T 122 -7.66 38.13 -44.14
N PRO T 123 -7.79 38.07 -42.81
CA PRO T 123 -8.25 36.83 -42.17
C PRO T 123 -9.63 36.41 -42.66
N LYS T 124 -9.79 35.11 -42.85
CA LYS T 124 -11.01 34.56 -43.42
C LYS T 124 -12.14 34.57 -42.38
N GLN T 125 -13.34 34.86 -42.84
CA GLN T 125 -14.50 34.98 -41.97
C GLN T 125 -14.98 33.59 -41.57
N ARG T 126 -14.86 33.25 -40.29
CA ARG T 126 -15.26 31.94 -39.80
C ARG T 126 -16.77 31.91 -39.59
N ARG T 127 -17.47 31.14 -40.40
CA ARG T 127 -18.92 31.04 -40.30
C ARG T 127 -19.33 30.08 -39.19
N PRO T 138 -19.19 24.14 -45.55
CA PRO T 138 -17.86 24.79 -45.49
C PRO T 138 -17.70 25.87 -46.55
N TYR T 139 -18.14 27.09 -46.24
CA TYR T 139 -18.06 28.21 -47.16
C TYR T 139 -17.25 29.31 -46.49
N MET T 140 -16.19 29.76 -47.15
CA MET T 140 -15.24 30.70 -46.58
C MET T 140 -15.24 31.99 -47.38
N SER T 141 -15.36 33.12 -46.69
CA SER T 141 -15.27 34.43 -47.32
C SER T 141 -13.82 34.83 -47.48
N ASN T 142 -13.56 35.70 -48.47
CA ASN T 142 -12.21 36.15 -48.79
C ASN T 142 -12.14 37.67 -48.70
N PRO T 143 -11.93 38.22 -47.51
CA PRO T 143 -11.74 39.67 -47.38
C PRO T 143 -10.31 40.05 -47.80
N CYS T 144 -10.03 41.35 -47.74
CA CYS T 144 -8.74 41.83 -48.21
C CYS T 144 -8.34 43.11 -47.50
N HIS T 145 -7.04 43.40 -47.53
CA HIS T 145 -6.47 44.68 -47.14
C HIS T 145 -6.00 45.39 -48.40
N ILE T 146 -6.17 46.71 -48.45
CA ILE T 146 -5.72 47.52 -49.57
C ILE T 146 -4.85 48.64 -49.03
N GLU T 147 -3.66 48.79 -49.62
CA GLU T 147 -2.73 49.88 -49.22
C GLU T 147 -2.25 50.59 -50.49
N LEU T 148 -2.76 51.80 -50.75
CA LEU T 148 -2.34 52.56 -51.97
C LEU T 148 -1.53 53.80 -51.57
N ILE T 149 -0.53 54.15 -52.37
CA ILE T 149 0.30 55.36 -52.09
C ILE T 149 0.34 56.24 -53.33
N LEU T 150 -0.26 57.43 -53.27
CA LEU T 150 -0.21 58.40 -54.35
C LEU T 150 1.00 59.30 -54.16
N THR T 151 1.63 59.69 -55.25
CA THR T 151 2.70 60.67 -55.21
C THR T 151 2.43 61.79 -56.21
N GLU T 152 3.25 62.83 -56.10
CA GLU T 152 3.23 63.94 -57.04
C GLU T 152 4.04 63.57 -58.27
N ALA T 153 3.73 64.23 -59.39
CA ALA T 153 4.54 64.09 -60.58
C ALA T 153 5.92 64.66 -60.34
N GLU T 154 6.93 63.98 -60.88
CA GLU T 154 8.32 64.37 -60.66
C GLU T 154 8.61 65.71 -61.32
N GLU T 155 9.24 66.60 -60.56
CA GLU T 155 9.50 67.96 -60.99
C GLU T 155 10.92 68.07 -61.54
N THR T 156 11.06 68.82 -62.63
CA THR T 156 12.33 68.95 -63.33
C THR T 156 12.77 70.41 -63.31
N VAL T 157 14.03 70.64 -62.96
CA VAL T 157 14.59 71.98 -62.86
C VAL T 157 15.72 72.11 -63.88
N GLN T 158 15.66 73.15 -64.70
CA GLN T 158 16.70 73.41 -65.67
C GLN T 158 17.99 73.84 -64.96
N LYS T 159 19.12 73.30 -65.41
CA LYS T 159 20.41 73.61 -64.81
C LYS T 159 20.83 75.03 -65.15
N SER T 160 21.94 75.45 -64.55
CA SER T 160 22.64 76.67 -64.92
C SER T 160 24.01 76.28 -65.47
N GLU T 161 24.51 77.08 -66.40
CA GLU T 161 25.81 76.81 -67.00
C GLU T 161 26.92 76.99 -65.97
N ALA T 162 27.90 76.10 -66.03
CA ALA T 162 29.01 76.14 -65.09
C ALA T 162 29.88 77.37 -65.33
N VAL T 163 30.51 77.84 -64.26
CA VAL T 163 31.35 79.03 -64.30
C VAL T 163 32.77 78.59 -64.63
N VAL T 164 33.59 79.53 -65.11
CA VAL T 164 34.99 79.22 -65.37
C VAL T 164 35.82 79.64 -64.17
N ARG T 165 37.01 79.06 -64.04
CA ARG T 165 37.86 79.34 -62.90
C ARG T 165 39.23 79.84 -63.35
N ARG U 44 46.40 -7.85 -25.09
CA ARG U 44 45.49 -7.06 -25.92
C ARG U 44 45.84 -5.58 -25.84
N LYS U 45 44.86 -4.73 -26.12
CA LYS U 45 45.06 -3.29 -26.13
C LYS U 45 44.72 -2.60 -24.82
N ALA U 46 43.80 -3.16 -24.03
CA ALA U 46 43.39 -2.54 -22.78
C ALA U 46 42.82 -3.61 -21.87
N PRO U 47 42.95 -3.48 -20.56
CA PRO U 47 42.26 -4.39 -19.65
C PRO U 47 40.80 -3.98 -19.50
N LYS U 48 39.95 -4.98 -19.28
CA LYS U 48 38.54 -4.69 -19.07
C LYS U 48 38.26 -4.15 -17.67
N SER U 49 39.19 -4.32 -16.74
CA SER U 49 39.01 -3.85 -15.37
C SER U 49 39.01 -2.33 -15.32
N ASP U 50 38.19 -1.77 -14.43
CA ASP U 50 38.17 -0.35 -14.16
C ASP U 50 39.00 0.03 -12.94
N ASN U 51 39.59 -0.94 -12.26
CA ASN U 51 40.48 -0.69 -11.14
C ASN U 51 41.73 0.04 -11.65
N VAL U 52 41.98 1.24 -11.11
CA VAL U 52 43.11 2.04 -11.57
C VAL U 52 44.44 1.40 -11.16
N TYR U 53 44.47 0.72 -10.02
CA TYR U 53 45.68 0.05 -9.60
C TYR U 53 45.96 -1.18 -10.45
N LEU U 54 44.91 -1.83 -10.96
CA LEU U 54 45.09 -2.90 -11.94
C LEU U 54 45.72 -2.36 -13.22
N LYS U 55 45.28 -1.18 -13.67
CA LYS U 55 45.90 -0.56 -14.84
C LYS U 55 47.34 -0.15 -14.55
N LEU U 56 47.64 0.25 -13.31
CA LEU U 56 49.02 0.52 -12.93
C LEU U 56 49.89 -0.72 -13.04
N LEU U 57 49.37 -1.86 -12.56
CA LEU U 57 50.07 -3.13 -12.71
C LEU U 57 50.23 -3.51 -14.17
N VAL U 58 49.22 -3.20 -14.99
CA VAL U 58 49.29 -3.49 -16.42
C VAL U 58 50.37 -2.67 -17.11
N LYS U 59 50.48 -1.39 -16.76
CA LYS U 59 51.55 -0.56 -17.30
C LYS U 59 52.92 -1.06 -16.88
N LEU U 60 53.05 -1.41 -15.61
CA LEU U 60 54.34 -1.93 -15.06
C LEU U 60 54.74 -3.22 -15.80
N TYR U 61 53.80 -4.15 -15.99
CA TYR U 61 54.16 -5.42 -16.59
C TYR U 61 54.23 -5.33 -18.11
N ARG U 62 53.58 -4.34 -18.72
CA ARG U 62 53.86 -4.02 -20.13
C ARG U 62 55.30 -3.60 -20.31
N PHE U 63 55.78 -2.70 -19.44
CA PHE U 63 57.19 -2.25 -19.53
C PHE U 63 58.12 -3.46 -19.35
N LEU U 64 57.89 -4.24 -18.29
CA LEU U 64 58.72 -5.43 -18.02
C LEU U 64 58.69 -6.35 -19.24
N ALA U 65 57.49 -6.73 -19.72
CA ALA U 65 57.45 -7.67 -20.83
C ALA U 65 58.18 -7.12 -22.05
N ARG U 66 58.15 -5.81 -22.25
CA ARG U 66 58.82 -5.24 -23.40
C ARG U 66 60.33 -5.22 -23.22
N ARG U 67 60.82 -4.84 -22.04
CA ARG U 67 62.23 -4.56 -21.85
C ARG U 67 63.01 -5.72 -21.25
N THR U 68 62.40 -6.88 -21.05
CA THR U 68 63.12 -8.06 -20.60
C THR U 68 62.72 -9.26 -21.45
N GLU U 69 63.65 -10.19 -21.62
CA GLU U 69 63.36 -11.45 -22.30
C GLU U 69 62.93 -12.53 -21.32
N ALA U 70 61.94 -12.19 -20.48
CA ALA U 70 61.45 -13.12 -19.48
C ALA U 70 60.04 -13.53 -19.85
N PRO U 71 59.77 -14.81 -20.13
CA PRO U 71 58.39 -15.24 -20.39
C PRO U 71 57.47 -15.09 -19.19
N PHE U 72 58.03 -15.04 -17.98
CA PHE U 72 57.23 -14.88 -16.77
C PHE U 72 56.45 -13.57 -16.79
N ASN U 73 57.12 -12.47 -17.19
CA ASN U 73 56.45 -11.18 -17.22
C ASN U 73 55.36 -11.14 -18.27
N LYS U 74 55.59 -11.80 -19.41
CA LYS U 74 54.58 -11.87 -20.46
C LYS U 74 53.36 -12.67 -20.01
N VAL U 75 53.58 -13.77 -19.28
CA VAL U 75 52.47 -14.56 -18.77
C VAL U 75 51.68 -13.79 -17.72
N VAL U 76 52.39 -13.06 -16.84
CA VAL U 76 51.70 -12.24 -15.83
C VAL U 76 50.90 -11.13 -16.48
N LEU U 77 51.44 -10.50 -17.53
CA LEU U 77 50.69 -9.48 -18.26
C LEU U 77 49.45 -10.06 -18.94
N ARG U 78 49.60 -11.24 -19.54
CA ARG U 78 48.46 -11.90 -20.18
C ARG U 78 47.37 -12.24 -19.17
N ARG U 79 47.76 -12.69 -17.99
CA ARG U 79 46.77 -13.02 -16.97
C ARG U 79 46.17 -11.77 -16.34
N LEU U 80 46.92 -10.66 -16.34
CA LEU U 80 46.35 -9.39 -15.89
C LEU U 80 45.30 -8.86 -16.87
N PHE U 81 45.49 -9.13 -18.16
CA PHE U 81 44.48 -8.73 -19.15
C PHE U 81 43.20 -9.55 -19.03
N MET U 82 43.27 -10.73 -18.42
CA MET U 82 42.20 -11.71 -18.46
C MET U 82 41.08 -11.33 -17.47
N SER U 83 39.90 -11.90 -17.72
CA SER U 83 38.72 -11.56 -16.93
C SER U 83 38.71 -12.32 -15.61
N ARG U 84 37.72 -12.02 -14.77
CA ARG U 84 37.67 -12.58 -13.43
C ARG U 84 37.30 -14.06 -13.45
N ILE U 85 36.39 -14.45 -14.34
CA ILE U 85 36.02 -15.86 -14.45
C ILE U 85 37.18 -16.69 -15.00
N ASN U 86 38.04 -16.08 -15.80
CA ASN U 86 39.24 -16.75 -16.29
C ASN U 86 40.37 -16.73 -15.28
N ARG U 87 40.21 -16.02 -14.16
CA ARG U 87 41.16 -16.01 -13.06
C ARG U 87 40.46 -16.57 -11.83
N PRO U 88 40.30 -17.92 -11.71
CA PRO U 88 39.56 -18.48 -10.57
C PRO U 88 40.38 -18.40 -9.27
N PRO U 89 39.72 -18.29 -8.10
CA PRO U 89 40.44 -18.20 -6.82
C PRO U 89 41.33 -19.43 -6.55
N VAL U 90 42.54 -19.21 -6.04
CA VAL U 90 43.45 -20.34 -5.69
C VAL U 90 43.44 -20.52 -4.17
N SER U 91 43.09 -21.71 -3.69
CA SER U 91 42.96 -21.92 -2.23
C SER U 91 44.31 -22.24 -1.57
N LEU U 92 44.38 -22.12 -0.25
CA LEU U 92 45.63 -22.40 0.50
C LEU U 92 46.01 -23.88 0.37
N SER U 93 45.02 -24.77 0.21
CA SER U 93 45.31 -26.20 0.14
C SER U 93 45.97 -26.57 -1.19
N ARG U 94 45.55 -25.90 -2.28
CA ARG U 94 46.13 -26.16 -3.61
C ARG U 94 47.59 -25.70 -3.62
N ILE U 95 47.88 -24.57 -2.97
CA ILE U 95 49.29 -24.08 -2.87
C ILE U 95 50.07 -25.04 -1.97
N ALA U 96 49.47 -25.50 -0.86
CA ALA U 96 50.13 -26.42 0.04
C ALA U 96 50.47 -27.75 -0.65
N ARG U 97 49.62 -28.18 -1.59
CA ARG U 97 49.96 -29.35 -2.39
C ARG U 97 51.14 -29.08 -3.31
N ASN U 98 51.13 -27.94 -4.00
CA ASN U 98 52.16 -27.66 -4.99
C ASN U 98 53.50 -27.28 -4.36
N LEU U 99 53.53 -27.03 -3.06
CA LEU U 99 54.76 -26.65 -2.35
C LEU U 99 55.35 -27.88 -1.68
N LYS U 100 55.65 -28.90 -2.48
CA LYS U 100 55.93 -30.21 -1.90
C LYS U 100 57.33 -30.76 -2.15
N ASN U 101 57.85 -30.71 -3.37
CA ASN U 101 59.07 -31.44 -3.67
C ASN U 101 60.32 -30.63 -3.36
N GLY U 102 60.50 -29.52 -4.07
CA GLY U 102 61.65 -28.66 -3.87
C GLY U 102 61.27 -27.21 -4.02
N ASN U 103 59.96 -26.94 -3.93
CA ASN U 103 59.41 -25.62 -4.15
C ASN U 103 59.11 -24.87 -2.86
N GLU U 104 59.47 -25.43 -1.70
CA GLU U 104 59.16 -24.74 -0.45
C GLU U 104 59.97 -23.46 -0.28
N LYS U 105 61.11 -23.35 -0.95
CA LYS U 105 61.93 -22.15 -0.90
C LYS U 105 61.62 -21.18 -2.03
N LYS U 106 60.65 -21.51 -2.89
CA LYS U 106 60.25 -20.66 -4.00
C LYS U 106 59.12 -19.73 -3.59
N THR U 107 58.98 -18.64 -4.36
CA THR U 107 57.96 -17.64 -4.12
C THR U 107 56.74 -17.96 -4.98
N VAL U 108 55.60 -18.20 -4.33
CA VAL U 108 54.36 -18.57 -5.08
C VAL U 108 53.79 -17.31 -5.74
N VAL U 109 53.51 -17.37 -7.04
CA VAL U 109 52.90 -16.21 -7.75
C VAL U 109 51.50 -16.63 -8.23
N VAL U 110 50.47 -15.90 -7.79
CA VAL U 110 49.07 -16.21 -8.20
C VAL U 110 48.45 -14.93 -8.76
N VAL U 111 48.14 -14.89 -10.06
CA VAL U 111 47.44 -13.71 -10.63
C VAL U 111 45.94 -13.93 -10.43
N ALA U 112 45.49 -13.92 -9.17
CA ALA U 112 44.07 -14.13 -8.81
C ALA U 112 43.91 -13.78 -7.32
N THR U 113 42.84 -14.25 -6.68
CA THR U 113 42.73 -14.00 -5.21
C THR U 113 42.98 -15.34 -4.49
N VAL U 114 43.90 -15.36 -3.52
CA VAL U 114 44.09 -16.62 -2.74
C VAL U 114 43.01 -16.65 -1.65
N THR U 115 42.29 -17.77 -1.55
CA THR U 115 41.20 -17.91 -0.57
C THR U 115 41.62 -18.87 0.53
N ASP U 116 41.03 -18.76 1.72
CA ASP U 116 41.34 -19.70 2.79
C ASP U 116 40.63 -21.02 2.55
N ASP U 117 41.28 -22.11 2.96
CA ASP U 117 40.69 -23.44 2.92
C ASP U 117 40.56 -23.95 4.35
N ASN U 118 39.33 -24.30 4.74
CA ASN U 118 39.08 -24.81 6.10
C ASN U 118 39.57 -26.26 6.19
N ARG U 119 39.63 -26.98 5.07
CA ARG U 119 40.05 -28.37 5.10
C ARG U 119 41.52 -28.49 5.50
N LEU U 120 42.33 -27.47 5.23
CA LEU U 120 43.74 -27.50 5.56
C LEU U 120 43.93 -27.14 7.02
N LEU U 121 44.45 -28.09 7.80
CA LEU U 121 44.62 -27.88 9.24
C LEU U 121 45.92 -27.16 9.57
N GLN U 122 47.00 -27.49 8.88
CA GLN U 122 48.31 -26.88 9.13
C GLN U 122 48.78 -26.16 7.88
N VAL U 123 49.04 -24.87 8.01
CA VAL U 123 49.52 -24.03 6.91
C VAL U 123 51.04 -23.99 6.94
N PRO U 124 51.73 -24.40 5.88
CA PRO U 124 53.19 -24.34 5.88
C PRO U 124 53.70 -22.92 5.70
N LYS U 125 55.01 -22.76 5.87
CA LYS U 125 55.63 -21.47 5.62
C LYS U 125 55.70 -21.21 4.11
N MET U 126 55.29 -20.01 3.70
CA MET U 126 55.07 -19.74 2.30
C MET U 126 55.22 -18.25 2.02
N GLU U 127 55.85 -17.94 0.90
CA GLU U 127 55.98 -16.57 0.40
C GLU U 127 55.10 -16.48 -0.84
N VAL U 128 53.93 -15.83 -0.69
CA VAL U 128 52.96 -15.80 -1.83
C VAL U 128 52.79 -14.37 -2.35
N ALA U 129 52.85 -14.18 -3.66
CA ALA U 129 52.60 -12.86 -4.27
C ALA U 129 51.31 -12.95 -5.09
N ALA U 130 50.26 -12.23 -4.69
CA ALA U 130 48.97 -12.36 -5.39
C ALA U 130 48.28 -11.00 -5.56
N LEU U 131 47.22 -10.96 -6.37
CA LEU U 131 46.43 -9.71 -6.53
C LEU U 131 45.73 -9.42 -5.20
N ARG U 132 44.90 -10.34 -4.73
CA ARG U 132 44.15 -10.09 -3.51
C ARG U 132 44.28 -11.27 -2.57
N PHE U 133 44.19 -10.99 -1.27
CA PHE U 133 44.11 -12.00 -0.23
C PHE U 133 42.85 -11.78 0.58
N THR U 134 42.12 -12.85 0.83
CA THR U 134 41.03 -12.77 1.79
C THR U 134 41.61 -12.65 3.20
N ALA U 135 40.79 -12.14 4.12
CA ALA U 135 41.29 -11.81 5.46
C ALA U 135 41.75 -13.05 6.21
N LYS U 136 41.00 -14.14 6.11
CA LYS U 136 41.36 -15.40 6.82
C LYS U 136 42.61 -16.02 6.17
N ALA U 137 42.73 -15.97 4.84
CA ALA U 137 43.90 -16.50 4.15
C ALA U 137 45.17 -15.73 4.51
N ARG U 138 45.10 -14.40 4.50
CA ARG U 138 46.25 -13.58 4.89
C ARG U 138 46.62 -13.80 6.35
N ALA U 139 45.61 -13.88 7.23
CA ALA U 139 45.87 -14.08 8.64
C ALA U 139 46.49 -15.45 8.90
N ARG U 140 46.04 -16.49 8.20
CA ARG U 140 46.59 -17.82 8.35
C ARG U 140 47.99 -17.94 7.74
N ILE U 141 48.28 -17.20 6.66
CA ILE U 141 49.63 -17.20 6.11
C ILE U 141 50.60 -16.50 7.05
N GLU U 142 50.24 -15.33 7.57
CA GLU U 142 51.15 -14.60 8.46
C GLU U 142 51.24 -15.25 9.84
N ALA U 143 50.22 -15.99 10.26
CA ALA U 143 50.30 -16.66 11.56
C ALA U 143 51.22 -17.87 11.53
N ALA U 144 51.48 -18.41 10.33
CA ALA U 144 52.38 -19.54 10.18
C ALA U 144 53.83 -19.15 9.95
N GLY U 145 54.14 -17.86 10.06
CA GLY U 145 55.46 -17.36 9.74
C GLY U 145 55.70 -17.04 8.29
N GLY U 146 54.68 -17.18 7.43
CA GLY U 146 54.79 -16.86 6.03
C GLY U 146 54.66 -15.38 5.76
N ARG U 147 54.55 -15.04 4.48
CA ARG U 147 54.51 -13.64 4.08
C ARG U 147 53.48 -13.45 2.97
N THR U 148 53.03 -12.22 2.81
CA THR U 148 52.02 -11.84 1.83
C THR U 148 52.57 -10.72 0.96
N LEU U 149 52.46 -10.87 -0.36
CA LEU U 149 53.00 -9.91 -1.32
C LEU U 149 51.95 -9.46 -2.32
N THR U 150 52.13 -8.25 -2.82
CA THR U 150 51.43 -7.75 -3.99
C THR U 150 52.35 -7.91 -5.20
N LEU U 151 51.80 -7.62 -6.38
CA LEU U 151 52.55 -7.86 -7.61
C LEU U 151 53.66 -6.83 -7.85
N ASP U 152 53.54 -5.62 -7.30
CA ASP U 152 54.60 -4.63 -7.49
C ASP U 152 55.81 -4.92 -6.60
N GLN U 153 55.57 -5.42 -5.39
CA GLN U 153 56.69 -5.89 -4.56
C GLN U 153 57.37 -7.09 -5.20
N LEU U 154 56.61 -7.96 -5.85
CA LEU U 154 57.22 -9.05 -6.62
C LEU U 154 58.02 -8.51 -7.80
N ALA U 155 57.49 -7.50 -8.48
CA ALA U 155 58.18 -6.94 -9.68
C ALA U 155 59.48 -6.25 -9.26
N LEU U 156 59.57 -5.82 -8.00
CA LEU U 156 60.79 -5.11 -7.51
C LEU U 156 61.77 -6.15 -6.96
N GLU U 157 61.26 -7.11 -6.19
CA GLU U 157 62.15 -8.12 -5.61
C GLU U 157 62.59 -9.14 -6.64
N LYS U 158 61.67 -9.55 -7.53
CA LYS U 158 61.94 -10.55 -8.56
C LYS U 158 61.50 -9.98 -9.91
N PRO U 159 62.28 -9.09 -10.57
CA PRO U 159 61.83 -8.45 -11.81
C PRO U 159 61.68 -9.44 -12.96
N THR U 160 62.41 -10.55 -12.94
CA THR U 160 62.31 -11.51 -14.03
C THR U 160 61.62 -12.80 -13.64
N GLY U 161 61.30 -12.99 -12.36
CA GLY U 161 60.65 -14.19 -11.90
C GLY U 161 61.55 -15.35 -11.57
N ALA U 162 62.76 -15.09 -11.08
CA ALA U 162 63.69 -16.16 -10.75
C ALA U 162 63.24 -16.91 -9.50
N ASN U 163 63.19 -18.23 -9.59
CA ASN U 163 62.76 -19.13 -8.50
C ASN U 163 61.36 -18.78 -8.02
N THR U 164 60.43 -18.69 -8.97
CA THR U 164 59.03 -18.45 -8.67
C THR U 164 58.21 -19.69 -9.02
N LEU U 165 57.01 -19.77 -8.44
CA LEU U 165 56.11 -20.89 -8.66
C LEU U 165 54.76 -20.33 -9.10
N LEU U 166 54.53 -20.33 -10.41
CA LEU U 166 53.30 -19.81 -10.97
C LEU U 166 52.18 -20.85 -10.82
N LEU U 167 51.10 -20.44 -10.15
CA LEU U 167 49.99 -21.37 -9.87
C LEU U 167 48.66 -20.81 -10.35
N ARG U 168 47.85 -21.64 -11.02
CA ARG U 168 46.54 -21.26 -11.51
C ARG U 168 45.47 -22.00 -10.73
N GLY U 169 44.32 -21.33 -10.59
CA GLY U 169 43.19 -21.95 -9.89
C GLY U 169 42.48 -22.92 -10.80
N PRO U 170 41.62 -23.81 -10.25
CA PRO U 170 40.91 -24.80 -11.06
C PRO U 170 39.87 -24.16 -11.95
N LYS U 171 39.78 -24.66 -13.19
CA LYS U 171 38.85 -24.14 -14.16
C LYS U 171 37.48 -24.77 -13.94
N ASN U 172 36.44 -23.93 -13.94
CA ASN U 172 35.05 -24.31 -13.65
C ASN U 172 34.91 -25.06 -12.32
N MET V 1 49.55 -15.11 -92.64
CA MET V 1 49.36 -14.74 -91.24
C MET V 1 50.53 -13.89 -90.74
N GLY V 2 50.53 -12.61 -91.10
CA GLY V 2 51.63 -11.71 -90.68
C GLY V 2 52.86 -11.90 -91.54
N ARG V 3 54.05 -11.72 -90.94
CA ARG V 3 55.31 -11.97 -91.68
C ARG V 3 55.66 -13.46 -91.55
N LEU V 4 55.03 -14.31 -92.36
CA LEU V 4 55.30 -15.77 -92.31
C LEU V 4 56.76 -16.04 -92.65
N GLN V 5 57.38 -17.02 -92.01
CA GLN V 5 58.78 -17.40 -92.34
C GLN V 5 58.81 -18.91 -92.59
N GLU V 6 59.57 -19.36 -93.59
CA GLU V 6 59.70 -20.83 -93.81
C GLU V 6 60.67 -21.40 -92.77
N TYR V 7 60.21 -22.35 -91.95
CA TYR V 7 61.07 -22.90 -90.87
C TYR V 7 61.35 -24.39 -91.12
N GLN V 8 62.62 -24.79 -91.06
CA GLN V 8 62.96 -26.22 -91.21
C GLN V 8 62.92 -26.85 -89.81
N VAL V 9 61.82 -27.50 -89.45
CA VAL V 9 61.70 -28.06 -88.06
C VAL V 9 62.06 -29.53 -88.10
N ILE V 10 63.18 -29.91 -87.49
CA ILE V 10 63.56 -31.35 -87.39
C ILE V 10 63.20 -31.79 -85.98
N GLY V 11 62.55 -32.95 -85.83
CA GLY V 11 62.12 -33.43 -84.50
C GLY V 11 62.14 -34.94 -84.44
N ARG V 12 62.29 -35.50 -83.24
CA ARG V 12 62.43 -36.97 -83.13
C ARG V 12 61.80 -37.49 -81.84
N HIS V 13 61.49 -38.79 -81.79
CA HIS V 13 61.01 -39.40 -80.57
C HIS V 13 62.08 -39.30 -79.49
N LEU V 14 61.65 -39.41 -78.24
CA LEU V 14 62.61 -39.47 -77.15
C LEU V 14 63.35 -40.81 -77.18
N PRO V 15 64.67 -40.81 -76.95
CA PRO V 15 65.42 -42.07 -77.03
C PRO V 15 65.18 -42.94 -75.81
N THR V 16 64.99 -44.23 -76.05
CA THR V 16 64.77 -45.21 -75.01
C THR V 16 65.80 -46.32 -75.11
N GLU V 17 65.88 -47.14 -74.06
CA GLU V 17 66.76 -48.29 -74.07
C GLU V 17 66.33 -49.31 -75.12
N ALA V 18 65.02 -49.52 -75.26
CA ALA V 18 64.51 -50.47 -76.25
C ALA V 18 64.66 -49.91 -77.66
N ASN V 19 64.40 -48.61 -77.84
CA ASN V 19 64.41 -47.99 -79.16
C ASN V 19 65.35 -46.79 -79.04
N PRO V 20 66.64 -46.99 -79.30
CA PRO V 20 67.54 -45.84 -79.45
C PRO V 20 67.63 -45.40 -80.90
N ASN V 21 68.18 -44.18 -81.08
CA ASN V 21 68.45 -43.56 -82.37
C ASN V 21 67.19 -43.43 -83.24
N PRO V 22 66.28 -42.49 -82.92
CA PRO V 22 65.03 -42.37 -83.69
C PRO V 22 65.23 -41.85 -85.11
N ALA V 23 64.12 -41.67 -85.83
CA ALA V 23 64.14 -41.50 -87.28
C ALA V 23 64.38 -40.07 -87.74
N LEU V 24 64.33 -39.09 -86.84
CA LEU V 24 64.63 -37.67 -87.13
C LEU V 24 63.70 -37.11 -88.22
N TYR V 25 62.42 -37.03 -87.89
CA TYR V 25 61.45 -36.52 -88.86
C TYR V 25 61.61 -35.01 -89.06
N ARG V 26 61.65 -34.59 -90.32
CA ARG V 26 61.85 -33.15 -90.66
C ARG V 26 60.68 -32.63 -91.49
N MET V 27 60.22 -31.41 -91.23
CA MET V 27 59.10 -30.81 -92.01
C MET V 27 59.34 -29.31 -92.23
N ARG V 28 58.82 -28.77 -93.33
CA ARG V 28 58.91 -27.34 -93.61
C ARG V 28 57.58 -26.70 -93.25
N ILE V 29 57.60 -25.74 -92.31
CA ILE V 29 56.35 -25.11 -91.82
C ILE V 29 56.43 -23.60 -92.07
N PHE V 30 55.39 -23.02 -92.68
CA PHE V 30 55.35 -21.54 -92.85
C PHE V 30 54.63 -20.96 -91.64
N ALA V 31 55.37 -20.31 -90.73
CA ALA V 31 54.77 -19.79 -89.48
C ALA V 31 55.37 -18.43 -89.13
N PRO V 32 54.67 -17.54 -88.38
CA PRO V 32 55.20 -16.20 -88.09
C PRO V 32 56.39 -16.21 -87.15
N ASN V 33 56.47 -17.19 -86.25
CA ASN V 33 57.60 -17.30 -85.33
C ASN V 33 57.86 -18.77 -85.06
N GLU V 34 58.86 -19.05 -84.23
CA GLU V 34 59.32 -20.41 -84.01
C GLU V 34 58.36 -21.24 -83.18
N VAL V 35 57.66 -20.59 -82.25
CA VAL V 35 56.73 -21.32 -81.34
C VAL V 35 55.59 -21.92 -82.16
N VAL V 36 55.04 -21.15 -83.12
CA VAL V 36 53.94 -21.66 -83.99
C VAL V 36 54.52 -22.79 -84.86
N ALA V 37 55.74 -22.62 -85.37
CA ALA V 37 56.37 -23.65 -86.23
C ALA V 37 56.46 -24.97 -85.46
N LYS V 38 56.96 -24.92 -84.23
CA LYS V 38 57.10 -26.16 -83.40
C LYS V 38 55.72 -26.76 -83.16
N SER V 39 54.74 -25.93 -82.80
CA SER V 39 53.38 -26.45 -82.48
C SER V 39 52.75 -27.11 -83.72
N ARG V 40 52.86 -26.46 -84.88
CA ARG V 40 52.29 -27.01 -86.14
C ARG V 40 53.04 -28.29 -86.51
N PHE V 41 54.36 -28.33 -86.30
CA PHE V 41 55.17 -29.52 -86.60
C PHE V 41 54.64 -30.70 -85.77
N TRP V 42 54.38 -30.48 -84.49
CA TRP V 42 53.82 -31.56 -83.63
C TRP V 42 52.39 -31.91 -84.08
N TYR V 43 51.58 -30.91 -84.42
CA TYR V 43 50.20 -31.14 -84.91
C TYR V 43 50.26 -32.08 -86.12
N PHE V 44 51.30 -31.94 -86.95
CA PHE V 44 51.44 -32.76 -88.14
C PHE V 44 52.06 -34.12 -87.82
N LEU V 45 53.01 -34.17 -86.87
CA LEU V 45 53.58 -35.46 -86.51
C LEU V 45 52.66 -36.27 -85.61
N ARG V 46 51.75 -35.62 -84.89
CA ARG V 46 50.66 -36.33 -84.24
C ARG V 46 49.77 -36.99 -85.28
N GLY V 47 49.49 -36.28 -86.37
CA GLY V 47 48.74 -36.85 -87.47
C GLY V 47 49.42 -37.99 -88.21
N LEU V 48 50.68 -37.79 -88.62
CA LEU V 48 51.32 -38.69 -89.57
C LEU V 48 51.97 -39.91 -88.92
N LYS V 49 53.03 -39.68 -88.13
CA LYS V 49 53.89 -40.75 -87.65
C LYS V 49 53.61 -41.14 -86.22
N LYS V 50 52.64 -40.48 -85.57
CA LYS V 50 52.16 -40.77 -84.23
C LYS V 50 53.28 -40.69 -83.19
N VAL V 51 53.90 -39.52 -83.12
CA VAL V 51 54.75 -39.13 -82.01
C VAL V 51 54.12 -37.90 -81.36
N LYS V 52 54.45 -37.67 -80.10
CA LYS V 52 53.80 -36.62 -79.32
C LYS V 52 54.84 -35.65 -78.77
N LYS V 53 54.34 -34.47 -78.37
CA LYS V 53 55.19 -33.46 -77.76
C LYS V 53 55.75 -33.94 -76.42
N ALA V 54 54.95 -34.65 -75.64
CA ALA V 54 55.41 -35.14 -74.35
C ALA V 54 56.45 -36.24 -74.51
N THR V 55 56.36 -37.03 -75.57
CA THR V 55 57.29 -38.13 -75.81
C THR V 55 58.27 -37.84 -76.94
N GLY V 56 58.43 -36.57 -77.30
CA GLY V 56 59.35 -36.18 -78.36
C GLY V 56 60.02 -34.86 -78.05
N GLU V 57 60.99 -34.50 -78.89
CA GLU V 57 61.75 -33.23 -78.69
C GLU V 57 62.09 -32.63 -80.07
N ILE V 58 62.45 -31.35 -80.10
CA ILE V 58 62.76 -30.67 -81.40
C ILE V 58 64.27 -30.68 -81.61
N VAL V 59 64.73 -31.33 -82.68
CA VAL V 59 66.19 -31.40 -83.01
C VAL V 59 66.67 -30.01 -83.45
N SER V 60 65.98 -29.38 -84.41
CA SER V 60 66.44 -28.08 -84.95
C SER V 60 65.29 -27.27 -85.57
N VAL V 61 65.41 -25.94 -85.57
CA VAL V 61 64.39 -25.03 -86.18
C VAL V 61 65.19 -23.98 -86.96
N ASN V 62 65.30 -24.12 -88.28
CA ASN V 62 66.17 -23.20 -89.06
C ASN V 62 65.38 -22.38 -90.07
N VAL V 63 65.74 -21.10 -90.24
CA VAL V 63 65.09 -20.25 -91.23
C VAL V 63 65.61 -20.62 -92.61
N ILE V 64 64.67 -20.87 -93.53
CA ILE V 64 65.06 -21.18 -94.94
C ILE V 64 64.83 -19.92 -95.78
N SER V 65 65.83 -19.04 -95.85
CA SER V 65 65.71 -17.77 -96.62
C SER V 65 65.66 -18.07 -98.12
N GLU V 66 64.94 -17.25 -98.88
CA GLU V 66 64.84 -17.44 -100.35
C GLU V 66 66.22 -17.19 -100.99
N LYS V 67 66.64 -18.08 -101.88
CA LYS V 67 67.99 -17.96 -102.51
C LYS V 67 68.07 -16.67 -103.33
N HIS V 68 67.07 -16.41 -104.18
CA HIS V 68 67.11 -15.22 -105.06
C HIS V 68 65.82 -14.40 -104.91
N PRO V 69 65.67 -13.57 -103.86
CA PRO V 69 64.43 -12.81 -103.62
C PRO V 69 64.31 -11.55 -104.50
N LEU V 70 65.23 -11.34 -105.45
CA LEU V 70 65.16 -10.17 -106.36
C LEU V 70 64.73 -10.62 -107.76
N LYS V 71 64.32 -11.89 -107.89
CA LYS V 71 63.89 -12.44 -109.21
C LYS V 71 62.43 -12.87 -109.12
N VAL V 72 61.56 -12.33 -109.99
CA VAL V 72 60.13 -12.73 -110.00
C VAL V 72 60.03 -14.14 -110.60
N LYS V 73 59.22 -15.02 -109.98
CA LYS V 73 59.11 -16.42 -110.45
C LYS V 73 57.67 -16.91 -110.29
N ASN V 74 57.38 -18.11 -110.81
CA ASN V 74 56.00 -18.65 -110.74
C ASN V 74 55.94 -19.78 -109.70
N PHE V 75 54.96 -19.72 -108.79
CA PHE V 75 54.79 -20.74 -107.78
C PHE V 75 53.47 -21.46 -107.99
N GLY V 76 53.51 -22.78 -107.84
CA GLY V 76 52.32 -23.60 -107.84
C GLY V 76 52.19 -24.31 -106.51
N ILE V 77 51.06 -24.08 -105.82
CA ILE V 77 50.92 -24.61 -104.44
C ILE V 77 49.76 -25.60 -104.35
N TRP V 78 50.01 -26.79 -103.81
CA TRP V 78 48.90 -27.76 -103.58
C TRP V 78 48.45 -27.61 -102.13
N LEU V 79 47.14 -27.67 -101.87
CA LEU V 79 46.63 -27.42 -100.49
C LEU V 79 45.37 -28.24 -100.22
N ARG V 80 45.10 -28.57 -98.96
CA ARG V 80 43.85 -29.29 -98.59
C ARG V 80 43.04 -28.40 -97.65
N TYR V 81 41.81 -28.05 -98.03
CA TYR V 81 40.98 -27.12 -97.20
C TYR V 81 39.79 -27.88 -96.61
N ASP V 82 39.70 -27.95 -95.28
CA ASP V 82 38.53 -28.56 -94.66
C ASP V 82 37.39 -27.55 -94.65
N SER V 83 36.36 -27.82 -95.46
CA SER V 83 35.20 -26.95 -95.57
C SER V 83 34.10 -27.46 -94.64
N ARG V 84 32.91 -26.85 -94.76
CA ARG V 84 31.75 -27.35 -94.03
C ARG V 84 31.34 -28.73 -94.53
N SER V 85 31.39 -28.94 -95.85
CA SER V 85 31.04 -30.23 -96.42
C SER V 85 32.12 -31.27 -96.13
N GLY V 86 33.38 -30.90 -96.31
CA GLY V 86 34.47 -31.82 -96.09
C GLY V 86 35.76 -31.29 -96.69
N THR V 87 36.77 -32.15 -96.68
CA THR V 87 38.09 -31.76 -97.15
C THR V 87 38.16 -31.83 -98.66
N HIS V 88 38.75 -30.81 -99.28
CA HIS V 88 38.91 -30.73 -100.72
C HIS V 88 40.34 -30.34 -101.05
N ASN V 89 40.87 -30.90 -102.14
CA ASN V 89 42.22 -30.62 -102.60
C ASN V 89 42.18 -29.59 -103.72
N MET V 90 43.02 -28.55 -103.60
CA MET V 90 43.12 -27.53 -104.63
C MET V 90 44.57 -27.29 -104.98
N TYR V 91 44.77 -26.50 -106.04
CA TYR V 91 46.09 -26.15 -106.56
C TYR V 91 46.01 -24.79 -107.21
N LYS V 92 46.86 -23.86 -106.78
CA LYS V 92 46.75 -22.47 -107.21
C LYS V 92 48.12 -21.92 -107.58
N GLU V 93 48.11 -20.98 -108.54
CA GLU V 93 49.32 -20.36 -109.06
C GLU V 93 49.45 -18.93 -108.54
N TYR V 94 50.69 -18.49 -108.29
CA TYR V 94 50.94 -17.11 -107.79
C TYR V 94 52.25 -16.56 -108.38
N ARG V 95 52.25 -15.31 -108.85
CA ARG V 95 53.47 -14.69 -109.42
C ARG V 95 54.16 -13.85 -108.34
N GLU V 96 55.05 -14.46 -107.56
CA GLU V 96 55.71 -13.74 -106.44
C GLU V 96 57.23 -13.88 -106.55
N THR V 97 57.97 -13.09 -105.75
CA THR V 97 59.46 -13.12 -105.82
C THR V 97 60.00 -14.08 -104.76
N SER V 98 59.14 -14.60 -103.87
CA SER V 98 59.60 -15.50 -102.79
C SER V 98 58.50 -16.51 -102.42
N ARG V 99 58.90 -17.69 -101.93
CA ARG V 99 57.92 -18.75 -101.54
C ARG V 99 57.05 -18.20 -100.40
N VAL V 100 57.67 -17.44 -99.48
CA VAL V 100 56.91 -16.85 -98.34
C VAL V 100 55.81 -15.94 -98.88
N ALA V 101 56.14 -15.07 -99.86
CA ALA V 101 55.16 -14.13 -100.42
C ALA V 101 54.01 -14.91 -101.07
N ALA V 102 54.33 -16.00 -101.78
CA ALA V 102 53.29 -16.82 -102.44
C ALA V 102 52.34 -17.39 -101.39
N VAL V 103 52.88 -17.91 -100.29
CA VAL V 103 52.05 -18.51 -99.20
C VAL V 103 51.20 -17.41 -98.54
N GLU V 104 51.77 -16.21 -98.34
CA GLU V 104 51.01 -15.09 -97.76
C GLU V 104 49.85 -14.72 -98.70
N ALA V 105 50.12 -14.61 -100.00
CA ALA V 105 49.06 -14.29 -100.99
C ALA V 105 48.03 -15.42 -100.99
N MET V 106 48.48 -16.67 -100.97
CA MET V 106 47.59 -17.82 -100.89
C MET V 106 46.62 -17.69 -99.74
N TYR V 107 47.13 -17.33 -98.56
CA TYR V 107 46.27 -17.21 -97.38
C TYR V 107 45.26 -16.08 -97.54
N ALA V 108 45.70 -14.94 -98.09
CA ALA V 108 44.78 -13.85 -98.36
C ALA V 108 43.73 -14.24 -99.40
N ASP V 109 44.13 -14.98 -100.44
CA ASP V 109 43.21 -15.35 -101.51
C ASP V 109 42.18 -16.37 -100.99
N MET V 110 42.62 -17.36 -100.21
CA MET V 110 41.67 -18.36 -99.72
C MET V 110 40.83 -17.82 -98.57
N ALA V 111 41.29 -16.75 -97.93
CA ALA V 111 40.42 -16.07 -96.97
C ALA V 111 39.37 -15.21 -97.68
N ALA V 112 39.75 -14.57 -98.79
CA ALA V 112 38.81 -13.69 -99.49
C ALA V 112 37.78 -14.47 -100.28
N ARG V 113 38.19 -15.53 -100.98
CA ARG V 113 37.29 -16.20 -101.91
C ARG V 113 36.54 -17.36 -101.28
N HIS V 114 37.20 -18.16 -100.44
CA HIS V 114 36.59 -19.35 -99.86
C HIS V 114 36.36 -19.25 -98.37
N ARG V 115 36.73 -18.12 -97.75
CA ARG V 115 36.58 -17.87 -96.31
C ARG V 115 37.26 -18.96 -95.47
N ALA V 116 38.48 -19.31 -95.86
CA ALA V 116 39.23 -20.38 -95.20
C ALA V 116 40.16 -19.79 -94.14
N ARG V 117 40.30 -20.51 -93.03
CA ARG V 117 41.08 -20.05 -91.90
C ARG V 117 42.53 -20.53 -92.01
N PHE V 118 43.35 -20.14 -91.04
CA PHE V 118 44.72 -20.66 -90.98
C PHE V 118 44.72 -22.11 -90.53
N ARG V 119 43.85 -22.47 -89.58
CA ARG V 119 43.79 -23.81 -89.05
C ARG V 119 43.04 -24.78 -89.95
N SER V 120 42.41 -24.28 -91.02
CA SER V 120 41.63 -25.13 -91.91
C SER V 120 42.30 -25.29 -93.27
N ILE V 121 43.59 -24.96 -93.35
CA ILE V 121 44.35 -25.11 -94.62
C ILE V 121 45.62 -25.94 -94.35
N HIS V 122 45.84 -26.98 -95.14
CA HIS V 122 47.06 -27.82 -95.00
C HIS V 122 47.89 -27.70 -96.28
N ILE V 123 48.99 -26.95 -96.24
CA ILE V 123 49.82 -26.72 -97.46
C ILE V 123 50.56 -28.03 -97.80
N LEU V 124 50.06 -28.76 -98.80
CA LEU V 124 50.67 -30.08 -99.16
C LEU V 124 52.09 -29.86 -99.66
N LYS V 125 52.27 -28.97 -100.65
CA LYS V 125 53.61 -28.70 -101.22
C LYS V 125 53.64 -27.37 -101.96
N VAL V 126 54.80 -26.71 -102.01
CA VAL V 126 54.94 -25.44 -102.78
C VAL V 126 56.10 -25.64 -103.77
N VAL V 127 55.80 -25.58 -105.07
CA VAL V 127 56.85 -25.81 -106.11
C VAL V 127 57.00 -24.55 -106.95
N GLU V 128 58.11 -24.45 -107.70
CA GLU V 128 58.30 -23.28 -108.60
C GLU V 128 58.17 -23.76 -110.05
N LEU V 129 57.32 -23.11 -110.84
CA LEU V 129 57.17 -23.47 -112.27
C LEU V 129 58.37 -22.87 -113.03
N GLU V 130 59.51 -23.56 -113.01
CA GLU V 130 60.74 -23.06 -113.70
C GLU V 130 60.47 -22.95 -115.20
N LYS V 131 59.83 -23.98 -115.79
CA LYS V 131 59.57 -23.98 -117.25
C LYS V 131 58.30 -23.17 -117.55
N THR V 132 58.32 -22.40 -118.65
CA THR V 132 57.11 -21.64 -119.07
C THR V 132 56.07 -22.65 -119.58
N GLU V 133 54.77 -22.29 -119.56
CA GLU V 133 53.65 -23.16 -120.03
C GLU V 133 53.22 -24.11 -118.90
N ASP V 134 54.06 -24.29 -117.89
CA ASP V 134 53.67 -25.14 -116.72
C ASP V 134 52.49 -24.47 -116.00
N VAL V 135 52.43 -23.13 -116.03
CA VAL V 135 51.31 -22.39 -115.39
C VAL V 135 50.01 -22.69 -116.14
N LYS V 136 48.93 -22.95 -115.39
CA LYS V 136 47.63 -23.30 -116.03
C LYS V 136 46.57 -22.25 -115.68
N ARG V 137 46.87 -21.36 -114.72
CA ARG V 137 45.93 -20.27 -114.37
C ARG V 137 45.95 -19.21 -115.48
N PRO V 138 44.81 -18.90 -116.12
CA PRO V 138 44.80 -17.97 -117.26
C PRO V 138 45.34 -16.56 -116.90
N TYR V 139 45.05 -16.08 -115.70
CA TYR V 139 45.54 -14.74 -115.27
C TYR V 139 47.06 -14.74 -115.28
N ILE V 140 47.69 -15.78 -114.74
CA ILE V 140 49.18 -15.86 -114.68
C ILE V 140 49.73 -15.97 -116.11
N LYS V 141 49.07 -16.75 -116.97
CA LYS V 141 49.53 -16.90 -118.38
C LYS V 141 49.46 -15.57 -119.11
N GLN V 142 48.48 -14.72 -118.76
CA GLN V 142 48.37 -13.37 -119.37
C GLN V 142 49.65 -12.56 -119.03
N LEU V 143 50.10 -12.65 -117.78
CA LEU V 143 51.31 -11.90 -117.34
C LEU V 143 52.57 -12.48 -117.99
N VAL V 144 52.56 -13.77 -118.34
CA VAL V 144 53.77 -14.45 -118.89
C VAL V 144 53.81 -14.30 -120.42
N ALA V 145 52.87 -13.55 -121.02
CA ALA V 145 52.79 -13.44 -122.47
C ALA V 145 53.89 -12.53 -123.02
N LYS V 146 54.00 -12.55 -124.36
CA LYS V 146 55.11 -11.92 -125.04
C LYS V 146 54.97 -10.41 -125.07
N ASN V 147 56.02 -9.72 -124.60
CA ASN V 147 56.16 -8.27 -124.66
C ASN V 147 54.99 -7.54 -124.01
N LEU V 148 54.77 -7.77 -122.72
CA LEU V 148 53.66 -7.16 -122.02
C LEU V 148 53.90 -5.68 -121.78
N SER V 149 52.85 -4.88 -122.00
CA SER V 149 52.89 -3.44 -121.81
C SER V 149 51.47 -2.91 -121.69
N PHE V 150 51.15 -2.32 -120.54
CA PHE V 150 49.76 -1.83 -120.32
C PHE V 150 49.80 -0.43 -119.68
N PRO V 151 48.94 0.51 -120.13
CA PRO V 151 48.88 1.85 -119.54
C PRO V 151 48.15 1.86 -118.20
N LEU V 152 48.20 3.00 -117.49
CA LEU V 152 47.50 3.11 -116.18
C LEU V 152 46.50 4.27 -116.25
N PRO V 153 45.28 4.07 -116.82
CA PRO V 153 44.29 5.13 -116.94
C PRO V 153 43.56 5.44 -115.63
N HIS V 154 42.98 6.63 -115.50
CA HIS V 154 42.20 6.99 -114.29
C HIS V 154 43.01 6.70 -113.02
N ARG V 155 44.23 7.25 -112.94
CA ARG V 155 45.06 7.04 -111.72
C ARG V 155 44.66 8.08 -110.66
N VAL V 156 44.04 7.64 -109.57
CA VAL V 156 43.63 8.56 -108.47
C VAL V 156 44.91 9.17 -107.87
N PRO V 157 45.08 10.51 -107.89
CA PRO V 157 46.25 11.15 -107.28
C PRO V 157 46.23 11.02 -105.75
N LYS V 158 47.38 10.68 -105.15
CA LYS V 158 47.46 10.58 -103.69
C LYS V 158 47.41 11.97 -103.10
N ILE V 159 46.21 12.40 -102.73
CA ILE V 159 46.01 13.66 -102.02
C ILE V 159 46.05 13.40 -100.52
N SER V 160 46.39 14.42 -99.74
CA SER V 160 46.41 14.28 -98.30
C SER V 160 45.00 14.17 -97.75
N THR V 161 44.79 13.22 -96.83
CA THR V 161 43.49 13.10 -96.19
C THR V 161 43.23 14.20 -95.18
N LYS V 162 44.27 14.93 -94.78
CA LYS V 162 44.09 16.08 -93.91
C LYS V 162 44.02 17.39 -94.68
N LYS V 163 44.21 17.36 -96.00
CA LYS V 163 43.90 18.50 -96.86
C LYS V 163 42.42 18.41 -97.19
N ILE V 164 41.61 19.23 -96.52
CA ILE V 164 40.16 19.09 -96.62
C ILE V 164 39.64 19.75 -97.89
N PHE V 165 40.06 20.99 -98.15
CA PHE V 165 39.52 21.79 -99.24
C PHE V 165 40.60 22.06 -100.26
N SER V 166 40.29 21.81 -101.53
CA SER V 166 41.22 22.04 -102.64
C SER V 166 40.64 23.10 -103.57
N ALA V 167 41.50 23.99 -104.04
CA ALA V 167 41.04 25.07 -104.92
C ALA V 167 40.78 24.57 -106.34
N LYS V 168 41.58 23.62 -106.81
CA LYS V 168 41.49 23.13 -108.18
C LYS V 168 41.00 21.69 -108.19
N ARG V 169 40.06 21.40 -109.08
CA ARG V 169 39.59 20.03 -109.26
C ARG V 169 40.72 19.17 -109.80
N PRO V 170 40.92 17.96 -109.25
CA PRO V 170 42.12 17.20 -109.61
C PRO V 170 41.97 16.48 -110.94
N SER V 171 43.10 15.98 -111.44
CA SER V 171 43.18 15.26 -112.69
C SER V 171 43.73 13.86 -112.47
N THR V 172 43.23 12.91 -113.25
CA THR V 172 43.60 11.50 -113.11
C THR V 172 44.38 11.02 -114.33
N PHE V 173 45.26 11.87 -114.85
CA PHE V 173 46.12 11.51 -115.97
C PHE V 173 47.56 11.26 -115.55
N SER V 174 47.78 11.02 -114.26
CA SER V 174 49.12 10.75 -113.75
C SER V 174 49.21 9.33 -113.19
N ARG W 32 39.27 -63.72 -48.44
CA ARG W 32 40.04 -62.61 -47.88
C ARG W 32 39.54 -62.25 -46.48
N THR W 33 40.46 -61.95 -45.59
CA THR W 33 40.16 -61.55 -44.22
C THR W 33 40.55 -60.09 -44.03
N TYR W 34 39.68 -59.34 -43.36
CA TYR W 34 39.82 -57.90 -43.22
C TYR W 34 39.87 -57.51 -41.76
N ARG W 35 40.79 -56.60 -41.42
CA ARG W 35 40.90 -56.11 -40.06
C ARG W 35 40.07 -54.83 -39.91
N VAL W 36 40.09 -54.28 -38.70
CA VAL W 36 39.39 -53.02 -38.40
C VAL W 36 40.44 -51.92 -38.36
N GLY W 37 40.46 -51.10 -39.40
CA GLY W 37 41.41 -49.99 -39.46
C GLY W 37 42.38 -50.07 -40.62
N ASP W 38 42.04 -50.88 -41.63
CA ASP W 38 42.88 -51.05 -42.80
C ASP W 38 42.28 -50.27 -43.96
N ILE W 39 43.15 -49.77 -44.84
CA ILE W 39 42.73 -48.97 -45.97
C ILE W 39 42.24 -49.91 -47.07
N VAL W 40 40.97 -49.79 -47.44
CA VAL W 40 40.28 -50.74 -48.30
C VAL W 40 39.64 -49.98 -49.45
N ASP W 41 39.90 -50.43 -50.68
CA ASP W 41 39.26 -49.82 -51.84
C ASP W 41 38.18 -50.75 -52.39
N ILE W 42 37.11 -50.13 -52.88
CA ILE W 42 35.92 -50.82 -53.36
C ILE W 42 35.76 -50.49 -54.83
N LYS W 43 35.25 -51.46 -55.59
CA LYS W 43 35.21 -51.37 -57.05
C LYS W 43 33.79 -51.61 -57.56
N VAL W 44 33.04 -52.46 -56.85
CA VAL W 44 31.61 -52.72 -57.07
C VAL W 44 31.32 -53.32 -58.43
N ASN W 45 31.20 -54.64 -58.48
CA ASN W 45 30.77 -55.34 -59.69
C ASN W 45 29.25 -55.52 -59.69
N GLY W 46 28.74 -56.07 -60.78
CA GLY W 46 27.32 -56.30 -60.91
C GLY W 46 26.91 -57.75 -60.75
N ALA W 47 27.81 -58.57 -60.17
CA ALA W 47 27.52 -59.99 -60.03
C ALA W 47 26.43 -60.25 -59.00
N VAL W 48 26.53 -59.65 -57.81
CA VAL W 48 25.54 -59.79 -56.75
C VAL W 48 25.02 -58.40 -56.41
N GLN W 49 23.70 -58.26 -56.41
CA GLN W 49 23.04 -56.97 -56.19
C GLN W 49 22.67 -56.73 -54.74
N LYS W 50 23.11 -57.59 -53.82
CA LYS W 50 22.77 -57.44 -52.41
C LYS W 50 23.76 -56.49 -51.74
N GLY W 51 23.24 -55.46 -51.07
CA GLY W 51 24.07 -54.48 -50.40
C GLY W 51 24.96 -53.67 -51.30
N MET W 52 24.46 -53.31 -52.48
CA MET W 52 25.29 -52.55 -53.41
C MET W 52 25.26 -51.06 -53.08
N PRO W 53 26.39 -50.39 -53.18
CA PRO W 53 26.43 -48.94 -52.97
C PRO W 53 26.25 -48.18 -54.27
N HIS W 54 26.03 -46.87 -54.12
CA HIS W 54 25.71 -46.01 -55.25
C HIS W 54 26.96 -45.78 -56.11
N LYS W 55 26.74 -45.25 -57.31
CA LYS W 55 27.82 -44.98 -58.26
C LYS W 55 28.75 -43.85 -57.80
N PHE W 56 28.30 -43.02 -56.86
CA PHE W 56 29.22 -42.05 -56.25
C PHE W 56 30.28 -42.76 -55.41
N TYR W 57 29.97 -43.92 -54.87
CA TYR W 57 30.93 -44.75 -54.14
C TYR W 57 31.61 -45.78 -55.03
N HIS W 58 31.31 -45.79 -56.33
CA HIS W 58 31.89 -46.76 -57.24
C HIS W 58 33.38 -46.48 -57.42
N GLY W 59 34.21 -47.49 -57.15
CA GLY W 59 35.65 -47.36 -57.25
C GLY W 59 36.28 -46.38 -56.28
N LYS W 60 35.91 -46.45 -55.00
CA LYS W 60 36.37 -45.51 -54.00
C LYS W 60 37.33 -46.18 -53.03
N THR W 61 37.76 -45.42 -52.02
CA THR W 61 38.69 -45.92 -51.02
C THR W 61 38.28 -45.39 -49.65
N GLY W 62 38.37 -46.23 -48.63
CA GLY W 62 38.00 -45.83 -47.28
C GLY W 62 38.72 -46.62 -46.20
N VAL W 63 38.27 -46.46 -44.95
CA VAL W 63 38.88 -47.09 -43.80
C VAL W 63 37.84 -47.90 -43.04
N VAL W 64 38.17 -49.15 -42.71
CA VAL W 64 37.22 -50.06 -42.09
C VAL W 64 37.12 -49.78 -40.60
N TYR W 65 35.88 -49.64 -40.09
CA TYR W 65 35.62 -49.57 -38.67
C TYR W 65 34.72 -50.69 -38.16
N ASN W 66 34.12 -51.48 -39.04
CA ASN W 66 33.13 -52.46 -38.63
C ASN W 66 33.26 -53.65 -39.56
N VAL W 67 33.29 -54.86 -38.98
CA VAL W 67 33.36 -56.11 -39.72
C VAL W 67 32.25 -57.02 -39.21
N THR W 68 31.46 -57.57 -40.13
CA THR W 68 30.38 -58.51 -39.80
C THR W 68 30.70 -59.88 -40.40
N LYS W 69 29.70 -60.77 -40.33
CA LYS W 69 29.82 -62.08 -40.98
C LYS W 69 29.96 -61.93 -42.49
N SER W 70 29.18 -61.03 -43.08
CA SER W 70 29.25 -60.76 -44.52
C SER W 70 29.68 -59.34 -44.84
N ALA W 71 28.99 -58.34 -44.32
CA ALA W 71 29.23 -56.95 -44.67
C ALA W 71 30.40 -56.37 -43.87
N VAL W 72 30.86 -55.21 -44.32
CA VAL W 72 31.95 -54.48 -43.69
C VAL W 72 31.59 -52.99 -43.71
N GLY W 73 31.74 -52.34 -42.55
CA GLY W 73 31.54 -50.91 -42.42
C GLY W 73 32.78 -50.11 -42.70
N VAL W 74 32.69 -49.20 -43.67
CA VAL W 74 33.80 -48.40 -44.15
C VAL W 74 33.42 -46.92 -44.03
N ILE W 75 34.34 -46.12 -43.50
CA ILE W 75 34.23 -44.67 -43.55
C ILE W 75 34.86 -44.19 -44.86
N VAL W 76 34.14 -43.35 -45.59
CA VAL W 76 34.62 -42.75 -46.82
C VAL W 76 34.30 -41.25 -46.79
N TYR W 77 35.25 -40.44 -47.21
CA TYR W 77 35.07 -38.99 -47.20
C TYR W 77 34.19 -38.58 -48.38
N LYS W 78 33.47 -37.47 -48.22
CA LYS W 78 32.54 -37.00 -49.24
C LYS W 78 32.62 -35.49 -49.34
N ARG W 79 32.67 -35.01 -50.58
CA ARG W 79 32.70 -33.59 -50.90
C ARG W 79 31.28 -33.04 -50.88
N VAL W 80 31.10 -31.86 -50.28
CA VAL W 80 29.88 -31.07 -50.48
C VAL W 80 30.26 -29.59 -50.38
N LYS W 81 30.07 -28.86 -51.48
CA LYS W 81 30.34 -27.43 -51.59
C LYS W 81 31.77 -27.09 -51.20
N HIS W 82 31.96 -26.69 -49.94
CA HIS W 82 33.27 -26.25 -49.45
C HIS W 82 33.87 -27.19 -48.42
N ARG W 83 33.21 -28.28 -48.06
CA ARG W 83 33.65 -29.06 -46.91
C ARG W 83 33.51 -30.56 -47.15
N TYR W 84 34.00 -31.31 -46.16
CA TYR W 84 34.11 -32.76 -46.17
C TYR W 84 33.25 -33.36 -45.07
N ILE W 85 32.44 -34.36 -45.44
CA ILE W 85 31.66 -35.13 -44.48
C ILE W 85 32.03 -36.60 -44.61
N GLU W 86 32.35 -37.25 -43.49
CA GLU W 86 32.61 -38.68 -43.46
C GLU W 86 31.27 -39.41 -43.51
N LYS W 87 31.20 -40.48 -44.31
CA LYS W 87 30.01 -41.31 -44.40
C LYS W 87 30.37 -42.77 -44.13
N ARG W 88 29.49 -43.44 -43.37
CA ARG W 88 29.69 -44.82 -42.97
C ARG W 88 28.78 -45.70 -43.82
N ILE W 89 29.40 -46.59 -44.60
CA ILE W 89 28.71 -47.40 -45.60
C ILE W 89 29.05 -48.87 -45.40
N ASN W 90 28.18 -49.75 -45.91
CA ASN W 90 28.29 -51.19 -45.70
C ASN W 90 28.42 -51.90 -47.04
N VAL W 91 29.58 -52.51 -47.30
CA VAL W 91 29.80 -53.37 -48.47
C VAL W 91 30.34 -54.71 -48.01
N ARG W 92 29.85 -55.80 -48.59
CA ARG W 92 30.34 -57.13 -48.29
C ARG W 92 31.50 -57.50 -49.22
N ILE W 93 31.94 -58.76 -49.12
CA ILE W 93 33.35 -59.12 -49.32
C ILE W 93 33.77 -58.98 -50.79
N GLU W 94 32.91 -59.37 -51.73
CA GLU W 94 33.38 -59.57 -53.10
C GLU W 94 33.72 -58.28 -53.84
N HIS W 95 33.34 -57.11 -53.32
CA HIS W 95 33.71 -55.84 -53.95
C HIS W 95 34.79 -55.07 -53.20
N VAL W 96 35.10 -55.43 -51.96
CA VAL W 96 36.09 -54.73 -51.16
C VAL W 96 37.41 -55.48 -51.24
N LYS W 97 38.53 -54.75 -51.27
CA LYS W 97 39.84 -55.40 -51.24
C LYS W 97 40.84 -54.49 -50.56
N PRO W 98 41.92 -55.04 -50.00
CA PRO W 98 42.96 -54.17 -49.44
C PRO W 98 43.63 -53.35 -50.54
N SER W 99 43.84 -52.07 -50.25
CA SER W 99 44.36 -51.14 -51.25
C SER W 99 45.88 -51.26 -51.36
N ARG W 100 46.39 -50.90 -52.54
CA ARG W 100 47.81 -50.87 -52.81
C ARG W 100 48.30 -49.42 -52.95
N SER W 101 47.81 -48.55 -52.08
CA SER W 101 48.27 -47.16 -51.99
C SER W 101 49.35 -46.94 -50.94
N ARG W 102 49.33 -47.74 -49.86
CA ARG W 102 50.20 -47.51 -48.71
C ARG W 102 51.58 -48.17 -48.86
N GLU W 103 51.73 -49.20 -49.68
CA GLU W 103 52.99 -49.97 -49.73
C GLU W 103 54.16 -49.12 -50.23
N ASP W 104 53.87 -48.03 -50.95
CA ASP W 104 54.91 -47.08 -51.32
C ASP W 104 55.52 -46.42 -50.08
N PHE W 105 54.69 -46.14 -49.07
CA PHE W 105 55.20 -45.56 -47.83
C PHE W 105 56.19 -46.51 -47.13
N LEU W 106 55.83 -47.79 -47.01
CA LEU W 106 56.71 -48.73 -46.33
C LEU W 106 57.98 -49.00 -47.13
N ARG W 107 57.86 -49.13 -48.45
CA ARG W 107 59.07 -49.33 -49.24
C ARG W 107 59.97 -48.09 -49.20
N ARG W 108 59.38 -46.90 -49.17
CA ARG W 108 60.18 -45.67 -49.12
C ARG W 108 60.88 -45.54 -47.77
N VAL W 109 60.19 -45.84 -46.66
CA VAL W 109 60.86 -45.74 -45.36
C VAL W 109 61.95 -46.80 -45.24
N LYS W 110 61.74 -47.99 -45.80
CA LYS W 110 62.75 -49.04 -45.73
C LYS W 110 64.00 -48.67 -46.52
N GLU W 111 63.84 -48.22 -47.78
CA GLU W 111 65.03 -47.82 -48.52
C GLU W 111 65.68 -46.57 -47.93
N ASN W 112 64.90 -45.60 -47.46
CA ASN W 112 65.48 -44.40 -46.88
C ASN W 112 66.33 -44.73 -45.66
N ALA W 113 65.84 -45.62 -44.80
CA ALA W 113 66.63 -46.09 -43.66
C ALA W 113 67.87 -46.84 -44.14
N GLU W 114 67.75 -47.68 -45.17
CA GLU W 114 68.88 -48.53 -45.52
C GLU W 114 70.00 -47.74 -46.23
N LEU W 115 69.67 -46.85 -47.18
CA LEU W 115 70.74 -46.03 -47.75
C LEU W 115 71.23 -44.97 -46.78
N LYS W 116 70.44 -44.55 -45.79
CA LYS W 116 71.02 -43.68 -44.78
C LYS W 116 71.99 -44.44 -43.89
N LYS W 117 71.72 -45.72 -43.63
CA LYS W 117 72.66 -46.56 -42.90
C LYS W 117 73.96 -46.75 -43.69
N LYS W 118 73.85 -47.00 -45.00
CA LYS W 118 75.05 -47.11 -45.82
C LYS W 118 75.81 -45.78 -45.93
N ALA W 119 75.08 -44.66 -45.97
CA ALA W 119 75.73 -43.35 -46.01
C ALA W 119 76.47 -43.05 -44.72
N LYS W 120 75.88 -43.41 -43.58
CA LYS W 120 76.56 -43.23 -42.30
C LYS W 120 77.74 -44.18 -42.15
N ALA W 121 77.63 -45.39 -42.71
CA ALA W 121 78.75 -46.34 -42.62
C ALA W 121 79.91 -45.91 -43.50
N GLU W 122 79.64 -45.47 -44.73
CA GLU W 122 80.69 -45.08 -45.66
C GLU W 122 81.11 -43.63 -45.51
N GLY W 123 80.38 -42.82 -44.74
CA GLY W 123 80.73 -41.43 -44.53
C GLY W 123 80.62 -40.56 -45.77
N VAL W 124 79.58 -40.76 -46.57
CA VAL W 124 79.37 -39.96 -47.78
C VAL W 124 77.93 -39.46 -47.80
N PRO W 125 77.65 -38.30 -48.38
CA PRO W 125 76.25 -37.87 -48.50
C PRO W 125 75.56 -38.52 -49.68
N VAL W 126 74.29 -38.87 -49.47
CA VAL W 126 73.49 -39.53 -50.49
C VAL W 126 72.12 -38.86 -50.51
N GLN W 127 71.39 -39.07 -51.61
CA GLN W 127 70.14 -38.37 -51.86
C GLN W 127 68.97 -39.22 -51.39
N LEU W 128 68.10 -38.64 -50.56
CA LEU W 128 67.00 -39.38 -49.93
C LEU W 128 65.62 -39.03 -50.45
N LYS W 129 65.36 -37.77 -50.79
CA LYS W 129 64.01 -37.34 -51.14
C LYS W 129 63.64 -37.81 -52.55
N ARG W 130 62.46 -37.40 -53.01
CA ARG W 130 62.04 -37.66 -54.38
C ARG W 130 62.19 -36.39 -55.21
N GLN W 131 62.84 -36.52 -56.37
CA GLN W 131 62.98 -35.30 -57.15
C GLN W 131 61.88 -35.22 -58.21
N PRO W 132 61.39 -34.01 -58.47
CA PRO W 132 60.26 -33.82 -59.39
C PRO W 132 60.63 -33.81 -60.87
N ALA W 133 61.78 -34.39 -61.24
CA ALA W 133 62.18 -34.65 -62.63
C ALA W 133 62.36 -33.36 -63.42
N MET W 134 63.46 -32.66 -63.08
CA MET W 134 64.04 -31.50 -63.76
C MET W 134 64.08 -31.68 -65.29
N PRO W 135 64.00 -30.60 -66.06
CA PRO W 135 64.04 -30.72 -67.52
C PRO W 135 65.40 -31.18 -68.03
N ARG W 136 65.40 -31.54 -69.32
CA ARG W 136 66.53 -32.21 -69.94
C ARG W 136 67.69 -31.25 -70.18
N GLU W 137 68.88 -31.82 -70.29
CA GLU W 137 70.11 -31.06 -70.51
C GLU W 137 70.40 -30.99 -72.01
N ALA W 138 71.60 -30.53 -72.36
CA ALA W 138 71.99 -30.34 -73.75
C ALA W 138 72.77 -31.55 -74.25
N HIS W 139 72.55 -31.89 -75.51
CA HIS W 139 73.23 -33.00 -76.17
C HIS W 139 73.17 -32.79 -77.68
N THR W 140 73.96 -33.58 -78.39
CA THR W 140 73.99 -33.54 -79.86
C THR W 140 73.53 -34.87 -80.42
N VAL W 141 72.86 -34.78 -81.57
CA VAL W 141 72.39 -35.99 -82.31
C VAL W 141 73.10 -35.99 -83.67
N SER W 142 73.58 -37.13 -84.14
CA SER W 142 74.39 -37.22 -85.34
C SER W 142 73.52 -37.35 -86.58
N ILE W 143 73.93 -36.70 -87.67
CA ILE W 143 73.22 -36.84 -88.93
C ILE W 143 73.70 -38.09 -89.68
N ALA W 144 74.83 -38.66 -89.24
CA ALA W 144 75.33 -39.87 -89.86
C ALA W 144 74.42 -41.05 -89.54
N ASP W 145 74.08 -41.82 -90.58
CA ASP W 145 73.20 -42.99 -90.54
C ASP W 145 71.77 -42.67 -90.11
N ASN W 146 71.46 -41.39 -89.93
CA ASN W 146 70.15 -40.92 -89.51
C ASN W 146 69.73 -39.71 -90.31
N LYS W 147 69.83 -39.81 -91.63
CA LYS W 147 69.43 -38.74 -92.55
C LYS W 147 67.94 -38.44 -92.38
N PRO W 148 67.56 -37.20 -92.08
CA PRO W 148 66.14 -36.87 -91.89
C PRO W 148 65.33 -37.03 -93.17
N VAL W 149 64.07 -37.41 -92.99
CA VAL W 149 63.13 -37.58 -94.09
C VAL W 149 62.21 -36.36 -94.12
N THR W 150 61.82 -35.96 -95.32
CA THR W 150 60.92 -34.82 -95.47
C THR W 150 59.47 -35.30 -95.56
N LEU W 151 58.57 -34.63 -94.85
CA LEU W 151 57.16 -35.10 -94.81
C LEU W 151 56.20 -34.00 -95.28
N ALA W 152 54.93 -34.38 -95.51
CA ALA W 152 53.90 -33.40 -95.95
C ALA W 152 52.64 -33.65 -95.12
N PRO W 153 51.73 -32.68 -94.91
CA PRO W 153 50.55 -32.86 -94.06
C PRO W 153 49.78 -34.15 -94.35
N VAL W 154 49.61 -34.51 -95.63
CA VAL W 154 48.93 -35.80 -95.99
C VAL W 154 50.01 -36.84 -96.36
N ALA W 155 49.76 -38.11 -96.01
CA ALA W 155 50.70 -39.19 -96.38
C ALA W 155 50.21 -39.85 -97.68
N TYR W 156 50.68 -39.34 -98.83
CA TYR W 156 50.20 -39.87 -100.10
C TYR W 156 51.20 -40.90 -100.61
N GLU W 157 50.71 -42.09 -100.92
CA GLU W 157 51.55 -43.20 -101.37
C GLU W 157 50.73 -44.25 -102.10
N SER X 12 -90.08 -39.51 35.75
CA SER X 12 -89.96 -40.02 37.11
C SER X 12 -88.50 -40.23 37.48
N LYS X 13 -87.93 -41.35 37.04
CA LYS X 13 -86.53 -41.64 37.32
C LYS X 13 -85.60 -40.67 36.58
N ALA X 14 -85.97 -40.28 35.36
CA ALA X 14 -85.17 -39.34 34.60
C ALA X 14 -85.14 -37.96 35.26
N ALA X 15 -86.28 -37.53 35.82
CA ALA X 15 -86.34 -36.26 36.52
C ALA X 15 -85.48 -36.29 37.78
N LYS X 16 -85.51 -37.40 38.52
CA LYS X 16 -84.66 -37.54 39.70
C LYS X 16 -83.18 -37.55 39.34
N GLY X 17 -82.83 -38.23 38.25
CA GLY X 17 -81.44 -38.23 37.81
C GLY X 17 -80.96 -36.86 37.35
N ALA X 18 -81.82 -36.13 36.63
CA ALA X 18 -81.47 -34.78 36.20
C ALA X 18 -81.33 -33.82 37.38
N GLN X 19 -82.22 -33.94 38.37
CA GLN X 19 -82.11 -33.11 39.57
C GLN X 19 -80.87 -33.45 40.38
N ALA X 20 -80.53 -34.74 40.49
CA ALA X 20 -79.32 -35.13 41.18
C ALA X 20 -78.07 -34.64 40.48
N LYS X 21 -78.06 -34.70 39.14
CA LYS X 21 -76.91 -34.19 38.39
C LYS X 21 -76.79 -32.68 38.51
N LYS X 22 -77.92 -31.97 38.51
CA LYS X 22 -77.90 -30.51 38.69
C LYS X 22 -77.38 -30.15 40.07
N ALA X 23 -77.81 -30.88 41.10
CA ALA X 23 -77.32 -30.63 42.46
C ALA X 23 -75.84 -30.97 42.58
N ALA X 24 -75.38 -32.03 41.90
CA ALA X 24 -73.96 -32.37 41.92
C ALA X 24 -73.12 -31.30 41.23
N GLN X 25 -73.61 -30.76 40.11
CA GLN X 25 -72.91 -29.68 39.44
C GLN X 25 -72.90 -28.39 40.27
N ALA X 26 -73.98 -28.14 41.01
CA ALA X 26 -74.01 -26.98 41.91
C ALA X 26 -73.08 -27.17 43.09
N ALA X 27 -72.93 -28.39 43.58
CA ALA X 27 -72.03 -28.64 44.70
C ALA X 27 -70.58 -28.58 44.26
N LEU X 28 -70.25 -29.10 43.08
CA LEU X 28 -68.87 -29.17 42.63
C LEU X 28 -68.41 -27.87 41.96
N LYS X 29 -69.10 -27.46 40.89
CA LYS X 29 -68.67 -26.29 40.12
C LYS X 29 -69.29 -24.99 40.60
N GLY X 30 -70.19 -25.02 41.57
CA GLY X 30 -70.77 -23.80 42.11
C GLY X 30 -71.99 -23.34 41.34
N VAL X 31 -72.60 -22.28 41.89
CA VAL X 31 -73.82 -21.72 41.33
C VAL X 31 -73.57 -20.45 40.53
N HIS X 32 -72.75 -19.54 41.04
CA HIS X 32 -72.48 -18.26 40.37
C HIS X 32 -71.78 -18.50 39.04
N SER X 33 -72.36 -17.95 37.97
CA SER X 33 -71.94 -18.15 36.58
C SER X 33 -71.70 -19.63 36.23
N MET Y 1 16.78 28.49 6.18
CA MET Y 1 15.89 27.43 5.64
C MET Y 1 14.69 27.26 6.56
N LYS Y 2 13.50 27.02 6.00
CA LYS Y 2 12.29 26.78 6.83
C LYS Y 2 12.43 25.43 7.55
N VAL Y 3 11.94 25.35 8.78
CA VAL Y 3 12.00 24.08 9.57
C VAL Y 3 10.56 23.64 9.87
N ARG Y 4 9.71 24.57 10.33
CA ARG Y 4 8.31 24.24 10.71
C ARG Y 4 7.58 23.57 9.54
N PRO Y 5 6.93 22.40 9.75
CA PRO Y 5 6.28 21.66 8.66
C PRO Y 5 5.05 22.37 8.06
N THR Y 6 4.51 23.36 8.76
CA THR Y 6 3.35 24.11 8.28
C THR Y 6 3.70 25.16 7.23
N VAL Y 7 4.97 25.55 7.13
CA VAL Y 7 5.42 26.52 6.15
C VAL Y 7 5.62 25.82 4.83
N SER Y 8 5.34 26.52 3.74
CA SER Y 8 5.51 25.99 2.39
C SER Y 8 6.46 26.88 1.61
N SER Y 9 7.45 26.27 0.98
CA SER Y 9 8.37 26.97 0.09
C SER Y 9 7.96 26.83 -1.37
N SER Y 10 6.69 26.49 -1.63
CA SER Y 10 6.18 26.38 -2.98
C SER Y 10 6.00 27.77 -3.59
N ARG Y 11 6.54 27.94 -4.80
CA ARG Y 11 6.34 29.20 -5.53
C ARG Y 11 4.89 29.35 -5.96
N ARG Y 12 4.26 28.25 -6.34
CA ARG Y 12 2.87 28.26 -6.81
C ARG Y 12 1.92 28.68 -5.69
N LYS Y 13 2.04 28.06 -4.52
CA LYS Y 13 1.18 28.38 -3.39
C LYS Y 13 1.43 29.79 -2.89
N ALA Y 14 2.69 30.23 -2.88
CA ALA Y 14 3.01 31.58 -2.43
C ALA Y 14 2.43 32.63 -3.37
N ARG Y 15 2.53 32.41 -4.68
CA ARG Y 15 1.95 33.36 -5.63
C ARG Y 15 0.43 33.37 -5.55
N LYS Y 16 -0.19 32.20 -5.38
CA LYS Y 16 -1.64 32.15 -5.23
C LYS Y 16 -2.10 32.86 -3.96
N ALA Y 17 -1.38 32.67 -2.86
CA ALA Y 17 -1.74 33.33 -1.60
C ALA Y 17 -1.52 34.83 -1.68
N HIS Y 18 -0.50 35.28 -2.42
CA HIS Y 18 -0.27 36.70 -2.56
C HIS Y 18 -1.34 37.35 -3.44
N PHE Y 19 -1.67 36.75 -4.57
CA PHE Y 19 -2.57 37.38 -5.53
C PHE Y 19 -4.03 37.02 -5.29
N SER Y 20 -4.33 36.24 -4.26
CA SER Y 20 -5.72 35.95 -3.89
C SER Y 20 -5.90 36.16 -2.40
N ALA Y 21 -5.39 37.27 -1.89
CA ALA Y 21 -5.38 37.56 -0.47
C ALA Y 21 -6.59 38.39 -0.06
N PRO Y 22 -7.08 38.22 1.17
CA PRO Y 22 -8.15 39.10 1.67
C PRO Y 22 -7.65 40.51 1.93
N SER Y 23 -8.59 41.38 2.30
CA SER Y 23 -8.29 42.81 2.44
C SER Y 23 -7.42 43.08 3.66
N SER Y 24 -7.62 42.33 4.76
CA SER Y 24 -6.81 42.52 5.95
C SER Y 24 -5.40 41.98 5.75
N VAL Y 25 -5.30 40.84 5.06
CA VAL Y 25 -3.96 40.27 4.73
C VAL Y 25 -3.26 41.27 3.80
N ARG Y 26 -3.98 41.81 2.83
CA ARG Y 26 -3.40 42.82 1.90
C ARG Y 26 -2.95 44.04 2.70
N ARG Y 27 -3.71 44.44 3.72
CA ARG Y 27 -3.28 45.56 4.59
C ARG Y 27 -1.92 45.21 5.20
N VAL Y 28 -1.79 44.00 5.75
CA VAL Y 28 -0.52 43.60 6.35
C VAL Y 28 0.60 43.58 5.31
N ILE Y 29 0.29 43.11 4.09
CA ILE Y 29 1.29 43.05 3.03
C ILE Y 29 1.70 44.45 2.59
N MET Y 30 0.74 45.35 2.44
CA MET Y 30 1.03 46.72 2.02
C MET Y 30 1.54 47.52 3.22
N SER Y 31 2.80 47.27 3.55
CA SER Y 31 3.48 47.94 4.65
C SER Y 31 4.62 48.78 4.10
N ALA Y 32 4.97 49.82 4.85
CA ALA Y 32 6.04 50.73 4.47
C ALA Y 32 6.98 50.94 5.65
N PRO Y 33 8.27 51.15 5.37
CA PRO Y 33 9.21 51.45 6.45
C PRO Y 33 9.00 52.85 7.01
N LEU Y 34 9.39 53.03 8.26
CA LEU Y 34 9.39 54.35 8.87
C LEU Y 34 10.66 55.12 8.50
N SER Y 35 10.61 56.43 8.68
CA SER Y 35 11.79 57.25 8.47
C SER Y 35 12.81 57.01 9.59
N LYS Y 36 14.03 57.49 9.37
CA LYS Y 36 15.09 57.34 10.36
C LYS Y 36 14.71 57.98 11.69
N GLU Y 37 14.20 59.21 11.65
CA GLU Y 37 13.83 59.93 12.86
C GLU Y 37 12.70 59.23 13.61
N LEU Y 38 11.70 58.75 12.88
CA LEU Y 38 10.62 58.00 13.51
C LEU Y 38 11.09 56.64 14.00
N ARG Y 39 12.08 56.03 13.34
CA ARG Y 39 12.61 54.76 13.82
C ARG Y 39 13.35 54.93 15.15
N GLU Y 40 14.12 56.01 15.31
CA GLU Y 40 14.73 56.23 16.62
C GLU Y 40 13.71 56.70 17.64
N LYS Y 41 12.63 57.35 17.20
CA LYS Y 41 11.67 57.86 18.18
C LYS Y 41 10.75 56.77 18.73
N TYR Y 42 10.15 55.95 17.86
CA TYR Y 42 9.18 54.96 18.29
C TYR Y 42 9.76 53.56 18.46
N ASN Y 43 11.01 53.34 18.04
CA ASN Y 43 11.66 52.02 18.03
C ASN Y 43 10.84 51.00 17.24
N VAL Y 44 10.32 51.45 16.10
CA VAL Y 44 9.49 50.63 15.21
C VAL Y 44 10.06 50.75 13.81
N ARG Y 45 10.26 49.62 13.13
CA ARG Y 45 10.89 49.65 11.83
C ARG Y 45 9.90 49.98 10.71
N SER Y 46 8.82 49.20 10.59
CA SER Y 46 7.86 49.38 9.52
C SER Y 46 6.45 49.27 10.07
N ILE Y 47 5.51 49.90 9.38
CA ILE Y 47 4.10 49.85 9.78
C ILE Y 47 3.27 49.67 8.52
N PRO Y 48 2.11 49.01 8.62
CA PRO Y 48 1.17 49.03 7.50
C PRO Y 48 0.69 50.44 7.19
N ILE Y 49 0.71 50.78 5.90
CA ILE Y 49 0.40 52.14 5.47
C ILE Y 49 -1.10 52.38 5.55
N ARG Y 50 -1.48 53.65 5.68
CA ARG Y 50 -2.88 54.03 5.77
C ARG Y 50 -3.05 55.42 5.16
N LYS Y 51 -4.30 55.74 4.80
CA LYS Y 51 -4.61 57.05 4.25
C LYS Y 51 -4.44 58.13 5.31
N GLY Y 52 -3.70 59.18 4.97
CA GLY Y 52 -3.39 60.25 5.91
C GLY Y 52 -1.94 60.31 6.33
N ASP Y 53 -1.14 59.31 5.98
CA ASP Y 53 0.29 59.33 6.25
C ASP Y 53 0.99 60.21 5.23
N GLU Y 54 2.05 60.89 5.66
CA GLU Y 54 2.88 61.69 4.78
C GLU Y 54 4.17 60.94 4.49
N VAL Y 55 4.41 60.65 3.21
CA VAL Y 55 5.50 59.78 2.79
C VAL Y 55 6.41 60.51 1.81
N GLN Y 56 7.57 59.91 1.58
CA GLN Y 56 8.53 60.34 0.57
C GLN Y 56 8.86 59.12 -0.30
N ILE Y 57 8.79 59.30 -1.61
CA ILE Y 57 9.05 58.19 -2.53
C ILE Y 57 10.54 58.05 -2.75
N VAL Y 58 11.06 56.84 -2.51
CA VAL Y 58 12.50 56.59 -2.55
C VAL Y 58 12.89 55.68 -3.71
N ARG Y 59 11.94 55.25 -4.53
CA ARG Y 59 12.26 54.43 -5.68
C ARG Y 59 11.36 54.82 -6.85
N GLY Y 60 11.84 54.53 -8.05
CA GLY Y 60 11.08 54.79 -9.26
C GLY Y 60 11.44 56.11 -9.91
N ALA Y 61 10.66 56.44 -10.95
CA ALA Y 61 10.86 57.68 -11.68
C ALA Y 61 10.39 58.91 -10.91
N HIS Y 62 9.65 58.73 -9.83
CA HIS Y 62 9.17 59.82 -8.99
C HIS Y 62 9.90 59.83 -7.66
N LYS Y 63 11.21 59.59 -7.71
CA LYS Y 63 12.05 59.62 -6.52
C LYS Y 63 12.11 61.03 -5.94
N ASP Y 64 12.31 61.11 -4.62
CA ASP Y 64 12.42 62.33 -3.82
C ASP Y 64 11.15 63.17 -3.81
N LYS Y 65 10.03 62.65 -4.29
CA LYS Y 65 8.75 63.37 -4.16
C LYS Y 65 8.10 63.03 -2.83
N GLU Y 66 7.55 64.04 -2.17
CA GLU Y 66 6.88 63.88 -0.90
C GLU Y 66 5.40 64.19 -1.07
N GLY Y 67 4.59 63.67 -0.16
CA GLY Y 67 3.17 63.99 -0.19
C GLY Y 67 2.38 63.09 0.72
N LYS Y 68 1.11 63.44 0.86
CA LYS Y 68 0.17 62.74 1.74
C LYS Y 68 -0.52 61.62 0.96
N VAL Y 69 -0.62 60.45 1.58
CA VAL Y 69 -1.32 59.32 0.96
C VAL Y 69 -2.82 59.61 0.98
N THR Y 70 -3.42 59.69 -0.21
CA THR Y 70 -4.83 59.99 -0.33
C THR Y 70 -5.68 58.78 -0.67
N SER Y 71 -5.05 57.64 -0.98
CA SER Y 71 -5.79 56.42 -1.31
C SER Y 71 -4.89 55.23 -1.07
N VAL Y 72 -5.48 54.16 -0.52
CA VAL Y 72 -4.73 52.89 -0.36
C VAL Y 72 -5.50 51.83 -1.16
N TYR Y 73 -5.16 51.66 -2.44
CA TYR Y 73 -5.87 50.70 -3.32
C TYR Y 73 -5.32 49.30 -3.08
N ARG Y 74 -5.93 48.56 -2.15
CA ARG Y 74 -5.41 47.21 -1.80
C ARG Y 74 -5.61 46.24 -2.97
N LEU Y 75 -6.69 46.39 -3.74
CA LEU Y 75 -6.96 45.48 -4.89
C LEU Y 75 -5.81 45.57 -5.90
N LYS Y 76 -5.32 46.78 -6.19
CA LYS Y 76 -4.22 46.97 -7.16
C LYS Y 76 -2.87 46.99 -6.43
N TYR Y 77 -2.87 46.76 -5.11
CA TYR Y 77 -1.62 46.70 -4.31
C TYR Y 77 -0.81 47.98 -4.46
N VAL Y 78 -1.46 49.15 -4.48
CA VAL Y 78 -0.74 50.43 -4.71
C VAL Y 78 -1.33 51.56 -3.85
N ILE Y 79 -0.56 52.61 -3.60
CA ILE Y 79 -1.03 53.79 -2.88
C ILE Y 79 -1.00 54.96 -3.84
N HIS Y 80 -1.79 56.00 -3.55
CA HIS Y 80 -1.87 57.19 -4.37
C HIS Y 80 -1.41 58.39 -3.54
N VAL Y 81 -0.23 58.89 -3.85
CA VAL Y 81 0.35 60.03 -3.13
C VAL Y 81 -0.21 61.31 -3.74
N GLU Y 82 -0.32 62.36 -2.92
CA GLU Y 82 -0.80 63.66 -3.37
C GLU Y 82 0.19 64.30 -4.32
N ARG Y 83 -0.36 64.85 -5.42
CA ARG Y 83 0.33 65.60 -6.47
C ARG Y 83 1.32 64.77 -7.28
N VAL Y 84 1.49 63.49 -6.98
CA VAL Y 84 2.27 62.60 -7.83
C VAL Y 84 1.26 61.98 -8.79
N THR Y 85 0.98 62.71 -9.86
CA THR Y 85 -0.08 62.32 -10.79
C THR Y 85 0.45 62.24 -12.21
N ARG Y 86 -0.45 62.10 -13.17
CA ARG Y 86 -0.09 61.94 -14.56
C ARG Y 86 -1.02 62.82 -15.38
N GLU Y 87 -1.00 62.64 -16.71
CA GLU Y 87 -1.97 63.26 -17.59
C GLU Y 87 -2.43 62.22 -18.60
N LYS Y 88 -3.73 62.06 -18.76
CA LYS Y 88 -4.27 61.20 -19.80
C LYS Y 88 -4.17 61.90 -21.15
N ALA Y 89 -4.70 61.25 -22.19
CA ALA Y 89 -4.76 61.89 -23.49
C ALA Y 89 -5.70 63.09 -23.46
N THR Y 90 -6.84 62.95 -22.78
CA THR Y 90 -7.82 64.03 -22.73
C THR Y 90 -7.34 65.20 -21.85
N GLY Y 91 -6.33 64.97 -21.03
CA GLY Y 91 -5.82 65.99 -20.12
C GLY Y 91 -6.20 65.78 -18.67
N GLN Y 92 -6.97 64.74 -18.34
CA GLN Y 92 -7.30 64.44 -16.96
C GLN Y 92 -6.07 64.00 -16.19
N THR Y 93 -6.00 64.42 -14.93
CA THR Y 93 -4.86 64.14 -14.06
C THR Y 93 -5.21 62.93 -13.20
N VAL Y 94 -4.70 61.77 -13.60
CA VAL Y 94 -4.95 60.52 -12.89
C VAL Y 94 -3.80 60.28 -11.92
N PRO Y 95 -4.05 59.67 -10.76
CA PRO Y 95 -2.95 59.35 -9.85
C PRO Y 95 -2.09 58.21 -10.39
N ILE Y 96 -0.86 58.18 -9.94
CA ILE Y 96 0.11 57.16 -10.36
C ILE Y 96 0.27 56.16 -9.23
N GLY Y 97 0.02 54.89 -9.52
CA GLY Y 97 0.09 53.84 -8.53
C GLY Y 97 1.51 53.51 -8.12
N ILE Y 98 1.83 53.76 -6.85
CA ILE Y 98 3.17 53.54 -6.31
C ILE Y 98 3.05 52.46 -5.24
N HIS Y 99 3.92 51.46 -5.31
CA HIS Y 99 3.92 50.40 -4.31
C HIS Y 99 4.34 50.96 -2.95
N PRO Y 100 3.72 50.52 -1.86
CA PRO Y 100 4.11 51.02 -0.53
C PRO Y 100 5.52 50.63 -0.10
N SER Y 101 6.14 49.65 -0.74
CA SER Y 101 7.54 49.32 -0.47
C SER Y 101 8.50 50.34 -1.04
N ASN Y 102 8.04 51.22 -1.93
CA ASN Y 102 8.87 52.21 -2.59
C ASN Y 102 8.87 53.55 -1.87
N VAL Y 103 8.14 53.66 -0.76
CA VAL Y 103 8.02 54.93 -0.04
C VAL Y 103 8.52 54.74 1.39
N VAL Y 104 8.74 55.86 2.05
CA VAL Y 104 9.17 55.90 3.46
C VAL Y 104 8.26 56.88 4.19
N ILE Y 105 7.64 56.43 5.27
CA ILE Y 105 6.65 57.24 5.97
C ILE Y 105 7.38 58.27 6.83
N THR Y 106 7.25 59.55 6.48
CA THR Y 106 7.88 60.62 7.22
C THR Y 106 6.99 61.15 8.34
N LYS Y 107 5.68 61.02 8.21
CA LYS Y 107 4.75 61.44 9.25
C LYS Y 107 3.60 60.47 9.33
N LEU Y 108 3.30 60.00 10.54
CA LEU Y 108 2.22 59.05 10.77
C LEU Y 108 0.91 59.77 11.04
N HIS Y 109 -0.19 59.10 10.70
CA HIS Y 109 -1.53 59.55 11.09
C HIS Y 109 -1.82 58.93 12.44
N LEU Y 110 -1.49 59.66 13.51
CA LEU Y 110 -1.50 59.10 14.86
C LEU Y 110 -2.91 59.10 15.42
N ASP Y 111 -3.45 57.90 15.62
CA ASP Y 111 -4.67 57.67 16.38
C ASP Y 111 -4.35 56.72 17.53
N LYS Y 112 -5.39 56.30 18.24
CA LYS Y 112 -5.19 55.46 19.42
C LYS Y 112 -4.71 54.06 19.04
N ASP Y 113 -5.33 53.47 18.01
CA ASP Y 113 -4.96 52.12 17.61
C ASP Y 113 -3.56 52.07 17.00
N ARG Y 114 -3.18 53.12 16.26
CA ARG Y 114 -1.82 53.20 15.73
C ARG Y 114 -0.80 53.29 16.85
N GLU Y 115 -1.13 54.04 17.92
CA GLU Y 115 -0.25 54.09 19.08
C GLU Y 115 -0.15 52.73 19.77
N ASN Y 116 -1.26 51.98 19.80
CA ASN Y 116 -1.21 50.63 20.35
C ASN Y 116 -0.30 49.72 19.52
N ILE Y 117 -0.36 49.84 18.18
CA ILE Y 117 0.49 49.05 17.30
C ILE Y 117 1.96 49.39 17.55
N LEU Y 118 2.27 50.68 17.62
CA LEU Y 118 3.64 51.14 17.88
C LEU Y 118 4.13 50.65 19.24
N ALA Y 119 3.27 50.69 20.26
CA ALA Y 119 3.65 50.22 21.58
C ALA Y 119 3.93 48.72 21.59
N ARG Y 120 3.11 47.93 20.90
CA ARG Y 120 3.34 46.49 20.84
C ARG Y 120 4.64 46.15 20.13
N ILE Y 121 4.91 46.80 19.00
CA ILE Y 121 6.15 46.55 18.27
C ILE Y 121 7.36 46.96 19.11
N LYS Y 122 7.28 48.12 19.77
CA LYS Y 122 8.38 48.58 20.61
C LYS Y 122 8.62 47.64 21.79
N ALA Y 123 7.54 47.13 22.39
CA ALA Y 123 7.68 46.19 23.50
C ALA Y 123 8.37 44.90 23.06
N GLY Y 124 7.99 44.38 21.90
CA GLY Y 124 8.66 43.18 21.41
C GLY Y 124 10.13 43.40 21.08
N ARG Y 125 10.44 44.52 20.42
CA ARG Y 125 11.83 44.82 20.09
C ARG Y 125 12.68 45.03 21.35
N GLU Y 126 12.13 45.70 22.37
CA GLU Y 126 12.90 45.92 23.58
C GLU Y 126 13.02 44.66 24.42
N GLN Y 127 12.04 43.74 24.35
CA GLN Y 127 12.17 42.51 25.12
C GLN Y 127 13.19 41.57 24.46
N VAL Y 128 13.26 41.58 23.13
CA VAL Y 128 14.37 40.88 22.47
C VAL Y 128 15.71 41.57 22.71
N ALA Y 129 15.74 42.90 22.84
CA ALA Y 129 16.98 43.58 23.23
C ALA Y 129 17.43 43.15 24.62
N LYS Y 130 16.49 43.00 25.55
CA LYS Y 130 16.82 42.48 26.87
C LYS Y 130 17.30 41.03 26.81
N ALA Y 131 16.69 40.22 25.95
CA ALA Y 131 17.14 38.83 25.80
C ALA Y 131 18.54 38.75 25.20
N LYS Y 132 18.87 39.67 24.30
CA LYS Y 132 20.21 39.68 23.70
C LYS Y 132 21.25 40.19 24.70
N GLY Y 133 20.90 41.21 25.48
CA GLY Y 133 21.85 41.78 26.42
C GLY Y 133 22.25 40.82 27.53
N LYS Y 134 21.33 39.97 27.95
CA LYS Y 134 21.61 38.98 28.99
C LYS Y 134 20.83 37.69 28.77
N MET Z 1 57.40 40.14 -38.69
CA MET Z 1 56.89 38.77 -38.83
C MET Z 1 55.94 38.41 -37.70
N VAL Z 2 54.64 38.41 -38.01
CA VAL Z 2 53.63 37.74 -37.18
C VAL Z 2 52.54 37.21 -38.11
N ALA Z 3 52.38 35.89 -38.12
CA ALA Z 3 51.39 35.21 -38.94
C ALA Z 3 51.06 33.90 -38.23
N ALA Z 4 50.44 32.98 -38.96
CA ALA Z 4 50.29 31.63 -38.44
C ALA Z 4 51.62 30.88 -38.56
N LYS Z 5 51.60 29.60 -38.16
CA LYS Z 5 52.79 28.78 -38.26
C LYS Z 5 53.07 28.42 -39.72
N LYS Z 6 54.26 27.85 -39.93
CA LYS Z 6 54.52 27.18 -41.20
C LYS Z 6 53.76 25.87 -41.24
N HIS Z 7 52.84 25.75 -42.18
CA HIS Z 7 52.00 24.57 -42.31
C HIS Z 7 52.02 24.10 -43.75
N VAL Z 8 51.70 22.83 -43.96
CA VAL Z 8 51.59 22.26 -45.30
C VAL Z 8 50.38 22.88 -45.97
N PRO Z 9 50.33 22.97 -47.30
CA PRO Z 9 49.21 23.66 -47.96
C PRO Z 9 47.87 23.01 -47.67
N ILE Z 10 46.86 23.85 -47.48
CA ILE Z 10 45.53 23.38 -47.10
C ILE Z 10 44.83 22.87 -48.34
N VAL Z 11 44.46 21.58 -48.35
CA VAL Z 11 43.78 20.95 -49.45
C VAL Z 11 42.42 20.48 -48.97
N LYS Z 12 41.37 20.97 -49.59
CA LYS Z 12 40.02 20.49 -49.34
C LYS Z 12 39.65 19.52 -50.46
N LYS Z 13 39.34 18.28 -50.10
CA LYS Z 13 39.02 17.28 -51.11
C LYS Z 13 37.67 17.56 -51.77
N ARG Z 14 36.77 18.22 -51.05
CA ARG Z 14 35.48 18.61 -51.61
C ARG Z 14 34.97 19.83 -50.86
N THR Z 15 34.60 20.86 -51.61
CA THR Z 15 34.12 22.10 -51.01
C THR Z 15 32.61 22.15 -50.87
N LYS Z 16 31.88 21.46 -51.74
CA LYS Z 16 30.43 21.43 -51.67
C LYS Z 16 29.96 20.56 -50.51
N ARG Z 17 28.71 20.77 -50.12
CA ARG Z 17 28.08 19.98 -49.07
C ARG Z 17 27.37 18.77 -49.67
N PHE Z 18 27.19 17.75 -48.84
CA PHE Z 18 26.42 16.57 -49.21
C PHE Z 18 24.96 16.83 -48.86
N MET Z 19 24.13 17.05 -49.87
CA MET Z 19 22.71 17.31 -49.67
C MET Z 19 21.94 16.01 -49.63
N ARG Z 20 20.89 15.98 -48.81
CA ARG Z 20 20.02 14.82 -48.72
C ARG Z 20 19.28 14.61 -50.05
N HIS Z 21 19.06 13.35 -50.40
CA HIS Z 21 18.40 13.02 -51.65
C HIS Z 21 16.95 13.49 -51.63
N GLN Z 22 16.54 14.10 -52.75
CA GLN Z 22 15.20 14.65 -52.98
C GLN Z 22 14.83 15.76 -51.98
N SER Z 23 15.82 16.42 -51.39
CA SER Z 23 15.55 17.50 -50.45
C SER Z 23 15.32 18.83 -51.15
N ASP Z 24 15.63 18.93 -52.44
CA ASP Z 24 15.37 20.16 -53.19
C ASP Z 24 13.93 20.23 -53.65
N ARG Z 25 13.22 19.10 -53.64
CA ARG Z 25 11.86 19.03 -54.15
C ARG Z 25 10.80 19.21 -53.06
N PHE Z 26 11.05 18.71 -51.86
CA PHE Z 26 10.09 18.74 -50.77
C PHE Z 26 10.54 19.73 -49.72
N LYS Z 27 9.65 20.63 -49.33
CA LYS Z 27 9.96 21.60 -48.29
C LYS Z 27 10.01 20.98 -46.89
N CYS Z 28 9.46 19.78 -46.72
CA CYS Z 28 9.51 19.08 -45.44
C CYS Z 28 10.84 18.37 -45.22
N LEU Z 29 11.73 18.36 -46.21
CA LEU Z 29 13.02 17.67 -46.13
C LEU Z 29 14.12 18.72 -46.01
N ASP Z 30 14.80 18.73 -44.87
CA ASP Z 30 15.96 19.59 -44.71
C ASP Z 30 17.13 19.06 -45.54
N SER Z 31 18.08 19.95 -45.83
CA SER Z 31 19.22 19.61 -46.67
C SER Z 31 20.31 18.85 -45.92
N ALA Z 32 20.16 18.65 -44.61
CA ALA Z 32 21.13 17.87 -43.85
C ALA Z 32 21.13 16.42 -44.33
N TRP Z 33 22.33 15.84 -44.41
CA TRP Z 33 22.50 14.55 -45.06
C TRP Z 33 21.84 13.42 -44.28
N ARG Z 34 21.04 12.63 -44.97
CA ARG Z 34 20.49 11.39 -44.44
C ARG Z 34 20.88 10.26 -45.38
N LYS Z 35 21.40 9.18 -44.82
CA LYS Z 35 21.83 8.05 -45.65
C LYS Z 35 20.60 7.33 -46.18
N PRO Z 36 20.48 7.13 -47.49
CA PRO Z 36 19.31 6.42 -48.03
C PRO Z 36 19.33 4.95 -47.64
N LYS Z 37 18.17 4.44 -47.24
CA LYS Z 37 18.05 3.09 -46.73
C LYS Z 37 17.19 2.18 -47.61
N GLY Z 38 16.63 2.71 -48.70
CA GLY Z 38 15.86 1.88 -49.60
C GLY Z 38 16.73 0.98 -50.43
N ILE Z 39 16.18 -0.18 -50.80
CA ILE Z 39 16.93 -1.16 -51.58
C ILE Z 39 17.18 -0.69 -53.00
N ASP Z 40 16.19 -0.11 -53.67
CA ASP Z 40 16.31 0.32 -55.05
C ASP Z 40 16.69 1.79 -55.18
N ASN Z 41 17.06 2.45 -54.09
CA ASN Z 41 17.48 3.85 -54.14
C ASN Z 41 18.81 3.96 -54.89
N ARG Z 42 18.78 4.61 -56.05
CA ARG Z 42 19.97 4.66 -56.91
C ARG Z 42 21.07 5.53 -56.33
N VAL Z 43 20.77 6.40 -55.37
CA VAL Z 43 21.82 7.09 -54.63
C VAL Z 43 22.57 6.10 -53.74
N ARG Z 44 21.83 5.19 -53.10
CA ARG Z 44 22.46 4.18 -52.25
C ARG Z 44 23.23 3.16 -53.07
N ARG Z 45 22.68 2.75 -54.23
CA ARG Z 45 23.37 1.80 -55.08
C ARG Z 45 24.56 2.41 -55.82
N ARG Z 46 24.71 3.75 -55.79
CA ARG Z 46 25.79 4.48 -56.46
C ARG Z 46 25.76 4.28 -57.96
N PHE Z 47 24.61 4.57 -58.57
CA PHE Z 47 24.53 4.63 -60.02
C PHE Z 47 25.23 5.88 -60.53
N LYS Z 48 25.57 5.88 -61.82
CA LYS Z 48 26.22 7.02 -62.43
C LYS Z 48 25.28 8.21 -62.52
N GLY Z 49 25.84 9.40 -62.36
CA GLY Z 49 25.07 10.62 -62.46
C GLY Z 49 24.19 10.95 -61.28
N ASN Z 50 24.41 10.31 -60.14
CA ASN Z 50 23.61 10.53 -58.95
C ASN Z 50 24.45 11.22 -57.87
N LEU Z 51 23.83 11.45 -56.73
CA LEU Z 51 24.52 12.05 -55.59
C LEU Z 51 25.58 11.12 -55.04
N ALA Z 52 26.72 11.69 -54.67
CA ALA Z 52 27.73 10.94 -53.95
C ALA Z 52 27.40 10.90 -52.47
N MET Z 53 27.81 9.85 -51.81
CA MET Z 53 27.59 9.84 -50.37
C MET Z 53 28.88 10.13 -49.61
N PRO Z 54 28.79 10.70 -48.41
CA PRO Z 54 29.99 10.97 -47.62
C PRO Z 54 30.71 9.69 -47.23
N SER Z 55 32.02 9.71 -47.44
CA SER Z 55 32.88 8.57 -47.16
C SER Z 55 34.10 9.05 -46.39
N ILE Z 56 34.79 8.11 -45.75
CA ILE Z 56 35.97 8.47 -44.97
C ILE Z 56 37.15 8.81 -45.87
N GLY Z 57 37.08 8.50 -47.17
CA GLY Z 57 38.11 8.91 -48.09
C GLY Z 57 38.11 10.40 -48.38
N TYR Z 58 37.03 11.09 -48.03
CA TYR Z 58 36.91 12.53 -48.22
C TYR Z 58 37.54 13.32 -47.08
N GLY Z 59 38.14 12.65 -46.10
CA GLY Z 59 38.64 13.31 -44.92
C GLY Z 59 39.83 14.20 -45.20
N SER Z 60 40.02 15.16 -44.30
CA SER Z 60 41.06 16.17 -44.45
C SER Z 60 42.35 15.69 -43.81
N ASN Z 61 43.46 16.24 -44.31
CA ASN Z 61 44.79 15.97 -43.76
C ASN Z 61 44.84 16.33 -42.28
N LYS Z 62 45.45 15.46 -41.48
CA LYS Z 62 45.51 15.67 -40.03
C LYS Z 62 46.36 16.87 -39.65
N LYS Z 63 47.29 17.29 -40.50
CA LYS Z 63 48.10 18.46 -40.21
C LYS Z 63 47.37 19.77 -40.49
N THR Z 64 46.31 19.74 -41.31
CA THR Z 64 45.54 20.92 -41.62
C THR Z 64 44.06 20.80 -41.27
N LYS Z 65 43.69 19.81 -40.48
CA LYS Z 65 42.31 19.69 -40.02
C LYS Z 65 41.99 20.82 -39.04
N HIS Z 66 40.73 21.28 -39.10
CA HIS Z 66 40.18 22.35 -38.26
C HIS Z 66 40.84 23.70 -38.49
N MET Z 67 41.59 23.86 -39.58
CA MET Z 67 42.42 25.05 -39.79
C MET Z 67 41.72 26.03 -40.71
N MET Z 68 41.73 27.30 -40.31
CA MET Z 68 41.19 28.38 -41.12
C MET Z 68 42.09 28.63 -42.33
N PRO Z 69 41.58 29.37 -43.34
CA PRO Z 69 42.46 29.73 -44.48
C PRO Z 69 43.68 30.53 -44.08
N SER Z 70 43.63 31.28 -42.99
CA SER Z 70 44.83 31.98 -42.51
C SER Z 70 45.85 31.02 -41.91
N GLY Z 71 45.44 29.81 -41.54
CA GLY Z 71 46.32 28.84 -40.93
C GLY Z 71 46.10 28.61 -39.45
N HIS Z 72 45.31 29.44 -38.80
CA HIS Z 72 45.01 29.29 -37.39
C HIS Z 72 43.82 28.36 -37.18
N LYS Z 73 43.70 27.86 -35.97
CA LYS Z 73 42.52 27.11 -35.54
C LYS Z 73 41.66 28.02 -34.66
N ALA Z 74 40.34 27.88 -34.77
CA ALA Z 74 39.43 28.74 -34.03
C ALA Z 74 39.36 28.32 -32.58
N PHE Z 75 39.45 29.30 -31.68
CA PHE Z 75 39.39 29.07 -30.23
C PHE Z 75 38.31 29.98 -29.68
N LEU Z 76 37.18 29.40 -29.26
CA LEU Z 76 36.03 30.21 -28.75
C LEU Z 76 36.38 30.83 -27.40
N VAL Z 77 36.25 32.15 -27.28
CA VAL Z 77 36.58 32.86 -26.01
C VAL Z 77 35.32 33.55 -25.48
N HIS Z 78 35.10 33.50 -24.17
CA HIS Z 78 33.91 34.13 -23.54
C HIS Z 78 34.35 35.30 -22.66
N ASN Z 79 35.61 35.33 -22.27
CA ASN Z 79 36.12 36.39 -21.36
C ASN Z 79 37.62 36.63 -21.63
N VAL Z 80 38.27 37.44 -20.79
CA VAL Z 80 39.71 37.78 -20.97
C VAL Z 80 40.58 36.59 -20.53
N LYS Z 81 40.18 35.87 -19.49
CA LYS Z 81 40.96 34.71 -18.99
C LYS Z 81 41.12 33.70 -20.13
N ASP Z 82 40.11 33.56 -20.98
CA ASP Z 82 40.14 32.56 -22.10
C ASP Z 82 41.17 32.94 -23.16
N VAL Z 83 41.33 34.22 -23.49
CA VAL Z 83 42.39 34.62 -24.48
C VAL Z 83 43.77 34.50 -23.84
N GLU Z 84 43.87 34.62 -22.51
CA GLU Z 84 45.18 34.48 -21.81
C GLU Z 84 45.70 33.04 -21.96
N LEU Z 85 44.82 32.08 -22.23
CA LEU Z 85 45.22 30.66 -22.38
C LEU Z 85 45.95 30.46 -23.70
N LEU Z 86 45.96 31.50 -24.56
CA LEU Z 86 46.63 31.41 -25.89
C LEU Z 86 47.95 32.18 -25.87
N LEU Z 87 48.50 32.44 -24.68
CA LEU Z 87 49.81 33.14 -24.57
C LEU Z 87 50.87 32.33 -25.32
N MET Z 88 50.90 31.01 -25.13
CA MET Z 88 51.94 30.19 -25.73
C MET Z 88 51.51 29.57 -27.06
N HIS Z 89 50.29 29.88 -27.50
CA HIS Z 89 49.74 29.29 -28.75
C HIS Z 89 49.20 30.41 -29.65
N ASN Z 90 49.93 31.52 -29.73
CA ASN Z 90 49.48 32.70 -30.51
C ASN Z 90 49.57 32.42 -32.01
N ARG Z 91 50.47 31.54 -32.44
CA ARG Z 91 50.68 31.27 -33.89
C ARG Z 91 49.79 30.11 -34.36
N THR Z 92 49.26 29.31 -33.43
CA THR Z 92 48.47 28.11 -33.83
C THR Z 92 46.97 28.38 -33.70
N TYR Z 93 46.58 29.30 -32.83
CA TYR Z 93 45.12 29.51 -32.57
C TYR Z 93 44.70 30.96 -32.76
N ALA Z 94 43.45 31.17 -33.17
CA ALA Z 94 42.90 32.54 -33.31
C ALA Z 94 41.66 32.64 -32.41
N ALA Z 95 41.42 33.82 -31.82
CA ALA Z 95 40.31 33.98 -30.86
C ALA Z 95 38.97 34.21 -31.59
N GLU Z 96 37.93 33.48 -31.18
CA GLU Z 96 36.58 33.68 -31.75
C GLU Z 96 35.68 34.11 -30.59
N ILE Z 97 35.36 35.39 -30.47
CA ILE Z 97 34.56 35.88 -29.37
C ILE Z 97 33.15 35.32 -29.50
N ALA Z 98 32.61 34.80 -28.40
CA ALA Z 98 31.30 34.17 -28.40
C ALA Z 98 30.21 35.19 -28.72
N HIS Z 99 29.10 34.68 -29.25
CA HIS Z 99 28.03 35.53 -29.76
C HIS Z 99 27.28 36.27 -28.66
N ASN Z 100 27.35 35.80 -27.42
CA ASN Z 100 26.61 36.40 -26.31
C ASN Z 100 27.50 37.22 -25.39
N VAL Z 101 28.66 37.65 -25.87
CA VAL Z 101 29.56 38.50 -25.10
C VAL Z 101 29.19 39.95 -25.34
N SER Z 102 29.13 40.74 -24.26
CA SER Z 102 28.75 42.14 -24.35
C SER Z 102 29.85 42.96 -25.01
N SER Z 103 29.56 44.25 -25.19
CA SER Z 103 30.46 45.12 -25.95
C SER Z 103 31.73 45.45 -25.18
N ARG Z 104 31.61 45.78 -23.89
CA ARG Z 104 32.79 46.16 -23.11
C ARG Z 104 33.71 44.97 -22.88
N LYS Z 105 33.13 43.79 -22.63
CA LYS Z 105 33.93 42.59 -22.52
C LYS Z 105 34.60 42.25 -23.84
N ARG Z 106 33.94 42.54 -24.96
CA ARG Z 106 34.56 42.37 -26.27
C ARG Z 106 35.74 43.31 -26.43
N ILE Z 107 35.62 44.55 -25.97
CA ILE Z 107 36.73 45.50 -26.03
C ILE Z 107 37.90 45.02 -25.19
N ASP Z 108 37.60 44.48 -24.01
CA ASP Z 108 38.66 43.93 -23.12
C ASP Z 108 39.38 42.79 -23.84
N ILE Z 109 38.63 41.84 -24.41
CA ILE Z 109 39.23 40.67 -25.13
C ILE Z 109 40.09 41.17 -26.29
N ILE Z 110 39.56 42.05 -27.15
CA ILE Z 110 40.30 42.51 -28.35
C ILE Z 110 41.60 43.19 -27.91
N THR Z 111 41.55 44.06 -26.90
CA THR Z 111 42.77 44.79 -26.42
C THR Z 111 43.82 43.79 -25.95
N ARG Z 112 43.44 42.86 -25.07
CA ARG Z 112 44.41 41.86 -24.52
C ARG Z 112 44.96 41.00 -25.66
N ALA Z 113 44.11 40.54 -26.57
CA ALA Z 113 44.54 39.63 -27.65
C ALA Z 113 45.59 40.34 -28.53
N LYS Z 114 45.40 41.63 -28.82
CA LYS Z 114 46.38 42.40 -29.63
C LYS Z 114 47.73 42.39 -28.91
N GLN Z 115 47.74 42.62 -27.59
CA GLN Z 115 48.99 42.61 -26.80
C GLN Z 115 49.63 41.22 -26.79
N LEU Z 116 48.81 40.16 -26.78
CA LEU Z 116 49.33 38.77 -26.73
C LEU Z 116 49.77 38.30 -28.12
N GLY Z 117 49.38 39.01 -29.17
CA GLY Z 117 49.70 38.58 -30.55
C GLY Z 117 48.77 37.50 -31.03
N VAL Z 118 47.49 37.56 -30.63
CA VAL Z 118 46.48 36.55 -31.04
C VAL Z 118 45.48 37.23 -31.98
N LYS Z 119 45.25 36.64 -33.15
CA LYS Z 119 44.29 37.21 -34.14
C LYS Z 119 42.85 37.03 -33.65
N VAL Z 120 41.98 38.01 -33.89
CA VAL Z 120 40.54 37.87 -33.53
C VAL Z 120 39.73 37.85 -34.82
N THR Z 121 38.93 36.80 -35.05
CA THR Z 121 38.14 36.64 -36.30
C THR Z 121 37.02 37.70 -36.36
N ASN Z 122 36.32 37.92 -35.25
CA ASN Z 122 35.20 38.87 -35.19
C ASN Z 122 35.56 40.08 -34.34
N ALA Z 123 36.54 40.84 -34.79
CA ALA Z 123 36.92 42.08 -34.13
C ALA Z 123 36.13 43.28 -34.65
N LYS Z 124 35.34 43.10 -35.70
CA LYS Z 124 34.46 44.14 -36.25
C LYS Z 124 33.05 43.99 -35.74
N ALA Z 125 32.90 43.46 -34.51
CA ALA Z 125 31.62 43.29 -33.85
C ALA Z 125 31.15 44.62 -33.27
N LYS Z 126 30.24 44.59 -32.30
CA LYS Z 126 29.56 45.81 -31.85
C LYS Z 126 30.50 46.76 -31.11
N VAL Z 127 31.52 47.26 -31.82
CA VAL Z 127 32.46 48.26 -31.37
C VAL Z 127 32.67 49.24 -32.51
N THR Z 128 33.23 50.39 -32.18
CA THR Z 128 33.57 51.38 -33.19
C THR Z 128 34.72 52.24 -32.70
N THR Z 129 35.36 52.94 -33.63
CA THR Z 129 36.57 53.69 -33.34
C THR Z 129 36.23 55.15 -33.04
N GLU Z 130 36.76 55.65 -31.92
CA GLU Z 130 36.59 57.03 -31.50
C GLU Z 130 37.91 57.76 -31.58
N VAL Z 131 37.91 58.94 -32.17
CA VAL Z 131 39.13 59.74 -32.28
C VAL Z 131 39.17 60.82 -31.20
N PRO AA 2 53.42 54.83 -92.00
CA PRO AA 2 52.34 53.97 -92.51
C PRO AA 2 52.81 52.54 -92.72
N SER AA 3 52.86 51.75 -91.64
CA SER AA 3 53.32 50.37 -91.73
C SER AA 3 52.33 49.51 -92.54
N GLU AA 4 51.04 49.60 -92.20
CA GLU AA 4 49.95 48.92 -92.91
C GLU AA 4 50.16 47.40 -92.95
N ALA AA 5 50.69 46.85 -91.86
CA ALA AA 5 50.95 45.43 -91.74
C ALA AA 5 50.52 44.94 -90.37
N GLY AA 6 49.97 43.72 -90.34
CA GLY AA 6 49.54 43.14 -89.09
C GLY AA 6 50.71 42.67 -88.23
N HIS AA 7 50.42 42.47 -86.94
CA HIS AA 7 51.42 42.04 -85.96
C HIS AA 7 50.85 40.82 -85.24
N ARG AA 8 51.07 39.65 -85.81
CA ARG AA 8 50.62 38.39 -85.22
C ARG AA 8 51.84 37.54 -84.89
N LEU AA 9 52.00 37.18 -83.63
CA LEU AA 9 53.04 36.27 -83.17
C LEU AA 9 52.45 35.09 -82.41
N TYR AA 10 51.36 34.55 -82.93
CA TYR AA 10 50.75 33.34 -82.39
C TYR AA 10 50.19 32.54 -83.55
N VAL AA 11 50.09 31.24 -83.35
CA VAL AA 11 49.44 30.35 -84.32
C VAL AA 11 47.98 30.25 -83.94
N LYS AA 12 47.11 30.40 -84.93
CA LYS AA 12 45.68 30.26 -84.69
C LYS AA 12 45.34 28.82 -84.38
N GLY AA 13 44.40 28.65 -83.45
CA GLY AA 13 43.95 27.30 -83.09
C GLY AA 13 42.46 27.30 -82.82
N ARG AA 14 41.84 26.13 -82.84
CA ARG AA 14 40.40 26.01 -82.51
C ARG AA 14 40.19 25.02 -81.36
N HIS AA 15 39.52 25.45 -80.29
CA HIS AA 15 39.22 24.54 -79.15
C HIS AA 15 38.07 23.62 -79.55
N LEU AA 16 38.35 22.36 -79.90
CA LEU AA 16 37.29 21.45 -80.41
C LEU AA 16 36.40 20.99 -79.25
N SER AA 17 36.97 20.29 -78.27
CA SER AA 17 36.16 19.73 -77.15
C SER AA 17 37.04 19.46 -75.94
N TYR AA 18 36.52 18.71 -74.95
CA TYR AA 18 37.34 18.31 -73.79
C TYR AA 18 37.82 16.88 -74.01
N GLN AA 19 38.81 16.42 -73.23
CA GLN AA 19 39.21 14.99 -73.31
C GLN AA 19 38.01 14.16 -72.86
N ARG AA 20 37.59 13.18 -73.66
CA ARG AA 20 36.36 12.44 -73.31
C ARG AA 20 36.29 11.08 -73.99
N GLY AA 21 35.41 10.19 -73.52
CA GLY AA 21 35.19 8.91 -74.21
C GLY AA 21 33.92 9.03 -75.02
N ARG AA 22 32.89 8.27 -74.68
CA ARG AA 22 31.61 8.46 -75.35
C ARG AA 22 30.52 9.00 -74.44
N ARG AA 23 30.52 8.62 -73.16
CA ARG AA 23 29.52 9.08 -72.21
C ARG AA 23 30.17 9.59 -70.93
N ASN AA 24 31.45 9.99 -71.02
CA ASN AA 24 32.19 10.45 -69.85
C ASN AA 24 33.14 11.54 -70.32
N THR AA 25 32.89 12.77 -69.90
CA THR AA 25 33.64 13.93 -70.35
C THR AA 25 34.46 14.50 -69.19
N HIS AA 26 35.74 14.76 -69.46
CA HIS AA 26 36.66 15.26 -68.45
C HIS AA 26 37.08 16.69 -68.79
N PRO AA 27 36.50 17.71 -68.15
CA PRO AA 27 36.80 19.09 -68.55
C PRO AA 27 38.18 19.60 -68.15
N LYS AA 28 38.94 18.84 -67.36
CA LYS AA 28 40.25 19.31 -66.93
C LYS AA 28 41.26 19.36 -68.08
N THR AA 29 41.03 18.58 -69.12
CA THR AA 29 41.93 18.59 -70.30
C THR AA 29 41.09 18.95 -71.53
N SER AA 30 41.61 19.79 -72.43
CA SER AA 30 40.85 20.23 -73.62
C SER AA 30 41.57 19.79 -74.90
N LEU AA 31 40.84 19.29 -75.89
CA LEU AA 31 41.44 18.91 -77.18
C LEU AA 31 41.42 20.12 -78.12
N ILE AA 32 42.58 20.52 -78.66
CA ILE AA 32 42.68 21.75 -79.51
C ILE AA 32 43.35 21.41 -80.84
N LYS AA 33 42.80 21.92 -81.96
CA LYS AA 33 43.44 21.71 -83.29
C LYS AA 33 44.24 22.97 -83.66
N ILE AA 34 45.53 22.80 -84.00
CA ILE AA 34 46.39 23.95 -84.40
C ILE AA 34 46.39 24.05 -85.92
N GLU AA 35 46.26 25.26 -86.46
CA GLU AA 35 46.22 25.46 -87.93
C GLU AA 35 47.57 25.08 -88.54
N GLY AA 36 47.57 24.15 -89.51
CA GLY AA 36 48.82 23.75 -90.18
C GLY AA 36 49.42 22.47 -89.62
N VAL AA 37 48.96 22.06 -88.43
CA VAL AA 37 49.50 20.82 -87.77
C VAL AA 37 48.57 19.66 -88.10
N ASP AA 38 49.04 18.69 -88.88
CA ASP AA 38 48.15 17.57 -89.32
C ASP AA 38 48.80 16.22 -89.01
N ASP AA 39 49.92 16.20 -88.29
CA ASP AA 39 50.61 14.93 -87.93
C ASP AA 39 51.17 15.03 -86.51
N THR AA 40 51.47 13.89 -85.89
CA THR AA 40 52.03 13.86 -84.51
C THR AA 40 53.41 14.54 -84.50
N ALA AA 41 54.19 14.37 -85.57
CA ALA AA 41 55.55 14.95 -85.62
C ALA AA 41 55.47 16.48 -85.57
N ALA AA 42 54.50 17.07 -86.27
CA ALA AA 42 54.31 18.54 -86.23
C ALA AA 42 53.82 18.95 -84.84
N ALA AA 43 52.93 18.14 -84.26
CA ALA AA 43 52.39 18.45 -82.91
C ALA AA 43 53.51 18.43 -81.87
N ASN AA 44 54.58 17.66 -82.12
CA ASN AA 44 55.67 17.55 -81.16
C ASN AA 44 56.39 18.88 -81.01
N PHE AA 45 56.28 19.77 -82.01
CA PHE AA 45 56.95 21.09 -81.96
C PHE AA 45 56.25 22.00 -80.95
N TYR AA 46 54.91 21.94 -80.87
CA TYR AA 46 54.15 22.90 -80.03
C TYR AA 46 53.95 22.37 -78.60
N LEU AA 47 54.64 21.29 -78.23
CA LEU AA 47 54.53 20.75 -76.86
C LEU AA 47 55.14 21.72 -75.86
N GLY AA 48 54.39 22.08 -74.82
CA GLY AA 48 54.90 23.00 -73.77
C GLY AA 48 54.56 24.46 -74.06
N LYS AA 49 54.19 24.78 -75.31
CA LYS AA 49 53.90 26.19 -75.68
C LYS AA 49 52.64 26.68 -74.95
N ARG AA 50 52.56 27.98 -74.67
CA ARG AA 50 51.40 28.54 -73.92
C ARG AA 50 50.21 28.77 -74.86
N VAL AA 51 48.99 28.59 -74.36
CA VAL AA 51 47.76 28.85 -75.17
C VAL AA 51 46.91 29.91 -74.45
N ALA AA 52 46.30 30.82 -75.20
CA ALA AA 52 45.48 31.90 -74.58
C ALA AA 52 44.06 31.89 -75.16
N TYR AA 53 43.04 31.82 -74.30
CA TYR AA 53 41.64 31.93 -74.79
C TYR AA 53 41.16 33.37 -74.52
N VAL AA 54 41.10 34.20 -75.55
CA VAL AA 54 40.73 35.63 -75.36
C VAL AA 54 39.23 35.82 -75.63
N TYR AA 55 38.53 36.53 -74.74
CA TYR AA 55 37.11 36.79 -74.91
C TYR AA 55 36.73 38.11 -74.26
N ARG AA 56 35.84 38.85 -74.91
CA ARG AA 56 35.22 40.02 -74.31
C ARG AA 56 33.99 39.57 -73.54
N ALA AA 57 33.85 40.02 -72.29
CA ALA AA 57 32.75 39.44 -71.53
C ALA AA 57 31.46 40.27 -71.58
N GLN AA 58 31.37 41.31 -70.72
CA GLN AA 58 30.32 42.33 -70.83
C GLN AA 58 30.83 43.68 -70.35
N LYS AA 59 31.91 43.70 -69.58
CA LYS AA 59 32.15 44.79 -68.64
C LYS AA 59 33.64 45.05 -68.46
N GLU AA 60 33.99 46.33 -68.47
CA GLU AA 60 35.35 46.78 -68.22
C GLU AA 60 35.75 46.48 -66.78
N VAL AA 61 36.98 45.98 -66.58
CA VAL AA 61 37.51 45.70 -65.25
C VAL AA 61 38.82 46.46 -65.00
N ARG AA 62 39.87 46.13 -65.74
CA ARG AA 62 41.10 46.93 -65.73
C ARG AA 62 41.21 47.78 -67.00
N GLY AA 63 40.25 48.69 -67.17
CA GLY AA 63 40.25 49.56 -68.33
C GLY AA 63 39.90 48.89 -69.64
N THR AA 64 39.53 47.60 -69.62
CA THR AA 64 39.18 46.87 -70.83
C THR AA 64 38.20 45.75 -70.48
N LYS AA 65 37.48 45.30 -71.50
CA LYS AA 65 36.53 44.21 -71.36
C LYS AA 65 37.10 42.86 -71.78
N ILE AA 66 38.40 42.82 -72.10
CA ILE AA 66 39.02 41.62 -72.63
C ILE AA 66 39.58 40.80 -71.47
N ARG AA 67 39.16 39.54 -71.38
CA ARG AA 67 39.66 38.59 -70.38
C ARG AA 67 40.32 37.43 -71.09
N VAL AA 68 41.34 36.84 -70.46
CA VAL AA 68 42.10 35.75 -71.14
C VAL AA 68 42.36 34.60 -70.15
N ILE AA 69 42.09 33.35 -70.57
CA ILE AA 69 42.41 32.16 -69.73
C ILE AA 69 43.69 31.53 -70.29
N TRP AA 70 44.73 31.42 -69.47
CA TRP AA 70 46.04 30.92 -69.97
C TRP AA 70 46.20 29.42 -69.70
N GLY AA 71 46.90 28.71 -70.59
CA GLY AA 71 47.12 27.26 -70.43
C GLY AA 71 48.37 26.82 -71.17
N LYS AA 72 48.57 25.51 -71.32
CA LYS AA 72 49.80 24.98 -71.98
C LYS AA 72 49.47 23.70 -72.74
N ILE AA 73 50.16 23.46 -73.86
CA ILE AA 73 49.98 22.19 -74.62
C ILE AA 73 50.76 21.11 -73.88
N THR AA 74 50.13 19.97 -73.60
CA THR AA 74 50.79 18.92 -72.77
C THR AA 74 51.28 17.75 -73.63
N ARG AA 75 50.45 17.23 -74.53
CA ARG AA 75 50.82 16.06 -75.31
C ARG AA 75 50.01 16.06 -76.61
N PRO AA 76 50.47 15.36 -77.64
CA PRO AA 76 49.65 15.19 -78.83
C PRO AA 76 48.50 14.24 -78.57
N HIS AA 77 47.49 14.33 -79.45
CA HIS AA 77 46.28 13.51 -79.31
C HIS AA 77 45.93 12.94 -80.67
N GLY AA 78 45.86 11.62 -80.75
CA GLY AA 78 45.54 10.95 -82.00
C GLY AA 78 46.68 11.04 -83.00
N ASN AA 79 46.32 10.86 -84.28
CA ASN AA 79 47.36 10.88 -85.35
C ASN AA 79 47.14 12.05 -86.31
N SER AA 80 46.16 12.91 -86.04
CA SER AA 80 45.82 14.01 -87.00
C SER AA 80 46.36 15.37 -86.52
N GLY AA 81 47.23 15.39 -85.53
CA GLY AA 81 47.85 16.67 -85.09
C GLY AA 81 47.07 17.41 -84.03
N VAL AA 82 46.01 16.80 -83.49
CA VAL AA 82 45.25 17.44 -82.37
C VAL AA 82 46.16 17.39 -81.13
N VAL AA 83 46.04 18.37 -80.22
CA VAL AA 83 46.83 18.37 -79.01
C VAL AA 83 45.92 18.45 -77.80
N ARG AA 84 46.43 17.97 -76.67
CA ARG AA 84 45.68 18.08 -75.39
C ARG AA 84 46.28 19.27 -74.63
N ALA AA 85 45.42 20.14 -74.08
CA ALA AA 85 45.92 21.35 -73.39
C ALA AA 85 45.30 21.46 -72.00
N LYS AA 86 46.07 21.91 -71.01
CA LYS AA 86 45.55 22.10 -69.64
C LYS AA 86 45.59 23.59 -69.27
N PHE AA 87 44.46 24.13 -68.79
CA PHE AA 87 44.38 25.56 -68.41
C PHE AA 87 44.19 25.67 -66.90
N THR AA 88 44.60 26.80 -66.30
CA THR AA 88 44.40 27.03 -64.84
C THR AA 88 43.04 26.46 -64.42
N HIS AA 89 41.96 26.94 -65.03
CA HIS AA 89 40.63 26.38 -64.81
C HIS AA 89 40.11 25.88 -66.14
N PRO AA 90 39.17 24.90 -66.14
CA PRO AA 90 38.65 24.37 -67.41
C PRO AA 90 38.04 25.43 -68.32
N LEU AA 91 38.24 25.27 -69.63
CA LEU AA 91 37.72 26.19 -70.62
C LEU AA 91 36.20 26.12 -70.67
N PRO AA 92 35.54 27.22 -71.02
CA PRO AA 92 34.07 27.21 -71.08
C PRO AA 92 33.55 26.28 -72.16
N ALA AA 93 32.42 25.63 -71.86
CA ALA AA 93 31.83 24.69 -72.80
C ALA AA 93 31.17 25.37 -73.98
N ARG AA 94 30.89 26.67 -73.88
CA ARG AA 94 30.38 27.44 -75.01
C ARG AA 94 31.48 27.79 -76.00
N SER AA 95 32.74 27.62 -75.58
CA SER AA 95 33.89 27.89 -76.48
C SER AA 95 34.21 26.64 -77.29
N PHE AA 96 33.29 25.66 -77.31
CA PHE AA 96 33.51 24.47 -78.17
C PHE AA 96 33.47 24.95 -79.62
N GLY AA 97 34.61 24.83 -80.31
CA GLY AA 97 34.69 25.34 -81.69
C GLY AA 97 35.04 26.81 -81.70
N ALA AA 98 35.96 27.26 -80.84
CA ALA AA 98 36.26 28.72 -80.76
C ALA AA 98 37.74 28.97 -81.03
N SER AA 99 38.13 30.22 -81.27
CA SER AA 99 39.54 30.53 -81.64
C SER AA 99 40.40 30.67 -80.39
N VAL AA 100 41.51 29.92 -80.32
CA VAL AA 100 42.49 30.07 -79.20
C VAL AA 100 43.83 30.49 -79.82
N ARG AA 101 44.77 30.99 -79.01
CA ARG AA 101 46.04 31.50 -79.56
C ARG AA 101 47.22 30.68 -79.02
N ILE AA 102 47.85 29.86 -79.86
CA ILE AA 102 49.05 29.09 -79.44
C ILE AA 102 50.27 29.99 -79.57
N MET AA 103 50.90 30.36 -78.45
CA MET AA 103 52.05 31.29 -78.48
C MET AA 103 53.34 30.54 -78.88
N LEU AA 104 54.43 31.27 -79.09
CA LEU AA 104 55.70 30.64 -79.53
C LEU AA 104 56.67 30.49 -78.34
N TYR AA 105 56.20 30.74 -77.11
CA TYR AA 105 57.04 30.56 -75.91
C TYR AA 105 56.36 29.54 -74.98
N PRO AA 106 57.07 28.78 -74.11
CA PRO AA 106 58.55 28.74 -74.05
C PRO AA 106 59.22 28.30 -75.35
N SER AA 107 60.27 28.99 -75.77
CA SER AA 107 60.92 28.69 -77.08
C SER AA 107 62.22 27.90 -76.90
N SER AA 108 62.34 26.77 -77.61
CA SER AA 108 63.61 25.99 -77.59
C SER AA 108 64.34 26.23 -78.92
N ILE AA 109 63.88 27.21 -79.70
CA ILE AA 109 64.50 27.53 -81.03
C ILE AA 109 65.57 28.61 -80.81
N GLY BA 5 -32.61 56.68 9.48
CA GLY BA 5 -32.61 55.56 8.55
C GLY BA 5 -31.71 54.42 9.01
N LYS BA 6 -30.43 54.74 9.21
CA LYS BA 6 -29.49 53.73 9.67
C LYS BA 6 -29.49 53.68 11.20
N VAL BA 7 -29.63 52.47 11.74
CA VAL BA 7 -29.69 52.26 13.17
C VAL BA 7 -28.58 51.29 13.58
N LYS BA 8 -27.86 51.64 14.65
CA LYS BA 8 -26.84 50.76 15.19
C LYS BA 8 -27.49 49.60 15.94
N ALA BA 9 -26.67 48.62 16.31
CA ALA BA 9 -27.18 47.38 16.88
C ALA BA 9 -27.39 47.48 18.39
N GLY BA 10 -26.46 48.12 19.11
CA GLY BA 10 -26.57 48.21 20.56
C GLY BA 10 -27.76 49.01 21.04
N GLN BA 11 -28.11 50.06 20.29
CA GLN BA 11 -29.32 50.82 20.60
C GLN BA 11 -30.55 49.94 20.50
N LEU BA 12 -30.60 49.07 19.48
CA LEU BA 12 -31.67 48.08 19.39
C LEU BA 12 -31.60 47.05 20.51
N TRP BA 13 -30.39 46.72 20.99
CA TRP BA 13 -30.28 45.78 22.10
C TRP BA 13 -30.83 46.36 23.39
N SER BA 14 -30.74 47.68 23.56
CA SER BA 14 -31.24 48.30 24.78
C SER BA 14 -32.77 48.27 24.87
N LYS BA 15 -33.47 48.45 23.75
CA LYS BA 15 -34.91 48.63 23.77
C LYS BA 15 -35.64 47.31 23.98
N ASN BA 16 -36.94 47.43 24.28
CA ASN BA 16 -37.83 46.31 24.58
C ASN BA 16 -38.67 45.91 23.35
N LYS BA 17 -39.65 45.02 23.57
CA LYS BA 17 -40.35 44.38 22.46
C LYS BA 17 -41.27 45.35 21.71
N GLU BA 18 -42.12 46.08 22.43
CA GLU BA 18 -43.09 46.96 21.76
C GLU BA 18 -42.38 48.12 21.06
N GLU BA 19 -41.30 48.63 21.66
CA GLU BA 19 -40.52 49.67 21.00
C GLU BA 19 -39.92 49.14 19.70
N LEU BA 20 -39.23 48.00 19.75
CA LEU BA 20 -38.62 47.41 18.57
C LEU BA 20 -39.66 47.12 17.50
N THR BA 21 -40.86 46.74 17.91
CA THR BA 21 -41.98 46.61 16.98
C THR BA 21 -42.34 47.95 16.33
N LYS BA 22 -42.33 49.06 17.07
CA LYS BA 22 -42.75 50.29 16.41
C LYS BA 22 -41.68 50.86 15.48
N ILE BA 23 -40.38 50.70 15.80
CA ILE BA 23 -39.36 51.01 14.77
C ILE BA 23 -39.48 50.06 13.59
N LEU BA 24 -39.81 48.78 13.82
CA LEU BA 24 -40.03 47.87 12.70
C LEU BA 24 -41.16 48.36 11.78
N GLY BA 25 -42.26 48.80 12.39
CA GLY BA 25 -43.39 49.28 11.61
C GLY BA 25 -43.07 50.55 10.84
N GLU BA 26 -42.40 51.51 11.50
CA GLU BA 26 -42.10 52.76 10.80
C GLU BA 26 -41.07 52.55 9.69
N LEU BA 27 -40.09 51.66 9.91
CA LEU BA 27 -39.12 51.36 8.86
C LEU BA 27 -39.79 50.68 7.68
N LYS BA 28 -40.72 49.75 7.94
CA LYS BA 28 -41.43 49.10 6.85
C LYS BA 28 -42.29 50.08 6.06
N THR BA 29 -42.94 51.02 6.75
CA THR BA 29 -43.76 52.01 6.04
C THR BA 29 -42.89 52.94 5.20
N GLU BA 30 -41.74 53.36 5.75
CA GLU BA 30 -40.83 54.21 4.98
C GLU BA 30 -40.29 53.48 3.76
N LEU BA 31 -39.95 52.19 3.91
CA LEU BA 31 -39.47 51.42 2.77
C LEU BA 31 -40.55 51.26 1.71
N SER BA 32 -41.80 51.05 2.14
CA SER BA 32 -42.91 50.92 1.19
C SER BA 32 -43.13 52.21 0.41
N GLN BA 33 -43.14 53.36 1.12
CA GLN BA 33 -43.33 54.64 0.45
C GLN BA 33 -42.19 54.96 -0.50
N LEU BA 34 -40.95 54.66 -0.09
CA LEU BA 34 -39.81 54.96 -0.95
C LEU BA 34 -39.74 54.01 -2.14
N ARG BA 35 -40.23 52.78 -1.97
CA ARG BA 35 -40.30 51.87 -3.11
C ARG BA 35 -41.37 52.30 -4.09
N ILE BA 36 -42.47 52.88 -3.59
CA ILE BA 36 -43.50 53.39 -4.48
C ILE BA 36 -43.00 54.61 -5.26
N GLN BA 37 -42.36 55.55 -4.55
CA GLN BA 37 -41.93 56.78 -5.22
C GLN BA 37 -40.56 56.68 -5.86
N LYS BA 38 -39.88 55.53 -5.75
CA LYS BA 38 -38.52 55.40 -6.26
C LYS BA 38 -38.48 55.03 -7.73
N ILE BA 39 -39.64 54.75 -8.34
CA ILE BA 39 -39.71 54.34 -9.74
C ILE BA 39 -39.39 55.50 -10.67
N SER BA 40 -39.45 56.73 -10.15
CA SER BA 40 -39.12 57.93 -10.90
C SER BA 40 -37.99 58.67 -10.20
N SER BA 41 -36.93 58.99 -10.96
CA SER BA 41 -35.79 59.80 -10.52
C SER BA 41 -35.10 59.19 -9.31
N SER BA 42 -34.53 58.00 -9.54
CA SER BA 42 -33.80 57.28 -8.50
C SER BA 42 -32.38 57.82 -8.41
N GLY BA 43 -32.13 58.66 -7.41
CA GLY BA 43 -30.81 59.22 -7.19
C GLY BA 43 -30.17 58.69 -5.92
N ALA BA 44 -30.25 59.47 -4.84
CA ALA BA 44 -29.78 59.04 -3.53
C ALA BA 44 -30.78 58.14 -2.82
N LYS BA 45 -31.91 57.83 -3.45
CA LYS BA 45 -32.90 56.96 -2.83
C LYS BA 45 -32.41 55.52 -2.76
N LEU BA 46 -31.48 55.14 -3.64
CA LEU BA 46 -31.02 53.75 -3.69
C LEU BA 46 -30.22 53.38 -2.46
N ASN BA 47 -29.29 54.25 -2.05
CA ASN BA 47 -28.50 54.02 -0.85
C ASN BA 47 -29.38 53.98 0.39
N LYS BA 48 -30.37 54.87 0.44
CA LYS BA 48 -31.30 54.89 1.57
C LYS BA 48 -32.15 53.62 1.60
N ILE BA 49 -32.56 53.11 0.44
CA ILE BA 49 -33.33 51.88 0.38
C ILE BA 49 -32.50 50.70 0.87
N HIS BA 50 -31.23 50.63 0.46
CA HIS BA 50 -30.34 49.58 0.92
C HIS BA 50 -30.12 49.66 2.43
N ASP BA 51 -29.91 50.87 2.95
CA ASP BA 51 -29.72 51.06 4.38
C ASP BA 51 -30.98 50.71 5.16
N LEU BA 52 -32.15 51.02 4.60
CA LEU BA 52 -33.41 50.68 5.25
C LEU BA 52 -33.62 49.17 5.29
N ARG BA 53 -33.26 48.47 4.21
CA ARG BA 53 -33.36 47.01 4.20
C ARG BA 53 -32.45 46.39 5.25
N LYS BA 54 -31.22 46.91 5.36
CA LYS BA 54 -30.32 46.43 6.40
C LYS BA 54 -30.85 46.76 7.80
N SER BA 55 -31.55 47.89 7.94
CA SER BA 55 -32.13 48.27 9.22
C SER BA 55 -33.26 47.32 9.63
N ILE BA 56 -34.14 46.96 8.69
CA ILE BA 56 -35.18 45.97 8.97
C ILE BA 56 -34.56 44.63 9.33
N ALA BA 57 -33.48 44.25 8.65
CA ALA BA 57 -32.78 43.01 9.00
C ALA BA 57 -32.25 43.05 10.43
N ARG BA 58 -31.66 44.19 10.82
CA ARG BA 58 -31.13 44.32 12.18
C ARG BA 58 -32.24 44.26 13.23
N VAL BA 59 -33.35 44.97 13.00
CA VAL BA 59 -34.45 44.98 13.96
C VAL BA 59 -35.05 43.58 14.10
N LEU BA 60 -35.26 42.89 12.98
CA LEU BA 60 -35.81 41.54 13.02
C LEU BA 60 -34.87 40.58 13.75
N THR BA 61 -33.55 40.74 13.54
CA THR BA 61 -32.57 39.92 14.25
C THR BA 61 -32.65 40.15 15.76
N VAL BA 62 -32.79 41.41 16.20
CA VAL BA 62 -32.83 41.68 17.63
C VAL BA 62 -34.10 41.14 18.27
N ILE BA 63 -35.26 41.31 17.62
CA ILE BA 63 -36.50 40.76 18.19
C ILE BA 63 -36.47 39.24 18.21
N ASN BA 64 -35.93 38.60 17.17
CA ASN BA 64 -35.82 37.15 17.17
C ASN BA 64 -34.91 36.65 18.28
N ALA BA 65 -33.77 37.33 18.49
CA ALA BA 65 -32.86 36.93 19.55
C ALA BA 65 -33.49 37.10 20.93
N LYS BA 66 -34.21 38.20 21.16
CA LYS BA 66 -34.86 38.41 22.44
C LYS BA 66 -35.95 37.37 22.69
N GLN BA 67 -36.74 37.06 21.65
CA GLN BA 67 -37.81 36.07 21.79
C GLN BA 67 -37.25 34.69 22.09
N ARG BA 68 -36.17 34.30 21.40
CA ARG BA 68 -35.58 32.99 21.65
C ARG BA 68 -34.90 32.94 23.01
N ALA BA 69 -34.32 34.05 23.47
CA ALA BA 69 -33.75 34.08 24.83
C ALA BA 69 -34.83 33.92 25.89
N GLN BA 70 -35.98 34.58 25.70
CA GLN BA 70 -37.09 34.42 26.65
C GLN BA 70 -37.63 33.00 26.62
N LEU BA 71 -37.74 32.40 25.43
CA LEU BA 71 -38.21 31.02 25.33
C LEU BA 71 -37.24 30.04 25.99
N ARG BA 72 -35.94 30.28 25.85
CA ARG BA 72 -34.95 29.45 26.54
C ARG BA 72 -35.00 29.66 28.05
N LEU BA 73 -35.35 30.87 28.49
CA LEU BA 73 -35.52 31.11 29.93
C LEU BA 73 -36.73 30.36 30.46
N PHE BA 74 -37.78 30.23 29.64
CA PHE BA 74 -38.96 29.44 30.04
C PHE BA 74 -38.57 27.97 30.24
N TYR BA 75 -37.82 27.40 29.31
CA TYR BA 75 -37.59 25.95 29.25
C TYR BA 75 -36.33 25.54 30.00
N LYS BA 76 -35.99 26.25 31.07
CA LYS BA 76 -34.73 26.02 31.77
C LYS BA 76 -34.73 24.69 32.53
N ASN BA 77 -35.85 24.35 33.17
CA ASN BA 77 -35.94 23.12 33.94
C ASN BA 77 -36.87 22.09 33.32
N LYS BA 78 -37.53 22.41 32.22
CA LYS BA 78 -38.42 21.46 31.56
C LYS BA 78 -37.61 20.41 30.82
N LYS BA 79 -38.17 19.19 30.74
CA LYS BA 79 -37.42 18.06 30.19
C LYS BA 79 -37.29 18.14 28.67
N TYR BA 80 -38.34 18.56 27.98
CA TYR BA 80 -38.35 18.61 26.52
C TYR BA 80 -38.36 20.05 26.05
N LEU BA 81 -37.47 20.36 25.12
CA LEU BA 81 -37.41 21.64 24.43
C LEU BA 81 -37.93 21.48 23.01
N PRO BA 82 -38.40 22.56 22.38
CA PRO BA 82 -38.74 22.50 20.96
C PRO BA 82 -37.50 22.26 20.11
N LEU BA 83 -37.71 21.68 18.94
CA LEU BA 83 -36.59 21.31 18.08
C LEU BA 83 -35.81 22.53 17.59
N ASP BA 84 -36.46 23.69 17.51
CA ASP BA 84 -35.76 24.91 17.13
C ASP BA 84 -34.82 25.38 18.23
N LEU BA 85 -35.09 25.01 19.49
CA LEU BA 85 -34.29 25.45 20.63
C LEU BA 85 -33.34 24.36 21.11
N ARG BA 86 -33.08 23.36 20.30
CA ARG BA 86 -32.13 22.30 20.61
C ARG BA 86 -30.86 22.47 19.79
N PRO BA 87 -29.71 22.09 20.34
CA PRO BA 87 -28.46 22.17 19.56
C PRO BA 87 -28.50 21.21 18.37
N LYS BA 88 -27.95 21.67 17.25
CA LYS BA 88 -28.06 20.91 16.01
C LYS BA 88 -27.09 19.73 15.98
N LEU BA 89 -25.79 20.01 16.15
CA LEU BA 89 -24.69 19.03 16.08
C LEU BA 89 -24.77 18.34 14.72
N THR BA 90 -24.64 17.02 14.64
CA THR BA 90 -24.98 16.25 13.46
C THR BA 90 -26.01 15.21 13.84
N ARG BA 91 -26.54 14.50 12.84
CA ARG BA 91 -27.52 13.45 13.09
C ARG BA 91 -26.89 12.29 13.85
N ALA BA 92 -25.64 11.94 13.52
CA ALA BA 92 -24.96 10.87 14.24
C ALA BA 92 -24.53 11.30 15.63
N LEU BA 93 -24.15 12.58 15.79
CA LEU BA 93 -23.76 13.08 17.10
C LEU BA 93 -24.95 13.17 18.04
N ARG BA 94 -26.16 13.34 17.50
CA ARG BA 94 -27.38 13.37 18.30
C ARG BA 94 -27.88 11.98 18.65
N ARG BA 95 -27.35 10.94 18.02
CA ARG BA 95 -27.81 9.58 18.23
C ARG BA 95 -26.84 8.73 19.05
N ARG BA 96 -25.63 9.21 19.28
CA ARG BA 96 -24.64 8.43 20.00
C ARG BA 96 -24.98 8.38 21.48
N LEU BA 97 -24.35 7.43 22.19
CA LEU BA 97 -24.58 7.27 23.61
C LEU BA 97 -24.07 8.48 24.38
N SER BA 98 -24.80 8.85 25.43
CA SER BA 98 -24.43 10.00 26.24
C SER BA 98 -23.19 9.68 27.06
N LYS BA 99 -22.56 10.74 27.60
CA LYS BA 99 -21.35 10.57 28.38
C LYS BA 99 -21.62 9.81 29.68
N GLU BA 100 -22.78 10.04 30.28
CA GLU BA 100 -23.16 9.28 31.46
C GLU BA 100 -23.47 7.83 31.12
N ASP BA 101 -24.06 7.59 29.94
CA ASP BA 101 -24.44 6.23 29.57
C ASP BA 101 -23.23 5.43 29.09
N ALA BA 102 -22.31 6.07 28.36
CA ALA BA 102 -21.17 5.34 27.81
C ALA BA 102 -20.13 5.02 28.87
N SER BA 103 -19.99 5.86 29.89
CA SER BA 103 -18.99 5.64 30.92
C SER BA 103 -19.47 4.71 32.03
N ARG BA 104 -20.70 4.21 31.94
CA ARG BA 104 -21.23 3.29 32.94
C ARG BA 104 -20.50 1.95 32.85
N VAL BA 105 -20.32 1.32 34.02
CA VAL BA 105 -19.67 0.02 34.12
C VAL BA 105 -20.53 -0.89 34.99
N LEU BA 106 -20.19 -2.17 34.97
CA LEU BA 106 -20.83 -3.12 35.86
C LEU BA 106 -20.23 -3.02 37.26
N GLU BA 107 -20.89 -3.66 38.22
CA GLU BA 107 -20.41 -3.60 39.59
C GLU BA 107 -19.18 -4.47 39.79
N LYS BA 108 -19.11 -5.60 39.08
CA LYS BA 108 -17.93 -6.46 39.16
C LYS BA 108 -16.69 -5.76 38.60
N THR BA 109 -16.86 -5.06 37.48
CA THR BA 109 -15.78 -4.27 36.90
C THR BA 109 -15.36 -3.13 37.83
N LYS BA 110 -16.33 -2.48 38.47
CA LYS BA 110 -16.03 -1.39 39.38
C LYS BA 110 -15.27 -1.90 40.61
N LYS BA 111 -15.66 -3.06 41.13
CA LYS BA 111 -14.95 -3.64 42.27
C LYS BA 111 -13.52 -4.02 41.91
N ARG BA 112 -13.33 -4.64 40.74
CA ARG BA 112 -12.00 -5.02 40.29
C ARG BA 112 -11.11 -3.80 40.07
N LEU BA 113 -11.66 -2.74 39.45
CA LEU BA 113 -10.92 -1.52 39.24
C LEU BA 113 -10.65 -0.75 40.52
N THR BA 114 -11.53 -0.89 41.52
CA THR BA 114 -11.34 -0.22 42.80
C THR BA 114 -10.21 -0.85 43.59
N HIS BA 115 -10.17 -2.18 43.65
CA HIS BA 115 -9.18 -2.81 44.52
C HIS BA 115 -7.90 -3.21 43.81
N PHE BA 116 -7.90 -3.32 42.48
CA PHE BA 116 -6.71 -3.63 41.72
C PHE BA 116 -6.57 -2.68 40.54
N PRO BA 117 -6.22 -1.41 40.80
CA PRO BA 117 -6.04 -0.46 39.71
C PRO BA 117 -4.67 -0.61 39.07
N GLN BA 118 -4.51 0.05 37.94
CA GLN BA 118 -3.21 0.09 37.28
C GLN BA 118 -2.24 0.91 38.11
N ARG BA 119 -1.06 0.33 38.35
CA ARG BA 119 -0.11 0.87 39.30
C ARG BA 119 1.00 1.64 38.60
N LYS BA 120 1.67 2.50 39.35
CA LYS BA 120 2.83 3.24 38.89
C LYS BA 120 4.08 2.49 39.31
N TYR BA 121 5.01 2.33 38.38
CA TYR BA 121 6.20 1.53 38.63
C TYR BA 121 7.30 1.94 37.65
N ALA BA 122 8.52 1.45 37.92
CA ALA BA 122 9.66 1.77 37.04
C ALA BA 122 10.71 0.67 37.15
N VAL BA 123 11.18 0.14 36.02
CA VAL BA 123 12.25 -0.90 36.04
C VAL BA 123 13.60 -0.19 35.92
N LYS BA 124 14.46 -0.32 36.93
CA LYS BA 124 15.78 0.39 36.92
C LYS BA 124 16.80 -0.40 36.10
N ALA BA 125 17.63 0.32 35.32
CA ALA BA 125 18.68 -0.34 34.51
C ALA BA 125 19.88 -0.69 35.39
N GLY CA 23 13.32 -37.89 23.34
CA GLY CA 23 14.50 -37.17 22.92
C GLY CA 23 15.28 -36.58 24.09
N HIS CA 24 15.08 -35.29 24.32
CA HIS CA 24 15.74 -34.61 25.43
C HIS CA 24 15.13 -35.06 26.76
N LYS CA 25 15.95 -35.05 27.80
CA LYS CA 25 15.53 -35.51 29.12
C LYS CA 25 15.16 -34.32 29.98
N THR CA 26 13.91 -34.29 30.43
CA THR CA 26 13.42 -33.29 31.37
C THR CA 26 12.59 -33.97 32.45
N THR CA 27 12.55 -33.35 33.62
CA THR CA 27 11.80 -33.88 34.75
C THR CA 27 10.35 -33.47 34.59
N ARG CA 28 9.49 -34.44 34.31
CA ARG CA 28 8.07 -34.18 34.12
C ARG CA 28 7.42 -33.81 35.44
N ARG CA 29 6.49 -32.84 35.39
CA ARG CA 29 5.74 -32.43 36.56
C ARG CA 29 4.39 -33.12 36.60
N VAL CA 30 3.82 -33.19 37.80
CA VAL CA 30 2.42 -33.55 37.96
C VAL CA 30 1.59 -32.29 37.87
N LEU CA 31 0.63 -32.28 36.96
CA LEU CA 31 -0.14 -31.08 36.64
C LEU CA 31 -1.37 -30.96 37.54
N LYS CA 32 -1.83 -29.71 37.68
CA LYS CA 32 -3.07 -29.44 38.38
C LYS CA 32 -4.24 -30.01 37.59
N GLU CA 33 -5.22 -30.56 38.31
CA GLU CA 33 -6.40 -31.16 37.69
C GLU CA 33 -7.19 -30.11 36.91
N ARG CA 34 -7.46 -30.42 35.64
CA ARG CA 34 -8.16 -29.48 34.77
C ARG CA 34 -9.64 -29.45 35.13
N PRO CA 35 -10.22 -28.28 35.36
CA PRO CA 35 -11.68 -28.22 35.57
C PRO CA 35 -12.48 -28.39 34.28
N SER CA 36 -11.84 -28.27 33.12
CA SER CA 36 -12.50 -28.54 31.85
C SER CA 36 -12.61 -30.02 31.55
N ARG CA 37 -11.94 -30.87 32.34
CA ARG CA 37 -12.05 -32.31 32.13
C ARG CA 37 -13.45 -32.79 32.47
N ARG CA 38 -13.95 -33.71 31.65
CA ARG CA 38 -15.28 -34.31 31.77
C ARG CA 38 -16.36 -33.23 31.72
N LYS CA 39 -16.41 -32.56 30.57
CA LYS CA 39 -17.40 -31.53 30.29
C LYS CA 39 -18.77 -32.10 29.99
N GLY CA 40 -18.94 -33.41 30.13
CA GLY CA 40 -20.25 -34.01 30.07
C GLY CA 40 -20.93 -33.89 31.41
N ALA CA 41 -21.44 -35.00 31.95
CA ALA CA 41 -22.11 -34.94 33.23
C ALA CA 41 -21.81 -36.20 34.04
N GLN CA 42 -21.08 -35.99 35.14
CA GLN CA 42 -21.08 -36.93 36.25
C GLN CA 42 -22.02 -36.45 37.35
N SER CA 43 -22.84 -35.44 37.06
CA SER CA 43 -23.72 -34.86 38.07
C SER CA 43 -25.03 -35.63 38.17
N LYS CA 44 -25.46 -35.86 39.42
CA LYS CA 44 -26.65 -36.65 39.66
C LYS CA 44 -27.92 -35.88 39.33
N ARG CA 45 -27.89 -34.55 39.42
CA ARG CA 45 -29.10 -33.76 39.18
C ARG CA 45 -29.48 -33.77 37.71
N THR CA 46 -28.49 -33.66 36.81
CA THR CA 46 -28.78 -33.72 35.39
C THR CA 46 -29.29 -35.10 34.97
N GLN CA 47 -28.77 -36.16 35.59
CA GLN CA 47 -29.31 -37.50 35.36
C GLN CA 47 -30.75 -37.60 35.84
N PHE CA 48 -31.05 -37.01 36.99
CA PHE CA 48 -32.42 -37.00 37.51
C PHE CA 48 -33.36 -36.27 36.55
N VAL CA 49 -32.94 -35.11 36.06
CA VAL CA 49 -33.75 -34.32 35.14
C VAL CA 49 -33.96 -35.05 33.82
N ARG CA 50 -32.91 -35.71 33.33
CA ARG CA 50 -33.01 -36.46 32.08
C ARG CA 50 -33.99 -37.63 32.22
N SER CA 51 -33.92 -38.35 33.34
CA SER CA 51 -34.85 -39.47 33.56
C SER CA 51 -36.29 -38.97 33.70
N LEU CA 52 -36.50 -37.89 34.44
CA LEU CA 52 -37.88 -37.40 34.68
C LEU CA 52 -38.48 -36.95 33.35
N ILE CA 53 -37.73 -36.17 32.57
CA ILE CA 53 -38.25 -35.65 31.27
C ILE CA 53 -38.62 -36.83 30.36
N ARG CA 54 -37.80 -37.88 30.32
CA ARG CA 54 -38.07 -39.06 29.46
C ARG CA 54 -39.47 -39.60 29.77
N GLU CA 55 -39.78 -39.84 31.04
CA GLU CA 55 -41.11 -40.40 31.41
C GLU CA 55 -42.21 -39.41 31.04
N VAL CA 56 -42.03 -38.13 31.38
CA VAL CA 56 -43.08 -37.09 31.11
C VAL CA 56 -43.30 -36.95 29.60
N ALA CA 57 -42.22 -36.76 28.82
CA ALA CA 57 -42.37 -36.50 27.37
C ALA CA 57 -42.93 -37.72 26.62
N GLY CA 58 -42.43 -38.92 26.92
CA GLY CA 58 -42.85 -40.11 26.16
C GLY CA 58 -41.74 -40.55 25.21
N LEU CA 59 -42.10 -41.25 24.13
CA LEU CA 59 -41.10 -41.74 23.20
C LEU CA 59 -41.38 -41.23 21.79
N ALA CA 60 -40.32 -41.16 21.00
CA ALA CA 60 -40.42 -40.91 19.58
C ALA CA 60 -41.00 -42.13 18.88
N PRO CA 61 -41.62 -41.96 17.71
CA PRO CA 61 -42.16 -43.13 16.98
C PRO CA 61 -41.12 -44.20 16.66
N TYR CA 62 -39.91 -43.80 16.28
CA TYR CA 62 -38.87 -44.78 16.01
C TYR CA 62 -38.40 -45.45 17.30
N GLU CA 63 -38.37 -44.70 18.40
CA GLU CA 63 -38.05 -45.31 19.69
C GLU CA 63 -39.13 -46.30 20.12
N ARG CA 64 -40.39 -46.01 19.78
CA ARG CA 64 -41.47 -46.94 20.09
C ARG CA 64 -41.38 -48.19 19.24
N ARG CA 65 -40.97 -48.06 17.98
CA ARG CA 65 -40.76 -49.24 17.15
C ARG CA 65 -39.59 -50.08 17.66
N VAL CA 66 -38.50 -49.43 18.09
CA VAL CA 66 -37.38 -50.17 18.66
C VAL CA 66 -37.80 -50.86 19.95
N ILE CA 67 -38.63 -50.20 20.76
CA ILE CA 67 -39.05 -50.78 22.03
C ILE CA 67 -40.02 -51.95 21.80
N GLU CA 68 -40.81 -51.90 20.71
CA GLU CA 68 -41.72 -53.02 20.45
C GLU CA 68 -40.98 -54.18 19.81
N LEU CA 69 -39.84 -53.91 19.16
CA LEU CA 69 -38.98 -55.01 18.72
C LEU CA 69 -38.22 -55.62 19.91
N LEU CA 70 -37.75 -54.78 20.83
CA LEU CA 70 -37.01 -55.29 21.98
C LEU CA 70 -37.89 -56.04 22.95
N ARG CA 71 -39.16 -55.67 23.05
CA ARG CA 71 -40.06 -56.43 23.92
C ARG CA 71 -40.42 -57.79 23.33
N ASN CA 72 -40.25 -57.96 22.02
CA ASN CA 72 -40.49 -59.24 21.36
C ASN CA 72 -39.23 -60.08 21.22
N GLY CA 73 -38.09 -59.61 21.72
CA GLY CA 73 -36.86 -60.37 21.66
C GLY CA 73 -36.10 -60.25 20.36
N LYS CA 74 -36.56 -59.42 19.42
CA LYS CA 74 -35.89 -59.26 18.13
C LYS CA 74 -34.85 -58.15 18.26
N ASP CA 75 -33.75 -58.47 18.93
CA ASP CA 75 -32.70 -57.44 19.20
C ASP CA 75 -31.94 -57.09 17.92
N LYS CA 76 -31.68 -58.08 17.06
CA LYS CA 76 -30.91 -57.83 15.82
C LYS CA 76 -31.66 -56.80 14.95
N ARG CA 77 -32.96 -57.03 14.74
CA ARG CA 77 -33.77 -56.08 13.93
C ARG CA 77 -33.77 -54.71 14.59
N ALA CA 78 -33.89 -54.66 15.92
CA ALA CA 78 -33.92 -53.36 16.66
C ALA CA 78 -32.62 -52.59 16.39
N ARG CA 79 -31.47 -53.27 16.50
CA ARG CA 79 -30.16 -52.60 16.31
C ARG CA 79 -30.04 -52.11 14.86
N LYS CA 80 -30.45 -52.93 13.88
CA LYS CA 80 -30.39 -52.52 12.46
C LYS CA 80 -31.31 -51.32 12.24
N PHE CA 81 -32.52 -51.34 12.80
CA PHE CA 81 -33.49 -50.22 12.64
C PHE CA 81 -32.90 -48.95 13.26
N SER CA 82 -32.36 -49.07 14.47
CA SER CA 82 -31.75 -47.90 15.17
C SER CA 82 -30.59 -47.38 14.33
N LYS CA 83 -29.72 -48.27 13.85
CA LYS CA 83 -28.54 -47.85 13.04
C LYS CA 83 -29.03 -47.14 11.77
N LYS CA 84 -30.07 -47.69 11.13
CA LYS CA 84 -30.57 -47.08 9.91
C LYS CA 84 -31.15 -45.69 10.19
N LYS CA 85 -31.84 -45.52 11.31
CA LYS CA 85 -32.50 -44.26 11.58
C LYS CA 85 -31.67 -43.30 12.42
N LEU CA 86 -30.48 -43.71 12.86
CA LEU CA 86 -29.57 -42.81 13.58
C LEU CA 86 -28.31 -42.52 12.79
N GLY CA 87 -27.74 -43.51 12.11
CA GLY CA 87 -26.63 -43.27 11.21
C GLY CA 87 -25.31 -43.85 11.67
N THR CA 88 -25.23 -44.29 12.92
CA THR CA 88 -23.99 -44.81 13.48
C THR CA 88 -24.32 -46.04 14.32
N PHE CA 89 -23.38 -46.98 14.36
CA PHE CA 89 -23.57 -48.21 15.18
C PHE CA 89 -23.45 -47.86 16.66
N GLY CA 90 -22.61 -46.88 17.01
CA GLY CA 90 -22.49 -46.50 18.41
C GLY CA 90 -23.74 -45.82 18.96
N ARG CA 91 -24.32 -44.91 18.16
CA ARG CA 91 -25.57 -44.26 18.56
C ARG CA 91 -26.71 -45.27 18.64
N ALA CA 92 -26.70 -46.23 17.73
CA ALA CA 92 -27.73 -47.30 17.77
C ALA CA 92 -27.57 -48.11 19.06
N LYS CA 93 -26.33 -48.50 19.38
CA LYS CA 93 -26.06 -49.29 20.61
C LYS CA 93 -26.53 -48.50 21.83
N ARG CA 94 -26.18 -47.20 21.92
CA ARG CA 94 -26.56 -46.39 23.07
C ARG CA 94 -28.08 -46.28 23.19
N LYS CA 95 -28.78 -46.08 22.06
CA LYS CA 95 -30.23 -45.97 22.08
C LYS CA 95 -30.87 -47.29 22.50
N CYS CA 96 -30.32 -48.40 22.02
CA CYS CA 96 -30.89 -49.73 22.36
C CYS CA 96 -30.67 -50.03 23.84
N GLU CA 97 -29.51 -49.66 24.41
CA GLU CA 97 -29.30 -49.84 25.84
C GLU CA 97 -30.23 -48.96 26.66
N GLU CA 98 -30.46 -47.72 26.22
CA GLU CA 98 -31.38 -46.83 26.94
C GLU CA 98 -32.80 -47.37 26.94
N LEU CA 99 -33.26 -47.87 25.78
CA LEU CA 99 -34.62 -48.39 25.71
C LEU CA 99 -34.76 -49.72 26.45
N GLN CA 100 -33.70 -50.54 26.47
CA GLN CA 100 -33.72 -51.75 27.28
C GLN CA 100 -33.77 -51.43 28.76
N ARG CA 101 -33.07 -50.37 29.19
CA ARG CA 101 -33.16 -49.93 30.58
C ARG CA 101 -34.56 -49.44 30.91
N ILE CA 102 -35.19 -48.72 29.98
CA ILE CA 102 -36.57 -48.27 30.18
C ILE CA 102 -37.51 -49.46 30.31
N ILE CA 103 -37.30 -50.50 29.48
CA ILE CA 103 -38.08 -51.73 29.59
C ILE CA 103 -37.89 -52.39 30.95
N ALA CA 104 -36.65 -52.39 31.45
CA ALA CA 104 -36.36 -53.03 32.74
C ALA CA 104 -37.07 -52.31 33.89
N GLU CA 105 -36.98 -50.98 33.93
CA GLU CA 105 -37.69 -50.26 35.00
C GLU CA 105 -39.20 -50.31 34.84
N SER CA 106 -39.70 -50.40 33.59
CA SER CA 106 -41.13 -50.55 33.39
C SER CA 106 -41.62 -51.89 33.89
N ARG CA 107 -40.83 -52.95 33.69
CA ARG CA 107 -41.20 -54.26 34.23
C ARG CA 107 -41.10 -54.28 35.75
N ARG CA 108 -40.10 -53.59 36.30
CA ARG CA 108 -39.97 -53.52 37.76
C ARG CA 108 -41.13 -52.77 38.40
N ALA CA 109 -41.62 -51.72 37.74
CA ALA CA 109 -42.79 -51.03 38.26
C ALA CA 109 -44.07 -51.83 38.07
N HIS CA 110 -44.08 -52.74 37.10
CA HIS CA 110 -45.24 -53.57 36.82
C HIS CA 110 -45.32 -54.73 37.82
N LYS DA 14 -44.72 14.35 -27.20
CA LYS DA 14 -43.31 14.02 -27.11
C LYS DA 14 -43.07 12.77 -26.28
N THR DA 15 -41.91 12.15 -26.48
CA THR DA 15 -41.58 10.94 -25.74
C THR DA 15 -41.29 11.25 -24.27
N HIS DA 16 -40.51 12.29 -24.00
CA HIS DA 16 -40.03 12.57 -22.66
C HIS DA 16 -40.43 13.98 -22.25
N GLY DA 17 -40.83 14.13 -20.99
CA GLY DA 17 -41.17 15.41 -20.42
C GLY DA 17 -40.25 15.78 -19.27
N LEU DA 18 -40.55 16.92 -18.66
CA LEU DA 18 -39.73 17.44 -17.57
C LEU DA 18 -39.88 16.59 -16.32
N CYS DA 19 -38.75 16.36 -15.64
CA CYS DA 19 -38.71 15.63 -14.39
C CYS DA 19 -38.54 16.59 -13.22
N ARG DA 20 -39.18 16.29 -12.10
CA ARG DA 20 -39.11 17.17 -10.94
C ARG DA 20 -37.79 17.04 -10.20
N ARG DA 21 -37.19 15.84 -10.18
CA ARG DA 21 -36.01 15.61 -9.36
C ARG DA 21 -34.76 16.18 -10.01
N CYS DA 22 -34.43 15.74 -11.22
CA CYS DA 22 -33.21 16.19 -11.86
C CYS DA 22 -33.41 17.39 -12.78
N GLY DA 23 -34.65 17.74 -13.11
CA GLY DA 23 -34.89 18.90 -13.93
C GLY DA 23 -34.58 18.71 -15.40
N ARG DA 24 -34.47 17.47 -15.86
CA ARG DA 24 -34.18 17.17 -17.26
C ARG DA 24 -35.44 16.70 -17.97
N ARG DA 25 -35.45 16.87 -19.29
CA ARG DA 25 -36.55 16.38 -20.12
C ARG DA 25 -36.33 14.91 -20.50
N SER DA 26 -36.33 14.06 -19.48
CA SER DA 26 -36.08 12.63 -19.65
C SER DA 26 -37.13 11.77 -18.98
N LEU DA 27 -38.17 12.37 -18.40
CA LEU DA 27 -39.25 11.60 -17.79
C LEU DA 27 -40.17 11.09 -18.89
N HIS DA 28 -40.24 9.76 -19.04
CA HIS DA 28 -41.04 9.13 -20.08
C HIS DA 28 -42.52 9.47 -19.89
N ASN DA 29 -43.14 9.99 -20.94
CA ASN DA 29 -44.50 10.51 -20.84
C ASN DA 29 -45.55 9.42 -20.68
N GLN DA 30 -45.23 8.17 -21.04
CA GLN DA 30 -46.16 7.06 -20.91
C GLN DA 30 -45.88 6.21 -19.68
N LYS DA 31 -44.63 5.83 -19.45
CA LYS DA 31 -44.28 5.01 -18.30
C LYS DA 31 -44.18 5.80 -17.01
N LYS DA 32 -44.11 7.13 -17.10
CA LYS DA 32 -44.02 8.05 -15.96
C LYS DA 32 -42.80 7.74 -15.09
N VAL DA 33 -41.71 7.33 -15.72
CA VAL DA 33 -40.46 7.01 -15.03
C VAL DA 33 -39.34 7.77 -15.71
N CYS DA 34 -38.54 8.48 -14.91
CA CYS DA 34 -37.43 9.24 -15.44
C CYS DA 34 -36.31 8.31 -15.89
N ALA DA 35 -35.76 8.60 -17.08
CA ALA DA 35 -34.67 7.82 -17.62
C ALA DA 35 -33.32 8.23 -17.08
N SER DA 36 -33.22 9.38 -16.44
CA SER DA 36 -31.97 9.86 -15.88
C SER DA 36 -31.81 9.53 -14.41
N CYS DA 37 -32.86 9.70 -13.60
CA CYS DA 37 -32.80 9.47 -12.17
C CYS DA 37 -33.81 8.47 -11.64
N GLY DA 38 -34.87 8.15 -12.38
CA GLY DA 38 -35.90 7.29 -11.87
C GLY DA 38 -36.70 7.96 -10.77
N TYR DA 39 -37.50 8.96 -11.13
CA TYR DA 39 -38.14 9.83 -10.14
C TYR DA 39 -39.10 9.12 -9.19
N PRO DA 40 -40.03 8.25 -9.62
CA PRO DA 40 -40.91 7.60 -8.63
C PRO DA 40 -40.18 6.73 -7.62
N ALA DA 41 -39.04 6.15 -7.99
CA ALA DA 41 -38.24 5.41 -7.03
C ALA DA 41 -37.57 6.39 -6.07
N ALA DA 42 -37.45 5.98 -4.80
CA ALA DA 42 -36.80 6.82 -3.81
C ALA DA 42 -35.31 6.97 -4.09
N LYS DA 43 -34.66 5.89 -4.50
CA LYS DA 43 -33.23 5.93 -4.80
C LYS DA 43 -32.99 6.57 -6.16
N THR DA 44 -32.00 7.44 -6.23
CA THR DA 44 -31.57 8.00 -7.50
C THR DA 44 -30.84 6.96 -8.31
N ARG DA 45 -31.16 6.88 -9.61
CA ARG DA 45 -30.58 5.90 -10.50
C ARG DA 45 -29.09 6.17 -10.68
N LYS DA 46 -28.27 5.16 -10.42
CA LYS DA 46 -26.82 5.28 -10.45
C LYS DA 46 -26.23 3.92 -10.79
N TYR DA 47 -25.27 3.91 -11.72
CA TYR DA 47 -24.68 2.67 -12.21
C TYR DA 47 -23.16 2.80 -12.24
N ASN DA 48 -22.47 1.69 -12.01
CA ASN DA 48 -21.02 1.70 -11.95
C ASN DA 48 -20.35 1.50 -13.30
N TRP DA 49 -21.11 1.18 -14.35
CA TRP DA 49 -20.50 1.07 -15.67
C TRP DA 49 -20.37 2.41 -16.36
N SER DA 50 -20.87 3.49 -15.76
CA SER DA 50 -20.70 4.85 -16.29
C SER DA 50 -20.15 5.73 -15.17
N GLU DA 51 -18.84 6.00 -15.22
CA GLU DA 51 -18.24 6.91 -14.26
C GLU DA 51 -18.56 8.36 -14.61
N LYS DA 52 -18.69 8.67 -15.90
CA LYS DA 52 -19.06 10.01 -16.34
C LYS DA 52 -20.44 10.40 -15.83
N ALA DA 53 -21.39 9.47 -15.91
CA ALA DA 53 -22.73 9.73 -15.38
C ALA DA 53 -22.73 9.93 -13.88
N LYS DA 54 -21.93 9.16 -13.14
CA LYS DA 54 -21.81 9.35 -11.70
C LYS DA 54 -21.15 10.66 -11.32
N ARG DA 55 -20.23 11.17 -12.15
CA ARG DA 55 -19.58 12.43 -11.84
C ARG DA 55 -20.36 13.66 -12.31
N ARG DA 56 -21.41 13.48 -13.11
CA ARG DA 56 -22.25 14.59 -13.52
C ARG DA 56 -23.31 14.95 -12.49
N LYS DA 57 -23.56 14.09 -11.51
CA LYS DA 57 -24.55 14.38 -10.46
C LYS DA 57 -24.00 14.08 -9.07
N VAL DA 58 -22.68 14.03 -8.91
CA VAL DA 58 -22.04 13.66 -7.66
C VAL DA 58 -22.21 14.78 -6.64
N THR DA 59 -21.97 14.47 -5.37
CA THR DA 59 -21.96 15.47 -4.31
C THR DA 59 -20.81 16.44 -4.52
N GLY DA 60 -21.14 17.66 -4.91
CA GLY DA 60 -20.11 18.65 -5.18
C GLY DA 60 -20.35 19.39 -6.48
N THR DA 61 -21.28 18.88 -7.29
CA THR DA 61 -21.65 19.50 -8.56
C THR DA 61 -22.80 20.49 -8.42
N GLY DA 62 -23.25 20.76 -7.20
CA GLY DA 62 -24.36 21.65 -6.98
C GLY DA 62 -24.04 22.82 -6.07
N ARG DA 63 -24.99 23.18 -5.21
CA ARG DA 63 -24.88 24.41 -4.43
C ARG DA 63 -24.28 24.21 -3.05
N MET DA 64 -24.52 23.04 -2.43
CA MET DA 64 -24.01 22.68 -1.11
C MET DA 64 -24.47 23.68 -0.04
N ARG DA 65 -25.79 23.72 0.17
CA ARG DA 65 -26.36 24.69 1.11
C ARG DA 65 -25.99 24.34 2.55
N TYR DA 66 -25.98 23.06 2.89
CA TYR DA 66 -25.73 22.64 4.26
C TYR DA 66 -24.42 21.88 4.44
N LEU DA 67 -24.02 21.06 3.48
CA LEU DA 67 -22.83 20.23 3.64
C LEU DA 67 -21.54 21.03 3.59
N SER DA 68 -21.59 22.28 3.12
CA SER DA 68 -20.41 23.12 3.13
C SER DA 68 -20.20 23.85 4.45
N THR DA 69 -21.14 23.74 5.39
CA THR DA 69 -21.03 24.39 6.68
C THR DA 69 -20.55 23.46 7.79
N VAL DA 70 -20.54 22.16 7.54
CA VAL DA 70 -20.14 21.14 8.53
C VAL DA 70 -18.66 21.22 8.92
N PRO DA 71 -17.67 21.36 8.01
CA PRO DA 71 -16.27 21.37 8.48
C PRO DA 71 -15.91 22.50 9.42
N ARG DA 72 -16.50 23.70 9.24
CA ARG DA 72 -16.20 24.80 10.15
C ARG DA 72 -16.79 24.53 11.53
N ARG DA 73 -17.96 23.89 11.59
CA ARG DA 73 -18.54 23.51 12.87
C ARG DA 73 -17.74 22.39 13.52
N PHE DA 74 -17.16 21.49 12.73
CA PHE DA 74 -16.30 20.45 13.29
C PHE DA 74 -15.01 21.05 13.85
N LYS DA 75 -14.48 22.08 13.19
CA LYS DA 75 -13.19 22.65 13.58
C LYS DA 75 -13.23 23.23 14.98
N ASN DA 76 -14.37 23.75 15.40
CA ASN DA 76 -14.53 24.32 16.73
C ASN DA 76 -15.25 23.39 17.69
N GLY DA 77 -15.36 22.10 17.36
CA GLY DA 77 -15.83 21.12 18.30
C GLY DA 77 -17.33 20.95 18.40
N PHE DA 78 -18.09 21.49 17.45
CA PHE DA 78 -19.56 21.49 17.45
C PHE DA 78 -20.10 22.12 18.74
N ARG DA 79 -19.68 23.36 18.97
CA ARG DA 79 -19.95 24.06 20.21
C ARG DA 79 -21.21 24.90 20.11
N THR DA 80 -21.77 25.24 21.26
CA THR DA 80 -22.93 26.11 21.37
C THR DA 80 -22.61 27.27 22.31
N GLY DA 81 -23.53 28.22 22.36
CA GLY DA 81 -23.39 29.36 23.24
C GLY DA 81 -22.87 30.60 22.54
N VAL DA 82 -22.33 31.51 23.35
CA VAL DA 82 -21.81 32.78 22.85
C VAL DA 82 -20.47 33.05 23.52
N PRO DA 83 -19.62 33.84 22.87
CA PRO DA 83 -18.38 34.28 23.53
C PRO DA 83 -18.68 35.20 24.73
N LYS DA 84 -17.77 35.18 25.69
CA LYS DA 84 -17.96 35.96 26.92
C LYS DA 84 -17.87 37.45 26.63
N GLY DA 85 -18.82 38.20 27.18
CA GLY DA 85 -18.90 39.62 26.94
C GLY DA 85 -19.65 40.04 25.69
N ALA DA 86 -20.29 39.10 25.00
CA ALA DA 86 -21.06 39.44 23.82
C ALA DA 86 -22.34 40.18 24.21
N ARG DA 87 -22.84 41.00 23.29
CA ARG DA 87 -24.01 41.83 23.57
C ARG DA 87 -25.27 41.19 23.01
N GLU EA 5 60.11 2.69 29.39
CA GLU EA 5 61.55 2.60 29.12
C GLU EA 5 62.19 3.98 29.29
N LYS EA 6 62.70 4.55 28.20
CA LYS EA 6 63.31 5.87 28.25
C LYS EA 6 62.28 6.95 27.97
N SER EA 7 62.38 8.05 28.70
CA SER EA 7 61.49 9.19 28.50
C SER EA 7 62.00 9.99 27.31
N MET EA 8 61.41 9.75 26.13
CA MET EA 8 61.81 10.41 24.89
C MET EA 8 60.61 11.18 24.35
N PRO EA 9 60.44 12.43 24.74
CA PRO EA 9 59.31 13.24 24.24
C PRO EA 9 59.58 13.98 22.94
N PHE EA 10 60.78 13.87 22.39
CA PHE EA 10 61.16 14.56 21.16
C PHE EA 10 60.90 13.74 19.90
N ILE EA 11 60.44 12.50 20.05
CA ILE EA 11 60.26 11.64 18.88
C ILE EA 11 59.08 12.12 18.05
N LYS EA 12 57.97 12.45 18.71
CA LYS EA 12 56.79 12.92 17.99
C LYS EA 12 56.97 14.30 17.38
N HIS EA 13 57.94 15.08 17.85
CA HIS EA 13 58.20 16.41 17.30
C HIS EA 13 59.17 16.38 16.14
N LEU EA 14 59.78 15.23 15.85
CA LEU EA 14 60.67 15.09 14.70
C LEU EA 14 59.92 14.95 13.39
N ALA EA 15 58.63 14.68 13.43
CA ALA EA 15 57.82 14.50 12.24
C ALA EA 15 56.82 15.63 12.06
N SER EA 16 57.09 16.77 12.68
CA SER EA 16 56.20 17.91 12.64
C SER EA 16 56.34 18.63 11.30
N SER EA 17 55.47 19.60 11.07
CA SER EA 17 55.45 20.34 9.81
C SER EA 17 56.23 21.65 9.90
N ASP EA 18 56.92 21.90 11.02
CA ASP EA 18 57.69 23.12 11.21
C ASP EA 18 59.17 22.73 11.26
N ARG EA 19 59.99 23.42 10.48
CA ARG EA 19 61.42 23.13 10.48
C ARG EA 19 62.08 23.53 11.79
N LYS EA 20 61.59 24.60 12.42
CA LYS EA 20 62.17 25.03 13.71
C LYS EA 20 61.84 24.02 14.80
N VAL EA 21 60.62 23.49 14.81
CA VAL EA 21 60.23 22.50 15.79
C VAL EA 21 61.02 21.21 15.59
N ARG EA 22 61.19 20.79 14.33
CA ARG EA 22 62.01 19.61 14.02
C ARG EA 22 63.47 19.82 14.38
N THR EA 23 64.01 21.02 14.17
CA THR EA 23 65.38 21.32 14.58
C THR EA 23 65.54 21.28 16.09
N ALA EA 24 64.56 21.82 16.83
CA ALA EA 24 64.60 21.74 18.29
C ALA EA 24 64.50 20.30 18.78
N ALA EA 25 63.68 19.48 18.13
CA ALA EA 25 63.59 18.07 18.49
C ALA EA 25 64.88 17.33 18.17
N LEU EA 26 65.53 17.68 17.06
CA LEU EA 26 66.79 17.05 16.71
C LEU EA 26 67.87 17.42 17.70
N ASN EA 27 67.89 18.69 18.15
CA ASN EA 27 68.83 19.10 19.19
C ASN EA 27 68.51 18.42 20.51
N SER EA 28 67.23 18.17 20.79
CA SER EA 28 66.86 17.43 21.99
C SER EA 28 67.37 16.00 21.94
N LEU EA 29 67.29 15.36 20.78
CA LEU EA 29 67.83 14.00 20.64
C LEU EA 29 69.36 14.02 20.71
N HIS EA 30 69.97 15.08 20.21
CA HIS EA 30 71.41 15.30 20.35
C HIS EA 30 71.81 15.32 21.82
N ALA EA 31 71.11 16.13 22.62
CA ALA EA 31 71.37 16.22 24.06
C ALA EA 31 71.03 14.91 24.77
N PHE EA 32 70.03 14.18 24.26
CA PHE EA 32 69.67 12.89 24.84
C PHE EA 32 70.80 11.87 24.65
N LEU EA 33 71.36 11.82 23.44
CA LEU EA 33 72.42 10.86 23.17
C LEU EA 33 73.75 11.25 23.77
N SER EA 34 74.01 12.55 23.99
CA SER EA 34 75.27 12.93 24.61
C SER EA 34 75.36 12.51 26.07
N ALA EA 35 74.21 12.32 26.73
CA ALA EA 35 74.19 11.89 28.12
C ALA EA 35 74.60 10.43 28.20
N ARG EA 36 75.74 10.17 28.86
CA ARG EA 36 76.34 8.85 28.82
C ARG EA 36 75.54 7.83 29.63
N GLN EA 37 74.99 8.26 30.78
CA GLN EA 37 74.22 7.35 31.62
C GLN EA 37 72.94 6.91 30.95
N VAL EA 38 72.27 7.82 30.23
CA VAL EA 38 71.03 7.48 29.56
C VAL EA 38 71.29 6.70 28.28
N ALA EA 39 72.34 7.06 27.53
CA ALA EA 39 72.63 6.40 26.27
C ALA EA 39 73.38 5.08 26.44
N SER EA 40 73.87 4.78 27.65
CA SER EA 40 74.55 3.50 27.87
C SER EA 40 73.58 2.34 27.81
N ALA EA 41 72.40 2.49 28.42
CA ALA EA 41 71.39 1.44 28.44
C ALA EA 41 70.43 1.63 27.26
N LEU EA 42 70.97 1.42 26.06
CA LEU EA 42 70.22 1.55 24.82
C LEU EA 42 69.97 0.16 24.27
N THR EA 43 68.72 -0.28 24.26
CA THR EA 43 68.35 -1.57 23.71
C THR EA 43 68.01 -1.42 22.22
N THR EA 44 67.51 -2.50 21.62
CA THR EA 44 67.19 -2.47 20.20
C THR EA 44 65.93 -1.65 19.92
N LEU EA 45 64.93 -1.74 20.79
CA LEU EA 45 63.68 -1.01 20.60
C LEU EA 45 63.87 0.50 20.66
N ASP EA 46 64.72 0.99 21.56
CA ASP EA 46 64.96 2.42 21.67
C ASP EA 46 65.61 2.98 20.41
N VAL EA 47 66.64 2.30 19.89
CA VAL EA 47 67.29 2.82 18.70
C VAL EA 47 66.41 2.65 17.48
N LEU EA 48 65.55 1.61 17.46
CA LEU EA 48 64.54 1.52 16.40
C LEU EA 48 63.55 2.68 16.41
N LYS EA 49 63.03 3.05 17.58
CA LYS EA 49 62.14 4.20 17.70
C LYS EA 49 62.83 5.52 17.36
N LEU EA 50 64.05 5.72 17.83
CA LEU EA 50 64.83 6.90 17.48
C LEU EA 50 65.10 6.98 15.98
N TRP EA 51 65.41 5.85 15.34
CA TRP EA 51 65.66 5.89 13.90
C TRP EA 51 64.39 6.05 13.10
N LYS EA 52 63.24 5.61 13.63
CA LYS EA 52 61.96 5.95 13.00
C LYS EA 52 61.72 7.45 13.05
N GLY EA 53 62.02 8.06 14.19
CA GLY EA 53 61.91 9.51 14.28
C GLY EA 53 62.84 10.25 13.34
N LEU EA 54 64.09 9.75 13.22
CA LEU EA 54 65.03 10.36 12.28
C LEU EA 54 64.63 10.13 10.83
N PHE EA 55 64.03 8.98 10.53
CA PHE EA 55 63.50 8.71 9.20
C PHE EA 55 62.44 9.73 8.82
N TYR EA 56 61.49 10.00 9.72
CA TYR EA 56 60.49 11.00 9.42
C TYR EA 56 61.04 12.43 9.42
N ALA EA 57 62.08 12.68 10.23
CA ALA EA 57 62.74 13.99 10.19
C ALA EA 57 63.38 14.26 8.84
N LEU EA 58 64.03 13.26 8.26
CA LEU EA 58 64.55 13.43 6.90
C LEU EA 58 63.43 13.45 5.88
N TRP EA 59 62.37 12.67 6.12
CA TRP EA 59 61.22 12.58 5.23
C TRP EA 59 60.50 13.91 5.05
N MET EA 60 60.48 14.75 6.08
CA MET EA 60 59.82 16.04 5.97
C MET EA 60 60.73 17.20 5.58
N CYS EA 61 62.02 16.93 5.32
CA CYS EA 61 62.95 17.99 4.91
C CYS EA 61 62.78 18.32 3.44
N ASP EA 62 62.73 19.62 3.12
CA ASP EA 62 62.27 20.05 1.80
C ASP EA 62 63.37 20.28 0.76
N ARG EA 63 64.24 21.25 0.99
CA ARG EA 63 65.13 21.68 -0.07
C ARG EA 63 66.45 20.91 -0.03
N ALA EA 64 67.21 21.03 -1.13
CA ALA EA 64 68.35 20.14 -1.37
C ALA EA 64 69.47 20.36 -0.36
N ILE EA 65 69.87 21.62 -0.16
CA ILE EA 65 70.93 21.91 0.82
C ILE EA 65 70.53 21.59 2.26
N PRO EA 66 69.30 21.92 2.73
CA PRO EA 66 68.89 21.37 4.04
C PRO EA 66 68.90 19.85 4.11
N GLN EA 67 68.52 19.16 3.03
CA GLN EA 67 68.56 17.70 3.02
C GLN EA 67 69.99 17.18 3.15
N GLN EA 68 70.93 17.81 2.44
CA GLN EA 68 72.33 17.41 2.54
C GLN EA 68 72.89 17.65 3.93
N ASN EA 69 72.60 18.81 4.52
CA ASN EA 69 73.07 19.09 5.87
C ASN EA 69 72.45 18.15 6.90
N LEU EA 70 71.15 17.83 6.73
CA LEU EA 70 70.50 16.90 7.65
C LEU EA 70 71.07 15.49 7.53
N CYS EA 71 71.35 15.05 6.30
CA CYS EA 71 71.98 13.74 6.11
C CYS EA 71 73.37 13.71 6.72
N ASN EA 72 74.13 14.80 6.57
CA ASN EA 72 75.46 14.89 7.17
C ASN EA 72 75.38 14.82 8.70
N GLU EA 73 74.41 15.50 9.29
CA GLU EA 73 74.34 15.55 10.74
C GLU EA 73 73.80 14.23 11.33
N LEU EA 74 72.85 13.60 10.63
CA LEU EA 74 72.41 12.27 11.04
C LEU EA 74 73.51 11.24 10.89
N ALA EA 75 74.40 11.41 9.91
CA ALA EA 75 75.58 10.55 9.84
C ALA EA 75 76.56 10.83 10.97
N ASP EA 76 76.76 12.11 11.31
CA ASP EA 76 77.69 12.51 12.35
C ASP EA 76 77.16 12.24 13.76
N LEU EA 77 75.91 11.81 13.89
CA LEU EA 77 75.38 11.39 15.19
C LEU EA 77 76.10 10.18 15.79
N ILE EA 78 76.88 9.44 14.99
CA ILE EA 78 77.61 8.28 15.49
C ILE EA 78 78.66 8.65 16.54
N TRP EA 79 79.23 9.85 16.47
CA TRP EA 79 80.35 10.24 17.32
C TRP EA 79 79.93 10.58 18.75
N GLN EA 80 78.64 10.60 19.05
CA GLN EA 80 78.17 11.03 20.36
C GLN EA 80 77.45 9.89 21.08
N LEU EA 81 78.00 8.69 21.01
CA LEU EA 81 77.43 7.52 21.66
C LEU EA 81 78.53 6.78 22.39
N PRO EA 82 78.19 6.07 23.47
CA PRO EA 82 79.16 5.15 24.07
C PRO EA 82 79.49 4.01 23.12
N ARG EA 83 80.66 3.41 23.34
CA ARG EA 83 81.18 2.38 22.44
C ARG EA 83 80.28 1.16 22.44
N GLU EA 84 79.66 0.85 23.58
CA GLU EA 84 78.91 -0.37 23.75
C GLU EA 84 77.57 -0.39 23.02
N SER EA 85 77.15 0.74 22.45
CA SER EA 85 75.86 0.81 21.76
C SER EA 85 75.94 1.33 20.34
N VAL EA 86 77.14 1.59 19.80
CA VAL EA 86 77.27 2.07 18.43
C VAL EA 86 76.82 1.00 17.44
N ALA EA 87 77.16 -0.26 17.72
CA ALA EA 87 76.72 -1.36 16.88
C ALA EA 87 75.21 -1.50 16.88
N THR EA 88 74.57 -1.35 18.04
CA THR EA 88 73.12 -1.42 18.11
C THR EA 88 72.47 -0.24 17.39
N TRP EA 89 73.08 0.95 17.47
CA TRP EA 89 72.58 2.12 16.76
C TRP EA 89 72.62 1.91 15.25
N LEU EA 90 73.74 1.39 14.76
CA LEU EA 90 73.87 1.16 13.31
C LEU EA 90 72.97 0.02 12.85
N ARG EA 91 72.80 -1.00 13.69
CA ARG EA 91 71.86 -2.08 13.36
C ARG EA 91 70.44 -1.55 13.30
N GLY EA 92 70.08 -0.63 14.21
CA GLY EA 92 68.78 0.01 14.13
C GLY EA 92 68.59 0.83 12.87
N PHE EA 93 69.65 1.54 12.44
CA PHE EA 93 69.58 2.27 11.18
C PHE EA 93 69.34 1.35 10.01
N TRP EA 94 70.09 0.25 9.93
CA TRP EA 94 69.95 -0.68 8.82
C TRP EA 94 68.60 -1.37 8.85
N ALA EA 95 68.07 -1.64 10.05
CA ALA EA 95 66.75 -2.23 10.18
C ALA EA 95 65.66 -1.28 9.71
N THR EA 96 65.78 0.01 10.07
CA THR EA 96 64.82 1.00 9.60
C THR EA 96 64.86 1.15 8.08
N MET EA 97 66.06 1.20 7.52
CA MET EA 97 66.20 1.32 6.07
C MET EA 97 65.67 0.08 5.36
N ALA EA 98 65.88 -1.11 5.92
CA ALA EA 98 65.32 -2.33 5.37
C ALA EA 98 63.81 -2.37 5.47
N ARG EA 99 63.23 -1.91 6.57
CA ARG EA 99 61.78 -1.83 6.71
C ARG EA 99 61.14 -0.88 5.72
N GLU EA 100 61.73 0.30 5.51
CA GLU EA 100 61.08 1.36 4.77
C GLU EA 100 61.71 1.64 3.41
N TRP EA 101 62.37 0.66 2.78
CA TRP EA 101 63.03 0.93 1.51
C TRP EA 101 62.03 1.07 0.37
N THR EA 102 61.07 0.16 0.27
CA THR EA 102 60.17 0.15 -0.87
C THR EA 102 59.01 1.11 -0.73
N GLY EA 103 58.85 1.75 0.43
CA GLY EA 103 57.74 2.64 0.67
C GLY EA 103 58.00 4.08 0.26
N ILE EA 104 59.27 4.45 0.09
CA ILE EA 104 59.61 5.82 -0.27
C ILE EA 104 59.26 6.07 -1.73
N ASP EA 105 58.74 7.26 -2.02
CA ASP EA 105 58.41 7.65 -3.37
C ASP EA 105 59.69 8.03 -4.13
N VAL EA 106 59.54 8.28 -5.43
CA VAL EA 106 60.70 8.47 -6.30
C VAL EA 106 61.37 9.83 -6.09
N LEU EA 107 60.67 10.79 -5.50
CA LEU EA 107 61.26 12.10 -5.24
C LEU EA 107 61.97 12.18 -3.90
N ARG EA 108 61.47 11.50 -2.88
CA ARG EA 108 62.10 11.48 -1.58
C ARG EA 108 63.14 10.38 -1.43
N MET EA 109 63.27 9.50 -2.44
CA MET EA 109 64.19 8.36 -2.32
C MET EA 109 65.64 8.84 -2.35
N GLU EA 110 65.88 9.97 -2.99
CA GLU EA 110 67.24 10.37 -3.33
C GLU EA 110 68.01 10.84 -2.10
N LYS EA 111 67.33 11.60 -1.23
CA LYS EA 111 67.94 12.02 0.03
C LYS EA 111 68.17 10.84 0.96
N PHE EA 112 67.36 9.78 0.85
CA PHE EA 112 67.60 8.60 1.67
C PHE EA 112 68.76 7.77 1.14
N LEU EA 113 68.96 7.75 -0.18
CA LEU EA 113 70.19 7.17 -0.73
C LEU EA 113 71.41 7.95 -0.25
N LEU EA 114 71.30 9.28 -0.23
CA LEU EA 114 72.38 10.12 0.31
C LEU EA 114 72.61 9.83 1.80
N LEU EA 115 71.53 9.61 2.56
CA LEU EA 115 71.67 9.27 3.97
C LEU EA 115 72.38 7.94 4.16
N VAL EA 116 72.06 6.95 3.34
CA VAL EA 116 72.74 5.66 3.41
C VAL EA 116 74.22 5.82 3.10
N ARG EA 117 74.54 6.62 2.08
CA ARG EA 117 75.94 6.88 1.72
C ARG EA 117 76.69 7.58 2.86
N ARG EA 118 76.06 8.58 3.47
CA ARG EA 118 76.73 9.34 4.53
C ARG EA 118 76.89 8.51 5.79
N VAL EA 119 75.90 7.66 6.11
CA VAL EA 119 76.01 6.82 7.30
C VAL EA 119 77.08 5.75 7.09
N LEU EA 120 77.16 5.18 5.88
CA LEU EA 120 78.23 4.22 5.59
C LEU EA 120 79.60 4.89 5.64
N GLY EA 121 79.71 6.11 5.13
CA GLY EA 121 80.97 6.84 5.22
C GLY EA 121 81.37 7.15 6.66
N ALA EA 122 80.40 7.54 7.49
CA ALA EA 122 80.68 7.80 8.89
C ALA EA 122 81.03 6.52 9.64
N SER EA 123 80.43 5.40 9.28
CA SER EA 123 80.78 4.12 9.88
C SER EA 123 82.19 3.70 9.52
N PHE EA 124 82.58 3.92 8.26
CA PHE EA 124 83.96 3.62 7.86
C PHE EA 124 84.95 4.58 8.51
N LYS EA 125 84.54 5.84 8.72
CA LYS EA 125 85.40 6.79 9.41
C LYS EA 125 85.53 6.47 10.89
N TRP EA 126 84.51 5.83 11.48
CA TRP EA 126 84.53 5.49 12.89
C TRP EA 126 85.58 4.43 13.20
N MET EA 127 85.93 3.61 12.21
CA MET EA 127 86.92 2.55 12.42
C MET EA 127 88.32 3.10 12.68
N LYS EA 128 88.60 4.33 12.28
CA LYS EA 128 89.89 4.95 12.56
C LYS EA 128 90.07 5.22 14.04
N LYS EA 129 91.30 5.08 14.51
CA LYS EA 129 91.61 5.33 15.91
C LYS EA 129 92.37 6.64 16.10
N GLY EA 148 99.09 0.65 13.56
CA GLY EA 148 98.20 0.03 12.60
C GLY EA 148 97.14 0.97 12.06
N ALA EA 149 96.84 2.01 12.84
CA ALA EA 149 95.94 3.13 12.53
C ALA EA 149 94.48 2.73 12.35
N TRP EA 150 94.11 1.48 12.59
CA TRP EA 150 92.72 1.05 12.53
C TRP EA 150 92.42 0.12 13.70
N ASP EA 151 91.34 0.40 14.41
CA ASP EA 151 90.93 -0.44 15.53
C ASP EA 151 90.28 -1.71 15.01
N GLN EA 152 90.86 -2.87 15.34
CA GLN EA 152 90.37 -4.14 14.81
C GLN EA 152 89.00 -4.51 15.36
N SER EA 153 88.70 -4.13 16.60
CA SER EA 153 87.38 -4.39 17.15
C SER EA 153 86.30 -3.57 16.42
N LYS EA 154 86.59 -2.28 16.19
CA LYS EA 154 85.66 -1.42 15.47
C LYS EA 154 85.50 -1.87 14.02
N VAL EA 155 86.62 -2.25 13.38
CA VAL EA 155 86.58 -2.77 12.02
C VAL EA 155 85.76 -4.05 11.97
N ASP EA 156 85.93 -4.93 12.97
CA ASP EA 156 85.17 -6.17 13.02
C ASP EA 156 83.68 -5.91 13.19
N GLU EA 157 83.31 -4.95 14.03
CA GLU EA 157 81.89 -4.62 14.21
C GLU EA 157 81.28 -4.06 12.94
N VAL EA 158 81.97 -3.11 12.29
CA VAL EA 158 81.45 -2.51 11.06
C VAL EA 158 81.37 -3.54 9.94
N LEU EA 159 82.38 -4.42 9.84
CA LEU EA 159 82.38 -5.42 8.79
C LEU EA 159 81.35 -6.52 9.04
N GLY EA 160 81.08 -6.83 10.30
CA GLY EA 160 79.99 -7.76 10.59
C GLY EA 160 78.63 -7.18 10.27
N LEU EA 161 78.43 -5.89 10.56
CA LEU EA 161 77.19 -5.25 10.19
C LEU EA 161 77.05 -5.11 8.67
N LEU EA 162 78.18 -4.97 7.97
CA LEU EA 162 78.15 -5.03 6.51
C LEU EA 162 77.91 -6.45 6.02
N ALA EA 163 78.29 -7.45 6.81
CA ALA EA 163 78.05 -8.84 6.48
C ALA EA 163 76.63 -9.29 6.75
N GLU EA 164 75.88 -8.59 7.58
CA GLU EA 164 74.55 -9.06 7.92
C GLU EA 164 73.41 -8.29 7.24
N TRP EA 165 73.47 -6.96 7.09
CA TRP EA 165 72.38 -6.37 6.31
C TRP EA 165 72.65 -6.31 4.80
N PRO EA 166 73.67 -5.58 4.27
CA PRO EA 166 73.70 -5.42 2.80
C PRO EA 166 74.33 -6.57 2.03
N PHE EA 167 75.37 -7.20 2.57
CA PHE EA 167 76.11 -8.25 1.88
C PHE EA 167 75.81 -9.63 2.48
N SER EA 168 74.59 -9.83 2.96
CA SER EA 168 74.26 -11.06 3.65
C SER EA 168 74.08 -12.22 2.67
N LEU EA 169 74.52 -13.40 3.09
CA LEU EA 169 74.23 -14.64 2.38
C LEU EA 169 72.89 -15.23 2.77
N ALA EA 170 72.22 -14.64 3.76
CA ALA EA 170 70.89 -15.03 4.18
C ALA EA 170 69.93 -13.90 3.85
N GLU EA 171 68.69 -14.26 3.52
CA GLU EA 171 67.72 -13.28 3.06
C GLU EA 171 67.03 -12.54 4.20
N GLU EA 172 67.09 -13.04 5.42
CA GLU EA 172 66.29 -12.49 6.50
C GLU EA 172 67.14 -12.29 7.75
N VAL EA 173 66.74 -11.33 8.57
CA VAL EA 173 67.42 -10.96 9.80
C VAL EA 173 66.44 -11.05 10.95
N ARG EA 174 66.88 -11.65 12.05
CA ARG EA 174 66.10 -11.76 13.28
C ARG EA 174 66.56 -10.66 14.23
N ILE EA 175 65.61 -9.91 14.78
CA ILE EA 175 65.89 -8.78 15.65
C ILE EA 175 65.16 -9.00 16.96
N THR EA 176 65.87 -8.76 18.08
CA THR EA 176 65.47 -9.03 19.47
C THR EA 176 65.35 -10.54 19.65
N GLN EA 177 64.90 -11.01 20.81
CA GLN EA 177 64.88 -12.42 21.11
C GLN EA 177 63.48 -12.85 21.50
N SER EA 178 63.16 -14.10 21.19
CA SER EA 178 61.86 -14.68 21.52
C SER EA 178 61.80 -14.89 23.03
N SER EA 179 61.18 -13.96 23.75
CA SER EA 179 61.09 -14.02 25.19
C SER EA 179 59.68 -13.62 25.60
N GLU EA 180 59.39 -13.78 26.89
CA GLU EA 180 58.07 -13.42 27.41
C GLU EA 180 57.88 -11.91 27.48
N LYS EA 181 58.97 -11.14 27.50
CA LYS EA 181 58.89 -9.68 27.55
C LYS EA 181 59.06 -9.05 26.16
N GLY EA 182 60.17 -9.35 25.49
CA GLY EA 182 60.42 -8.80 24.18
C GLY EA 182 59.93 -9.70 23.06
N GLY EA 183 59.48 -9.08 21.97
CA GLY EA 183 58.99 -9.79 20.81
C GLY EA 183 60.10 -10.10 19.81
N GLU EA 184 59.68 -10.58 18.65
CA GLU EA 184 60.58 -10.93 17.56
C GLU EA 184 60.26 -10.07 16.34
N ILE EA 185 61.30 -9.51 15.73
CA ILE EA 185 61.16 -8.71 14.52
C ILE EA 185 61.90 -9.44 13.41
N VAL EA 186 61.17 -9.99 12.46
CA VAL EA 186 61.75 -10.74 11.35
C VAL EA 186 61.70 -9.87 10.12
N GLN EA 187 62.86 -9.36 9.70
CA GLN EA 187 62.95 -8.35 8.65
C GLN EA 187 63.68 -8.92 7.46
N LYS EA 188 63.13 -8.74 6.26
CA LYS EA 188 63.87 -9.08 5.05
C LYS EA 188 64.80 -7.95 4.70
N ILE EA 189 65.87 -8.28 3.99
CA ILE EA 189 66.76 -7.32 3.35
C ILE EA 189 66.21 -7.05 1.95
N PRO EA 190 65.84 -5.81 1.63
CA PRO EA 190 65.44 -5.50 0.26
C PRO EA 190 66.63 -5.52 -0.68
N VAL EA 191 66.35 -5.84 -1.94
CA VAL EA 191 67.42 -5.97 -2.93
C VAL EA 191 68.02 -4.61 -3.28
N GLY EA 192 67.19 -3.56 -3.29
CA GLY EA 192 67.68 -2.24 -3.68
C GLY EA 192 68.72 -1.67 -2.73
N MET EA 193 68.58 -1.98 -1.44
CA MET EA 193 69.60 -1.57 -0.47
C MET EA 193 70.93 -2.25 -0.77
N ARG EA 194 70.89 -3.55 -1.11
CA ARG EA 194 72.10 -4.26 -1.49
C ARG EA 194 72.73 -3.65 -2.73
N LEU EA 195 71.91 -3.34 -3.74
CA LEU EA 195 72.43 -2.73 -4.97
C LEU EA 195 73.05 -1.37 -4.73
N HIS EA 196 72.41 -0.52 -3.92
CA HIS EA 196 72.96 0.80 -3.64
C HIS EA 196 74.26 0.73 -2.85
N VAL EA 197 74.33 -0.16 -1.84
CA VAL EA 197 75.56 -0.33 -1.08
C VAL EA 197 76.68 -0.87 -1.97
N LEU EA 198 76.33 -1.78 -2.89
CA LEU EA 198 77.30 -2.29 -3.86
C LEU EA 198 77.82 -1.17 -4.76
N ASP EA 199 76.95 -0.22 -5.12
CA ASP EA 199 77.40 0.92 -5.90
C ASP EA 199 78.31 1.85 -5.12
N ILE EA 200 78.06 2.05 -3.83
CA ILE EA 200 78.69 3.16 -3.10
C ILE EA 200 79.86 2.74 -2.21
N TRP EA 201 80.09 1.43 -2.00
CA TRP EA 201 81.06 1.04 -0.99
C TRP EA 201 82.50 1.35 -1.42
N VAL EA 202 82.79 1.22 -2.73
CA VAL EA 202 84.13 1.56 -3.22
C VAL EA 202 84.38 3.05 -3.08
N ASP EA 203 83.36 3.86 -3.38
CA ASP EA 203 83.49 5.31 -3.22
C ASP EA 203 83.72 5.68 -1.76
N GLU EA 204 83.04 5.02 -0.84
CA GLU EA 204 83.22 5.33 0.58
C GLU EA 204 84.60 4.94 1.08
N VAL EA 205 85.08 3.74 0.71
CA VAL EA 205 86.40 3.33 1.17
C VAL EA 205 87.51 4.11 0.46
N GLU EA 206 87.26 4.67 -0.72
CA GLU EA 206 88.25 5.57 -1.32
C GLU EA 206 88.21 6.94 -0.66
N ARG EA 207 87.03 7.40 -0.26
CA ARG EA 207 86.91 8.71 0.38
C ARG EA 207 87.59 8.71 1.75
N VAL EA 208 87.38 7.67 2.55
CA VAL EA 208 87.92 7.69 3.90
C VAL EA 208 89.36 7.17 3.98
N GLY EA 209 89.85 6.49 2.95
CA GLY EA 209 91.26 6.21 2.85
C GLY EA 209 91.71 4.78 3.09
N LEU EA 210 90.90 3.77 2.76
CA LEU EA 210 91.37 2.39 2.83
C LEU EA 210 92.18 1.98 1.62
N LEU EA 211 92.22 2.79 0.57
CA LEU EA 211 92.76 2.36 -0.72
C LEU EA 211 94.21 2.79 -0.94
N ASN EA 212 94.89 3.28 0.10
CA ASN EA 212 96.32 3.54 -0.01
C ASN EA 212 97.09 2.24 -0.11
N GLU EA 213 98.21 2.28 -0.82
CA GLU EA 213 98.93 1.09 -1.24
C GLU EA 213 100.05 0.68 -0.29
N ASP EA 214 100.19 1.34 0.87
CA ASP EA 214 101.30 1.03 1.76
C ASP EA 214 100.91 0.23 2.99
N GLU EA 215 99.74 0.48 3.57
CA GLU EA 215 99.39 -0.17 4.82
C GLU EA 215 98.82 -1.57 4.56
N GLU EA 216 99.30 -2.54 5.34
CA GLU EA 216 98.83 -3.91 5.24
C GLU EA 216 97.42 -4.07 5.80
N GLU EA 217 97.12 -3.35 6.89
CA GLU EA 217 95.83 -3.52 7.56
C GLU EA 217 94.69 -3.00 6.71
N ALA EA 218 94.90 -1.87 6.03
CA ALA EA 218 93.89 -1.34 5.11
C ALA EA 218 93.66 -2.28 3.94
N ARG EA 219 94.74 -2.89 3.44
CA ARG EA 219 94.61 -3.89 2.38
C ARG EA 219 93.83 -5.10 2.86
N MET EA 220 94.04 -5.52 4.11
CA MET EA 220 93.27 -6.63 4.67
C MET EA 220 91.80 -6.29 4.80
N ILE EA 221 91.49 -5.06 5.22
CA ILE EA 221 90.09 -4.63 5.33
C ILE EA 221 89.43 -4.60 3.96
N VAL EA 222 90.12 -4.06 2.96
CA VAL EA 222 89.59 -4.01 1.59
C VAL EA 222 89.39 -5.41 1.04
N GLN EA 223 90.33 -6.31 1.30
CA GLN EA 223 90.20 -7.70 0.84
C GLN EA 223 89.05 -8.40 1.53
N ARG EA 224 88.81 -8.11 2.81
CA ARG EA 224 87.68 -8.71 3.52
C ARG EA 224 86.35 -8.24 2.94
N ILE EA 225 86.23 -6.93 2.64
CA ILE EA 225 84.99 -6.44 2.05
C ILE EA 225 84.80 -7.01 0.65
N SER EA 226 85.86 -7.07 -0.14
CA SER EA 226 85.78 -7.64 -1.48
C SER EA 226 85.46 -9.13 -1.45
N ASP EA 227 85.97 -9.87 -0.47
CA ASP EA 227 85.58 -11.27 -0.28
C ASP EA 227 84.13 -11.43 0.13
N MET EA 228 83.60 -10.52 0.95
CA MET EA 228 82.17 -10.53 1.26
C MET EA 228 81.34 -10.30 0.00
N VAL EA 229 81.75 -9.34 -0.83
CA VAL EA 229 81.04 -9.09 -2.09
C VAL EA 229 81.13 -10.28 -3.02
N ASP EA 230 82.30 -10.94 -3.08
CA ASP EA 230 82.46 -12.12 -3.91
C ASP EA 230 81.59 -13.28 -3.44
N ALA EA 231 81.52 -13.49 -2.12
CA ALA EA 231 80.68 -14.55 -1.58
C ALA EA 231 79.20 -14.24 -1.80
N LEU EA 232 78.85 -12.96 -1.81
CA LEU EA 232 77.50 -12.58 -2.23
C LEU EA 232 77.27 -12.90 -3.70
N GLU EA 233 78.27 -12.67 -4.54
CA GLU EA 233 78.12 -12.89 -5.98
C GLU EA 233 77.95 -14.37 -6.32
N GLN EA 234 78.72 -15.25 -5.66
CA GLN EA 234 78.67 -16.66 -6.02
C GLN EA 234 77.41 -17.36 -5.53
N THR EA 235 76.86 -16.94 -4.39
CA THR EA 235 75.77 -17.68 -3.74
C THR EA 235 74.53 -16.81 -3.64
N THR EA 236 74.14 -16.18 -4.75
CA THR EA 236 72.90 -15.42 -4.81
C THR EA 236 71.98 -15.97 -5.89
N LYS EA 237 70.70 -15.63 -5.77
CA LYS EA 237 69.70 -16.01 -6.76
C LYS EA 237 69.14 -14.82 -7.52
N SER EA 238 69.56 -13.60 -7.18
CA SER EA 238 69.11 -12.40 -7.89
C SER EA 238 70.05 -12.08 -9.03
N PRO EA 239 69.58 -12.03 -10.28
CA PRO EA 239 70.46 -11.58 -11.36
C PRO EA 239 70.94 -10.15 -11.22
N ALA EA 240 70.10 -9.29 -10.63
CA ALA EA 240 70.51 -7.90 -10.40
C ALA EA 240 71.68 -7.81 -9.42
N VAL EA 241 71.61 -8.59 -8.34
CA VAL EA 241 72.70 -8.60 -7.36
C VAL EA 241 73.98 -9.15 -7.99
N ARG EA 242 73.84 -10.20 -8.81
CA ARG EA 242 74.99 -10.80 -9.47
C ARG EA 242 75.67 -9.80 -10.41
N THR EA 243 74.88 -9.13 -11.26
CA THR EA 243 75.44 -8.17 -12.20
C THR EA 243 76.04 -6.96 -11.49
N ARG EA 244 75.36 -6.45 -10.46
CA ARG EA 244 75.85 -5.27 -9.77
C ARG EA 244 77.10 -5.57 -8.95
N SER EA 245 77.19 -6.76 -8.37
CA SER EA 245 78.41 -7.14 -7.66
C SER EA 245 79.56 -7.45 -8.61
N LYS EA 246 79.26 -7.97 -9.80
CA LYS EA 246 80.30 -8.12 -10.82
C LYS EA 246 80.84 -6.76 -11.25
N ASP EA 247 79.95 -5.77 -11.41
CA ASP EA 247 80.42 -4.42 -11.73
C ASP EA 247 81.17 -3.78 -10.56
N SER EA 248 80.73 -4.03 -9.33
CA SER EA 248 81.39 -3.46 -8.16
C SER EA 248 82.78 -4.03 -7.96
N LEU EA 249 82.97 -5.33 -8.18
CA LEU EA 249 84.29 -5.92 -8.05
C LEU EA 249 85.20 -5.58 -9.22
N GLY EA 250 84.66 -5.09 -10.33
CA GLY EA 250 85.44 -4.70 -11.48
C GLY EA 250 85.86 -3.26 -11.52
N ASP EA 251 85.76 -2.54 -10.40
CA ASP EA 251 86.18 -1.14 -10.37
C ASP EA 251 87.70 -1.03 -10.50
N ASP EA 252 88.13 -0.01 -11.22
CA ASP EA 252 89.56 0.20 -11.46
C ASP EA 252 90.32 0.72 -10.25
N ARG EA 253 89.62 1.21 -9.22
CA ARG EA 253 90.28 1.68 -8.02
C ARG EA 253 90.66 0.56 -7.06
N LEU EA 254 90.12 -0.64 -7.25
CA LEU EA 254 90.44 -1.76 -6.40
C LEU EA 254 91.87 -2.25 -6.68
N PRO EA 255 92.57 -2.75 -5.65
CA PRO EA 255 93.96 -3.22 -5.86
C PRO EA 255 94.07 -4.38 -6.83
N ALA EA 256 93.05 -5.25 -6.93
CA ALA EA 256 93.12 -6.36 -7.85
C ALA EA 256 93.03 -5.88 -9.30
N ASN EA 257 92.09 -4.98 -9.58
CA ASN EA 257 91.88 -4.45 -10.93
C ASN EA 257 92.66 -3.13 -11.07
N ARG EA 258 93.97 -3.24 -10.98
CA ARG EA 258 94.83 -2.07 -11.05
C ARG EA 258 96.20 -2.42 -11.64
N LEU FA 9 -14.11 52.38 -21.93
CA LEU FA 9 -12.98 51.46 -21.88
C LEU FA 9 -11.66 52.22 -21.77
N SER FA 10 -11.74 53.52 -21.53
CA SER FA 10 -10.55 54.35 -21.46
C SER FA 10 -9.85 54.27 -20.11
N ARG FA 11 -10.49 53.69 -19.10
CA ARG FA 11 -9.89 53.49 -17.78
C ARG FA 11 -9.67 52.03 -17.43
N VAL FA 12 -10.36 51.10 -18.09
CA VAL FA 12 -10.42 49.71 -17.69
C VAL FA 12 -9.86 48.86 -18.81
N SER FA 13 -8.99 47.92 -18.48
CA SER FA 13 -8.52 46.92 -19.42
C SER FA 13 -9.39 45.67 -19.30
N LEU FA 14 -10.03 45.28 -20.40
CA LEU FA 14 -10.84 44.07 -20.40
C LEU FA 14 -10.00 42.81 -20.23
N ALA FA 15 -8.72 42.85 -20.58
CA ALA FA 15 -7.84 41.70 -20.37
C ALA FA 15 -7.54 41.48 -18.89
N ARG FA 16 -7.58 42.55 -18.09
CA ARG FA 16 -7.29 42.46 -16.66
C ARG FA 16 -8.54 42.35 -15.81
N THR FA 17 -9.72 42.28 -16.42
CA THR FA 17 -10.97 42.12 -15.69
C THR FA 17 -11.74 40.87 -16.10
N ILE FA 18 -11.64 40.44 -17.35
CA ILE FA 18 -12.31 39.25 -17.86
C ILE FA 18 -11.25 38.19 -18.09
N GLY FA 19 -11.41 37.04 -17.43
CA GLY FA 19 -10.43 35.97 -17.56
C GLY FA 19 -10.56 35.15 -18.82
N ASN FA 20 -11.66 35.29 -19.54
CA ASN FA 20 -11.87 34.56 -20.78
C ASN FA 20 -11.47 35.44 -21.97
N LYS FA 21 -10.63 34.89 -22.85
CA LYS FA 21 -10.16 35.64 -24.01
C LYS FA 21 -11.30 35.91 -24.99
N LEU FA 22 -12.12 34.90 -25.27
CA LEU FA 22 -13.16 35.03 -26.30
C LEU FA 22 -14.25 36.01 -25.88
N LYS FA 23 -14.66 35.95 -24.60
CA LYS FA 23 -15.65 36.89 -24.10
C LYS FA 23 -15.13 38.32 -24.14
N ARG FA 24 -13.86 38.52 -23.77
CA ARG FA 24 -13.25 39.85 -23.82
C ARG FA 24 -13.17 40.36 -25.25
N GLN FA 25 -12.83 39.47 -26.20
CA GLN FA 25 -12.76 39.87 -27.60
C GLN FA 25 -14.13 40.25 -28.14
N GLN FA 26 -15.17 39.50 -27.80
CA GLN FA 26 -16.52 39.83 -28.23
C GLN FA 26 -16.98 41.17 -27.64
N LEU FA 27 -16.69 41.38 -26.35
CA LEU FA 27 -17.05 42.64 -25.70
C LEU FA 27 -16.32 43.82 -26.34
N TYR FA 28 -15.04 43.65 -26.67
CA TYR FA 28 -14.28 44.71 -27.31
C TYR FA 28 -14.80 45.00 -28.71
N ILE FA 29 -15.19 43.96 -29.46
CA ILE FA 29 -15.74 44.17 -30.80
C ILE FA 29 -17.04 44.95 -30.73
N GLN FA 30 -17.92 44.59 -29.79
CA GLN FA 30 -19.18 45.33 -29.61
C GLN FA 30 -18.92 46.77 -29.20
N ALA FA 31 -17.92 46.98 -28.34
CA ALA FA 31 -17.54 48.33 -27.95
C ALA FA 31 -17.04 49.15 -29.13
N LYS FA 32 -16.25 48.54 -30.01
CA LYS FA 32 -15.78 49.24 -31.21
C LYS FA 32 -16.94 49.63 -32.13
N LYS FA 33 -17.89 48.71 -32.33
CA LYS FA 33 -19.06 49.03 -33.16
C LYS FA 33 -19.85 50.20 -32.58
N ALA FA 34 -20.16 50.13 -31.28
CA ALA FA 34 -20.94 51.18 -30.64
C ALA FA 34 -20.21 52.51 -30.65
N ASN FA 35 -18.91 52.50 -30.36
CA ASN FA 35 -18.15 53.74 -30.29
C ASN FA 35 -18.00 54.38 -31.67
N SER FA 36 -17.75 53.58 -32.71
CA SER FA 36 -17.63 54.12 -34.05
C SER FA 36 -18.95 54.72 -34.53
N ARG FA 37 -20.06 54.01 -34.29
CA ARG FA 37 -21.36 54.53 -34.70
C ARG FA 37 -21.71 55.82 -33.95
N ALA FA 38 -21.46 55.85 -32.64
CA ALA FA 38 -21.77 57.04 -31.85
C ALA FA 38 -20.89 58.23 -32.26
N LYS FA 39 -19.61 57.98 -32.53
CA LYS FA 39 -18.72 59.06 -32.91
C LYS FA 39 -19.08 59.62 -34.28
N HIS FA 40 -19.46 58.75 -35.23
CA HIS FA 40 -19.89 59.25 -36.53
C HIS FA 40 -21.20 60.04 -36.43
N GLU FA 41 -22.14 59.57 -35.59
CA GLU FA 41 -23.38 60.31 -35.38
C GLU FA 41 -23.11 61.68 -34.75
N GLU FA 42 -22.21 61.72 -33.76
CA GLU FA 42 -21.90 62.97 -33.07
C GLU FA 42 -21.23 63.94 -34.03
N ARG FA 43 -20.30 63.46 -34.87
CA ARG FA 43 -19.63 64.33 -35.83
C ARG FA 43 -20.58 64.80 -36.93
N HIS FA 44 -21.53 63.96 -37.36
CA HIS FA 44 -22.50 64.41 -38.35
C HIS FA 44 -23.41 65.48 -37.78
N ARG FA 45 -23.87 65.30 -36.53
CA ARG FA 45 -24.67 66.32 -35.87
C ARG FA 45 -23.88 67.61 -35.68
N ARG FA 46 -22.62 67.49 -35.28
CA ARG FA 46 -21.79 68.67 -35.11
C ARG FA 46 -21.61 69.41 -36.43
N ARG FA 47 -21.39 68.67 -37.52
CA ARG FA 47 -21.24 69.30 -38.84
C ARG FA 47 -22.52 70.00 -39.28
N LYS FA 48 -23.69 69.42 -38.96
CA LYS FA 48 -24.94 70.09 -39.28
C LYS FA 48 -25.08 71.41 -38.52
N GLU FA 49 -24.73 71.42 -37.25
CA GLU FA 49 -24.71 72.70 -36.51
C GLU FA 49 -23.58 73.65 -36.93
N GLU FA 50 -22.47 73.17 -37.49
CA GLU FA 50 -21.54 74.12 -38.09
C GLU FA 50 -22.13 74.75 -39.35
N ALA FA 51 -22.87 73.96 -40.13
CA ALA FA 51 -23.55 74.50 -41.31
C ALA FA 51 -24.62 75.50 -40.91
N LYS FA 52 -25.32 75.26 -39.79
CA LYS FA 52 -26.32 76.22 -39.31
C LYS FA 52 -25.66 77.50 -38.83
N ASN FA 53 -24.64 77.37 -37.99
CA ASN FA 53 -23.97 78.53 -37.38
C ASN FA 53 -22.51 78.42 -37.77
N PRO FA 54 -22.02 79.23 -38.71
CA PRO FA 54 -20.63 79.14 -39.14
C PRO FA 54 -19.64 79.91 -38.28
N GLU FA 55 -20.07 80.40 -37.12
CA GLU FA 55 -19.20 81.18 -36.24
C GLU FA 55 -18.52 80.35 -35.17
N LEU FA 56 -19.22 79.37 -34.59
CA LEU FA 56 -18.63 78.60 -33.51
C LEU FA 56 -17.67 77.53 -34.02
N LYS FA 57 -17.61 77.29 -35.33
CA LYS FA 57 -16.55 76.47 -35.90
C LYS FA 57 -15.20 77.13 -35.69
N GLN FA 58 -15.14 78.45 -35.83
CA GLN FA 58 -13.88 79.16 -35.64
C GLN FA 58 -13.42 79.12 -34.18
N LYS FA 59 -14.35 79.29 -33.24
CA LYS FA 59 -14.00 79.13 -31.83
C LYS FA 59 -13.60 77.70 -31.50
N ARG FA 60 -14.26 76.71 -32.11
CA ARG FA 60 -13.89 75.33 -31.89
C ARG FA 60 -12.47 75.04 -32.41
N LEU FA 61 -12.13 75.60 -33.58
CA LEU FA 61 -10.80 75.39 -34.14
C LEU FA 61 -9.73 76.14 -33.35
N GLU FA 62 -10.02 77.36 -32.91
CA GLU FA 62 -9.04 78.14 -32.15
C GLU FA 62 -8.93 77.72 -30.70
N LYS FA 63 -9.89 76.93 -30.20
CA LYS FA 63 -9.81 76.39 -28.85
C LYS FA 63 -9.24 74.98 -28.80
N ASN FA 64 -9.66 74.11 -29.72
CA ASN FA 64 -9.19 72.73 -29.76
C ASN FA 64 -8.05 72.64 -30.77
N GLN FA 65 -6.83 72.87 -30.28
CA GLN FA 65 -5.65 72.73 -31.11
C GLN FA 65 -5.00 71.37 -30.88
N PRO FA 66 -4.48 70.74 -31.94
CA PRO FA 66 -3.75 69.49 -31.76
C PRO FA 66 -2.43 69.70 -31.03
N ALA FA 67 -2.02 68.68 -30.29
CA ALA FA 67 -0.79 68.75 -29.51
C ALA FA 67 0.42 68.58 -30.42
N SER FA 68 1.56 69.07 -29.95
CA SER FA 68 2.82 68.89 -30.65
C SER FA 68 3.95 68.87 -29.63
N ILE FA 69 4.92 67.98 -29.87
CA ILE FA 69 6.08 67.83 -28.98
C ILE FA 69 6.91 69.10 -28.96
N ASP FA 70 6.95 69.84 -30.08
CA ASP FA 70 7.72 71.08 -30.14
C ASP FA 70 7.17 72.14 -29.20
N LYS FA 71 5.84 72.22 -29.07
CA LYS FA 71 5.27 73.17 -28.11
C LYS FA 71 5.36 72.69 -26.66
N LYS FA 72 5.59 71.41 -26.43
CA LYS FA 72 5.74 70.87 -25.09
C LYS FA 72 7.21 70.85 -24.62
N ARG FA 73 8.08 71.57 -25.31
CA ARG FA 73 9.51 71.52 -25.04
C ARG FA 73 9.83 72.14 -23.67
N ILE FA 74 10.74 71.51 -22.95
CA ILE FA 74 11.21 71.99 -21.66
C ILE FA 74 12.52 72.76 -21.88
N TRP FA 75 12.54 74.02 -21.46
CA TRP FA 75 13.75 74.82 -21.50
C TRP FA 75 14.40 74.82 -20.10
N ASP FA 76 15.40 75.67 -19.91
CA ASP FA 76 16.06 75.82 -18.62
C ASP FA 76 15.90 77.25 -18.13
N ASP FA 77 16.06 77.44 -16.82
CA ASP FA 77 15.96 78.75 -16.21
C ASP FA 77 17.22 79.07 -15.39
N ASP FA 81 23.86 81.43 -19.77
CA ASP FA 81 24.11 80.68 -21.00
C ASP FA 81 25.58 80.29 -21.16
N SER FA 82 25.87 79.00 -21.02
CA SER FA 82 27.23 78.53 -21.28
C SER FA 82 27.24 77.10 -21.81
N LEU FA 83 27.18 76.97 -23.14
CA LEU FA 83 27.45 75.76 -23.93
C LEU FA 83 26.88 74.47 -23.34
N GLY FA 84 25.56 74.39 -23.21
CA GLY FA 84 24.95 73.22 -22.60
C GLY FA 84 23.71 73.59 -21.82
N ALA FA 85 23.53 74.89 -21.60
CA ALA FA 85 22.27 75.38 -21.04
C ALA FA 85 21.20 75.36 -22.14
N VAL FA 86 20.06 74.75 -21.84
CA VAL FA 86 18.98 74.64 -22.82
C VAL FA 86 18.15 75.92 -22.68
N VAL FA 87 18.62 76.97 -23.35
CA VAL FA 87 17.96 78.27 -23.36
C VAL FA 87 17.80 78.73 -24.80
N ASP FA 88 16.93 79.72 -24.99
CA ASP FA 88 16.72 80.36 -26.29
C ASP FA 88 17.48 81.69 -26.27
N VAL FA 89 18.48 81.81 -27.15
CA VAL FA 89 19.33 83.00 -27.14
C VAL FA 89 18.56 84.22 -27.61
N ALA FA 90 17.71 84.06 -28.63
CA ALA FA 90 16.95 85.18 -29.16
C ALA FA 90 15.93 85.69 -28.15
N GLU FA 91 15.26 84.79 -27.44
CA GLU FA 91 14.28 85.23 -26.46
C GLU FA 91 14.90 85.81 -25.19
N LEU FA 92 16.06 85.29 -24.75
CA LEU FA 92 16.77 85.96 -23.66
C LEU FA 92 17.31 87.31 -24.10
N LYS FA 93 17.71 87.42 -25.37
CA LYS FA 93 18.10 88.72 -25.93
C LYS FA 93 16.94 89.70 -25.91
N ARG FA 94 15.74 89.24 -26.23
CA ARG FA 94 14.59 90.13 -26.24
C ARG FA 94 14.14 90.45 -24.82
N ARG FA 95 14.41 89.54 -23.88
CA ARG FA 95 14.23 89.86 -22.46
C ARG FA 95 15.17 90.98 -22.03
N ARG FA 96 16.43 90.90 -22.46
CA ARG FA 96 17.40 91.93 -22.06
C ARG FA 96 17.10 93.25 -22.74
N LEU FA 97 16.55 93.20 -23.97
CA LEU FA 97 16.18 94.43 -24.66
C LEU FA 97 14.97 95.09 -24.01
N GLU FA 98 13.96 94.30 -23.65
CA GLU FA 98 12.77 94.85 -23.02
C GLU FA 98 12.88 94.79 -21.51
N LEU FA 176 22.83 84.97 -18.92
CA LEU FA 176 22.76 86.14 -19.79
C LEU FA 176 24.16 86.64 -20.14
N PRO FA 180 25.62 85.71 -28.39
CA PRO FA 180 26.01 85.39 -27.01
C PRO FA 180 27.44 85.83 -26.71
N ASP FA 181 27.75 85.98 -25.42
CA ASP FA 181 29.08 86.41 -24.99
C ASP FA 181 29.96 85.24 -24.57
N SER FA 182 29.38 84.22 -23.94
CA SER FA 182 30.16 83.05 -23.56
C SER FA 182 30.65 82.29 -24.79
N LEU FA 183 29.85 82.28 -25.85
CA LEU FA 183 30.24 81.60 -27.08
C LEU FA 183 31.43 82.30 -27.75
N THR FA 184 31.38 83.63 -27.85
CA THR FA 184 32.48 84.33 -28.50
C THR FA 184 33.69 84.45 -27.60
N SER FA 185 33.52 84.29 -26.28
CA SER FA 185 34.68 84.21 -25.41
C SER FA 185 35.35 82.84 -25.52
N GLN FA 186 34.54 81.77 -25.57
CA GLN FA 186 35.10 80.42 -25.63
C GLN FA 186 35.65 80.10 -27.01
N PHE FA 187 35.00 80.59 -28.06
CA PHE FA 187 35.38 80.32 -29.44
C PHE FA 187 35.54 81.63 -30.20
N PRO FA 188 36.64 82.36 -29.97
CA PRO FA 188 36.84 83.61 -30.69
C PRO FA 188 37.20 83.44 -32.15
N ASN FA 189 37.72 82.27 -32.54
CA ASN FA 189 38.06 82.04 -33.93
C ASN FA 189 36.83 81.82 -34.79
N LEU FA 190 35.84 81.09 -34.28
CA LEU FA 190 34.61 80.88 -35.04
C LEU FA 190 33.75 82.13 -35.04
N PHE FA 191 33.70 82.85 -33.92
CA PHE FA 191 32.88 84.06 -33.83
C PHE FA 191 33.74 85.31 -33.92
N GLU FA 194 37.90 90.58 -39.97
CA GLU FA 194 37.20 89.79 -38.96
C GLU FA 194 36.22 88.77 -39.58
N PRO FA 195 35.70 89.04 -40.78
CA PRO FA 195 35.18 87.96 -41.60
C PRO FA 195 36.19 86.84 -41.76
N PRO FA 196 35.76 85.59 -41.71
CA PRO FA 196 36.67 84.47 -41.95
C PRO FA 196 37.10 84.43 -43.41
N PRO FA 197 38.29 83.88 -43.69
CA PRO FA 197 38.77 83.82 -45.08
C PRO FA 197 38.01 82.81 -45.93
N VAL FA 198 38.39 82.68 -47.19
CA VAL FA 198 37.77 81.67 -48.06
C VAL FA 198 38.16 80.28 -47.57
N PRO FA 199 37.22 79.34 -47.48
CA PRO FA 199 37.54 78.04 -46.90
C PRO FA 199 38.19 77.10 -47.89
N LYS FA 200 39.19 76.37 -47.41
CA LYS FA 200 39.78 75.25 -48.11
C LYS FA 200 39.65 74.01 -47.24
N ILE FA 201 38.99 72.98 -47.75
CA ILE FA 201 38.56 71.83 -46.97
C ILE FA 201 39.36 70.62 -47.39
N LEU FA 202 39.89 69.88 -46.41
CA LEU FA 202 40.55 68.60 -46.64
C LEU FA 202 39.66 67.51 -46.07
N VAL FA 203 39.29 66.56 -46.90
CA VAL FA 203 38.40 65.46 -46.51
C VAL FA 203 39.18 64.17 -46.55
N THR FA 204 39.12 63.40 -45.46
CA THR FA 204 39.80 62.11 -45.38
C THR FA 204 38.83 61.10 -44.77
N THR FA 205 39.36 59.90 -44.51
CA THR FA 205 38.58 58.78 -44.01
C THR FA 205 39.20 58.23 -42.74
N GLY FA 206 38.78 57.04 -42.32
CA GLY FA 206 39.45 56.32 -41.25
C GLY FA 206 40.81 55.82 -41.67
N ILE FA 207 41.32 54.81 -40.95
CA ILE FA 207 42.68 54.37 -41.24
C ILE FA 207 42.68 53.53 -42.51
N ASN FA 208 42.07 52.35 -42.47
CA ASN FA 208 41.97 51.53 -43.67
C ASN FA 208 40.58 51.70 -44.26
N GLY FA 209 40.31 52.93 -44.70
CA GLY FA 209 39.02 53.27 -45.20
C GLY FA 209 38.69 52.62 -46.53
N THR FA 210 37.43 52.23 -46.67
CA THR FA 210 36.91 51.72 -47.92
C THR FA 210 35.87 52.63 -48.56
N ILE FA 211 35.42 53.68 -47.87
CA ILE FA 211 34.48 54.61 -48.46
C ILE FA 211 35.24 55.70 -49.22
N HIS FA 212 35.60 55.39 -50.46
CA HIS FA 212 36.28 56.38 -51.28
C HIS FA 212 35.28 57.19 -52.09
N LYS FA 213 34.29 56.51 -52.68
CA LYS FA 213 33.24 57.21 -53.42
C LYS FA 213 32.37 58.04 -52.50
N GLU FA 214 32.05 57.51 -51.32
CA GLU FA 214 31.22 58.25 -50.37
C GLU FA 214 31.93 59.49 -49.86
N ALA FA 215 33.21 59.36 -49.52
CA ALA FA 215 33.98 60.52 -49.06
C ALA FA 215 34.21 61.51 -50.19
N GLU FA 216 34.37 61.03 -51.43
CA GLU FA 216 34.49 61.94 -52.56
C GLU FA 216 33.20 62.71 -52.80
N GLU FA 217 32.05 62.06 -52.63
CA GLU FA 217 30.78 62.76 -52.78
C GLU FA 217 30.57 63.78 -51.65
N ILE FA 218 30.95 63.41 -50.42
CA ILE FA 218 30.84 64.34 -49.29
C ILE FA 218 31.78 65.53 -49.48
N ALA FA 219 32.97 65.29 -50.06
CA ALA FA 219 33.84 66.39 -50.42
C ALA FA 219 33.26 67.24 -51.55
N SER FA 220 32.59 66.59 -52.51
CA SER FA 220 31.95 67.31 -53.61
C SER FA 220 30.78 68.16 -53.14
N ILE FA 221 30.23 67.87 -51.95
CA ILE FA 221 29.24 68.75 -51.36
C ILE FA 221 29.82 70.13 -51.09
N PHE FA 222 30.98 70.18 -50.42
CA PHE FA 222 31.60 71.44 -50.00
C PHE FA 222 32.43 72.03 -51.13
N PRO FA 223 32.30 73.33 -51.40
CA PRO FA 223 33.18 73.97 -52.39
C PRO FA 223 34.62 74.00 -51.91
N ASN FA 224 35.53 73.85 -52.87
CA ASN FA 224 36.99 73.84 -52.65
C ASN FA 224 37.40 72.79 -51.63
N ALA FA 225 37.06 71.53 -51.93
CA ALA FA 225 37.38 70.41 -51.06
C ALA FA 225 38.06 69.31 -51.86
N THR FA 226 39.18 68.82 -51.33
CA THR FA 226 39.94 67.74 -51.94
C THR FA 226 39.95 66.53 -51.02
N TYR FA 227 39.82 65.35 -51.60
CA TYR FA 227 39.81 64.10 -50.85
C TYR FA 227 41.15 63.41 -51.00
N ILE FA 228 41.81 63.13 -49.88
CA ILE FA 228 43.07 62.40 -49.84
C ILE FA 228 42.87 61.18 -48.94
N ARG FA 229 43.25 60.01 -49.43
CA ARG FA 229 43.20 58.81 -48.61
C ARG FA 229 44.27 58.87 -47.51
N ARG FA 230 44.07 58.04 -46.49
CA ARG FA 230 44.85 58.16 -45.26
C ARG FA 230 45.97 57.13 -45.13
N THR FA 231 45.96 56.07 -45.93
CA THR FA 231 46.92 54.99 -45.69
C THR FA 231 47.61 54.49 -46.95
N ALA FA 232 47.21 54.94 -48.15
CA ALA FA 232 47.65 54.39 -49.44
C ALA FA 232 47.39 52.89 -49.48
N HIS FA 233 48.43 52.07 -49.33
CA HIS FA 233 48.22 50.63 -49.32
C HIS FA 233 47.95 50.15 -47.90
N ARG FA 234 47.76 48.85 -47.75
CA ARG FA 234 47.37 48.25 -46.48
C ARG FA 234 48.46 48.37 -45.42
N TYR FA 235 49.73 48.27 -45.81
CA TYR FA 235 50.81 48.14 -44.85
C TYR FA 235 51.71 49.37 -44.81
N ALA FA 236 51.13 50.56 -44.89
CA ALA FA 236 51.90 51.80 -44.85
C ALA FA 236 51.69 52.50 -43.52
N TYR FA 237 52.24 53.71 -43.43
CA TYR FA 237 52.22 54.47 -42.18
C TYR FA 237 50.81 54.91 -41.84
N LYS FA 238 50.50 54.90 -40.54
CA LYS FA 238 49.19 55.29 -40.03
C LYS FA 238 49.32 56.70 -39.46
N TYR FA 239 48.93 57.69 -40.26
CA TYR FA 239 48.97 59.07 -39.80
C TYR FA 239 47.78 59.35 -38.87
N SER FA 240 48.04 60.13 -37.83
CA SER FA 240 47.02 60.48 -36.86
C SER FA 240 46.30 61.75 -37.30
N VAL FA 241 45.16 62.01 -36.66
CA VAL FA 241 44.35 63.17 -37.00
C VAL FA 241 45.08 64.46 -36.66
N ARG FA 242 45.86 64.45 -35.57
CA ARG FA 242 46.62 65.63 -35.20
C ARG FA 242 47.73 65.92 -36.20
N GLU FA 243 48.41 64.89 -36.69
CA GLU FA 243 49.44 65.06 -37.71
C GLU FA 243 48.86 65.60 -39.00
N ILE FA 244 47.72 65.05 -39.43
CA ILE FA 244 47.09 65.51 -40.67
C ILE FA 244 46.57 66.94 -40.50
N ALA FA 245 46.07 67.26 -39.31
CA ALA FA 245 45.62 68.62 -39.03
C ALA FA 245 46.78 69.62 -39.10
N LYS FA 246 47.93 69.25 -38.54
CA LYS FA 246 49.11 70.11 -38.63
C LYS FA 246 49.60 70.25 -40.07
N PHE FA 247 49.56 69.14 -40.83
CA PHE FA 247 50.00 69.17 -42.23
C PHE FA 247 49.11 70.07 -43.06
N ALA FA 248 47.80 69.98 -42.87
CA ALA FA 248 46.87 70.81 -43.64
C ALA FA 248 46.88 72.25 -43.16
N LYS FA 249 47.16 72.48 -41.87
CA LYS FA 249 47.33 73.84 -41.38
C LYS FA 249 48.55 74.49 -42.00
N ASN FA 250 49.63 73.73 -42.18
CA ASN FA 250 50.83 74.27 -42.82
C ASN FA 250 50.65 74.50 -44.32
N ARG FA 251 49.62 73.91 -44.94
CA ARG FA 251 49.39 74.08 -46.37
C ARG FA 251 48.23 75.02 -46.67
N GLY FA 252 47.70 75.70 -45.66
CA GLY FA 252 46.68 76.71 -45.84
C GLY FA 252 45.26 76.22 -45.82
N TYR FA 253 45.02 74.95 -45.50
CA TYR FA 253 43.66 74.46 -45.40
C TYR FA 253 42.94 75.05 -44.19
N THR FA 254 41.64 75.30 -44.36
CA THR FA 254 40.82 75.89 -43.32
C THR FA 254 40.27 74.87 -42.34
N ALA FA 255 39.77 73.73 -42.83
CA ALA FA 255 39.18 72.73 -41.94
C ALA FA 255 39.50 71.35 -42.47
N LEU FA 256 39.42 70.36 -41.57
CA LEU FA 256 39.66 68.96 -41.89
C LEU FA 256 38.42 68.16 -41.56
N LEU FA 257 37.98 67.33 -42.51
CA LEU FA 257 36.81 66.48 -42.32
C LEU FA 257 37.24 65.02 -42.38
N VAL FA 258 36.86 64.25 -41.36
CA VAL FA 258 37.16 62.82 -41.30
C VAL FA 258 35.84 62.07 -41.33
N VAL FA 259 35.69 61.17 -42.30
CA VAL FA 259 34.49 60.36 -42.46
C VAL FA 259 34.83 58.94 -42.01
N GLN FA 260 34.19 58.50 -40.92
CA GLN FA 260 34.46 57.20 -40.35
C GLN FA 260 33.32 56.23 -40.68
N GLU FA 261 33.70 55.02 -41.07
CA GLU FA 261 32.77 54.04 -41.62
C GLU FA 261 32.39 53.00 -40.60
N ASP FA 262 31.25 52.36 -40.86
CA ASP FA 262 30.83 51.17 -40.14
C ASP FA 262 30.06 50.30 -41.13
N GLN FA 263 30.52 49.05 -41.29
CA GLN FA 263 29.98 48.11 -42.28
C GLN FA 263 30.02 48.69 -43.69
N LYS FA 264 31.15 49.32 -44.03
CA LYS FA 264 31.41 49.91 -45.34
C LYS FA 264 30.42 51.01 -45.70
N ARG FA 265 29.83 51.66 -44.70
CA ARG FA 265 28.91 52.76 -44.89
C ARG FA 265 29.32 53.88 -43.95
N PRO FA 266 29.13 55.15 -44.35
CA PRO FA 266 29.55 56.26 -43.48
C PRO FA 266 28.77 56.28 -42.17
N SER FA 267 29.49 56.49 -41.08
CA SER FA 267 28.89 56.42 -39.76
C SER FA 267 29.14 57.66 -38.90
N ARG FA 268 30.33 58.25 -39.00
CA ARG FA 268 30.66 59.41 -38.17
C ARG FA 268 31.33 60.49 -39.01
N LEU FA 269 31.10 61.74 -38.61
CA LEU FA 269 31.70 62.90 -39.25
C LEU FA 269 32.44 63.71 -38.21
N VAL FA 270 33.74 63.94 -38.44
CA VAL FA 270 34.58 64.68 -37.52
C VAL FA 270 35.04 65.94 -38.23
N VAL FA 271 34.64 67.10 -37.69
CA VAL FA 271 34.94 68.39 -38.28
C VAL FA 271 35.92 69.11 -37.37
N VAL FA 272 37.12 69.37 -37.86
CA VAL FA 272 38.16 70.05 -37.10
C VAL FA 272 38.43 71.40 -37.78
N HIS FA 273 38.38 72.47 -37.01
CA HIS FA 273 38.67 73.80 -37.54
C HIS FA 273 40.14 74.11 -37.31
N LEU FA 274 40.89 74.25 -38.40
CA LEU FA 274 42.34 74.43 -38.31
C LEU FA 274 42.73 75.86 -37.97
N ASN FA 275 41.81 76.82 -38.15
CA ASN FA 275 42.04 78.25 -37.95
C ASN FA 275 43.17 78.75 -38.83
N GLY FA 276 43.88 79.79 -38.39
CA GLY FA 276 45.00 80.30 -39.15
C GLY FA 276 45.90 81.13 -38.26
N GLU FA 277 47.00 81.60 -38.86
CA GLU FA 277 47.98 82.50 -38.25
C GLU FA 277 48.56 81.82 -37.01
N GLY FA 278 48.53 82.45 -35.84
CA GLY FA 278 49.04 81.85 -34.62
C GLY FA 278 48.03 81.13 -33.77
N VAL FA 279 46.76 81.11 -34.18
CA VAL FA 279 45.74 80.39 -33.43
C VAL FA 279 45.94 78.89 -33.59
N PRO FA 280 45.85 78.10 -32.52
CA PRO FA 280 45.97 76.64 -32.65
C PRO FA 280 44.76 76.06 -33.37
N PRO FA 281 44.81 74.80 -33.80
CA PRO FA 281 43.62 74.16 -34.36
C PRO FA 281 42.48 74.15 -33.35
N GLY FA 282 41.30 74.50 -33.82
CA GLY FA 282 40.21 74.90 -32.95
C GLY FA 282 39.33 73.75 -32.50
N PRO FA 283 38.04 74.06 -32.27
CA PRO FA 283 37.11 73.05 -31.75
C PRO FA 283 36.87 71.91 -32.72
N THR FA 284 36.61 70.72 -32.18
CA THR FA 284 36.31 69.53 -32.99
C THR FA 284 34.88 69.12 -32.71
N LEU FA 285 34.09 69.00 -33.77
CA LEU FA 285 32.69 68.61 -33.65
C LEU FA 285 32.52 67.22 -34.27
N THR FA 286 32.03 66.28 -33.46
CA THR FA 286 31.81 64.91 -33.89
C THR FA 286 30.30 64.65 -33.95
N TYR FA 287 29.83 64.34 -35.16
CA TYR FA 287 28.46 63.97 -35.49
C TYR FA 287 28.42 62.51 -35.88
N THR FA 288 27.22 61.93 -35.89
CA THR FA 288 26.99 60.60 -36.42
C THR FA 288 26.16 60.69 -37.69
N ILE FA 289 26.64 60.07 -38.76
CA ILE FA 289 25.88 59.92 -40.00
C ILE FA 289 25.09 58.62 -39.86
N ARG FA 290 23.77 58.70 -40.03
CA ARG FA 290 22.92 57.53 -39.82
C ARG FA 290 22.23 57.07 -41.10
N ASN FA 291 21.50 57.97 -41.77
CA ASN FA 291 20.74 57.61 -42.96
C ASN FA 291 21.41 58.27 -44.16
N TYR FA 292 22.43 57.62 -44.69
CA TYR FA 292 23.16 58.13 -45.83
C TYR FA 292 22.67 57.47 -47.11
N ALA FA 293 22.36 58.29 -48.11
CA ALA FA 293 22.00 57.81 -49.44
C ALA FA 293 22.71 58.71 -50.44
N PRO FA 294 23.48 58.18 -51.42
CA PRO FA 294 24.09 59.03 -52.45
C PRO FA 294 23.04 59.63 -53.40
N GLY FA 295 23.45 60.60 -54.22
CA GLY FA 295 22.51 61.24 -55.17
C GLY FA 295 21.90 60.23 -56.12
N LYS FA 296 22.67 59.23 -56.55
CA LYS FA 296 22.17 58.21 -57.50
C LYS FA 296 20.99 57.45 -56.90
N ALA FA 297 21.04 57.14 -55.61
CA ALA FA 297 19.96 56.36 -54.95
C ALA FA 297 18.63 57.12 -55.02
N ILE FA 298 18.68 58.45 -54.92
CA ILE FA 298 17.43 59.28 -54.92
C ILE FA 298 16.73 59.13 -56.27
N PRO FA 299 15.44 58.74 -56.33
CA PRO FA 299 14.70 58.68 -57.58
C PRO FA 299 14.45 60.09 -58.12
N GLY FA 300 14.58 60.28 -59.45
CA GLY FA 300 14.40 61.62 -60.05
C GLY FA 300 15.37 62.62 -59.47
N HIS FA 301 16.67 62.38 -59.64
CA HIS FA 301 17.71 63.26 -59.04
C HIS FA 301 18.38 64.12 -60.10
N GLY FA 302 19.41 64.89 -59.70
CA GLY FA 302 20.15 65.70 -60.62
C GLY FA 302 21.63 65.69 -60.28
N ARG FA 303 22.42 66.29 -61.17
CA ARG FA 303 23.85 66.44 -60.97
C ARG FA 303 24.17 67.88 -60.59
N ALA FA 304 24.95 68.05 -59.53
CA ALA FA 304 25.31 69.38 -59.08
C ALA FA 304 26.36 70.00 -60.00
N THR FA 305 26.40 71.33 -59.99
CA THR FA 305 27.38 72.10 -60.75
C THR FA 305 28.41 72.69 -59.79
N ASN FA 306 29.30 73.52 -60.33
CA ASN FA 306 30.38 74.09 -59.55
C ASN FA 306 30.01 75.39 -58.87
N HIS FA 307 28.75 75.80 -58.93
CA HIS FA 307 28.32 77.03 -58.26
C HIS FA 307 28.34 76.86 -56.75
N TYR FA 308 28.65 77.95 -56.06
CA TYR FA 308 28.62 77.93 -54.60
C TYR FA 308 27.18 77.94 -54.11
N PRO FA 309 26.77 76.98 -53.29
CA PRO FA 309 25.39 76.93 -52.83
C PRO FA 309 25.12 77.95 -51.74
N GLU FA 310 23.83 78.19 -51.48
CA GLU FA 310 23.39 79.05 -50.41
C GLU FA 310 22.87 78.20 -49.25
N LEU FA 311 23.11 78.67 -48.03
CA LEU FA 311 22.89 77.87 -46.83
C LEU FA 311 21.53 78.17 -46.21
N LEU FA 312 20.78 77.11 -45.92
CA LEU FA 312 19.56 77.20 -45.14
C LEU FA 312 19.81 76.42 -43.86
N LEU FA 313 20.32 77.10 -42.84
CA LEU FA 313 20.54 76.52 -41.53
C LEU FA 313 19.33 76.88 -40.67
N ASN FA 314 18.44 75.92 -40.46
CA ASN FA 314 17.14 76.20 -39.86
C ASN FA 314 17.03 75.61 -38.46
N ASN FA 315 16.40 76.41 -37.58
CA ASN FA 315 15.97 76.00 -36.24
C ASN FA 315 17.14 75.67 -35.32
N PHE FA 316 18.05 76.62 -35.17
CA PHE FA 316 19.13 76.55 -34.19
C PHE FA 316 18.94 77.69 -33.18
N LYS FA 317 18.61 77.33 -31.94
CA LYS FA 317 18.32 78.28 -30.88
C LYS FA 317 19.24 78.16 -29.68
N THR FA 318 19.57 76.94 -29.27
CA THR FA 318 20.47 76.69 -28.15
C THR FA 318 21.87 77.20 -28.50
N PRO FA 319 22.64 77.69 -27.51
CA PRO FA 319 24.04 78.05 -27.78
C PRO FA 319 24.88 76.93 -28.38
N LEU FA 320 24.63 75.67 -27.98
CA LEU FA 320 25.23 74.56 -28.68
C LEU FA 320 24.75 74.49 -30.13
N GLY FA 321 23.47 74.75 -30.36
CA GLY FA 321 22.95 74.79 -31.72
C GLY FA 321 23.53 75.94 -32.52
N LEU FA 322 23.73 77.09 -31.87
CA LEU FA 322 24.39 78.22 -32.54
C LEU FA 322 25.83 77.88 -32.90
N LEU FA 323 26.53 77.17 -32.00
CA LEU FA 323 27.89 76.73 -32.29
C LEU FA 323 27.92 75.77 -33.48
N ALA FA 324 26.98 74.83 -33.53
CA ALA FA 324 26.90 73.89 -34.64
C ALA FA 324 26.57 74.61 -35.95
N ALA FA 325 25.67 75.59 -35.89
CA ALA FA 325 25.31 76.37 -37.08
C ALA FA 325 26.49 77.19 -37.58
N LYS FA 326 27.25 77.79 -36.67
CA LYS FA 326 28.42 78.56 -37.08
C LYS FA 326 29.52 77.65 -37.63
N SER FA 327 29.67 76.45 -37.06
CA SER FA 327 30.66 75.50 -37.56
C SER FA 327 30.29 75.01 -38.95
N MET FA 328 29.00 74.82 -39.22
CA MET FA 328 28.57 74.52 -40.59
C MET FA 328 28.66 75.73 -41.50
N HIS FA 329 28.56 76.94 -40.96
CA HIS FA 329 28.60 78.14 -41.79
C HIS FA 329 30.01 78.47 -42.25
N ILE FA 330 31.02 78.22 -41.42
CA ILE FA 330 32.38 78.59 -41.79
C ILE FA 330 32.92 77.66 -42.89
N LEU FA 331 32.42 76.41 -42.94
CA LEU FA 331 32.88 75.46 -43.95
C LEU FA 331 32.55 75.87 -45.37
N PHE FA 332 31.52 76.70 -45.56
CA PHE FA 332 31.10 77.15 -46.87
C PHE FA 332 31.53 78.59 -47.12
N PRO FA 333 31.73 78.98 -48.38
CA PRO FA 333 31.98 80.40 -48.66
C PRO FA 333 30.77 81.26 -48.31
N SER FA 334 31.06 82.48 -47.87
CA SER FA 334 30.00 83.37 -47.38
C SER FA 334 29.17 83.91 -48.53
N LYS FA 335 29.80 84.18 -49.68
CA LYS FA 335 29.08 84.74 -50.82
C LYS FA 335 28.70 83.64 -51.79
N PRO FA 336 27.42 83.33 -51.96
CA PRO FA 336 27.03 82.26 -52.89
C PRO FA 336 26.85 82.77 -54.32
N GLU FA 337 27.28 81.98 -55.29
CA GLU FA 337 27.09 82.32 -56.70
C GLU FA 337 25.64 82.05 -57.07
N LEU FA 338 24.85 83.13 -57.17
CA LEU FA 338 23.41 83.00 -57.31
C LEU FA 338 22.96 82.66 -58.73
N ALA FA 339 23.89 82.68 -59.70
CA ALA FA 339 23.53 82.28 -61.05
C ALA FA 339 23.13 80.81 -61.11
N GLY FA 340 23.86 79.96 -60.40
CA GLY FA 340 23.46 78.58 -60.24
C GLY FA 340 22.65 78.39 -58.97
N ARG FA 341 21.34 78.21 -59.14
CA ARG FA 341 20.42 78.17 -58.00
C ARG FA 341 20.58 76.82 -57.31
N GLN FA 342 21.51 76.78 -56.35
CA GLN FA 342 21.78 75.57 -55.56
C GLN FA 342 21.71 75.92 -54.08
N VAL FA 343 20.95 75.12 -53.33
CA VAL FA 343 20.72 75.37 -51.91
C VAL FA 343 21.13 74.13 -51.12
N VAL FA 344 21.86 74.35 -50.04
CA VAL FA 344 22.25 73.31 -49.10
C VAL FA 344 21.49 73.57 -47.81
N THR FA 345 20.70 72.58 -47.37
CA THR FA 345 19.82 72.75 -46.23
C THR FA 345 20.29 71.86 -45.08
N LEU FA 346 20.50 72.47 -43.92
CA LEU FA 346 20.74 71.78 -42.66
C LEU FA 346 19.62 72.21 -41.73
N HIS FA 347 18.62 71.35 -41.58
CA HIS FA 347 17.42 71.65 -40.80
C HIS FA 347 17.45 70.86 -39.52
N ASN FA 348 17.41 71.55 -38.38
CA ASN FA 348 17.41 70.88 -37.09
C ASN FA 348 15.98 70.67 -36.63
N GLN FA 349 15.63 69.42 -36.36
CA GLN FA 349 14.31 69.06 -35.82
C GLN FA 349 14.52 68.03 -34.73
N ARG FA 350 14.19 68.41 -33.49
CA ARG FA 350 14.18 67.52 -32.34
C ARG FA 350 15.53 66.81 -32.15
N ASP FA 351 16.60 67.58 -32.27
CA ASP FA 351 18.03 67.24 -32.16
C ASP FA 351 18.58 66.53 -33.40
N TYR FA 352 17.78 66.26 -34.42
CA TYR FA 352 18.27 65.61 -35.63
C TYR FA 352 18.44 66.64 -36.73
N ILE FA 353 19.64 66.70 -37.30
CA ILE FA 353 19.98 67.66 -38.33
C ILE FA 353 19.87 66.96 -39.68
N PHE FA 354 18.79 67.23 -40.40
CA PHE FA 354 18.60 66.66 -41.73
C PHE FA 354 19.35 67.51 -42.74
N PHE FA 355 20.25 66.88 -43.48
CA PHE FA 355 21.05 67.52 -44.51
C PHE FA 355 20.51 67.08 -45.87
N ARG FA 356 20.12 68.08 -46.68
CA ARG FA 356 19.68 67.89 -48.05
C ARG FA 356 20.37 68.91 -48.95
N ARG FA 357 20.36 68.65 -50.25
CA ARG FA 357 20.91 69.56 -51.24
C ARG FA 357 20.00 69.56 -52.46
N HIS FA 358 19.47 70.74 -52.80
CA HIS FA 358 18.52 70.88 -53.90
C HIS FA 358 19.02 71.93 -54.88
N ARG FA 359 18.42 71.92 -56.07
CA ARG FA 359 18.46 73.04 -57.00
C ARG FA 359 17.02 73.48 -57.26
N TYR FA 360 16.83 74.78 -57.40
CA TYR FA 360 15.49 75.35 -57.38
C TYR FA 360 15.26 76.26 -58.57
N VAL FA 361 13.98 76.59 -58.77
CA VAL FA 361 13.56 77.55 -59.78
C VAL FA 361 12.28 78.24 -59.30
N PHE FA 362 12.24 79.56 -59.40
CA PHE FA 362 11.06 80.33 -59.03
C PHE FA 362 10.11 80.37 -60.21
N ARG FA 363 9.05 79.57 -60.16
CA ARG FA 363 8.12 79.44 -61.26
C ARG FA 363 6.75 79.99 -60.88
N GLU FA 364 5.92 80.17 -61.89
CA GLU FA 364 4.52 80.48 -61.71
C GLU FA 364 3.75 79.23 -61.31
N ALA FA 365 2.75 79.42 -60.45
CA ALA FA 365 1.98 78.29 -59.96
C ALA FA 365 1.01 77.78 -61.02
N ARG FA 366 0.95 76.46 -61.15
CA ARG FA 366 -0.09 75.82 -61.92
C ARG FA 366 -1.44 76.08 -61.24
N PRO FA 367 -2.54 76.18 -62.01
CA PRO FA 367 -3.79 76.68 -61.43
C PRO FA 367 -4.46 75.73 -60.45
N THR FA 368 -3.96 74.51 -60.29
CA THR FA 368 -4.45 73.62 -59.24
C THR FA 368 -3.58 73.66 -57.98
N GLU FA 369 -2.42 74.31 -58.04
CA GLU FA 369 -1.59 74.46 -56.84
C GLU FA 369 -2.15 75.56 -55.95
N LYS FA 370 -1.89 75.41 -54.65
CA LYS FA 370 -2.31 76.39 -53.66
C LYS FA 370 -1.18 77.37 -53.37
N ASN FA 371 -1.55 78.53 -52.85
CA ASN FA 371 -0.56 79.51 -52.43
C ASN FA 371 0.22 79.00 -51.23
N VAL FA 372 1.47 79.42 -51.12
CA VAL FA 372 2.36 78.90 -50.08
C VAL FA 372 1.93 79.48 -48.74
N VAL FA 373 1.71 78.61 -47.75
CA VAL FA 373 1.28 79.03 -46.44
C VAL FA 373 2.49 79.48 -45.62
N GLY FA 374 2.39 80.66 -45.01
CA GLY FA 374 3.44 81.17 -44.17
C GLY FA 374 3.43 80.55 -42.78
N ALA FA 375 4.51 80.79 -42.05
CA ALA FA 375 4.62 80.29 -40.69
C ALA FA 375 3.75 81.14 -39.77
N ASP FA 376 2.84 80.46 -39.05
CA ASP FA 376 1.91 81.07 -38.10
C ASP FA 376 1.06 82.15 -38.78
N GLY FA 377 0.32 81.71 -39.79
CA GLY FA 377 -0.51 82.60 -40.59
C GLY FA 377 -0.32 82.36 -42.07
N LYS FA 378 -1.42 82.14 -42.78
CA LYS FA 378 -1.36 81.77 -44.19
C LYS FA 378 -1.09 83.01 -45.06
N GLU FA 379 -1.08 82.77 -46.37
CA GLU FA 379 -0.98 83.81 -47.41
C GLU FA 379 0.30 84.64 -47.25
N MET FA 380 1.41 83.97 -47.58
CA MET FA 380 2.72 84.62 -47.74
C MET FA 380 2.57 85.85 -48.61
N GLU FA 381 2.80 87.02 -48.02
CA GLU FA 381 2.51 88.30 -48.67
C GLU FA 381 3.62 88.62 -49.67
N GLY FA 382 3.25 88.67 -50.96
CA GLY FA 382 4.17 89.07 -51.99
C GLY FA 382 4.42 87.99 -53.02
N VAL FA 383 4.29 86.72 -52.62
CA VAL FA 383 4.58 85.59 -53.49
C VAL FA 383 3.33 84.72 -53.71
N LYS FA 384 2.15 85.32 -53.64
CA LYS FA 384 0.91 84.60 -53.91
C LYS FA 384 0.83 84.27 -55.39
N GLY FA 385 0.84 82.98 -55.73
CA GLY FA 385 0.88 82.52 -57.09
C GLY FA 385 2.28 82.20 -57.59
N ILE FA 386 3.29 82.35 -56.74
CA ILE FA 386 4.68 82.09 -57.10
C ILE FA 386 5.17 80.95 -56.23
N ARG FA 387 5.76 79.92 -56.83
CA ARG FA 387 6.19 78.76 -56.08
C ARG FA 387 7.59 78.33 -56.53
N ALA FA 388 8.30 77.65 -55.65
CA ALA FA 388 9.66 77.20 -55.91
C ALA FA 388 9.67 75.71 -56.23
N GLY FA 389 10.14 75.37 -57.42
CA GLY FA 389 10.32 73.99 -57.80
C GLY FA 389 11.71 73.51 -57.41
N LEU FA 390 11.77 72.33 -56.79
CA LEU FA 390 12.97 71.79 -56.18
C LEU FA 390 13.30 70.44 -56.80
N GLN FA 391 14.59 70.19 -57.03
CA GLN FA 391 15.07 68.90 -57.50
C GLN FA 391 16.32 68.53 -56.70
N GLU FA 392 16.32 67.32 -56.13
CA GLU FA 392 17.47 66.84 -55.32
C GLU FA 392 18.69 66.61 -56.21
N ILE FA 393 19.83 67.22 -55.85
CA ILE FA 393 21.07 67.04 -56.60
C ILE FA 393 22.16 66.55 -55.67
N GLY FA 394 21.79 66.33 -54.42
CA GLY FA 394 22.81 65.97 -53.43
C GLY FA 394 22.37 64.86 -52.52
N PRO FA 395 23.25 64.35 -51.65
CA PRO FA 395 22.95 63.22 -50.78
C PRO FA 395 21.97 63.60 -49.67
N ARG FA 396 21.18 62.61 -49.24
CA ARG FA 396 20.31 62.83 -48.07
C ARG FA 396 21.04 62.21 -46.87
N MET FA 397 21.37 63.01 -45.84
CA MET FA 397 22.01 62.43 -44.67
C MET FA 397 21.37 63.03 -43.42
N THR FA 398 21.57 62.33 -42.31
CA THR FA 398 21.10 62.79 -41.01
C THR FA 398 22.28 62.83 -40.05
N LEU FA 399 22.40 63.94 -39.33
CA LEU FA 399 23.48 64.16 -38.41
C LEU FA 399 22.92 64.35 -37.00
N LYS FA 400 23.72 64.01 -36.01
CA LYS FA 400 23.39 64.27 -34.62
C LYS FA 400 24.69 64.61 -33.90
N LEU FA 401 24.77 65.82 -33.35
CA LEU FA 401 25.98 66.26 -32.69
C LEU FA 401 26.22 65.42 -31.44
N ARG FA 402 27.38 64.77 -31.39
CA ARG FA 402 27.72 63.89 -30.29
C ARG FA 402 28.81 64.45 -29.39
N ARG FA 403 29.78 65.17 -29.94
CA ARG FA 403 30.82 65.71 -29.06
C ARG FA 403 31.37 67.01 -29.60
N VAL FA 404 31.68 67.93 -28.69
CA VAL FA 404 32.44 69.14 -28.99
C VAL FA 404 33.68 69.12 -28.10
N ASP FA 405 34.85 69.18 -28.73
CA ASP FA 405 36.15 69.16 -28.06
C ASP FA 405 36.88 70.47 -28.29
N LYS FA 406 37.76 70.80 -27.34
CA LYS FA 406 38.54 72.03 -27.44
C LYS FA 406 39.57 71.97 -28.56
N GLY FA 407 40.31 70.87 -28.63
CA GLY FA 407 41.39 70.70 -29.60
C GLY FA 407 41.01 69.76 -30.73
N VAL FA 408 41.98 68.95 -31.15
CA VAL FA 408 41.78 67.98 -32.23
C VAL FA 408 41.48 66.65 -31.56
N GLY FA 409 40.20 66.40 -31.29
CA GLY FA 409 39.80 65.17 -30.64
C GLY FA 409 40.11 65.17 -29.16
N ARG FA 410 39.96 63.99 -28.56
CA ARG FA 410 40.28 63.83 -27.14
C ARG FA 410 41.78 63.95 -26.91
N ALA FA 411 42.59 63.38 -27.79
CA ALA FA 411 44.04 63.51 -27.73
C ALA FA 411 44.40 64.79 -28.47
N GLY FA 412 44.60 65.86 -27.73
CA GLY FA 412 44.78 67.18 -28.32
C GLY FA 412 44.12 68.25 -27.49
N SER FA 413 43.10 67.84 -26.74
CA SER FA 413 42.51 68.71 -25.73
C SER FA 413 43.11 68.39 -24.37
N GLU FA 414 43.61 69.43 -23.70
CA GLU FA 414 44.55 69.21 -22.61
C GLU FA 414 43.99 69.52 -21.22
N GLY FA 415 43.52 70.74 -21.02
CA GLY FA 415 43.23 71.22 -19.69
C GLY FA 415 41.95 70.70 -19.09
N PRO FA 416 41.47 71.33 -18.01
CA PRO FA 416 40.17 70.95 -17.44
C PRO FA 416 38.99 71.28 -18.33
N ASP FA 417 39.19 72.11 -19.35
CA ASP FA 417 38.18 72.45 -20.34
C ASP FA 417 38.54 71.63 -21.59
N ALA FA 418 38.74 70.33 -21.37
CA ALA FA 418 39.13 69.44 -22.47
C ALA FA 418 37.96 69.19 -23.40
N VAL FA 419 36.87 68.64 -22.88
CA VAL FA 419 35.66 68.40 -23.64
C VAL FA 419 34.69 69.56 -23.40
N LYS FA 420 34.24 70.17 -24.49
CA LYS FA 420 33.28 71.25 -24.40
C LYS FA 420 31.87 70.73 -24.16
N TRP FA 421 31.52 69.63 -24.80
CA TRP FA 421 30.19 69.05 -24.64
C TRP FA 421 30.24 67.58 -25.05
N GLU FA 422 29.51 66.74 -24.33
CA GLU FA 422 29.47 65.31 -24.64
C GLU FA 422 28.02 64.84 -24.58
N TRP FA 423 27.59 64.12 -25.60
CA TRP FA 423 26.23 63.59 -25.62
C TRP FA 423 26.15 62.33 -24.74
N LYS FA 424 25.14 62.30 -23.88
CA LYS FA 424 24.81 61.12 -23.10
C LYS FA 424 23.37 60.75 -23.39
N ALA FA 425 23.07 59.46 -23.31
CA ALA FA 425 21.71 59.00 -23.58
C ALA FA 425 20.73 59.47 -22.51
N LYS FA 426 21.22 59.63 -21.27
CA LYS FA 426 20.35 60.06 -20.17
C LYS FA 426 19.84 61.48 -20.36
N MET FA 427 20.49 62.28 -21.20
CA MET FA 427 19.97 63.61 -21.51
C MET FA 427 18.76 63.56 -22.42
N GLU FA 428 18.55 62.46 -23.13
CA GLU FA 428 17.34 62.27 -23.93
C GLU FA 428 16.36 61.33 -23.22
N LYS FA 429 16.37 61.38 -21.88
CA LYS FA 429 15.43 60.57 -21.10
C LYS FA 429 14.00 61.04 -21.33
N LYS FA 430 13.78 62.33 -21.45
CA LYS FA 430 12.48 62.89 -21.77
C LYS FA 430 12.43 63.21 -23.26
N ARG FA 431 11.28 62.97 -23.89
CA ARG FA 431 11.15 63.15 -25.33
C ARG FA 431 10.94 64.61 -25.72
N THR FA 432 10.72 65.49 -24.76
CA THR FA 432 10.56 66.92 -25.02
C THR FA 432 11.78 67.73 -24.62
N ARG FA 433 12.92 67.07 -24.39
CA ARG FA 433 14.17 67.74 -24.04
C ARG FA 433 15.13 67.64 -25.23
N PHE FA 434 15.53 68.78 -25.77
CA PHE FA 434 16.37 68.84 -26.95
C PHE FA 434 17.60 69.70 -26.67
N ASN FA 435 18.75 69.28 -27.19
CA ASN FA 435 20.01 69.97 -26.98
C ASN FA 435 20.44 70.84 -28.16
N LEU FA 436 19.94 70.53 -29.36
CA LEU FA 436 20.16 71.26 -30.62
C LEU FA 436 21.61 71.22 -31.09
N SER GA 2 51.57 8.83 -5.37
CA SER GA 2 50.20 8.86 -5.89
C SER GA 2 50.05 9.90 -6.98
N ASP GA 3 51.17 10.23 -7.65
CA ASP GA 3 51.11 11.11 -8.80
C ASP GA 3 50.31 10.47 -9.94
N GLU GA 4 50.52 9.17 -10.15
CA GLU GA 4 49.82 8.46 -11.21
C GLU GA 4 48.33 8.33 -10.92
N ILE GA 5 47.97 8.11 -9.66
CA ILE GA 5 46.56 7.91 -9.31
C ILE GA 5 45.79 9.21 -9.46
N VAL GA 6 46.36 10.32 -8.98
CA VAL GA 6 45.69 11.60 -9.17
C VAL GA 6 45.70 12.00 -10.64
N TRP GA 7 46.70 11.55 -11.41
CA TRP GA 7 46.66 11.80 -12.85
C TRP GA 7 45.53 11.04 -13.52
N GLN GA 8 45.30 9.79 -13.13
CA GLN GA 8 44.20 9.03 -13.71
C GLN GA 8 42.85 9.64 -13.35
N ILE GA 9 42.70 10.09 -12.09
CA ILE GA 9 41.46 10.73 -11.67
C ILE GA 9 41.23 12.03 -12.43
N ILE GA 10 42.29 12.85 -12.60
CA ILE GA 10 42.16 14.12 -13.31
C ILE GA 10 41.86 13.88 -14.79
N ASN GA 11 42.63 13.00 -15.44
CA ASN GA 11 42.59 12.88 -16.89
C ASN GA 11 41.37 12.11 -17.36
N GLN GA 12 40.97 11.05 -16.65
CA GLN GA 12 39.94 10.18 -17.16
C GLN GA 12 38.56 10.46 -16.61
N GLN GA 13 38.47 11.23 -15.52
CA GLN GA 13 37.13 11.42 -14.89
C GLN GA 13 36.72 12.89 -14.99
N PHE GA 14 37.44 13.79 -14.35
CA PHE GA 14 37.02 15.19 -14.25
C PHE GA 14 38.16 16.03 -13.69
N CYS GA 15 38.36 17.21 -14.27
CA CYS GA 15 39.22 18.24 -13.72
C CYS GA 15 38.55 19.60 -13.91
N ALA GA 16 38.53 20.40 -12.85
CA ALA GA 16 37.92 21.72 -12.92
C ALA GA 16 38.71 22.71 -13.74
N PHE GA 17 39.97 22.40 -14.07
CA PHE GA 17 40.82 23.31 -14.83
C PHE GA 17 40.87 22.95 -16.31
N LYS GA 18 40.03 22.03 -16.76
CA LYS GA 18 40.12 21.48 -18.10
C LYS GA 18 39.17 22.21 -19.03
N LEU GA 19 39.68 22.61 -20.18
CA LEU GA 19 38.88 23.15 -21.28
C LEU GA 19 38.98 22.17 -22.44
N LYS GA 20 37.88 21.50 -22.74
CA LYS GA 20 37.83 20.54 -23.84
C LYS GA 20 37.35 21.26 -25.08
N THR GA 21 38.18 21.29 -26.11
CA THR GA 21 37.82 21.90 -27.39
C THR GA 21 37.55 20.81 -28.42
N THR GA 22 36.77 21.17 -29.43
CA THR GA 22 36.45 20.26 -30.53
C THR GA 22 37.46 20.32 -31.66
N LYS GA 23 38.64 20.90 -31.42
CA LYS GA 23 39.62 21.12 -32.47
C LYS GA 23 40.90 20.30 -32.27
N GLY GA 24 40.86 19.26 -31.44
CA GLY GA 24 41.98 18.34 -31.37
C GLY GA 24 42.96 18.58 -30.24
N GLN GA 25 42.66 19.52 -29.35
CA GLN GA 25 43.53 19.84 -28.23
C GLN GA 25 42.71 20.22 -27.00
N ASN GA 26 43.17 19.78 -25.83
CA ASN GA 26 42.61 20.21 -24.56
C ASN GA 26 43.53 21.23 -23.91
N PHE GA 27 42.94 22.11 -23.12
CA PHE GA 27 43.65 23.23 -22.51
C PHE GA 27 43.52 23.17 -21.00
N CYS GA 28 44.51 23.71 -20.31
CA CYS GA 28 44.52 23.76 -18.85
C CYS GA 28 44.27 25.18 -18.38
N ARG GA 29 43.20 25.37 -17.62
CA ARG GA 29 42.83 26.67 -17.08
C ARG GA 29 43.60 27.04 -15.83
N ASN GA 30 44.44 26.14 -15.33
CA ASN GA 30 45.21 26.41 -14.12
C ASN GA 30 46.24 27.51 -14.39
N GLU GA 31 46.35 28.44 -13.45
CA GLU GA 31 47.24 29.59 -13.61
C GLU GA 31 48.71 29.20 -13.54
N TYR GA 32 49.04 28.13 -12.83
CA TYR GA 32 50.42 27.71 -12.67
C TYR GA 32 50.87 26.73 -13.74
N SER GA 33 50.05 26.48 -14.76
CA SER GA 33 50.47 25.61 -15.85
C SER GA 33 51.46 26.33 -16.74
N VAL GA 34 52.61 25.70 -16.98
CA VAL GA 34 53.66 26.33 -17.77
C VAL GA 34 53.29 26.40 -19.25
N SER GA 35 52.50 25.46 -19.73
CA SER GA 35 51.84 25.55 -21.02
C SER GA 35 50.38 25.27 -20.78
N GLY GA 36 49.49 26.09 -21.34
CA GLY GA 36 48.08 25.93 -21.07
C GLY GA 36 47.45 24.75 -21.78
N LEU GA 37 48.02 23.57 -21.62
CA LEU GA 37 47.59 22.36 -22.31
C LEU GA 37 47.43 21.26 -21.28
N CYS GA 38 46.38 20.46 -21.42
CA CYS GA 38 46.17 19.33 -20.52
C CYS GA 38 46.88 18.12 -21.11
N ASN GA 39 48.08 17.85 -20.59
CA ASN GA 39 48.76 16.59 -20.87
C ASN GA 39 49.52 16.20 -19.61
N ARG GA 40 50.15 15.03 -19.66
CA ARG GA 40 50.73 14.42 -18.45
C ARG GA 40 51.88 15.24 -17.90
N GLN GA 41 52.74 15.76 -18.78
CA GLN GA 41 53.93 16.47 -18.31
C GLN GA 41 53.61 17.87 -17.82
N SER GA 42 52.56 18.49 -18.34
CA SER GA 42 52.26 19.89 -18.04
C SER GA 42 51.30 20.07 -16.88
N CYS GA 43 50.80 18.99 -16.29
CA CYS GA 43 49.83 19.09 -15.21
C CYS GA 43 50.48 19.66 -13.96
N PRO GA 44 50.01 20.77 -13.41
CA PRO GA 44 50.58 21.27 -12.16
C PRO GA 44 50.11 20.49 -10.95
N LEU GA 45 48.99 19.78 -11.05
CA LEU GA 45 48.45 19.01 -9.94
C LEU GA 45 48.99 17.58 -9.90
N ALA GA 46 49.10 16.92 -11.05
CA ALA GA 46 49.50 15.52 -11.08
C ALA GA 46 51.02 15.38 -11.05
N ASN GA 47 51.75 16.48 -11.10
CA ASN GA 47 53.19 16.46 -10.91
C ASN GA 47 53.53 17.05 -9.56
N SER GA 48 54.20 16.27 -8.71
CA SER GA 48 54.54 16.75 -7.38
C SER GA 48 55.66 17.78 -7.41
N ARG GA 49 56.70 17.55 -8.21
CA ARG GA 49 57.71 18.56 -8.49
C ARG GA 49 57.31 19.28 -9.76
N TYR GA 50 57.14 20.60 -9.67
CA TYR GA 50 56.70 21.37 -10.82
C TYR GA 50 57.41 22.71 -10.82
N ALA GA 51 57.42 23.35 -11.99
CA ALA GA 51 58.01 24.67 -12.13
C ALA GA 51 57.29 25.44 -13.22
N THR GA 52 57.05 26.72 -12.96
CA THR GA 52 56.42 27.59 -13.94
C THR GA 52 57.04 28.97 -13.87
N VAL GA 53 56.64 29.83 -14.80
CA VAL GA 53 57.13 31.21 -14.88
C VAL GA 53 55.91 32.11 -15.02
N ARG GA 54 55.76 33.05 -14.08
CA ARG GA 54 54.61 33.95 -14.10
C ARG GA 54 55.05 35.40 -13.90
N GLN GA 55 54.28 36.31 -14.46
CA GLN GA 55 54.59 37.74 -14.43
C GLN GA 55 53.63 38.47 -13.51
N SER GA 56 54.17 39.28 -12.61
CA SER GA 56 53.38 40.05 -11.66
C SER GA 56 52.77 41.27 -12.34
N PRO GA 57 51.75 41.88 -11.72
CA PRO GA 57 51.21 43.14 -12.26
C PRO GA 57 52.22 44.28 -12.30
N LYS GA 58 53.24 44.24 -11.45
CA LYS GA 58 54.31 45.23 -11.51
C LYS GA 58 55.14 45.10 -12.78
N GLY GA 59 55.17 43.91 -13.38
CA GLY GA 59 56.00 43.62 -14.52
C GLY GA 59 57.20 42.74 -14.21
N THR GA 60 57.45 42.47 -12.93
CA THR GA 60 58.53 41.58 -12.55
C THR GA 60 58.13 40.13 -12.78
N ILE GA 61 59.00 39.38 -13.44
CA ILE GA 61 58.73 37.99 -13.81
C ILE GA 61 59.44 37.08 -12.81
N TYR GA 62 58.72 36.08 -12.31
CA TYR GA 62 59.22 35.17 -11.30
C TYR GA 62 59.13 33.73 -11.79
N LEU GA 63 59.99 32.89 -11.19
CA LEU GA 63 59.98 31.45 -11.36
C LEU GA 63 59.40 30.83 -10.11
N TYR GA 64 58.41 29.97 -10.27
CA TYR GA 64 57.72 29.32 -9.16
C TYR GA 64 58.07 27.84 -9.17
N ILE GA 65 58.55 27.35 -8.03
CA ILE GA 65 59.00 25.97 -7.90
C ILE GA 65 58.18 25.29 -6.80
N LYS GA 66 57.70 24.08 -7.09
CA LYS GA 66 56.90 23.28 -6.17
C LYS GA 66 57.56 21.93 -5.95
N THR GA 67 57.68 21.54 -4.69
CA THR GA 67 58.29 20.28 -4.27
C THR GA 67 57.25 19.37 -3.64
N ILE GA 68 57.64 18.11 -3.47
CA ILE GA 68 56.74 17.11 -2.89
C ILE GA 68 56.60 17.29 -1.38
N GLU GA 69 57.62 17.83 -0.72
CA GLU GA 69 57.61 17.90 0.74
C GLU GA 69 56.70 18.99 1.27
N ARG GA 70 56.18 19.86 0.41
CA ARG GA 70 55.17 20.84 0.79
C ARG GA 70 53.82 20.55 0.13
N SER GA 71 53.62 19.32 -0.36
CA SER GA 71 52.40 19.00 -1.11
C SER GA 71 51.16 18.96 -0.23
N HIS GA 72 51.31 18.75 1.07
CA HIS GA 72 50.20 18.83 2.00
C HIS GA 72 49.98 20.23 2.53
N MET GA 73 50.67 21.22 1.96
CA MET GA 73 50.62 22.60 2.42
C MET GA 73 50.19 23.49 1.27
N PRO GA 74 48.90 23.53 0.94
CA PRO GA 74 48.45 24.29 -0.23
C PRO GA 74 48.74 25.78 -0.17
N SER GA 75 48.88 26.35 1.04
CA SER GA 75 49.28 27.74 1.16
C SER GA 75 50.78 27.93 1.02
N LYS GA 76 51.56 26.85 1.04
CA LYS GA 76 53.01 26.91 0.93
C LYS GA 76 53.51 26.06 -0.24
N TRP GA 77 52.70 25.93 -1.29
CA TRP GA 77 53.07 25.08 -2.42
C TRP GA 77 54.24 25.61 -3.22
N TRP GA 78 54.33 26.91 -3.42
CA TRP GA 78 55.28 27.48 -4.38
C TRP GA 78 56.30 28.36 -3.68
N GLU GA 79 57.55 28.22 -4.09
CA GLU GA 79 58.58 29.20 -3.76
C GLU GA 79 58.83 30.07 -4.99
N LYS GA 80 58.94 31.37 -4.73
CA LYS GA 80 58.96 32.40 -5.77
C LYS GA 80 60.36 33.00 -5.84
N ILE GA 81 60.97 32.99 -7.02
CA ILE GA 81 62.32 33.49 -7.21
C ILE GA 81 62.29 34.55 -8.30
N LYS GA 82 62.82 35.72 -7.99
CA LYS GA 82 62.81 36.85 -8.91
C LYS GA 82 63.82 36.64 -10.03
N LEU GA 83 63.36 36.79 -11.28
CA LEU GA 83 64.20 36.63 -12.45
C LEU GA 83 64.72 37.99 -12.92
N SER GA 84 65.93 37.98 -13.45
CA SER GA 84 66.60 39.22 -13.83
C SER GA 84 65.98 39.82 -15.09
N GLN GA 85 66.13 41.14 -15.23
CA GLN GA 85 65.68 41.81 -16.44
C GLN GA 85 66.55 41.47 -17.64
N ASN GA 86 67.81 41.11 -17.42
CA ASN GA 86 68.66 40.62 -18.50
C ASN GA 86 68.17 39.25 -18.93
N TYR GA 87 67.94 39.09 -20.23
CA TYR GA 87 67.32 37.87 -20.73
C TYR GA 87 68.25 36.66 -20.61
N GLN GA 88 69.52 36.85 -20.95
CA GLN GA 88 70.49 35.75 -20.86
C GLN GA 88 70.73 35.34 -19.41
N LYS GA 89 70.85 36.33 -18.52
CA LYS GA 89 71.04 36.04 -17.10
C LYS GA 89 69.81 35.36 -16.50
N ALA GA 90 68.61 35.73 -16.92
CA ALA GA 90 67.40 35.03 -16.52
C ALA GA 90 67.36 33.59 -17.05
N LEU GA 91 67.83 33.37 -18.28
CA LEU GA 91 67.93 32.02 -18.81
C LEU GA 91 68.89 31.17 -17.98
N GLU GA 92 70.05 31.72 -17.62
CA GLU GA 92 70.97 31.01 -16.74
C GLU GA 92 70.44 30.81 -15.34
N GLN GA 93 69.62 31.75 -14.84
CA GLN GA 93 68.97 31.56 -13.55
C GLN GA 93 67.98 30.40 -13.58
N ILE GA 94 67.22 30.30 -14.67
CA ILE GA 94 66.31 29.16 -14.86
C ILE GA 94 67.10 27.87 -14.94
N ASP GA 95 68.22 27.88 -15.66
CA ASP GA 95 69.07 26.70 -15.75
C ASP GA 95 69.65 26.30 -14.39
N GLN GA 96 70.04 27.29 -13.58
CA GLN GA 96 70.66 26.99 -12.30
C GLN GA 96 69.65 26.49 -11.27
N ARG GA 97 68.47 27.13 -11.20
CA ARG GA 97 67.50 26.73 -10.19
C ARG GA 97 66.79 25.43 -10.56
N LEU GA 98 66.56 25.17 -11.85
CA LEU GA 98 65.88 23.96 -12.29
C LEU GA 98 66.87 22.87 -12.69
N GLN GA 99 68.04 22.85 -12.06
CA GLN GA 99 68.97 21.76 -12.28
C GLN GA 99 68.39 20.45 -11.75
N PHE GA 100 68.64 19.37 -12.50
CA PHE GA 100 68.22 17.99 -12.25
C PHE GA 100 66.70 17.81 -12.37
N PHE GA 101 65.98 18.81 -12.86
CA PHE GA 101 64.56 18.69 -13.17
C PHE GA 101 64.39 17.93 -14.48
N PRO GA 102 63.16 17.47 -14.77
CA PRO GA 102 62.88 16.97 -16.13
C PRO GA 102 63.15 18.03 -17.18
N LYS GA 103 63.63 17.59 -18.34
CA LYS GA 103 63.99 18.52 -19.41
C LYS GA 103 62.78 19.22 -20.00
N PHE GA 104 61.60 18.59 -19.91
CA PHE GA 104 60.38 19.22 -20.40
C PHE GA 104 60.06 20.48 -19.62
N LEU GA 105 60.17 20.42 -18.29
CA LEU GA 105 59.87 21.57 -17.45
C LEU GA 105 60.86 22.71 -17.71
N ILE GA 106 62.14 22.37 -17.86
CA ILE GA 106 63.17 23.38 -18.15
C ILE GA 106 62.89 24.06 -19.49
N HIS GA 107 62.62 23.24 -20.52
CA HIS GA 107 62.35 23.75 -21.86
C HIS GA 107 61.13 24.66 -21.88
N LYS GA 108 60.05 24.23 -21.23
CA LYS GA 108 58.83 25.02 -21.22
C LYS GA 108 58.99 26.29 -20.39
N CYS GA 109 59.83 26.25 -19.35
CA CYS GA 109 60.09 27.45 -18.56
C CYS GA 109 60.85 28.49 -19.38
N LYS GA 110 61.88 28.05 -20.13
CA LYS GA 110 62.58 28.99 -21.01
C LYS GA 110 61.65 29.56 -22.08
N GLN GA 111 60.79 28.71 -22.66
CA GLN GA 111 59.85 29.18 -23.67
C GLN GA 111 58.85 30.18 -23.10
N ARG GA 112 58.35 29.93 -21.88
CA ARG GA 112 57.40 30.85 -21.27
C ARG GA 112 58.05 32.18 -20.91
N LEU GA 113 59.29 32.15 -20.44
CA LEU GA 113 60.01 33.39 -20.16
C LEU GA 113 60.23 34.20 -21.45
N THR GA 114 60.61 33.51 -22.53
CA THR GA 114 60.79 34.17 -23.81
C THR GA 114 59.50 34.83 -24.29
N ARG GA 115 58.39 34.10 -24.17
CA ARG GA 115 57.11 34.64 -24.62
C ARG GA 115 56.66 35.81 -23.76
N LEU GA 116 56.91 35.75 -22.45
CA LEU GA 116 56.51 36.85 -21.57
C LEU GA 116 57.32 38.11 -21.86
N VAL GA 117 58.63 37.99 -22.10
CA VAL GA 117 59.43 39.16 -22.46
C VAL GA 117 59.01 39.72 -23.82
N GLN GA 118 58.74 38.85 -24.79
CA GLN GA 118 58.26 39.31 -26.09
C GLN GA 118 56.91 40.02 -26.01
N VAL GA 119 56.00 39.50 -25.17
CA VAL GA 119 54.72 40.16 -24.95
C VAL GA 119 54.88 41.51 -24.28
N ALA GA 120 55.84 41.63 -23.34
CA ALA GA 120 56.09 42.91 -22.71
C ALA GA 120 56.61 43.96 -23.71
N ILE GA 121 57.53 43.55 -24.58
CA ILE GA 121 58.05 44.47 -25.60
C ILE GA 121 56.95 44.87 -26.57
N ARG GA 122 56.13 43.90 -27.00
CA ARG GA 122 55.02 44.18 -27.91
C ARG GA 122 54.00 45.10 -27.25
N MET GA 123 53.76 44.92 -25.95
CA MET GA 123 52.84 45.78 -25.22
C MET GA 123 53.34 47.22 -25.15
N ARG GA 124 54.65 47.39 -24.93
CA ARG GA 124 55.21 48.75 -24.91
C ARG GA 124 55.08 49.42 -26.28
N ARG GA 125 55.38 48.68 -27.35
CA ARG GA 125 55.25 49.24 -28.70
C ARG GA 125 53.80 49.58 -29.03
N ILE GA 126 52.87 48.71 -28.66
CA ILE GA 126 51.45 48.95 -28.91
C ILE GA 126 50.97 50.17 -28.13
N ALA GA 127 51.37 50.29 -26.87
CA ALA GA 127 50.96 51.43 -26.05
C ALA GA 127 51.50 52.74 -26.62
N ALA GA 128 52.74 52.73 -27.12
CA ALA GA 128 53.27 53.90 -27.80
C ALA GA 128 52.47 54.24 -29.05
N GLU GA 129 52.07 53.23 -29.83
CA GLU GA 129 51.33 53.50 -31.06
C GLU GA 129 49.93 54.06 -30.78
N GLU GA 130 49.23 53.50 -29.79
CA GLU GA 130 47.91 54.04 -29.46
C GLU GA 130 48.01 55.40 -28.77
N ALA GA 131 49.10 55.67 -28.06
CA ALA GA 131 49.30 57.01 -27.52
C ALA GA 131 49.53 58.02 -28.64
N ARG GA 132 50.25 57.62 -29.69
CA ARG GA 132 50.50 58.53 -30.80
C ARG GA 132 49.25 58.76 -31.65
N LEU GA 133 48.51 57.68 -31.95
CA LEU GA 133 47.38 57.79 -32.86
C LEU GA 133 46.19 58.48 -32.20
N GLY GA 134 45.91 58.15 -30.94
CA GLY GA 134 44.77 58.71 -30.26
C GLY GA 134 43.46 57.99 -30.49
N GLU GA 135 43.46 56.89 -31.25
CA GLU GA 135 42.25 56.13 -31.47
C GLU GA 135 41.93 55.28 -30.24
N LYS GA 136 40.64 54.92 -30.11
CA LYS GA 136 40.20 54.10 -28.99
C LYS GA 136 38.88 53.44 -29.37
N LEU GA 137 38.76 52.15 -29.07
CA LEU GA 137 37.52 51.43 -29.34
C LEU GA 137 36.48 51.78 -28.28
N VAL GA 138 35.27 52.10 -28.72
CA VAL GA 138 34.15 52.38 -27.84
C VAL GA 138 32.99 51.49 -28.26
N PRO GA 139 32.05 51.16 -27.38
CA PRO GA 139 30.89 50.37 -27.80
C PRO GA 139 29.98 51.16 -28.74
N LYS GA 140 29.25 50.42 -29.57
CA LYS GA 140 28.24 51.02 -30.41
C LYS GA 140 27.00 51.35 -29.59
N MET GA 141 25.98 51.88 -30.25
CA MET GA 141 24.72 52.18 -29.57
C MET GA 141 24.02 50.90 -29.17
N ALA GA 142 23.45 50.89 -27.98
CA ALA GA 142 22.68 49.76 -27.51
C ALA GA 142 21.39 49.63 -28.33
N PRO GA 143 20.83 48.42 -28.45
CA PRO GA 143 19.62 48.25 -29.26
C PRO GA 143 18.42 49.08 -28.82
N LYS GA 144 18.25 49.29 -27.50
CA LYS GA 144 17.18 50.15 -27.03
C LYS GA 144 17.40 51.60 -27.45
N ILE GA 145 18.64 52.08 -27.32
CA ILE GA 145 18.96 53.45 -27.72
C ILE GA 145 18.87 53.58 -29.24
N LYS GA 146 19.28 52.55 -29.97
CA LYS GA 146 19.19 52.58 -31.43
C LYS GA 146 17.73 52.64 -31.89
N LYS GA 147 16.87 51.85 -31.25
CA LYS GA 147 15.44 51.88 -31.56
C LYS GA 147 14.83 53.23 -31.21
N ARG GA 148 15.25 53.82 -30.09
CA ARG GA 148 14.79 55.15 -29.70
C ARG GA 148 15.17 56.19 -30.74
N GLU GA 149 16.43 56.19 -31.18
CA GLU GA 149 16.88 57.15 -32.18
C GLU GA 149 16.16 56.94 -33.52
N GLU GA 150 15.93 55.68 -33.90
CA GLU GA 150 15.22 55.43 -35.15
C GLU GA 150 13.79 55.95 -35.11
N ALA GA 151 13.06 55.66 -34.03
CA ALA GA 151 11.69 56.12 -33.91
C ALA GA 151 11.59 57.64 -33.84
N ARG GA 152 12.47 58.26 -33.05
CA ARG GA 152 12.38 59.71 -32.90
C ARG GA 152 12.91 60.44 -34.13
N GLU GA 153 13.83 59.83 -34.89
CA GLU GA 153 14.24 60.41 -36.16
C GLU GA 153 13.13 60.30 -37.20
N ARG GA 154 12.37 59.20 -37.17
CA ARG GA 154 11.21 59.08 -38.04
C ARG GA 154 10.18 60.15 -37.74
N LYS GA 155 9.90 60.37 -36.45
CA LYS GA 155 8.93 61.40 -36.06
C LYS GA 155 9.45 62.80 -36.38
N ALA GA 156 10.75 63.04 -36.20
CA ALA GA 156 11.32 64.34 -36.52
C ALA GA 156 11.34 64.60 -38.02
N LEU GA 157 11.56 63.56 -38.84
CA LEU GA 157 11.47 63.73 -40.28
C LEU GA 157 10.04 64.00 -40.73
N ALA GA 158 9.06 63.35 -40.08
CA ALA GA 158 7.67 63.64 -40.38
C ALA GA 158 7.30 65.07 -39.99
N ALA GA 159 7.78 65.54 -38.85
CA ALA GA 159 7.47 66.89 -38.39
C ALA GA 159 8.32 67.97 -39.02
N ALA GA 160 9.37 67.59 -39.77
CA ALA GA 160 10.27 68.59 -40.34
C ALA GA 160 9.62 69.33 -41.49
N LYS GA 161 8.96 68.59 -42.40
CA LYS GA 161 8.39 69.11 -43.65
C LYS GA 161 9.46 69.85 -44.46
N LEU GA 162 10.44 69.06 -44.91
CA LEU GA 162 11.70 69.61 -45.37
C LEU GA 162 11.54 70.45 -46.63
N GLU GA 163 10.91 69.89 -47.67
CA GLU GA 163 10.79 70.59 -48.94
C GLU GA 163 9.88 71.82 -48.83
N ARG GA 164 8.80 71.72 -48.04
CA ARG GA 164 7.95 72.87 -47.81
C ARG GA 164 8.69 73.97 -47.06
N THR GA 165 9.53 73.59 -46.09
CA THR GA 165 10.33 74.56 -45.35
C THR GA 165 11.34 75.26 -46.26
N ILE GA 166 12.01 74.49 -47.14
CA ILE GA 166 12.97 75.06 -48.07
C ILE GA 166 12.29 76.03 -49.03
N GLU GA 167 11.14 75.61 -49.59
CA GLU GA 167 10.41 76.48 -50.53
C GLU GA 167 9.93 77.75 -49.84
N ARG GA 168 9.43 77.62 -48.60
CA ARG GA 168 8.96 78.78 -47.85
C ARG GA 168 10.10 79.74 -47.53
N GLU GA 169 11.25 79.22 -47.11
CA GLU GA 169 12.38 80.09 -46.80
C GLU GA 169 12.98 80.74 -48.04
N LEU GA 170 12.99 80.04 -49.18
CA LEU GA 170 13.45 80.66 -50.42
C LEU GA 170 12.50 81.76 -50.87
N LEU GA 171 11.19 81.55 -50.75
CA LEU GA 171 10.24 82.62 -51.08
C LEU GA 171 10.37 83.78 -50.11
N ASP GA 172 10.65 83.51 -48.84
CA ASP GA 172 10.85 84.56 -47.86
C ASP GA 172 12.11 85.37 -48.17
N ARG GA 173 13.18 84.69 -48.59
CA ARG GA 173 14.39 85.39 -48.99
C ARG GA 173 14.14 86.20 -50.26
N LEU GA 174 13.26 85.72 -51.13
CA LEU GA 174 12.93 86.46 -52.34
C LEU GA 174 12.10 87.70 -52.03
N ARG GA 175 11.23 87.63 -51.02
CA ARG GA 175 10.40 88.80 -50.72
C ARG GA 175 11.24 89.94 -50.17
N GLN GA 176 12.09 89.65 -49.18
CA GLN GA 176 12.76 90.71 -48.44
C GLN GA 176 14.00 91.25 -49.14
N GLY GA 177 14.19 90.94 -50.42
CA GLY GA 177 15.29 91.51 -51.17
C GLY GA 177 16.66 91.02 -50.75
N ALA GA 178 16.74 89.80 -50.20
CA ALA GA 178 18.03 89.24 -49.83
C ALA GA 178 18.89 88.93 -51.03
N TYR GA 179 18.29 88.73 -52.20
CA TYR GA 179 19.04 88.51 -53.43
C TYR GA 179 19.39 89.80 -54.14
N GLY GA 180 18.89 90.94 -53.67
CA GLY GA 180 19.21 92.23 -54.25
C GLY GA 180 18.34 92.57 -55.45
N ASP GA 181 18.48 93.82 -55.89
CA ASP GA 181 17.77 94.26 -57.09
C ASP GA 181 18.37 93.60 -58.32
N GLN GA 182 17.50 93.25 -59.27
CA GLN GA 182 17.77 92.40 -60.43
C GLN GA 182 18.38 91.11 -59.92
N PRO GA 183 17.59 90.21 -59.33
CA PRO GA 183 18.15 88.97 -58.78
C PRO GA 183 18.56 88.01 -59.90
N LEU GA 184 19.72 87.39 -59.74
CA LEU GA 184 20.17 86.41 -60.71
C LEU GA 184 19.41 85.09 -60.58
N ASN GA 185 18.72 84.87 -59.45
CA ASN GA 185 17.98 83.63 -59.23
C ASN GA 185 16.75 83.50 -60.12
N CYS GA 186 15.94 84.54 -60.22
CA CYS GA 186 14.62 84.43 -60.83
C CYS GA 186 14.55 85.22 -62.14
N ASN GA 187 13.51 84.92 -62.91
CA ASN GA 187 13.26 85.62 -64.16
C ASN GA 187 12.85 87.06 -63.87
N PRO GA 188 13.11 87.99 -64.79
CA PRO GA 188 12.65 89.39 -64.59
C PRO GA 188 11.15 89.55 -64.45
N GLN GA 189 10.34 88.73 -65.15
CA GLN GA 189 8.89 88.82 -64.98
C GLN GA 189 8.47 88.38 -63.58
N ILE GA 190 9.16 87.38 -63.03
CA ILE GA 190 8.89 86.92 -61.67
C ILE GA 190 9.21 88.01 -60.66
N TRP GA 191 10.31 88.73 -60.86
CA TRP GA 191 10.65 89.84 -59.98
C TRP GA 191 9.70 91.01 -60.16
N LYS GA 192 9.16 91.17 -61.38
CA LYS GA 192 8.15 92.19 -61.63
C LYS GA 192 6.86 91.89 -60.89
N LYS GA 193 6.46 90.60 -60.86
CA LYS GA 193 5.23 90.22 -60.17
C LYS GA 193 5.35 90.43 -58.66
N VAL GA 194 6.52 90.15 -58.09
CA VAL GA 194 6.76 90.37 -56.66
C VAL GA 194 6.59 91.82 -56.26
N LEU GA 195 7.12 92.75 -57.03
CA LEU GA 195 6.88 94.17 -56.80
C LEU GA 195 5.48 94.56 -57.27
#